data_7ZHS
#
_entry.id   7ZHS
#
_cell.length_a   1.00
_cell.length_b   1.00
_cell.length_c   1.00
_cell.angle_alpha   90.00
_cell.angle_beta   90.00
_cell.angle_gamma   90.00
#
_symmetry.space_group_name_H-M   'P 1'
#
loop_
_entity.id
_entity.type
_entity.pdbx_description
1 polymer 'Ubiquitin-like protein SMT3,DnaJ homolog subfamily A member 2'
2 non-polymer 'ZINC ION'
#
_entity_poly.entity_id   1
_entity_poly.type   'polypeptide(L)'
_entity_poly.pdbx_seq_one_letter_code
;MGHHHHHHGSLQDSEVNQEAKPEVKPEVKPETHINLKVSDGSSEIFFKIKKTTPLRRLMEAFAKRQGKEMDSLRFLYDGI
RIQADQAPEDLDMEDNDIIEAHREQIGGMANVADTKLYDILGVPPGASENELKKAYRKLAKEYHPDKNPNAGDKFKEISF
AYEVLSNPEKRELYDRYGEQGLREGGNQSRSRNGRRRGEDMMHPLKVSLEDLYNGKTTKLQLSKNVLCSACSGQGGKSGA
VQKCSACRGRGVRIMIRQLAPGMVQQMQSVCSDCNGEGEVINEKDRCKKCEGKKVIKEVKILEVHVDKGMKHGQRITFTG
EADQAPGVEPGDIVLLLQEKEHEVFQRDGNDLHMTYKIGLVEALCGFQFTFKHLDGRQIVVKYPPGKVIEPGCVRVVRGE
GMPQYRNPFEKGDLYIKFDVQFPENNWINPDKLSELEDLLPSRPEVPNIIGETEEVELQEFDSTRGSGGGQRREAYNDSS
DEESSSHHGPGVQCAHQ
;
_entity_poly.pdbx_strand_id   A,C,B,D,E,G,F,H,I,Q,M,U,Y,g,c,k,J,R,N,V,Z,h,d,l,K,S,O,W,a,i,e,m,L,T,P,X,b,j,f,n
#
# COMPACT_ATOMS: atom_id res chain seq x y z
N GLY A 198 48.44 -3.86 22.55
CA GLY A 198 47.88 -4.15 23.89
C GLY A 198 47.58 -2.86 24.63
N GLU A 199 46.86 -3.02 25.75
CA GLU A 199 46.45 -1.93 26.61
C GLU A 199 47.64 -1.42 27.43
N ASP A 200 47.71 -0.08 27.61
CA ASP A 200 48.72 0.54 28.46
C ASP A 200 48.35 0.36 29.94
N MET A 201 49.35 0.13 30.79
CA MET A 201 49.16 -0.02 32.23
C MET A 201 49.57 1.27 32.96
N MET A 202 48.63 1.86 33.69
CA MET A 202 48.90 3.08 34.45
C MET A 202 49.13 2.76 35.93
N HIS A 203 50.27 3.23 36.48
CA HIS A 203 50.59 3.03 37.88
C HIS A 203 50.93 4.35 38.57
N PRO A 204 50.26 4.70 39.70
CA PRO A 204 50.64 5.88 40.47
C PRO A 204 51.94 5.64 41.23
N LEU A 205 52.91 6.56 41.06
CA LEU A 205 54.13 6.56 41.83
C LEU A 205 54.12 7.71 42.82
N LYS A 206 53.96 7.39 44.11
CA LYS A 206 53.99 8.39 45.17
C LYS A 206 55.42 8.85 45.47
N VAL A 207 55.67 10.15 45.31
CA VAL A 207 56.98 10.79 45.48
C VAL A 207 56.86 11.93 46.48
N SER A 208 57.88 12.12 47.34
CA SER A 208 57.93 13.24 48.27
C SER A 208 58.53 14.49 47.62
N LEU A 209 58.40 15.67 48.27
CA LEU A 209 59.04 16.89 47.79
C LEU A 209 60.57 16.77 47.76
N GLU A 210 61.15 16.06 48.73
CA GLU A 210 62.59 15.79 48.80
C GLU A 210 63.03 14.93 47.62
N ASP A 211 62.22 13.93 47.24
CA ASP A 211 62.47 13.07 46.08
C ASP A 211 62.49 13.92 44.79
N LEU A 212 61.54 14.87 44.67
CA LEU A 212 61.40 15.75 43.51
C LEU A 212 62.48 16.85 43.47
N TYR A 213 63.01 17.24 44.63
CA TYR A 213 64.03 18.27 44.75
C TYR A 213 65.43 17.70 44.47
N ASN A 214 65.75 16.56 45.08
CA ASN A 214 67.08 15.94 45.01
C ASN A 214 67.22 15.00 43.81
N GLY A 215 66.09 14.53 43.26
CA GLY A 215 66.08 13.42 42.32
C GLY A 215 66.15 12.08 43.07
N LYS A 216 65.52 11.04 42.48
CA LYS A 216 65.46 9.73 43.11
C LYS A 216 65.44 8.62 42.06
N THR A 217 66.27 7.60 42.32
CA THR A 217 66.18 6.35 41.60
C THR A 217 65.51 5.32 42.51
N THR A 218 64.40 4.74 42.03
CA THR A 218 63.67 3.73 42.79
C THR A 218 63.39 2.50 41.92
N LYS A 219 63.34 1.32 42.55
CA LYS A 219 62.99 0.08 41.87
C LYS A 219 61.54 -0.25 42.11
N LEU A 220 60.79 -0.40 41.00
CA LEU A 220 59.38 -0.75 41.05
C LEU A 220 59.22 -2.19 40.59
N GLN A 221 58.68 -3.03 41.49
CA GLN A 221 58.37 -4.40 41.12
C GLN A 221 56.94 -4.49 40.60
N LEU A 222 56.76 -4.97 39.35
CA LEU A 222 55.46 -5.19 38.75
C LEU A 222 55.32 -6.64 38.31
N SER A 223 54.10 -7.19 38.46
CA SER A 223 53.76 -8.48 37.90
C SER A 223 53.02 -8.27 36.58
N LYS A 224 53.54 -8.88 35.50
CA LYS A 224 52.94 -8.77 34.18
C LYS A 224 52.85 -10.14 33.50
N ASN A 225 51.94 -10.25 32.54
CA ASN A 225 51.82 -11.41 31.68
C ASN A 225 52.88 -11.35 30.59
N VAL A 226 53.67 -12.43 30.48
CA VAL A 226 54.63 -12.60 29.41
C VAL A 226 54.25 -13.85 28.60
N LEU A 227 54.61 -13.86 27.31
CA LEU A 227 54.41 -15.06 26.50
C LEU A 227 55.16 -16.25 27.11
N CYS A 228 54.46 -17.38 27.21
CA CYS A 228 55.01 -18.59 27.82
C CYS A 228 56.25 -19.06 27.05
N SER A 229 57.43 -18.95 27.67
CA SER A 229 58.71 -19.29 27.06
C SER A 229 58.77 -20.73 26.50
N ALA A 230 57.95 -21.64 27.04
CA ALA A 230 57.96 -23.06 26.67
C ALA A 230 57.11 -23.38 25.43
N CYS A 231 56.14 -22.52 25.05
CA CYS A 231 55.30 -22.75 23.88
C CYS A 231 55.17 -21.49 23.00
N SER A 232 55.92 -20.43 23.32
CA SER A 232 55.93 -19.16 22.60
C SER A 232 54.52 -18.63 22.28
N GLY A 233 53.60 -18.77 23.26
CA GLY A 233 52.23 -18.25 23.19
C GLY A 233 51.28 -19.10 22.32
N GLN A 234 51.86 -20.02 21.54
CA GLN A 234 51.09 -20.78 20.59
C GLN A 234 50.09 -21.55 21.44
N GLY A 235 50.35 -21.51 22.74
CA GLY A 235 49.55 -22.20 23.68
C GLY A 235 50.16 -23.58 23.69
N GLY A 236 49.94 -24.31 22.60
CA GLY A 236 50.63 -25.57 22.41
C GLY A 236 51.09 -25.75 20.98
N LYS A 237 51.59 -26.94 20.65
CA LYS A 237 51.96 -27.29 19.28
C LYS A 237 50.75 -27.12 18.36
N SER A 238 50.97 -27.00 17.04
CA SER A 238 49.89 -26.93 16.07
C SER A 238 49.07 -28.22 16.14
N GLY A 239 47.79 -28.10 16.55
CA GLY A 239 46.89 -29.23 16.76
C GLY A 239 46.86 -29.69 18.21
N ALA A 240 47.53 -28.94 19.10
CA ALA A 240 47.48 -29.15 20.54
C ALA A 240 46.27 -28.40 21.12
N VAL A 241 45.81 -27.38 20.38
CA VAL A 241 44.72 -26.54 20.82
C VAL A 241 43.40 -27.21 20.48
N GLN A 242 42.64 -27.59 21.51
CA GLN A 242 41.36 -28.28 21.38
C GLN A 242 40.25 -27.40 21.94
N LYS A 243 39.05 -27.48 21.31
CA LYS A 243 37.84 -26.86 21.85
C LYS A 243 37.58 -27.45 23.24
N CYS A 244 37.31 -26.56 24.21
CA CYS A 244 36.91 -27.02 25.52
C CYS A 244 35.58 -27.77 25.44
N SER A 245 35.54 -29.07 25.82
CA SER A 245 34.36 -29.94 25.73
C SER A 245 33.24 -29.46 26.65
N ALA A 246 33.65 -28.99 27.83
CA ALA A 246 32.91 -28.46 28.95
C ALA A 246 31.94 -27.34 28.58
N CYS A 247 32.46 -26.30 27.92
CA CYS A 247 31.70 -25.12 27.52
C CYS A 247 31.49 -25.07 26.00
N ARG A 248 31.95 -26.10 25.26
CA ARG A 248 31.88 -26.20 23.81
C ARG A 248 32.46 -24.95 23.13
N GLY A 249 33.61 -24.45 23.63
CA GLY A 249 34.26 -23.28 23.07
C GLY A 249 33.71 -21.92 23.54
N ARG A 250 32.70 -21.89 24.42
CA ARG A 250 32.05 -20.65 24.83
C ARG A 250 32.80 -19.91 25.95
N GLY A 251 33.76 -20.57 26.63
CA GLY A 251 34.45 -19.97 27.78
C GLY A 251 33.60 -19.97 29.06
N VAL A 252 32.27 -20.05 28.92
CA VAL A 252 31.33 -19.96 30.05
C VAL A 252 30.37 -21.13 30.08
N ARG A 253 29.96 -21.51 31.29
CA ARG A 253 28.95 -22.53 31.53
C ARG A 253 27.75 -21.89 32.18
N ILE A 254 26.55 -22.32 31.79
CA ILE A 254 25.32 -21.91 32.44
C ILE A 254 25.01 -22.92 33.55
N MET A 255 25.09 -22.46 34.80
CA MET A 255 24.73 -23.25 35.97
C MET A 255 23.34 -22.87 36.44
N ILE A 256 22.51 -23.88 36.69
CA ILE A 256 21.16 -23.67 37.18
C ILE A 256 21.12 -23.80 38.70
N ARG A 257 20.82 -22.71 39.41
CA ARG A 257 20.60 -22.75 40.84
C ARG A 257 19.11 -22.69 41.15
N GLN A 258 18.52 -23.69 41.82
CA GLN A 258 17.16 -23.53 42.34
C GLN A 258 17.12 -22.54 43.50
N LEU A 259 16.23 -21.53 43.42
CA LEU A 259 15.91 -20.65 44.55
C LEU A 259 14.72 -21.15 45.37
N ALA A 260 13.76 -21.77 44.70
CA ALA A 260 12.57 -22.38 45.26
C ALA A 260 12.01 -23.40 44.26
N PRO A 261 11.21 -24.43 44.61
CA PRO A 261 10.64 -25.30 43.57
C PRO A 261 9.78 -24.47 42.60
N GLY A 262 10.15 -24.54 41.32
CA GLY A 262 9.51 -23.73 40.27
C GLY A 262 10.20 -22.37 40.02
N MET A 263 11.17 -21.99 40.86
CA MET A 263 12.07 -20.87 40.57
C MET A 263 13.51 -21.34 40.38
N VAL A 264 13.99 -21.37 39.14
CA VAL A 264 15.41 -21.66 38.84
C VAL A 264 16.09 -20.39 38.33
N GLN A 265 17.29 -20.11 38.87
CA GLN A 265 18.17 -19.07 38.41
C GLN A 265 19.26 -19.65 37.52
N GLN A 266 19.36 -19.17 36.28
CA GLN A 266 20.46 -19.50 35.41
C GLN A 266 21.54 -18.46 35.69
N MET A 267 22.68 -18.93 36.19
CA MET A 267 23.86 -18.11 36.37
C MET A 267 24.91 -18.54 35.35
N GLN A 268 25.50 -17.58 34.64
CA GLN A 268 26.65 -17.79 33.79
C GLN A 268 27.90 -17.71 34.66
N SER A 269 28.66 -18.82 34.69
CA SER A 269 29.92 -18.91 35.39
C SER A 269 31.03 -19.11 34.37
N VAL A 270 32.23 -18.58 34.66
CA VAL A 270 33.39 -18.91 33.85
C VAL A 270 33.60 -20.42 33.92
N CYS A 271 33.93 -21.03 32.76
CA CYS A 271 34.08 -22.47 32.67
C CYS A 271 35.34 -22.88 33.44
N SER A 272 35.15 -23.75 34.44
CA SER A 272 36.21 -24.30 35.28
C SER A 272 37.30 -25.03 34.49
N ASP A 273 36.94 -25.61 33.34
CA ASP A 273 37.79 -26.55 32.63
C ASP A 273 38.76 -25.84 31.67
N CYS A 274 38.42 -24.62 31.22
CA CYS A 274 39.28 -23.80 30.38
C CYS A 274 39.52 -22.39 30.93
N ASN A 275 39.06 -22.12 32.17
CA ASN A 275 39.21 -20.83 32.84
C ASN A 275 38.79 -19.65 31.95
N GLY A 276 37.79 -19.84 31.08
CA GLY A 276 37.25 -18.78 30.26
C GLY A 276 37.80 -18.70 28.84
N GLU A 277 38.87 -19.46 28.53
CA GLU A 277 39.55 -19.33 27.25
C GLU A 277 38.74 -19.99 26.11
N GLY A 278 37.88 -20.96 26.44
CA GLY A 278 37.15 -21.71 25.41
C GLY A 278 37.97 -22.84 24.76
N GLU A 279 39.27 -22.81 24.99
CA GLU A 279 40.19 -23.84 24.53
C GLU A 279 40.90 -24.56 25.67
N VAL A 280 41.33 -25.80 25.41
CA VAL A 280 42.15 -26.57 26.33
C VAL A 280 43.38 -27.06 25.58
N ILE A 281 44.54 -26.90 26.22
CA ILE A 281 45.82 -27.40 25.74
C ILE A 281 46.36 -28.35 26.82
N ASN A 282 46.60 -29.62 26.42
CA ASN A 282 47.24 -30.59 27.28
C ASN A 282 48.56 -30.03 27.79
N GLU A 283 48.86 -30.25 29.08
CA GLU A 283 50.05 -29.73 29.74
C GLU A 283 51.34 -30.01 28.96
N LYS A 284 51.44 -31.22 28.41
CA LYS A 284 52.58 -31.73 27.64
C LYS A 284 52.82 -30.96 26.34
N ASP A 285 51.80 -30.23 25.85
CA ASP A 285 51.87 -29.50 24.60
C ASP A 285 52.22 -28.02 24.79
N ARG A 286 51.97 -27.47 26.00
CA ARG A 286 52.30 -26.09 26.34
C ARG A 286 53.53 -26.10 27.24
N CYS A 287 53.41 -26.77 28.40
CA CYS A 287 54.43 -26.84 29.43
C CYS A 287 53.72 -27.09 30.75
N LYS A 288 54.50 -27.21 31.85
CA LYS A 288 53.94 -27.34 33.18
C LYS A 288 53.86 -25.94 33.81
N LYS A 289 53.83 -24.90 32.97
CA LYS A 289 53.88 -23.51 33.38
C LYS A 289 52.53 -22.81 33.16
N CYS A 290 52.28 -22.27 31.95
CA CYS A 290 51.06 -21.54 31.63
C CYS A 290 49.84 -22.40 31.95
N GLU A 291 49.65 -23.52 31.22
CA GLU A 291 48.60 -24.51 31.37
C GLU A 291 47.57 -24.32 30.27
N GLY A 292 48.04 -24.16 29.03
CA GLY A 292 47.20 -23.90 27.88
C GLY A 292 46.74 -22.45 27.85
N LYS A 293 47.39 -21.61 28.66
CA LYS A 293 46.99 -20.22 28.83
C LYS A 293 47.72 -19.27 27.87
N LYS A 294 48.88 -19.71 27.33
CA LYS A 294 49.68 -18.99 26.32
C LYS A 294 50.51 -17.89 26.98
N VAL A 295 50.21 -17.54 28.24
CA VAL A 295 50.98 -16.55 29.00
C VAL A 295 51.30 -17.07 30.40
N ILE A 296 52.32 -16.47 31.04
CA ILE A 296 52.70 -16.73 32.42
C ILE A 296 52.90 -15.40 33.12
N LYS A 297 52.54 -15.34 34.41
CA LYS A 297 52.83 -14.16 35.23
C LYS A 297 54.28 -14.14 35.64
N GLU A 298 55.01 -13.10 35.21
CA GLU A 298 56.40 -12.87 35.56
C GLU A 298 56.51 -11.57 36.36
N VAL A 299 57.47 -11.57 37.27
CA VAL A 299 57.77 -10.42 38.11
C VAL A 299 58.94 -9.66 37.48
N LYS A 300 58.68 -8.42 37.04
CA LYS A 300 59.71 -7.57 36.47
C LYS A 300 60.02 -6.40 37.39
N ILE A 301 61.31 -6.09 37.56
CA ILE A 301 61.75 -4.92 38.29
C ILE A 301 62.13 -3.84 37.27
N LEU A 302 61.41 -2.70 37.34
CA LEU A 302 61.73 -1.52 36.56
C LEU A 302 62.51 -0.52 37.42
N GLU A 303 63.62 -0.03 36.87
CA GLU A 303 64.35 1.07 37.48
C GLU A 303 63.75 2.38 37.01
N VAL A 304 63.23 3.16 37.98
CA VAL A 304 62.53 4.41 37.71
C VAL A 304 63.39 5.57 38.17
N HIS A 305 63.71 6.46 37.23
CA HIS A 305 64.42 7.70 37.53
C HIS A 305 63.42 8.86 37.61
N VAL A 306 63.39 9.49 38.79
CA VAL A 306 62.66 10.72 39.03
C VAL A 306 63.69 11.85 39.03
N ASP A 307 63.64 12.68 37.98
CA ASP A 307 64.54 13.80 37.81
C ASP A 307 64.18 14.96 38.73
N LYS A 308 65.18 15.80 39.03
CA LYS A 308 64.98 17.04 39.77
C LYS A 308 63.99 17.96 39.05
N GLY A 309 63.03 18.49 39.84
CA GLY A 309 62.08 19.47 39.35
C GLY A 309 60.87 18.88 38.64
N MET A 310 60.78 17.55 38.52
CA MET A 310 59.59 16.91 37.97
C MET A 310 58.33 17.35 38.71
N LYS A 311 57.20 17.38 37.98
CA LYS A 311 55.95 17.95 38.48
C LYS A 311 54.95 16.85 38.84
N HIS A 312 54.00 17.20 39.72
CA HIS A 312 52.83 16.38 39.94
C HIS A 312 52.11 16.07 38.62
N GLY A 313 51.67 14.82 38.45
CA GLY A 313 50.99 14.38 37.23
C GLY A 313 51.89 14.10 36.03
N GLN A 314 53.21 14.29 36.16
CA GLN A 314 54.14 13.98 35.09
C GLN A 314 54.21 12.46 34.85
N ARG A 315 54.34 12.06 33.58
CA ARG A 315 54.31 10.66 33.16
C ARG A 315 55.73 10.17 32.86
N ILE A 316 56.07 8.98 33.37
CA ILE A 316 57.28 8.24 33.01
C ILE A 316 56.84 6.97 32.28
N THR A 317 57.21 6.86 30.99
CA THR A 317 56.75 5.77 30.14
C THR A 317 57.85 4.74 29.90
N PHE A 318 57.49 3.46 30.10
CA PHE A 318 58.30 2.31 29.75
C PHE A 318 57.65 1.59 28.57
N THR A 319 58.23 1.79 27.39
CA THR A 319 57.64 1.35 26.13
C THR A 319 57.66 -0.18 25.99
N GLY A 320 56.52 -0.76 25.61
CA GLY A 320 56.39 -2.20 25.36
C GLY A 320 56.50 -3.07 26.63
N GLU A 321 56.40 -2.44 27.80
CA GLU A 321 56.60 -3.12 29.06
C GLU A 321 55.31 -3.68 29.68
N ALA A 322 54.14 -3.37 29.10
CA ALA A 322 52.86 -3.89 29.58
C ALA A 322 52.71 -5.40 29.33
N ASP A 323 51.49 -5.89 29.59
CA ASP A 323 51.11 -7.28 29.38
C ASP A 323 51.29 -7.70 27.92
N GLN A 324 51.88 -8.90 27.74
CA GLN A 324 51.99 -9.55 26.44
C GLN A 324 50.81 -10.50 26.23
N ALA A 325 50.29 -10.53 24.99
CA ALA A 325 49.30 -11.50 24.56
C ALA A 325 49.65 -12.05 23.18
N PRO A 326 49.30 -13.33 22.86
CA PRO A 326 49.60 -13.90 21.55
C PRO A 326 49.00 -13.09 20.39
N GLY A 327 49.87 -12.67 19.46
CA GLY A 327 49.47 -11.91 18.28
C GLY A 327 49.19 -10.43 18.56
N VAL A 328 49.55 -9.94 19.75
CA VAL A 328 49.33 -8.56 20.19
C VAL A 328 50.69 -7.96 20.55
N GLU A 329 50.97 -6.75 20.04
CA GLU A 329 52.16 -5.99 20.42
C GLU A 329 51.93 -5.38 21.79
N PRO A 330 52.81 -5.55 22.81
CA PRO A 330 52.56 -5.04 24.15
C PRO A 330 52.37 -3.53 24.21
N GLY A 331 51.46 -3.09 25.10
CA GLY A 331 51.33 -1.69 25.47
C GLY A 331 52.49 -1.19 26.33
N ASP A 332 52.36 0.04 26.83
CA ASP A 332 53.38 0.67 27.67
C ASP A 332 52.99 0.63 29.15
N ILE A 333 54.00 0.66 30.03
CA ILE A 333 53.77 0.97 31.43
C ILE A 333 54.01 2.46 31.64
N VAL A 334 52.95 3.17 32.07
CA VAL A 334 52.99 4.60 32.32
C VAL A 334 52.89 4.87 33.82
N LEU A 335 53.98 5.37 34.40
CA LEU A 335 53.96 5.77 35.80
C LEU A 335 53.53 7.23 35.89
N LEU A 336 52.51 7.48 36.72
CA LEU A 336 52.01 8.82 36.97
C LEU A 336 52.56 9.31 38.32
N LEU A 337 53.35 10.39 38.29
CA LEU A 337 53.90 10.94 39.53
C LEU A 337 52.81 11.57 40.39
N GLN A 338 52.69 11.09 41.63
CA GLN A 338 51.80 11.64 42.63
C GLN A 338 52.63 12.26 43.74
N GLU A 339 52.57 13.59 43.84
CA GLU A 339 53.28 14.33 44.87
C GLU A 339 52.57 14.08 46.20
N LYS A 340 53.35 13.72 47.22
CA LYS A 340 52.82 13.59 48.57
C LYS A 340 52.82 14.97 49.22
N GLU A 341 51.80 15.19 50.04
CA GLU A 341 51.73 16.31 50.97
C GLU A 341 52.98 16.33 51.85
N HIS A 342 53.51 17.53 52.07
CA HIS A 342 54.69 17.75 52.90
C HIS A 342 54.29 18.61 54.10
N GLU A 343 54.84 18.31 55.29
CA GLU A 343 54.37 18.91 56.53
C GLU A 343 54.70 20.40 56.66
N VAL A 344 55.86 20.83 56.14
CA VAL A 344 56.35 22.21 56.26
C VAL A 344 56.10 23.03 54.98
N PHE A 345 56.43 22.44 53.81
CA PHE A 345 56.40 23.15 52.54
C PHE A 345 55.19 22.75 51.70
N GLN A 346 54.59 23.76 51.05
CA GLN A 346 53.62 23.57 49.99
C GLN A 346 54.24 24.05 48.68
N ARG A 347 54.09 23.25 47.63
CA ARG A 347 54.70 23.59 46.35
C ARG A 347 53.68 24.28 45.45
N ASP A 348 54.10 25.41 44.86
CA ASP A 348 53.39 26.06 43.77
C ASP A 348 54.31 26.20 42.56
N GLY A 349 54.13 25.34 41.56
CA GLY A 349 55.01 25.30 40.40
C GLY A 349 56.47 25.03 40.75
N ASN A 350 57.33 26.07 40.66
CA ASN A 350 58.73 26.00 41.04
C ASN A 350 58.98 26.66 42.40
N ASP A 351 57.97 27.33 42.96
CA ASP A 351 58.08 28.05 44.23
C ASP A 351 57.64 27.15 45.38
N LEU A 352 58.14 27.48 46.57
CA LEU A 352 57.76 26.82 47.82
C LEU A 352 57.11 27.84 48.75
N HIS A 353 56.10 27.39 49.50
CA HIS A 353 55.43 28.19 50.51
C HIS A 353 55.55 27.49 51.85
N MET A 354 55.78 28.28 52.91
CA MET A 354 55.74 27.76 54.26
C MET A 354 55.12 28.80 55.21
N THR A 355 54.54 28.33 56.31
CA THR A 355 54.11 29.20 57.40
C THR A 355 55.10 29.09 58.55
N TYR A 356 55.58 30.24 59.04
CA TYR A 356 56.50 30.30 60.15
C TYR A 356 55.89 31.13 61.28
N LYS A 357 55.87 30.55 62.50
CA LYS A 357 55.33 31.21 63.67
C LYS A 357 56.45 31.98 64.37
N ILE A 358 56.17 33.25 64.71
CA ILE A 358 57.10 34.13 65.42
C ILE A 358 56.35 34.83 66.56
N GLY A 359 57.07 35.17 67.65
CA GLY A 359 56.50 35.96 68.73
C GLY A 359 56.38 37.44 68.39
N LEU A 360 55.56 38.17 69.16
CA LEU A 360 55.38 39.62 68.98
C LEU A 360 56.72 40.37 69.06
N VAL A 361 57.58 39.98 70.01
CA VAL A 361 58.91 40.56 70.20
C VAL A 361 59.77 40.38 68.93
N GLU A 362 59.76 39.18 68.35
CA GLU A 362 60.48 38.88 67.11
C GLU A 362 59.95 39.72 65.94
N ALA A 363 58.62 39.85 65.86
CA ALA A 363 57.94 40.62 64.83
C ALA A 363 58.28 42.12 64.87
N LEU A 364 58.52 42.69 66.06
CA LEU A 364 58.80 44.11 66.26
C LEU A 364 60.30 44.43 66.30
N CYS A 365 61.11 43.55 66.90
CA CYS A 365 62.50 43.83 67.23
C CYS A 365 63.51 43.13 66.31
N GLY A 366 63.03 42.33 65.34
CA GLY A 366 63.89 41.51 64.48
C GLY A 366 64.19 40.14 65.10
N PHE A 367 64.62 39.21 64.25
CA PHE A 367 64.79 37.81 64.64
C PHE A 367 65.72 37.05 63.71
N GLN A 368 66.14 35.89 64.20
CA GLN A 368 66.89 34.92 63.43
C GLN A 368 66.30 33.53 63.69
N PHE A 369 66.00 32.80 62.61
CA PHE A 369 65.56 31.43 62.75
C PHE A 369 66.24 30.51 61.75
N THR A 370 66.13 29.20 62.02
CA THR A 370 66.72 28.18 61.16
C THR A 370 65.68 27.12 60.82
N PHE A 371 65.71 26.63 59.57
CA PHE A 371 64.90 25.49 59.17
C PHE A 371 65.70 24.55 58.26
N LYS A 372 65.22 23.30 58.16
CA LYS A 372 65.80 22.30 57.28
C LYS A 372 65.12 22.37 55.92
N HIS A 373 65.92 22.52 54.86
CA HIS A 373 65.43 22.52 53.49
C HIS A 373 65.28 21.09 52.94
N LEU A 374 64.76 20.97 51.71
CA LEU A 374 64.48 19.70 51.03
C LEU A 374 65.76 18.92 50.69
N ASP A 375 66.92 19.61 50.57
CA ASP A 375 68.23 18.98 50.40
C ASP A 375 68.91 18.61 51.73
N GLY A 376 68.27 18.96 52.85
CA GLY A 376 68.81 18.69 54.18
C GLY A 376 69.77 19.76 54.69
N ARG A 377 70.05 20.82 53.90
CA ARG A 377 70.81 21.97 54.40
C ARG A 377 70.00 22.72 55.46
N GLN A 378 70.71 23.26 56.46
CA GLN A 378 70.14 24.19 57.41
C GLN A 378 70.25 25.61 56.85
N ILE A 379 69.10 26.28 56.67
CA ILE A 379 69.07 27.66 56.20
C ILE A 379 68.83 28.57 57.41
N VAL A 380 69.71 29.58 57.55
CA VAL A 380 69.56 30.61 58.56
C VAL A 380 68.93 31.85 57.92
N VAL A 381 67.71 32.19 58.34
CA VAL A 381 67.04 33.40 57.89
C VAL A 381 67.19 34.47 58.97
N LYS A 382 67.66 35.66 58.56
CA LYS A 382 67.84 36.80 59.44
C LYS A 382 66.95 37.94 58.98
N TYR A 383 66.23 38.53 59.95
CA TYR A 383 65.44 39.73 59.72
C TYR A 383 65.98 40.85 60.59
N PRO A 384 66.35 42.03 60.01
CA PRO A 384 67.07 43.06 60.76
C PRO A 384 66.19 43.73 61.81
N PRO A 385 66.76 44.18 62.94
CA PRO A 385 66.03 44.97 63.93
C PRO A 385 65.55 46.29 63.36
N GLY A 386 64.38 46.76 63.85
CA GLY A 386 63.81 48.02 63.39
C GLY A 386 62.90 47.89 62.16
N LYS A 387 62.74 46.67 61.63
CA LYS A 387 61.73 46.40 60.60
C LYS A 387 60.65 45.51 61.21
N VAL A 388 59.39 45.83 60.91
CA VAL A 388 58.23 45.12 61.47
C VAL A 388 57.73 44.06 60.49
N ILE A 389 57.38 42.90 61.05
CA ILE A 389 56.62 41.85 60.38
C ILE A 389 55.17 41.95 60.83
N GLU A 390 54.29 42.29 59.89
CA GLU A 390 52.85 42.33 60.13
C GLU A 390 52.29 40.90 60.19
N PRO A 391 51.23 40.63 61.01
CA PRO A 391 50.54 39.34 60.99
C PRO A 391 50.03 38.97 59.60
N GLY A 392 50.40 37.75 59.16
CA GLY A 392 50.02 37.22 57.87
C GLY A 392 50.87 37.73 56.70
N CYS A 393 51.85 38.61 56.94
CA CYS A 393 52.67 39.13 55.84
C CYS A 393 53.58 38.04 55.26
N VAL A 394 53.91 38.20 53.97
CA VAL A 394 54.76 37.25 53.25
C VAL A 394 56.11 37.89 52.96
N ARG A 395 57.19 37.13 53.17
CA ARG A 395 58.55 37.50 52.74
C ARG A 395 59.13 36.38 51.87
N VAL A 396 60.17 36.73 51.09
CA VAL A 396 60.74 35.82 50.12
C VAL A 396 62.21 35.55 50.45
N VAL A 397 62.60 34.27 50.35
CA VAL A 397 63.99 33.84 50.32
C VAL A 397 64.27 33.38 48.89
N ARG A 398 65.01 34.20 48.14
CA ARG A 398 65.22 34.00 46.71
C ARG A 398 66.11 32.79 46.43
N GLY A 399 65.73 31.98 45.42
CA GLY A 399 66.49 30.83 44.95
C GLY A 399 66.42 29.59 45.86
N GLU A 400 65.51 29.61 46.86
CA GLU A 400 65.31 28.49 47.77
C GLU A 400 63.97 27.78 47.52
N GLY A 401 63.43 27.89 46.30
CA GLY A 401 62.30 27.08 45.83
C GLY A 401 62.74 25.75 45.20
N MET A 402 61.81 25.13 44.45
CA MET A 402 62.06 23.89 43.71
C MET A 402 62.95 24.14 42.48
N PRO A 403 63.83 23.16 42.11
CA PRO A 403 64.56 23.24 40.85
C PRO A 403 63.63 23.11 39.65
N GLN A 404 63.98 23.79 38.55
CA GLN A 404 63.26 23.65 37.30
C GLN A 404 63.57 22.29 36.65
N TYR A 405 62.53 21.62 36.14
CA TYR A 405 62.73 20.39 35.38
C TYR A 405 63.60 20.64 34.13
N ARG A 406 64.63 19.80 33.94
CA ARG A 406 65.61 19.88 32.85
C ARG A 406 66.63 21.02 33.00
N ASN A 407 66.38 21.97 33.92
CA ASN A 407 67.31 23.05 34.22
C ASN A 407 67.49 23.18 35.74
N PRO A 408 68.07 22.18 36.44
CA PRO A 408 68.10 22.15 37.90
C PRO A 408 69.01 23.19 38.57
N PHE A 409 69.75 23.97 37.76
CA PHE A 409 70.54 25.10 38.23
C PHE A 409 69.68 26.33 38.52
N GLU A 410 68.53 26.42 37.84
CA GLU A 410 67.52 27.43 38.13
C GLU A 410 66.51 26.89 39.13
N LYS A 411 66.19 27.71 40.14
CA LYS A 411 65.23 27.37 41.17
C LYS A 411 64.21 28.49 41.27
N GLY A 412 63.01 28.14 41.74
CA GLY A 412 62.06 29.13 42.21
C GLY A 412 62.46 29.72 43.55
N ASP A 413 61.51 30.40 44.18
CA ASP A 413 61.69 31.11 45.44
C ASP A 413 60.94 30.42 46.59
N LEU A 414 61.37 30.71 47.83
CA LEU A 414 60.64 30.29 49.02
C LEU A 414 59.89 31.48 49.63
N TYR A 415 58.55 31.39 49.65
CA TYR A 415 57.67 32.36 50.30
C TYR A 415 57.34 31.90 51.71
N ILE A 416 57.60 32.79 52.68
CA ILE A 416 57.36 32.52 54.09
C ILE A 416 56.25 33.45 54.57
N LYS A 417 55.10 32.86 54.91
CA LYS A 417 54.02 33.55 55.58
C LYS A 417 54.29 33.57 57.08
N PHE A 418 54.29 34.76 57.69
CA PHE A 418 54.53 34.89 59.12
C PHE A 418 53.22 34.91 59.90
N ASP A 419 53.14 34.00 60.88
CA ASP A 419 52.04 33.92 61.84
C ASP A 419 52.53 34.49 63.17
N VAL A 420 52.09 35.73 63.49
CA VAL A 420 52.58 36.45 64.66
C VAL A 420 51.74 36.06 65.90
N GLN A 421 52.41 35.41 66.85
CA GLN A 421 51.81 34.98 68.10
C GLN A 421 51.89 36.09 69.14
N PHE A 422 50.71 36.60 69.51
CA PHE A 422 50.55 37.50 70.63
C PHE A 422 50.74 36.77 71.96
N PRO A 423 51.25 37.45 73.01
CA PRO A 423 51.33 36.87 74.35
C PRO A 423 49.93 36.62 74.90
N GLU A 424 49.83 35.68 75.84
CA GLU A 424 48.54 35.35 76.46
C GLU A 424 48.01 36.47 77.35
N ASN A 425 46.74 36.29 77.73
CA ASN A 425 45.98 37.08 78.69
C ASN A 425 46.78 37.27 79.99
N ASN A 426 46.87 38.51 80.50
CA ASN A 426 47.54 38.84 81.76
C ASN A 426 49.08 38.66 81.74
N TRP A 427 49.74 38.66 80.56
CA TRP A 427 51.18 38.39 80.50
C TRP A 427 52.04 39.45 81.19
N ILE A 428 51.50 40.67 81.34
CA ILE A 428 52.19 41.81 81.95
C ILE A 428 51.32 42.44 83.05
N ASN A 429 51.97 42.88 84.13
CA ASN A 429 51.31 43.62 85.21
C ASN A 429 50.78 44.95 84.66
N PRO A 430 49.48 45.30 84.90
CA PRO A 430 48.93 46.61 84.53
C PRO A 430 49.79 47.85 84.80
N ASP A 431 50.58 47.85 85.88
CA ASP A 431 51.47 48.96 86.23
C ASP A 431 52.53 49.26 85.14
N LYS A 432 52.86 48.26 84.33
CA LYS A 432 53.88 48.36 83.27
C LYS A 432 53.30 48.70 81.90
N LEU A 433 51.96 48.79 81.80
CA LEU A 433 51.29 49.11 80.53
C LEU A 433 51.61 50.53 80.07
N SER A 434 51.79 51.45 81.03
CA SER A 434 52.21 52.83 80.80
C SER A 434 53.57 52.91 80.12
N GLU A 435 54.57 52.18 80.67
CA GLU A 435 55.92 52.09 80.10
C GLU A 435 55.88 51.55 78.66
N LEU A 436 55.00 50.58 78.38
CA LEU A 436 54.84 50.01 77.04
C LEU A 436 54.23 51.03 76.06
N GLU A 437 53.22 51.80 76.54
CA GLU A 437 52.55 52.81 75.74
C GLU A 437 53.53 53.91 75.31
N ASP A 438 54.40 54.34 76.24
CA ASP A 438 55.43 55.37 75.99
C ASP A 438 56.44 54.96 74.93
N LEU A 439 56.64 53.64 74.72
CA LEU A 439 57.63 53.12 73.78
C LEU A 439 57.03 53.03 72.36
N GLY B 198 9.89 59.82 20.72
CA GLY B 198 8.84 59.16 21.53
C GLY B 198 7.90 60.18 22.13
N GLU B 199 6.81 59.68 22.68
CA GLU B 199 5.76 60.47 23.30
C GLU B 199 6.22 61.00 24.66
N ASP B 200 5.87 62.26 24.98
CA ASP B 200 6.13 62.84 26.29
C ASP B 200 5.15 62.30 27.32
N MET B 201 5.62 62.07 28.54
CA MET B 201 4.78 61.59 29.64
C MET B 201 4.46 62.73 30.61
N MET B 202 3.15 63.00 30.79
CA MET B 202 2.71 64.05 31.69
C MET B 202 2.26 63.47 33.03
N HIS B 203 2.82 63.99 34.13
CA HIS B 203 2.44 63.56 35.47
C HIS B 203 2.06 64.74 36.35
N PRO B 204 0.86 64.72 36.99
CA PRO B 204 0.51 65.76 37.96
C PRO B 204 1.28 65.59 39.27
N LEU B 205 1.94 66.66 39.72
CA LEU B 205 2.59 66.70 41.02
C LEU B 205 1.81 67.60 41.96
N LYS B 206 1.12 66.99 42.93
CA LYS B 206 0.37 67.73 43.93
C LYS B 206 1.31 68.33 44.99
N VAL B 207 1.27 69.66 45.11
CA VAL B 207 2.13 70.46 46.00
C VAL B 207 1.25 71.32 46.91
N SER B 208 1.65 71.48 48.19
CA SER B 208 0.93 72.37 49.10
C SER B 208 1.45 73.82 48.99
N LEU B 209 0.73 74.79 49.59
CA LEU B 209 1.20 76.17 49.65
C LEU B 209 2.52 76.31 50.41
N GLU B 210 2.70 75.51 51.47
CA GLU B 210 3.94 75.46 52.26
C GLU B 210 5.11 74.96 51.40
N ASP B 211 4.87 73.95 50.56
CA ASP B 211 5.85 73.42 49.62
C ASP B 211 6.29 74.50 48.63
N LEU B 212 5.33 75.30 48.13
CA LEU B 212 5.56 76.37 47.16
C LEU B 212 6.20 77.60 47.80
N TYR B 213 5.97 77.83 49.09
CA TYR B 213 6.53 78.96 49.83
C TYR B 213 7.97 78.69 50.27
N ASN B 214 8.22 77.51 50.86
CA ASN B 214 9.52 77.15 51.42
C ASN B 214 10.46 76.52 50.40
N GLY B 215 9.90 76.00 49.29
CA GLY B 215 10.63 75.13 48.39
C GLY B 215 10.65 73.69 48.92
N LYS B 216 10.67 72.72 48.00
CA LYS B 216 10.64 71.31 48.37
C LYS B 216 11.41 70.46 47.37
N THR B 217 12.22 69.55 47.92
CA THR B 217 12.82 68.48 47.14
C THR B 217 12.06 67.19 47.46
N THR B 218 11.51 66.55 46.42
CA THR B 218 10.79 65.29 46.56
C THR B 218 11.29 64.25 45.56
N LYS B 219 11.23 62.97 45.96
CA LYS B 219 11.58 61.87 45.09
C LYS B 219 10.33 61.25 44.49
N LEU B 220 10.28 61.23 43.16
CA LEU B 220 9.18 60.65 42.41
C LEU B 220 9.62 59.33 41.80
N GLN B 221 8.93 58.25 42.18
CA GLN B 221 9.18 56.96 41.58
C GLN B 221 8.27 56.75 40.38
N LEU B 222 8.85 56.53 39.19
CA LEU B 222 8.11 56.24 37.97
C LEU B 222 8.57 54.90 37.38
N SER B 223 7.61 54.15 36.81
CA SER B 223 7.92 52.96 36.03
C SER B 223 7.91 53.33 34.55
N LYS B 224 9.01 53.06 33.85
CA LYS B 224 9.14 53.34 32.43
C LYS B 224 9.73 52.15 31.68
N ASN B 225 9.48 52.11 30.38
CA ASN B 225 10.08 51.14 29.47
C ASN B 225 11.49 51.61 29.12
N VAL B 226 12.46 50.72 29.33
CA VAL B 226 13.84 50.93 28.91
C VAL B 226 14.23 49.85 27.91
N LEU B 227 15.17 50.16 27.01
CA LEU B 227 15.71 49.15 26.10
C LEU B 227 16.32 48.00 26.90
N CYS B 228 15.97 46.77 26.50
CA CYS B 228 16.43 45.57 27.19
C CYS B 228 17.95 45.48 27.15
N SER B 229 18.61 45.65 28.31
CA SER B 229 20.06 45.65 28.44
C SER B 229 20.73 44.39 27.86
N ALA B 230 20.01 43.26 27.78
CA ALA B 230 20.56 41.97 27.34
C ALA B 230 20.54 41.79 25.82
N CYS B 231 19.72 42.54 25.08
CA CYS B 231 19.63 42.44 23.62
C CYS B 231 19.65 43.81 22.93
N SER B 232 19.86 44.89 23.70
CA SER B 232 19.91 46.27 23.22
C SER B 232 18.76 46.62 22.26
N GLY B 233 17.54 46.13 22.59
CA GLY B 233 16.31 46.41 21.85
C GLY B 233 16.15 45.64 20.54
N GLN B 234 17.25 45.01 20.10
CA GLN B 234 17.27 44.35 18.81
C GLN B 234 16.21 43.27 18.92
N GLY B 235 15.76 43.08 20.16
CA GLY B 235 14.80 42.08 20.47
C GLY B 235 15.65 40.85 20.65
N GLY B 236 16.20 40.34 19.56
CA GLY B 236 17.17 39.28 19.63
C GLY B 236 18.30 39.49 18.65
N LYS B 237 19.18 38.48 18.52
CA LYS B 237 20.26 38.50 17.54
C LYS B 237 19.66 38.66 16.14
N SER B 238 20.46 39.10 15.15
CA SER B 238 20.02 39.19 13.77
C SER B 238 19.63 37.80 13.27
N GLY B 239 18.33 37.63 12.95
CA GLY B 239 17.76 36.35 12.53
C GLY B 239 17.12 35.58 13.71
N ALA B 240 17.06 36.24 14.88
CA ALA B 240 16.35 35.72 16.04
C ALA B 240 14.88 36.11 15.96
N VAL B 241 14.60 37.19 15.20
CA VAL B 241 13.26 37.73 15.08
C VAL B 241 12.49 36.93 14.03
N GLN B 242 11.45 36.23 14.47
CA GLN B 242 10.62 35.40 13.61
C GLN B 242 9.20 35.94 13.58
N LYS B 243 8.53 35.81 12.42
CA LYS B 243 7.10 36.09 12.29
C LYS B 243 6.34 35.20 13.26
N CYS B 244 5.41 35.79 14.02
CA CYS B 244 4.56 35.01 14.88
C CYS B 244 3.67 34.08 14.04
N SER B 245 3.78 32.75 14.20
CA SER B 245 3.05 31.75 13.43
C SER B 245 1.55 31.82 13.66
N ALA B 246 1.20 32.09 14.91
CA ALA B 246 -0.11 32.25 15.52
C ALA B 246 -1.03 33.25 14.82
N CYS B 247 -0.51 34.47 14.63
CA CYS B 247 -1.25 35.58 14.01
C CYS B 247 -0.68 35.91 12.62
N ARG B 248 0.31 35.15 12.14
CA ARG B 248 0.99 35.36 10.87
C ARG B 248 1.49 36.79 10.72
N GLY B 249 2.09 37.36 11.80
CA GLY B 249 2.62 38.71 11.79
C GLY B 249 1.60 39.82 12.03
N ARG B 250 0.31 39.50 12.24
CA ARG B 250 -0.74 40.51 12.36
C ARG B 250 -0.85 41.10 13.78
N GLY B 251 -0.23 40.48 14.80
CA GLY B 251 -0.36 40.92 16.18
C GLY B 251 -1.69 40.51 16.82
N VAL B 252 -2.72 40.26 15.99
CA VAL B 252 -4.07 39.96 16.46
C VAL B 252 -4.61 38.65 15.86
N ARG B 253 -5.44 37.97 16.64
CA ARG B 253 -6.15 36.77 16.21
C ARG B 253 -7.64 37.05 16.20
N ILE B 254 -8.34 36.51 15.20
CA ILE B 254 -9.79 36.57 15.14
C ILE B 254 -10.34 35.33 15.83
N MET B 255 -11.00 35.52 16.96
CA MET B 255 -11.68 34.46 17.69
C MET B 255 -13.18 34.50 17.39
N ILE B 256 -13.74 33.33 17.08
CA ILE B 256 -15.16 33.22 16.77
C ILE B 256 -15.92 32.76 18.02
N ARG B 257 -16.78 33.62 18.57
CA ARG B 257 -17.69 33.24 19.64
C ARG B 257 -19.10 32.98 19.09
N GLN B 258 -19.66 31.79 19.24
CA GLN B 258 -21.09 31.60 18.95
C GLN B 258 -21.96 32.30 20.00
N LEU B 259 -22.90 33.16 19.55
CA LEU B 259 -23.95 33.71 20.41
C LEU B 259 -25.23 32.87 20.42
N ALA B 260 -25.54 32.26 19.26
CA ALA B 260 -26.66 31.38 19.04
C ALA B 260 -26.38 30.51 17.81
N PRO B 261 -26.98 29.32 17.57
CA PRO B 261 -26.70 28.62 16.32
C PRO B 261 -27.11 29.48 15.10
N GLY B 262 -26.14 29.74 14.23
CA GLY B 262 -26.33 30.63 13.09
C GLY B 262 -25.97 32.10 13.37
N MET B 263 -25.69 32.45 14.64
CA MET B 263 -25.08 33.73 14.99
C MET B 263 -23.67 33.54 15.57
N VAL B 264 -22.64 33.86 14.79
CA VAL B 264 -21.25 33.87 15.26
C VAL B 264 -20.75 35.32 15.33
N GLN B 265 -20.10 35.66 16.45
CA GLN B 265 -19.38 36.91 16.64
C GLN B 265 -17.91 36.72 16.43
N GLN B 266 -17.32 37.46 15.49
CA GLN B 266 -15.89 37.50 15.30
C GLN B 266 -15.39 38.62 16.21
N MET B 267 -14.58 38.24 17.19
CA MET B 267 -13.89 39.19 18.04
C MET B 267 -12.40 39.16 17.69
N GLN B 268 -11.79 40.34 17.49
CA GLN B 268 -10.36 40.50 17.37
C GLN B 268 -9.77 40.58 18.77
N SER B 269 -8.88 39.64 19.08
CA SER B 269 -8.14 39.60 20.34
C SER B 269 -6.67 39.80 20.03
N VAL B 270 -5.94 40.45 20.95
CA VAL B 270 -4.49 40.49 20.85
C VAL B 270 -3.97 39.05 20.87
N CYS B 271 -2.98 38.77 20.02
CA CYS B 271 -2.45 37.42 19.87
C CYS B 271 -1.69 37.07 21.14
N SER B 272 -2.12 35.98 21.81
CA SER B 272 -1.51 35.44 23.03
C SER B 272 -0.02 35.09 22.85
N ASP B 273 0.38 34.72 21.63
CA ASP B 273 1.68 34.10 21.39
C ASP B 273 2.79 35.14 21.15
N CYS B 274 2.41 36.36 20.73
CA CYS B 274 3.34 37.47 20.55
C CYS B 274 2.93 38.75 21.27
N ASN B 275 1.86 38.67 22.10
CA ASN B 275 1.34 39.80 22.86
C ASN B 275 1.14 41.06 22.02
N GLY B 276 0.77 40.89 20.74
CA GLY B 276 0.46 42.00 19.86
C GLY B 276 1.60 42.46 18.96
N GLU B 277 2.83 41.97 19.19
CA GLU B 277 4.01 42.48 18.48
C GLU B 277 4.05 41.96 17.03
N GLY B 278 3.41 40.81 16.75
CA GLY B 278 3.48 40.18 15.43
C GLY B 278 4.77 39.37 15.20
N GLU B 279 5.74 39.56 16.09
CA GLU B 279 6.98 38.81 16.07
C GLU B 279 7.19 37.99 17.35
N VAL B 280 7.99 36.93 17.24
CA VAL B 280 8.41 36.12 18.37
C VAL B 280 9.93 36.01 18.34
N ILE B 281 10.54 36.20 19.51
CA ILE B 281 11.97 36.03 19.72
C ILE B 281 12.12 34.97 20.83
N ASN B 282 12.83 33.88 20.50
CA ASN B 282 13.19 32.86 21.47
C ASN B 282 13.90 33.50 22.65
N GLU B 283 13.56 33.07 23.87
CA GLU B 283 14.10 33.63 25.11
C GLU B 283 15.64 33.73 25.11
N LYS B 284 16.29 32.69 24.58
CA LYS B 284 17.74 32.54 24.48
C LYS B 284 18.40 33.60 23.58
N ASP B 285 17.61 34.25 22.70
CA ASP B 285 18.10 35.24 21.76
C ASP B 285 17.93 36.67 22.26
N ARG B 286 16.98 36.90 23.20
CA ARG B 286 16.75 38.21 23.79
C ARG B 286 17.33 38.21 25.20
N CYS B 287 16.83 37.30 26.04
CA CYS B 287 17.19 37.19 27.45
C CYS B 287 16.01 36.54 28.17
N LYS B 288 16.15 36.32 29.48
CA LYS B 288 15.06 35.82 30.30
C LYS B 288 14.34 37.01 30.93
N LYS B 289 14.46 38.20 30.29
CA LYS B 289 13.95 39.46 30.82
C LYS B 289 12.76 39.96 29.98
N CYS B 290 13.02 40.70 28.88
CA CYS B 290 11.98 41.28 28.04
C CYS B 290 11.01 40.18 27.58
N GLU B 291 11.50 39.22 26.75
CA GLU B 291 10.79 38.06 26.23
C GLU B 291 10.43 38.32 24.78
N GLY B 292 11.40 38.82 24.00
CA GLY B 292 11.20 39.17 22.60
C GLY B 292 10.46 40.51 22.48
N LYS B 293 10.41 41.25 23.59
CA LYS B 293 9.64 42.49 23.65
C LYS B 293 10.49 43.72 23.32
N LYS B 294 11.84 43.60 23.43
CA LYS B 294 12.81 44.63 23.07
C LYS B 294 12.91 45.70 24.17
N VAL B 295 11.95 45.72 25.11
CA VAL B 295 11.97 46.62 26.26
C VAL B 295 11.68 45.88 27.56
N ILE B 296 12.07 46.49 28.70
CA ILE B 296 11.76 46.00 30.03
C ILE B 296 11.26 47.17 30.86
N LYS B 297 10.31 46.91 31.77
CA LYS B 297 9.85 47.91 32.72
C LYS B 297 10.87 48.07 33.84
N GLU B 298 11.43 49.28 33.96
CA GLU B 298 12.35 49.65 35.02
C GLU B 298 11.74 50.75 35.88
N VAL B 299 12.09 50.72 37.15
CA VAL B 299 11.64 51.70 38.13
C VAL B 299 12.74 52.75 38.29
N LYS B 300 12.44 53.99 37.90
CA LYS B 300 13.38 55.09 38.05
C LYS B 300 12.88 56.09 39.09
N ILE B 301 13.81 56.55 39.95
CA ILE B 301 13.52 57.60 40.92
C ILE B 301 14.08 58.92 40.37
N LEU B 302 13.17 59.88 40.15
CA LEU B 302 13.53 61.24 39.77
C LEU B 302 13.51 62.14 41.01
N GLU B 303 14.59 62.91 41.19
CA GLU B 303 14.62 63.96 42.19
C GLU B 303 14.02 65.23 41.60
N VAL B 304 12.92 65.70 42.23
CA VAL B 304 12.16 66.84 41.75
C VAL B 304 12.36 68.00 42.72
N HIS B 305 12.88 69.11 42.17
CA HIS B 305 13.02 70.36 42.91
C HIS B 305 11.86 71.29 42.56
N VAL B 306 11.09 71.65 43.60
CA VAL B 306 10.05 72.67 43.54
C VAL B 306 10.63 73.93 44.19
N ASP B 307 10.90 74.93 43.36
CA ASP B 307 11.46 76.20 43.80
C ASP B 307 10.41 77.07 44.51
N LYS B 308 10.90 77.98 45.36
CA LYS B 308 10.06 78.99 46.00
C LYS B 308 9.35 79.86 44.97
N GLY B 309 8.04 80.05 45.18
CA GLY B 309 7.24 80.94 44.37
C GLY B 309 6.72 80.33 43.07
N MET B 310 7.05 79.06 42.79
CA MET B 310 6.48 78.37 41.64
C MET B 310 4.96 78.43 41.64
N LYS B 311 4.36 78.43 40.44
CA LYS B 311 2.93 78.67 40.26
C LYS B 311 2.19 77.38 39.92
N HIS B 312 0.88 77.37 40.20
CA HIS B 312 0.00 76.34 39.69
C HIS B 312 0.12 76.22 38.16
N GLY B 313 0.15 74.98 37.66
CA GLY B 313 0.28 74.69 36.24
C GLY B 313 1.70 74.83 35.67
N GLN B 314 2.69 75.20 36.49
CA GLN B 314 4.07 75.28 36.04
C GLN B 314 4.62 73.87 35.74
N ARG B 315 5.45 73.78 34.69
CA ARG B 315 5.99 72.51 34.19
C ARG B 315 7.44 72.33 34.63
N ILE B 316 7.77 71.12 35.13
CA ILE B 316 9.13 70.68 35.39
C ILE B 316 9.44 69.54 34.42
N THR B 317 10.41 69.76 33.51
CA THR B 317 10.71 68.82 32.44
C THR B 317 12.00 68.05 32.72
N PHE B 318 11.92 66.72 32.59
CA PHE B 318 13.06 65.81 32.60
C PHE B 318 13.27 65.28 31.19
N THR B 319 14.29 65.81 30.51
CA THR B 319 14.54 65.55 29.09
C THR B 319 14.99 64.11 28.85
N GLY B 320 14.37 63.44 27.86
CA GLY B 320 14.74 62.09 27.44
C GLY B 320 14.43 61.01 28.49
N GLU B 321 13.61 61.35 29.49
CA GLU B 321 13.32 60.45 30.60
C GLU B 321 12.08 59.59 30.38
N ALA B 322 11.31 59.81 29.31
CA ALA B 322 10.13 59.01 28.98
C ALA B 322 10.50 57.58 28.55
N ASP B 323 9.48 56.85 28.08
CA ASP B 323 9.60 55.50 27.56
C ASP B 323 10.58 55.43 26.37
N GLN B 324 11.45 54.41 26.42
CA GLN B 324 12.34 54.08 25.32
C GLN B 324 11.69 53.02 24.42
N ALA B 325 11.89 53.18 23.10
CA ALA B 325 11.50 52.17 22.12
C ALA B 325 12.61 51.99 21.09
N PRO B 326 12.80 50.76 20.51
CA PRO B 326 13.84 50.54 19.50
C PRO B 326 13.70 51.46 18.28
N GLY B 327 14.78 52.20 17.99
CA GLY B 327 14.84 53.12 16.86
C GLY B 327 14.10 54.45 17.09
N VAL B 328 13.70 54.72 18.34
CA VAL B 328 12.97 55.93 18.73
C VAL B 328 13.77 56.65 19.80
N GLU B 329 13.96 57.97 19.64
CA GLU B 329 14.58 58.82 20.67
C GLU B 329 13.55 59.07 21.77
N PRO B 330 13.84 58.83 23.07
CA PRO B 330 12.84 59.00 24.13
C PRO B 330 12.27 60.41 24.23
N GLY B 331 10.97 60.49 24.54
CA GLY B 331 10.33 61.74 24.92
C GLY B 331 10.76 62.23 26.30
N ASP B 332 10.10 63.30 26.78
CA ASP B 332 10.38 63.89 28.08
C ASP B 332 9.34 63.47 29.13
N ILE B 333 9.74 63.48 30.41
CA ILE B 333 8.78 63.44 31.50
C ILE B 333 8.50 64.88 31.94
N VAL B 334 7.23 65.30 31.83
CA VAL B 334 6.79 66.64 32.19
C VAL B 334 5.91 66.56 33.43
N LEU B 335 6.40 67.09 34.54
CA LEU B 335 5.60 67.18 35.76
C LEU B 335 4.84 68.50 35.75
N LEU B 336 3.51 68.40 35.92
CA LEU B 336 2.64 69.56 36.02
C LEU B 336 2.32 69.84 37.48
N LEU B 337 2.72 71.00 37.99
CA LEU B 337 2.45 71.37 39.38
C LEU B 337 0.95 71.61 39.59
N GLN B 338 0.36 70.87 40.53
CA GLN B 338 -1.01 71.04 40.96
C GLN B 338 -1.02 71.55 42.40
N GLU B 339 -1.44 72.80 42.58
CA GLU B 339 -1.54 73.39 43.90
C GLU B 339 -2.73 72.76 44.62
N LYS B 340 -2.49 72.32 45.86
CA LYS B 340 -3.55 71.83 46.71
C LYS B 340 -4.21 73.01 47.39
N GLU B 341 -5.53 72.89 47.56
CA GLU B 341 -6.31 73.76 48.43
C GLU B 341 -5.70 73.79 49.83
N HIS B 342 -5.67 74.99 50.42
CA HIS B 342 -5.14 75.21 51.76
C HIS B 342 -6.28 75.72 52.65
N GLU B 343 -6.31 75.26 53.92
CA GLU B 343 -7.46 75.49 54.80
C GLU B 343 -7.62 76.95 55.21
N VAL B 344 -6.50 77.67 55.41
CA VAL B 344 -6.50 79.06 55.91
C VAL B 344 -6.29 80.07 54.78
N PHE B 345 -5.30 79.83 53.90
CA PHE B 345 -4.88 80.76 52.88
C PHE B 345 -5.38 80.36 51.49
N GLN B 346 -5.81 81.37 50.73
CA GLN B 346 -6.06 81.26 49.30
C GLN B 346 -5.03 82.09 48.57
N ARG B 347 -4.44 81.54 47.51
CA ARG B 347 -3.38 82.22 46.79
C ARG B 347 -3.96 82.92 45.57
N ASP B 348 -3.61 84.20 45.39
CA ASP B 348 -3.83 84.95 44.17
C ASP B 348 -2.50 85.49 43.64
N GLY B 349 -1.94 84.84 42.62
CA GLY B 349 -0.62 85.19 42.09
C GLY B 349 0.49 85.09 43.14
N ASN B 350 0.99 86.25 43.60
CA ASN B 350 1.98 86.34 44.66
C ASN B 350 1.37 86.72 46.01
N ASP B 351 0.09 87.09 46.02
CA ASP B 351 -0.63 87.52 47.21
C ASP B 351 -1.33 86.34 47.87
N LEU B 352 -1.59 86.49 49.18
CA LEU B 352 -2.36 85.53 49.95
C LEU B 352 -3.60 86.21 50.50
N HIS B 353 -4.70 85.45 50.56
CA HIS B 353 -5.96 85.89 51.13
C HIS B 353 -6.34 84.96 52.27
N MET B 354 -6.86 85.53 53.36
CA MET B 354 -7.44 84.73 54.44
C MET B 354 -8.67 85.44 55.01
N THR B 355 -9.58 84.64 55.59
CA THR B 355 -10.69 85.18 56.36
C THR B 355 -10.41 84.99 57.85
N TYR B 356 -10.54 86.07 58.62
CA TYR B 356 -10.33 86.04 60.06
C TYR B 356 -11.60 86.50 60.78
N LYS B 357 -12.06 85.69 61.73
CA LYS B 357 -13.26 85.98 62.51
C LYS B 357 -12.88 86.76 63.76
N ILE B 358 -13.58 87.87 64.01
CA ILE B 358 -13.38 88.72 65.19
C ILE B 358 -14.73 89.03 65.83
N GLY B 359 -14.75 89.25 67.16
CA GLY B 359 -15.95 89.67 67.85
C GLY B 359 -16.26 91.15 67.65
N LEU B 360 -17.51 91.56 67.93
CA LEU B 360 -17.92 92.97 67.83
C LEU B 360 -17.03 93.89 68.68
N VAL B 361 -16.68 93.46 69.90
CA VAL B 361 -15.81 94.20 70.81
C VAL B 361 -14.44 94.42 70.16
N GLU B 362 -13.85 93.39 69.55
CA GLU B 362 -12.57 93.48 68.87
C GLU B 362 -12.65 94.44 67.68
N ALA B 363 -13.75 94.38 66.91
CA ALA B 363 -14.01 95.23 65.75
C ALA B 363 -14.11 96.72 66.12
N LEU B 364 -14.63 97.05 67.32
CA LEU B 364 -14.87 98.43 67.77
C LEU B 364 -13.71 98.97 68.62
N CYS B 365 -13.10 98.13 69.47
CA CYS B 365 -12.17 98.55 70.51
C CYS B 365 -10.71 98.24 70.20
N GLY B 366 -10.43 97.60 69.05
CA GLY B 366 -9.10 97.13 68.69
C GLY B 366 -8.80 95.74 69.24
N PHE B 367 -7.78 95.08 68.66
CA PHE B 367 -7.50 93.67 68.94
C PHE B 367 -6.07 93.30 68.57
N GLN B 368 -5.67 92.14 69.10
CA GLN B 368 -4.41 91.49 68.74
C GLN B 368 -4.70 90.02 68.51
N PHE B 369 -4.23 89.48 67.37
CA PHE B 369 -4.34 88.05 67.12
C PHE B 369 -3.03 87.50 66.56
N THR B 370 -2.92 86.16 66.59
CA THR B 370 -1.77 85.45 66.08
C THR B 370 -2.21 84.33 65.14
N PHE B 371 -1.44 84.13 64.07
CA PHE B 371 -1.64 82.99 63.17
C PHE B 371 -0.29 82.41 62.74
N LYS B 372 -0.33 81.16 62.28
CA LYS B 372 0.83 80.46 61.75
C LYS B 372 0.92 80.71 60.24
N HIS B 373 2.08 81.22 59.78
CA HIS B 373 2.33 81.43 58.36
C HIS B 373 2.84 80.14 57.68
N LEU B 374 3.04 80.20 56.35
CA LEU B 374 3.46 79.08 55.52
C LEU B 374 4.88 78.60 55.82
N ASP B 375 5.73 79.48 56.40
CA ASP B 375 7.08 79.12 56.88
C ASP B 375 7.08 78.60 58.33
N GLY B 376 5.91 78.58 58.97
CA GLY B 376 5.77 78.13 60.36
C GLY B 376 6.07 79.22 61.39
N ARG B 377 6.42 80.45 60.98
CA ARG B 377 6.53 81.57 61.91
C ARG B 377 5.14 81.94 62.46
N GLN B 378 5.10 82.36 63.73
CA GLN B 378 3.92 82.97 64.32
C GLN B 378 3.95 84.47 64.04
N ILE B 379 2.91 84.96 63.34
CA ILE B 379 2.76 86.39 63.07
C ILE B 379 1.74 86.97 64.06
N VAL B 380 2.15 88.06 64.74
CA VAL B 380 1.27 88.81 65.63
C VAL B 380 0.76 90.04 64.87
N VAL B 381 -0.55 90.08 64.62
CA VAL B 381 -1.20 91.23 64.00
C VAL B 381 -1.87 92.06 65.09
N LYS B 382 -1.57 93.37 65.10
CA LYS B 382 -2.13 94.31 66.06
C LYS B 382 -2.94 95.36 65.31
N TYR B 383 -4.15 95.61 65.80
CA TYR B 383 -5.00 96.68 65.31
C TYR B 383 -5.26 97.66 66.44
N PRO B 384 -4.97 98.98 66.26
CA PRO B 384 -4.98 99.92 67.38
C PRO B 384 -6.40 100.21 67.85
N PRO B 385 -6.60 100.50 69.16
CA PRO B 385 -7.89 100.93 69.69
C PRO B 385 -8.34 102.25 69.08
N GLY B 386 -9.67 102.40 68.92
CA GLY B 386 -10.25 103.61 68.36
C GLY B 386 -10.37 103.61 66.83
N LYS B 387 -9.92 102.52 66.17
CA LYS B 387 -10.20 102.31 64.76
C LYS B 387 -11.17 101.14 64.61
N VAL B 388 -12.17 101.32 63.73
CA VAL B 388 -13.23 100.33 63.52
C VAL B 388 -12.90 99.44 62.32
N ILE B 389 -13.18 98.14 62.51
CA ILE B 389 -13.22 97.15 61.44
C ILE B 389 -14.68 96.92 61.06
N GLU B 390 -15.04 97.30 59.84
CA GLU B 390 -16.37 97.04 59.29
C GLU B 390 -16.51 95.57 58.90
N PRO B 391 -17.72 94.96 59.01
CA PRO B 391 -17.97 93.61 58.50
C PRO B 391 -17.61 93.47 57.03
N GLY B 392 -16.79 92.45 56.74
CA GLY B 392 -16.34 92.14 55.39
C GLY B 392 -15.19 93.02 54.89
N CYS B 393 -14.71 93.99 55.69
CA CYS B 393 -13.61 94.85 55.25
C CYS B 393 -12.29 94.08 55.14
N VAL B 394 -11.42 94.54 54.24
CA VAL B 394 -10.12 93.93 53.99
C VAL B 394 -9.01 94.83 54.52
N ARG B 395 -8.02 94.22 55.19
CA ARG B 395 -6.77 94.89 55.57
C ARG B 395 -5.59 94.10 55.03
N VAL B 396 -4.43 94.77 54.97
CA VAL B 396 -3.23 94.19 54.35
C VAL B 396 -2.10 94.10 55.38
N VAL B 397 -1.41 92.95 55.37
CA VAL B 397 -0.13 92.77 56.04
C VAL B 397 0.93 92.68 54.93
N ARG B 398 1.71 93.75 54.77
CA ARG B 398 2.63 93.89 53.65
C ARG B 398 3.81 92.92 53.76
N GLY B 399 4.19 92.30 52.63
CA GLY B 399 5.35 91.42 52.53
C GLY B 399 5.15 90.03 53.13
N GLU B 400 3.90 89.68 53.51
CA GLU B 400 3.55 88.37 54.06
C GLU B 400 2.74 87.52 53.07
N GLY B 401 2.85 87.80 51.76
CA GLY B 401 2.35 86.94 50.69
C GLY B 401 3.36 85.86 50.26
N MET B 402 3.11 85.27 49.08
CA MET B 402 3.99 84.28 48.47
C MET B 402 5.28 84.92 47.93
N PRO B 403 6.43 84.20 47.97
CA PRO B 403 7.65 84.66 47.30
C PRO B 403 7.48 84.64 45.78
N GLN B 404 8.15 85.59 45.11
CA GLN B 404 8.19 85.59 43.66
C GLN B 404 9.11 84.48 43.14
N TYR B 405 8.67 83.77 42.10
CA TYR B 405 9.51 82.78 41.43
C TYR B 405 10.78 83.43 40.87
N ARG B 406 11.95 82.83 41.16
CA ARG B 406 13.28 83.30 40.76
C ARG B 406 13.77 84.52 41.54
N ASN B 407 12.88 85.20 42.28
CA ASN B 407 13.24 86.33 43.13
C ASN B 407 12.60 86.17 44.52
N PRO B 408 13.00 85.14 45.32
CA PRO B 408 12.32 84.81 46.56
C PRO B 408 12.48 85.80 47.72
N PHE B 409 13.31 86.85 47.50
CA PHE B 409 13.46 87.97 48.42
C PHE B 409 12.29 88.95 48.33
N GLU B 410 11.64 89.01 47.16
CA GLU B 410 10.40 89.76 46.99
C GLU B 410 9.20 88.86 47.23
N LYS B 411 8.24 89.38 48.00
CA LYS B 411 7.02 88.68 48.33
C LYS B 411 5.83 89.57 47.99
N GLY B 412 4.69 88.93 47.71
CA GLY B 412 3.41 89.64 47.70
C GLY B 412 2.95 90.00 49.11
N ASP B 413 1.67 90.37 49.21
CA ASP B 413 1.03 90.81 50.43
C ASP B 413 0.01 89.78 50.95
N LEU B 414 -0.32 89.86 52.24
CA LEU B 414 -1.41 89.07 52.83
C LEU B 414 -2.63 89.98 53.07
N TYR B 415 -3.72 89.67 52.37
CA TYR B 415 -5.01 90.32 52.55
C TYR B 415 -5.88 89.52 53.53
N ILE B 416 -6.36 90.22 54.57
CA ILE B 416 -7.19 89.62 55.61
C ILE B 416 -8.58 90.23 55.52
N LYS B 417 -9.56 89.40 55.13
CA LYS B 417 -10.97 89.75 55.20
C LYS B 417 -11.48 89.48 56.61
N PHE B 418 -12.08 90.50 57.25
CA PHE B 418 -12.61 90.37 58.59
C PHE B 418 -14.10 90.00 58.57
N ASP B 419 -14.41 88.91 59.27
CA ASP B 419 -15.78 88.45 59.49
C ASP B 419 -16.17 88.80 60.93
N VAL B 420 -17.00 89.85 61.08
CA VAL B 420 -17.36 90.37 62.40
C VAL B 420 -18.55 89.60 62.97
N GLN B 421 -18.31 88.88 64.06
CA GLN B 421 -19.31 88.09 64.77
C GLN B 421 -20.04 88.95 65.79
N PHE B 422 -21.33 89.16 65.53
CA PHE B 422 -22.25 89.76 66.49
C PHE B 422 -22.54 88.81 67.65
N PRO B 423 -22.80 89.34 68.87
CA PRO B 423 -23.21 88.52 70.01
C PRO B 423 -24.58 87.91 69.73
N GLU B 424 -24.86 86.79 70.41
CA GLU B 424 -26.14 86.10 70.23
C GLU B 424 -27.32 86.88 70.82
N ASN B 425 -28.49 86.38 70.49
CA ASN B 425 -29.82 86.74 71.00
C ASN B 425 -29.81 86.82 72.54
N ASN B 426 -30.34 87.92 73.12
CA ASN B 426 -30.46 88.11 74.55
C ASN B 426 -29.12 88.29 75.30
N TRP B 427 -28.01 88.68 74.63
CA TRP B 427 -26.69 88.69 75.29
C TRP B 427 -26.58 89.72 76.42
N ILE B 428 -27.43 90.76 76.36
CA ILE B 428 -27.44 91.84 77.35
C ILE B 428 -28.85 92.06 77.91
N ASN B 429 -28.94 92.37 79.21
CA ASN B 429 -30.19 92.75 79.86
C ASN B 429 -30.71 94.06 79.23
N PRO B 430 -31.99 94.13 78.80
CA PRO B 430 -32.61 95.39 78.33
C PRO B 430 -32.32 96.66 79.12
N ASP B 431 -32.18 96.56 80.45
CA ASP B 431 -31.87 97.70 81.32
C ASP B 431 -30.54 98.39 80.97
N LYS B 432 -29.61 97.65 80.35
CA LYS B 432 -28.27 98.14 80.00
C LYS B 432 -28.19 98.66 78.56
N LEU B 433 -29.29 98.56 77.80
CA LEU B 433 -29.31 99.03 76.41
C LEU B 433 -29.16 100.55 76.32
N SER B 434 -29.69 101.26 77.33
CA SER B 434 -29.58 102.71 77.48
C SER B 434 -28.11 103.14 77.62
N GLU B 435 -27.36 102.48 78.53
CA GLU B 435 -25.93 102.72 78.74
C GLU B 435 -25.14 102.51 77.44
N LEU B 436 -25.51 101.49 76.64
CA LEU B 436 -24.84 101.20 75.37
C LEU B 436 -25.14 102.28 74.33
N GLU B 437 -26.40 102.77 74.28
CA GLU B 437 -26.82 103.81 73.36
C GLU B 437 -26.07 105.12 73.62
N ASP B 438 -25.87 105.47 74.90
CA ASP B 438 -25.15 106.66 75.32
C ASP B 438 -23.68 106.66 74.91
N LEU B 439 -23.09 105.47 74.69
CA LEU B 439 -21.69 105.32 74.36
C LEU B 439 -21.48 105.43 72.84
N GLY C 198 -5.36 40.36 35.16
CA GLY C 198 -4.23 41.11 34.58
C GLY C 198 -2.92 40.68 35.19
N GLU C 199 -1.83 41.12 34.55
CA GLU C 199 -0.47 40.81 34.97
C GLU C 199 -0.10 41.61 36.22
N ASP C 200 0.64 40.96 37.15
CA ASP C 200 1.17 41.62 38.34
C ASP C 200 2.38 42.49 37.96
N MET C 201 2.52 43.65 38.61
CA MET C 201 3.63 44.55 38.39
C MET C 201 4.62 44.46 39.54
N MET C 202 5.88 44.10 39.23
CA MET C 202 6.93 43.99 40.23
C MET C 202 7.82 45.24 40.23
N HIS C 203 7.98 45.86 41.41
CA HIS C 203 8.84 47.03 41.57
C HIS C 203 9.86 46.82 42.69
N PRO C 204 11.18 47.01 42.43
CA PRO C 204 12.17 46.98 43.50
C PRO C 204 12.10 48.25 44.35
N LEU C 205 11.99 48.05 45.67
CA LEU C 205 12.07 49.15 46.63
C LEU C 205 13.39 49.08 47.39
N LYS C 206 14.30 50.02 47.08
CA LYS C 206 15.58 50.11 47.77
C LYS C 206 15.42 50.72 49.16
N VAL C 207 15.82 49.96 50.19
CA VAL C 207 15.69 50.33 51.60
C VAL C 207 17.06 50.23 52.27
N SER C 208 17.38 51.15 53.19
CA SER C 208 18.62 51.10 53.96
C SER C 208 18.45 50.23 55.22
N LEU C 209 19.56 49.88 55.89
CA LEU C 209 19.51 49.16 57.16
C LEU C 209 18.78 49.96 58.25
N GLU C 210 18.95 51.29 58.25
CA GLU C 210 18.26 52.19 59.17
C GLU C 210 16.75 52.18 58.94
N ASP C 211 16.33 52.14 57.67
CA ASP C 211 14.92 52.02 57.28
C ASP C 211 14.32 50.71 57.82
N LEU C 212 15.09 49.61 57.71
CA LEU C 212 14.66 48.28 58.14
C LEU C 212 14.70 48.12 59.67
N TYR C 213 15.56 48.88 60.35
CA TYR C 213 15.70 48.84 61.80
C TYR C 213 14.62 49.69 62.49
N ASN C 214 14.42 50.92 62.01
CA ASN C 214 13.51 51.89 62.63
C ASN C 214 12.08 51.76 62.11
N GLY C 215 11.91 51.14 60.93
CA GLY C 215 10.66 51.21 60.19
C GLY C 215 10.57 52.51 59.38
N LYS C 216 9.90 52.45 58.23
CA LYS C 216 9.78 53.61 57.35
C LYS C 216 8.46 53.60 56.60
N THR C 217 7.82 54.78 56.57
CA THR C 217 6.70 55.03 55.69
C THR C 217 7.20 55.89 54.52
N THR C 218 7.03 55.39 53.29
CA THR C 218 7.44 56.11 52.09
C THR C 218 6.30 56.17 51.08
N LYS C 219 6.26 57.25 50.28
CA LYS C 219 5.29 57.38 49.21
C LYS C 219 5.93 57.02 47.89
N LEU C 220 5.32 56.04 47.20
CA LEU C 220 5.78 55.60 45.89
C LEU C 220 4.81 56.09 44.83
N GLN C 221 5.32 56.89 43.89
CA GLN C 221 4.53 57.33 42.77
C GLN C 221 4.69 56.35 41.61
N LEU C 222 3.58 55.76 41.14
CA LEU C 222 3.55 54.87 39.99
C LEU C 222 2.57 55.40 38.93
N SER C 223 2.95 55.21 37.66
CA SER C 223 2.04 55.48 36.55
C SER C 223 1.44 54.15 36.10
N LYS C 224 0.10 54.08 36.07
CA LYS C 224 -0.62 52.88 35.66
C LYS C 224 -1.75 53.23 34.70
N ASN C 225 -2.16 52.24 33.92
CA ASN C 225 -3.32 52.33 33.05
C ASN C 225 -4.59 52.12 33.88
N VAL C 226 -5.51 53.08 33.78
CA VAL C 226 -6.84 52.98 34.38
C VAL C 226 -7.89 53.03 33.27
N LEU C 227 -9.04 52.39 33.51
CA LEU C 227 -10.16 52.50 32.57
C LEU C 227 -10.56 53.96 32.38
N CYS C 228 -10.73 54.37 31.12
CA CYS C 228 -11.06 55.74 30.78
C CYS C 228 -12.40 56.13 31.41
N SER C 229 -12.37 57.05 32.39
CA SER C 229 -13.54 57.49 33.13
C SER C 229 -14.68 58.03 32.25
N ALA C 230 -14.36 58.51 31.03
CA ALA C 230 -15.31 59.12 30.12
C ALA C 230 -16.07 58.12 29.23
N CYS C 231 -15.54 56.89 29.05
CA CYS C 231 -16.20 55.87 28.23
C CYS C 231 -16.23 54.50 28.92
N SER C 232 -15.80 54.42 30.19
CA SER C 232 -15.75 53.22 31.01
C SER C 232 -15.15 52.01 30.27
N GLY C 233 -14.07 52.26 29.50
CA GLY C 233 -13.31 51.24 28.78
C GLY C 233 -13.97 50.73 27.49
N GLN C 234 -15.26 51.07 27.33
CA GLN C 234 -16.04 50.54 26.21
C GLN C 234 -15.32 51.05 24.98
N GLY C 235 -14.40 51.97 25.23
CA GLY C 235 -13.66 52.60 24.19
C GLY C 235 -14.58 53.73 23.77
N GLY C 236 -15.67 53.36 23.11
CA GLY C 236 -16.70 54.34 22.82
C GLY C 236 -18.10 53.76 23.02
N LYS C 237 -19.13 54.51 22.62
CA LYS C 237 -20.50 54.03 22.66
C LYS C 237 -20.62 52.76 21.83
N SER C 238 -21.67 51.95 22.05
CA SER C 238 -21.92 50.76 21.24
C SER C 238 -22.14 51.18 19.78
N GLY C 239 -21.22 50.74 18.90
CA GLY C 239 -21.22 51.09 17.48
C GLY C 239 -20.30 52.28 17.20
N ALA C 240 -19.55 52.72 18.21
CA ALA C 240 -18.51 53.74 18.06
C ALA C 240 -17.20 53.07 17.64
N VAL C 241 -17.09 51.77 17.94
CA VAL C 241 -15.88 51.01 17.66
C VAL C 241 -15.92 50.56 16.19
N GLN C 242 -14.98 51.06 15.40
CA GLN C 242 -14.87 50.76 13.97
C GLN C 242 -13.54 50.04 13.71
N LYS C 243 -13.56 49.10 12.73
CA LYS C 243 -12.34 48.49 12.22
C LYS C 243 -11.44 49.59 11.67
N CYS C 244 -10.16 49.53 12.04
CA CYS C 244 -9.20 50.46 11.48
C CYS C 244 -9.05 50.20 9.96
N SER C 245 -9.37 51.20 9.11
CA SER C 245 -9.35 51.08 7.64
C SER C 245 -7.94 50.82 7.12
N ALA C 246 -6.98 51.50 7.76
CA ALA C 246 -5.54 51.53 7.56
C ALA C 246 -4.88 50.14 7.53
N CYS C 247 -5.12 49.37 8.60
CA CYS C 247 -4.56 48.04 8.77
C CYS C 247 -5.62 46.94 8.61
N ARG C 248 -6.86 47.31 8.28
CA ARG C 248 -8.00 46.41 8.14
C ARG C 248 -8.18 45.52 9.38
N GLY C 249 -8.04 46.10 10.58
CA GLY C 249 -8.18 45.38 11.84
C GLY C 249 -6.95 44.60 12.30
N ARG C 250 -5.83 44.64 11.57
CA ARG C 250 -4.65 43.84 11.88
C ARG C 250 -3.75 44.48 12.95
N GLY C 251 -3.94 45.77 13.27
CA GLY C 251 -3.05 46.48 14.20
C GLY C 251 -1.71 46.88 13.57
N VAL C 252 -1.30 46.18 12.51
CA VAL C 252 0.01 46.39 11.88
C VAL C 252 -0.12 46.63 10.38
N ARG C 253 0.80 47.44 9.85
CA ARG C 253 0.93 47.70 8.43
C ARG C 253 2.25 47.15 7.93
N ILE C 254 2.24 46.57 6.73
CA ILE C 254 3.46 46.12 6.08
C ILE C 254 3.97 47.28 5.21
N MET C 255 5.11 47.85 5.57
CA MET C 255 5.78 48.88 4.81
C MET C 255 6.93 48.28 4.01
N ILE C 256 6.98 48.64 2.73
CA ILE C 256 8.03 48.16 1.83
C ILE C 256 9.15 49.20 1.76
N ARG C 257 10.34 48.86 2.25
CA ARG C 257 11.52 49.69 2.07
C ARG C 257 12.42 49.12 0.98
N GLN C 258 12.70 49.87 -0.09
CA GLN C 258 13.76 49.43 -1.02
C GLN C 258 15.14 49.57 -0.38
N LEU C 259 15.94 48.49 -0.42
CA LEU C 259 17.36 48.54 -0.07
C LEU C 259 18.26 48.78 -1.29
N ALA C 260 17.84 48.26 -2.44
CA ALA C 260 18.49 48.42 -3.73
C ALA C 260 17.45 48.10 -4.82
N PRO C 261 17.56 48.55 -6.10
CA PRO C 261 16.59 48.10 -7.10
C PRO C 261 16.62 46.56 -7.25
N GLY C 262 15.46 45.95 -7.02
CA GLY C 262 15.35 44.49 -7.00
C GLY C 262 15.51 43.86 -5.61
N MET C 263 15.92 44.66 -4.60
CA MET C 263 15.85 44.25 -3.21
C MET C 263 14.85 45.10 -2.41
N VAL C 264 13.69 44.55 -2.08
CA VAL C 264 12.71 45.21 -1.22
C VAL C 264 12.64 44.47 0.13
N GLN C 265 12.68 45.24 1.23
CA GLN C 265 12.44 44.76 2.57
C GLN C 265 11.03 45.06 3.00
N GLN C 266 10.26 44.04 3.37
CA GLN C 266 8.96 44.20 3.98
C GLN C 266 9.22 44.30 5.48
N MET C 267 8.90 45.46 6.05
CA MET C 267 8.93 45.66 7.49
C MET C 267 7.49 45.78 8.00
N GLN C 268 7.16 45.04 9.05
CA GLN C 268 5.91 45.19 9.78
C GLN C 268 6.09 46.31 10.80
N SER C 269 5.27 47.36 10.65
CA SER C 269 5.23 48.48 11.56
C SER C 269 3.87 48.49 12.27
N VAL C 270 3.84 48.94 13.52
CA VAL C 270 2.58 49.20 14.19
C VAL C 270 1.82 50.25 13.37
N CYS C 271 0.50 50.03 13.21
CA CYS C 271 -0.32 50.90 12.39
C CYS C 271 -0.45 52.25 13.09
N SER C 272 -0.01 53.32 12.42
CA SER C 272 -0.07 54.71 12.88
C SER C 272 -1.49 55.16 13.23
N ASP C 273 -2.51 54.60 12.55
CA ASP C 273 -3.86 55.13 12.59
C ASP C 273 -4.67 54.57 13.77
N CYS C 274 -4.29 53.40 14.29
CA CYS C 274 -4.91 52.79 15.46
C CYS C 274 -3.93 52.41 16.56
N ASN C 275 -2.64 52.81 16.41
CA ASN C 275 -1.58 52.54 17.37
C ASN C 275 -1.52 51.08 17.79
N GLY C 276 -1.86 50.15 16.89
CA GLY C 276 -1.77 48.72 17.15
C GLY C 276 -3.06 48.04 17.59
N GLU C 277 -4.11 48.82 17.92
CA GLU C 277 -5.32 48.26 18.50
C GLU C 277 -6.17 47.53 17.43
N GLY C 278 -6.02 47.90 16.16
CA GLY C 278 -6.85 47.34 15.08
C GLY C 278 -8.23 48.00 14.97
N GLU C 279 -8.59 48.77 15.99
CA GLU C 279 -9.83 49.54 16.01
C GLU C 279 -9.59 51.05 16.10
N VAL C 280 -10.57 51.82 15.63
CA VAL C 280 -10.57 53.27 15.78
C VAL C 280 -11.91 53.70 16.38
N ILE C 281 -11.82 54.57 17.39
CA ILE C 281 -12.98 55.19 18.03
C ILE C 281 -12.82 56.70 17.85
N ASN C 282 -13.82 57.33 17.21
CA ASN C 282 -13.90 58.78 17.09
C ASN C 282 -13.80 59.41 18.47
N GLU C 283 -13.02 60.50 18.58
CA GLU C 283 -12.77 61.19 19.84
C GLU C 283 -14.05 61.50 20.63
N LYS C 284 -15.10 61.92 19.91
CA LYS C 284 -16.41 62.29 20.42
C LYS C 284 -17.15 61.13 21.08
N ASP C 285 -16.76 59.88 20.77
CA ASP C 285 -17.40 58.68 21.27
C ASP C 285 -16.69 58.09 22.49
N ARG C 286 -15.40 58.41 22.68
CA ARG C 286 -14.62 57.97 23.83
C ARG C 286 -14.45 59.15 24.78
N CYS C 287 -13.82 60.21 24.28
CA CYS C 287 -13.49 61.41 25.04
C CYS C 287 -12.28 62.05 24.35
N LYS C 288 -11.83 63.19 24.90
CA LYS C 288 -10.62 63.85 24.42
C LYS C 288 -9.45 63.39 25.26
N LYS C 289 -9.59 62.20 25.90
CA LYS C 289 -8.62 61.67 26.85
C LYS C 289 -7.89 60.45 26.27
N CYS C 290 -8.47 59.24 26.40
CA CYS C 290 -7.85 58.00 25.93
C CYS C 290 -7.50 58.11 24.45
N GLU C 291 -8.52 58.23 23.57
CA GLU C 291 -8.42 58.40 22.13
C GLU C 291 -8.75 57.09 21.44
N GLY C 292 -9.83 56.43 21.89
CA GLY C 292 -10.24 55.13 21.39
C GLY C 292 -9.38 54.02 21.97
N LYS C 293 -8.63 54.35 23.03
CA LYS C 293 -7.67 53.43 23.62
C LYS C 293 -8.28 52.62 24.77
N LYS C 294 -9.39 53.10 25.36
CA LYS C 294 -10.15 52.42 26.42
C LYS C 294 -9.48 52.58 27.78
N VAL C 295 -8.21 53.03 27.80
CA VAL C 295 -7.48 53.30 29.04
C VAL C 295 -6.79 54.66 28.98
N ILE C 296 -6.45 55.20 30.15
CA ILE C 296 -5.66 56.42 30.30
C ILE C 296 -4.56 56.16 31.33
N LYS C 297 -3.39 56.77 31.12
CA LYS C 297 -2.32 56.71 32.11
C LYS C 297 -2.61 57.69 33.24
N GLU C 298 -2.75 57.14 34.47
CA GLU C 298 -2.95 57.91 35.68
C GLU C 298 -1.77 57.69 36.62
N VAL C 299 -1.47 58.74 37.38
CA VAL C 299 -0.40 58.73 38.36
C VAL C 299 -1.02 58.44 39.74
N LYS C 300 -0.67 57.30 40.33
CA LYS C 300 -1.14 56.93 41.65
C LYS C 300 0.01 56.96 42.67
N ILE C 301 -0.27 57.51 43.86
CA ILE C 301 0.67 57.50 44.96
C ILE C 301 0.24 56.39 45.92
N LEU C 302 1.13 55.40 46.10
CA LEU C 302 0.96 54.35 47.10
C LEU C 302 1.76 54.68 48.35
N GLU C 303 1.10 54.58 49.51
CA GLU C 303 1.80 54.68 50.80
C GLU C 303 2.31 53.29 51.17
N VAL C 304 3.64 53.19 51.30
CA VAL C 304 4.32 51.93 51.56
C VAL C 304 4.88 51.95 52.98
N HIS C 305 4.43 50.98 53.78
CA HIS C 305 4.94 50.77 55.12
C HIS C 305 5.98 49.65 55.12
N VAL C 306 7.20 50.00 55.52
CA VAL C 306 8.29 49.06 55.77
C VAL C 306 8.39 48.89 57.28
N ASP C 307 7.99 47.70 57.75
CA ASP C 307 8.01 47.36 59.17
C ASP C 307 9.43 47.08 59.65
N LYS C 308 9.63 47.24 60.97
CA LYS C 308 10.87 46.87 61.63
C LYS C 308 11.18 45.39 61.45
N GLY C 309 12.44 45.11 61.09
CA GLY C 309 12.93 43.75 60.98
C GLY C 309 12.62 43.05 59.66
N MET C 310 11.93 43.73 58.73
CA MET C 310 11.69 43.18 57.39
C MET C 310 13.01 42.77 56.73
N LYS C 311 12.94 41.74 55.88
CA LYS C 311 14.12 41.11 55.29
C LYS C 311 14.30 41.49 53.83
N HIS C 312 15.55 41.38 53.36
CA HIS C 312 15.82 41.44 51.93
C HIS C 312 14.96 40.42 51.17
N GLY C 313 14.41 40.85 50.01
CA GLY C 313 13.56 40.01 49.18
C GLY C 313 12.11 39.86 49.67
N GLN C 314 11.75 40.48 50.79
CA GLN C 314 10.38 40.43 51.28
C GLN C 314 9.45 41.23 50.35
N ARG C 315 8.23 40.71 50.17
CA ARG C 315 7.24 41.28 49.24
C ARG C 315 6.18 42.08 50.00
N ILE C 316 5.86 43.29 49.50
CA ILE C 316 4.73 44.09 49.93
C ILE C 316 3.74 44.17 48.76
N THR C 317 2.54 43.60 48.94
CA THR C 317 1.56 43.48 47.87
C THR C 317 0.42 44.48 48.04
N PHE C 318 0.13 45.21 46.95
CA PHE C 318 -1.04 46.07 46.81
C PHE C 318 -2.01 45.43 45.84
N THR C 319 -3.08 44.84 46.38
CA THR C 319 -4.02 44.02 45.62
C THR C 319 -4.85 44.86 44.64
N GLY C 320 -4.95 44.40 43.38
CA GLY C 320 -5.76 45.04 42.35
C GLY C 320 -5.25 46.42 41.91
N GLU C 321 -4.00 46.74 42.27
CA GLU C 321 -3.43 48.06 42.00
C GLU C 321 -2.67 48.14 40.67
N ALA C 322 -2.48 47.02 39.96
CA ALA C 322 -1.82 47.01 38.66
C ALA C 322 -2.66 47.68 37.57
N ASP C 323 -2.19 47.55 36.32
CA ASP C 323 -2.85 48.05 35.13
C ASP C 323 -4.25 47.47 34.95
N GLN C 324 -5.20 48.35 34.65
CA GLN C 324 -6.57 47.98 34.27
C GLN C 324 -6.68 47.83 32.76
N ALA C 325 -7.44 46.82 32.33
CA ALA C 325 -7.80 46.63 30.92
C ALA C 325 -9.28 46.26 30.81
N PRO C 326 -9.98 46.65 29.71
CA PRO C 326 -11.40 46.30 29.55
C PRO C 326 -11.65 44.79 29.58
N GLY C 327 -12.54 44.37 30.49
CA GLY C 327 -12.92 42.98 30.66
C GLY C 327 -11.89 42.12 31.41
N VAL C 328 -10.88 42.77 32.02
CA VAL C 328 -9.80 42.12 32.75
C VAL C 328 -9.80 42.64 34.19
N GLU C 329 -9.75 41.74 35.17
CA GLU C 329 -9.59 42.10 36.58
C GLU C 329 -8.14 42.49 36.82
N PRO C 330 -7.82 43.68 37.40
CA PRO C 330 -6.43 44.10 37.58
C PRO C 330 -5.58 43.14 38.41
N GLY C 331 -4.30 43.00 38.02
CA GLY C 331 -3.30 42.33 38.83
C GLY C 331 -2.89 43.14 40.05
N ASP C 332 -1.86 42.67 40.76
CA ASP C 332 -1.35 43.32 41.96
C ASP C 332 -0.06 44.09 41.66
N ILE C 333 0.20 45.13 42.47
CA ILE C 333 1.53 45.72 42.53
C ILE C 333 2.31 45.07 43.67
N VAL C 334 3.43 44.41 43.34
CA VAL C 334 4.28 43.72 44.30
C VAL C 334 5.61 44.47 44.42
N LEU C 335 5.84 45.07 45.59
CA LEU C 335 7.11 45.71 45.86
C LEU C 335 8.06 44.69 46.47
N LEU C 336 9.25 44.56 45.87
CA LEU C 336 10.29 43.68 46.37
C LEU C 336 11.33 44.51 47.13
N LEU C 337 11.49 44.23 48.43
CA LEU C 337 12.47 44.96 49.23
C LEU C 337 13.90 44.59 48.82
N GLN C 338 14.67 45.61 48.45
CA GLN C 338 16.09 45.48 48.14
C GLN C 338 16.88 46.21 49.21
N GLU C 339 17.62 45.45 50.02
CA GLU C 339 18.47 46.02 51.05
C GLU C 339 19.68 46.67 50.38
N LYS C 340 19.96 47.91 50.76
CA LYS C 340 21.17 48.59 50.30
C LYS C 340 22.32 48.18 51.21
N GLU C 341 23.49 48.06 50.58
CA GLU C 341 24.76 47.95 51.28
C GLU C 341 24.92 49.11 52.26
N HIS C 342 25.45 48.79 53.45
CA HIS C 342 25.70 49.76 54.49
C HIS C 342 27.20 49.81 54.77
N GLU C 343 27.74 51.01 55.03
CA GLU C 343 29.18 51.21 55.08
C GLU C 343 29.85 50.57 56.29
N VAL C 344 29.16 50.55 57.44
CA VAL C 344 29.70 50.04 58.71
C VAL C 344 29.21 48.62 59.03
N PHE C 345 27.90 48.38 58.87
CA PHE C 345 27.26 47.14 59.28
C PHE C 345 26.93 46.25 58.08
N GLN C 346 27.16 44.95 58.26
CA GLN C 346 26.66 43.90 57.39
C GLN C 346 25.62 43.09 58.14
N ARG C 347 24.49 42.83 57.48
CA ARG C 347 23.40 42.12 58.14
C ARG C 347 23.47 40.63 57.79
N ASP C 348 23.37 39.78 58.83
CA ASP C 348 23.14 38.36 58.69
C ASP C 348 21.89 37.95 59.46
N GLY C 349 20.78 37.74 58.74
CA GLY C 349 19.49 37.46 59.37
C GLY C 349 19.02 38.57 60.32
N ASN C 350 19.08 38.30 61.63
CA ASN C 350 18.76 39.27 62.67
C ASN C 350 20.01 39.86 63.31
N ASP C 351 21.19 39.32 63.00
CA ASP C 351 22.46 39.76 63.56
C ASP C 351 23.11 40.81 62.67
N LEU C 352 23.98 41.62 63.29
CA LEU C 352 24.78 42.60 62.59
C LEU C 352 26.26 42.27 62.78
N HIS C 353 27.04 42.52 61.73
CA HIS C 353 28.49 42.36 61.75
C HIS C 353 29.15 43.69 61.42
N MET C 354 30.24 44.01 62.14
CA MET C 354 31.07 45.16 61.79
C MET C 354 32.54 44.83 62.01
N THR C 355 33.41 45.53 61.29
CA THR C 355 34.85 45.48 61.54
C THR C 355 35.26 46.77 62.25
N TYR C 356 35.99 46.62 63.36
CA TYR C 356 36.49 47.75 64.13
C TYR C 356 38.01 47.68 64.24
N LYS C 357 38.69 48.78 63.87
CA LYS C 357 40.14 48.87 63.90
C LYS C 357 40.57 49.39 65.27
N ILE C 358 41.55 48.72 65.88
CA ILE C 358 42.13 49.09 67.17
C ILE C 358 43.65 49.03 67.08
N GLY C 359 44.34 49.86 67.87
CA GLY C 359 45.80 49.82 67.97
C GLY C 359 46.29 48.65 68.82
N LEU C 360 47.59 48.29 68.69
CA LEU C 360 48.21 47.23 69.48
C LEU C 360 48.06 47.49 70.99
N VAL C 361 48.24 48.75 71.42
CA VAL C 361 48.10 49.16 72.82
C VAL C 361 46.68 48.89 73.32
N GLU C 362 45.65 49.24 72.53
CA GLU C 362 44.26 48.98 72.86
C GLU C 362 43.97 47.48 72.97
N ALA C 363 44.53 46.69 72.04
CA ALA C 363 44.39 45.24 71.99
C ALA C 363 44.99 44.54 73.22
N LEU C 364 46.08 45.08 73.80
CA LEU C 364 46.80 44.49 74.94
C LEU C 364 46.34 45.05 76.29
N CYS C 365 46.04 46.36 76.35
CA CYS C 365 45.84 47.08 77.61
C CYS C 365 44.38 47.41 77.90
N GLY C 366 43.45 47.04 77.00
CA GLY C 366 42.04 47.40 77.10
C GLY C 366 41.74 48.76 76.46
N PHE C 367 40.45 48.99 76.17
CA PHE C 367 40.03 50.15 75.41
C PHE C 367 38.55 50.47 75.61
N GLN C 368 38.19 51.69 75.19
CA GLN C 368 36.82 52.14 75.11
C GLN C 368 36.62 52.84 73.78
N PHE C 369 35.57 52.45 73.06
CA PHE C 369 35.21 53.15 71.83
C PHE C 369 33.71 53.40 71.74
N THR C 370 33.34 54.29 70.83
CA THR C 370 31.95 54.65 70.58
C THR C 370 31.62 54.56 69.09
N PHE C 371 30.41 54.09 68.78
CA PHE C 371 29.91 54.10 67.42
C PHE C 371 28.42 54.48 67.41
N LYS C 372 27.96 54.93 66.23
CA LYS C 372 26.56 55.26 66.00
C LYS C 372 25.82 54.01 65.51
N HIS C 373 24.73 53.64 66.20
CA HIS C 373 23.88 52.53 65.79
C HIS C 373 22.84 52.96 64.75
N LEU C 374 22.05 52.00 64.24
CA LEU C 374 21.04 52.20 63.20
C LEU C 374 19.87 53.08 63.66
N ASP C 375 19.61 53.15 64.98
CA ASP C 375 18.64 54.06 65.58
C ASP C 375 19.20 55.45 65.89
N GLY C 376 20.50 55.65 65.65
CA GLY C 376 21.17 56.92 65.90
C GLY C 376 21.67 57.07 67.35
N ARG C 377 21.45 56.07 68.23
CA ARG C 377 22.04 56.07 69.56
C ARG C 377 23.56 55.91 69.45
N GLN C 378 24.29 56.56 70.36
CA GLN C 378 25.72 56.33 70.54
C GLN C 378 25.90 55.18 71.54
N ILE C 379 26.57 54.10 71.08
CA ILE C 379 26.88 52.96 71.94
C ILE C 379 28.34 53.07 72.37
N VAL C 380 28.56 52.98 73.69
CA VAL C 380 29.90 52.94 74.28
C VAL C 380 30.24 51.48 74.58
N VAL C 381 31.25 50.95 73.89
CA VAL C 381 31.77 49.60 74.14
C VAL C 381 33.04 49.73 74.96
N LYS C 382 33.08 48.98 76.08
CA LYS C 382 34.23 48.95 76.97
C LYS C 382 34.80 47.53 77.03
N TYR C 383 36.13 47.44 76.88
CA TYR C 383 36.85 46.19 77.04
C TYR C 383 37.83 46.34 78.20
N PRO C 384 37.79 45.45 79.22
CA PRO C 384 38.55 45.67 80.45
C PRO C 384 40.05 45.49 80.23
N PRO C 385 40.90 46.23 81.00
CA PRO C 385 42.35 46.03 80.96
C PRO C 385 42.74 44.62 81.43
N GLY C 386 43.82 44.09 80.86
CA GLY C 386 44.31 42.78 81.22
C GLY C 386 43.69 41.62 80.42
N LYS C 387 42.76 41.93 79.51
CA LYS C 387 42.27 40.96 78.53
C LYS C 387 42.77 41.35 77.15
N VAL C 388 43.23 40.35 76.38
CA VAL C 388 43.81 40.56 75.06
C VAL C 388 42.77 40.32 73.97
N ILE C 389 42.79 41.21 72.96
CA ILE C 389 42.10 41.05 71.70
C ILE C 389 43.11 40.56 70.66
N GLU C 390 42.91 39.32 70.18
CA GLU C 390 43.73 38.76 69.11
C GLU C 390 43.33 39.37 67.77
N PRO C 391 44.28 39.53 66.80
CA PRO C 391 43.95 39.96 65.44
C PRO C 391 42.91 39.05 64.78
N GLY C 392 41.85 39.68 64.27
CA GLY C 392 40.75 39.00 63.61
C GLY C 392 39.73 38.36 64.55
N CYS C 393 39.92 38.46 65.89
CA CYS C 393 38.98 37.86 66.82
C CYS C 393 37.62 38.58 66.80
N VAL C 394 36.56 37.83 67.12
CA VAL C 394 35.20 38.36 67.15
C VAL C 394 34.70 38.44 68.60
N ARG C 395 34.04 39.56 68.93
CA ARG C 395 33.32 39.73 70.19
C ARG C 395 31.87 40.13 69.89
N VAL C 396 31.00 39.95 70.90
CA VAL C 396 29.57 40.15 70.73
C VAL C 396 29.08 41.24 71.68
N VAL C 397 28.23 42.14 71.15
CA VAL C 397 27.42 43.05 71.94
C VAL C 397 25.97 42.55 71.82
N ARG C 398 25.48 41.95 72.91
CA ARG C 398 24.18 41.26 72.90
C ARG C 398 23.02 42.24 72.79
N GLY C 399 22.02 41.90 71.95
CA GLY C 399 20.79 42.67 71.80
C GLY C 399 20.93 43.94 70.96
N GLU C 400 22.09 44.13 70.31
CA GLU C 400 22.35 45.28 69.44
C GLU C 400 22.39 44.89 67.95
N GLY C 401 21.72 43.77 67.59
CA GLY C 401 21.45 43.41 66.20
C GLY C 401 20.15 44.02 65.65
N MET C 402 19.66 43.47 64.53
CA MET C 402 18.40 43.86 63.91
C MET C 402 17.20 43.37 64.73
N PRO C 403 16.08 44.14 64.74
CA PRO C 403 14.83 43.66 65.34
C PRO C 403 14.23 42.50 64.52
N GLN C 404 13.56 41.58 65.20
CA GLN C 404 12.83 40.52 64.53
C GLN C 404 11.56 41.06 63.89
N TYR C 405 11.28 40.63 62.65
CA TYR C 405 10.02 40.99 61.99
C TYR C 405 8.81 40.47 62.79
N ARG C 406 7.83 41.36 63.03
CA ARG C 406 6.61 41.09 63.81
C ARG C 406 6.85 41.01 65.33
N ASN C 407 8.10 40.91 65.76
CA ASN C 407 8.46 40.90 67.18
C ASN C 407 9.63 41.87 67.43
N PRO C 408 9.44 43.20 67.24
CA PRO C 408 10.54 44.16 67.28
C PRO C 408 11.17 44.42 68.65
N PHE C 409 10.61 43.80 69.71
CA PHE C 409 11.17 43.80 71.05
C PHE C 409 12.34 42.83 71.19
N GLU C 410 12.34 41.78 70.36
CA GLU C 410 13.48 40.87 70.25
C GLU C 410 14.42 41.34 69.14
N LYS C 411 15.72 41.32 69.46
CA LYS C 411 16.75 41.72 68.51
C LYS C 411 17.80 40.61 68.46
N GLY C 412 18.50 40.54 67.33
CA GLY C 412 19.74 39.77 67.25
C GLY C 412 20.88 40.46 67.98
N ASP C 413 22.09 39.99 67.70
CA ASP C 413 23.32 40.46 68.32
C ASP C 413 24.20 41.23 67.33
N LEU C 414 25.12 42.06 67.86
CA LEU C 414 26.14 42.71 67.05
C LEU C 414 27.50 42.02 67.27
N TYR C 415 28.03 41.43 66.19
CA TYR C 415 29.36 40.83 66.15
C TYR C 415 30.38 41.83 65.64
N ILE C 416 31.44 42.06 66.43
CA ILE C 416 32.50 42.99 66.09
C ILE C 416 33.78 42.19 65.86
N LYS C 417 34.25 42.20 64.60
CA LYS C 417 35.56 41.68 64.25
C LYS C 417 36.61 42.76 64.49
N PHE C 418 37.64 42.44 65.27
CA PHE C 418 38.70 43.38 65.57
C PHE C 418 39.87 43.23 64.60
N ASP C 419 40.23 44.36 63.98
CA ASP C 419 41.40 44.47 63.10
C ASP C 419 42.49 45.21 63.88
N VAL C 420 43.50 44.47 64.35
CA VAL C 420 44.56 45.02 65.20
C VAL C 420 45.67 45.63 64.34
N GLN C 421 45.83 46.94 64.46
CA GLN C 421 46.83 47.71 63.75
C GLN C 421 48.12 47.75 64.55
N PHE C 422 49.15 47.10 63.98
CA PHE C 422 50.52 47.19 64.47
C PHE C 422 51.11 48.57 64.17
N PRO C 423 52.03 49.08 65.01
CA PRO C 423 52.75 50.32 64.74
C PRO C 423 53.65 50.14 63.51
N GLU C 424 53.98 51.26 62.85
CA GLU C 424 54.83 51.21 61.67
C GLU C 424 56.28 50.85 62.00
N ASN C 425 57.02 50.58 60.93
CA ASN C 425 58.46 50.37 60.87
C ASN C 425 59.22 51.48 61.63
N ASN C 426 60.17 51.10 62.50
CA ASN C 426 61.00 52.03 63.26
C ASN C 426 60.25 52.86 64.32
N TRP C 427 59.07 52.43 64.81
CA TRP C 427 58.27 53.25 65.74
C TRP C 427 58.95 53.47 67.10
N ILE C 428 59.87 52.57 67.46
CA ILE C 428 60.60 52.62 68.73
C ILE C 428 62.12 52.51 68.50
N ASN C 429 62.89 53.26 69.31
CA ASN C 429 64.35 53.18 69.31
C ASN C 429 64.78 51.77 69.72
N PRO C 430 65.68 51.09 68.98
CA PRO C 430 66.26 49.80 69.39
C PRO C 430 66.69 49.65 70.85
N ASP C 431 67.19 50.72 71.48
CA ASP C 431 67.61 50.71 72.87
C ASP C 431 66.48 50.35 73.85
N LYS C 432 65.22 50.59 73.45
CA LYS C 432 64.03 50.36 74.27
C LYS C 432 63.38 49.00 74.01
N LEU C 433 63.92 48.23 73.05
CA LEU C 433 63.36 46.91 72.72
C LEU C 433 63.54 45.92 73.87
N SER C 434 64.66 46.07 74.63
CA SER C 434 64.97 45.30 75.82
C SER C 434 63.90 45.49 76.91
N GLU C 435 63.55 46.76 77.21
CA GLU C 435 62.51 47.11 78.18
C GLU C 435 61.15 46.49 77.78
N LEU C 436 60.85 46.45 76.47
CA LEU C 436 59.60 45.87 75.96
C LEU C 436 59.60 44.35 76.12
N GLU C 437 60.75 43.70 75.86
CA GLU C 437 60.90 42.26 75.98
C GLU C 437 60.70 41.81 77.43
N ASP C 438 61.25 42.56 78.40
CA ASP C 438 61.11 42.31 79.83
C ASP C 438 59.67 42.36 80.34
N LEU C 439 58.79 43.10 79.63
CA LEU C 439 57.40 43.30 80.04
C LEU C 439 56.52 42.17 79.49
N GLY D 198 40.18 -17.42 46.37
CA GLY D 198 40.93 -17.03 45.16
C GLY D 198 42.28 -17.71 45.11
N GLU D 199 42.93 -17.60 43.97
CA GLU D 199 44.23 -18.20 43.69
C GLU D 199 45.33 -17.41 44.42
N ASP D 200 46.32 -18.13 44.96
CA ASP D 200 47.50 -17.51 45.57
C ASP D 200 48.46 -17.01 44.48
N MET D 201 49.09 -15.85 44.71
CA MET D 201 50.06 -15.28 43.78
C MET D 201 51.48 -15.51 44.29
N MET D 202 52.30 -16.20 43.48
CA MET D 202 53.69 -16.47 43.84
C MET D 202 54.63 -15.49 43.14
N HIS D 203 55.49 -14.82 43.93
CA HIS D 203 56.48 -13.88 43.38
C HIS D 203 57.89 -14.22 43.87
N PRO D 204 58.88 -14.39 42.96
CA PRO D 204 60.27 -14.57 43.39
C PRO D 204 60.86 -13.25 43.87
N LEU D 205 61.44 -13.27 45.09
CA LEU D 205 62.18 -12.14 45.63
C LEU D 205 63.67 -12.47 45.63
N LYS D 206 64.42 -11.81 44.73
CA LYS D 206 65.86 -11.98 44.66
C LYS D 206 66.56 -11.21 45.78
N VAL D 207 67.31 -11.95 46.63
CA VAL D 207 68.01 -11.43 47.80
C VAL D 207 69.49 -11.79 47.71
N SER D 208 70.39 -10.88 48.14
CA SER D 208 71.82 -11.17 48.18
C SER D 208 72.20 -11.84 49.52
N LEU D 209 73.43 -12.39 49.61
CA LEU D 209 73.93 -12.94 50.87
C LEU D 209 74.02 -11.89 51.97
N GLU D 210 74.39 -10.65 51.61
CA GLU D 210 74.44 -9.52 52.54
C GLU D 210 73.05 -9.18 53.08
N ASP D 211 72.02 -9.24 52.22
CA ASP D 211 70.63 -9.04 52.61
C ASP D 211 70.20 -10.10 53.64
N LEU D 212 70.60 -11.36 53.40
CA LEU D 212 70.27 -12.50 54.26
C LEU D 212 71.08 -12.51 55.57
N TYR D 213 72.28 -11.93 55.56
CA TYR D 213 73.15 -11.86 56.73
C TYR D 213 72.75 -10.71 57.66
N ASN D 214 72.53 -9.51 57.09
CA ASN D 214 72.25 -8.31 57.85
C ASN D 214 70.76 -8.12 58.15
N GLY D 215 69.89 -8.80 57.37
CA GLY D 215 68.47 -8.49 57.34
C GLY D 215 68.19 -7.29 56.43
N LYS D 216 67.01 -7.29 55.80
CA LYS D 216 66.64 -6.24 54.86
C LYS D 216 65.13 -5.98 54.89
N THR D 217 64.78 -4.70 54.93
CA THR D 217 63.41 -4.27 54.66
C THR D 217 63.36 -3.67 53.25
N THR D 218 62.49 -4.23 52.41
CA THR D 218 62.32 -3.75 51.04
C THR D 218 60.83 -3.52 50.73
N LYS D 219 60.55 -2.54 49.86
CA LYS D 219 59.21 -2.27 49.40
C LYS D 219 58.98 -2.91 48.04
N LEU D 220 57.96 -3.76 47.96
CA LEU D 220 57.59 -4.43 46.73
C LEU D 220 56.30 -3.82 46.21
N GLN D 221 56.36 -3.27 44.99
CA GLN D 221 55.17 -2.77 44.34
C GLN D 221 54.54 -3.86 43.48
N LEU D 222 53.28 -4.20 43.76
CA LEU D 222 52.50 -5.16 42.99
C LEU D 222 51.22 -4.53 42.47
N SER D 223 50.83 -4.91 41.24
CA SER D 223 49.53 -4.55 40.69
C SER D 223 48.57 -5.73 40.89
N LYS D 224 47.43 -5.46 41.54
CA LYS D 224 46.42 -6.47 41.80
C LYS D 224 45.02 -5.96 41.46
N ASN D 225 44.11 -6.88 41.22
CA ASN D 225 42.71 -6.59 41.05
C ASN D 225 42.05 -6.41 42.41
N VAL D 226 41.38 -5.26 42.57
CA VAL D 226 40.57 -4.98 43.75
C VAL D 226 39.12 -4.78 43.33
N LEU D 227 38.17 -5.08 44.23
CA LEU D 227 36.78 -4.80 43.97
C LEU D 227 36.58 -3.30 43.70
N CYS D 228 35.84 -3.00 42.63
CA CYS D 228 35.60 -1.62 42.21
C CYS D 228 34.87 -0.85 43.32
N SER D 229 35.57 0.11 43.94
CA SER D 229 35.06 0.92 45.05
C SER D 229 33.73 1.62 44.74
N ALA D 230 33.43 1.88 43.46
CA ALA D 230 32.25 2.63 43.03
C ALA D 230 30.99 1.76 42.86
N CYS D 231 31.14 0.43 42.71
CA CYS D 231 30.00 -0.46 42.57
C CYS D 231 30.11 -1.71 43.46
N SER D 232 31.12 -1.77 44.33
CA SER D 232 31.40 -2.87 45.25
C SER D 232 31.32 -4.24 44.59
N GLY D 233 31.85 -4.35 43.35
CA GLY D 233 31.94 -5.60 42.58
C GLY D 233 30.62 -6.04 41.93
N GLN D 234 29.52 -5.41 42.36
CA GLN D 234 28.20 -5.83 41.93
C GLN D 234 28.22 -5.65 40.42
N GLY D 235 29.28 -4.97 39.98
CA GLY D 235 29.45 -4.64 38.60
C GLY D 235 28.65 -3.37 38.45
N GLY D 236 27.33 -3.51 38.52
CA GLY D 236 26.47 -2.35 38.57
C GLY D 236 25.32 -2.54 39.55
N LYS D 237 24.37 -1.61 39.56
CA LYS D 237 23.17 -1.71 40.38
C LYS D 237 22.43 -2.99 40.00
N SER D 238 21.53 -3.48 40.89
CA SER D 238 20.71 -4.64 40.58
C SER D 238 19.82 -4.33 39.37
N GLY D 239 20.04 -5.07 38.27
CA GLY D 239 19.36 -4.87 37.00
C GLY D 239 20.16 -3.98 36.04
N ALA D 240 21.41 -3.64 36.43
CA ALA D 240 22.35 -2.94 35.57
C ALA D 240 23.12 -3.95 34.72
N VAL D 241 23.15 -5.21 35.19
CA VAL D 241 23.88 -6.26 34.52
C VAL D 241 23.02 -6.84 33.40
N GLN D 242 23.47 -6.65 32.16
CA GLN D 242 22.76 -7.11 30.97
C GLN D 242 23.59 -8.16 30.24
N LYS D 243 22.92 -9.15 29.63
CA LYS D 243 23.56 -10.10 28.72
C LYS D 243 24.21 -9.31 27.58
N CYS D 244 25.46 -9.64 27.27
CA CYS D 244 26.11 -9.04 26.12
C CYS D 244 25.40 -9.47 24.83
N SER D 245 24.85 -8.52 24.06
CA SER D 245 24.08 -8.76 22.84
C SER D 245 24.94 -9.41 21.74
N ALA D 246 26.18 -8.93 21.68
CA ALA D 246 27.28 -9.28 20.79
C ALA D 246 27.58 -10.78 20.73
N CYS D 247 27.82 -11.38 21.92
CA CYS D 247 28.18 -12.79 22.07
C CYS D 247 27.03 -13.60 22.68
N ARG D 248 25.87 -12.96 22.93
CA ARG D 248 24.70 -13.55 23.56
C ARG D 248 25.06 -14.26 24.88
N GLY D 249 25.90 -13.62 25.72
CA GLY D 249 26.32 -14.17 26.99
C GLY D 249 27.46 -15.18 26.94
N ARG D 250 28.02 -15.48 25.76
CA ARG D 250 29.05 -16.52 25.61
C ARG D 250 30.47 -16.02 25.94
N GLY D 251 30.68 -14.70 26.03
CA GLY D 251 32.02 -14.15 26.23
C GLY D 251 32.88 -14.15 24.97
N VAL D 252 32.55 -15.03 24.00
CA VAL D 252 33.35 -15.22 22.79
C VAL D 252 32.49 -15.08 21.54
N ARG D 253 33.11 -14.59 20.47
CA ARG D 253 32.51 -14.50 19.14
C ARG D 253 33.27 -15.41 18.19
N ILE D 254 32.52 -16.06 17.29
CA ILE D 254 33.13 -16.85 16.23
C ILE D 254 33.29 -15.94 15.01
N MET D 255 34.54 -15.66 14.65
CA MET D 255 34.88 -14.90 13.46
C MET D 255 35.30 -15.85 12.35
N ILE D 256 34.75 -15.62 11.15
CA ILE D 256 35.06 -16.44 10.00
C ILE D 256 36.12 -15.73 9.15
N ARG D 257 37.32 -16.31 9.05
CA ARG D 257 38.36 -15.84 8.15
C ARG D 257 38.42 -16.72 6.90
N GLN D 258 38.21 -16.18 5.69
CA GLN D 258 38.52 -16.96 4.49
C GLN D 258 40.02 -17.12 4.30
N LEU D 259 40.49 -18.37 4.13
CA LEU D 259 41.87 -18.66 3.71
C LEU D 259 42.03 -18.77 2.18
N ALA D 260 40.98 -19.28 1.53
CA ALA D 260 40.85 -19.42 0.09
C ALA D 260 39.37 -19.54 -0.27
N PRO D 261 38.86 -19.24 -1.48
CA PRO D 261 37.44 -19.49 -1.76
C PRO D 261 37.09 -20.98 -1.57
N GLY D 262 36.14 -21.24 -0.68
CA GLY D 262 35.78 -22.60 -0.29
C GLY D 262 36.56 -23.15 0.92
N MET D 263 37.57 -22.41 1.40
CA MET D 263 38.19 -22.67 2.70
C MET D 263 37.95 -21.53 3.68
N VAL D 264 37.06 -21.71 4.65
CA VAL D 264 36.83 -20.75 5.73
C VAL D 264 37.34 -21.32 7.06
N GLN D 265 38.09 -20.49 7.79
CA GLN D 265 38.52 -20.78 9.14
C GLN D 265 37.63 -20.08 10.15
N GLN D 266 37.01 -20.84 11.05
CA GLN D 266 36.27 -20.29 12.17
C GLN D 266 37.30 -20.13 13.29
N MET D 267 37.53 -18.88 13.69
CA MET D 267 38.34 -18.56 14.84
C MET D 267 37.44 -18.04 15.96
N GLN D 268 37.60 -18.56 17.18
CA GLN D 268 36.96 -18.04 18.37
C GLN D 268 37.83 -16.91 18.91
N SER D 269 37.24 -15.71 18.97
CA SER D 269 37.88 -14.54 19.53
C SER D 269 37.12 -14.11 20.77
N VAL D 270 37.83 -13.56 21.76
CA VAL D 270 37.16 -12.93 22.90
C VAL D 270 36.27 -11.81 22.35
N CYS D 271 35.05 -11.70 22.91
CA CYS D 271 34.08 -10.74 22.44
C CYS D 271 34.56 -9.34 22.81
N SER D 272 34.74 -8.48 21.80
CA SER D 272 35.17 -7.08 21.93
C SER D 272 34.24 -6.26 22.82
N ASP D 273 32.94 -6.61 22.87
CA ASP D 273 31.91 -5.76 23.45
C ASP D 273 31.77 -5.99 24.97
N CYS D 274 32.17 -7.17 25.47
CA CYS D 274 32.16 -7.48 26.89
C CYS D 274 33.52 -7.98 27.41
N ASN D 275 34.56 -7.94 26.57
CA ASN D 275 35.92 -8.37 26.92
C ASN D 275 35.96 -9.76 27.56
N GLY D 276 35.04 -10.66 27.16
CA GLY D 276 35.03 -12.03 27.62
C GLY D 276 34.07 -12.32 28.78
N GLU D 277 33.49 -11.28 29.40
CA GLU D 277 32.69 -11.45 30.62
C GLU D 277 31.30 -12.06 30.28
N GLY D 278 30.82 -11.86 29.04
CA GLY D 278 29.46 -12.29 28.67
C GLY D 278 28.36 -11.33 29.11
N GLU D 279 28.72 -10.39 29.99
CA GLU D 279 27.83 -9.35 30.45
C GLU D 279 28.32 -7.94 30.10
N VAL D 280 27.38 -7.00 30.02
CA VAL D 280 27.69 -5.59 29.85
C VAL D 280 26.97 -4.79 30.92
N ILE D 281 27.71 -3.86 31.54
CA ILE D 281 27.18 -2.92 32.51
C ILE D 281 27.47 -1.52 31.96
N ASN D 282 26.40 -0.72 31.78
CA ASN D 282 26.50 0.68 31.40
C ASN D 282 27.42 1.40 32.39
N GLU D 283 28.29 2.26 31.87
CA GLU D 283 29.28 2.99 32.67
C GLU D 283 28.68 3.67 33.89
N LYS D 284 27.50 4.28 33.72
CA LYS D 284 26.74 5.02 34.72
C LYS D 284 26.27 4.14 35.89
N ASP D 285 26.24 2.81 35.69
CA ASP D 285 25.77 1.85 36.69
C ASP D 285 26.92 1.24 37.50
N ARG D 286 28.14 1.24 36.94
CA ARG D 286 29.33 0.73 37.63
C ARG D 286 30.16 1.91 38.10
N CYS D 287 30.59 2.74 37.14
CA CYS D 287 31.47 3.88 37.36
C CYS D 287 32.22 4.14 36.05
N LYS D 288 33.07 5.18 36.04
CA LYS D 288 33.92 5.47 34.90
C LYS D 288 35.28 4.81 35.13
N LYS D 289 35.30 3.76 35.98
CA LYS D 289 36.52 3.10 36.44
C LYS D 289 36.63 1.69 35.84
N CYS D 290 36.02 0.67 36.50
CA CYS D 290 36.09 -0.72 36.06
C CYS D 290 35.62 -0.85 34.61
N GLU D 291 34.33 -0.56 34.35
CA GLU D 291 33.66 -0.56 33.04
C GLU D 291 32.82 -1.82 32.90
N GLY D 292 32.05 -2.13 33.95
CA GLY D 292 31.23 -3.33 34.01
C GLY D 292 32.08 -4.55 34.32
N LYS D 293 33.32 -4.31 34.77
CA LYS D 293 34.27 -5.39 34.99
C LYS D 293 34.25 -5.91 36.42
N LYS D 294 33.71 -5.11 37.38
CA LYS D 294 33.52 -5.47 38.78
C LYS D 294 34.82 -5.35 39.57
N VAL D 295 35.97 -5.24 38.87
CA VAL D 295 37.27 -5.03 39.50
C VAL D 295 38.04 -3.90 38.80
N ILE D 296 39.04 -3.35 39.52
CA ILE D 296 39.97 -2.36 38.99
C ILE D 296 41.38 -2.78 39.39
N LYS D 297 42.36 -2.50 38.51
CA LYS D 297 43.76 -2.71 38.82
C LYS D 297 44.26 -1.60 39.72
N GLU D 298 44.70 -1.97 40.93
CA GLU D 298 45.30 -1.05 41.90
C GLU D 298 46.74 -1.46 42.16
N VAL D 299 47.56 -0.44 42.43
CA VAL D 299 48.97 -0.63 42.73
C VAL D 299 49.13 -0.61 44.26
N LYS D 300 49.56 -1.74 44.83
CA LYS D 300 49.80 -1.86 46.26
C LYS D 300 51.29 -2.02 46.54
N ILE D 301 51.77 -1.29 47.56
CA ILE D 301 53.14 -1.44 48.04
C ILE D 301 53.11 -2.30 49.30
N LEU D 302 53.79 -3.46 49.23
CA LEU D 302 53.99 -4.33 50.38
C LEU D 302 55.37 -4.08 50.97
N GLU D 303 55.43 -3.90 52.30
CA GLU D 303 56.69 -3.85 53.02
C GLU D 303 57.09 -5.28 53.37
N VAL D 304 58.26 -5.71 52.85
CA VAL D 304 58.76 -7.06 53.01
C VAL D 304 59.97 -7.04 53.94
N HIS D 305 59.86 -7.78 55.03
CA HIS D 305 60.97 -7.98 55.97
C HIS D 305 61.64 -9.33 55.68
N VAL D 306 62.94 -9.26 55.35
CA VAL D 306 63.81 -10.40 55.23
C VAL D 306 64.67 -10.45 56.48
N ASP D 307 64.38 -11.45 57.33
CA ASP D 307 65.10 -11.65 58.59
C ASP D 307 66.50 -12.22 58.37
N LYS D 308 67.38 -11.99 59.34
CA LYS D 308 68.71 -12.58 59.37
C LYS D 308 68.63 -14.10 59.38
N GLY D 309 69.45 -14.73 58.51
CA GLY D 309 69.59 -16.17 58.46
C GLY D 309 68.52 -16.89 57.65
N MET D 310 67.56 -16.15 57.07
CA MET D 310 66.57 -16.75 56.16
C MET D 310 67.26 -17.55 55.05
N LYS D 311 66.59 -18.61 54.58
CA LYS D 311 67.16 -19.56 53.64
C LYS D 311 66.60 -19.37 52.24
N HIS D 312 67.36 -19.84 51.24
CA HIS D 312 66.86 -19.99 49.89
C HIS D 312 65.57 -20.83 49.88
N GLY D 313 64.58 -20.40 49.09
CA GLY D 313 63.29 -21.07 48.98
C GLY D 313 62.32 -20.81 50.14
N GLN D 314 62.71 -20.02 51.14
CA GLN D 314 61.81 -19.68 52.23
C GLN D 314 60.68 -18.77 51.74
N ARG D 315 59.47 -18.98 52.29
CA ARG D 315 58.25 -18.27 51.87
C ARG D 315 57.89 -17.17 52.87
N ILE D 316 57.57 -15.98 52.33
CA ILE D 316 56.98 -14.89 53.09
C ILE D 316 55.55 -14.67 52.57
N THR D 317 54.55 -14.90 53.44
CA THR D 317 53.15 -14.88 53.04
C THR D 317 52.45 -13.62 53.53
N PHE D 318 51.75 -12.95 52.59
CA PHE D 318 50.85 -11.84 52.87
C PHE D 318 49.41 -12.31 52.67
N THR D 319 48.71 -12.56 53.77
CA THR D 319 47.39 -13.20 53.76
C THR D 319 46.31 -12.28 53.18
N GLY D 320 45.50 -12.82 52.25
CA GLY D 320 44.39 -12.09 51.64
C GLY D 320 44.80 -10.94 50.73
N GLU D 321 46.08 -10.92 50.34
CA GLU D 321 46.63 -9.80 49.55
C GLU D 321 46.58 -10.04 48.05
N ALA D 322 46.19 -11.24 47.60
CA ALA D 322 46.06 -11.54 46.17
C ALA D 322 44.88 -10.80 45.52
N ASP D 323 44.60 -11.17 44.26
CA ASP D 323 43.50 -10.63 43.47
C ASP D 323 42.15 -10.87 44.14
N GLN D 324 41.33 -9.81 44.15
CA GLN D 324 39.94 -9.88 44.59
C GLN D 324 39.02 -10.15 43.40
N ALA D 325 38.00 -10.98 43.62
CA ALA D 325 36.93 -11.20 42.65
C ALA D 325 35.57 -11.20 43.36
N PRO D 326 34.47 -10.76 42.71
CA PRO D 326 33.14 -10.75 43.33
C PRO D 326 32.70 -12.15 43.80
N GLY D 327 32.38 -12.24 45.10
CA GLY D 327 31.91 -13.48 45.72
C GLY D 327 33.03 -14.48 46.03
N VAL D 328 34.30 -14.04 45.92
CA VAL D 328 35.49 -14.88 46.14
C VAL D 328 36.33 -14.22 47.25
N GLU D 329 36.75 -15.01 48.25
CA GLU D 329 37.67 -14.56 49.28
C GLU D 329 39.08 -14.51 48.68
N PRO D 330 39.84 -13.39 48.77
CA PRO D 330 41.16 -13.31 48.14
C PRO D 330 42.14 -14.36 48.63
N GLY D 331 42.99 -14.85 47.70
CA GLY D 331 44.14 -15.67 48.03
C GLY D 331 45.26 -14.87 48.69
N ASP D 332 46.42 -15.52 48.88
CA ASP D 332 47.58 -14.90 49.51
C ASP D 332 48.63 -14.49 48.46
N ILE D 333 49.44 -13.48 48.80
CA ILE D 333 50.68 -13.25 48.07
C ILE D 333 51.83 -13.95 48.79
N VAL D 334 52.47 -14.89 48.09
CA VAL D 334 53.58 -15.67 48.64
C VAL D 334 54.86 -15.28 47.93
N LEU D 335 55.77 -14.63 48.68
CA LEU D 335 57.08 -14.30 48.14
C LEU D 335 58.04 -15.46 48.41
N LEU D 336 58.68 -15.95 47.34
CA LEU D 336 59.67 -17.00 47.44
C LEU D 336 61.07 -16.39 47.40
N LEU D 337 61.85 -16.57 48.47
CA LEU D 337 63.21 -16.04 48.51
C LEU D 337 64.12 -16.78 47.54
N GLN D 338 64.73 -16.02 46.63
CA GLN D 338 65.73 -16.53 45.70
C GLN D 338 67.09 -15.91 46.05
N GLU D 339 68.00 -16.74 46.54
CA GLU D 339 69.34 -16.31 46.88
C GLU D 339 70.10 -16.05 45.58
N LYS D 340 70.75 -14.89 45.49
CA LYS D 340 71.62 -14.57 44.38
C LYS D 340 72.99 -15.17 44.65
N GLU D 341 73.62 -15.63 43.58
CA GLU D 341 75.03 -15.98 43.57
C GLU D 341 75.87 -14.80 44.07
N HIS D 342 76.88 -15.12 44.88
CA HIS D 342 77.80 -14.14 45.44
C HIS D 342 79.21 -14.43 44.93
N GLU D 343 79.98 -13.37 44.64
CA GLU D 343 81.25 -13.50 43.92
C GLU D 343 82.34 -14.19 44.76
N VAL D 344 82.36 -13.94 46.07
CA VAL D 344 83.39 -14.44 46.99
C VAL D 344 82.92 -15.66 47.79
N PHE D 345 81.71 -15.60 48.36
CA PHE D 345 81.19 -16.59 49.27
C PHE D 345 80.15 -17.49 48.60
N GLN D 346 80.22 -18.78 48.93
CA GLN D 346 79.17 -19.75 48.63
C GLN D 346 78.57 -20.20 49.95
N ARG D 347 77.25 -20.25 50.02
CA ARG D 347 76.56 -20.60 51.26
C ARG D 347 76.20 -22.08 51.25
N ASP D 348 76.53 -22.78 52.35
CA ASP D 348 76.03 -24.12 52.64
C ASP D 348 75.33 -24.11 54.00
N GLY D 349 73.98 -24.10 53.98
CA GLY D 349 73.19 -24.01 55.21
C GLY D 349 73.48 -22.73 56.00
N ASN D 350 74.18 -22.88 57.14
CA ASN D 350 74.61 -21.76 57.97
C ASN D 350 76.10 -21.44 57.77
N ASP D 351 76.82 -22.28 57.03
CA ASP D 351 78.25 -22.13 56.80
C ASP D 351 78.49 -21.35 55.50
N LEU D 352 79.67 -20.73 55.43
CA LEU D 352 80.14 -20.05 54.23
C LEU D 352 81.42 -20.71 53.74
N HIS D 353 81.56 -20.76 52.41
CA HIS D 353 82.75 -21.27 51.75
C HIS D 353 83.34 -20.18 50.87
N MET D 354 84.67 -20.08 50.87
CA MET D 354 85.37 -19.21 49.92
C MET D 354 86.66 -19.87 49.46
N THR D 355 87.13 -19.47 48.26
CA THR D 355 88.44 -19.85 47.78
C THR D 355 89.37 -18.65 47.89
N TYR D 356 90.54 -18.86 48.51
CA TYR D 356 91.55 -17.83 48.68
C TYR D 356 92.86 -18.26 48.03
N LYS D 357 93.40 -17.40 47.16
CA LYS D 357 94.65 -17.66 46.45
C LYS D 357 95.82 -17.13 47.28
N ILE D 358 96.85 -17.98 47.47
CA ILE D 358 98.07 -17.63 48.18
C ILE D 358 99.29 -18.08 47.37
N GLY D 359 100.41 -17.36 47.52
CA GLY D 359 101.67 -17.76 46.89
C GLY D 359 102.34 -18.93 47.62
N LEU D 360 103.30 -19.60 46.94
CA LEU D 360 104.06 -20.70 47.53
C LEU D 360 104.77 -20.27 48.82
N VAL D 361 105.35 -19.05 48.83
CA VAL D 361 106.03 -18.50 49.99
C VAL D 361 105.07 -18.36 51.18
N GLU D 362 103.86 -17.85 50.94
CA GLU D 362 102.82 -17.72 51.96
C GLU D 362 102.41 -19.08 52.51
N ALA D 363 102.26 -20.08 51.61
CA ALA D 363 101.88 -21.44 51.95
C ALA D 363 102.91 -22.14 52.84
N LEU D 364 104.21 -21.84 52.67
CA LEU D 364 105.31 -22.48 53.40
C LEU D 364 105.75 -21.69 54.65
N CYS D 365 105.73 -20.35 54.58
CA CYS D 365 106.35 -19.48 55.58
C CYS D 365 105.33 -18.78 56.49
N GLY D 366 104.02 -19.00 56.27
CA GLY D 366 102.96 -18.28 56.97
C GLY D 366 102.59 -16.96 56.30
N PHE D 367 101.41 -16.45 56.63
CA PHE D 367 100.83 -15.30 55.94
C PHE D 367 99.75 -14.60 56.79
N GLN D 368 99.44 -13.38 56.34
CA GLN D 368 98.32 -12.61 56.86
C GLN D 368 97.57 -12.02 55.68
N PHE D 369 96.24 -12.20 55.68
CA PHE D 369 95.40 -11.56 54.67
C PHE D 369 94.15 -10.95 55.29
N THR D 370 93.50 -10.09 54.50
CA THR D 370 92.27 -9.43 54.91
C THR D 370 91.20 -9.58 53.84
N PHE D 371 89.95 -9.77 54.28
CA PHE D 371 88.81 -9.76 53.37
C PHE D 371 87.62 -9.02 54.00
N LYS D 372 86.68 -8.59 53.15
CA LYS D 372 85.45 -7.96 53.58
C LYS D 372 84.37 -9.02 53.78
N HIS D 373 83.78 -9.04 54.97
CA HIS D 373 82.67 -9.94 55.29
C HIS D 373 81.32 -9.37 54.83
N LEU D 374 80.24 -10.15 54.99
CA LEU D 374 78.88 -9.81 54.56
C LEU D 374 78.29 -8.63 55.35
N ASP D 375 78.79 -8.37 56.58
CA ASP D 375 78.42 -7.19 57.37
C ASP D 375 79.29 -5.95 57.06
N GLY D 376 80.28 -6.11 56.18
CA GLY D 376 81.18 -5.03 55.80
C GLY D 376 82.37 -4.86 56.74
N ARG D 377 82.49 -5.70 57.80
CA ARG D 377 83.70 -5.71 58.62
C ARG D 377 84.88 -6.26 57.81
N GLN D 378 86.08 -5.72 58.09
CA GLN D 378 87.32 -6.27 57.59
C GLN D 378 87.81 -7.33 58.59
N ILE D 379 87.96 -8.58 58.11
CA ILE D 379 88.49 -9.68 58.91
C ILE D 379 89.95 -9.89 58.53
N VAL D 380 90.82 -9.90 59.56
CA VAL D 380 92.23 -10.21 59.40
C VAL D 380 92.45 -11.68 59.79
N VAL D 381 92.84 -12.51 58.82
CA VAL D 381 93.18 -13.91 59.05
C VAL D 381 94.70 -14.03 59.11
N LYS D 382 95.20 -14.65 60.19
CA LYS D 382 96.62 -14.87 60.38
C LYS D 382 96.89 -16.37 60.44
N TYR D 383 97.91 -16.80 59.68
CA TYR D 383 98.40 -18.17 59.72
C TYR D 383 99.86 -18.16 60.19
N PRO D 384 100.21 -18.91 61.26
CA PRO D 384 101.53 -18.77 61.89
C PRO D 384 102.64 -19.32 61.00
N PRO D 385 103.86 -18.75 61.07
CA PRO D 385 105.03 -19.31 60.37
C PRO D 385 105.37 -20.71 60.87
N GLY D 386 105.90 -21.55 59.95
CA GLY D 386 106.28 -22.91 60.29
C GLY D 386 105.16 -23.94 60.17
N LYS D 387 103.94 -23.50 59.79
CA LYS D 387 102.87 -24.42 59.42
C LYS D 387 102.62 -24.29 57.92
N VAL D 388 102.43 -25.44 57.25
CA VAL D 388 102.26 -25.51 55.81
C VAL D 388 100.77 -25.59 55.46
N ILE D 389 100.41 -24.83 54.41
CA ILE D 389 99.13 -24.94 53.71
C ILE D 389 99.36 -25.77 52.44
N GLU D 390 98.74 -26.96 52.40
CA GLU D 390 98.76 -27.80 51.21
C GLU D 390 97.81 -27.25 50.15
N PRO D 391 98.13 -27.41 48.83
CA PRO D 391 97.20 -27.05 47.75
C PRO D 391 95.85 -27.73 47.90
N GLY D 392 94.79 -26.92 47.86
CA GLY D 392 93.41 -27.37 47.98
C GLY D 392 92.96 -27.64 49.42
N CYS D 393 93.84 -27.46 50.43
CA CYS D 393 93.44 -27.72 51.81
C CYS D 393 92.42 -26.68 52.30
N VAL D 394 91.58 -27.11 53.26
CA VAL D 394 90.55 -26.27 53.85
C VAL D 394 90.91 -25.92 55.29
N ARG D 395 90.72 -24.65 55.66
CA ARG D 395 90.80 -24.19 57.04
C ARG D 395 89.51 -23.47 57.43
N VAL D 396 89.28 -23.34 58.74
CA VAL D 396 88.04 -22.81 59.27
C VAL D 396 88.30 -21.55 60.09
N VAL D 397 87.45 -20.52 59.86
CA VAL D 397 87.33 -19.36 60.74
C VAL D 397 85.98 -19.50 61.45
N ARG D 398 86.05 -19.85 62.74
CA ARG D 398 84.86 -20.20 63.52
C ARG D 398 83.98 -18.97 63.79
N GLY D 399 82.65 -19.13 63.65
CA GLY D 399 81.66 -18.11 63.96
C GLY D 399 81.55 -16.99 62.91
N GLU D 400 82.20 -17.16 61.75
CA GLU D 400 82.15 -16.20 60.64
C GLU D 400 81.33 -16.73 59.46
N GLY D 401 80.41 -17.68 59.71
CA GLY D 401 79.39 -18.10 58.75
C GLY D 401 78.11 -17.24 58.80
N MET D 402 77.03 -17.76 58.20
CA MET D 402 75.71 -17.13 58.22
C MET D 402 75.05 -17.22 59.61
N PRO D 403 74.26 -16.21 60.01
CA PRO D 403 73.44 -16.30 61.23
C PRO D 403 72.34 -17.35 61.08
N GLN D 404 71.99 -18.00 62.18
CA GLN D 404 70.85 -18.92 62.20
C GLN D 404 69.53 -18.13 62.16
N TYR D 405 68.58 -18.60 61.34
CA TYR D 405 67.24 -18.02 61.33
C TYR D 405 66.58 -18.14 62.71
N ARG D 406 66.02 -17.02 63.22
CA ARG D 406 65.37 -16.91 64.52
C ARG D 406 66.34 -16.89 65.71
N ASN D 407 67.62 -17.27 65.48
CA ASN D 407 68.66 -17.21 66.50
C ASN D 407 69.92 -16.54 65.94
N PRO D 408 69.87 -15.22 65.59
CA PRO D 408 70.97 -14.57 64.87
C PRO D 408 72.26 -14.35 65.67
N PHE D 409 72.24 -14.69 66.97
CA PHE D 409 73.42 -14.70 67.82
C PHE D 409 74.32 -15.91 67.57
N GLU D 410 73.72 -17.01 67.09
CA GLU D 410 74.46 -18.18 66.63
C GLU D 410 74.73 -18.07 65.14
N LYS D 411 75.98 -18.36 64.76
CA LYS D 411 76.42 -18.35 63.38
C LYS D 411 77.08 -19.68 63.04
N GLY D 412 77.06 -20.03 61.76
CA GLY D 412 77.92 -21.08 61.26
C GLY D 412 79.38 -20.62 61.15
N ASP D 413 80.16 -21.41 60.42
CA ASP D 413 81.59 -21.21 60.24
C ASP D 413 81.93 -20.77 58.81
N LEU D 414 83.10 -20.15 58.63
CA LEU D 414 83.64 -19.85 57.31
C LEU D 414 84.78 -20.83 56.97
N TYR D 415 84.55 -21.63 55.92
CA TYR D 415 85.55 -22.54 55.36
C TYR D 415 86.30 -21.87 54.20
N ILE D 416 87.63 -21.85 54.31
CA ILE D 416 88.49 -21.24 53.31
C ILE D 416 89.30 -22.34 52.65
N LYS D 417 89.04 -22.57 51.36
CA LYS D 417 89.86 -23.44 50.51
C LYS D 417 91.03 -22.63 49.97
N PHE D 418 92.26 -23.12 50.20
CA PHE D 418 93.45 -22.45 49.72
C PHE D 418 93.90 -22.97 48.36
N ASP D 419 94.05 -22.03 47.42
CA ASP D 419 94.57 -22.29 46.09
C ASP D 419 96.02 -21.77 46.04
N VAL D 420 96.99 -22.70 46.09
CA VAL D 420 98.40 -22.35 46.18
C VAL D 420 98.98 -22.12 44.78
N GLN D 421 99.38 -20.87 44.52
CA GLN D 421 99.96 -20.44 43.26
C GLN D 421 101.48 -20.65 43.29
N PHE D 422 101.92 -21.57 42.44
CA PHE D 422 103.34 -21.77 42.14
C PHE D 422 103.90 -20.61 41.33
N PRO D 423 105.20 -20.26 41.50
CA PRO D 423 105.85 -19.26 40.68
C PRO D 423 105.93 -19.73 39.22
N GLU D 424 106.04 -18.77 38.30
CA GLU D 424 106.11 -19.09 36.88
C GLU D 424 107.44 -19.75 36.49
N ASN D 425 107.44 -20.23 35.25
CA ASN D 425 108.57 -20.77 34.49
C ASN D 425 109.78 -19.82 34.58
N ASN D 426 110.97 -20.37 34.89
CA ASN D 426 112.23 -19.63 34.95
C ASN D 426 112.33 -18.62 36.11
N TRP D 427 111.52 -18.73 37.19
CA TRP D 427 111.48 -17.67 38.21
C TRP D 427 112.79 -17.51 39.00
N ILE D 428 113.61 -18.58 39.01
CA ILE D 428 114.89 -18.61 39.73
C ILE D 428 116.01 -19.08 38.81
N ASN D 429 117.21 -18.48 38.96
CA ASN D 429 118.41 -18.91 38.26
C ASN D 429 118.77 -20.34 38.70
N PRO D 430 119.02 -21.29 37.75
CA PRO D 430 119.51 -22.63 38.09
C PRO D 430 120.61 -22.74 39.15
N ASP D 431 121.54 -21.78 39.21
CA ASP D 431 122.61 -21.75 40.19
C ASP D 431 122.12 -21.73 41.65
N LYS D 432 120.89 -21.22 41.88
CA LYS D 432 120.29 -21.08 43.21
C LYS D 432 119.39 -22.27 43.58
N LEU D 433 119.22 -23.23 42.67
CA LEU D 433 118.38 -24.40 42.93
C LEU D 433 118.97 -25.29 44.03
N SER D 434 120.31 -25.34 44.09
CA SER D 434 121.08 -26.05 45.12
C SER D 434 120.78 -25.50 46.50
N GLU D 435 120.86 -24.16 46.68
CA GLU D 435 120.55 -23.47 47.92
C GLU D 435 119.11 -23.77 48.38
N LEU D 436 118.16 -23.85 47.44
CA LEU D 436 116.76 -24.16 47.74
C LEU D 436 116.60 -25.62 48.19
N GLU D 437 117.32 -26.55 47.54
CA GLU D 437 117.27 -27.96 47.87
C GLU D 437 117.79 -28.21 49.30
N ASP D 438 118.87 -27.53 49.69
CA ASP D 438 119.47 -27.61 51.02
C ASP D 438 118.54 -27.15 52.14
N LEU D 439 117.56 -26.29 51.81
CA LEU D 439 116.65 -25.71 52.81
C LEU D 439 115.44 -26.64 53.01
N GLY E 198 -37.08 115.01 5.75
CA GLY E 198 -38.18 114.01 5.81
C GLY E 198 -39.52 114.71 5.93
N GLU E 199 -40.58 113.92 5.74
CA GLU E 199 -41.96 114.37 5.80
C GLU E 199 -42.37 114.63 7.26
N ASP E 200 -43.15 115.70 7.48
CA ASP E 200 -43.72 116.00 8.78
C ASP E 200 -44.91 115.07 9.07
N MET E 201 -45.06 114.64 10.33
CA MET E 201 -46.15 113.79 10.75
C MET E 201 -47.20 114.61 11.52
N MET E 202 -48.44 114.61 11.01
CA MET E 202 -49.53 115.34 11.65
C MET E 202 -50.41 114.38 12.48
N HIS E 203 -50.61 114.72 13.76
CA HIS E 203 -51.46 113.93 14.64
C HIS E 203 -52.53 114.79 15.31
N PRO E 204 -53.83 114.43 15.21
CA PRO E 204 -54.88 115.14 15.96
C PRO E 204 -54.82 114.79 17.45
N LEU E 205 -54.77 115.82 18.29
CA LEU E 205 -54.87 115.66 19.74
C LEU E 205 -56.22 116.17 20.22
N LYS E 206 -57.10 115.25 20.61
CA LYS E 206 -58.42 115.60 21.13
C LYS E 206 -58.31 116.09 22.58
N VAL E 207 -58.76 117.34 22.82
CA VAL E 207 -58.69 118.03 24.10
C VAL E 207 -60.09 118.50 24.51
N SER E 208 -60.42 118.42 25.80
CA SER E 208 -61.70 118.94 26.30
C SER E 208 -61.59 120.43 26.64
N LEU E 209 -62.74 121.11 26.88
CA LEU E 209 -62.75 122.50 27.32
C LEU E 209 -62.04 122.67 28.68
N GLU E 210 -62.21 121.69 29.58
CA GLU E 210 -61.55 121.67 30.88
C GLU E 210 -60.03 121.58 30.73
N ASP E 211 -59.55 120.77 29.78
CA ASP E 211 -58.14 120.64 29.45
C ASP E 211 -57.57 121.99 28.98
N LEU E 212 -58.34 122.71 28.13
CA LEU E 212 -57.96 124.00 27.56
C LEU E 212 -58.06 125.14 28.58
N TYR E 213 -58.94 125.02 29.57
CA TYR E 213 -59.14 126.02 30.61
C TYR E 213 -58.08 125.89 31.72
N ASN E 214 -57.86 124.67 32.20
CA ASN E 214 -56.96 124.41 33.33
C ASN E 214 -55.50 124.21 32.89
N GLY E 215 -55.29 123.88 31.61
CA GLY E 215 -54.01 123.37 31.14
C GLY E 215 -53.87 121.87 31.43
N LYS E 216 -53.15 121.16 30.56
CA LYS E 216 -52.99 119.72 30.70
C LYS E 216 -51.63 119.27 30.18
N THR E 217 -50.99 118.40 30.96
CA THR E 217 -49.84 117.65 30.50
C THR E 217 -50.28 116.21 30.22
N THR E 218 -50.06 115.76 28.97
CA THR E 218 -50.41 114.40 28.57
C THR E 218 -49.23 113.72 27.88
N LYS E 219 -49.15 112.39 28.03
CA LYS E 219 -48.12 111.59 27.36
C LYS E 219 -48.72 110.95 26.11
N LEU E 220 -48.09 111.23 24.97
CA LEU E 220 -48.50 110.67 23.69
C LEU E 220 -47.49 109.61 23.26
N GLN E 221 -47.96 108.37 23.11
CA GLN E 221 -47.11 107.31 22.60
C GLN E 221 -47.22 107.24 21.08
N LEU E 222 -46.10 107.39 20.36
CA LEU E 222 -46.04 107.28 18.91
C LEU E 222 -45.02 106.22 18.50
N SER E 223 -45.35 105.48 17.44
CA SER E 223 -44.39 104.56 16.82
C SER E 223 -43.78 105.26 15.61
N LYS E 224 -42.45 105.34 15.57
CA LYS E 224 -41.72 105.96 14.47
C LYS E 224 -40.55 105.10 14.02
N ASN E 225 -40.12 105.32 12.78
CA ASN E 225 -38.92 104.71 12.24
C ASN E 225 -37.69 105.46 12.74
N VAL E 226 -36.75 104.72 13.34
CA VAL E 226 -35.46 105.25 13.74
C VAL E 226 -34.36 104.50 12.98
N LEU E 227 -33.22 105.17 12.76
CA LEU E 227 -32.07 104.51 12.17
C LEU E 227 -31.64 103.32 13.03
N CYS E 228 -31.42 102.17 12.38
CA CYS E 228 -31.06 100.94 13.07
C CYS E 228 -29.75 101.11 13.83
N SER E 229 -29.82 101.10 15.17
CA SER E 229 -28.67 101.31 16.05
C SER E 229 -27.50 100.36 15.78
N ALA E 230 -27.76 99.18 15.20
CA ALA E 230 -26.76 98.15 14.98
C ALA E 230 -25.98 98.31 13.67
N CYS E 231 -26.50 99.07 12.69
CA CYS E 231 -25.83 99.30 11.41
C CYS E 231 -25.83 100.77 10.99
N SER E 232 -26.32 101.67 11.86
CA SER E 232 -26.42 103.11 11.64
C SER E 232 -26.99 103.48 10.28
N GLY E 233 -28.04 102.73 9.85
CA GLY E 233 -28.78 102.97 8.60
C GLY E 233 -28.06 102.50 7.33
N GLN E 234 -26.76 102.18 7.48
CA GLN E 234 -25.94 101.85 6.32
C GLN E 234 -26.59 100.62 5.73
N GLY E 235 -27.53 100.08 6.52
CA GLY E 235 -28.22 98.88 6.16
C GLY E 235 -27.28 97.81 6.63
N GLY E 236 -26.15 97.66 5.93
CA GLY E 236 -25.11 96.78 6.40
C GLY E 236 -23.73 97.40 6.19
N LYS E 237 -22.68 96.61 6.43
CA LYS E 237 -21.31 97.03 6.18
C LYS E 237 -21.17 97.41 4.70
N SER E 238 -20.13 98.19 4.35
CA SER E 238 -19.85 98.53 2.95
C SER E 238 -19.57 97.24 2.17
N GLY E 239 -20.44 96.93 1.20
CA GLY E 239 -20.38 95.72 0.40
C GLY E 239 -21.28 94.61 0.97
N ALA E 240 -22.08 94.94 2.00
CA ALA E 240 -23.10 94.07 2.55
C ALA E 240 -24.39 94.22 1.75
N VAL E 241 -24.53 95.37 1.08
CA VAL E 241 -25.73 95.71 0.33
C VAL E 241 -25.65 95.06 -1.05
N GLN E 242 -26.55 94.11 -1.30
CA GLN E 242 -26.60 93.38 -2.57
C GLN E 242 -27.92 93.68 -3.29
N LYS E 243 -27.87 93.73 -4.63
CA LYS E 243 -29.07 93.81 -5.46
C LYS E 243 -29.94 92.59 -5.17
N CYS E 244 -31.24 92.82 -4.95
CA CYS E 244 -32.16 91.73 -4.77
C CYS E 244 -32.26 90.90 -6.05
N SER E 245 -31.89 89.61 -6.01
CA SER E 245 -31.86 88.70 -7.16
C SER E 245 -33.25 88.47 -7.76
N ALA E 246 -34.22 88.38 -6.85
CA ALA E 246 -35.64 88.17 -7.01
C ALA E 246 -36.33 89.14 -7.98
N CYS E 247 -36.13 90.45 -7.71
CA CYS E 247 -36.74 91.53 -8.50
C CYS E 247 -35.68 92.27 -9.33
N ARG E 248 -34.41 91.81 -9.30
CA ARG E 248 -33.27 92.43 -9.98
C ARG E 248 -33.17 93.93 -9.67
N GLY E 249 -33.35 94.30 -8.39
CA GLY E 249 -33.26 95.69 -7.96
C GLY E 249 -34.52 96.53 -8.17
N ARG E 250 -35.61 95.96 -8.70
CA ARG E 250 -36.82 96.72 -9.04
C ARG E 250 -37.74 96.93 -7.83
N GLY E 251 -37.55 96.21 -6.73
CA GLY E 251 -38.46 96.27 -5.57
C GLY E 251 -39.77 95.50 -5.79
N VAL E 252 -40.15 95.29 -7.06
CA VAL E 252 -41.43 94.67 -7.42
C VAL E 252 -41.24 93.48 -8.35
N ARG E 253 -42.13 92.49 -8.23
CA ARG E 253 -42.20 91.33 -9.10
C ARG E 253 -43.51 91.36 -9.87
N ILE E 254 -43.44 91.00 -11.15
CA ILE E 254 -44.65 90.87 -11.96
C ILE E 254 -45.11 89.42 -11.87
N MET E 255 -46.27 89.20 -11.25
CA MET E 255 -46.90 87.90 -11.15
C MET E 255 -48.02 87.78 -12.17
N ILE E 256 -48.01 86.66 -12.90
CA ILE E 256 -49.01 86.41 -13.93
C ILE E 256 -50.12 85.53 -13.35
N ARG E 257 -51.34 86.07 -13.24
CA ARG E 257 -52.51 85.29 -12.87
C ARG E 257 -53.35 84.97 -14.11
N GLN E 258 -53.58 83.71 -14.46
CA GLN E 258 -54.59 83.39 -15.48
C GLN E 258 -55.99 83.63 -14.96
N LEU E 259 -56.80 84.43 -15.69
CA LEU E 259 -58.23 84.59 -15.43
C LEU E 259 -59.10 83.61 -16.22
N ALA E 260 -58.67 83.31 -17.45
CA ALA E 260 -59.27 82.35 -18.34
C ALA E 260 -58.22 81.85 -19.33
N PRO E 261 -58.30 80.67 -19.98
CA PRO E 261 -57.24 80.31 -20.95
C PRO E 261 -57.16 81.34 -22.09
N GLY E 262 -55.99 81.94 -22.25
CA GLY E 262 -55.79 83.03 -23.20
C GLY E 262 -56.03 84.44 -22.62
N MET E 263 -56.53 84.53 -21.38
CA MET E 263 -56.55 85.79 -20.62
C MET E 263 -55.65 85.72 -19.39
N VAL E 264 -54.50 86.41 -19.45
CA VAL E 264 -53.58 86.52 -18.31
C VAL E 264 -53.60 87.95 -17.77
N GLN E 265 -53.68 88.08 -16.44
CA GLN E 265 -53.52 89.33 -15.72
C GLN E 265 -52.10 89.41 -15.17
N GLN E 266 -51.35 90.46 -15.54
CA GLN E 266 -50.08 90.77 -14.95
C GLN E 266 -50.41 91.67 -13.77
N MET E 267 -50.10 91.17 -12.55
CA MET E 267 -50.18 91.97 -11.35
C MET E 267 -48.77 92.26 -10.86
N GLN E 268 -48.48 93.54 -10.55
CA GLN E 268 -47.24 93.95 -9.89
C GLN E 268 -47.47 93.79 -8.39
N SER E 269 -46.62 92.94 -7.78
CA SER E 269 -46.61 92.73 -6.34
C SER E 269 -45.29 93.23 -5.79
N VAL E 270 -45.30 93.75 -4.55
CA VAL E 270 -44.05 94.06 -3.87
C VAL E 270 -43.25 92.76 -3.75
N CYS E 271 -41.93 92.86 -3.98
CA CYS E 271 -41.08 91.69 -3.99
C CYS E 271 -40.95 91.17 -2.56
N SER E 272 -41.35 89.91 -2.35
CA SER E 272 -41.30 89.21 -1.06
C SER E 272 -39.88 89.16 -0.46
N ASP E 273 -38.85 89.15 -1.32
CA ASP E 273 -37.48 88.84 -0.91
C ASP E 273 -36.73 90.07 -0.40
N CYS E 274 -37.15 91.28 -0.82
CA CYS E 274 -36.58 92.53 -0.35
C CYS E 274 -37.62 93.52 0.19
N ASN E 275 -38.89 93.09 0.32
CA ASN E 275 -39.99 93.89 0.82
C ASN E 275 -40.09 95.26 0.14
N GLY E 276 -39.72 95.34 -1.15
CA GLY E 276 -39.85 96.57 -1.92
C GLY E 276 -38.58 97.41 -2.02
N GLU E 277 -37.54 97.10 -1.24
CA GLU E 277 -36.35 97.94 -1.16
C GLU E 277 -35.48 97.78 -2.42
N GLY E 278 -35.57 96.65 -3.11
CA GLY E 278 -34.69 96.37 -4.26
C GLY E 278 -33.30 95.86 -3.87
N GLU E 279 -32.97 95.99 -2.59
CA GLU E 279 -31.73 95.48 -2.03
C GLU E 279 -31.96 94.43 -0.94
N VAL E 280 -30.95 93.57 -0.74
CA VAL E 280 -30.95 92.61 0.35
C VAL E 280 -29.64 92.75 1.12
N ILE E 281 -29.76 92.78 2.44
CA ILE E 281 -28.63 92.78 3.36
C ILE E 281 -28.76 91.55 4.25
N ASN E 282 -27.73 90.69 4.23
CA ASN E 282 -27.62 89.54 5.11
C ASN E 282 -27.78 90.00 6.56
N GLU E 283 -28.55 89.25 7.36
CA GLU E 283 -28.85 89.58 8.75
C GLU E 283 -27.60 89.93 9.57
N LYS E 284 -26.52 89.18 9.36
CA LYS E 284 -25.23 89.30 10.03
C LYS E 284 -24.52 90.64 9.74
N ASP E 285 -24.92 91.33 8.65
CA ASP E 285 -24.30 92.57 8.22
C ASP E 285 -25.06 93.81 8.71
N ARG E 286 -26.37 93.65 9.03
CA ARG E 286 -27.20 94.73 9.55
C ARG E 286 -27.40 94.50 11.05
N CYS E 287 -28.00 93.35 11.38
CA CYS E 287 -28.36 92.97 12.74
C CYS E 287 -29.51 91.98 12.65
N LYS E 288 -29.99 91.50 13.80
CA LYS E 288 -31.16 90.64 13.87
C LYS E 288 -32.39 91.52 14.14
N LYS E 289 -32.29 92.82 13.81
CA LYS E 289 -33.29 93.83 14.12
C LYS E 289 -34.01 94.31 12.85
N CYS E 290 -33.45 95.32 12.14
CA CYS E 290 -34.05 95.89 10.94
C CYS E 290 -34.34 94.78 9.92
N GLU E 291 -33.28 94.14 9.39
CA GLU E 291 -33.31 93.03 8.44
C GLU E 291 -32.97 93.55 7.05
N GLY E 292 -31.91 94.37 6.96
CA GLY E 292 -31.49 95.00 5.73
C GLY E 292 -32.39 96.18 5.38
N LYS E 293 -33.18 96.64 6.36
CA LYS E 293 -34.16 97.68 6.16
C LYS E 293 -33.62 99.07 6.46
N LYS E 294 -32.53 99.16 7.26
CA LYS E 294 -31.80 100.39 7.59
C LYS E 294 -32.54 101.18 8.69
N VAL E 295 -33.80 100.83 8.97
CA VAL E 295 -34.59 101.43 10.04
C VAL E 295 -35.27 100.36 10.90
N ILE E 296 -35.66 100.75 12.12
CA ILE E 296 -36.44 99.93 13.03
C ILE E 296 -37.58 100.77 13.59
N LYS E 297 -38.74 100.14 13.81
CA LYS E 297 -39.85 100.81 14.49
C LYS E 297 -39.59 100.86 15.98
N GLU E 298 -39.52 102.09 16.52
CA GLU E 298 -39.35 102.35 17.93
C GLU E 298 -40.58 103.11 18.46
N VAL E 299 -40.89 102.83 19.73
CA VAL E 299 -42.00 103.48 20.41
C VAL E 299 -41.44 104.62 21.24
N LYS E 300 -41.82 105.86 20.90
CA LYS E 300 -41.41 107.05 21.64
C LYS E 300 -42.59 107.66 22.37
N ILE E 301 -42.36 108.07 23.62
CA ILE E 301 -43.35 108.80 24.41
C ILE E 301 -42.97 110.28 24.38
N LEU E 302 -43.87 111.11 23.83
CA LEU E 302 -43.74 112.55 23.86
C LEU E 302 -44.60 113.13 24.98
N GLU E 303 -43.99 114.01 25.79
CA GLU E 303 -44.73 114.78 26.77
C GLU E 303 -45.28 116.03 26.11
N VAL E 304 -46.62 116.16 26.11
CA VAL E 304 -47.32 117.23 25.42
C VAL E 304 -47.92 118.15 26.48
N HIS E 305 -47.53 119.43 26.42
CA HIS E 305 -48.10 120.48 27.25
C HIS E 305 -49.14 121.26 26.46
N VAL E 306 -50.39 121.23 26.97
CA VAL E 306 -51.48 122.05 26.48
C VAL E 306 -51.65 123.19 27.47
N ASP E 307 -51.28 124.39 27.03
CA ASP E 307 -51.37 125.60 27.83
C ASP E 307 -52.81 126.09 27.98
N LYS E 308 -53.07 126.85 29.05
CA LYS E 308 -54.33 127.52 29.26
C LYS E 308 -54.66 128.48 28.12
N GLY E 309 -55.90 128.40 27.63
CA GLY E 309 -56.41 129.31 26.62
C GLY E 309 -56.05 128.94 25.18
N MET E 310 -55.30 127.83 24.98
CA MET E 310 -55.02 127.35 23.63
C MET E 310 -56.32 127.16 22.82
N LYS E 311 -56.22 127.34 21.50
CA LYS E 311 -57.39 127.37 20.62
C LYS E 311 -57.49 126.09 19.80
N HIS E 312 -58.72 125.81 19.34
CA HIS E 312 -58.94 124.79 18.32
C HIS E 312 -58.05 125.05 17.10
N GLY E 313 -57.45 123.97 16.55
CA GLY E 313 -56.57 124.05 15.39
C GLY E 313 -55.15 124.55 15.68
N GLN E 314 -54.83 124.88 16.95
CA GLN E 314 -53.47 125.29 17.30
C GLN E 314 -52.50 124.11 17.18
N ARG E 315 -51.27 124.40 16.72
CA ARG E 315 -50.25 123.40 16.46
C ARG E 315 -49.20 123.37 17.57
N ILE E 316 -48.86 122.14 18.03
CA ILE E 316 -47.73 121.89 18.91
C ILE E 316 -46.70 121.07 18.13
N THR E 317 -45.51 121.66 17.91
CA THR E 317 -44.49 121.06 17.06
C THR E 317 -43.35 120.48 17.89
N PHE E 318 -43.00 119.22 17.58
CA PHE E 318 -41.82 118.53 18.10
C PHE E 318 -40.81 118.38 16.96
N THR E 319 -39.78 119.22 16.99
CA THR E 319 -38.81 119.34 15.89
C THR E 319 -37.93 118.09 15.76
N GLY E 320 -37.79 117.58 14.53
CA GLY E 320 -36.93 116.44 14.23
C GLY E 320 -37.41 115.12 14.82
N GLU E 321 -38.68 115.07 15.27
CA GLU E 321 -39.22 113.91 15.95
C GLU E 321 -39.92 112.91 15.00
N ALA E 322 -40.09 113.25 13.72
CA ALA E 322 -40.70 112.37 12.74
C ALA E 322 -39.81 111.16 12.40
N ASP E 323 -40.24 110.40 11.39
CA ASP E 323 -39.52 109.25 10.87
C ASP E 323 -38.11 109.61 10.38
N GLN E 324 -37.14 108.78 10.76
CA GLN E 324 -35.78 108.86 10.27
C GLN E 324 -35.60 107.95 9.05
N ALA E 325 -34.84 108.43 8.07
CA ALA E 325 -34.42 107.63 6.93
C ALA E 325 -32.93 107.87 6.64
N PRO E 326 -32.17 106.87 6.11
CA PRO E 326 -30.76 107.07 5.79
C PRO E 326 -30.51 108.21 4.80
N GLY E 327 -29.67 109.17 5.21
CA GLY E 327 -29.31 110.32 4.40
C GLY E 327 -30.38 111.42 4.34
N VAL E 328 -31.41 111.32 5.20
CA VAL E 328 -32.53 112.26 5.27
C VAL E 328 -32.58 112.84 6.69
N GLU E 329 -32.69 114.17 6.79
CA GLU E 329 -32.89 114.84 8.08
C GLU E 329 -34.36 114.66 8.48
N PRO E 330 -34.68 114.19 9.71
CA PRO E 330 -36.07 113.93 10.08
C PRO E 330 -36.97 115.17 10.03
N GLY E 331 -38.23 114.96 9.62
CA GLY E 331 -39.27 115.97 9.73
C GLY E 331 -39.72 116.19 11.18
N ASP E 332 -40.79 116.98 11.35
CA ASP E 332 -41.34 117.30 12.66
C ASP E 332 -42.61 116.48 12.95
N ILE E 333 -42.90 116.25 14.22
CA ILE E 333 -44.22 115.80 14.64
C ILE E 333 -45.05 117.03 15.03
N VAL E 334 -46.16 117.24 14.30
CA VAL E 334 -47.05 118.38 14.53
C VAL E 334 -48.37 117.86 15.09
N LEU E 335 -48.65 118.19 16.35
CA LEU E 335 -49.93 117.86 16.95
C LEU E 335 -50.91 118.99 16.69
N LEU E 336 -52.07 118.64 16.14
CA LEU E 336 -53.14 119.59 15.88
C LEU E 336 -54.20 119.45 16.97
N LEU E 337 -54.42 120.52 17.76
CA LEU E 337 -55.42 120.50 18.81
C LEU E 337 -56.84 120.44 18.22
N GLN E 338 -57.59 119.40 18.62
CA GLN E 338 -58.98 119.25 18.26
C GLN E 338 -59.83 119.39 19.54
N GLU E 339 -60.59 120.47 19.60
CA GLU E 339 -61.48 120.72 20.73
C GLU E 339 -62.66 119.75 20.64
N LYS E 340 -62.95 119.08 21.75
CA LYS E 340 -64.12 118.23 21.85
C LYS E 340 -65.34 119.09 22.17
N GLY F 198 -51.73 90.48 7.66
CA GLY F 198 -50.70 91.52 7.84
C GLY F 198 -49.79 91.18 9.01
N GLU F 199 -48.71 91.94 9.11
CA GLU F 199 -47.68 91.78 10.14
C GLU F 199 -48.20 92.31 11.48
N ASP F 200 -47.87 91.59 12.57
CA ASP F 200 -48.18 92.03 13.92
C ASP F 200 -47.21 93.15 14.35
N MET F 201 -47.72 94.13 15.10
CA MET F 201 -46.93 95.24 15.61
C MET F 201 -46.64 95.04 17.10
N MET F 202 -45.35 94.99 17.45
CA MET F 202 -44.94 94.82 18.84
C MET F 202 -44.52 96.16 19.45
N HIS F 203 -45.14 96.50 20.60
CA HIS F 203 -44.80 97.73 21.31
C HIS F 203 -44.45 97.45 22.78
N PRO F 204 -43.28 97.91 23.27
CA PRO F 204 -42.96 97.80 24.70
C PRO F 204 -43.77 98.80 25.51
N LEU F 205 -44.46 98.30 26.55
CA LEU F 205 -45.16 99.13 27.51
C LEU F 205 -44.40 99.11 28.85
N LYS F 206 -43.75 100.22 29.18
CA LYS F 206 -43.04 100.36 30.44
C LYS F 206 -44.01 100.60 31.60
N VAL F 207 -43.99 99.70 32.59
CA VAL F 207 -44.88 99.70 33.75
C VAL F 207 -44.04 99.67 35.03
N SER F 208 -44.48 100.40 36.08
CA SER F 208 -43.80 100.37 37.37
C SER F 208 -44.32 99.22 38.24
N LEU F 209 -43.64 98.91 39.35
CA LEU F 209 -44.11 97.92 40.31
C LEU F 209 -45.46 98.30 40.93
N GLU F 210 -45.67 99.61 41.18
CA GLU F 210 -46.93 100.14 41.69
C GLU F 210 -48.06 99.92 40.69
N ASP F 211 -47.79 100.11 39.40
CA ASP F 211 -48.74 99.86 38.31
C ASP F 211 -49.15 98.39 38.30
N LEU F 212 -48.18 97.48 38.48
CA LEU F 212 -48.39 96.03 38.48
C LEU F 212 -49.06 95.53 39.76
N TYR F 213 -48.88 96.24 40.88
CA TYR F 213 -49.47 95.89 42.17
C TYR F 213 -50.91 96.36 42.27
N ASN F 214 -51.17 97.62 41.90
CA ASN F 214 -52.48 98.25 42.05
C ASN F 214 -53.39 98.00 40.84
N GLY F 215 -52.80 97.66 39.69
CA GLY F 215 -53.49 97.69 38.41
C GLY F 215 -53.52 99.11 37.84
N LYS F 216 -53.51 99.22 36.50
CA LYS F 216 -53.47 100.51 35.83
C LYS F 216 -54.20 100.46 34.50
N THR F 217 -55.03 101.49 34.27
CA THR F 217 -55.58 101.75 32.97
C THR F 217 -54.83 102.92 32.34
N THR F 218 -54.24 102.71 31.16
CA THR F 218 -53.50 103.74 30.45
C THR F 218 -53.96 103.84 29.00
N LYS F 219 -53.89 105.06 28.43
CA LYS F 219 -54.21 105.28 27.03
C LYS F 219 -52.93 105.34 26.22
N LEU F 220 -52.84 104.46 25.21
CA LEU F 220 -51.71 104.41 24.30
C LEU F 220 -52.13 104.98 22.95
N GLN F 221 -51.45 106.04 22.53
CA GLN F 221 -51.69 106.60 21.20
C GLN F 221 -50.72 105.97 20.20
N LEU F 222 -51.27 105.32 19.16
CA LEU F 222 -50.50 104.74 18.08
C LEU F 222 -50.92 105.32 16.73
N SER F 223 -49.94 105.51 15.83
CA SER F 223 -50.22 105.86 14.45
C SER F 223 -50.15 104.59 13.61
N LYS F 224 -51.23 104.31 12.86
CA LYS F 224 -51.31 103.14 12.00
C LYS F 224 -51.87 103.51 10.63
N ASN F 225 -51.57 102.67 9.64
CA ASN F 225 -52.14 102.77 8.32
C ASN F 225 -53.54 102.17 8.32
N VAL F 226 -54.51 102.96 7.85
CA VAL F 226 -55.88 102.50 7.64
C VAL F 226 -56.23 102.62 6.16
N LEU F 227 -57.14 101.78 5.68
CA LEU F 227 -57.63 101.91 4.31
C LEU F 227 -58.26 103.28 4.11
N CYS F 228 -57.89 103.93 2.99
CA CYS F 228 -58.35 105.28 2.70
C CYS F 228 -59.88 105.29 2.56
N SER F 229 -60.57 105.94 3.50
CA SER F 229 -62.03 106.01 3.55
C SER F 229 -62.68 106.54 2.26
N ALA F 230 -61.94 107.33 1.47
CA ALA F 230 -62.45 107.97 0.25
C ALA F 230 -62.38 107.09 -1.00
N CYS F 231 -61.54 106.05 -1.01
CA CYS F 231 -61.42 105.14 -2.15
C CYS F 231 -61.42 103.66 -1.75
N SER F 232 -61.66 103.37 -0.46
CA SER F 232 -61.71 102.03 0.11
C SER F 232 -60.54 101.15 -0.32
N GLY F 233 -59.32 101.74 -0.37
CA GLY F 233 -58.06 101.06 -0.69
C GLY F 233 -57.86 100.76 -2.17
N GLN F 234 -58.93 100.90 -2.96
CA GLN F 234 -58.90 100.53 -4.36
C GLN F 234 -57.84 101.41 -4.97
N GLY F 235 -57.44 102.40 -4.16
CA GLY F 235 -56.48 103.36 -4.58
C GLY F 235 -57.32 104.38 -5.29
N GLY F 236 -57.82 104.01 -6.46
CA GLY F 236 -58.78 104.84 -7.15
C GLY F 236 -59.89 104.00 -7.78
N LYS F 237 -60.74 104.65 -8.59
CA LYS F 237 -61.78 103.96 -9.33
C LYS F 237 -61.13 102.90 -10.24
N SER F 238 -61.91 101.90 -10.70
CA SER F 238 -61.41 100.91 -11.65
C SER F 238 -60.98 101.61 -12.93
N GLY F 239 -59.68 101.54 -13.24
CA GLY F 239 -59.07 102.21 -14.38
C GLY F 239 -58.48 103.56 -14.01
N ALA F 240 -58.46 103.89 -12.70
CA ALA F 240 -57.79 105.07 -12.18
C ALA F 240 -56.33 104.73 -11.91
N VAL F 241 -56.03 103.44 -11.74
CA VAL F 241 -54.69 102.98 -11.41
C VAL F 241 -53.88 102.87 -12.71
N GLN F 242 -52.85 103.71 -12.82
CA GLN F 242 -51.97 103.75 -13.99
C GLN F 242 -50.56 103.36 -13.60
N LYS F 243 -49.85 102.67 -14.52
CA LYS F 243 -48.42 102.39 -14.38
C LYS F 243 -47.70 103.73 -14.25
N CYS F 244 -46.79 103.81 -13.26
CA CYS F 244 -45.96 104.99 -13.13
C CYS F 244 -45.03 105.11 -14.34
N SER F 245 -45.14 106.20 -15.13
CA SER F 245 -44.38 106.43 -16.36
C SER F 245 -42.88 106.55 -16.09
N ALA F 246 -42.58 107.21 -14.96
CA ALA F 246 -41.28 107.52 -14.38
C ALA F 246 -40.35 106.31 -14.20
N CYS F 247 -40.88 105.28 -13.52
CA CYS F 247 -40.14 104.06 -13.20
C CYS F 247 -40.66 102.86 -14.01
N ARG F 248 -41.63 103.09 -14.92
CA ARG F 248 -42.29 102.06 -15.73
C ARG F 248 -42.79 100.90 -14.89
N GLY F 249 -43.42 101.20 -13.73
CA GLY F 249 -43.97 100.20 -12.84
C GLY F 249 -42.96 99.55 -11.88
N ARG F 250 -41.68 99.95 -11.89
CA ARG F 250 -40.64 99.30 -11.08
C ARG F 250 -40.59 99.84 -9.64
N GLY F 251 -41.24 100.96 -9.34
CA GLY F 251 -41.14 101.58 -8.01
C GLY F 251 -39.83 102.34 -7.78
N VAL F 252 -38.77 101.97 -8.54
CA VAL F 252 -37.44 102.52 -8.35
C VAL F 252 -36.88 103.09 -9.67
N ARG F 253 -36.06 104.13 -9.54
CA ARG F 253 -35.32 104.73 -10.64
C ARG F 253 -33.84 104.51 -10.42
N ILE F 254 -33.11 104.20 -11.50
CA ILE F 254 -31.67 104.10 -11.44
C ILE F 254 -31.10 105.48 -11.82
N MET F 255 -30.48 106.14 -10.86
CA MET F 255 -29.82 107.42 -11.06
C MET F 255 -28.32 107.19 -11.20
N ILE F 256 -27.72 107.81 -12.23
CA ILE F 256 -26.30 107.72 -12.47
C ILE F 256 -25.60 108.93 -11.88
N ARG F 257 -24.77 108.74 -10.85
CA ARG F 257 -23.94 109.79 -10.29
C ARG F 257 -22.50 109.63 -10.78
N GLN F 258 -21.93 110.62 -11.48
CA GLN F 258 -20.49 110.59 -11.72
C GLN F 258 -19.70 110.87 -10.45
N LEU F 259 -18.74 109.96 -10.10
CA LEU F 259 -17.78 110.20 -9.04
C LEU F 259 -16.47 110.85 -9.53
N ALA F 260 -16.09 110.49 -10.75
CA ALA F 260 -14.95 111.03 -11.47
C ALA F 260 -15.17 110.78 -12.98
N PRO F 261 -14.56 111.52 -13.95
CA PRO F 261 -14.71 111.13 -15.35
C PRO F 261 -14.22 109.69 -15.60
N GLY F 262 -15.12 108.85 -16.09
CA GLY F 262 -14.87 107.43 -16.28
C GLY F 262 -15.26 106.55 -15.08
N MET F 263 -15.64 107.17 -13.94
CA MET F 263 -16.28 106.45 -12.84
C MET F 263 -17.72 106.93 -12.63
N VAL F 264 -18.70 106.11 -13.02
CA VAL F 264 -20.11 106.37 -12.74
C VAL F 264 -20.64 105.38 -11.70
N GLN F 265 -21.36 105.90 -10.71
CA GLN F 265 -22.11 105.12 -9.74
C GLN F 265 -23.57 105.06 -10.14
N GLN F 266 -24.12 103.86 -10.33
CA GLN F 266 -25.54 103.65 -10.50
C GLN F 266 -26.09 103.47 -9.09
N MET F 267 -26.94 104.41 -8.67
CA MET F 267 -27.67 104.31 -7.43
C MET F 267 -29.15 104.07 -7.73
N GLN F 268 -29.75 103.07 -7.08
CA GLN F 268 -31.19 102.84 -7.13
C GLN F 268 -31.82 103.72 -6.06
N SER F 269 -32.72 104.62 -6.50
CA SER F 269 -33.48 105.48 -5.63
C SER F 269 -34.96 105.12 -5.76
N VAL F 270 -35.71 105.25 -4.67
CA VAL F 270 -37.16 105.13 -4.75
C VAL F 270 -37.67 106.20 -5.73
N CYS F 271 -38.63 105.81 -6.59
CA CYS F 271 -39.15 106.69 -7.61
C CYS F 271 -39.94 107.80 -6.95
N SER F 272 -39.53 109.06 -7.18
CA SER F 272 -40.16 110.27 -6.66
C SER F 272 -41.64 110.39 -7.07
N ASP F 273 -42.01 109.84 -8.23
CA ASP F 273 -43.28 110.10 -8.87
C ASP F 273 -44.40 109.17 -8.37
N CYS F 274 -44.02 107.98 -7.85
CA CYS F 274 -44.96 107.04 -7.25
C CYS F 274 -44.58 106.59 -5.84
N ASN F 275 -43.54 107.22 -5.25
CA ASN F 275 -43.04 106.92 -3.91
C ASN F 275 -42.82 105.42 -3.67
N GLY F 276 -42.42 104.68 -4.72
CA GLY F 276 -42.09 103.27 -4.60
C GLY F 276 -43.22 102.31 -4.99
N GLU F 277 -44.45 102.80 -5.19
CA GLU F 277 -45.60 101.93 -5.40
C GLU F 277 -45.59 101.33 -6.82
N GLY F 278 -44.94 102.01 -7.78
CA GLY F 278 -44.96 101.57 -9.19
C GLY F 278 -46.23 102.00 -9.94
N GLU F 279 -47.23 102.44 -9.19
CA GLU F 279 -48.46 102.97 -9.74
C GLU F 279 -48.70 104.43 -9.38
N VAL F 280 -49.50 105.12 -10.21
CA VAL F 280 -49.95 106.47 -9.92
C VAL F 280 -51.47 106.51 -10.08
N ILE F 281 -52.12 107.13 -9.08
CA ILE F 281 -53.56 107.39 -9.11
C ILE F 281 -53.74 108.91 -9.00
N ASN F 282 -54.42 109.49 -10.00
CA ASN F 282 -54.81 110.89 -9.99
C ASN F 282 -55.57 111.20 -8.70
N GLU F 283 -55.26 112.34 -8.08
CA GLU F 283 -55.85 112.75 -6.81
C GLU F 283 -57.39 112.65 -6.80
N LYS F 284 -58.01 113.06 -7.90
CA LYS F 284 -59.46 113.07 -8.12
C LYS F 284 -60.09 111.67 -8.09
N ASP F 285 -59.28 110.62 -8.28
CA ASP F 285 -59.74 109.24 -8.34
C ASP F 285 -59.60 108.52 -6.99
N ARG F 286 -58.69 109.00 -6.12
CA ARG F 286 -58.50 108.43 -4.78
C ARG F 286 -59.13 109.36 -3.76
N CYS F 287 -58.65 110.61 -3.74
CA CYS F 287 -59.05 111.64 -2.79
C CYS F 287 -57.89 112.62 -2.66
N LYS F 288 -58.07 113.66 -1.83
CA LYS F 288 -57.00 114.61 -1.52
C LYS F 288 -56.31 114.15 -0.24
N LYS F 289 -56.42 112.85 0.09
CA LYS F 289 -55.95 112.28 1.35
C LYS F 289 -54.74 111.37 1.10
N CYS F 290 -54.96 110.07 0.77
CA CYS F 290 -53.90 109.09 0.57
C CYS F 290 -52.91 109.61 -0.47
N GLU F 291 -53.36 109.76 -1.74
CA GLU F 291 -52.62 110.28 -2.90
C GLU F 291 -52.21 109.11 -3.78
N GLY F 292 -53.16 108.20 -4.06
CA GLY F 292 -52.91 107.01 -4.84
C GLY F 292 -52.19 105.95 -4.02
N LYS F 293 -52.18 106.15 -2.69
CA LYS F 293 -51.43 105.28 -1.79
C LYS F 293 -52.28 104.14 -1.23
N LYS F 294 -53.63 104.28 -1.27
CA LYS F 294 -54.61 103.26 -0.87
C LYS F 294 -54.74 103.20 0.65
N VAL F 295 -53.83 103.84 1.39
CA VAL F 295 -53.89 103.93 2.85
C VAL F 295 -53.64 105.37 3.32
N ILE F 296 -54.07 105.66 4.55
CA ILE F 296 -53.81 106.94 5.23
C ILE F 296 -53.33 106.64 6.65
N LYS F 297 -52.41 107.46 7.17
CA LYS F 297 -51.99 107.35 8.55
C LYS F 297 -53.06 107.98 9.46
N GLU F 298 -53.61 107.15 10.35
CA GLU F 298 -54.57 107.57 11.35
C GLU F 298 -54.00 107.34 12.75
N VAL F 299 -54.40 108.22 13.66
CA VAL F 299 -53.98 108.15 15.05
C VAL F 299 -55.10 107.46 15.84
N LYS F 300 -54.80 106.28 16.40
CA LYS F 300 -55.75 105.55 17.22
C LYS F 300 -55.30 105.52 18.68
N ILE F 301 -56.25 105.73 19.60
CA ILE F 301 -56.01 105.62 21.03
C ILE F 301 -56.54 104.26 21.48
N LEU F 302 -55.64 103.41 22.00
CA LEU F 302 -55.99 102.14 22.61
C LEU F 302 -56.02 102.31 24.14
N GLU F 303 -57.11 101.83 24.76
CA GLU F 303 -57.18 101.75 26.20
C GLU F 303 -56.57 100.41 26.64
N VAL F 304 -55.50 100.50 27.45
CA VAL F 304 -54.74 99.35 27.88
C VAL F 304 -54.98 99.13 29.37
N HIS F 305 -55.47 97.93 29.70
CA HIS F 305 -55.65 97.50 31.08
C HIS F 305 -54.49 96.61 31.49
N VAL F 306 -53.77 97.05 32.52
CA VAL F 306 -52.74 96.27 33.19
C VAL F 306 -53.35 95.77 34.50
N ASP F 307 -53.59 94.46 34.54
CA ASP F 307 -54.18 93.81 35.71
C ASP F 307 -53.16 93.66 36.85
N LYS F 308 -53.67 93.54 38.07
CA LYS F 308 -52.88 93.23 39.25
C LYS F 308 -52.14 91.90 39.09
N GLY F 309 -50.84 91.93 39.42
CA GLY F 309 -50.01 90.74 39.44
C GLY F 309 -49.44 90.33 38.07
N MET F 310 -49.75 91.08 37.01
CA MET F 310 -49.14 90.83 35.70
C MET F 310 -47.61 90.80 35.79
N LYS F 311 -46.98 90.01 34.92
CA LYS F 311 -45.55 89.74 34.98
C LYS F 311 -44.79 90.48 33.89
N HIS F 312 -43.49 90.69 34.14
CA HIS F 312 -42.59 91.13 33.09
C HIS F 312 -42.66 90.19 31.87
N GLY F 313 -42.67 90.78 30.67
CA GLY F 313 -42.75 90.03 29.42
C GLY F 313 -44.14 89.52 29.04
N GLN F 314 -45.16 89.79 29.88
CA GLN F 314 -46.54 89.40 29.55
C GLN F 314 -47.06 90.23 28.37
N ARG F 315 -47.86 89.58 27.50
CA ARG F 315 -48.36 90.18 26.28
C ARG F 315 -49.83 90.58 26.44
N ILE F 316 -50.16 91.81 25.99
CA ILE F 316 -51.54 92.28 25.84
C ILE F 316 -51.80 92.47 24.35
N THR F 317 -52.74 91.68 23.80
CA THR F 317 -53.00 91.65 22.36
C THR F 317 -54.30 92.38 22.02
N PHE F 318 -54.19 93.28 21.02
CA PHE F 318 -55.32 93.96 20.39
C PHE F 318 -55.49 93.40 18.98
N THR F 319 -56.49 92.52 18.81
CA THR F 319 -56.68 91.77 17.57
C THR F 319 -57.12 92.65 16.41
N GLY F 320 -56.46 92.50 15.24
CA GLY F 320 -56.81 93.22 14.02
C GLY F 320 -56.53 94.72 14.08
N GLU F 321 -55.74 95.16 15.08
CA GLU F 321 -55.48 96.58 15.31
C GLU F 321 -54.23 97.10 14.59
N ALA F 322 -53.43 96.22 13.98
CA ALA F 322 -52.24 96.61 13.23
C ALA F 322 -52.57 97.38 11.94
N ASP F 323 -51.54 97.62 11.13
CA ASP F 323 -51.64 98.27 9.83
C ASP F 323 -52.57 97.51 8.88
N GLN F 324 -53.44 98.27 8.20
CA GLN F 324 -54.29 97.77 7.14
C GLN F 324 -53.60 97.96 5.78
N ALA F 325 -53.75 96.96 4.91
CA ALA F 325 -53.33 97.05 3.52
C ALA F 325 -54.42 96.48 2.60
N PRO F 326 -54.56 96.98 1.34
CA PRO F 326 -55.58 96.47 0.43
C PRO F 326 -55.41 94.97 0.14
N GLY F 327 -56.49 94.21 0.40
CA GLY F 327 -56.53 92.77 0.18
C GLY F 327 -55.81 91.94 1.26
N VAL F 328 -55.43 92.59 2.38
CA VAL F 328 -54.73 91.97 3.48
C VAL F 328 -55.57 92.15 4.76
N GLU F 329 -55.76 91.05 5.52
CA GLU F 329 -56.41 91.10 6.82
C GLU F 329 -55.42 91.67 7.83
N PRO F 330 -55.74 92.71 8.63
CA PRO F 330 -54.79 93.32 9.55
C PRO F 330 -54.23 92.34 10.59
N GLY F 331 -52.94 92.52 10.91
CA GLY F 331 -52.32 91.85 12.06
C GLY F 331 -52.79 92.41 13.40
N ASP F 332 -52.16 91.96 14.48
CA ASP F 332 -52.49 92.39 15.84
C ASP F 332 -51.48 93.41 16.36
N ILE F 333 -51.93 94.26 17.30
CA ILE F 333 -51.00 95.04 18.11
C ILE F 333 -50.74 94.28 19.41
N VAL F 334 -49.48 93.91 19.65
CA VAL F 334 -49.06 93.17 20.82
C VAL F 334 -48.21 94.08 21.71
N LEU F 335 -48.75 94.42 22.89
CA LEU F 335 -47.99 95.19 23.87
C LEU F 335 -47.23 94.22 24.76
N LEU F 336 -45.92 94.44 24.87
CA LEU F 336 -45.07 93.65 25.75
C LEU F 336 -44.79 94.44 27.02
N LEU F 337 -45.22 93.90 28.17
CA LEU F 337 -44.98 94.57 29.45
C LEU F 337 -43.50 94.55 29.81
N GLN F 338 -42.94 95.75 30.02
CA GLN F 338 -41.58 95.92 30.50
C GLN F 338 -41.63 96.52 31.91
N GLU F 339 -41.22 95.72 32.89
CA GLU F 339 -41.17 96.16 34.28
C GLU F 339 -40.00 97.14 34.42
N LYS F 340 -40.27 98.29 35.04
CA LYS F 340 -39.24 99.25 35.37
C LYS F 340 -38.60 98.83 36.69
N GLU F 341 -37.30 99.05 36.77
CA GLU F 341 -36.56 98.99 38.02
C GLU F 341 -37.21 99.91 39.06
N HIS F 342 -37.26 99.43 40.31
CA HIS F 342 -37.84 100.16 41.42
C HIS F 342 -36.74 100.40 42.46
N GLU F 343 -36.74 101.58 43.09
CA GLU F 343 -35.64 102.03 43.93
C GLU F 343 -35.50 101.22 45.23
N VAL F 344 -36.63 100.81 45.82
CA VAL F 344 -36.65 100.11 47.11
C VAL F 344 -36.82 98.59 46.96
N PHE F 345 -37.78 98.17 46.11
CA PHE F 345 -38.17 96.78 45.97
C PHE F 345 -37.62 96.16 44.69
N GLN F 346 -37.18 94.91 44.81
CA GLN F 346 -36.88 94.04 43.69
C GLN F 346 -37.90 92.91 43.68
N ARG F 347 -38.46 92.61 42.51
CA ARG F 347 -39.48 91.60 42.40
C ARG F 347 -38.86 90.26 41.98
N ASP F 348 -39.23 89.20 42.70
CA ASP F 348 -38.97 87.82 42.30
C ASP F 348 -40.28 87.04 42.23
N GLY F 349 -40.80 86.83 41.03
CA GLY F 349 -42.10 86.20 40.84
C GLY F 349 -43.26 86.95 41.51
N ASN F 350 -43.77 86.39 42.61
CA ASN F 350 -44.81 87.03 43.43
C ASN F 350 -44.23 87.65 44.70
N ASP F 351 -42.95 87.41 44.99
CA ASP F 351 -42.29 87.90 46.19
C ASP F 351 -41.59 89.24 45.91
N LEU F 352 -41.38 90.01 46.98
CA LEU F 352 -40.63 91.25 46.93
C LEU F 352 -39.41 91.13 47.84
N HIS F 353 -38.31 91.75 47.39
CA HIS F 353 -37.08 91.84 48.15
C HIS F 353 -36.72 93.31 48.38
N MET F 354 -36.25 93.62 49.59
CA MET F 354 -35.70 94.95 49.87
C MET F 354 -34.49 94.82 50.79
N THR F 355 -33.59 95.82 50.73
CA THR F 355 -32.52 95.95 51.68
C THR F 355 -32.85 97.09 52.65
N TYR F 356 -32.75 96.80 53.96
CA TYR F 356 -33.01 97.79 55.00
C TYR F 356 -31.77 97.95 55.88
N LYS F 357 -31.33 99.21 56.05
CA LYS F 357 -30.16 99.52 56.85
C LYS F 357 -30.60 99.79 58.30
N ILE F 358 -29.90 99.14 59.25
CA ILE F 358 -30.14 99.30 60.68
C ILE F 358 -28.82 99.53 61.40
N GLY F 359 -28.85 100.25 62.54
CA GLY F 359 -27.67 100.43 63.37
C GLY F 359 -27.37 99.18 64.22
N LEU F 360 -26.14 99.11 64.75
CA LEU F 360 -25.73 98.01 65.62
C LEU F 360 -26.64 97.87 66.85
N VAL F 361 -27.05 99.01 67.44
CA VAL F 361 -27.94 99.05 68.59
C VAL F 361 -29.30 98.43 68.24
N GLU F 362 -29.85 98.77 67.06
CA GLU F 362 -31.11 98.22 66.57
C GLU F 362 -31.01 96.71 66.35
N ALA F 363 -29.87 96.26 65.78
CA ALA F 363 -29.58 94.87 65.50
C ALA F 363 -29.51 94.01 66.76
N LEU F 364 -29.02 94.58 67.89
CA LEU F 364 -28.83 93.86 69.15
C LEU F 364 -30.01 94.00 70.12
N CYS F 365 -30.64 95.19 70.17
CA CYS F 365 -31.60 95.56 71.19
C CYS F 365 -33.06 95.56 70.71
N GLY F 366 -33.28 95.26 69.41
CA GLY F 366 -34.61 95.34 68.81
C GLY F 366 -34.91 96.74 68.26
N PHE F 367 -35.90 96.82 67.36
CA PHE F 367 -36.19 98.04 66.62
C PHE F 367 -37.60 98.05 66.04
N GLN F 368 -38.01 99.26 65.65
CA GLN F 368 -39.25 99.47 64.91
C GLN F 368 -38.94 100.42 63.76
N PHE F 369 -39.36 100.04 62.54
CA PHE F 369 -39.25 100.94 61.41
C PHE F 369 -40.53 100.94 60.56
N THR F 370 -40.62 101.95 59.69
CA THR F 370 -41.76 102.12 58.81
C THR F 370 -41.28 102.32 57.37
N PHE F 371 -42.01 101.73 56.41
CA PHE F 371 -41.76 101.98 55.00
C PHE F 371 -43.10 102.10 54.25
N LYS F 372 -43.04 102.73 53.06
CA LYS F 372 -44.17 102.86 52.17
C LYS F 372 -44.21 101.67 51.22
N HIS F 373 -45.36 100.96 51.18
CA HIS F 373 -45.57 99.85 50.27
C HIS F 373 -46.04 100.33 48.89
N LEU F 374 -46.20 99.40 47.93
CA LEU F 374 -46.58 99.67 46.55
C LEU F 374 -48.02 100.20 46.41
N ASP F 375 -48.89 99.91 47.40
CA ASP F 375 -50.23 100.48 47.48
C ASP F 375 -50.29 101.85 48.20
N GLY F 376 -49.14 102.31 48.71
CA GLY F 376 -49.04 103.57 49.43
C GLY F 376 -49.39 103.46 50.92
N ARG F 377 -49.73 102.27 51.43
CA ARG F 377 -49.87 102.06 52.87
C ARG F 377 -48.51 102.17 53.56
N GLN F 378 -48.52 102.71 54.79
CA GLN F 378 -47.36 102.69 55.67
C GLN F 378 -47.39 101.37 56.47
N ILE F 379 -46.33 100.56 56.31
CA ILE F 379 -46.18 99.32 57.07
C ILE F 379 -45.21 99.57 58.22
N VAL F 380 -45.64 99.22 59.44
CA VAL F 380 -44.80 99.26 60.64
C VAL F 380 -44.28 97.85 60.91
N VAL F 381 -42.96 97.68 60.79
CA VAL F 381 -42.30 96.42 61.13
C VAL F 381 -41.68 96.56 62.50
N LYS F 382 -41.98 95.59 63.39
CA LYS F 382 -41.46 95.55 64.74
C LYS F 382 -40.64 94.27 64.92
N TYR F 383 -39.44 94.44 65.49
CA TYR F 383 -38.58 93.33 65.86
C TYR F 383 -38.37 93.36 67.37
N PRO F 384 -38.66 92.26 68.12
CA PRO F 384 -38.69 92.32 69.57
C PRO F 384 -37.29 92.45 70.16
N PRO F 385 -37.15 93.13 71.34
CA PRO F 385 -35.87 93.18 72.05
C PRO F 385 -35.40 91.80 72.49
N GLY F 386 -34.08 91.61 72.53
CA GLY F 386 -33.49 90.34 72.93
C GLY F 386 -33.32 89.32 71.81
N LYS F 387 -33.73 89.67 70.58
CA LYS F 387 -33.41 88.89 69.39
C LYS F 387 -32.42 89.66 68.54
N VAL F 388 -31.40 88.97 68.03
CA VAL F 388 -30.32 89.57 67.24
C VAL F 388 -30.61 89.43 65.75
N ILE F 389 -30.33 90.52 65.01
CA ILE F 389 -30.24 90.54 63.56
C ILE F 389 -28.76 90.48 63.17
N GLU F 390 -28.37 89.37 62.53
CA GLU F 390 -27.02 89.23 61.99
C GLU F 390 -26.86 90.06 60.71
N PRO F 391 -25.65 90.60 60.43
CA PRO F 391 -25.37 91.27 59.16
C PRO F 391 -25.67 90.37 57.94
N GLY F 392 -26.48 90.92 57.03
CA GLY F 392 -26.89 90.25 55.81
C GLY F 392 -28.03 89.24 55.99
N CYS F 393 -28.55 89.05 57.22
CA CYS F 393 -29.62 88.10 57.44
C CYS F 393 -30.93 88.57 56.80
N VAL F 394 -31.78 87.59 56.42
CA VAL F 394 -33.07 87.87 55.79
C VAL F 394 -34.20 87.53 56.76
N ARG F 395 -35.21 88.41 56.81
CA ARG F 395 -36.47 88.15 57.51
C ARG F 395 -37.64 88.36 56.54
N VAL F 396 -38.80 87.80 56.90
CA VAL F 396 -39.96 87.79 56.04
C VAL F 396 -41.13 88.52 56.70
N VAL F 397 -41.81 89.36 55.90
CA VAL F 397 -43.12 89.92 56.23
C VAL F 397 -44.12 89.23 55.31
N ARG F 398 -44.91 88.31 55.90
CA ARG F 398 -45.80 87.44 55.13
C ARG F 398 -46.98 88.21 54.53
N GLY F 399 -47.31 87.91 53.27
CA GLY F 399 -48.46 88.48 52.57
C GLY F 399 -48.27 89.92 52.08
N GLU F 400 -47.03 90.45 52.16
CA GLU F 400 -46.70 91.79 51.71
C GLU F 400 -45.84 91.77 50.43
N GLY F 401 -45.93 90.68 49.64
CA GLY F 401 -45.37 90.62 48.29
C GLY F 401 -46.35 91.11 47.22
N MET F 402 -46.06 90.77 45.95
CA MET F 402 -46.91 91.07 44.81
C MET F 402 -48.19 90.21 44.80
N PRO F 403 -49.33 90.75 44.32
CA PRO F 403 -50.54 89.95 44.09
C PRO F 403 -50.32 88.94 42.96
N GLN F 404 -50.98 87.78 43.07
CA GLN F 404 -50.97 86.79 42.00
C GLN F 404 -51.86 87.26 40.84
N TYR F 405 -51.38 87.09 39.61
CA TYR F 405 -52.19 87.37 38.42
C TYR F 405 -53.45 86.49 38.40
N ARG F 406 -54.63 87.12 38.18
CA ARG F 406 -55.94 86.47 38.17
C ARG F 406 -56.47 86.08 39.56
N ASN F 407 -55.61 86.08 40.58
CA ASN F 407 -56.00 85.81 41.96
C ASN F 407 -55.41 86.88 42.89
N PRO F 408 -55.82 88.16 42.79
CA PRO F 408 -55.18 89.26 43.51
C PRO F 408 -55.39 89.29 45.03
N PHE F 409 -56.21 88.35 45.54
CA PHE F 409 -56.41 88.13 46.98
C PHE F 409 -55.24 87.36 47.60
N GLU F 410 -54.55 86.55 46.79
CA GLU F 410 -53.32 85.90 47.20
C GLU F 410 -52.12 86.76 46.81
N LYS F 411 -51.19 86.89 47.76
CA LYS F 411 -49.97 87.66 47.56
C LYS F 411 -48.78 86.79 47.94
N GLY F 412 -47.62 87.10 47.36
CA GLY F 412 -46.35 86.59 47.85
C GLY F 412 -45.94 87.28 49.15
N ASP F 413 -44.66 87.10 49.51
CA ASP F 413 -44.07 87.60 50.73
C ASP F 413 -43.06 88.72 50.45
N LEU F 414 -42.77 89.54 51.47
CA LEU F 414 -41.70 90.53 51.42
C LEU F 414 -40.50 90.04 52.23
N TYR F 415 -39.37 89.83 51.54
CA TYR F 415 -38.09 89.48 52.15
C TYR F 415 -37.25 90.75 52.36
N ILE F 416 -36.82 90.94 53.61
CA ILE F 416 -36.03 92.09 54.00
C ILE F 416 -34.64 91.60 54.39
N LYS F 417 -33.63 91.98 53.59
CA LYS F 417 -32.23 91.79 53.91
C LYS F 417 -31.76 92.94 54.79
N PHE F 418 -31.20 92.62 55.96
CA PHE F 418 -30.71 93.64 56.88
C PHE F 418 -29.22 93.92 56.66
N ASP F 419 -28.92 95.20 56.45
CA ASP F 419 -27.56 95.72 56.35
C ASP F 419 -27.21 96.43 57.66
N VAL F 420 -26.40 95.77 58.51
CA VAL F 420 -26.09 96.28 59.84
C VAL F 420 -24.91 97.24 59.78
N GLN F 421 -25.18 98.50 60.11
CA GLN F 421 -24.20 99.58 60.12
C GLN F 421 -23.52 99.64 61.49
N PHE F 422 -22.22 99.33 61.48
CA PHE F 422 -21.34 99.54 62.63
C PHE F 422 -21.08 101.03 62.84
N PRO F 423 -20.86 101.47 64.10
CA PRO F 423 -20.47 102.84 64.40
C PRO F 423 -19.09 103.13 63.82
N GLU F 424 -18.81 104.41 63.59
CA GLU F 424 -17.52 104.82 63.03
C GLU F 424 -16.37 104.65 64.03
N ASN F 425 -15.17 104.80 63.47
CA ASN F 425 -13.87 104.88 64.14
C ASN F 425 -13.92 105.86 65.34
N ASN F 426 -13.43 105.45 66.51
CA ASN F 426 -13.36 106.28 67.71
C ASN F 426 -14.71 106.64 68.34
N TRP F 427 -15.81 105.90 68.07
CA TRP F 427 -17.14 106.32 68.52
C TRP F 427 -17.30 106.32 70.06
N ILE F 428 -16.46 105.52 70.74
CA ILE F 428 -16.50 105.37 72.19
C ILE F 428 -15.10 105.60 72.79
N ASN F 429 -15.05 106.24 73.96
CA ASN F 429 -13.82 106.42 74.74
C ASN F 429 -13.29 105.04 75.16
N PRO F 430 -11.99 104.71 74.93
CA PRO F 430 -11.37 103.48 75.44
C PRO F 430 -11.69 103.06 76.87
N ASP F 431 -11.86 104.03 77.79
CA ASP F 431 -12.21 103.75 79.19
C ASP F 431 -13.52 102.99 79.36
N LYS F 432 -14.45 103.10 78.38
CA LYS F 432 -15.77 102.49 78.40
C LYS F 432 -15.82 101.13 77.68
N LEU F 433 -14.70 100.72 77.08
CA LEU F 433 -14.64 99.44 76.35
C LEU F 433 -14.80 98.24 77.31
N SER F 434 -14.29 98.40 78.54
CA SER F 434 -14.40 97.42 79.62
C SER F 434 -15.87 97.17 79.98
N GLU F 435 -16.65 98.26 80.21
CA GLU F 435 -18.08 98.19 80.50
C GLU F 435 -18.85 97.47 79.38
N LEU F 436 -18.45 97.70 78.11
CA LEU F 436 -19.08 97.05 76.96
C LEU F 436 -18.75 95.55 76.91
N GLU F 437 -17.50 95.19 77.22
CA GLU F 437 -17.05 93.81 77.24
C GLU F 437 -17.81 92.99 78.29
N ASP F 438 -18.03 93.58 79.48
CA ASP F 438 -18.77 92.96 80.58
C ASP F 438 -20.23 92.66 80.25
N LEU F 439 -20.81 93.40 79.28
CA LEU F 439 -22.21 93.25 78.90
C LEU F 439 -22.38 92.16 77.84
N GLY G 198 71.48 -74.09 18.57
CA GLY G 198 71.69 -74.10 20.03
C GLY G 198 72.03 -72.71 20.53
N GLU G 199 72.00 -72.57 21.86
CA GLU G 199 72.28 -71.33 22.56
C GLU G 199 73.78 -71.02 22.54
N ASP G 200 74.13 -69.74 22.36
CA ASP G 200 75.51 -69.28 22.44
C ASP G 200 75.96 -69.21 23.90
N MET G 201 77.23 -69.57 24.16
CA MET G 201 77.80 -69.52 25.49
C MET G 201 78.73 -68.31 25.63
N MET G 202 78.42 -67.43 26.58
CA MET G 202 79.23 -66.24 26.83
C MET G 202 80.17 -66.45 28.02
N HIS G 203 81.48 -66.21 27.80
CA HIS G 203 82.48 -66.33 28.86
C HIS G 203 83.32 -65.05 28.99
N PRO G 204 83.42 -64.44 30.20
CA PRO G 204 84.31 -63.31 30.39
C PRO G 204 85.77 -63.78 30.44
N LEU G 205 86.61 -63.14 29.61
CA LEU G 205 88.06 -63.35 29.64
C LEU G 205 88.74 -62.13 30.24
N LYS G 206 89.26 -62.27 31.46
CA LYS G 206 89.98 -61.19 32.13
C LYS G 206 91.40 -61.07 31.56
N VAL G 207 91.72 -59.88 31.02
CA VAL G 207 92.98 -59.56 30.37
C VAL G 207 93.60 -58.32 31.03
N SER G 208 94.93 -58.30 31.19
CA SER G 208 95.63 -57.12 31.71
C SER G 208 95.96 -56.13 30.59
N LEU G 209 96.38 -54.89 30.95
CA LEU G 209 96.84 -53.92 29.97
C LEU G 209 98.07 -54.40 29.20
N GLU G 210 98.98 -55.12 29.88
CA GLU G 210 100.16 -55.72 29.27
C GLU G 210 99.78 -56.79 28.24
N ASP G 211 98.76 -57.60 28.55
CA ASP G 211 98.21 -58.60 27.63
C ASP G 211 97.67 -57.91 26.36
N LEU G 212 96.95 -56.78 26.53
CA LEU G 212 96.35 -56.03 25.44
C LEU G 212 97.38 -55.23 24.63
N TYR G 213 98.51 -54.85 25.26
CA TYR G 213 99.57 -54.09 24.61
C TYR G 213 100.50 -55.01 23.80
N ASN G 214 100.93 -56.11 24.41
CA ASN G 214 101.90 -57.03 23.81
C ASN G 214 101.24 -58.10 22.93
N GLY G 215 99.93 -58.35 23.14
CA GLY G 215 99.27 -59.52 22.59
C GLY G 215 99.52 -60.75 23.47
N LYS G 216 98.54 -61.66 23.52
CA LYS G 216 98.64 -62.85 24.36
C LYS G 216 97.90 -64.02 23.74
N THR G 217 98.57 -65.18 23.76
CA THR G 217 97.93 -66.45 23.47
C THR G 217 97.70 -67.18 24.79
N THR G 218 96.44 -67.52 25.08
CA THR G 218 96.07 -68.24 26.29
C THR G 218 95.21 -69.46 25.97
N LYS G 219 95.32 -70.52 26.79
CA LYS G 219 94.49 -71.70 26.64
C LYS G 219 93.35 -71.64 27.65
N LEU G 220 92.12 -71.73 27.12
CA LEU G 220 90.92 -71.73 27.94
C LEU G 220 90.32 -73.13 27.95
N GLN G 221 90.23 -73.71 29.15
CA GLN G 221 89.58 -75.01 29.29
C GLN G 221 88.10 -74.81 29.59
N LEU G 222 87.22 -75.36 28.75
CA LEU G 222 85.78 -75.33 28.94
C LEU G 222 85.21 -76.74 28.94
N SER G 223 84.20 -76.96 29.80
CA SER G 223 83.42 -78.18 29.78
C SER G 223 82.13 -77.94 28.99
N LYS G 224 81.89 -78.77 27.97
CA LYS G 224 80.70 -78.66 27.13
C LYS G 224 80.07 -80.04 26.91
N ASN G 225 78.78 -80.03 26.58
CA ASN G 225 78.05 -81.21 26.17
C ASN G 225 78.36 -81.52 24.71
N VAL G 226 78.80 -82.76 24.47
CA VAL G 226 79.01 -83.27 23.12
C VAL G 226 78.08 -84.47 22.90
N LEU G 227 77.70 -84.71 21.63
CA LEU G 227 76.92 -85.90 21.31
C LEU G 227 77.70 -87.16 21.71
N CYS G 228 76.99 -88.08 22.39
CA CYS G 228 77.60 -89.31 22.89
C CYS G 228 78.16 -90.14 21.72
N SER G 229 79.49 -90.25 21.64
CA SER G 229 80.19 -90.95 20.56
C SER G 229 79.73 -92.41 20.37
N ALA G 230 79.18 -93.04 21.43
CA ALA G 230 78.78 -94.45 21.42
C ALA G 230 77.37 -94.69 20.87
N CYS G 231 76.49 -93.67 20.85
CA CYS G 231 75.13 -93.81 20.34
C CYS G 231 74.73 -92.66 19.39
N SER G 232 75.69 -91.78 19.05
CA SER G 232 75.50 -90.63 18.17
C SER G 232 74.25 -89.82 18.49
N GLY G 233 73.97 -89.61 19.80
CA GLY G 233 72.86 -88.82 20.31
C GLY G 233 71.49 -89.49 20.25
N GLN G 234 71.43 -90.61 19.49
CA GLN G 234 70.16 -91.26 19.24
C GLN G 234 69.66 -91.68 20.61
N GLY G 235 70.57 -91.54 21.57
CA GLY G 235 70.31 -91.93 22.92
C GLY G 235 70.61 -93.40 22.91
N GLY G 236 69.75 -94.16 22.25
CA GLY G 236 70.04 -95.56 22.03
C GLY G 236 69.62 -96.01 20.64
N LYS G 237 69.69 -97.32 20.37
CA LYS G 237 69.22 -97.88 19.12
C LYS G 237 67.75 -97.53 18.91
N SER G 238 67.26 -97.59 17.67
CA SER G 238 65.84 -97.37 17.38
C SER G 238 65.00 -98.41 18.13
N GLY G 239 64.17 -97.94 19.07
CA GLY G 239 63.36 -98.78 19.94
C GLY G 239 64.04 -99.07 21.28
N ALA G 240 65.19 -98.42 21.53
CA ALA G 240 65.87 -98.46 22.81
C ALA G 240 65.30 -97.38 23.73
N VAL G 241 64.67 -96.37 23.12
CA VAL G 241 64.13 -95.23 23.87
C VAL G 241 62.74 -95.60 24.38
N GLN G 242 62.61 -95.69 25.70
CA GLN G 242 61.36 -96.04 26.37
C GLN G 242 60.87 -94.88 27.21
N LYS G 243 59.52 -94.72 27.29
CA LYS G 243 58.90 -93.78 28.21
C LYS G 243 59.32 -94.14 29.63
N CYS G 244 59.74 -93.13 30.40
CA CYS G 244 60.05 -93.34 31.80
C CYS G 244 58.78 -93.74 32.57
N SER G 245 58.74 -94.95 33.16
CA SER G 245 57.59 -95.52 33.86
C SER G 245 57.21 -94.69 35.10
N ALA G 246 58.26 -94.22 35.77
CA ALA G 246 58.32 -93.41 36.98
C ALA G 246 57.48 -92.13 36.92
N CYS G 247 57.72 -91.32 35.87
CA CYS G 247 57.06 -90.04 35.66
C CYS G 247 56.08 -90.09 34.47
N ARG G 248 55.91 -91.27 33.86
CA ARG G 248 55.08 -91.50 32.68
C ARG G 248 55.38 -90.50 31.56
N GLY G 249 56.68 -90.24 31.30
CA GLY G 249 57.11 -89.33 30.26
C GLY G 249 57.11 -87.84 30.64
N ARG G 250 56.75 -87.48 31.87
CA ARG G 250 56.60 -86.08 32.28
C ARG G 250 57.94 -85.44 32.69
N GLY G 251 58.99 -86.23 32.92
CA GLY G 251 60.27 -85.71 33.42
C GLY G 251 60.25 -85.38 34.92
N VAL G 252 59.04 -85.14 35.48
CA VAL G 252 58.89 -84.70 36.86
C VAL G 252 57.91 -85.62 37.62
N ARG G 253 58.16 -85.76 38.93
CA ARG G 253 57.30 -86.48 39.85
C ARG G 253 56.73 -85.50 40.86
N ILE G 254 55.45 -85.67 41.19
CA ILE G 254 54.83 -84.88 42.25
C ILE G 254 54.98 -85.68 43.55
N MET G 255 55.77 -85.15 44.48
CA MET G 255 55.96 -85.72 45.81
C MET G 255 55.09 -84.96 46.81
N ILE G 256 54.36 -85.71 47.63
CA ILE G 256 53.53 -85.13 48.67
C ILE G 256 54.29 -85.13 50.00
N ARG G 257 54.61 -83.94 50.52
CA ARG G 257 55.19 -83.79 51.84
C ARG G 257 54.12 -83.32 52.84
N GLN G 258 53.83 -84.09 53.91
CA GLN G 258 53.01 -83.55 54.98
C GLN G 258 53.78 -82.49 55.78
N LEU G 259 53.17 -81.29 55.94
CA LEU G 259 53.67 -80.26 56.86
C LEU G 259 53.06 -80.36 58.25
N ALA G 260 51.79 -80.77 58.31
CA ALA G 260 51.01 -80.98 59.50
C ALA G 260 49.83 -81.91 59.17
N PRO G 261 49.18 -82.67 60.09
CA PRO G 261 47.99 -83.41 59.69
C PRO G 261 46.90 -82.48 59.13
N GLY G 262 46.50 -82.74 57.89
CA GLY G 262 45.57 -81.89 57.17
C GLY G 262 46.23 -80.80 56.32
N MET G 263 47.56 -80.63 56.44
CA MET G 263 48.33 -79.81 55.52
C MET G 263 49.33 -80.67 54.72
N VAL G 264 49.05 -80.91 53.45
CA VAL G 264 50.00 -81.57 52.54
C VAL G 264 50.52 -80.57 51.51
N GLN G 265 51.84 -80.56 51.31
CA GLN G 265 52.51 -79.82 50.26
C GLN G 265 52.82 -80.74 49.08
N GLN G 266 52.32 -80.42 47.89
CA GLN G 266 52.71 -81.08 46.67
C GLN G 266 53.94 -80.33 46.16
N MET G 267 55.08 -81.02 46.12
CA MET G 267 56.29 -80.51 45.52
C MET G 267 56.56 -81.26 44.24
N GLN G 268 56.83 -80.53 43.13
CA GLN G 268 57.30 -81.11 41.89
C GLN G 268 58.82 -81.26 41.99
N SER G 269 59.29 -82.51 41.87
CA SER G 269 60.70 -82.82 41.86
C SER G 269 61.05 -83.40 40.49
N VAL G 270 62.28 -83.14 40.02
CA VAL G 270 62.77 -83.81 38.83
C VAL G 270 62.76 -85.32 39.11
N CYS G 271 62.33 -86.10 38.09
CA CYS G 271 62.18 -87.53 38.24
C CYS G 271 63.57 -88.15 38.36
N SER G 272 63.83 -88.85 39.48
CA SER G 272 65.07 -89.55 39.78
C SER G 272 65.44 -90.59 38.72
N ASP G 273 64.44 -91.18 38.06
CA ASP G 273 64.63 -92.37 37.23
C ASP G 273 65.04 -92.02 35.80
N CYS G 274 64.70 -90.81 35.33
CA CYS G 274 65.10 -90.30 34.02
C CYS G 274 65.81 -88.95 34.06
N ASN G 275 66.11 -88.44 35.27
CA ASN G 275 66.79 -87.17 35.49
C ASN G 275 66.16 -86.02 34.70
N GLY G 276 64.83 -86.05 34.51
CA GLY G 276 64.10 -84.97 33.86
C GLY G 276 63.82 -85.18 32.38
N GLU G 277 64.42 -86.20 31.74
CA GLU G 277 64.34 -86.38 30.30
C GLU G 277 62.96 -86.93 29.89
N GLY G 278 62.26 -87.63 30.79
CA GLY G 278 61.00 -88.28 30.46
C GLY G 278 61.15 -89.63 29.75
N GLU G 279 62.38 -89.90 29.28
CA GLU G 279 62.73 -91.16 28.67
C GLU G 279 63.83 -91.91 29.43
N VAL G 280 63.85 -93.24 29.24
CA VAL G 280 64.92 -94.08 29.77
C VAL G 280 65.47 -94.93 28.63
N ILE G 281 66.80 -94.99 28.55
CA ILE G 281 67.53 -95.83 27.62
C ILE G 281 68.41 -96.75 28.47
N ASN G 282 68.21 -98.07 28.29
CA ASN G 282 69.06 -99.10 28.90
C ASN G 282 70.52 -98.81 28.54
N GLU G 283 71.42 -98.96 29.53
CA GLU G 283 72.85 -98.66 29.38
C GLU G 283 73.46 -99.33 28.13
N LYS G 284 73.08 -100.59 27.89
CA LYS G 284 73.54 -101.43 26.78
C LYS G 284 73.16 -100.88 25.40
N ASP G 285 72.15 -99.99 25.35
CA ASP G 285 71.65 -99.42 24.10
C ASP G 285 72.27 -98.05 23.77
N ARG G 286 72.78 -97.35 24.80
CA ARG G 286 73.45 -96.06 24.61
C ARG G 286 74.95 -96.26 24.76
N CYS G 287 75.36 -96.76 25.93
CA CYS G 287 76.76 -96.95 26.31
C CYS G 287 76.83 -96.90 27.83
N LYS G 288 78.04 -97.07 28.39
CA LYS G 288 78.27 -96.93 29.81
C LYS G 288 78.74 -95.50 30.09
N LYS G 289 78.41 -94.57 29.16
CA LYS G 289 78.90 -93.19 29.19
C LYS G 289 77.77 -92.21 29.53
N CYS G 290 76.99 -91.77 28.52
CA CYS G 290 75.91 -90.80 28.70
C CYS G 290 74.93 -91.31 29.76
N GLU G 291 74.23 -92.43 29.48
CA GLU G 291 73.27 -93.11 30.35
C GLU G 291 71.85 -92.80 29.90
N GLY G 292 71.62 -92.88 28.58
CA GLY G 292 70.33 -92.56 27.98
C GLY G 292 70.15 -91.05 27.87
N LYS G 293 71.25 -90.31 28.04
CA LYS G 293 71.21 -88.86 28.08
C LYS G 293 71.46 -88.22 26.71
N LYS G 294 72.06 -88.98 25.76
CA LYS G 294 72.30 -88.58 24.37
C LYS G 294 73.50 -87.65 24.27
N VAL G 295 73.98 -87.10 25.40
CA VAL G 295 75.17 -86.25 25.45
C VAL G 295 76.10 -86.69 26.57
N ILE G 296 77.38 -86.28 26.47
CA ILE G 296 78.40 -86.48 27.50
C ILE G 296 79.14 -85.15 27.70
N LYS G 297 79.53 -84.88 28.95
CA LYS G 297 80.37 -83.73 29.24
C LYS G 297 81.82 -84.02 28.85
N GLU G 298 82.33 -83.22 27.92
CA GLU G 298 83.72 -83.30 27.46
C GLU G 298 84.43 -81.99 27.80
N VAL G 299 85.73 -82.11 28.09
CA VAL G 299 86.58 -80.99 28.39
C VAL G 299 87.33 -80.60 27.11
N LYS G 300 87.08 -79.40 26.59
CA LYS G 300 87.76 -78.89 25.41
C LYS G 300 88.67 -77.72 25.78
N ILE G 301 89.89 -77.72 25.21
CA ILE G 301 90.81 -76.61 25.35
C ILE G 301 90.74 -75.77 24.08
N LEU G 302 90.35 -74.49 24.24
CA LEU G 302 90.36 -73.51 23.17
C LEU G 302 91.62 -72.65 23.29
N GLU G 303 92.32 -72.50 22.16
CA GLU G 303 93.43 -71.54 22.08
C GLU G 303 92.86 -70.18 21.70
N VAL G 304 93.07 -69.20 22.60
CA VAL G 304 92.53 -67.86 22.46
C VAL G 304 93.67 -66.89 22.16
N HIS G 305 93.55 -66.21 21.02
CA HIS G 305 94.48 -65.15 20.64
C HIS G 305 93.87 -63.79 20.96
N VAL G 306 94.56 -63.04 21.83
CA VAL G 306 94.27 -61.66 22.13
C VAL G 306 95.29 -60.81 21.38
N ASP G 307 94.80 -60.12 20.34
CA ASP G 307 95.63 -59.26 19.50
C ASP G 307 95.99 -57.95 20.21
N LYS G 308 97.10 -57.34 19.78
CA LYS G 308 97.51 -56.03 20.23
C LYS G 308 96.44 -54.98 19.94
N GLY G 309 96.15 -54.15 20.95
CA GLY G 309 95.24 -53.03 20.82
C GLY G 309 93.76 -53.39 20.95
N MET G 310 93.43 -54.66 21.17
CA MET G 310 92.05 -55.06 21.45
C MET G 310 91.46 -54.26 22.61
N LYS G 311 90.14 -54.04 22.56
CA LYS G 311 89.45 -53.14 23.48
C LYS G 311 88.64 -53.92 24.51
N HIS G 312 88.38 -53.27 25.65
CA HIS G 312 87.39 -53.76 26.60
C HIS G 312 86.05 -54.02 25.91
N GLY G 313 85.40 -55.14 26.26
CA GLY G 313 84.12 -55.54 25.69
C GLY G 313 84.19 -56.15 24.28
N GLN G 314 85.39 -56.27 23.69
CA GLN G 314 85.54 -56.90 22.39
C GLN G 314 85.25 -58.41 22.49
N ARG G 315 84.61 -58.96 21.44
CA ARG G 315 84.18 -60.35 21.40
C ARG G 315 85.12 -61.19 20.54
N ILE G 316 85.51 -62.37 21.06
CA ILE G 316 86.21 -63.41 20.31
C ILE G 316 85.26 -64.60 20.19
N THR G 317 84.87 -64.95 18.96
CA THR G 317 83.86 -65.97 18.70
C THR G 317 84.50 -67.25 18.18
N PHE G 318 84.13 -68.38 18.80
CA PHE G 318 84.45 -69.72 18.36
C PHE G 318 83.16 -70.39 17.84
N THR G 319 83.05 -70.45 16.50
CA THR G 319 81.82 -70.88 15.84
C THR G 319 81.53 -72.37 16.05
N GLY G 320 80.29 -72.70 16.42
CA GLY G 320 79.85 -74.08 16.60
C GLY G 320 80.49 -74.81 17.78
N GLU G 321 81.12 -74.05 18.69
CA GLU G 321 81.87 -74.64 19.81
C GLU G 321 81.04 -74.79 21.08
N ALA G 322 79.80 -74.28 21.11
CA ALA G 322 78.92 -74.42 22.26
C ALA G 322 78.44 -75.87 22.46
N ASP G 323 77.48 -76.03 23.39
CA ASP G 323 76.85 -77.30 23.70
C ASP G 323 76.15 -77.90 22.48
N GLN G 324 76.37 -79.22 22.28
CA GLN G 324 75.67 -80.01 21.29
C GLN G 324 74.43 -80.66 21.90
N ALA G 325 73.34 -80.70 21.12
CA ALA G 325 72.14 -81.44 21.47
C ALA G 325 71.63 -82.22 20.25
N PRO G 326 70.97 -83.39 20.43
CA PRO G 326 70.45 -84.16 19.30
C PRO G 326 69.46 -83.37 18.45
N GLY G 327 69.74 -83.27 17.14
CA GLY G 327 68.90 -82.57 16.19
C GLY G 327 69.02 -81.04 16.23
N VAL G 328 70.03 -80.53 16.95
CA VAL G 328 70.28 -79.10 17.13
C VAL G 328 71.69 -78.79 16.62
N GLU G 329 71.83 -77.75 15.80
CA GLU G 329 73.13 -77.26 15.37
C GLU G 329 73.76 -76.46 16.51
N PRO G 330 75.01 -76.74 16.95
CA PRO G 330 75.60 -76.04 18.10
C PRO G 330 75.70 -74.53 17.92
N GLY G 331 75.48 -73.80 19.03
CA GLY G 331 75.76 -72.37 19.11
C GLY G 331 77.26 -72.07 19.13
N ASP G 332 77.60 -70.80 19.35
CA ASP G 332 78.99 -70.34 19.41
C ASP G 332 79.45 -70.14 20.85
N ILE G 333 80.76 -70.26 21.09
CA ILE G 333 81.37 -69.76 22.31
C ILE G 333 81.90 -68.34 22.05
N VAL G 334 81.36 -67.36 22.79
CA VAL G 334 81.73 -65.96 22.66
C VAL G 334 82.48 -65.53 23.91
N LEU G 335 83.77 -65.24 23.75
CA LEU G 335 84.56 -64.71 24.84
C LEU G 335 84.47 -63.18 24.83
N LEU G 336 84.10 -62.61 25.98
CA LEU G 336 84.03 -61.17 26.15
C LEU G 336 85.27 -60.69 26.90
N LEU G 337 86.08 -59.83 26.25
CA LEU G 337 87.28 -59.31 26.88
C LEU G 337 86.91 -58.35 28.02
N GLN G 338 87.41 -58.66 29.22
CA GLN G 338 87.28 -57.81 30.38
C GLN G 338 88.67 -57.29 30.77
N GLU G 339 88.87 -55.98 30.60
CA GLU G 339 90.11 -55.33 30.94
C GLU G 339 90.20 -55.25 32.47
N LYS G 340 91.33 -55.68 33.02
CA LYS G 340 91.61 -55.54 34.44
C LYS G 340 92.15 -54.14 34.68
N GLU G 341 91.75 -53.58 35.84
CA GLU G 341 92.37 -52.40 36.39
C GLU G 341 93.88 -52.59 36.51
N HIS G 342 94.63 -51.53 36.18
CA HIS G 342 96.09 -51.53 36.24
C HIS G 342 96.53 -50.48 37.26
N GLU G 343 97.58 -50.78 38.03
CA GLU G 343 97.96 -49.98 39.19
C GLU G 343 98.52 -48.59 38.81
N VAL G 344 99.25 -48.51 37.69
CA VAL G 344 99.92 -47.28 37.26
C VAL G 344 99.15 -46.56 36.14
N PHE G 345 98.70 -47.31 35.12
CA PHE G 345 98.10 -46.75 33.92
C PHE G 345 96.58 -46.94 33.91
N GLN G 346 95.88 -45.90 33.45
CA GLN G 346 94.47 -45.96 33.10
C GLN G 346 94.37 -45.78 31.58
N ARG G 347 93.56 -46.62 30.95
CA ARG G 347 93.43 -46.57 29.50
C ARG G 347 92.21 -45.76 29.10
N ASP G 348 92.40 -44.83 28.15
CA ASP G 348 91.32 -44.14 27.47
C ASP G 348 91.47 -44.35 25.96
N GLY G 349 90.64 -45.25 25.39
CA GLY G 349 90.76 -45.61 23.99
C GLY G 349 92.13 -46.19 23.61
N ASN G 350 92.93 -45.39 22.87
CA ASN G 350 94.30 -45.74 22.51
C ASN G 350 95.33 -45.03 23.38
N ASP G 351 94.89 -44.09 24.21
CA ASP G 351 95.77 -43.29 25.07
C ASP G 351 95.89 -43.94 26.45
N LEU G 352 96.99 -43.61 27.13
CA LEU G 352 97.23 -44.02 28.51
C LEU G 352 97.35 -42.78 29.39
N HIS G 353 96.84 -42.91 30.61
CA HIS G 353 96.93 -41.87 31.63
C HIS G 353 97.65 -42.44 32.85
N MET G 354 98.52 -41.62 33.45
CA MET G 354 99.14 -41.97 34.72
C MET G 354 99.29 -40.72 35.59
N THR G 355 99.32 -40.93 36.92
CA THR G 355 99.66 -39.87 37.86
C THR G 355 101.08 -40.10 38.36
N TYR G 356 101.91 -39.04 38.29
CA TYR G 356 103.28 -39.09 38.74
C TYR G 356 103.51 -38.02 39.82
N LYS G 357 104.05 -38.44 40.97
CA LYS G 357 104.33 -37.56 42.09
C LYS G 357 105.74 -37.00 41.95
N ILE G 358 105.87 -35.67 42.10
CA ILE G 358 107.15 -34.96 42.05
C ILE G 358 107.24 -33.99 43.23
N GLY G 359 108.47 -33.72 43.71
CA GLY G 359 108.69 -32.71 44.74
C GLY G 359 108.62 -31.29 44.20
N LEU G 360 108.45 -30.30 45.09
CA LEU G 360 108.43 -28.89 44.72
C LEU G 360 109.69 -28.47 43.96
N VAL G 361 110.86 -28.95 44.41
CA VAL G 361 112.14 -28.67 43.77
C VAL G 361 112.15 -29.19 42.33
N GLU G 362 111.67 -30.41 42.09
CA GLU G 362 111.56 -31.01 40.77
C GLU G 362 110.62 -30.19 39.87
N ALA G 363 109.48 -29.75 40.44
CA ALA G 363 108.48 -28.96 39.75
C ALA G 363 109.00 -27.60 39.29
N LEU G 364 109.93 -26.98 40.05
CA LEU G 364 110.47 -25.64 39.78
C LEU G 364 111.79 -25.68 38.99
N CYS G 365 112.65 -26.66 39.27
CA CYS G 365 114.03 -26.69 38.80
C CYS G 365 114.27 -27.70 37.67
N GLY G 366 113.24 -28.45 37.26
CA GLY G 366 113.38 -29.53 36.29
C GLY G 366 113.76 -30.87 36.95
N PHE G 367 113.53 -31.96 36.22
CA PHE G 367 113.67 -33.31 36.77
C PHE G 367 113.85 -34.36 35.68
N GLN G 368 114.29 -35.53 36.12
CA GLN G 368 114.36 -36.73 35.29
C GLN G 368 113.81 -37.89 36.11
N PHE G 369 112.87 -38.65 35.52
CA PHE G 369 112.38 -39.86 36.15
C PHE G 369 112.28 -41.01 35.15
N THR G 370 112.14 -42.22 35.71
CA THR G 370 112.02 -43.44 34.92
C THR G 370 110.82 -44.25 35.39
N PHE G 371 110.11 -44.86 34.42
CA PHE G 371 109.04 -45.81 34.73
C PHE G 371 109.09 -47.00 33.77
N LYS G 372 108.46 -48.09 34.19
CA LYS G 372 108.32 -49.30 33.39
C LYS G 372 107.04 -49.21 32.56
N HIS G 373 107.17 -49.36 31.24
CA HIS G 373 106.02 -49.39 30.33
C HIS G 373 105.39 -50.79 30.25
N LEU G 374 104.28 -50.92 29.51
CA LEU G 374 103.51 -52.15 29.35
C LEU G 374 104.28 -53.24 28.59
N ASP G 375 105.27 -52.86 27.77
CA ASP G 375 106.18 -53.80 27.10
C ASP G 375 107.41 -54.17 27.96
N GLY G 376 107.53 -53.58 29.14
CA GLY G 376 108.65 -53.82 30.04
C GLY G 376 109.87 -52.96 29.75
N ARG G 377 109.84 -52.09 28.73
CA ARG G 377 110.91 -51.11 28.52
C ARG G 377 110.91 -50.08 29.66
N GLN G 378 112.12 -49.62 30.02
CA GLN G 378 112.29 -48.48 30.91
C GLN G 378 112.28 -47.19 30.07
N ILE G 379 111.33 -46.30 30.36
CA ILE G 379 111.25 -45.00 29.69
C ILE G 379 111.83 -43.95 30.63
N VAL G 380 112.78 -43.16 30.10
CA VAL G 380 113.36 -42.02 30.80
C VAL G 380 112.67 -40.75 30.31
N VAL G 381 111.93 -40.08 31.20
CA VAL G 381 111.29 -38.81 30.91
C VAL G 381 112.16 -37.69 31.51
N LYS G 382 112.50 -36.70 30.67
CA LYS G 382 113.30 -35.55 31.08
C LYS G 382 112.47 -34.28 30.89
N TYR G 383 112.48 -33.45 31.94
CA TYR G 383 111.87 -32.13 31.88
C TYR G 383 112.94 -31.07 32.11
N PRO G 384 113.12 -30.09 31.20
CA PRO G 384 114.27 -29.19 31.24
C PRO G 384 114.19 -28.22 32.42
N PRO G 385 115.35 -27.80 32.98
CA PRO G 385 115.38 -26.77 34.02
C PRO G 385 114.85 -25.43 33.50
N GLY G 386 114.22 -24.66 34.39
CA GLY G 386 113.68 -23.36 34.04
C GLY G 386 112.25 -23.39 33.48
N LYS G 387 111.66 -24.58 33.36
CA LYS G 387 110.23 -24.72 33.07
C LYS G 387 109.52 -25.26 34.31
N VAL G 388 108.36 -24.68 34.64
CA VAL G 388 107.59 -25.03 35.82
C VAL G 388 106.49 -26.03 35.48
N ILE G 389 106.33 -27.02 36.37
CA ILE G 389 105.19 -27.92 36.41
C ILE G 389 104.23 -27.43 37.50
N GLU G 390 103.04 -26.99 37.07
CA GLU G 390 101.98 -26.60 37.99
C GLU G 390 101.34 -27.84 38.62
N PRO G 391 100.85 -27.76 39.89
CA PRO G 391 100.08 -28.84 40.50
C PRO G 391 98.86 -29.23 39.67
N GLY G 392 98.77 -30.54 39.38
CA GLY G 392 97.68 -31.11 38.59
C GLY G 392 97.83 -30.94 37.08
N CYS G 393 98.90 -30.28 36.59
CA CYS G 393 99.07 -30.09 35.16
C CYS G 393 99.37 -31.43 34.45
N VAL G 394 98.97 -31.49 33.17
CA VAL G 394 99.16 -32.68 32.35
C VAL G 394 100.23 -32.40 31.28
N ARG G 395 101.13 -33.38 31.07
CA ARG G 395 102.07 -33.39 29.96
C ARG G 395 101.93 -34.68 29.18
N VAL G 396 102.44 -34.68 27.94
CA VAL G 396 102.26 -35.79 27.02
C VAL G 396 103.62 -36.36 26.61
N VAL G 397 103.71 -37.70 26.61
CA VAL G 397 104.78 -38.45 25.98
C VAL G 397 104.18 -39.12 24.73
N ARG G 398 104.52 -38.57 23.56
CA ARG G 398 103.90 -38.97 22.30
C ARG G 398 104.31 -40.38 21.88
N GLY G 399 103.33 -41.17 21.40
CA GLY G 399 103.56 -42.51 20.87
C GLY G 399 103.80 -43.60 21.93
N GLU G 400 103.59 -43.26 23.21
CA GLU G 400 103.74 -44.20 24.33
C GLU G 400 102.38 -44.60 24.94
N GLY G 401 101.29 -44.49 24.16
CA GLY G 401 99.99 -45.05 24.50
C GLY G 401 99.82 -46.51 24.05
N MET G 402 98.56 -46.97 24.01
CA MET G 402 98.20 -48.30 23.53
C MET G 402 98.32 -48.41 22.00
N PRO G 403 98.70 -49.59 21.45
CA PRO G 403 98.65 -49.83 20.02
C PRO G 403 97.22 -49.85 19.50
N GLN G 404 97.02 -49.39 18.27
CA GLN G 404 95.73 -49.50 17.61
C GLN G 404 95.45 -50.95 17.19
N TYR G 405 94.20 -51.41 17.43
CA TYR G 405 93.78 -52.72 16.96
C TYR G 405 93.88 -52.81 15.43
N ARG G 406 94.52 -53.88 14.92
CA ARG G 406 94.75 -54.15 13.50
C ARG G 406 95.85 -53.28 12.88
N ASN G 407 96.28 -52.20 13.56
CA ASN G 407 97.37 -51.35 13.12
C ASN G 407 98.34 -51.11 14.28
N PRO G 408 99.06 -52.14 14.78
CA PRO G 408 99.86 -52.02 16.01
C PRO G 408 101.12 -51.16 15.89
N PHE G 409 101.43 -50.67 14.69
CA PHE G 409 102.50 -49.73 14.42
C PHE G 409 102.12 -48.29 14.84
N GLU G 410 100.81 -48.00 14.82
CA GLU G 410 100.28 -46.75 15.36
C GLU G 410 99.89 -46.95 16.83
N LYS G 411 100.29 -45.96 17.65
CA LYS G 411 99.98 -45.96 19.07
C LYS G 411 99.35 -44.62 19.43
N GLY G 412 98.55 -44.63 20.50
CA GLY G 412 98.15 -43.40 21.15
C GLY G 412 99.29 -42.77 21.94
N ASP G 413 98.93 -41.82 22.81
CA ASP G 413 99.86 -41.05 23.62
C ASP G 413 99.76 -41.42 25.11
N LEU G 414 100.81 -41.12 25.87
CA LEU G 414 100.78 -41.22 27.34
C LEU G 414 100.66 -39.83 27.96
N TYR G 415 99.54 -39.60 28.66
CA TYR G 415 99.30 -38.40 29.44
C TYR G 415 99.71 -38.60 30.90
N ILE G 416 100.58 -37.71 31.39
CA ILE G 416 101.09 -37.77 32.75
C ILE G 416 100.55 -36.56 33.51
N LYS G 417 99.69 -36.82 34.50
CA LYS G 417 99.25 -35.82 35.45
C LYS G 417 100.27 -35.73 36.58
N PHE G 418 100.77 -34.50 36.83
CA PHE G 418 101.76 -34.28 37.89
C PHE G 418 101.10 -33.88 39.19
N ASP G 419 101.41 -34.64 40.25
CA ASP G 419 101.00 -34.35 41.61
C ASP G 419 102.20 -33.77 42.37
N VAL G 420 102.19 -32.45 42.59
CA VAL G 420 103.32 -31.74 43.19
C VAL G 420 103.23 -31.78 44.72
N GLN G 421 104.20 -32.47 45.33
CA GLN G 421 104.31 -32.63 46.76
C GLN G 421 105.09 -31.46 47.37
N PHE G 422 104.37 -30.66 48.16
CA PHE G 422 104.97 -29.62 48.99
C PHE G 422 105.74 -30.24 50.16
N PRO G 423 106.82 -29.59 50.63
CA PRO G 423 107.54 -30.03 51.83
C PRO G 423 106.64 -29.90 53.06
N GLU G 424 106.95 -30.67 54.10
CA GLU G 424 106.18 -30.65 55.32
C GLU G 424 106.35 -29.35 56.12
N ASN G 425 105.49 -29.22 57.12
CA ASN G 425 105.50 -28.20 58.17
C ASN G 425 106.89 -28.04 58.79
N ASN G 426 107.39 -26.81 58.93
CA ASN G 426 108.68 -26.50 59.55
C ASN G 426 109.92 -26.97 58.77
N TRP G 427 109.83 -27.24 57.44
CA TRP G 427 110.95 -27.84 56.70
C TRP G 427 112.18 -26.93 56.62
N ILE G 428 111.97 -25.61 56.76
CA ILE G 428 113.02 -24.61 56.68
C ILE G 428 113.00 -23.69 57.90
N ASN G 429 114.19 -23.30 58.39
CA ASN G 429 114.34 -22.32 59.46
C ASN G 429 113.79 -20.97 58.99
N PRO G 430 112.90 -20.29 59.76
CA PRO G 430 112.43 -18.93 59.46
C PRO G 430 113.47 -17.92 58.97
N ASP G 431 114.72 -17.99 59.47
CA ASP G 431 115.81 -17.10 59.08
C ASP G 431 116.14 -17.18 57.58
N LYS G 432 115.83 -18.32 56.93
CA LYS G 432 116.12 -18.57 55.52
C LYS G 432 114.94 -18.24 54.60
N LEU G 433 113.80 -17.83 55.16
CA LEU G 433 112.61 -17.50 54.38
C LEU G 433 112.84 -16.26 53.50
N SER G 434 113.65 -15.32 54.02
CA SER G 434 114.07 -14.10 53.32
C SER G 434 114.84 -14.44 52.05
N GLU G 435 115.86 -15.32 52.17
CA GLU G 435 116.67 -15.80 51.03
C GLU G 435 115.78 -16.45 49.96
N LEU G 436 114.74 -17.20 50.37
CA LEU G 436 113.81 -17.86 49.46
C LEU G 436 112.92 -16.83 48.74
N GLU G 437 112.46 -15.80 49.47
CA GLU G 437 111.63 -14.75 48.92
C GLU G 437 112.37 -13.96 47.83
N ASP G 438 113.66 -13.67 48.07
CA ASP G 438 114.53 -12.95 47.13
C ASP G 438 114.74 -13.71 45.82
N LEU G 439 114.58 -15.04 45.82
CA LEU G 439 114.82 -15.88 44.66
C LEU G 439 113.56 -15.98 43.80
N GLY H 198 75.31 -82.69 45.62
CA GLY H 198 75.35 -82.63 44.14
C GLY H 198 76.36 -83.62 43.58
N GLU H 199 76.29 -83.80 42.26
CA GLU H 199 77.15 -84.72 41.52
C GLU H 199 78.57 -84.13 41.40
N ASP H 200 79.58 -85.00 41.52
CA ASP H 200 80.97 -84.62 41.31
C ASP H 200 81.26 -84.49 39.81
N MET H 201 82.09 -83.50 39.44
CA MET H 201 82.47 -83.27 38.06
C MET H 201 83.90 -83.77 37.82
N MET H 202 84.05 -84.72 36.87
CA MET H 202 85.36 -85.27 36.53
C MET H 202 85.91 -84.62 35.27
N HIS H 203 87.15 -84.09 35.36
CA HIS H 203 87.81 -83.48 34.21
C HIS H 203 89.20 -84.09 33.99
N PRO H 204 89.51 -84.59 32.76
CA PRO H 204 90.88 -85.04 32.46
C PRO H 204 91.82 -83.84 32.29
N LEU H 205 92.94 -83.88 33.02
CA LEU H 205 94.01 -82.91 32.86
C LEU H 205 95.21 -83.57 32.19
N LYS H 206 95.45 -83.21 30.92
CA LYS H 206 96.58 -83.73 30.17
C LYS H 206 97.88 -83.03 30.59
N VAL H 207 98.84 -83.83 31.09
CA VAL H 207 100.13 -83.37 31.61
C VAL H 207 101.26 -84.09 30.87
N SER H 208 102.37 -83.38 30.60
CA SER H 208 103.55 -84.00 29.98
C SER H 208 104.48 -84.60 31.05
N LEU H 209 105.47 -85.41 30.63
CA LEU H 209 106.48 -85.93 31.55
C LEU H 209 107.30 -84.81 32.20
N GLU H 210 107.60 -83.74 31.46
CA GLU H 210 108.30 -82.56 31.96
C GLU H 210 107.48 -81.85 33.05
N ASP H 211 106.16 -81.76 32.85
CA ASP H 211 105.23 -81.20 33.83
C ASP H 211 105.27 -82.01 35.13
N LEU H 212 105.30 -83.35 35.01
CA LEU H 212 105.31 -84.27 36.14
C LEU H 212 106.68 -84.34 36.84
N TYR H 213 107.76 -84.07 36.10
CA TYR H 213 109.11 -84.09 36.63
C TYR H 213 109.45 -82.78 37.36
N ASN H 214 109.14 -81.64 36.74
CA ASN H 214 109.49 -80.33 37.27
C ASN H 214 108.43 -79.76 38.22
N GLY H 215 107.20 -80.29 38.13
CA GLY H 215 106.04 -79.65 38.75
C GLY H 215 105.50 -78.52 37.88
N LYS H 216 104.18 -78.30 37.95
CA LYS H 216 103.53 -77.30 37.11
C LYS H 216 102.33 -76.70 37.83
N THR H 217 102.24 -75.37 37.77
CA THR H 217 101.02 -74.65 38.13
C THR H 217 100.32 -74.22 36.86
N THR H 218 99.06 -74.64 36.70
CA THR H 218 98.25 -74.29 35.54
C THR H 218 96.89 -73.74 35.96
N LYS H 219 96.33 -72.83 35.15
CA LYS H 219 95.00 -72.29 35.39
C LYS H 219 94.00 -73.01 34.50
N LEU H 220 92.97 -73.59 35.14
CA LEU H 220 91.91 -74.29 34.44
C LEU H 220 90.64 -73.44 34.51
N GLN H 221 90.13 -73.06 33.34
CA GLN H 221 88.87 -72.34 33.27
C GLN H 221 87.73 -73.33 33.10
N LEU H 222 86.77 -73.33 34.05
CA LEU H 222 85.57 -74.16 33.99
C LEU H 222 84.32 -73.30 34.06
N SER H 223 83.29 -73.71 33.30
CA SER H 223 81.96 -73.11 33.42
C SER H 223 81.11 -73.99 34.31
N LYS H 224 80.54 -73.40 35.37
CA LYS H 224 79.68 -74.11 36.31
C LYS H 224 78.42 -73.31 36.62
N ASN H 225 77.39 -74.02 37.07
CA ASN H 225 76.16 -73.42 37.56
C ASN H 225 76.37 -72.94 38.99
N VAL H 226 76.08 -71.65 39.22
CA VAL H 226 76.08 -71.06 40.54
C VAL H 226 74.67 -70.57 40.87
N LEU H 227 74.32 -70.53 42.17
CA LEU H 227 73.06 -69.95 42.59
C LEU H 227 72.96 -68.49 42.13
N CYS H 228 71.82 -68.13 41.54
CA CYS H 228 71.61 -66.79 41.00
C CYS H 228 71.71 -65.75 42.13
N SER H 229 72.76 -64.92 42.09
CA SER H 229 73.04 -63.90 43.10
C SER H 229 71.88 -62.94 43.36
N ALA H 230 70.98 -62.75 42.37
CA ALA H 230 69.88 -61.80 42.44
C ALA H 230 68.62 -62.35 43.13
N CYS H 231 68.46 -63.68 43.22
CA CYS H 231 67.30 -64.30 43.86
C CYS H 231 67.69 -65.44 44.82
N SER H 232 68.99 -65.64 45.05
CA SER H 232 69.55 -66.67 45.92
C SER H 232 68.93 -68.05 45.71
N GLY H 233 68.70 -68.41 44.42
CA GLY H 233 68.17 -69.72 44.01
C GLY H 233 66.67 -69.91 44.21
N GLN H 234 66.07 -68.99 44.99
CA GLN H 234 64.68 -69.12 45.37
C GLN H 234 63.92 -69.11 44.06
N GLY H 235 64.66 -68.75 43.02
CA GLY H 235 64.11 -68.62 41.71
C GLY H 235 63.55 -67.23 41.71
N GLY H 236 62.46 -67.04 42.46
CA GLY H 236 61.95 -65.71 42.68
C GLY H 236 61.49 -65.52 44.11
N LYS H 237 60.84 -64.38 44.39
CA LYS H 237 60.25 -64.12 45.70
C LYS H 237 59.25 -65.22 46.03
N SER H 238 58.90 -65.39 47.32
CA SER H 238 57.88 -66.35 47.74
C SER H 238 56.55 -65.97 47.09
N GLY H 239 56.04 -66.85 46.21
CA GLY H 239 54.82 -66.63 45.45
C GLY H 239 55.11 -66.06 44.05
N ALA H 240 56.40 -65.99 43.69
CA ALA H 240 56.83 -65.62 42.35
C ALA H 240 56.87 -66.88 41.47
N VAL H 241 56.97 -68.04 42.11
CA VAL H 241 57.08 -69.31 41.40
C VAL H 241 55.68 -69.78 41.03
N GLN H 242 55.41 -69.84 39.72
CA GLN H 242 54.12 -70.26 39.18
C GLN H 242 54.28 -71.54 38.38
N LYS H 243 53.26 -72.42 38.42
CA LYS H 243 53.17 -73.58 37.54
C LYS H 243 53.19 -73.10 36.09
N CYS H 244 54.04 -73.74 35.27
CA CYS H 244 54.04 -73.43 33.86
C CYS H 244 52.71 -73.82 33.22
N SER H 245 51.96 -72.85 32.65
CA SER H 245 50.63 -73.05 32.07
C SER H 245 50.67 -73.98 30.86
N ALA H 246 51.73 -73.82 30.08
CA ALA H 246 52.13 -74.50 28.86
C ALA H 246 52.14 -76.03 28.97
N CYS H 247 52.88 -76.54 29.97
CA CYS H 247 53.06 -77.96 30.21
C CYS H 247 52.32 -78.42 31.48
N ARG H 248 51.58 -77.50 32.14
CA ARG H 248 50.87 -77.74 33.39
C ARG H 248 51.77 -78.37 34.45
N GLY H 249 53.01 -77.86 34.60
CA GLY H 249 53.96 -78.35 35.57
C GLY H 249 54.75 -79.60 35.17
N ARG H 250 54.53 -80.14 33.96
CA ARG H 250 55.16 -81.40 33.54
C ARG H 250 56.59 -81.21 32.99
N GLY H 251 57.00 -79.98 32.69
CA GLY H 251 58.31 -79.73 32.06
C GLY H 251 58.33 -80.06 30.57
N VAL H 252 57.43 -80.94 30.12
CA VAL H 252 57.42 -81.43 28.74
C VAL H 252 56.04 -81.25 28.09
N ARG H 253 56.05 -81.03 26.77
CA ARG H 253 54.86 -80.94 25.94
C ARG H 253 54.84 -82.10 24.97
N ILE H 254 53.66 -82.67 24.74
CA ILE H 254 53.49 -83.70 23.73
C ILE H 254 53.08 -83.01 22.43
N MET H 255 53.96 -83.06 21.43
CA MET H 255 53.69 -82.53 20.10
C MET H 255 53.32 -83.67 19.17
N ILE H 256 52.23 -83.48 18.41
CA ILE H 256 51.76 -84.47 17.47
C ILE H 256 52.27 -84.13 16.07
N ARG H 257 53.14 -84.98 15.51
CA ARG H 257 53.58 -84.86 14.12
C ARG H 257 52.85 -85.87 13.24
N GLN H 258 52.09 -85.47 12.23
CA GLN H 258 51.60 -86.42 11.23
C GLN H 258 52.73 -86.94 10.35
N LEU H 259 52.88 -88.27 10.25
CA LEU H 259 53.78 -88.90 9.28
C LEU H 259 53.10 -89.25 7.96
N ALA H 260 51.82 -89.62 8.05
CA ALA H 260 50.92 -89.89 6.94
C ALA H 260 49.46 -89.69 7.40
N PRO H 261 48.45 -89.41 6.55
CA PRO H 261 47.08 -89.28 7.10
C PRO H 261 46.65 -90.58 7.78
N GLY H 262 46.29 -90.48 9.06
CA GLY H 262 45.97 -91.64 9.89
C GLY H 262 47.18 -92.25 10.64
N MET H 263 48.40 -91.77 10.36
CA MET H 263 49.58 -92.06 11.18
C MET H 263 50.12 -90.80 11.85
N VAL H 264 49.90 -90.67 13.17
CA VAL H 264 50.42 -89.58 13.97
C VAL H 264 51.50 -90.09 14.91
N GLN H 265 52.63 -89.36 14.98
CA GLN H 265 53.68 -89.56 15.95
C GLN H 265 53.54 -88.56 17.09
N GLN H 266 53.41 -89.06 18.32
CA GLN H 266 53.46 -88.22 19.50
C GLN H 266 54.95 -88.17 19.89
N MET H 267 55.52 -86.96 19.82
CA MET H 267 56.86 -86.70 20.30
C MET H 267 56.77 -85.86 21.57
N GLN H 268 57.49 -86.26 22.63
CA GLN H 268 57.67 -85.48 23.83
C GLN H 268 58.84 -84.53 23.58
N SER H 269 58.55 -83.22 23.68
CA SER H 269 59.53 -82.18 23.57
C SER H 269 59.63 -81.45 24.92
N VAL H 270 60.83 -80.98 25.26
CA VAL H 270 60.96 -80.10 26.42
C VAL H 270 60.09 -78.86 26.17
N CYS H 271 59.39 -78.42 27.23
CA CYS H 271 58.46 -77.31 27.11
C CYS H 271 59.26 -76.03 26.90
N SER H 272 58.99 -75.35 25.77
CA SER H 272 59.61 -74.09 25.37
C SER H 272 59.43 -72.98 26.41
N ASP H 273 58.33 -73.02 27.17
CA ASP H 273 57.91 -71.90 28.00
C ASP H 273 58.56 -71.91 29.39
N CYS H 274 59.00 -73.09 29.86
CA CYS H 274 59.71 -73.24 31.12
C CYS H 274 61.05 -73.99 30.99
N ASN H 275 61.48 -74.28 29.74
CA ASN H 275 62.72 -74.97 29.44
C ASN H 275 62.90 -76.26 30.26
N GLY H 276 61.80 -76.95 30.57
CA GLY H 276 61.85 -78.23 31.26
C GLY H 276 61.63 -78.16 32.77
N GLU H 277 61.63 -76.96 33.37
CA GLU H 277 61.58 -76.82 34.82
C GLU H 277 60.16 -77.11 35.36
N GLY H 278 59.13 -76.93 34.53
CA GLY H 278 57.74 -77.07 34.99
C GLY H 278 57.19 -75.84 35.73
N GLU H 279 58.10 -74.93 36.07
CA GLU H 279 57.74 -73.65 36.68
C GLU H 279 58.18 -72.46 35.83
N VAL H 280 57.49 -71.33 36.04
CA VAL H 280 57.85 -70.07 35.43
C VAL H 280 57.94 -69.01 36.52
N ILE H 281 59.02 -68.22 36.47
CA ILE H 281 59.24 -67.08 37.35
C ILE H 281 59.38 -65.85 36.45
N ASN H 282 58.51 -64.86 36.67
CA ASN H 282 58.59 -63.56 36.00
C ASN H 282 59.99 -62.98 36.21
N GLU H 283 60.57 -62.40 35.15
CA GLU H 283 61.92 -61.85 35.16
C GLU H 283 62.17 -60.92 36.35
N LYS H 284 61.19 -60.07 36.65
CA LYS H 284 61.20 -59.07 37.73
C LYS H 284 61.31 -59.69 39.13
N ASP H 285 60.97 -60.98 39.26
CA ASP H 285 60.98 -61.69 40.55
C ASP H 285 62.28 -62.47 40.78
N ARG H 286 63.00 -62.81 39.70
CA ARG H 286 64.29 -63.51 39.79
C ARG H 286 65.39 -62.52 39.51
N CYS H 287 65.36 -61.93 38.31
CA CYS H 287 66.38 -61.01 37.81
C CYS H 287 66.34 -61.07 36.29
N LYS H 288 67.20 -60.28 35.62
CA LYS H 288 67.34 -60.33 34.19
C LYS H 288 68.51 -61.26 33.85
N LYS H 289 68.82 -62.18 34.77
CA LYS H 289 69.98 -63.07 34.68
C LYS H 289 69.55 -64.53 34.43
N CYS H 290 69.24 -65.29 35.50
CA CYS H 290 68.86 -66.70 35.41
C CYS H 290 67.68 -66.84 34.45
N GLU H 291 66.50 -66.30 34.82
CA GLU H 291 65.26 -66.28 34.05
C GLU H 291 64.30 -67.31 34.63
N GLY H 292 64.17 -67.32 35.96
CA GLY H 292 63.34 -68.28 36.68
C GLY H 292 64.04 -69.62 36.78
N LYS H 293 65.34 -69.64 36.49
CA LYS H 293 66.10 -70.88 36.43
C LYS H 293 66.77 -71.22 37.76
N LYS H 294 66.94 -70.22 38.65
CA LYS H 294 67.48 -70.37 40.02
C LYS H 294 69.00 -70.48 40.00
N VAL H 295 69.61 -70.72 38.81
CA VAL H 295 71.05 -70.77 38.64
C VAL H 295 71.49 -69.93 37.43
N ILE H 296 72.78 -69.56 37.42
CA ILE H 296 73.42 -68.88 36.30
C ILE H 296 74.74 -69.58 36.01
N LYS H 297 75.12 -69.65 34.71
CA LYS H 297 76.43 -70.16 34.33
C LYS H 297 77.49 -69.10 34.59
N GLU H 298 78.45 -69.44 35.45
CA GLU H 298 79.59 -68.60 35.78
C GLU H 298 80.88 -69.31 35.36
N VAL H 299 81.86 -68.50 34.96
CA VAL H 299 83.17 -68.98 34.56
C VAL H 299 84.11 -68.84 35.76
N LYS H 300 84.60 -69.97 36.28
CA LYS H 300 85.55 -69.98 37.38
C LYS H 300 86.92 -70.46 36.90
N ILE H 301 87.98 -69.77 37.36
CA ILE H 301 89.35 -70.18 37.11
C ILE H 301 89.87 -70.87 38.37
N LEU H 302 90.23 -72.16 38.22
CA LEU H 302 90.88 -72.93 39.27
C LEU H 302 92.39 -72.96 39.02
N GLU H 303 93.16 -72.65 40.06
CA GLU H 303 94.61 -72.84 40.03
C GLU H 303 94.92 -74.27 40.43
N VAL H 304 95.56 -75.01 39.51
CA VAL H 304 95.86 -76.43 39.67
C VAL H 304 97.37 -76.58 39.84
N HIS H 305 97.75 -77.18 40.98
CA HIS H 305 99.13 -77.53 41.25
C HIS H 305 99.35 -79.02 40.96
N VAL H 306 100.26 -79.29 40.02
CA VAL H 306 100.75 -80.62 39.72
C VAL H 306 102.13 -80.74 40.37
N ASP H 307 102.21 -81.54 41.42
CA ASP H 307 103.44 -81.77 42.17
C ASP H 307 104.40 -82.69 41.41
N LYS H 308 105.69 -82.56 41.72
CA LYS H 308 106.72 -83.45 41.22
C LYS H 308 106.44 -84.90 41.59
N GLY H 309 106.57 -85.78 40.59
CA GLY H 309 106.45 -87.22 40.79
C GLY H 309 105.01 -87.75 40.79
N MET H 310 104.01 -86.87 40.63
CA MET H 310 102.62 -87.31 40.49
C MET H 310 102.47 -88.35 39.38
N LYS H 311 101.51 -89.26 39.55
CA LYS H 311 101.35 -90.42 38.67
C LYS H 311 100.16 -90.26 37.75
N HIS H 312 100.20 -91.00 36.63
CA HIS H 312 99.03 -91.17 35.78
C HIS H 312 97.83 -91.66 36.60
N GLY H 313 96.65 -91.08 36.34
CA GLY H 313 95.42 -91.44 37.04
C GLY H 313 95.26 -90.85 38.44
N GLN H 314 96.24 -90.07 38.91
CA GLN H 314 96.13 -89.41 40.20
C GLN H 314 95.05 -88.31 40.16
N ARG H 315 94.31 -88.16 41.27
CA ARG H 315 93.18 -87.24 41.38
C ARG H 315 93.57 -85.99 42.15
N ILE H 316 93.20 -84.81 41.62
CA ILE H 316 93.26 -83.54 42.32
C ILE H 316 91.84 -83.05 42.54
N THR H 317 91.43 -82.94 43.83
CA THR H 317 90.04 -82.64 44.18
C THR H 317 89.91 -81.20 44.68
N PHE H 318 88.93 -80.48 44.11
CA PHE H 318 88.49 -79.17 44.54
C PHE H 318 87.11 -79.31 45.19
N THR H 319 87.08 -79.27 46.53
CA THR H 319 85.89 -79.56 47.32
C THR H 319 84.82 -78.48 47.16
N GLY H 320 83.57 -78.91 46.91
CA GLY H 320 82.41 -78.02 46.81
C GLY H 320 82.44 -77.10 45.57
N GLU H 321 83.31 -77.41 44.60
CA GLU H 321 83.51 -76.56 43.43
C GLU H 321 82.63 -76.93 42.24
N ALA H 322 81.88 -78.04 42.32
CA ALA H 322 80.96 -78.46 41.26
C ALA H 322 79.75 -77.53 41.13
N ASP H 323 78.79 -77.95 40.29
CA ASP H 323 77.53 -77.25 40.07
C ASP H 323 76.73 -77.08 41.36
N GLN H 324 76.21 -75.86 41.55
CA GLN H 324 75.27 -75.56 42.62
C GLN H 324 73.84 -75.71 42.13
N ALA H 325 72.98 -76.26 43.01
CA ALA H 325 71.54 -76.31 42.79
C ALA H 325 70.80 -75.90 44.06
N PRO H 326 69.59 -75.29 43.97
CA PRO H 326 68.82 -74.90 45.16
C PRO H 326 68.50 -76.08 46.08
N GLY H 327 68.91 -75.96 47.34
CA GLY H 327 68.68 -76.98 48.36
C GLY H 327 69.63 -78.19 48.28
N VAL H 328 70.68 -78.08 47.46
CA VAL H 328 71.66 -79.14 47.23
C VAL H 328 73.05 -78.59 47.60
N GLU H 329 73.81 -79.36 48.40
CA GLU H 329 75.20 -79.04 48.70
C GLU H 329 76.06 -79.38 47.49
N PRO H 330 76.91 -78.48 46.94
CA PRO H 330 77.68 -78.79 45.73
C PRO H 330 78.61 -79.98 45.87
N GLY H 331 78.74 -80.75 44.78
CA GLY H 331 79.76 -81.78 44.66
C GLY H 331 81.17 -81.20 44.48
N ASP H 332 82.14 -82.09 44.20
CA ASP H 332 83.53 -81.70 44.01
C ASP H 332 83.90 -81.67 42.53
N ILE H 333 84.90 -80.86 42.18
CA ILE H 333 85.58 -80.99 40.90
C ILE H 333 86.81 -81.86 41.08
N VAL H 334 86.84 -83.00 40.38
CA VAL H 334 87.94 -83.96 40.45
C VAL H 334 88.69 -83.96 39.12
N LEU H 335 89.94 -83.47 39.16
CA LEU H 335 90.80 -83.53 37.98
C LEU H 335 91.56 -84.85 37.98
N LEU H 336 91.46 -85.57 36.87
CA LEU H 336 92.19 -86.82 36.68
C LEU H 336 93.42 -86.56 35.81
N LEU H 337 94.61 -86.81 36.36
CA LEU H 337 95.85 -86.61 35.60
C LEU H 337 95.98 -87.65 34.50
N GLN H 338 96.10 -87.16 33.26
CA GLN H 338 96.38 -87.99 32.10
C GLN H 338 97.77 -87.67 31.58
N GLU H 339 98.67 -88.65 31.72
CA GLU H 339 100.04 -88.51 31.23
C GLU H 339 100.01 -88.59 29.70
N LYS H 340 100.67 -87.62 29.06
CA LYS H 340 100.85 -87.64 27.62
C LYS H 340 102.04 -88.52 27.29
N GLU H 341 101.92 -89.23 26.16
CA GLU H 341 103.03 -89.92 25.53
C GLU H 341 104.19 -88.94 25.28
N GLY I 198 37.99 -26.22 -27.16
CA GLY I 198 38.96 -26.09 -26.05
C GLY I 198 39.73 -24.78 -26.16
N GLU I 199 40.46 -24.48 -25.09
CA GLU I 199 41.27 -23.27 -24.96
C GLU I 199 42.52 -23.38 -25.82
N ASP I 200 42.91 -22.26 -26.47
CA ASP I 200 44.14 -22.18 -27.23
C ASP I 200 45.34 -22.04 -26.27
N MET I 201 46.46 -22.69 -26.62
CA MET I 201 47.69 -22.62 -25.83
C MET I 201 48.70 -21.68 -26.50
N MET I 202 49.11 -20.64 -25.76
CA MET I 202 50.09 -19.68 -26.27
C MET I 202 51.48 -19.97 -25.73
N HIS I 203 52.47 -20.10 -26.63
CA HIS I 203 53.85 -20.34 -26.25
C HIS I 203 54.79 -19.32 -26.88
N PRO I 204 55.64 -18.61 -26.08
CA PRO I 204 56.65 -17.74 -26.66
C PRO I 204 57.80 -18.54 -27.26
N LEU I 205 58.12 -18.26 -28.53
CA LEU I 205 59.29 -18.82 -29.19
C LEU I 205 60.37 -17.75 -29.36
N LYS I 206 61.44 -17.86 -28.58
CA LYS I 206 62.57 -16.94 -28.67
C LYS I 206 63.43 -17.26 -29.89
N VAL I 207 63.57 -16.27 -30.79
CA VAL I 207 64.29 -16.37 -32.06
C VAL I 207 65.34 -15.26 -32.13
N SER I 208 66.52 -15.55 -32.69
CA SER I 208 67.56 -14.55 -32.91
C SER I 208 67.36 -13.82 -34.24
N LEU I 209 68.07 -12.70 -34.46
CA LEU I 209 68.06 -12.00 -35.74
C LEU I 209 68.56 -12.88 -36.89
N GLU I 210 69.58 -13.71 -36.61
CA GLU I 210 70.12 -14.68 -37.58
C GLU I 210 69.08 -15.71 -37.97
N ASP I 211 68.29 -16.19 -37.00
CA ASP I 211 67.18 -17.12 -37.22
C ASP I 211 66.14 -16.49 -38.16
N LEU I 212 65.81 -15.21 -37.93
CA LEU I 212 64.83 -14.46 -38.70
C LEU I 212 65.34 -14.06 -40.09
N TYR I 213 66.66 -13.90 -40.24
CA TYR I 213 67.29 -13.54 -41.51
C TYR I 213 67.46 -14.75 -42.42
N ASN I 214 67.99 -15.86 -41.88
CA ASN I 214 68.31 -17.05 -42.64
C ASN I 214 67.13 -18.02 -42.76
N GLY I 215 66.14 -17.89 -41.86
CA GLY I 215 65.12 -18.91 -41.67
C GLY I 215 65.63 -20.04 -40.78
N LYS I 216 64.72 -20.66 -40.02
CA LYS I 216 65.09 -21.71 -39.09
C LYS I 216 63.97 -22.74 -38.94
N THR I 217 64.35 -24.01 -38.99
CA THR I 217 63.48 -25.10 -38.59
C THR I 217 63.92 -25.58 -37.21
N THR I 218 62.99 -25.55 -36.24
CA THR I 218 63.26 -26.01 -34.88
C THR I 218 62.19 -26.98 -34.41
N LYS I 219 62.59 -27.93 -33.54
CA LYS I 219 61.66 -28.87 -32.94
C LYS I 219 61.28 -28.40 -31.54
N LEU I 220 59.98 -28.22 -31.31
CA LEU I 220 59.45 -27.82 -30.03
C LEU I 220 58.76 -29.01 -29.38
N GLN I 221 59.26 -29.40 -28.19
CA GLN I 221 58.62 -30.44 -27.42
C GLN I 221 57.60 -29.83 -26.46
N LEU I 222 56.33 -30.24 -26.58
CA LEU I 222 55.26 -29.81 -25.69
C LEU I 222 54.59 -31.02 -25.04
N SER I 223 54.20 -30.87 -23.77
CA SER I 223 53.37 -31.85 -23.08
C SER I 223 51.93 -31.38 -23.14
N LYS I 224 51.03 -32.24 -23.66
CA LYS I 224 49.61 -31.94 -23.75
C LYS I 224 48.77 -33.11 -23.27
N ASN I 225 47.53 -32.81 -22.89
CA ASN I 225 46.53 -33.81 -22.56
C ASN I 225 45.93 -34.36 -23.84
N VAL I 226 45.96 -35.70 -23.97
CA VAL I 226 45.30 -36.40 -25.05
C VAL I 226 44.24 -37.34 -24.46
N LEU I 227 43.19 -37.62 -25.23
CA LEU I 227 42.20 -38.61 -24.82
C LEU I 227 42.87 -39.96 -24.58
N CYS I 228 42.53 -40.59 -23.44
CA CYS I 228 43.13 -41.86 -23.05
C CYS I 228 42.81 -42.94 -24.09
N SER I 229 43.83 -43.40 -24.81
CA SER I 229 43.69 -44.38 -25.89
C SER I 229 43.00 -45.68 -25.46
N ALA I 230 43.05 -46.02 -24.16
CA ALA I 230 42.51 -47.27 -23.61
C ALA I 230 41.01 -47.20 -23.27
N CYS I 231 40.44 -46.01 -23.09
CA CYS I 231 39.02 -45.85 -22.77
C CYS I 231 38.34 -44.76 -23.62
N SER I 232 39.06 -44.21 -24.60
CA SER I 232 38.59 -43.16 -25.52
C SER I 232 37.85 -42.02 -24.79
N GLY I 233 38.40 -41.60 -23.63
CA GLY I 233 37.90 -40.48 -22.84
C GLY I 233 36.63 -40.78 -22.03
N GLN I 234 36.00 -41.92 -22.33
CA GLN I 234 34.72 -42.26 -21.72
C GLN I 234 35.02 -42.35 -20.24
N GLY I 235 36.32 -42.36 -19.95
CA GLY I 235 36.80 -42.49 -18.62
C GLY I 235 36.82 -43.98 -18.43
N GLY I 236 35.64 -44.58 -18.33
CA GLY I 236 35.54 -46.02 -18.32
C GLY I 236 34.36 -46.50 -19.15
N LYS I 237 34.07 -47.80 -19.08
CA LYS I 237 32.91 -48.38 -19.74
C LYS I 237 31.65 -47.69 -19.23
N SER I 238 30.53 -47.78 -19.98
CA SER I 238 29.25 -47.24 -19.55
C SER I 238 28.83 -47.94 -18.24
N GLY I 239 28.75 -47.16 -17.14
CA GLY I 239 28.45 -47.66 -15.82
C GLY I 239 29.71 -47.94 -15.00
N ALA I 240 30.88 -47.58 -15.54
CA ALA I 240 32.15 -47.63 -14.83
C ALA I 240 32.34 -46.35 -14.04
N VAL I 241 31.64 -45.28 -14.46
CA VAL I 241 31.77 -43.98 -13.84
C VAL I 241 30.87 -43.92 -12.62
N GLN I 242 31.49 -43.79 -11.44
CA GLN I 242 30.79 -43.74 -10.16
C GLN I 242 31.03 -42.38 -9.50
N LYS I 243 30.00 -41.88 -8.77
CA LYS I 243 30.14 -40.71 -7.93
C LYS I 243 31.23 -40.99 -6.90
N CYS I 244 32.15 -40.02 -6.73
CA CYS I 244 33.14 -40.13 -5.68
C CYS I 244 32.48 -40.11 -4.31
N SER I 245 32.61 -41.18 -3.51
CA SER I 245 31.97 -41.34 -2.19
C SER I 245 32.47 -40.30 -1.19
N ALA I 246 33.77 -40.03 -1.29
CA ALA I 246 34.60 -39.11 -0.53
C ALA I 246 34.07 -37.68 -0.45
N CYS I 247 33.80 -37.10 -1.63
CA CYS I 247 33.34 -35.73 -1.77
C CYS I 247 31.87 -35.69 -2.23
N ARG I 248 31.21 -36.85 -2.37
CA ARG I 248 29.84 -37.00 -2.84
C ARG I 248 29.60 -36.26 -4.17
N GLY I 249 30.55 -36.38 -5.11
CA GLY I 249 30.46 -35.74 -6.41
C GLY I 249 30.89 -34.26 -6.46
N ARG I 250 31.33 -33.67 -5.34
CA ARG I 250 31.64 -32.23 -5.27
C ARG I 250 33.06 -31.91 -5.79
N GLY I 251 33.94 -32.92 -5.95
CA GLY I 251 35.33 -32.67 -6.33
C GLY I 251 36.20 -32.16 -5.17
N VAL I 252 35.56 -31.56 -4.15
CA VAL I 252 36.27 -30.94 -3.03
C VAL I 252 35.77 -31.46 -1.68
N ARG I 253 36.68 -31.50 -0.71
CA ARG I 253 36.39 -31.85 0.67
C ARG I 253 36.64 -30.65 1.55
N ILE I 254 35.77 -30.44 2.55
CA ILE I 254 35.97 -29.42 3.56
C ILE I 254 36.73 -30.04 4.72
N MET I 255 37.97 -29.62 4.92
CA MET I 255 38.80 -30.04 6.05
C MET I 255 38.78 -28.97 7.14
N ILE I 256 38.56 -29.41 8.37
CA ILE I 256 38.53 -28.50 9.51
C ILE I 256 39.90 -28.51 10.20
N ARG I 257 40.60 -27.37 10.18
CA ARG I 257 41.83 -27.19 10.93
C ARG I 257 41.57 -26.36 12.19
N GLN I 258 41.82 -26.88 13.40
CA GLN I 258 41.82 -26.02 14.59
C GLN I 258 43.01 -25.07 14.58
N LEU I 259 42.76 -23.76 14.76
CA LEU I 259 43.80 -22.77 15.01
C LEU I 259 44.05 -22.53 16.51
N ALA I 260 42.98 -22.63 17.30
CA ALA I 260 42.98 -22.51 18.74
C ALA I 260 41.70 -23.18 19.29
N PRO I 261 41.58 -23.64 20.55
CA PRO I 261 40.28 -24.16 21.01
C PRO I 261 39.19 -23.08 20.89
N GLY I 262 38.15 -23.41 20.14
CA GLY I 262 37.08 -22.47 19.83
C GLY I 262 37.29 -21.66 18.54
N MET I 263 38.48 -21.77 17.92
CA MET I 263 38.71 -21.28 16.56
C MET I 263 39.00 -22.43 15.59
N VAL I 264 38.03 -22.77 14.74
CA VAL I 264 38.23 -23.75 13.67
C VAL I 264 38.21 -23.04 12.31
N GLN I 265 39.18 -23.37 11.46
CA GLN I 265 39.23 -22.96 10.07
C GLN I 265 38.74 -24.06 9.16
N GLN I 266 37.71 -23.78 8.36
CA GLN I 266 37.25 -24.68 7.33
C GLN I 266 38.07 -24.31 6.09
N MET I 267 38.88 -25.27 5.63
CA MET I 267 39.60 -25.14 4.38
C MET I 267 38.99 -26.11 3.36
N GLN I 268 38.69 -25.63 2.15
CA GLN I 268 38.30 -26.46 1.02
C GLN I 268 39.57 -26.97 0.35
N SER I 269 39.71 -28.29 0.31
CA SER I 269 40.81 -28.96 -0.34
C SER I 269 40.25 -29.77 -1.51
N VAL I 270 41.03 -29.90 -2.60
CA VAL I 270 40.67 -30.81 -3.66
C VAL I 270 40.59 -32.23 -3.06
N CYS I 271 39.56 -32.98 -3.47
CA CYS I 271 39.32 -34.31 -2.92
C CYS I 271 40.43 -35.24 -3.40
N SER I 272 41.16 -35.84 -2.44
CA SER I 272 42.24 -36.79 -2.67
C SER I 272 41.81 -38.01 -3.47
N ASP I 273 40.53 -38.41 -3.36
CA ASP I 273 40.06 -39.70 -3.84
C ASP I 273 39.64 -39.64 -5.31
N CYS I 274 39.28 -38.45 -5.82
CA CYS I 274 38.94 -38.23 -7.21
C CYS I 274 39.74 -37.10 -7.88
N ASN I 275 40.74 -36.55 -7.18
CA ASN I 275 41.60 -35.48 -7.66
C ASN I 275 40.81 -34.31 -8.25
N GLY I 276 39.62 -34.03 -7.72
CA GLY I 276 38.81 -32.89 -8.13
C GLY I 276 37.72 -33.21 -9.15
N GLU I 277 37.72 -34.41 -9.74
CA GLU I 277 36.81 -34.73 -10.84
C GLU I 277 35.37 -34.96 -10.32
N GLY I 278 35.22 -35.35 -9.05
CA GLY I 278 33.90 -35.69 -8.51
C GLY I 278 33.44 -37.12 -8.85
N GLU I 279 34.13 -37.74 -9.79
CA GLU I 279 33.89 -39.12 -10.18
C GLU I 279 35.10 -40.02 -9.94
N VAL I 280 34.84 -41.32 -9.78
CA VAL I 280 35.87 -42.34 -9.69
C VAL I 280 35.58 -43.44 -10.70
N ILE I 281 36.61 -43.84 -11.44
CA ILE I 281 36.57 -44.95 -12.37
C ILE I 281 37.62 -45.96 -11.91
N ASN I 282 37.17 -47.20 -11.63
CA ASN I 282 38.05 -48.31 -11.32
C ASN I 282 39.09 -48.46 -12.43
N GLU I 283 40.35 -48.70 -12.05
CA GLU I 283 41.47 -48.81 -12.98
C GLU I 283 41.19 -49.76 -14.16
N LYS I 284 40.55 -50.89 -13.86
CA LYS I 284 40.18 -51.95 -14.79
C LYS I 284 39.19 -51.50 -15.87
N ASP I 285 38.46 -50.39 -15.63
CA ASP I 285 37.44 -49.87 -16.52
C ASP I 285 37.97 -48.77 -17.44
N ARG I 286 39.07 -48.09 -17.03
CA ARG I 286 39.70 -47.05 -17.84
C ARG I 286 40.97 -47.61 -18.45
N CYS I 287 41.89 -48.05 -17.58
CA CYS I 287 43.21 -48.55 -17.93
C CYS I 287 44.12 -48.33 -16.74
N LYS I 288 45.40 -48.74 -16.87
CA LYS I 288 46.41 -48.49 -15.85
C LYS I 288 47.15 -47.20 -16.22
N LYS I 289 46.51 -46.35 -17.03
CA LYS I 289 47.12 -45.14 -17.59
C LYS I 289 46.52 -43.88 -16.97
N CYS I 290 45.39 -43.37 -17.50
CA CYS I 290 44.75 -42.14 -17.03
C CYS I 290 44.47 -42.24 -15.53
N GLU I 291 43.57 -43.17 -15.13
CA GLU I 291 43.18 -43.48 -13.76
C GLU I 291 41.81 -42.87 -13.48
N GLY I 292 40.87 -43.05 -14.41
CA GLY I 292 39.54 -42.49 -14.33
C GLY I 292 39.56 -41.00 -14.69
N LYS I 293 40.66 -40.55 -15.29
CA LYS I 293 40.87 -39.15 -15.59
C LYS I 293 40.39 -38.77 -17.00
N LYS I 294 40.25 -39.76 -17.90
CA LYS I 294 39.73 -39.61 -19.26
C LYS I 294 40.80 -39.04 -20.20
N VAL I 295 41.89 -38.50 -19.64
CA VAL I 295 43.01 -37.99 -20.44
C VAL I 295 44.35 -38.51 -19.88
N ILE I 296 45.40 -38.46 -20.73
CA ILE I 296 46.77 -38.78 -20.36
C ILE I 296 47.68 -37.69 -20.89
N LYS I 297 48.74 -37.37 -20.15
CA LYS I 297 49.76 -36.44 -20.62
C LYS I 297 50.68 -37.14 -21.61
N GLU I 298 50.70 -36.63 -22.85
CA GLU I 298 51.57 -37.11 -23.91
C GLU I 298 52.54 -36.00 -24.32
N VAL I 299 53.73 -36.42 -24.72
CA VAL I 299 54.77 -35.52 -25.19
C VAL I 299 54.72 -35.50 -26.71
N LYS I 300 54.41 -34.34 -27.30
CA LYS I 300 54.38 -34.17 -28.73
C LYS I 300 55.51 -33.24 -29.19
N ILE I 301 56.18 -33.62 -30.28
CA ILE I 301 57.19 -32.78 -30.92
C ILE I 301 56.55 -32.11 -32.13
N LEU I 302 56.50 -30.76 -32.10
CA LEU I 302 56.07 -29.96 -33.23
C LEU I 302 57.30 -29.44 -33.99
N GLU I 303 57.27 -29.62 -35.31
CA GLU I 303 58.27 -29.00 -36.18
C GLU I 303 57.80 -27.58 -36.54
N VAL I 304 58.61 -26.60 -36.14
CA VAL I 304 58.28 -25.19 -36.30
C VAL I 304 59.20 -24.59 -37.37
N HIS I 305 58.57 -24.04 -38.42
CA HIS I 305 59.28 -23.31 -39.46
C HIS I 305 59.16 -21.81 -39.21
N VAL I 306 60.32 -21.18 -39.03
CA VAL I 306 60.45 -19.72 -38.97
C VAL I 306 60.99 -19.27 -40.32
N ASP I 307 60.13 -18.61 -41.09
CA ASP I 307 60.47 -18.11 -42.41
C ASP I 307 61.35 -16.86 -42.34
N LYS I 308 62.10 -16.63 -43.42
CA LYS I 308 62.88 -15.41 -43.59
C LYS I 308 62.00 -14.16 -43.54
N GLY I 309 62.45 -13.18 -42.74
CA GLY I 309 61.79 -11.87 -42.66
C GLY I 309 60.60 -11.82 -41.71
N MET I 310 60.27 -12.94 -41.04
CA MET I 310 59.23 -12.93 -40.01
C MET I 310 59.51 -11.85 -38.95
N LYS I 311 58.43 -11.31 -38.37
CA LYS I 311 58.51 -10.16 -37.47
C LYS I 311 58.31 -10.57 -36.02
N HIS I 312 58.83 -9.74 -35.10
CA HIS I 312 58.48 -9.84 -33.69
C HIS I 312 56.95 -9.82 -33.51
N GLY I 313 56.45 -10.69 -32.62
CA GLY I 313 55.03 -10.81 -32.33
C GLY I 313 54.21 -11.58 -33.38
N GLN I 314 54.86 -12.08 -34.44
CA GLN I 314 54.15 -12.89 -35.44
C GLN I 314 53.75 -14.25 -34.84
N ARG I 315 52.57 -14.74 -35.24
CA ARG I 315 51.99 -15.96 -34.70
C ARG I 315 52.15 -17.12 -35.69
N ILE I 316 52.58 -18.29 -35.17
CA ILE I 316 52.58 -19.56 -35.90
C ILE I 316 51.57 -20.48 -35.22
N THR I 317 50.51 -20.85 -35.95
CA THR I 317 49.39 -21.60 -35.39
C THR I 317 49.43 -23.07 -35.85
N PHE I 318 49.30 -23.97 -34.85
CA PHE I 318 49.12 -25.40 -35.07
C PHE I 318 47.69 -25.76 -34.67
N THR I 319 46.83 -25.97 -35.68
CA THR I 319 45.39 -26.14 -35.49
C THR I 319 45.07 -27.47 -34.82
N GLY I 320 44.20 -27.43 -33.79
CA GLY I 320 43.72 -28.61 -33.07
C GLY I 320 44.81 -29.32 -32.27
N GLU I 321 45.94 -28.65 -32.03
CA GLU I 321 47.09 -29.26 -31.36
C GLU I 321 47.09 -29.05 -29.84
N ALA I 322 46.17 -28.23 -29.31
CA ALA I 322 46.06 -28.01 -27.86
C ALA I 322 45.57 -29.24 -27.10
N ASP I 323 45.28 -29.03 -25.81
CA ASP I 323 44.75 -30.06 -24.92
C ASP I 323 43.40 -30.60 -25.41
N GLN I 324 43.29 -31.95 -25.37
CA GLN I 324 42.04 -32.65 -25.64
C GLN I 324 41.28 -32.88 -24.33
N ALA I 325 39.95 -32.73 -24.41
CA ALA I 325 39.05 -33.09 -23.31
C ALA I 325 37.84 -33.84 -23.86
N PRO I 326 37.23 -34.78 -23.08
CA PRO I 326 36.05 -35.52 -23.55
C PRO I 326 34.88 -34.60 -23.93
N GLY I 327 34.40 -34.73 -25.17
CA GLY I 327 33.28 -33.96 -25.69
C GLY I 327 33.64 -32.52 -26.09
N VAL I 328 34.95 -32.20 -26.14
CA VAL I 328 35.47 -30.87 -26.48
C VAL I 328 36.38 -31.02 -27.70
N GLU I 329 36.19 -30.15 -28.70
CA GLU I 329 37.09 -30.07 -29.85
C GLU I 329 38.35 -29.33 -29.43
N PRO I 330 39.58 -29.87 -29.65
CA PRO I 330 40.80 -29.21 -29.18
C PRO I 330 41.00 -27.80 -29.74
N GLY I 331 41.54 -26.91 -28.90
CA GLY I 331 42.03 -25.61 -29.34
C GLY I 331 43.32 -25.71 -30.16
N ASP I 332 43.92 -24.55 -30.46
CA ASP I 332 45.15 -24.46 -31.23
C ASP I 332 46.37 -24.21 -30.34
N ILE I 333 47.55 -24.63 -30.80
CA ILE I 333 48.79 -24.15 -30.23
C ILE I 333 49.29 -22.96 -31.06
N VAL I 334 49.41 -21.80 -30.40
CA VAL I 334 49.85 -20.57 -31.04
C VAL I 334 51.22 -20.19 -30.51
N LEU I 335 52.23 -20.26 -31.37
CA LEU I 335 53.57 -19.82 -31.02
C LEU I 335 53.71 -18.34 -31.36
N LEU I 336 54.12 -17.56 -30.35
CA LEU I 336 54.37 -16.13 -30.53
C LEU I 336 55.88 -15.90 -30.67
N LEU I 337 56.30 -15.36 -31.82
CA LEU I 337 57.72 -15.09 -32.04
C LEU I 337 58.19 -13.94 -31.16
N GLN I 338 59.22 -14.21 -30.35
CA GLN I 338 59.89 -13.21 -29.53
C GLN I 338 61.31 -13.02 -30.05
N GLU I 339 61.57 -11.84 -30.63
CA GLU I 339 62.88 -11.51 -31.13
C GLU I 339 63.81 -11.26 -29.94
N LYS I 340 64.98 -11.90 -29.97
CA LYS I 340 66.01 -11.65 -28.98
C LYS I 340 66.81 -10.42 -29.39
N GLU I 341 67.21 -9.66 -28.38
CA GLU I 341 68.20 -8.60 -28.51
C GLU I 341 69.47 -9.16 -29.16
N HIS I 342 70.05 -8.37 -30.08
CA HIS I 342 71.26 -8.72 -30.77
C HIS I 342 72.35 -7.69 -30.42
N GLU I 343 73.60 -8.16 -30.25
CA GLU I 343 74.65 -7.32 -29.68
C GLU I 343 75.11 -6.19 -30.62
N VAL I 344 75.11 -6.45 -31.93
CA VAL I 344 75.60 -5.50 -32.94
C VAL I 344 74.46 -4.75 -33.65
N PHE I 345 73.42 -5.49 -34.07
CA PHE I 345 72.34 -4.96 -34.89
C PHE I 345 71.06 -4.75 -34.07
N GLN I 346 70.39 -3.62 -34.36
CA GLN I 346 69.04 -3.36 -33.92
C GLN I 346 68.13 -3.35 -35.14
N ARG I 347 66.99 -4.04 -35.05
CA ARG I 347 66.09 -4.15 -36.19
C ARG I 347 64.99 -3.09 -36.08
N ASP I 348 64.76 -2.38 -37.18
CA ASP I 348 63.60 -1.52 -37.37
C ASP I 348 62.84 -1.95 -38.63
N GLY I 349 61.73 -2.67 -38.46
CA GLY I 349 60.98 -3.22 -39.58
C GLY I 349 61.81 -4.17 -40.45
N ASN I 350 62.18 -3.71 -41.66
CA ASN I 350 63.04 -4.44 -42.57
C ASN I 350 64.48 -3.92 -42.57
N ASP I 351 64.72 -2.79 -41.89
CA ASP I 351 66.03 -2.16 -41.83
C ASP I 351 66.80 -2.62 -40.60
N LEU I 352 68.12 -2.51 -40.69
CA LEU I 352 69.02 -2.80 -39.58
C LEU I 352 69.80 -1.54 -39.21
N HIS I 353 70.04 -1.36 -37.91
CA HIS I 353 70.84 -0.27 -37.38
C HIS I 353 72.02 -0.84 -36.61
N MET I 354 73.19 -0.21 -36.77
CA MET I 354 74.35 -0.54 -35.95
C MET I 354 75.13 0.73 -35.61
N THR I 355 75.87 0.69 -34.50
CA THR I 355 76.83 1.73 -34.16
C THR I 355 78.23 1.21 -34.43
N TYR I 356 79.03 2.00 -35.18
CA TYR I 356 80.40 1.66 -35.49
C TYR I 356 81.34 2.75 -34.99
N LYS I 357 82.35 2.35 -34.22
CA LYS I 357 83.34 3.27 -33.65
C LYS I 357 84.50 3.42 -34.63
N ILE I 358 84.88 4.67 -34.90
CA ILE I 358 86.00 5.02 -35.78
C ILE I 358 86.88 6.07 -35.10
N GLY I 359 88.18 6.07 -35.41
CA GLY I 359 89.10 7.11 -34.92
C GLY I 359 88.94 8.43 -35.68
N LEU I 360 89.46 9.53 -35.10
CA LEU I 360 89.43 10.85 -35.74
C LEU I 360 90.11 10.82 -37.12
N VAL I 361 91.24 10.11 -37.23
CA VAL I 361 91.99 9.96 -38.49
C VAL I 361 91.11 9.29 -39.55
N GLU I 362 90.40 8.21 -39.19
CA GLU I 362 89.48 7.50 -40.08
C GLU I 362 88.33 8.41 -40.53
N ALA I 363 87.79 9.21 -39.59
CA ALA I 363 86.71 10.14 -39.84
C ALA I 363 87.08 11.25 -40.82
N LEU I 364 88.35 11.70 -40.82
CA LEU I 364 88.84 12.80 -41.65
C LEU I 364 89.48 12.32 -42.97
N CYS I 365 90.19 11.19 -42.94
CA CYS I 365 91.06 10.75 -44.04
C CYS I 365 90.48 9.58 -44.84
N GLY I 366 89.29 9.08 -44.45
CA GLY I 366 88.70 7.88 -45.06
C GLY I 366 89.18 6.59 -44.39
N PHE I 367 88.42 5.50 -44.60
CA PHE I 367 88.65 4.26 -43.89
C PHE I 367 88.03 3.06 -44.61
N GLN I 368 88.47 1.87 -44.18
CA GLN I 368 87.89 0.62 -44.59
C GLN I 368 87.72 -0.25 -43.35
N PHE I 369 86.51 -0.82 -43.18
CA PHE I 369 86.27 -1.76 -42.11
C PHE I 369 85.48 -2.97 -42.59
N THR I 370 85.50 -4.02 -41.76
CA THR I 370 84.78 -5.26 -42.05
C THR I 370 83.93 -5.66 -40.85
N PHE I 371 82.73 -6.19 -41.13
CA PHE I 371 81.89 -6.78 -40.09
C PHE I 371 81.22 -8.06 -40.61
N LYS I 372 80.77 -8.90 -39.66
CA LYS I 372 80.04 -10.11 -39.96
C LYS I 372 78.54 -9.80 -40.00
N HIS I 373 77.88 -10.15 -41.11
CA HIS I 373 76.44 -9.99 -41.27
C HIS I 373 75.68 -11.18 -40.67
N LEU I 374 74.33 -11.11 -40.67
CA LEU I 374 73.43 -12.10 -40.11
C LEU I 374 73.48 -13.45 -40.85
N ASP I 375 73.89 -13.45 -42.14
CA ASP I 375 74.13 -14.66 -42.92
C ASP I 375 75.55 -15.23 -42.76
N GLY I 376 76.40 -14.54 -41.99
CA GLY I 376 77.77 -14.94 -41.77
C GLY I 376 78.75 -14.48 -42.85
N ARG I 377 78.28 -13.76 -43.88
CA ARG I 377 79.19 -13.13 -44.84
C ARG I 377 79.97 -11.99 -44.17
N GLN I 378 81.23 -11.82 -44.60
CA GLN I 378 82.03 -10.66 -44.24
C GLN I 378 81.76 -9.54 -45.24
N ILE I 379 81.25 -8.40 -44.73
CA ILE I 379 81.01 -7.22 -45.56
C ILE I 379 82.17 -6.23 -45.35
N VAL I 380 82.76 -5.79 -46.47
CA VAL I 380 83.79 -4.76 -46.47
C VAL I 380 83.14 -3.43 -46.84
N VAL I 381 83.13 -2.48 -45.89
CA VAL I 381 82.64 -1.13 -46.12
C VAL I 381 83.84 -0.22 -46.34
N LYS I 382 83.80 0.53 -47.45
CA LYS I 382 84.85 1.48 -47.81
C LYS I 382 84.26 2.89 -47.85
N TYR I 383 84.96 3.83 -47.20
CA TYR I 383 84.64 5.23 -47.25
C TYR I 383 85.80 6.00 -47.89
N PRO I 384 85.58 6.78 -48.97
CA PRO I 384 86.68 7.35 -49.74
C PRO I 384 87.41 8.45 -48.97
N PRO I 385 88.73 8.62 -49.21
CA PRO I 385 89.48 9.74 -48.63
C PRO I 385 88.96 11.08 -49.12
N GLY I 386 89.05 12.10 -48.25
CA GLY I 386 88.60 13.45 -48.59
C GLY I 386 87.12 13.71 -48.30
N LYS I 387 86.39 12.71 -47.79
CA LYS I 387 85.05 12.91 -47.27
C LYS I 387 85.07 12.73 -45.75
N VAL I 388 84.39 13.62 -45.03
CA VAL I 388 84.37 13.64 -43.57
C VAL I 388 83.14 12.91 -43.05
N ILE I 389 83.35 12.12 -41.99
CA ILE I 389 82.32 11.55 -41.15
C ILE I 389 82.21 12.41 -39.88
N GLU I 390 81.06 13.09 -39.73
CA GLU I 390 80.77 13.85 -38.52
C GLU I 390 80.39 12.92 -37.37
N PRO I 391 80.73 13.27 -36.10
CA PRO I 391 80.28 12.51 -34.93
C PRO I 391 78.75 12.35 -34.90
N GLY I 392 78.32 11.10 -34.76
CA GLY I 392 76.91 10.72 -34.70
C GLY I 392 76.21 10.66 -36.06
N CYS I 393 76.92 10.95 -37.18
CA CYS I 393 76.29 10.90 -38.49
C CYS I 393 75.94 9.47 -38.90
N VAL I 394 74.89 9.34 -39.73
CA VAL I 394 74.42 8.05 -40.22
C VAL I 394 74.73 7.91 -41.71
N ARG I 395 75.21 6.71 -42.10
CA ARG I 395 75.37 6.32 -43.49
C ARG I 395 74.62 5.02 -43.75
N VAL I 396 74.36 4.73 -45.03
CA VAL I 396 73.54 3.59 -45.41
C VAL I 396 74.34 2.64 -46.30
N VAL I 397 74.20 1.34 -46.02
CA VAL I 397 74.63 0.26 -46.90
C VAL I 397 73.35 -0.37 -47.45
N ARG I 398 73.06 -0.08 -48.73
CA ARG I 398 71.79 -0.47 -49.35
C ARG I 398 71.68 -1.98 -49.56
N GLY I 399 70.50 -2.54 -49.26
CA GLY I 399 70.19 -3.95 -49.48
C GLY I 399 70.81 -4.91 -48.46
N GLU I 400 71.40 -4.38 -47.38
CA GLU I 400 72.01 -5.18 -46.31
C GLU I 400 71.18 -5.13 -45.02
N GLY I 401 69.88 -4.84 -45.12
CA GLY I 401 68.91 -5.00 -44.04
C GLY I 401 68.30 -6.41 -43.96
N MET I 402 67.18 -6.53 -43.23
CA MET I 402 66.42 -7.77 -43.11
C MET I 402 65.66 -8.09 -44.41
N PRO I 403 65.49 -9.39 -44.75
CA PRO I 403 64.62 -9.80 -45.86
C PRO I 403 63.15 -9.50 -45.54
N GLN I 404 62.38 -9.17 -46.57
CA GLN I 404 60.93 -9.02 -46.42
C GLN I 404 60.25 -10.38 -46.26
N TYR I 405 59.31 -10.48 -45.32
CA TYR I 405 58.50 -11.69 -45.16
C TYR I 405 57.72 -11.99 -46.46
N ARG I 406 57.80 -13.25 -46.92
CA ARG I 406 57.17 -13.74 -48.15
C ARG I 406 57.85 -13.28 -49.44
N ASN I 407 58.74 -12.27 -49.36
CA ASN I 407 59.52 -11.79 -50.49
C ASN I 407 60.99 -11.65 -50.10
N PRO I 408 61.70 -12.77 -49.80
CA PRO I 408 63.05 -12.71 -49.24
C PRO I 408 64.15 -12.23 -50.19
N PHE I 409 63.80 -11.99 -51.46
CA PHE I 409 64.68 -11.38 -52.46
C PHE I 409 64.80 -9.86 -52.27
N GLU I 410 63.77 -9.25 -51.69
CA GLU I 410 63.82 -7.85 -51.28
C GLU I 410 64.28 -7.75 -49.83
N LYS I 411 65.20 -6.81 -49.59
CA LYS I 411 65.75 -6.55 -48.27
C LYS I 411 65.63 -5.06 -47.98
N GLY I 412 65.57 -4.73 -46.68
CA GLY I 412 65.79 -3.36 -46.24
C GLY I 412 67.26 -2.96 -46.34
N ASP I 413 67.58 -1.85 -45.67
CA ASP I 413 68.91 -1.25 -45.68
C ASP I 413 69.59 -1.39 -44.31
N LEU I 414 70.93 -1.28 -44.29
CA LEU I 414 71.70 -1.19 -43.06
C LEU I 414 72.15 0.25 -42.82
N TYR I 415 71.66 0.85 -41.71
CA TYR I 415 72.07 2.17 -41.25
C TYR I 415 73.18 2.05 -40.22
N ILE I 416 74.30 2.74 -40.48
CA ILE I 416 75.46 2.73 -39.61
C ILE I 416 75.63 4.12 -39.02
N LYS I 417 75.43 4.22 -37.69
CA LYS I 417 75.75 5.41 -36.93
C LYS I 417 77.23 5.38 -36.55
N PHE I 418 77.96 6.45 -36.90
CA PHE I 418 79.38 6.54 -36.60
C PHE I 418 79.63 7.26 -35.28
N ASP I 419 80.37 6.59 -34.39
CA ASP I 419 80.83 7.13 -33.13
C ASP I 419 82.31 7.48 -33.27
N VAL I 420 82.62 8.78 -33.41
CA VAL I 420 83.99 9.24 -33.67
C VAL I 420 84.75 9.41 -32.37
N GLN I 421 85.78 8.59 -32.19
CA GLN I 421 86.65 8.59 -31.03
C GLN I 421 87.79 9.58 -31.23
N PHE I 422 87.76 10.63 -30.41
CA PHE I 422 88.87 11.58 -30.29
C PHE I 422 90.05 10.93 -29.57
N PRO I 423 91.30 11.33 -29.89
CA PRO I 423 92.48 10.89 -29.15
C PRO I 423 92.43 11.41 -27.72
N GLU I 424 93.13 10.71 -26.81
CA GLU I 424 93.17 11.12 -25.41
C GLU I 424 93.96 12.42 -25.18
N ASN I 425 93.81 12.92 -23.96
CA ASN I 425 94.54 14.05 -23.38
C ASN I 425 96.05 13.90 -23.58
N ASN I 426 96.73 14.96 -24.06
CA ASN I 426 98.18 14.98 -24.27
C ASN I 426 98.70 14.06 -25.39
N TRP I 427 97.86 13.64 -26.36
CA TRP I 427 98.30 12.68 -27.38
C TRP I 427 99.40 13.21 -28.30
N ILE I 428 99.50 14.54 -28.41
CA ILE I 428 100.49 15.21 -29.27
C ILE I 428 101.27 16.27 -28.47
N ASN I 429 102.57 16.39 -28.77
CA ASN I 429 103.43 17.43 -28.21
C ASN I 429 102.92 18.82 -28.64
N PRO I 430 102.72 19.79 -27.71
CA PRO I 430 102.35 21.17 -28.06
C PRO I 430 103.10 21.80 -29.24
N ASP I 431 104.38 21.49 -29.43
CA ASP I 431 105.19 22.02 -30.53
C ASP I 431 104.62 21.67 -31.92
N LYS I 432 103.84 20.58 -32.02
CA LYS I 432 103.27 20.08 -33.27
C LYS I 432 101.84 20.59 -33.52
N LEU I 433 101.27 21.34 -32.55
CA LEU I 433 99.91 21.85 -32.68
C LEU I 433 99.80 22.89 -33.81
N SER I 434 100.89 23.65 -34.02
CA SER I 434 101.02 24.63 -35.11
C SER I 434 100.91 23.95 -36.47
N GLU I 435 101.68 22.85 -36.69
CA GLU I 435 101.63 22.05 -37.92
C GLU I 435 100.23 21.52 -38.19
N LEU I 436 99.49 21.11 -37.14
CA LEU I 436 98.13 20.61 -37.26
C LEU I 436 97.15 21.73 -37.64
N GLU I 437 97.33 22.93 -37.06
CA GLU I 437 96.50 24.09 -37.34
C GLU I 437 96.63 24.52 -38.80
N ASP I 438 97.86 24.51 -39.33
CA ASP I 438 98.16 24.85 -40.73
C ASP I 438 97.49 23.92 -41.74
N LEU I 439 97.18 22.67 -41.33
CA LEU I 439 96.60 21.67 -42.22
C LEU I 439 95.08 21.79 -42.25
N GLY J 198 31.26 47.92 -28.87
CA GLY J 198 31.51 47.93 -27.41
C GLY J 198 31.87 49.33 -26.93
N GLU J 199 31.90 49.48 -25.61
CA GLU J 199 32.20 50.74 -24.94
C GLU J 199 33.70 51.05 -25.03
N ASP J 200 34.04 52.32 -25.25
CA ASP J 200 35.42 52.79 -25.23
C ASP J 200 35.93 52.89 -23.79
N MET J 201 37.20 52.53 -23.56
CA MET J 201 37.84 52.61 -22.26
C MET J 201 38.76 53.83 -22.18
N MET J 202 38.48 54.74 -21.23
CA MET J 202 39.30 55.93 -21.04
C MET J 202 40.27 55.75 -19.89
N HIS J 203 41.57 55.98 -20.15
CA HIS J 203 42.61 55.88 -19.13
C HIS J 203 43.44 57.17 -19.06
N PRO J 204 43.59 57.80 -17.86
CA PRO J 204 44.49 58.94 -17.72
C PRO J 204 45.95 58.48 -17.72
N LEU J 205 46.76 59.10 -18.59
CA LEU J 205 48.20 58.88 -18.61
C LEU J 205 48.91 60.13 -18.07
N LYS J 206 49.46 60.01 -16.86
CA LYS J 206 50.22 61.10 -16.25
C LYS J 206 51.61 61.22 -16.86
N VAL J 207 51.91 62.39 -17.44
CA VAL J 207 53.15 62.70 -18.15
C VAL J 207 53.79 63.96 -17.53
N SER J 208 55.12 63.98 -17.42
CA SER J 208 55.84 65.16 -16.95
C SER J 208 56.13 66.13 -18.10
N LEU J 209 56.55 67.37 -17.78
CA LEU J 209 56.98 68.33 -18.80
C LEU J 209 58.18 67.83 -19.60
N GLU J 210 59.12 67.13 -18.94
CA GLU J 210 60.28 66.52 -19.58
C GLU J 210 59.86 65.44 -20.57
N ASP J 211 58.84 64.63 -20.22
CA ASP J 211 58.27 63.61 -21.10
C ASP J 211 57.68 64.26 -22.36
N LEU J 212 56.97 65.40 -22.18
CA LEU J 212 56.33 66.14 -23.26
C LEU J 212 57.32 66.92 -24.12
N TYR J 213 58.47 67.31 -23.55
CA TYR J 213 59.51 68.06 -24.25
C TYR J 213 60.41 67.13 -25.07
N ASN J 214 60.86 66.03 -24.45
CA ASN J 214 61.81 65.10 -25.07
C ASN J 214 61.12 64.01 -25.90
N GLY J 215 59.83 63.78 -25.64
CA GLY J 215 59.15 62.59 -26.14
C GLY J 215 59.43 61.38 -25.24
N LYS J 216 58.45 60.47 -25.15
CA LYS J 216 58.58 59.30 -24.28
C LYS J 216 57.83 58.12 -24.87
N THR J 217 58.50 56.96 -24.85
CA THR J 217 57.85 55.68 -25.08
C THR J 217 57.68 54.97 -23.74
N THR J 218 56.42 54.63 -23.40
CA THR J 218 56.12 53.93 -22.17
C THR J 218 55.23 52.71 -22.44
N LYS J 219 55.39 51.66 -21.61
CA LYS J 219 54.55 50.47 -21.70
C LYS J 219 53.45 50.54 -20.64
N LEU J 220 52.20 50.45 -21.12
CA LEU J 220 51.04 50.47 -20.25
C LEU J 220 50.45 49.06 -20.20
N GLN J 221 50.39 48.50 -18.98
CA GLN J 221 49.74 47.21 -18.79
C GLN J 221 48.27 47.42 -18.44
N LEU J 222 47.36 46.86 -19.25
CA LEU J 222 45.93 46.90 -19.00
C LEU J 222 45.37 45.48 -18.94
N SER J 223 44.39 45.27 -18.05
CA SER J 223 43.61 44.05 -18.02
C SER J 223 42.30 44.28 -18.75
N LYS J 224 42.02 43.42 -19.75
CA LYS J 224 40.80 43.51 -20.55
C LYS J 224 40.16 42.14 -20.72
N ASN J 225 38.86 42.15 -21.01
CA ASN J 225 38.12 40.95 -21.37
C ASN J 225 38.38 40.61 -22.83
N VAL J 226 38.81 39.36 -23.07
CA VAL J 226 38.96 38.82 -24.41
C VAL J 226 38.02 37.62 -24.57
N LEU J 227 37.60 37.37 -25.81
CA LEU J 227 36.81 36.17 -26.09
C LEU J 227 37.60 34.92 -25.70
N CYS J 228 36.94 34.00 -24.97
CA CYS J 228 37.56 32.79 -24.49
C CYS J 228 38.07 31.94 -25.65
N SER J 229 39.40 31.84 -25.79
CA SER J 229 40.06 31.11 -26.88
C SER J 229 39.60 29.65 -27.02
N ALA J 230 39.09 29.04 -25.92
CA ALA J 230 38.70 27.63 -25.90
C ALA J 230 37.27 27.37 -26.38
N CYS J 231 36.39 28.38 -26.39
CA CYS J 231 35.01 28.24 -26.85
C CYS J 231 34.58 29.35 -27.81
N SER J 232 35.51 30.24 -28.19
CA SER J 232 35.29 31.37 -29.10
C SER J 232 34.04 32.18 -28.74
N GLY J 233 33.82 32.41 -27.42
CA GLY J 233 32.73 33.22 -26.88
C GLY J 233 31.35 32.54 -26.89
N GLN J 234 31.27 31.42 -27.62
CA GLN J 234 29.99 30.75 -27.80
C GLN J 234 29.55 30.37 -26.41
N GLY J 235 30.50 30.52 -25.49
CA GLY J 235 30.28 30.15 -24.13
C GLY J 235 30.60 28.68 -24.12
N GLY J 236 29.71 27.90 -24.72
CA GLY J 236 30.00 26.50 -24.93
C GLY J 236 29.53 26.03 -26.30
N LYS J 237 29.60 24.71 -26.55
CA LYS J 237 29.09 24.12 -27.78
C LYS J 237 27.61 24.47 -27.93
N SER J 238 27.06 24.37 -29.16
CA SER J 238 25.63 24.58 -29.40
C SER J 238 24.83 23.55 -28.60
N GLY J 239 24.04 24.02 -27.63
CA GLY J 239 23.27 23.19 -26.72
C GLY J 239 24.00 22.94 -25.41
N ALA J 240 25.15 23.60 -25.21
CA ALA J 240 25.88 23.59 -23.96
C ALA J 240 25.33 24.68 -23.03
N VAL J 241 24.67 25.68 -23.64
CA VAL J 241 24.15 26.82 -22.90
C VAL J 241 22.79 26.45 -22.32
N GLN J 242 22.71 26.40 -20.99
CA GLN J 242 21.49 26.04 -20.26
C GLN J 242 21.01 27.22 -19.43
N LYS J 243 19.68 27.37 -19.31
CA LYS J 243 19.08 28.33 -18.38
C LYS J 243 19.56 28.01 -16.96
N CYS J 244 20.00 29.03 -16.23
CA CYS J 244 20.36 28.85 -14.85
C CYS J 244 19.13 28.46 -14.03
N SER J 245 19.14 27.26 -13.40
CA SER J 245 18.01 26.71 -12.64
C SER J 245 17.68 27.55 -11.41
N ALA J 246 18.75 28.04 -10.79
CA ALA J 246 18.84 28.88 -9.60
C ALA J 246 18.00 30.15 -9.66
N CYS J 247 18.19 30.94 -10.73
CA CYS J 247 17.51 32.21 -10.94
C CYS J 247 16.50 32.13 -12.07
N ARG J 248 16.30 30.93 -12.66
CA ARG J 248 15.42 30.67 -13.79
C ARG J 248 15.67 31.65 -14.95
N GLY J 249 16.96 31.91 -15.27
CA GLY J 249 17.34 32.81 -16.35
C GLY J 249 17.34 34.30 -16.00
N ARG J 250 17.02 34.69 -14.75
CA ARG J 250 16.89 36.10 -14.38
C ARG J 250 18.23 36.76 -14.04
N GLY J 251 19.30 35.98 -13.83
CA GLY J 251 20.60 36.52 -13.39
C GLY J 251 20.62 36.88 -11.90
N VAL J 252 19.46 37.11 -11.30
CA VAL J 252 19.35 37.58 -9.91
C VAL J 252 18.41 36.69 -9.10
N ARG J 253 18.72 36.57 -7.80
CA ARG J 253 17.90 35.86 -6.83
C ARG J 253 17.37 36.85 -5.80
N ILE J 254 16.13 36.67 -5.39
CA ILE J 254 15.55 37.46 -4.31
C ILE J 254 15.79 36.72 -3.01
N MET J 255 16.62 37.29 -2.14
CA MET J 255 16.88 36.77 -0.81
C MET J 255 16.06 37.55 0.22
N ILE J 256 15.41 36.80 1.11
CA ILE J 256 14.59 37.39 2.16
C ILE J 256 15.40 37.47 3.45
N ARG J 257 15.69 38.68 3.92
CA ARG J 257 16.29 38.88 5.24
C ARG J 257 15.24 39.34 6.25
N GLN J 258 14.99 38.60 7.33
CA GLN J 258 14.17 39.15 8.41
C GLN J 258 14.91 40.25 9.17
N LEU J 259 14.28 41.43 9.31
CA LEU J 259 14.77 42.50 10.19
C LEU J 259 14.17 42.42 11.61
N ALA J 260 12.92 41.98 11.69
CA ALA J 260 12.17 41.78 12.91
C ALA J 260 11.01 40.81 12.65
N PRO J 261 10.40 40.08 13.60
CA PRO J 261 9.24 39.25 13.25
C PRO J 261 8.11 40.12 12.67
N GLY J 262 7.70 39.80 11.45
CA GLY J 262 6.71 40.59 10.72
C GLY J 262 7.32 41.69 9.83
N MET J 263 8.64 41.92 9.93
CA MET J 263 9.37 42.74 8.94
C MET J 263 10.39 41.89 8.18
N VAL J 264 10.10 41.59 6.92
CA VAL J 264 11.05 40.93 6.01
C VAL J 264 11.51 41.93 4.93
N GLN J 265 12.83 41.96 4.69
CA GLN J 265 13.43 42.70 3.60
C GLN J 265 13.76 41.76 2.46
N GLN J 266 13.22 42.04 1.27
CA GLN J 266 13.57 41.35 0.06
C GLN J 266 14.75 42.13 -0.52
N MET J 267 15.90 41.45 -0.59
CA MET J 267 17.07 41.98 -1.26
C MET J 267 17.30 41.18 -2.54
N GLN J 268 17.52 41.86 -3.67
CA GLN J 268 17.94 41.27 -4.92
C GLN J 268 19.47 41.15 -4.88
N SER J 269 19.94 39.91 -4.99
CA SER J 269 21.36 39.59 -5.05
C SER J 269 21.66 38.99 -6.43
N VAL J 270 22.86 39.25 -6.96
CA VAL J 270 23.31 38.55 -8.15
C VAL J 270 23.32 37.05 -7.83
N CYS J 271 22.85 36.24 -8.81
CA CYS J 271 22.71 34.81 -8.61
C CYS J 271 24.11 34.20 -8.54
N SER J 272 24.42 33.53 -7.42
CA SER J 272 25.68 32.84 -7.16
C SER J 272 26.01 31.78 -8.21
N ASP J 273 24.99 31.17 -8.81
CA ASP J 273 25.16 29.96 -9.62
C ASP J 273 25.50 30.30 -11.08
N CYS J 274 25.14 31.49 -11.56
CA CYS J 274 25.48 31.96 -12.89
C CYS J 274 26.17 33.32 -12.92
N ASN J 275 26.53 33.86 -11.73
CA ASN J 275 27.20 35.15 -11.57
C ASN J 275 26.53 36.28 -12.35
N GLY J 276 25.19 36.22 -12.48
CA GLY J 276 24.44 37.29 -13.13
C GLY J 276 24.09 37.04 -14.60
N GLU J 277 24.69 36.02 -15.23
CA GLU J 277 24.53 35.81 -16.67
C GLU J 277 23.14 35.24 -17.01
N GLY J 278 22.49 34.56 -16.06
CA GLY J 278 21.22 33.88 -16.33
C GLY J 278 21.36 32.52 -17.02
N GLU J 279 22.56 32.25 -17.53
CA GLU J 279 22.91 30.98 -18.14
C GLU J 279 24.03 30.26 -17.41
N VAL J 280 24.07 28.93 -17.55
CA VAL J 280 25.15 28.10 -17.04
C VAL J 280 25.67 27.23 -18.19
N ILE J 281 27.00 27.18 -18.31
CA ILE J 281 27.70 26.32 -19.25
C ILE J 281 28.62 25.42 -18.43
N ASN J 282 28.42 24.09 -18.57
CA ASN J 282 29.29 23.09 -17.97
C ASN J 282 30.74 23.38 -18.38
N GLU J 283 31.67 23.26 -17.44
CA GLU J 283 33.09 23.55 -17.64
C GLU J 283 33.66 22.86 -18.90
N LYS J 284 33.27 21.60 -19.10
CA LYS J 284 33.69 20.74 -20.20
C LYS J 284 33.25 21.26 -21.58
N ASP J 285 32.25 22.14 -21.62
CA ASP J 285 31.70 22.69 -22.86
C ASP J 285 32.30 24.04 -23.23
N ARG J 286 32.84 24.78 -22.24
CA ARG J 286 33.50 26.07 -22.48
C ARG J 286 35.01 25.86 -22.37
N CYS J 287 35.46 25.40 -21.21
CA CYS J 287 36.87 25.21 -20.88
C CYS J 287 37.01 25.30 -19.37
N LYS J 288 38.23 25.13 -18.85
CA LYS J 288 38.52 25.31 -17.45
C LYS J 288 39.00 26.74 -17.21
N LYS J 289 38.64 27.65 -18.14
CA LYS J 289 39.10 29.03 -18.15
C LYS J 289 37.98 30.00 -17.81
N CYS J 290 37.16 30.44 -18.79
CA CYS J 290 36.08 31.40 -18.59
C CYS J 290 35.15 30.92 -17.48
N GLU J 291 34.44 29.79 -17.72
CA GLU J 291 33.53 29.11 -16.79
C GLU J 291 32.09 29.42 -17.20
N GLY J 292 31.81 29.30 -18.50
CA GLY J 292 30.51 29.61 -19.06
C GLY J 292 30.31 31.12 -19.20
N LYS J 293 31.41 31.87 -19.08
CA LYS J 293 31.37 33.32 -19.06
C LYS J 293 31.56 33.92 -20.45
N LYS J 294 32.14 33.16 -21.40
CA LYS J 294 32.32 33.53 -22.81
C LYS J 294 33.52 34.47 -22.98
N VAL J 295 34.02 35.04 -21.87
CA VAL J 295 35.22 35.88 -21.89
C VAL J 295 36.20 35.47 -20.78
N ILE J 296 37.47 35.88 -20.94
CA ILE J 296 38.52 35.71 -19.95
C ILE J 296 39.27 37.03 -19.80
N LYS J 297 39.71 37.34 -18.58
CA LYS J 297 40.56 38.49 -18.34
C LYS J 297 41.98 38.19 -18.78
N GLU J 298 42.48 38.97 -19.75
CA GLU J 298 43.83 38.89 -20.24
C GLU J 298 44.55 40.21 -19.97
N VAL J 299 45.87 40.08 -19.73
CA VAL J 299 46.72 41.22 -19.47
C VAL J 299 47.43 41.59 -20.78
N LYS J 300 47.14 42.78 -21.31
CA LYS J 300 47.78 43.26 -22.53
C LYS J 300 48.70 44.45 -22.21
N ILE J 301 49.90 44.44 -22.83
CA ILE J 301 50.83 45.54 -22.75
C ILE J 301 50.72 46.36 -24.03
N LEU J 302 50.32 47.63 -23.87
CA LEU J 302 50.30 48.59 -24.97
C LEU J 302 51.56 49.47 -24.91
N GLU J 303 52.22 49.59 -26.06
CA GLU J 303 53.31 50.54 -26.21
C GLU J 303 52.74 51.91 -26.59
N VAL J 304 52.97 52.90 -25.72
CA VAL J 304 52.42 54.24 -25.87
C VAL J 304 53.54 55.20 -26.22
N HIS J 305 53.39 55.86 -27.38
CA HIS J 305 54.31 56.92 -27.81
C HIS J 305 53.70 58.28 -27.48
N VAL J 306 54.42 59.05 -26.66
CA VAL J 306 54.13 60.44 -26.37
C VAL J 306 55.12 61.27 -27.18
N ASP J 307 54.60 61.95 -28.21
CA ASP J 307 55.39 62.79 -29.10
C ASP J 307 55.78 64.11 -28.42
N LYS J 308 56.87 64.71 -28.92
CA LYS J 308 57.29 66.03 -28.51
C LYS J 308 56.22 67.07 -28.79
N GLY J 309 55.96 67.92 -27.78
CA GLY J 309 55.04 69.04 -27.90
C GLY J 309 53.57 68.69 -27.70
N MET J 310 53.25 67.41 -27.45
CA MET J 310 51.88 67.02 -27.12
C MET J 310 51.32 67.84 -25.94
N LYS J 311 50.01 68.07 -25.96
CA LYS J 311 49.35 68.98 -25.02
C LYS J 311 48.58 68.22 -23.95
N HIS J 312 48.35 68.89 -22.81
CA HIS J 312 47.41 68.41 -21.82
C HIS J 312 46.04 68.14 -22.45
N GLY J 313 45.41 67.02 -22.06
CA GLY J 313 44.11 66.62 -22.58
C GLY J 313 44.13 65.98 -23.98
N GLN J 314 45.31 65.85 -24.60
CA GLN J 314 45.42 65.19 -25.90
C GLN J 314 45.13 63.69 -25.76
N ARG J 315 44.45 63.12 -26.77
CA ARG J 315 44.02 61.73 -26.76
C ARG J 315 44.93 60.86 -27.64
N ILE J 316 45.33 59.70 -27.11
CA ILE J 316 46.01 58.65 -27.86
C ILE J 316 45.07 57.44 -27.92
N THR J 317 44.63 57.08 -29.13
CA THR J 317 43.61 56.05 -29.33
C THR J 317 44.24 54.75 -29.86
N PHE J 318 43.90 53.64 -29.20
CA PHE J 318 44.20 52.29 -29.63
C PHE J 318 42.90 51.61 -30.08
N THR J 319 42.73 51.52 -31.41
CA THR J 319 41.48 51.07 -32.03
C THR J 319 41.21 49.59 -31.77
N GLY J 320 39.98 49.26 -31.34
CA GLY J 320 39.54 47.88 -31.13
C GLY J 320 40.24 47.18 -29.96
N GLU J 321 40.90 47.95 -29.10
CA GLU J 321 41.68 47.40 -28.00
C GLU J 321 40.90 47.26 -26.68
N ALA J 322 39.67 47.78 -26.62
CA ALA J 322 38.83 47.65 -25.43
C ALA J 322 38.35 46.21 -25.19
N ASP J 323 37.44 46.07 -24.22
CA ASP J 323 36.82 44.81 -23.86
C ASP J 323 36.07 44.18 -25.05
N GLN J 324 36.29 42.86 -25.23
CA GLN J 324 35.55 42.06 -26.18
C GLN J 324 34.34 41.41 -25.51
N ALA J 325 33.22 41.36 -26.25
CA ALA J 325 32.04 40.62 -25.83
C ALA J 325 31.47 39.82 -27.01
N PRO J 326 30.83 38.65 -26.78
CA PRO J 326 30.26 37.86 -27.89
C PRO J 326 29.22 38.64 -28.71
N GLY J 327 29.46 38.71 -30.02
CA GLY J 327 28.58 39.40 -30.96
C GLY J 327 28.70 40.92 -30.95
N VAL J 328 29.74 41.45 -30.27
CA VAL J 328 30.00 42.88 -30.13
C VAL J 328 31.39 43.17 -30.70
N GLU J 329 31.51 44.20 -31.55
CA GLU J 329 32.79 44.68 -32.05
C GLU J 329 33.46 45.50 -30.94
N PRO J 330 34.73 45.23 -30.54
CA PRO J 330 35.36 45.95 -29.43
C PRO J 330 35.44 47.46 -29.65
N GLY J 331 35.26 48.21 -28.55
CA GLY J 331 35.55 49.64 -28.51
C GLY J 331 37.05 49.94 -28.54
N ASP J 332 37.40 51.22 -28.36
CA ASP J 332 38.79 51.67 -28.36
C ASP J 332 39.30 51.91 -26.94
N ILE J 333 40.62 51.80 -26.76
CA ILE J 333 41.27 52.33 -25.57
C ILE J 333 41.78 53.74 -25.87
N VAL J 334 41.27 54.72 -25.13
CA VAL J 334 41.64 56.12 -25.30
C VAL J 334 42.43 56.59 -24.08
N LEU J 335 43.72 56.87 -24.30
CA LEU J 335 44.55 57.43 -23.25
C LEU J 335 44.45 58.95 -23.29
N LEU J 336 44.11 59.55 -22.14
CA LEU J 336 44.05 61.00 -22.00
C LEU J 336 45.31 61.49 -21.31
N LEU J 337 46.09 62.33 -22.00
CA LEU J 337 47.31 62.88 -21.42
C LEU J 337 46.99 63.86 -20.28
N GLN J 338 47.53 63.57 -19.10
CA GLN J 338 47.44 64.45 -17.95
C GLN J 338 48.84 64.98 -17.62
N GLU J 339 49.03 66.28 -17.84
CA GLU J 339 50.29 66.94 -17.53
C GLU J 339 50.43 67.05 -16.03
N LYS J 340 51.59 66.63 -15.51
CA LYS J 340 51.91 66.80 -14.11
C LYS J 340 52.46 68.20 -13.90
N GLU J 341 52.11 68.77 -12.75
CA GLU J 341 52.75 69.97 -12.23
C GLU J 341 54.27 69.78 -12.17
N HIS J 342 55.00 70.84 -12.55
CA HIS J 342 56.45 70.85 -12.55
C HIS J 342 56.92 71.92 -11.56
N GLU J 343 58.01 71.63 -10.82
CA GLU J 343 58.43 72.46 -9.69
C GLU J 343 58.96 73.83 -10.12
N VAL J 344 59.66 73.90 -11.26
CA VAL J 344 60.31 75.12 -11.75
C VAL J 344 59.50 75.82 -12.86
N PHE J 345 59.01 75.04 -13.84
CA PHE J 345 58.37 75.58 -15.03
C PHE J 345 56.85 75.39 -14.98
N GLN J 346 56.14 76.42 -15.45
CA GLN J 346 54.72 76.35 -15.74
C GLN J 346 54.55 76.50 -17.24
N ARG J 347 53.72 75.64 -17.84
CA ARG J 347 53.54 75.66 -19.28
C ARG J 347 52.30 76.47 -19.65
N ASP J 348 52.46 77.38 -20.62
CA ASP J 348 51.35 78.06 -21.29
C ASP J 348 51.44 77.81 -22.80
N GLY J 349 50.61 76.90 -23.31
CA GLY J 349 50.67 76.51 -24.72
C GLY J 349 52.03 75.94 -25.13
N ASN J 350 52.80 76.71 -25.90
CA ASN J 350 54.15 76.35 -26.31
C ASN J 350 55.22 77.09 -25.50
N ASP J 351 54.80 78.05 -24.66
CA ASP J 351 55.70 78.86 -23.86
C ASP J 351 55.88 78.25 -22.47
N LEU J 352 57.01 78.59 -21.84
CA LEU J 352 57.30 78.21 -20.47
C LEU J 352 57.44 79.45 -19.61
N HIS J 353 56.98 79.35 -18.37
CA HIS J 353 57.10 80.41 -17.37
C HIS J 353 57.87 79.88 -16.17
N MET J 354 58.77 80.70 -15.62
CA MET J 354 59.43 80.39 -14.36
C MET J 354 59.60 81.64 -13.53
N THR J 355 59.69 81.46 -12.20
CA THR J 355 60.06 82.55 -11.29
C THR J 355 61.51 82.33 -10.84
N TYR J 356 62.32 83.39 -10.97
CA TYR J 356 63.71 83.35 -10.56
C TYR J 356 63.98 84.44 -9.52
N LYS J 357 64.57 84.04 -8.38
CA LYS J 357 64.88 84.95 -7.29
C LYS J 357 66.28 85.50 -7.48
N ILE J 358 66.42 86.83 -7.37
CA ILE J 358 67.69 87.54 -7.48
C ILE J 358 67.82 88.53 -6.33
N GLY J 359 69.07 88.82 -5.91
CA GLY J 359 69.34 89.84 -4.90
C GLY J 359 69.23 91.26 -5.47
N LEU J 360 69.11 92.26 -4.58
CA LEU J 360 69.05 93.67 -4.99
C LEU J 360 70.30 94.08 -5.80
N VAL J 361 71.48 93.59 -5.39
CA VAL J 361 72.74 93.86 -6.08
C VAL J 361 72.70 93.33 -7.51
N GLU J 362 72.20 92.10 -7.70
CA GLU J 362 72.05 91.48 -9.01
C GLU J 362 71.07 92.27 -9.89
N ALA J 363 69.96 92.72 -9.30
CA ALA J 363 68.92 93.50 -9.95
C ALA J 363 69.43 94.86 -10.46
N LEU J 364 70.39 95.49 -9.75
CA LEU J 364 70.91 96.82 -10.06
C LEU J 364 72.20 96.77 -10.90
N CYS J 365 73.07 95.79 -10.64
CA CYS J 365 74.43 95.76 -11.16
C CYS J 365 74.64 94.73 -12.28
N GLY J 366 73.59 93.96 -12.62
CA GLY J 366 73.70 92.85 -13.57
C GLY J 366 74.11 91.54 -12.91
N PHE J 367 73.86 90.43 -13.62
CA PHE J 367 74.02 89.10 -13.04
C PHE J 367 74.15 88.02 -14.11
N GLN J 368 74.62 86.85 -13.66
CA GLN J 368 74.65 85.64 -14.46
C GLN J 368 74.12 84.50 -13.61
N PHE J 369 73.18 83.73 -14.15
CA PHE J 369 72.71 82.54 -13.47
C PHE J 369 72.58 81.36 -14.44
N THR J 370 72.46 80.16 -13.85
CA THR J 370 72.32 78.93 -14.61
C THR J 370 71.13 78.13 -14.09
N PHE J 371 70.39 77.49 -15.01
CA PHE J 371 69.34 76.56 -14.65
C PHE J 371 69.36 75.34 -15.58
N LYS J 372 68.74 74.25 -15.11
CA LYS J 372 68.57 73.03 -15.89
C LYS J 372 67.26 73.10 -16.67
N HIS J 373 67.33 72.92 -17.99
CA HIS J 373 66.16 72.87 -18.85
C HIS J 373 65.54 71.47 -18.89
N LEU J 374 64.39 71.33 -19.59
CA LEU J 374 63.62 70.10 -19.69
C LEU J 374 64.35 68.98 -20.46
N ASP J 375 65.32 69.35 -21.33
CA ASP J 375 66.21 68.40 -22.01
C ASP J 375 67.47 68.04 -21.19
N GLY J 376 67.63 68.67 -20.02
CA GLY J 376 68.78 68.44 -19.15
C GLY J 376 70.00 69.30 -19.51
N ARG J 377 69.92 70.16 -20.55
CA ARG J 377 70.98 71.13 -20.82
C ARG J 377 71.02 72.18 -19.70
N GLN J 378 72.24 72.64 -19.39
CA GLN J 378 72.44 73.81 -18.53
C GLN J 378 72.40 75.07 -19.39
N ILE J 379 71.46 75.97 -19.09
CA ILE J 379 71.35 77.25 -19.78
C ILE J 379 71.96 78.33 -18.89
N VAL J 380 72.89 79.11 -19.46
CA VAL J 380 73.50 80.26 -18.81
C VAL J 380 72.80 81.52 -19.31
N VAL J 381 72.09 82.20 -18.39
CA VAL J 381 71.44 83.48 -18.69
C VAL J 381 72.32 84.60 -18.15
N LYS J 382 72.63 85.57 -19.02
CA LYS J 382 73.43 86.74 -18.66
C LYS J 382 72.60 88.00 -18.84
N TYR J 383 72.64 88.86 -17.82
CA TYR J 383 72.02 90.17 -17.87
C TYR J 383 73.12 91.23 -17.71
N PRO J 384 73.25 92.20 -18.66
CA PRO J 384 74.40 93.10 -18.67
C PRO J 384 74.36 94.09 -17.51
N PRO J 385 75.54 94.53 -16.99
CA PRO J 385 75.61 95.58 -15.98
C PRO J 385 75.06 96.91 -16.52
N GLY J 386 74.46 97.69 -15.62
CA GLY J 386 73.90 99.00 -15.98
C GLY J 386 72.45 98.95 -16.48
N LYS J 387 71.85 97.75 -16.55
CA LYS J 387 70.42 97.61 -16.78
C LYS J 387 69.76 97.09 -15.50
N VAL J 388 68.61 97.67 -15.14
CA VAL J 388 67.89 97.35 -13.93
C VAL J 388 66.77 96.33 -14.21
N ILE J 389 66.66 95.37 -13.29
CA ILE J 389 65.52 94.47 -13.19
C ILE J 389 64.60 94.98 -12.08
N GLU J 390 63.40 95.40 -12.46
CA GLU J 390 62.37 95.82 -11.52
C GLU J 390 61.75 94.58 -10.84
N PRO J 391 61.31 94.69 -9.55
CA PRO J 391 60.57 93.61 -8.89
C PRO J 391 59.31 93.21 -9.68
N GLY J 392 59.21 91.91 -9.93
CA GLY J 392 58.10 91.31 -10.66
C GLY J 392 58.19 91.45 -12.19
N CYS J 393 59.24 92.10 -12.71
CA CYS J 393 59.36 92.26 -14.16
C CYS J 393 59.63 90.91 -14.86
N VAL J 394 59.18 90.82 -16.12
CA VAL J 394 59.35 89.62 -16.93
C VAL J 394 60.38 89.88 -18.04
N ARG J 395 61.27 88.90 -18.26
CA ARG J 395 62.17 88.87 -19.41
C ARG J 395 62.00 87.55 -20.16
N VAL J 396 62.47 87.53 -21.41
CA VAL J 396 62.26 86.40 -22.30
C VAL J 396 63.61 85.82 -22.74
N VAL J 397 63.69 84.48 -22.72
CA VAL J 397 64.74 83.72 -23.38
C VAL J 397 64.10 83.03 -24.59
N ARG J 398 64.40 83.55 -25.78
CA ARG J 398 63.73 83.14 -27.01
C ARG J 398 64.12 81.71 -27.41
N GLY J 399 63.14 80.91 -27.84
CA GLY J 399 63.34 79.56 -28.36
C GLY J 399 63.62 78.49 -27.29
N GLU J 400 63.46 78.85 -25.99
CA GLU J 400 63.65 77.95 -24.87
C GLU J 400 62.32 77.55 -24.20
N GLY J 401 61.20 77.65 -24.95
CA GLY J 401 59.91 77.10 -24.54
C GLY J 401 59.73 75.63 -24.97
N MET J 402 58.47 75.17 -24.96
CA MET J 402 58.08 73.82 -25.39
C MET J 402 58.16 73.69 -26.91
N PRO J 403 58.51 72.49 -27.46
CA PRO J 403 58.41 72.23 -28.89
C PRO J 403 56.96 72.19 -29.35
N GLN J 404 56.72 72.63 -30.59
CA GLN J 404 55.41 72.51 -31.19
C GLN J 404 55.11 71.06 -31.56
N TYR J 405 53.89 70.60 -31.28
CA TYR J 405 53.44 69.28 -31.71
C TYR J 405 53.49 69.16 -33.24
N ARG J 406 54.09 68.07 -33.74
CA ARG J 406 54.28 67.78 -35.17
C ARG J 406 55.36 68.63 -35.85
N ASN J 407 55.81 69.72 -35.20
CA ASN J 407 56.89 70.56 -35.70
C ASN J 407 57.90 70.84 -34.58
N PRO J 408 58.63 69.80 -34.08
CA PRO J 408 59.48 69.95 -32.90
C PRO J 408 60.74 70.80 -33.06
N PHE J 409 61.00 71.28 -34.30
CA PHE J 409 62.06 72.23 -34.60
C PHE J 409 61.69 73.65 -34.21
N GLU J 410 60.38 73.95 -34.18
CA GLU J 410 59.87 75.21 -33.65
C GLU J 410 59.53 75.05 -32.17
N LYS J 411 59.96 76.04 -31.39
CA LYS J 411 59.70 76.08 -29.96
C LYS J 411 59.08 77.42 -29.60
N GLY J 412 58.33 77.43 -28.50
CA GLY J 412 57.95 78.68 -27.86
C GLY J 412 59.12 79.32 -27.13
N ASP J 413 58.79 80.28 -26.26
CA ASP J 413 59.75 81.07 -25.51
C ASP J 413 59.69 80.73 -24.01
N LEU J 414 60.77 81.05 -23.28
CA LEU J 414 60.80 80.98 -21.82
C LEU J 414 60.70 82.38 -21.22
N TYR J 415 59.61 82.62 -20.48
CA TYR J 415 59.39 83.85 -19.72
C TYR J 415 59.86 83.66 -18.28
N ILE J 416 60.74 84.57 -17.83
CA ILE J 416 61.29 84.54 -16.49
C ILE J 416 60.79 85.76 -15.74
N LYS J 417 59.96 85.52 -14.71
CA LYS J 417 59.55 86.54 -13.76
C LYS J 417 60.62 86.67 -12.67
N PHE J 418 61.13 87.89 -12.47
CA PHE J 418 62.15 88.12 -11.46
C PHE J 418 61.53 88.56 -10.13
N ASP J 419 61.89 87.83 -9.07
CA ASP J 419 61.53 88.13 -7.71
C ASP J 419 62.76 88.74 -7.00
N VAL J 420 62.75 90.06 -6.81
CA VAL J 420 63.90 90.78 -6.27
C VAL J 420 63.87 90.77 -4.74
N GLN J 421 64.86 90.10 -4.15
CA GLN J 421 65.03 89.97 -2.72
C GLN J 421 65.84 91.15 -2.17
N PHE J 422 65.15 91.96 -1.36
CA PHE J 422 65.78 93.01 -0.56
C PHE J 422 66.60 92.41 0.57
N PRO J 423 67.70 93.08 0.99
CA PRO J 423 68.47 92.65 2.16
C PRO J 423 67.62 92.80 3.43
N GLU J 424 67.98 92.03 4.45
CA GLU J 424 67.25 92.06 5.72
C GLU J 424 67.46 93.37 6.49
N ASN J 425 66.65 93.51 7.53
CA ASN J 425 66.69 94.53 8.58
C ASN J 425 68.12 94.70 9.13
N ASN J 426 68.61 95.94 9.24
CA ASN J 426 69.91 96.27 9.79
C ASN J 426 71.12 95.80 8.96
N TRP J 427 70.97 95.52 7.64
CA TRP J 427 72.06 94.91 6.87
C TRP J 427 73.29 95.82 6.71
N ILE J 428 73.08 97.14 6.85
CA ILE J 428 74.13 98.14 6.71
C ILE J 428 74.15 99.08 7.92
N ASN J 429 75.36 99.49 8.35
CA ASN J 429 75.55 100.49 9.38
C ASN J 429 74.97 101.83 8.91
N PRO J 430 74.11 102.52 9.71
CA PRO J 430 73.63 103.87 9.39
C PRO J 430 74.66 104.87 8.85
N ASP J 431 75.92 104.81 9.31
CA ASP J 431 76.99 105.70 8.86
C ASP J 431 77.26 105.60 7.35
N LYS J 432 76.93 104.44 6.73
CA LYS J 432 77.16 104.15 5.31
C LYS J 432 75.95 104.47 4.43
N LEU J 433 74.83 104.89 5.03
CA LEU J 433 73.62 105.20 4.29
C LEU J 433 73.82 106.43 3.38
N SER J 434 74.64 107.39 3.86
CA SER J 434 75.03 108.59 3.11
C SER J 434 75.77 108.22 1.81
N GLU J 435 76.78 107.34 1.90
CA GLU J 435 77.54 106.84 0.75
C GLU J 435 76.62 106.16 -0.27
N LEU J 436 75.59 105.42 0.20
CA LEU J 436 74.63 104.75 -0.66
C LEU J 436 73.71 105.76 -1.37
N GLU J 437 73.27 106.81 -0.64
CA GLU J 437 72.42 107.86 -1.17
C GLU J 437 73.13 108.62 -2.31
N ASP J 438 74.42 108.91 -2.13
CA ASP J 438 75.26 109.61 -3.12
C ASP J 438 75.42 108.83 -4.43
N LEU J 439 75.26 107.50 -4.39
CA LEU J 439 75.45 106.63 -5.54
C LEU J 439 74.15 106.52 -6.35
N GLY K 198 36.11 39.84 -1.82
CA GLY K 198 36.09 39.88 -3.30
C GLY K 198 37.08 38.88 -3.87
N GLU K 199 36.98 38.67 -5.19
CA GLU K 199 37.80 37.74 -5.94
C GLU K 199 39.21 38.33 -6.14
N ASP K 200 40.24 37.46 -6.03
CA ASP K 200 41.62 37.85 -6.30
C ASP K 200 41.85 37.95 -7.81
N MET K 201 42.65 38.93 -8.23
CA MET K 201 42.99 39.14 -9.64
C MET K 201 44.41 38.63 -9.92
N MET K 202 44.52 37.67 -10.84
CA MET K 202 45.81 37.11 -11.22
C MET K 202 46.33 37.73 -12.53
N HIS K 203 47.56 38.26 -12.49
CA HIS K 203 48.19 38.85 -13.68
C HIS K 203 49.56 38.24 -13.94
N PRO K 204 49.84 37.71 -15.16
CA PRO K 204 51.18 37.26 -15.51
C PRO K 204 52.12 38.43 -15.73
N LEU K 205 53.26 38.42 -15.04
CA LEU K 205 54.33 39.39 -15.27
C LEU K 205 55.50 38.71 -15.97
N LYS K 206 55.69 39.03 -17.25
CA LYS K 206 56.80 38.50 -18.04
C LYS K 206 58.11 39.22 -17.67
N VAL K 207 59.10 38.44 -17.20
CA VAL K 207 60.40 38.91 -16.73
C VAL K 207 61.51 38.18 -17.50
N SER K 208 62.60 38.88 -17.83
CA SER K 208 63.76 38.26 -18.48
C SER K 208 64.72 37.68 -17.43
N LEU K 209 65.70 36.86 -17.87
CA LEU K 209 66.75 36.35 -16.98
C LEU K 209 67.58 37.48 -16.38
N GLU K 210 67.85 38.54 -17.16
CA GLU K 210 68.57 39.73 -16.70
C GLU K 210 67.79 40.45 -15.61
N ASP K 211 66.47 40.56 -15.76
CA ASP K 211 65.58 41.14 -14.75
C ASP K 211 65.66 40.35 -13.43
N LEU K 212 65.68 39.01 -13.53
CA LEU K 212 65.74 38.10 -12.39
C LEU K 212 67.13 38.05 -11.74
N TYR K 213 68.18 38.31 -12.52
CA TYR K 213 69.56 38.32 -12.04
C TYR K 213 69.92 39.64 -11.35
N ASN K 214 69.58 40.76 -11.98
CA ASN K 214 69.95 42.09 -11.50
C ASN K 214 68.93 42.67 -10.53
N GLY K 215 67.69 42.15 -10.55
CA GLY K 215 66.56 42.79 -9.90
C GLY K 215 65.98 43.90 -10.77
N LYS K 216 64.65 44.11 -10.67
CA LYS K 216 63.97 45.10 -11.48
C LYS K 216 62.80 45.71 -10.73
N THR K 217 62.71 47.04 -10.82
CA THR K 217 61.52 47.77 -10.42
C THR K 217 60.76 48.18 -11.68
N THR K 218 59.49 47.75 -11.78
CA THR K 218 58.65 48.09 -12.92
C THR K 218 57.29 48.64 -12.45
N LYS K 219 56.71 49.54 -13.26
CA LYS K 219 55.38 50.07 -12.99
C LYS K 219 54.35 49.34 -13.82
N LEU K 220 53.36 48.76 -13.14
CA LEU K 220 52.27 48.06 -13.78
C LEU K 220 51.01 48.90 -13.68
N GLN K 221 50.45 49.27 -14.85
CA GLN K 221 49.18 49.98 -14.87
C GLN K 221 48.04 48.97 -14.97
N LEU K 222 47.12 49.00 -14.00
CA LEU K 222 45.92 48.16 -13.99
C LEU K 222 44.66 49.04 -13.90
N SER K 223 43.61 48.61 -14.60
CA SER K 223 42.29 49.21 -14.45
C SER K 223 41.46 48.33 -13.50
N LYS K 224 40.93 48.96 -12.43
CA LYS K 224 40.12 48.26 -11.45
C LYS K 224 38.87 49.07 -11.11
N ASN K 225 37.85 48.37 -10.61
CA ASN K 225 36.64 48.98 -10.08
C ASN K 225 36.91 49.49 -8.67
N VAL K 226 36.62 50.78 -8.46
CA VAL K 226 36.67 51.40 -7.14
C VAL K 226 35.27 51.88 -6.77
N LEU K 227 34.97 51.94 -5.46
CA LEU K 227 33.72 52.53 -5.01
C LEU K 227 33.61 53.98 -5.49
N CYS K 228 32.44 54.33 -6.04
CA CYS K 228 32.21 55.65 -6.59
C CYS K 228 32.34 56.72 -5.49
N SER K 229 33.39 57.55 -5.57
CA SER K 229 33.71 58.57 -4.59
C SER K 229 32.54 59.54 -4.31
N ALA K 230 31.62 59.71 -5.27
CA ALA K 230 30.52 60.66 -5.17
C ALA K 230 29.28 60.12 -4.44
N CYS K 231 29.12 58.80 -4.32
CA CYS K 231 27.99 58.19 -3.63
C CYS K 231 28.41 57.07 -2.67
N SER K 232 29.73 56.87 -2.48
CA SER K 232 30.32 55.87 -1.60
C SER K 232 29.69 54.47 -1.77
N GLY K 233 29.42 54.09 -3.04
CA GLY K 233 28.89 52.78 -3.41
C GLY K 233 27.39 52.59 -3.15
N GLN K 234 26.81 53.53 -2.37
CA GLN K 234 25.44 53.39 -1.94
C GLN K 234 24.63 53.38 -3.22
N GLY K 235 25.34 53.72 -4.29
CA GLY K 235 24.74 53.83 -5.59
C GLY K 235 24.17 55.22 -5.59
N GLY K 236 23.12 55.42 -4.80
CA GLY K 236 22.61 56.75 -4.60
C GLY K 236 22.21 56.97 -3.14
N LYS K 237 21.56 58.11 -2.86
CA LYS K 237 21.02 58.40 -1.53
C LYS K 237 20.03 57.30 -1.15
N SER K 238 19.73 57.15 0.15
CA SER K 238 18.73 56.21 0.62
C SER K 238 17.37 56.58 0.02
N GLY K 239 16.83 55.67 -0.83
CA GLY K 239 15.59 55.88 -1.56
C GLY K 239 15.82 56.42 -2.97
N ALA K 240 17.10 56.49 -3.38
CA ALA K 240 17.49 56.83 -4.75
C ALA K 240 17.49 55.57 -5.60
N VAL K 241 17.61 54.41 -4.94
CA VAL K 241 17.69 53.13 -5.62
C VAL K 241 16.27 52.65 -5.94
N GLN K 242 15.96 52.57 -7.23
CA GLN K 242 14.65 52.15 -7.72
C GLN K 242 14.79 50.85 -8.51
N LYS K 243 13.75 49.99 -8.42
CA LYS K 243 13.64 48.80 -9.27
C LYS K 243 13.62 49.27 -10.73
N CYS K 244 14.43 48.60 -11.57
CA CYS K 244 14.40 48.86 -12.98
C CYS K 244 13.03 48.47 -13.57
N SER K 245 12.27 49.42 -14.12
CA SER K 245 10.91 49.22 -14.66
C SER K 245 10.91 48.26 -15.84
N ALA K 246 11.94 48.40 -16.66
CA ALA K 246 12.29 47.68 -17.88
C ALA K 246 12.32 46.16 -17.73
N CYS K 247 13.09 45.68 -16.75
CA CYS K 247 13.28 44.25 -16.48
C CYS K 247 12.58 43.84 -15.17
N ARG K 248 11.87 44.77 -14.51
CA ARG K 248 11.19 44.57 -13.23
C ARG K 248 12.14 43.96 -12.18
N GLY K 249 13.38 44.47 -12.10
CA GLY K 249 14.37 44.00 -11.15
C GLY K 249 15.14 42.74 -11.55
N ARG K 250 14.88 42.17 -12.74
CA ARG K 250 15.49 40.90 -13.15
C ARG K 250 16.90 41.07 -13.75
N GLY K 251 17.31 42.30 -14.10
CA GLY K 251 18.58 42.53 -14.78
C GLY K 251 18.57 42.16 -16.27
N VAL K 252 17.63 41.27 -16.67
CA VAL K 252 17.57 40.75 -18.03
C VAL K 252 16.17 40.92 -18.63
N ARG K 253 16.15 41.11 -19.95
CA ARG K 253 14.92 41.18 -20.73
C ARG K 253 14.88 39.99 -21.68
N ILE K 254 13.69 39.41 -21.87
CA ILE K 254 13.46 38.38 -22.86
C ILE K 254 13.01 39.06 -24.15
N MET K 255 13.87 38.99 -25.17
CA MET K 255 13.56 39.49 -26.51
C MET K 255 13.15 38.34 -27.41
N ILE K 256 12.05 38.53 -28.14
CA ILE K 256 11.54 37.53 -29.06
C ILE K 256 12.03 37.86 -30.48
N ARG K 257 12.87 37.01 -31.05
CA ARG K 257 13.26 37.12 -32.44
C ARG K 257 12.52 36.09 -33.30
N GLN K 258 11.73 36.52 -34.30
CA GLN K 258 11.21 35.56 -35.28
C GLN K 258 12.32 35.02 -36.18
N LEU K 259 12.43 33.68 -36.28
CA LEU K 259 13.28 33.03 -37.28
C LEU K 259 12.54 32.70 -38.58
N ALA K 260 11.25 32.38 -38.45
CA ALA K 260 10.32 32.10 -39.51
C ALA K 260 8.89 32.28 -38.99
N PRO K 261 7.83 32.54 -39.78
CA PRO K 261 6.48 32.57 -39.20
C PRO K 261 6.14 31.22 -38.53
N GLY K 262 5.82 31.30 -37.24
CA GLY K 262 5.58 30.11 -36.42
C GLY K 262 6.83 29.57 -35.71
N MET K 263 8.02 30.11 -36.02
CA MET K 263 9.23 29.88 -35.23
C MET K 263 9.72 31.17 -34.56
N VAL K 264 9.51 31.31 -33.25
CA VAL K 264 10.05 32.43 -32.48
C VAL K 264 11.15 31.92 -31.53
N GLN K 265 12.28 32.64 -31.51
CA GLN K 265 13.36 32.44 -30.57
C GLN K 265 13.28 33.44 -29.45
N GLN K 266 13.19 32.97 -28.20
CA GLN K 266 13.29 33.81 -27.03
C GLN K 266 14.78 33.85 -26.70
N MET K 267 15.35 35.06 -26.78
CA MET K 267 16.70 35.32 -26.35
C MET K 267 16.67 36.17 -25.08
N GLN K 268 17.41 35.78 -24.05
CA GLN K 268 17.63 36.59 -22.86
C GLN K 268 18.80 37.54 -23.16
N SER K 269 18.52 38.84 -23.08
CA SER K 269 19.51 39.88 -23.25
C SER K 269 19.64 40.62 -21.92
N VAL K 270 20.86 41.11 -21.63
CA VAL K 270 21.04 42.01 -20.50
C VAL K 270 20.16 43.25 -20.74
N CYS K 271 19.50 43.72 -19.67
CA CYS K 271 18.57 44.83 -19.77
C CYS K 271 19.36 46.11 -20.06
N SER K 272 19.06 46.76 -21.18
CA SER K 272 19.66 48.01 -21.64
C SER K 272 19.52 49.15 -20.62
N ASP K 273 18.44 49.13 -19.81
CA ASP K 273 18.05 50.26 -18.99
C ASP K 273 18.75 50.27 -17.63
N CYS K 274 19.20 49.10 -17.15
CA CYS K 274 19.96 48.98 -15.92
C CYS K 274 21.29 48.24 -16.07
N ASN K 275 21.68 47.91 -17.32
CA ASN K 275 22.91 47.21 -17.66
C ASN K 275 23.12 45.95 -16.82
N GLY K 276 22.02 45.26 -16.45
CA GLY K 276 22.09 44.00 -15.73
C GLY K 276 21.92 44.11 -14.22
N GLU K 277 21.95 45.32 -13.65
CA GLU K 277 21.96 45.49 -12.21
C GLU K 277 20.56 45.22 -11.60
N GLY K 278 19.49 45.38 -12.40
CA GLY K 278 18.13 45.24 -11.88
C GLY K 278 17.61 46.50 -11.17
N GLU K 279 18.52 47.41 -10.87
CA GLU K 279 18.19 48.70 -10.28
C GLU K 279 18.60 49.88 -11.16
N VAL K 280 17.91 51.01 -10.96
CA VAL K 280 18.25 52.27 -11.61
C VAL K 280 18.38 53.35 -10.53
N ILE K 281 19.45 54.13 -10.64
CA ILE K 281 19.70 55.28 -9.80
C ILE K 281 19.82 56.50 -10.73
N ASN K 282 18.95 57.50 -10.49
CA ASN K 282 19.01 58.78 -11.19
C ASN K 282 20.42 59.37 -11.03
N GLU K 283 20.96 59.92 -12.12
CA GLU K 283 22.30 60.48 -12.18
C GLU K 283 22.59 61.43 -11.01
N LYS K 284 21.62 62.29 -10.69
CA LYS K 284 21.67 63.30 -9.63
C LYS K 284 21.83 62.71 -8.23
N ASP K 285 21.50 61.42 -8.06
CA ASP K 285 21.55 60.74 -6.77
C ASP K 285 22.86 59.97 -6.57
N ARG K 286 23.54 59.60 -7.66
CA ARG K 286 24.83 58.90 -7.60
C ARG K 286 25.93 59.89 -7.94
N CYS K 287 25.86 60.46 -9.14
CA CYS K 287 26.85 61.38 -9.69
C CYS K 287 26.75 61.28 -11.21
N LYS K 288 27.59 62.07 -11.92
CA LYS K 288 27.69 62.00 -13.37
C LYS K 288 28.84 61.05 -13.73
N LYS K 289 29.19 60.14 -12.79
CA LYS K 289 30.34 59.26 -12.92
C LYS K 289 29.90 57.80 -13.12
N CYS K 290 29.64 57.06 -12.02
CA CYS K 290 29.25 55.64 -12.09
C CYS K 290 28.04 55.47 -12.99
N GLU K 291 26.88 56.03 -12.59
CA GLU K 291 25.60 56.04 -13.32
C GLU K 291 24.67 55.01 -12.69
N GLY K 292 24.59 55.03 -11.35
CA GLY K 292 23.78 54.09 -10.59
C GLY K 292 24.49 52.73 -10.50
N LYS K 293 25.77 52.72 -10.82
CA LYS K 293 26.54 51.47 -10.90
C LYS K 293 27.26 51.16 -9.58
N LYS K 294 27.46 52.18 -8.71
CA LYS K 294 28.05 52.06 -7.37
C LYS K 294 29.57 51.93 -7.45
N VAL K 295 30.13 51.68 -8.65
CA VAL K 295 31.56 51.63 -8.87
C VAL K 295 31.96 52.45 -10.10
N ILE K 296 33.26 52.82 -10.17
CA ILE K 296 33.85 53.47 -11.33
C ILE K 296 35.17 52.77 -11.66
N LYS K 297 35.49 52.70 -12.95
CA LYS K 297 36.79 52.18 -13.37
C LYS K 297 37.86 53.24 -13.17
N GLU K 298 38.85 52.92 -12.33
CA GLU K 298 40.00 53.76 -12.07
C GLU K 298 41.27 53.05 -12.53
N VAL K 299 42.23 53.86 -12.97
CA VAL K 299 43.53 53.36 -13.42
C VAL K 299 44.51 53.53 -12.27
N LYS K 300 45.03 52.41 -11.75
CA LYS K 300 46.02 52.42 -10.68
C LYS K 300 47.37 51.93 -11.20
N ILE K 301 48.44 52.62 -10.80
CA ILE K 301 49.80 52.21 -11.08
C ILE K 301 50.37 51.54 -9.84
N LEU K 302 50.73 50.25 -9.97
CA LEU K 302 51.42 49.50 -8.94
C LEU K 302 52.91 49.47 -9.25
N GLU K 303 53.72 49.79 -8.22
CA GLU K 303 55.17 49.61 -8.31
C GLU K 303 55.51 48.18 -7.90
N VAL K 304 56.10 47.44 -8.84
CA VAL K 304 56.40 46.03 -8.66
C VAL K 304 57.92 45.86 -8.55
N HIS K 305 58.35 45.29 -7.40
CA HIS K 305 59.75 44.95 -7.18
C HIS K 305 59.95 43.46 -7.45
N VAL K 306 60.83 43.17 -8.41
CA VAL K 306 61.32 41.83 -8.71
C VAL K 306 62.72 41.73 -8.11
N ASP K 307 62.84 40.95 -7.04
CA ASP K 307 64.09 40.74 -6.34
C ASP K 307 65.03 39.81 -7.12
N LYS K 308 66.33 39.95 -6.85
CA LYS K 308 67.34 39.05 -7.38
C LYS K 308 67.08 37.60 -6.96
N GLY K 309 67.17 36.70 -7.95
CA GLY K 309 67.06 35.27 -7.72
C GLY K 309 65.62 34.73 -7.65
N MET K 310 64.61 35.61 -7.79
CA MET K 310 63.23 35.16 -7.87
C MET K 310 63.04 34.10 -8.95
N LYS K 311 62.08 33.20 -8.73
CA LYS K 311 61.89 32.02 -9.57
C LYS K 311 60.67 32.16 -10.47
N HIS K 312 60.67 31.41 -11.57
CA HIS K 312 59.48 31.21 -12.36
C HIS K 312 58.30 30.73 -11.50
N GLY K 313 57.11 31.29 -11.73
CA GLY K 313 55.91 30.95 -10.98
C GLY K 313 55.80 31.58 -9.58
N GLN K 314 56.80 32.36 -9.17
CA GLN K 314 56.73 33.06 -7.88
C GLN K 314 55.65 34.14 -7.90
N ARG K 315 54.95 34.31 -6.77
CA ARG K 315 53.82 35.23 -6.65
C ARG K 315 54.24 36.50 -5.90
N ILE K 316 53.84 37.66 -6.44
CA ILE K 316 53.93 38.95 -5.78
C ILE K 316 52.51 39.44 -5.50
N THR K 317 52.15 39.58 -4.21
CA THR K 317 50.78 39.89 -3.81
C THR K 317 50.66 41.34 -3.34
N PHE K 318 49.66 42.04 -3.89
CA PHE K 318 49.23 43.36 -3.46
C PHE K 318 47.88 43.24 -2.76
N THR K 319 47.91 43.30 -1.42
CA THR K 319 46.74 43.01 -0.58
C THR K 319 45.66 44.09 -0.72
N GLY K 320 44.40 43.66 -0.92
CA GLY K 320 43.24 44.55 -1.00
C GLY K 320 43.23 45.45 -2.24
N GLU K 321 44.06 45.12 -3.24
CA GLU K 321 44.21 45.94 -4.43
C GLU K 321 43.28 45.55 -5.58
N ALA K 322 42.55 44.44 -5.45
CA ALA K 322 41.59 44.02 -6.48
C ALA K 322 40.37 44.94 -6.57
N ASP K 323 39.39 44.50 -7.36
CA ASP K 323 38.12 45.20 -7.56
C ASP K 323 37.36 45.39 -6.24
N GLN K 324 36.85 46.61 -6.05
CA GLN K 324 35.96 46.94 -4.95
C GLN K 324 34.50 46.77 -5.39
N ALA K 325 33.67 46.24 -4.47
CA ALA K 325 32.23 46.17 -4.64
C ALA K 325 31.53 46.61 -3.34
N PRO K 326 30.31 47.21 -3.40
CA PRO K 326 29.60 47.62 -2.20
C PRO K 326 29.31 46.45 -1.24
N GLY K 327 29.75 46.60 0.00
CA GLY K 327 29.57 45.60 1.05
C GLY K 327 30.52 44.39 0.95
N VAL K 328 31.54 44.48 0.09
CA VAL K 328 32.52 43.42 -0.16
C VAL K 328 33.92 43.98 0.15
N GLU K 329 34.71 43.24 0.93
CA GLU K 329 36.11 43.58 1.18
C GLU K 329 36.93 43.18 -0.05
N PRO K 330 37.75 44.09 -0.65
CA PRO K 330 38.47 43.77 -1.87
C PRO K 330 39.41 42.57 -1.74
N GLY K 331 39.50 41.78 -2.83
CA GLY K 331 40.52 40.74 -2.96
C GLY K 331 41.91 41.32 -3.21
N ASP K 332 42.88 40.43 -3.50
CA ASP K 332 44.26 40.81 -3.75
C ASP K 332 44.58 40.82 -5.25
N ILE K 333 45.56 41.62 -5.65
CA ILE K 333 46.19 41.48 -6.96
C ILE K 333 47.44 40.60 -6.80
N VAL K 334 47.44 39.44 -7.49
CA VAL K 334 48.54 38.49 -7.43
C VAL K 334 49.24 38.46 -8.79
N LEU K 335 50.49 38.95 -8.80
CA LEU K 335 51.30 38.87 -10.01
C LEU K 335 52.07 37.55 -10.02
N LEU K 336 51.93 36.81 -11.11
CA LEU K 336 52.65 35.56 -11.31
C LEU K 336 53.85 35.80 -12.22
N LEU K 337 55.06 35.57 -11.71
CA LEU K 337 56.27 35.75 -12.52
C LEU K 337 56.36 34.69 -13.61
N GLN K 338 56.44 35.14 -14.86
CA GLN K 338 56.66 34.29 -16.02
C GLN K 338 58.05 34.60 -16.60
N GLU K 339 58.95 33.64 -16.48
CA GLU K 339 60.30 33.76 -17.01
C GLU K 339 60.22 33.66 -18.53
N LYS K 340 60.85 34.62 -19.22
CA LYS K 340 60.98 34.57 -20.67
C LYS K 340 62.16 33.69 -21.02
N GLU K 341 62.00 32.95 -22.12
CA GLU K 341 63.10 32.26 -22.79
C GLU K 341 64.23 33.25 -23.09
N HIS K 342 65.47 32.79 -22.89
CA HIS K 342 66.66 33.57 -23.15
C HIS K 342 67.47 32.87 -24.23
N GLU K 343 68.09 33.66 -25.14
CA GLU K 343 68.69 33.10 -26.35
C GLU K 343 69.96 32.30 -26.08
N VAL K 344 70.75 32.70 -25.08
CA VAL K 344 72.04 32.07 -24.77
C VAL K 344 71.95 31.12 -23.57
N PHE K 345 71.29 31.57 -22.49
CA PHE K 345 71.25 30.85 -21.22
C PHE K 345 69.90 30.17 -21.00
N GLN K 346 69.97 28.94 -20.47
CA GLN K 346 68.82 28.24 -19.91
C GLN K 346 69.02 28.11 -18.41
N ARG K 347 67.96 28.41 -17.66
CA ARG K 347 68.07 28.40 -16.20
C ARG K 347 67.56 27.06 -15.66
N ASP K 348 68.35 26.45 -14.77
CA ASP K 348 67.93 25.33 -13.95
C ASP K 348 68.12 25.66 -12.47
N GLY K 349 67.02 25.99 -11.78
CA GLY K 349 67.08 26.44 -10.39
C GLY K 349 67.94 27.70 -10.19
N ASN K 350 69.14 27.53 -9.60
CA ASN K 350 70.11 28.59 -9.42
C ASN K 350 71.24 28.51 -10.44
N ASP K 351 71.31 27.43 -11.22
CA ASP K 351 72.36 27.21 -12.20
C ASP K 351 71.93 27.72 -13.57
N LEU K 352 72.94 28.02 -14.40
CA LEU K 352 72.73 28.42 -15.78
C LEU K 352 73.40 27.40 -16.70
N HIS K 353 72.76 27.15 -17.84
CA HIS K 353 73.28 26.28 -18.88
C HIS K 353 73.42 27.07 -20.18
N MET K 354 74.51 26.84 -20.91
CA MET K 354 74.68 27.39 -22.25
C MET K 354 75.38 26.38 -23.15
N THR K 355 75.13 26.49 -24.46
CA THR K 355 75.88 25.74 -25.46
C THR K 355 76.87 26.69 -26.14
N TYR K 356 78.15 26.27 -26.20
CA TYR K 356 79.19 27.04 -26.84
C TYR K 356 79.84 26.22 -27.95
N LYS K 357 79.91 26.81 -29.15
CA LYS K 357 80.49 26.16 -30.33
C LYS K 357 81.98 26.48 -30.39
N ILE K 358 82.81 25.44 -30.58
CA ILE K 358 84.25 25.56 -30.72
C ILE K 358 84.73 24.73 -31.92
N GLY K 359 85.83 25.15 -32.56
CA GLY K 359 86.44 24.38 -33.63
C GLY K 359 87.24 23.18 -33.11
N LEU K 360 87.54 22.23 -34.00
CA LEU K 360 88.35 21.06 -33.66
C LEU K 360 89.72 21.45 -33.08
N VAL K 361 90.36 22.47 -33.67
CA VAL K 361 91.65 22.99 -33.21
C VAL K 361 91.55 23.51 -31.77
N GLU K 362 90.50 24.26 -31.46
CA GLU K 362 90.25 24.78 -30.11
C GLU K 362 90.03 23.63 -29.11
N ALA K 363 89.27 22.61 -29.53
CA ALA K 363 88.97 21.43 -28.73
C ALA K 363 90.21 20.61 -28.37
N LEU K 364 91.22 20.56 -29.26
CA LEU K 364 92.44 19.77 -29.09
C LEU K 364 93.60 20.57 -28.49
N CYS K 365 93.74 21.86 -28.86
CA CYS K 365 94.92 22.67 -28.59
C CYS K 365 94.70 23.70 -27.47
N GLY K 366 93.47 23.79 -26.92
CA GLY K 366 93.10 24.82 -25.96
C GLY K 366 92.60 26.10 -26.63
N PHE K 367 91.89 26.93 -25.86
CA PHE K 367 91.20 28.08 -26.39
C PHE K 367 90.89 29.13 -25.31
N GLN K 368 90.54 30.32 -25.79
CA GLN K 368 90.04 31.41 -24.96
C GLN K 368 88.84 32.00 -25.68
N PHE K 369 87.73 32.17 -24.94
CA PHE K 369 86.57 32.86 -25.48
C PHE K 369 85.98 33.83 -24.46
N THR K 370 85.11 34.72 -24.98
CA THR K 370 84.44 35.71 -24.15
C THR K 370 82.94 35.70 -24.43
N PHE K 371 82.14 35.88 -23.37
CA PHE K 371 80.70 36.06 -23.51
C PHE K 371 80.20 37.13 -22.55
N LYS K 372 79.01 37.67 -22.87
CA LYS K 372 78.34 38.64 -22.02
C LYS K 372 77.43 37.91 -21.03
N HIS K 373 77.61 38.19 -19.73
CA HIS K 373 76.76 37.63 -18.68
C HIS K 373 75.49 38.46 -18.49
N LEU K 374 74.58 37.99 -17.59
CA LEU K 374 73.29 38.60 -17.31
C LEU K 374 73.41 39.98 -16.64
N ASP K 375 74.54 40.26 -15.97
CA ASP K 375 74.85 41.58 -15.41
C ASP K 375 75.54 42.51 -16.42
N GLY K 376 75.84 42.01 -17.62
CA GLY K 376 76.50 42.79 -18.66
C GLY K 376 78.03 42.77 -18.56
N ARG K 377 78.62 42.08 -17.56
CA ARG K 377 80.06 41.86 -17.51
C ARG K 377 80.49 40.94 -18.66
N GLN K 378 81.69 41.21 -19.19
CA GLN K 378 82.36 40.30 -20.12
C GLN K 378 83.17 39.28 -19.32
N ILE K 379 82.84 37.99 -19.49
CA ILE K 379 83.57 36.91 -18.84
C ILE K 379 84.52 36.29 -19.87
N VAL K 380 85.81 36.20 -19.49
CA VAL K 380 86.83 35.52 -20.28
C VAL K 380 87.04 34.11 -19.72
N VAL K 381 86.68 33.10 -20.52
CA VAL K 381 86.91 31.70 -20.17
C VAL K 381 88.16 31.22 -20.89
N LYS K 382 89.09 30.63 -20.14
CA LYS K 382 90.33 30.09 -20.66
C LYS K 382 90.38 28.58 -20.39
N TYR K 383 90.73 27.82 -21.45
CA TYR K 383 90.96 26.40 -21.34
C TYR K 383 92.40 26.10 -21.73
N PRO K 384 93.20 25.43 -20.85
CA PRO K 384 94.65 25.32 -21.08
C PRO K 384 94.97 24.39 -22.25
N PRO K 385 96.09 24.65 -22.98
CA PRO K 385 96.56 23.75 -24.02
C PRO K 385 96.94 22.37 -23.46
N GLY K 386 96.73 21.33 -24.27
CA GLY K 386 97.05 19.97 -23.88
C GLY K 386 95.93 19.24 -23.14
N LYS K 387 94.78 19.92 -22.92
CA LYS K 387 93.57 19.26 -22.44
C LYS K 387 92.54 19.25 -23.56
N VAL K 388 91.86 18.10 -23.73
CA VAL K 388 90.89 17.89 -24.80
C VAL K 388 89.48 18.15 -24.28
N ILE K 389 88.69 18.84 -25.13
CA ILE K 389 87.25 18.96 -25.00
C ILE K 389 86.60 17.96 -25.96
N GLU K 390 85.91 16.95 -25.39
CA GLU K 390 85.14 15.99 -26.16
C GLU K 390 83.84 16.63 -26.68
N PRO K 391 83.34 16.22 -27.87
CA PRO K 391 82.03 16.67 -28.35
C PRO K 391 80.91 16.36 -27.35
N GLY K 392 80.14 17.41 -27.03
CA GLY K 392 79.03 17.33 -26.10
C GLY K 392 79.43 17.35 -24.62
N CYS K 393 80.73 17.43 -24.30
CA CYS K 393 81.15 17.45 -22.91
C CYS K 393 80.75 18.76 -22.20
N VAL K 394 80.54 18.67 -20.89
CA VAL K 394 80.14 19.81 -20.07
C VAL K 394 81.30 20.24 -19.16
N ARG K 395 81.53 21.56 -19.07
CA ARG K 395 82.44 22.15 -18.09
C ARG K 395 81.69 23.20 -17.27
N VAL K 396 82.26 23.55 -16.11
CA VAL K 396 81.62 24.43 -15.16
C VAL K 396 82.47 25.69 -14.93
N VAL K 397 81.80 26.84 -14.91
CA VAL K 397 82.36 28.10 -14.41
C VAL K 397 81.64 28.40 -13.09
N ARG K 398 82.37 28.19 -11.99
CA ARG K 398 81.80 28.26 -10.65
C ARG K 398 81.40 29.69 -10.26
N GLY K 399 80.22 29.83 -9.63
CA GLY K 399 79.72 31.11 -9.11
C GLY K 399 79.19 32.08 -10.17
N GLU K 400 79.05 31.61 -11.42
CA GLU K 400 78.52 32.41 -12.53
C GLU K 400 77.10 31.96 -12.94
N GLY K 401 76.36 31.30 -12.03
CA GLY K 401 74.93 31.03 -12.18
C GLY K 401 74.04 32.18 -11.67
N MET K 402 72.75 31.87 -11.46
CA MET K 402 71.77 32.80 -10.90
C MET K 402 72.00 33.05 -9.40
N PRO K 403 71.72 34.27 -8.89
CA PRO K 403 71.74 34.54 -7.45
C PRO K 403 70.61 33.79 -6.74
N GLN K 404 70.86 33.37 -5.50
CA GLN K 404 69.82 32.78 -4.68
C GLN K 404 68.83 33.85 -4.20
N TYR K 405 67.53 33.54 -4.25
CA TYR K 405 66.51 34.42 -3.70
C TYR K 405 66.73 34.65 -2.20
N ARG K 406 66.72 35.93 -1.76
CA ARG K 406 66.94 36.36 -0.38
C ARG K 406 68.40 36.28 0.07
N ASN K 407 69.26 35.58 -0.69
CA ASN K 407 70.69 35.50 -0.42
C ASN K 407 71.50 35.76 -1.70
N PRO K 408 71.44 36.99 -2.27
CA PRO K 408 72.02 37.26 -3.61
C PRO K 408 73.55 37.25 -3.68
N PHE K 409 74.21 37.08 -2.52
CA PHE K 409 75.66 36.89 -2.44
C PHE K 409 76.08 35.47 -2.83
N GLU K 410 75.17 34.51 -2.64
CA GLU K 410 75.36 33.14 -3.12
C GLU K 410 74.75 33.00 -4.52
N LYS K 411 75.52 32.36 -5.41
CA LYS K 411 75.10 32.10 -6.77
C LYS K 411 75.26 30.62 -7.07
N GLY K 412 74.47 30.12 -8.02
CA GLY K 412 74.74 28.84 -8.64
C GLY K 412 75.93 28.90 -9.59
N ASP K 413 76.06 27.87 -10.42
CA ASP K 413 77.14 27.70 -11.36
C ASP K 413 76.67 27.85 -12.81
N LEU K 414 77.61 28.13 -13.73
CA LEU K 414 77.35 28.13 -15.16
C LEU K 414 77.95 26.86 -15.80
N TYR K 415 77.07 26.02 -16.34
CA TYR K 415 77.44 24.83 -17.10
C TYR K 415 77.48 25.14 -18.60
N ILE K 416 78.62 24.84 -19.22
CA ILE K 416 78.85 25.10 -20.63
C ILE K 416 78.99 23.75 -21.34
N LYS K 417 78.00 23.43 -22.20
CA LYS K 417 78.08 22.29 -23.10
C LYS K 417 78.85 22.72 -24.35
N PHE K 418 79.91 21.97 -24.70
CA PHE K 418 80.70 22.27 -25.88
C PHE K 418 80.23 21.48 -27.09
N ASP K 419 79.94 22.22 -28.17
CA ASP K 419 79.59 21.69 -29.47
C ASP K 419 80.81 21.82 -30.39
N VAL K 420 81.50 20.69 -30.63
CA VAL K 420 82.75 20.69 -31.38
C VAL K 420 82.46 20.60 -32.89
N GLN K 421 82.81 21.66 -33.60
CA GLN K 421 82.64 21.77 -35.04
C GLN K 421 83.86 21.20 -35.76
N PHE K 422 83.63 20.08 -36.47
CA PHE K 422 84.59 19.51 -37.39
C PHE K 422 84.73 20.37 -38.65
N PRO K 423 85.92 20.41 -39.28
CA PRO K 423 86.10 21.09 -40.56
C PRO K 423 85.28 20.40 -41.65
N GLU K 424 84.96 21.15 -42.71
CA GLU K 424 84.18 20.61 -43.81
C GLU K 424 84.96 19.58 -44.64
N ASN K 425 84.20 18.91 -45.50
CA ASN K 425 84.66 17.99 -46.54
C ASN K 425 85.79 18.62 -47.38
N ASN K 426 86.88 17.87 -47.61
CA ASN K 426 88.02 18.31 -48.42
C ASN K 426 88.84 19.47 -47.82
N TRP K 427 88.80 19.72 -46.49
CA TRP K 427 89.48 20.89 -45.91
C TRP K 427 91.01 20.84 -46.03
N ILE K 428 91.55 19.63 -46.17
CA ILE K 428 92.98 19.39 -46.26
C ILE K 428 93.32 18.52 -47.49
N ASN K 429 94.45 18.82 -48.14
CA ASN K 429 94.97 18.02 -49.24
C ASN K 429 95.32 16.61 -48.73
N PRO K 430 94.86 15.52 -49.39
CA PRO K 430 95.27 14.15 -49.05
C PRO K 430 96.74 13.89 -48.74
N ASP K 431 97.66 14.61 -49.42
CA ASP K 431 99.10 14.48 -49.19
C ASP K 431 99.53 14.81 -47.76
N LYS K 432 98.74 15.62 -47.04
CA LYS K 432 99.01 16.09 -45.68
C LYS K 432 98.34 15.22 -44.61
N LEU K 433 97.54 14.22 -45.02
CA LEU K 433 96.85 13.35 -44.08
C LEU K 433 97.84 12.47 -43.29
N SER K 434 98.96 12.10 -43.94
CA SER K 434 100.05 11.35 -43.34
C SER K 434 100.68 12.13 -42.18
N GLU K 435 101.03 13.42 -42.41
CA GLU K 435 101.57 14.31 -41.39
C GLU K 435 100.63 14.43 -40.19
N LEU K 436 99.30 14.48 -40.44
CA LEU K 436 98.30 14.56 -39.38
C LEU K 436 98.22 13.26 -38.57
N GLU K 437 98.31 12.11 -39.26
CA GLU K 437 98.27 10.80 -38.63
C GLU K 437 99.46 10.61 -37.68
N ASP K 438 100.65 11.05 -38.10
CA ASP K 438 101.88 10.99 -37.31
C ASP K 438 101.83 11.80 -36.02
N LEU K 439 100.97 12.83 -35.97
CA LEU K 439 100.86 13.73 -34.82
C LEU K 439 99.88 13.17 -33.79
N GLY L 198 54.88 -32.11 -4.80
CA GLY L 198 54.09 -32.23 -6.05
C GLY L 198 54.46 -33.51 -6.79
N GLU L 199 53.65 -33.82 -7.80
CA GLU L 199 53.80 -35.01 -8.63
C GLU L 199 54.98 -34.83 -9.61
N ASP L 200 55.74 -35.92 -9.81
CA ASP L 200 56.82 -35.94 -10.79
C ASP L 200 56.25 -36.06 -12.21
N MET L 201 56.86 -35.38 -13.17
CA MET L 201 56.45 -35.43 -14.58
C MET L 201 57.40 -36.31 -15.38
N MET L 202 56.86 -37.37 -16.00
CA MET L 202 57.66 -38.28 -16.81
C MET L 202 57.50 -37.96 -18.30
N HIS L 203 58.64 -37.76 -18.99
CA HIS L 203 58.65 -37.49 -20.42
C HIS L 203 59.56 -38.47 -21.18
N PRO L 204 59.06 -39.17 -22.22
CA PRO L 204 59.94 -40.00 -23.05
C PRO L 204 60.79 -39.13 -23.97
N LEU L 205 62.11 -39.35 -23.93
CA LEU L 205 63.04 -38.72 -24.86
C LEU L 205 63.55 -39.75 -25.86
N LYS L 206 63.09 -39.63 -27.12
CA LYS L 206 63.54 -40.51 -28.20
C LYS L 206 64.93 -40.12 -28.68
N VAL L 207 65.88 -41.07 -28.58
CA VAL L 207 67.29 -40.89 -28.92
C VAL L 207 67.70 -41.97 -29.93
N SER L 208 68.55 -41.61 -30.90
CA SER L 208 69.09 -42.57 -31.87
C SER L 208 70.35 -43.25 -31.32
N LEU L 209 70.82 -44.34 -31.97
CA LEU L 209 72.07 -44.99 -31.61
C LEU L 209 73.27 -44.05 -31.76
N GLU L 210 73.25 -43.18 -32.80
CA GLU L 210 74.29 -42.18 -33.03
C GLU L 210 74.32 -41.16 -31.89
N ASP L 211 73.15 -40.74 -31.40
CA ASP L 211 73.02 -39.84 -30.25
C ASP L 211 73.65 -40.46 -29.00
N LEU L 212 73.40 -41.77 -28.78
CA LEU L 212 73.91 -42.52 -27.64
C LEU L 212 75.40 -42.85 -27.75
N TYR L 213 75.92 -42.96 -28.99
CA TYR L 213 77.32 -43.26 -29.24
C TYR L 213 78.20 -42.00 -29.13
N ASN L 214 77.76 -40.91 -29.76
CA ASN L 214 78.54 -39.68 -29.83
C ASN L 214 78.28 -38.74 -28.65
N GLY L 215 77.15 -38.94 -27.95
CA GLY L 215 76.64 -37.96 -27.00
C GLY L 215 75.88 -36.84 -27.72
N LYS L 216 74.86 -36.28 -27.03
CA LYS L 216 74.02 -35.25 -27.63
C LYS L 216 73.52 -34.28 -26.56
N THR L 217 73.62 -32.99 -26.90
CA THR L 217 72.94 -31.96 -26.16
C THR L 217 71.70 -31.51 -26.95
N THR L 218 70.53 -31.60 -26.33
CA THR L 218 69.27 -31.20 -26.96
C THR L 218 68.48 -30.27 -26.03
N LYS L 219 67.72 -29.35 -26.64
CA LYS L 219 66.84 -28.46 -25.89
C LYS L 219 65.41 -29.00 -25.94
N LEU L 220 64.84 -29.22 -24.75
CA LEU L 220 63.48 -29.69 -24.60
C LEU L 220 62.60 -28.56 -24.10
N GLN L 221 61.60 -28.19 -24.90
CA GLN L 221 60.63 -27.21 -24.47
C GLN L 221 59.45 -27.89 -23.77
N LEU L 222 59.19 -27.52 -22.50
CA LEU L 222 58.06 -28.01 -21.74
C LEU L 222 57.20 -26.85 -21.25
N SER L 223 55.88 -27.07 -21.24
CA SER L 223 54.95 -26.14 -20.61
C SER L 223 54.61 -26.65 -19.21
N LYS L 224 54.82 -25.81 -18.20
CA LYS L 224 54.54 -26.15 -16.81
C LYS L 224 53.80 -25.02 -16.10
N ASN L 225 53.10 -25.39 -15.03
CA ASN L 225 52.47 -24.42 -14.14
C ASN L 225 53.51 -23.85 -13.19
N VAL L 226 53.58 -22.50 -13.17
CA VAL L 226 54.41 -21.78 -12.21
C VAL L 226 53.50 -20.90 -11.34
N LEU L 227 53.94 -20.62 -10.11
CA LEU L 227 53.23 -19.69 -9.26
C LEU L 227 53.13 -18.33 -9.93
N CYS L 228 51.91 -17.76 -9.91
CA CYS L 228 51.64 -16.48 -10.57
C CYS L 228 52.50 -15.37 -9.95
N SER L 229 53.46 -14.86 -10.72
CA SER L 229 54.41 -13.84 -10.28
C SER L 229 53.75 -12.58 -9.71
N ALA L 230 52.49 -12.29 -10.11
CA ALA L 230 51.77 -11.08 -9.71
C ALA L 230 51.03 -11.20 -8.37
N CYS L 231 50.75 -12.43 -7.89
CA CYS L 231 50.07 -12.64 -6.61
C CYS L 231 50.75 -13.71 -5.75
N SER L 232 51.91 -14.22 -6.18
CA SER L 232 52.71 -15.23 -5.49
C SER L 232 51.86 -16.42 -5.02
N GLY L 233 50.92 -16.88 -5.87
CA GLY L 233 50.07 -18.04 -5.63
C GLY L 233 48.92 -17.80 -4.63
N GLN L 234 48.99 -16.67 -3.91
CA GLN L 234 48.04 -16.40 -2.85
C GLN L 234 46.70 -16.35 -3.54
N GLY L 235 46.78 -16.32 -4.86
CA GLY L 235 45.62 -16.22 -5.70
C GLY L 235 45.37 -14.73 -5.74
N GLY L 236 44.93 -14.18 -4.62
CA GLY L 236 44.83 -12.75 -4.50
C GLY L 236 45.28 -12.27 -3.12
N LYS L 237 45.08 -10.98 -2.84
CA LYS L 237 45.37 -10.41 -1.53
C LYS L 237 44.57 -11.16 -0.47
N SER L 238 44.97 -11.08 0.81
CA SER L 238 44.23 -11.68 1.91
C SER L 238 42.83 -11.05 1.98
N GLY L 239 41.80 -11.87 1.73
CA GLY L 239 40.40 -11.44 1.67
C GLY L 239 39.95 -11.14 0.24
N ALA L 240 40.81 -11.46 -0.75
CA ALA L 240 40.48 -11.38 -2.17
C ALA L 240 39.83 -12.69 -2.59
N VAL L 241 40.09 -13.76 -1.82
CA VAL L 241 39.59 -15.09 -2.15
C VAL L 241 38.17 -15.23 -1.62
N GLN L 242 37.22 -15.38 -2.54
CA GLN L 242 35.79 -15.50 -2.22
C GLN L 242 35.29 -16.87 -2.66
N LYS L 243 34.33 -17.42 -1.88
CA LYS L 243 33.60 -18.63 -2.28
C LYS L 243 32.90 -18.35 -3.60
N CYS L 244 33.03 -19.28 -4.55
CA CYS L 244 32.30 -19.18 -5.80
C CYS L 244 30.80 -19.28 -5.54
N SER L 245 30.01 -18.23 -5.87
CA SER L 245 28.57 -18.14 -5.62
C SER L 245 27.80 -19.20 -6.39
N ALA L 246 28.26 -19.42 -7.62
CA ALA L 246 27.80 -20.33 -8.65
C ALA L 246 27.64 -21.79 -8.19
N CYS L 247 28.73 -22.34 -7.62
CA CYS L 247 28.79 -23.72 -7.15
C CYS L 247 28.83 -23.80 -5.62
N ARG L 248 28.73 -22.65 -4.93
CA ARG L 248 28.78 -22.52 -3.48
C ARG L 248 30.03 -23.23 -2.90
N GLY L 249 31.20 -23.04 -3.56
CA GLY L 249 32.44 -23.63 -3.12
C GLY L 249 32.68 -25.09 -3.54
N ARG L 250 31.76 -25.71 -4.29
CA ARG L 250 31.84 -27.13 -4.64
C ARG L 250 32.74 -27.39 -5.85
N GLY L 251 33.10 -26.36 -6.64
CA GLY L 251 33.86 -26.55 -7.88
C GLY L 251 33.00 -27.06 -9.04
N VAL L 252 31.87 -27.72 -8.73
CA VAL L 252 31.02 -28.37 -9.73
C VAL L 252 29.57 -27.91 -9.61
N ARG L 253 28.89 -27.87 -10.76
CA ARG L 253 27.46 -27.58 -10.84
C ARG L 253 26.74 -28.81 -11.37
N ILE L 254 25.55 -29.07 -10.82
CA ILE L 254 24.68 -30.11 -11.32
C ILE L 254 23.74 -29.50 -12.35
N MET L 255 23.92 -29.90 -13.62
CA MET L 255 23.06 -29.50 -14.71
C MET L 255 22.05 -30.60 -15.01
N ILE L 256 20.79 -30.21 -15.15
CA ILE L 256 19.71 -31.14 -15.45
C ILE L 256 19.44 -31.13 -16.95
N ARG L 257 19.70 -32.24 -17.64
CA ARG L 257 19.31 -32.42 -19.04
C ARG L 257 18.07 -33.29 -19.14
N GLN L 258 16.95 -32.81 -19.71
CA GLN L 258 15.85 -33.71 -20.04
C GLN L 258 16.21 -34.62 -21.21
N LEU L 259 16.04 -35.94 -21.04
CA LEU L 259 16.12 -36.92 -22.13
C LEU L 259 14.75 -37.19 -22.78
N ALA L 260 13.70 -37.14 -21.98
CA ALA L 260 12.31 -37.30 -22.36
C ALA L 260 11.42 -36.68 -21.27
N PRO L 261 10.16 -36.26 -21.49
CA PRO L 261 9.34 -35.80 -20.36
C PRO L 261 9.19 -36.89 -19.30
N GLY L 262 9.62 -36.58 -18.08
CA GLY L 262 9.66 -37.55 -16.98
C GLY L 262 10.97 -38.31 -16.86
N MET L 263 11.89 -38.16 -17.83
CA MET L 263 13.28 -38.59 -17.68
C MET L 263 14.25 -37.41 -17.67
N VAL L 264 14.79 -37.06 -16.51
CA VAL L 264 15.84 -36.04 -16.38
C VAL L 264 17.16 -36.71 -15.99
N GLN L 265 18.24 -36.32 -16.69
CA GLN L 265 19.59 -36.69 -16.37
C GLN L 265 20.29 -35.57 -15.63
N GLN L 266 20.78 -35.85 -14.42
CA GLN L 266 21.61 -34.94 -13.68
C GLN L 266 23.05 -35.24 -14.13
N MET L 267 23.68 -34.25 -14.77
CA MET L 267 25.08 -34.31 -15.10
C MET L 267 25.84 -33.33 -14.21
N GLN L 268 26.94 -33.77 -13.60
CA GLN L 268 27.88 -32.92 -12.90
C GLN L 268 28.86 -32.35 -13.93
N SER L 269 28.88 -31.02 -14.03
CA SER L 269 29.79 -30.29 -14.88
C SER L 269 30.72 -29.46 -13.99
N VAL L 270 31.97 -29.27 -14.44
CA VAL L 270 32.85 -28.31 -13.79
C VAL L 270 32.18 -26.93 -13.85
N CYS L 271 32.27 -26.19 -12.73
CA CYS L 271 31.61 -24.91 -12.62
C CYS L 271 32.33 -23.91 -13.54
N SER L 272 31.58 -23.34 -14.50
CA SER L 272 32.06 -22.34 -15.46
C SER L 272 32.66 -21.10 -14.78
N ASP L 273 32.17 -20.76 -13.58
CA ASP L 273 32.46 -19.47 -12.97
C ASP L 273 33.76 -19.48 -12.15
N CYS L 274 34.19 -20.67 -11.70
CA CYS L 274 35.45 -20.83 -10.99
C CYS L 274 36.37 -21.90 -11.59
N ASN L 275 35.99 -22.46 -12.76
CA ASN L 275 36.73 -23.49 -13.47
C ASN L 275 37.14 -24.66 -12.57
N GLY L 276 36.30 -25.00 -11.58
CA GLY L 276 36.54 -26.14 -10.71
C GLY L 276 37.20 -25.82 -9.37
N GLU L 277 37.71 -24.60 -9.19
CA GLU L 277 38.50 -24.27 -8.01
C GLU L 277 37.60 -24.10 -6.77
N GLY L 278 36.32 -23.77 -6.96
CA GLY L 278 35.42 -23.49 -5.83
C GLY L 278 35.56 -22.07 -5.27
N GLU L 279 36.62 -21.40 -5.67
CA GLU L 279 36.87 -20.00 -5.31
C GLU L 279 36.93 -19.08 -6.51
N VAL L 280 36.65 -17.79 -6.27
CA VAL L 280 36.80 -16.75 -7.28
C VAL L 280 37.63 -15.62 -6.68
N ILE L 281 38.60 -15.16 -7.47
CA ILE L 281 39.44 -14.01 -7.14
C ILE L 281 39.25 -12.99 -8.26
N ASN L 282 38.80 -11.78 -7.87
CA ASN L 282 38.69 -10.65 -8.78
C ASN L 282 40.03 -10.42 -9.48
N GLU L 283 40.01 -10.15 -10.78
CA GLU L 283 41.20 -9.97 -11.60
C GLU L 283 42.21 -9.00 -10.99
N LYS L 284 41.70 -7.90 -10.44
CA LYS L 284 42.44 -6.81 -9.80
C LYS L 284 43.22 -7.25 -8.56
N ASP L 285 42.84 -8.40 -7.96
CA ASP L 285 43.45 -8.91 -6.74
C ASP L 285 44.52 -9.96 -7.02
N ARG L 286 44.47 -10.62 -8.19
CA ARG L 286 45.46 -11.60 -8.60
C ARG L 286 46.37 -10.97 -9.65
N CYS L 287 45.77 -10.54 -10.76
CA CYS L 287 46.46 -9.99 -11.92
C CYS L 287 45.57 -10.23 -13.13
N LYS L 288 46.01 -9.77 -14.32
CA LYS L 288 45.32 -10.02 -15.56
C LYS L 288 45.94 -11.27 -16.21
N LYS L 289 46.59 -12.12 -15.39
CA LYS L 289 47.35 -13.28 -15.84
C LYS L 289 46.64 -14.59 -15.46
N CYS L 290 46.87 -15.11 -14.24
CA CYS L 290 46.29 -16.37 -13.78
C CYS L 290 44.77 -16.34 -13.92
N GLU L 291 44.10 -15.46 -13.15
CA GLU L 291 42.65 -15.22 -13.15
C GLU L 291 42.04 -15.88 -11.93
N GLY L 292 42.68 -15.69 -10.77
CA GLY L 292 42.25 -16.30 -9.52
C GLY L 292 42.66 -17.77 -9.46
N LYS L 293 43.57 -18.16 -10.36
CA LYS L 293 43.98 -19.55 -10.50
C LYS L 293 45.21 -19.89 -9.67
N LYS L 294 46.01 -18.86 -9.26
CA LYS L 294 47.17 -18.97 -8.39
C LYS L 294 48.39 -19.49 -9.17
N VAL L 295 48.19 -20.01 -10.39
CA VAL L 295 49.27 -20.45 -11.27
C VAL L 295 49.09 -19.91 -12.69
N ILE L 296 50.19 -19.89 -13.45
CA ILE L 296 50.18 -19.54 -14.87
C ILE L 296 51.00 -20.59 -15.62
N LYS L 297 50.60 -20.90 -16.85
CA LYS L 297 51.37 -21.77 -17.72
C LYS L 297 52.54 -21.00 -18.31
N GLU L 298 53.76 -21.46 -18.01
CA GLU L 298 54.99 -20.91 -18.54
C GLU L 298 55.70 -21.97 -19.38
N VAL L 299 56.40 -21.49 -20.40
CA VAL L 299 57.18 -22.35 -21.29
C VAL L 299 58.63 -22.31 -20.83
N LYS L 300 59.15 -23.45 -20.38
CA LYS L 300 60.55 -23.57 -19.96
C LYS L 300 61.33 -24.45 -20.94
N ILE L 301 62.55 -24.01 -21.28
CA ILE L 301 63.48 -24.78 -22.09
C ILE L 301 64.50 -25.42 -21.15
N LEU L 302 64.52 -26.77 -21.14
CA LEU L 302 65.52 -27.54 -20.43
C LEU L 302 66.61 -27.99 -21.41
N GLU L 303 67.87 -27.77 -21.01
CA GLU L 303 69.00 -28.31 -21.74
C GLU L 303 69.28 -29.73 -21.22
N VAL L 304 69.17 -30.72 -22.13
CA VAL L 304 69.30 -32.12 -21.79
C VAL L 304 70.60 -32.64 -22.40
N HIS L 305 71.47 -33.16 -21.51
CA HIS L 305 72.70 -33.83 -21.92
C HIS L 305 72.49 -35.35 -21.90
N VAL L 306 72.67 -35.96 -23.08
CA VAL L 306 72.72 -37.40 -23.25
C VAL L 306 74.19 -37.78 -23.40
N ASP L 307 74.72 -38.45 -22.37
CA ASP L 307 76.10 -38.89 -22.34
C ASP L 307 76.33 -40.11 -23.23
N LYS L 308 77.59 -40.27 -23.66
CA LYS L 308 78.01 -41.46 -24.40
C LYS L 308 77.78 -42.73 -23.59
N GLY L 309 77.19 -43.73 -24.26
CA GLY L 309 76.99 -45.05 -23.68
C GLY L 309 75.75 -45.19 -22.81
N MET L 310 74.96 -44.11 -22.65
CA MET L 310 73.69 -44.19 -21.94
C MET L 310 72.79 -45.29 -22.51
N LYS L 311 71.96 -45.90 -21.66
CA LYS L 311 71.18 -47.08 -22.01
C LYS L 311 69.71 -46.73 -22.21
N HIS L 312 69.02 -47.58 -22.97
CA HIS L 312 67.56 -47.54 -23.02
C HIS L 312 66.96 -47.61 -21.61
N GLY L 313 65.93 -46.80 -21.35
CA GLY L 313 65.26 -46.74 -20.06
C GLY L 313 66.00 -45.95 -18.98
N GLN L 314 67.17 -45.39 -19.28
CA GLN L 314 67.90 -44.57 -18.32
C GLN L 314 67.15 -43.26 -18.07
N ARG L 315 67.19 -42.79 -16.81
CA ARG L 315 66.45 -41.60 -16.38
C ARG L 315 67.39 -40.40 -16.24
N ILE L 316 66.97 -39.24 -16.77
CA ILE L 316 67.60 -37.95 -16.55
C ILE L 316 66.62 -37.08 -15.75
N THR L 317 67.02 -36.72 -14.51
CA THR L 317 66.14 -36.02 -13.59
C THR L 317 66.52 -34.54 -13.46
N PHE L 318 65.50 -33.68 -13.60
CA PHE L 318 65.58 -32.25 -13.33
C PHE L 318 64.79 -31.95 -12.06
N THR L 319 65.52 -31.73 -10.96
CA THR L 319 64.93 -31.62 -9.62
C THR L 319 64.13 -30.32 -9.47
N GLY L 320 62.90 -30.44 -8.92
CA GLY L 320 62.03 -29.30 -8.64
C GLY L 320 61.51 -28.58 -9.88
N GLU L 321 61.64 -29.22 -11.06
CA GLU L 321 61.28 -28.61 -12.33
C GLU L 321 59.83 -28.87 -12.76
N ALA L 322 59.10 -29.75 -12.04
CA ALA L 322 57.70 -30.04 -12.34
C ALA L 322 56.77 -28.84 -12.05
N ASP L 323 55.47 -29.11 -12.14
CA ASP L 323 54.41 -28.15 -11.84
C ASP L 323 54.50 -27.62 -10.41
N GLN L 324 54.36 -26.29 -10.29
CA GLN L 324 54.23 -25.62 -9.00
C GLN L 324 52.77 -25.47 -8.62
N ALA L 325 52.48 -25.66 -7.32
CA ALA L 325 51.16 -25.37 -6.76
C ALA L 325 51.31 -24.63 -5.42
N PRO L 326 50.37 -23.74 -5.03
CA PRO L 326 50.45 -23.03 -3.76
C PRO L 326 50.52 -23.97 -2.54
N GLY L 327 51.58 -23.80 -1.74
CA GLY L 327 51.81 -24.60 -0.54
C GLY L 327 52.36 -26.00 -0.80
N VAL L 328 52.78 -26.28 -2.04
CA VAL L 328 53.31 -27.57 -2.48
C VAL L 328 54.73 -27.35 -3.01
N GLU L 329 55.69 -28.18 -2.57
CA GLU L 329 57.03 -28.18 -3.12
C GLU L 329 57.01 -28.89 -4.46
N PRO L 330 57.54 -28.32 -5.57
CA PRO L 330 57.46 -28.95 -6.89
C PRO L 330 58.11 -30.33 -6.96
N GLY L 331 57.50 -31.23 -7.74
CA GLY L 331 58.11 -32.49 -8.11
C GLY L 331 59.25 -32.32 -9.13
N ASP L 332 59.76 -33.45 -9.63
CA ASP L 332 60.85 -33.46 -10.61
C ASP L 332 60.33 -33.71 -12.02
N ILE L 333 61.08 -33.23 -13.02
CA ILE L 333 60.90 -33.70 -14.38
C ILE L 333 61.88 -34.84 -14.66
N VAL L 334 61.35 -36.03 -14.97
CA VAL L 334 62.14 -37.22 -15.25
C VAL L 334 62.02 -37.57 -16.72
N LEU L 335 63.13 -37.42 -17.45
CA LEU L 335 63.17 -37.84 -18.84
C LEU L 335 63.61 -39.30 -18.91
N LEU L 336 62.80 -40.12 -19.60
CA LEU L 336 63.10 -41.51 -19.82
C LEU L 336 63.66 -41.70 -21.23
N LEU L 337 64.90 -42.17 -21.33
CA LEU L 337 65.52 -42.40 -22.64
C LEU L 337 64.86 -43.57 -23.37
N GLN L 338 64.35 -43.28 -24.57
CA GLN L 338 63.80 -44.28 -25.46
C GLN L 338 64.70 -44.41 -26.69
N GLU L 339 65.37 -45.56 -26.80
CA GLU L 339 66.24 -45.84 -27.93
C GLU L 339 65.36 -46.09 -29.15
N LYS L 340 65.68 -45.41 -30.26
CA LYS L 340 65.02 -45.66 -31.53
C LYS L 340 65.70 -46.84 -32.21
N GLU L 341 64.87 -47.64 -32.88
CA GLU L 341 65.34 -48.65 -33.83
C GLU L 341 66.28 -48.02 -34.86
N HIS L 342 67.35 -48.74 -35.18
CA HIS L 342 68.34 -48.33 -36.14
C HIS L 342 68.35 -49.32 -37.31
N GLU L 343 68.52 -48.82 -38.55
CA GLU L 343 68.31 -49.62 -39.75
C GLU L 343 69.38 -50.71 -39.94
N VAL L 344 70.63 -50.41 -39.57
CA VAL L 344 71.78 -51.31 -39.77
C VAL L 344 72.16 -52.07 -38.50
N PHE L 345 72.25 -51.36 -37.37
CA PHE L 345 72.76 -51.90 -36.12
C PHE L 345 71.63 -52.18 -35.12
N GLN L 346 71.77 -53.31 -34.42
CA GLN L 346 70.98 -53.64 -33.25
C GLN L 346 71.90 -53.63 -32.04
N ARG L 347 71.46 -53.00 -30.96
CA ARG L 347 72.30 -52.88 -29.77
C ARG L 347 71.95 -53.97 -28.77
N ASP L 348 72.98 -54.66 -28.25
CA ASP L 348 72.87 -55.53 -27.10
C ASP L 348 73.85 -55.09 -26.02
N GLY L 349 73.35 -54.41 -24.98
CA GLY L 349 74.20 -53.84 -23.94
C GLY L 349 75.22 -52.83 -24.47
N ASN L 350 76.51 -53.24 -24.51
CA ASN L 350 77.58 -52.44 -25.07
C ASN L 350 78.00 -52.92 -26.46
N ASP L 351 77.46 -54.06 -26.90
CA ASP L 351 77.79 -54.66 -28.19
C ASP L 351 76.80 -54.21 -29.26
N LEU L 352 77.26 -54.27 -30.51
CA LEU L 352 76.43 -54.00 -31.68
C LEU L 352 76.36 -55.25 -32.55
N HIS L 353 75.18 -55.46 -33.15
CA HIS L 353 74.93 -56.54 -34.08
C HIS L 353 74.50 -55.95 -35.42
N MET L 354 75.00 -56.55 -36.52
CA MET L 354 74.52 -56.20 -37.85
C MET L 354 74.47 -57.46 -38.72
N THR L 355 73.59 -57.44 -39.74
CA THR L 355 73.58 -58.45 -40.78
C THR L 355 74.21 -57.88 -42.04
N TYR L 356 75.18 -58.62 -42.61
CA TYR L 356 75.84 -58.22 -43.83
C TYR L 356 75.67 -59.30 -44.90
N LYS L 357 75.19 -58.89 -46.08
CA LYS L 357 74.97 -59.79 -47.20
C LYS L 357 76.23 -59.87 -48.06
N ILE L 358 76.66 -61.11 -48.38
CA ILE L 358 77.82 -61.37 -49.21
C ILE L 358 77.45 -62.43 -50.26
N GLY L 359 78.11 -62.37 -51.43
CA GLY L 359 77.94 -63.39 -52.47
C GLY L 359 78.69 -64.69 -52.14
N LEU L 360 78.32 -65.80 -52.82
CA LEU L 360 78.98 -67.08 -52.65
C LEU L 360 80.49 -66.99 -52.92
N VAL L 361 80.89 -66.23 -53.96
CA VAL L 361 82.29 -66.02 -54.31
C VAL L 361 83.04 -65.33 -53.17
N GLU L 362 82.45 -64.30 -52.56
CA GLU L 362 83.02 -63.60 -51.42
C GLU L 362 83.17 -64.52 -50.20
N ALA L 363 82.16 -65.36 -49.96
CA ALA L 363 82.13 -66.32 -48.87
C ALA L 363 83.23 -67.38 -48.98
N LEU L 364 83.60 -67.79 -50.21
CA LEU L 364 84.59 -68.85 -50.48
C LEU L 364 86.00 -68.31 -50.71
N CYS L 365 86.13 -67.15 -51.38
CA CYS L 365 87.40 -66.65 -51.90
C CYS L 365 87.96 -65.46 -51.09
N GLY L 366 87.24 -65.01 -50.06
CA GLY L 366 87.60 -63.81 -49.30
C GLY L 366 87.03 -62.53 -49.92
N PHE L 367 86.98 -61.47 -49.10
CA PHE L 367 86.30 -60.24 -49.49
C PHE L 367 86.78 -59.04 -48.67
N GLN L 368 86.43 -57.85 -49.18
CA GLN L 368 86.61 -56.59 -48.48
C GLN L 368 85.33 -55.79 -48.64
N PHE L 369 84.80 -55.27 -47.52
CA PHE L 369 83.67 -54.37 -47.58
C PHE L 369 83.86 -53.17 -46.65
N THR L 370 83.02 -52.15 -46.87
CA THR L 370 83.05 -50.93 -46.07
C THR L 370 81.65 -50.60 -45.59
N PHE L 371 81.55 -50.10 -44.34
CA PHE L 371 80.30 -49.58 -43.80
C PHE L 371 80.56 -48.31 -43.00
N LYS L 372 79.49 -47.51 -42.81
CA LYS L 372 79.51 -46.32 -41.99
C LYS L 372 79.16 -46.67 -40.55
N HIS L 373 80.03 -46.32 -39.60
CA HIS L 373 79.78 -46.51 -38.18
C HIS L 373 78.94 -45.37 -37.59
N LEU L 374 78.58 -45.48 -36.30
CA LEU L 374 77.75 -44.54 -35.56
C LEU L 374 78.42 -43.17 -35.37
N ASP L 375 79.76 -43.11 -35.40
CA ASP L 375 80.52 -41.85 -35.40
C ASP L 375 80.74 -41.25 -36.79
N GLY L 376 80.26 -41.94 -37.83
CA GLY L 376 80.41 -41.50 -39.21
C GLY L 376 81.73 -41.89 -39.86
N ARG L 377 82.63 -42.59 -39.14
CA ARG L 377 83.83 -43.16 -39.75
C ARG L 377 83.45 -44.28 -40.72
N GLN L 378 84.21 -44.40 -41.81
CA GLN L 378 84.15 -45.55 -42.70
C GLN L 378 85.08 -46.64 -42.19
N ILE L 379 84.51 -47.81 -41.87
CA ILE L 379 85.29 -48.97 -41.44
C ILE L 379 85.46 -49.91 -42.62
N VAL L 380 86.71 -50.29 -42.90
CA VAL L 380 87.04 -51.30 -43.91
C VAL L 380 87.28 -52.63 -43.22
N VAL L 381 86.40 -53.61 -43.49
CA VAL L 381 86.54 -54.97 -42.99
C VAL L 381 87.13 -55.83 -44.09
N LYS L 382 88.22 -56.55 -43.76
CA LYS L 382 88.89 -57.46 -44.69
C LYS L 382 88.83 -58.87 -44.14
N TYR L 383 88.45 -59.81 -45.02
CA TYR L 383 88.47 -61.22 -44.72
C TYR L 383 89.43 -61.92 -45.68
N PRO L 384 90.44 -62.67 -45.17
CA PRO L 384 91.52 -63.17 -46.03
C PRO L 384 91.03 -64.28 -46.97
N PRO L 385 91.62 -64.40 -48.18
CA PRO L 385 91.33 -65.51 -49.08
C PRO L 385 91.71 -66.86 -48.49
N GLY L 386 90.95 -67.90 -48.83
CA GLY L 386 91.21 -69.25 -48.33
C GLY L 386 90.54 -69.57 -47.00
N LYS L 387 89.80 -68.61 -46.41
CA LYS L 387 88.93 -68.88 -45.27
C LYS L 387 87.48 -68.74 -45.72
N VAL L 388 86.63 -69.69 -45.28
CA VAL L 388 85.23 -69.76 -45.67
C VAL L 388 84.35 -69.09 -44.61
N ILE L 389 83.36 -68.33 -45.10
CA ILE L 389 82.24 -67.83 -44.32
C ILE L 389 81.04 -68.74 -44.59
N GLU L 390 80.60 -69.46 -43.55
CA GLU L 390 79.39 -70.28 -43.61
C GLU L 390 78.15 -69.39 -43.56
N PRO L 391 77.03 -69.78 -44.23
CA PRO L 391 75.75 -69.08 -44.11
C PRO L 391 75.28 -68.98 -42.65
N GLY L 392 74.98 -67.73 -42.25
CA GLY L 392 74.52 -67.42 -40.90
C GLY L 392 75.63 -67.33 -39.86
N CYS L 393 76.91 -67.54 -40.23
CA CYS L 393 77.99 -67.48 -39.26
C CYS L 393 78.23 -66.04 -38.78
N VAL L 394 78.74 -65.92 -37.54
CA VAL L 394 79.01 -64.63 -36.92
C VAL L 394 80.52 -64.42 -36.81
N ARG L 395 80.98 -63.20 -37.14
CA ARG L 395 82.35 -62.75 -36.89
C ARG L 395 82.32 -61.47 -36.07
N VAL L 396 83.45 -61.14 -35.46
CA VAL L 396 83.56 -60.02 -34.54
C VAL L 396 84.60 -59.01 -35.04
N VAL L 397 84.22 -57.73 -34.97
CA VAL L 397 85.15 -56.60 -35.10
C VAL L 397 85.29 -55.99 -33.70
N ARG L 398 86.45 -56.24 -33.08
CA ARG L 398 86.68 -55.88 -31.68
C ARG L 398 86.78 -54.37 -31.49
N GLY L 399 86.15 -53.85 -30.42
CA GLY L 399 86.20 -52.45 -30.03
C GLY L 399 85.37 -51.50 -30.89
N GLU L 400 84.50 -52.05 -31.77
CA GLU L 400 83.61 -51.28 -32.63
C GLU L 400 82.14 -51.39 -32.19
N GLY L 401 81.90 -51.73 -30.92
CA GLY L 401 80.58 -51.64 -30.29
C GLY L 401 80.28 -50.26 -29.69
N MET L 402 79.27 -50.20 -28.81
CA MET L 402 78.89 -48.99 -28.08
C MET L 402 79.90 -48.64 -26.99
N PRO L 403 80.13 -47.33 -26.71
CA PRO L 403 80.94 -46.93 -25.56
C PRO L 403 80.23 -47.28 -24.24
N GLN L 404 81.02 -47.60 -23.21
CA GLN L 404 80.48 -47.80 -21.88
C GLN L 404 80.09 -46.47 -21.24
N TYR L 405 78.92 -46.44 -20.58
CA TYR L 405 78.49 -45.27 -19.83
C TYR L 405 79.50 -44.95 -18.72
N ARG L 406 79.92 -43.67 -18.63
CA ARG L 406 80.90 -43.15 -17.67
C ARG L 406 82.35 -43.55 -17.98
N ASN L 407 82.56 -44.52 -18.88
CA ASN L 407 83.89 -44.94 -19.32
C ASN L 407 83.93 -45.03 -20.86
N PRO L 408 83.77 -43.91 -21.59
CA PRO L 408 83.62 -43.94 -23.05
C PRO L 408 84.85 -44.35 -23.85
N PHE L 409 85.99 -44.55 -23.16
CA PHE L 409 87.21 -45.09 -23.75
C PHE L 409 87.13 -46.61 -23.95
N GLU L 410 86.32 -47.28 -23.14
CA GLU L 410 86.00 -48.69 -23.33
C GLU L 410 84.74 -48.83 -24.18
N LYS L 411 84.82 -49.75 -25.15
CA LYS L 411 83.71 -50.04 -26.04
C LYS L 411 83.46 -51.54 -26.04
N GLY L 412 82.21 -51.92 -26.35
CA GLY L 412 81.92 -53.29 -26.71
C GLY L 412 82.42 -53.65 -28.10
N ASP L 413 81.93 -54.77 -28.62
CA ASP L 413 82.32 -55.32 -29.91
C ASP L 413 81.19 -55.21 -30.95
N LEU L 414 81.55 -55.28 -32.23
CA LEU L 414 80.58 -55.39 -33.32
C LEU L 414 80.54 -56.83 -33.85
N TYR L 415 79.38 -57.48 -33.70
CA TYR L 415 79.10 -58.80 -34.25
C TYR L 415 78.41 -58.67 -35.60
N ILE L 416 79.00 -59.32 -36.61
CA ILE L 416 78.49 -59.30 -37.97
C ILE L 416 78.01 -60.71 -38.32
N LYS L 417 76.69 -60.86 -38.52
CA LYS L 417 76.10 -62.07 -39.05
C LYS L 417 76.15 -62.01 -40.59
N PHE L 418 76.74 -63.03 -41.22
CA PHE L 418 76.84 -63.09 -42.66
C PHE L 418 75.68 -63.85 -43.28
N ASP L 419 75.00 -63.18 -44.21
CA ASP L 419 73.94 -63.76 -45.03
C ASP L 419 74.49 -64.05 -46.42
N VAL L 420 74.77 -65.33 -46.71
CA VAL L 420 75.42 -65.74 -47.96
C VAL L 420 74.38 -65.93 -49.06
N GLN L 421 74.46 -65.07 -50.08
CA GLN L 421 73.60 -65.08 -51.24
C GLN L 421 74.14 -66.03 -52.31
N PHE L 422 73.39 -67.10 -52.54
CA PHE L 422 73.62 -68.00 -53.66
C PHE L 422 73.24 -67.34 -54.98
N PRO L 423 73.92 -67.69 -56.10
CA PRO L 423 73.56 -67.21 -57.43
C PRO L 423 72.18 -67.75 -57.82
N GLU L 424 71.51 -67.05 -58.74
CA GLU L 424 70.19 -67.46 -59.18
C GLU L 424 70.23 -68.73 -60.05
N ASN L 425 69.02 -69.22 -60.29
CA ASN L 425 68.66 -70.30 -61.22
C ASN L 425 69.33 -70.10 -62.59
N ASN L 426 69.96 -71.14 -63.13
CA ASN L 426 70.60 -71.14 -64.46
C ASN L 426 71.84 -70.24 -64.58
N TRP L 427 72.52 -69.85 -63.46
CA TRP L 427 73.59 -68.85 -63.56
C TRP L 427 74.82 -69.32 -64.35
N ILE L 428 74.99 -70.65 -64.46
CA ILE L 428 76.10 -71.28 -65.17
C ILE L 428 75.60 -72.31 -66.18
N ASN L 429 76.27 -72.39 -67.34
CA ASN L 429 76.01 -73.41 -68.35
C ASN L 429 76.34 -74.79 -67.76
N PRO L 430 75.43 -75.80 -67.85
CA PRO L 430 75.72 -77.18 -67.45
C PRO L 430 77.09 -77.76 -67.84
N ASP L 431 77.62 -77.38 -69.01
CA ASP L 431 78.93 -77.84 -69.49
C ASP L 431 80.08 -77.47 -68.54
N LYS L 432 79.92 -76.41 -67.75
CA LYS L 432 80.93 -75.89 -66.82
C LYS L 432 80.78 -76.44 -65.40
N LEU L 433 79.74 -77.24 -65.15
CA LEU L 433 79.50 -77.81 -63.82
C LEU L 433 80.60 -78.79 -63.42
N SER L 434 81.15 -79.51 -64.42
CA SER L 434 82.27 -80.44 -64.27
C SER L 434 83.52 -79.72 -63.77
N GLU L 435 83.88 -78.60 -64.42
CA GLU L 435 85.02 -77.76 -64.02
C GLU L 435 84.86 -77.26 -62.58
N LEU L 436 83.64 -76.92 -62.16
CA LEU L 436 83.36 -76.46 -60.80
C LEU L 436 83.50 -77.60 -59.78
N GLU L 437 83.04 -78.81 -60.15
CA GLU L 437 83.12 -79.98 -59.30
C GLU L 437 84.58 -80.36 -59.02
N ASP L 438 85.44 -80.28 -60.06
CA ASP L 438 86.87 -80.57 -59.96
C ASP L 438 87.63 -79.63 -59.02
N LEU L 439 87.09 -78.41 -58.80
CA LEU L 439 87.75 -77.38 -57.99
C LEU L 439 87.36 -77.56 -56.51
N GLY M 198 8.14 118.11 -24.95
CA GLY M 198 7.65 117.81 -23.58
C GLY M 198 7.36 119.10 -22.83
N GLU M 199 6.69 118.94 -21.68
CA GLU M 199 6.30 120.03 -20.81
C GLU M 199 7.53 120.55 -20.04
N ASP M 200 7.60 121.88 -19.87
CA ASP M 200 8.63 122.52 -19.06
C ASP M 200 8.32 122.34 -17.57
N MET M 201 9.36 122.13 -16.76
CA MET M 201 9.23 121.97 -15.32
C MET M 201 9.66 123.26 -14.61
N MET M 202 8.74 123.86 -13.83
CA MET M 202 9.03 125.08 -13.08
C MET M 202 9.33 124.75 -11.62
N HIS M 203 10.48 125.24 -11.12
CA HIS M 203 10.87 125.04 -9.72
C HIS M 203 11.21 126.37 -9.05
N PRO M 204 10.59 126.70 -7.89
CA PRO M 204 10.99 127.89 -7.14
C PRO M 204 12.32 127.66 -6.43
N LEU M 205 13.28 128.58 -6.65
CA LEU M 205 14.54 128.59 -5.93
C LEU M 205 14.56 129.75 -4.93
N LYS M 206 14.46 129.42 -3.64
CA LYS M 206 14.51 130.43 -2.58
C LYS M 206 15.94 130.89 -2.34
N VAL M 207 16.19 132.20 -2.51
CA VAL M 207 17.48 132.85 -2.41
C VAL M 207 17.41 133.99 -1.38
N SER M 208 18.46 134.18 -0.58
CA SER M 208 18.53 135.30 0.36
C SER M 208 19.09 136.56 -0.32
N LEU M 209 18.98 137.74 0.34
CA LEU M 209 19.59 138.97 -0.16
C LEU M 209 21.11 138.86 -0.26
N GLU M 210 21.75 138.15 0.70
CA GLU M 210 23.18 137.89 0.69
C GLU M 210 23.59 137.03 -0.51
N ASP M 211 22.78 136.03 -0.86
CA ASP M 211 22.97 135.18 -2.03
C ASP M 211 22.94 136.03 -3.31
N LEU M 212 21.98 136.97 -3.38
CA LEU M 212 21.79 137.86 -4.53
C LEU M 212 22.84 138.96 -4.62
N TYR M 213 23.41 139.37 -3.48
CA TYR M 213 24.44 140.40 -3.41
C TYR M 213 25.83 139.84 -3.75
N ASN M 214 26.19 138.70 -3.15
CA ASN M 214 27.51 138.10 -3.29
C ASN M 214 27.61 137.15 -4.49
N GLY M 215 26.47 136.68 -4.99
CA GLY M 215 26.44 135.56 -5.92
C GLY M 215 26.55 134.22 -5.18
N LYS M 216 25.91 133.19 -5.74
CA LYS M 216 25.88 131.87 -5.11
C LYS M 216 25.84 130.77 -6.15
N THR M 217 26.68 129.75 -5.93
CA THR M 217 26.57 128.49 -6.64
C THR M 217 25.93 127.46 -5.71
N THR M 218 24.81 126.88 -6.13
CA THR M 218 24.11 125.86 -5.36
C THR M 218 23.82 124.62 -6.21
N LYS M 219 23.80 123.45 -5.57
CA LYS M 219 23.44 122.21 -6.24
C LYS M 219 21.99 121.87 -5.94
N LEU M 220 21.20 121.71 -7.02
CA LEU M 220 19.80 121.35 -6.93
C LEU M 220 19.64 119.90 -7.37
N GLN M 221 19.13 119.05 -6.46
CA GLN M 221 18.83 117.68 -6.80
C GLN M 221 17.37 117.58 -7.26
N LEU M 222 17.16 117.10 -8.50
CA LEU M 222 15.83 116.86 -9.05
C LEU M 222 15.68 115.42 -9.49
N SER M 223 14.47 114.86 -9.28
CA SER M 223 14.13 113.56 -9.83
C SER M 223 13.33 113.77 -11.12
N LYS M 224 13.80 113.16 -12.22
CA LYS M 224 13.16 113.26 -13.51
C LYS M 224 13.04 111.89 -14.17
N ASN M 225 12.10 111.78 -15.11
CA ASN M 225 11.95 110.61 -15.95
C ASN M 225 12.97 110.68 -17.09
N VAL M 226 13.76 109.61 -17.23
CA VAL M 226 14.68 109.43 -18.33
C VAL M 226 14.28 108.19 -19.12
N LEU M 227 14.59 108.18 -20.43
CA LEU M 227 14.38 106.98 -21.23
C LEU M 227 15.16 105.80 -20.64
N CYS M 228 14.48 104.65 -20.52
CA CYS M 228 15.06 103.46 -19.93
C CYS M 228 16.27 103.00 -20.74
N SER M 229 17.48 103.12 -20.17
CA SER M 229 18.73 102.78 -20.82
C SER M 229 18.79 101.36 -21.37
N ALA M 230 17.99 100.43 -20.81
CA ALA M 230 18.00 99.01 -21.18
C ALA M 230 17.10 98.68 -22.38
N CYS M 231 16.13 99.53 -22.72
CA CYS M 231 15.23 99.29 -23.86
C CYS M 231 15.05 100.54 -24.74
N SER M 232 15.81 101.61 -24.46
CA SER M 232 15.78 102.88 -25.17
C SER M 232 14.36 103.39 -25.43
N GLY M 233 13.47 103.27 -24.42
CA GLY M 233 12.10 103.76 -24.45
C GLY M 233 11.12 102.90 -25.27
N GLN M 234 11.68 101.99 -26.07
CA GLN M 234 10.88 101.21 -27.01
C GLN M 234 9.92 100.44 -26.11
N GLY M 235 10.23 100.50 -24.82
CA GLY M 235 9.46 99.78 -23.84
C GLY M 235 10.09 98.42 -23.86
N GLY M 236 9.84 97.69 -24.94
CA GLY M 236 10.53 96.43 -25.15
C GLY M 236 10.93 96.25 -26.60
N LYS M 237 11.42 95.05 -26.95
CA LYS M 237 11.76 94.72 -28.33
C LYS M 237 10.50 94.87 -29.19
N SER M 238 10.68 94.99 -30.52
CA SER M 238 9.54 95.05 -31.45
C SER M 238 8.75 93.74 -31.35
N GLY M 239 7.48 93.85 -30.89
CA GLY M 239 6.60 92.72 -30.65
C GLY M 239 6.64 92.26 -29.19
N ALA M 240 7.34 93.02 -28.33
CA ALA M 240 7.33 92.81 -26.89
C ALA M 240 6.14 93.54 -26.27
N VAL M 241 5.65 94.56 -26.98
CA VAL M 241 4.57 95.41 -26.49
C VAL M 241 3.24 94.72 -26.78
N GLN M 242 2.53 94.34 -25.71
CA GLN M 242 1.24 93.66 -25.81
C GLN M 242 0.15 94.53 -25.20
N LYS M 243 -1.06 94.46 -25.79
CA LYS M 243 -2.26 95.07 -25.21
C LYS M 243 -2.48 94.47 -23.82
N CYS M 244 -2.72 95.35 -22.84
CA CYS M 244 -3.05 94.89 -21.51
C CYS M 244 -4.39 94.13 -21.53
N SER M 245 -4.40 92.83 -21.17
CA SER M 245 -5.58 91.96 -21.21
C SER M 245 -6.67 92.43 -20.24
N ALA M 246 -6.20 92.89 -19.08
CA ALA M 246 -6.91 93.42 -17.93
C ALA M 246 -7.91 94.54 -18.25
N CYS M 247 -7.41 95.59 -18.93
CA CYS M 247 -8.19 96.76 -19.29
C CYS M 247 -8.45 96.81 -20.80
N ARG M 248 -8.03 95.79 -21.56
CA ARG M 248 -8.15 95.69 -23.01
C ARG M 248 -7.61 96.95 -23.72
N GLY M 249 -6.45 97.45 -23.25
CA GLY M 249 -5.82 98.64 -23.83
C GLY M 249 -6.35 99.98 -23.34
N ARG M 250 -7.32 100.00 -22.42
CA ARG M 250 -7.97 101.25 -21.98
C ARG M 250 -7.17 101.98 -20.88
N GLY M 251 -6.19 101.33 -20.25
CA GLY M 251 -5.46 101.92 -19.12
C GLY M 251 -6.25 101.90 -17.81
N VAL M 252 -7.59 101.83 -17.90
CA VAL M 252 -8.47 101.92 -16.74
C VAL M 252 -9.44 100.73 -16.67
N ARG M 253 -9.79 100.35 -15.45
CA ARG M 253 -10.78 99.32 -15.17
C ARG M 253 -11.98 99.95 -14.46
N ILE M 254 -13.18 99.52 -14.83
CA ILE M 254 -14.38 99.96 -14.15
C ILE M 254 -14.68 98.96 -13.03
N MET M 255 -14.57 99.39 -11.79
CA MET M 255 -14.89 98.59 -10.62
C MET M 255 -16.27 98.98 -10.09
N ILE M 256 -17.10 97.97 -9.83
CA ILE M 256 -18.44 98.19 -9.33
C ILE M 256 -18.45 98.03 -7.81
N ARG M 257 -18.72 99.12 -7.08
CA ARG M 257 -18.92 99.05 -5.63
C ARG M 257 -20.42 99.13 -5.30
N GLN M 258 -21.00 98.13 -4.65
CA GLN M 258 -22.35 98.30 -4.11
C GLN M 258 -22.37 99.24 -2.92
N LEU M 259 -23.22 100.30 -2.96
CA LEU M 259 -23.47 101.17 -1.82
C LEU M 259 -24.65 100.72 -0.96
N ALA M 260 -25.67 100.16 -1.64
CA ALA M 260 -26.85 99.56 -1.04
C ALA M 260 -27.44 98.54 -2.02
N PRO M 261 -28.23 97.52 -1.64
CA PRO M 261 -28.79 96.61 -2.66
C PRO M 261 -29.66 97.39 -3.67
N GLY M 262 -29.29 97.30 -4.94
CA GLY M 262 -29.93 98.07 -6.00
C GLY M 262 -29.29 99.45 -6.27
N MET M 263 -28.32 99.86 -5.44
CA MET M 263 -27.45 101.01 -5.73
C MET M 263 -25.99 100.58 -5.93
N VAL M 264 -25.53 100.59 -7.18
CA VAL M 264 -24.14 100.30 -7.51
C VAL M 264 -23.44 101.58 -7.99
N GLN M 265 -22.22 101.82 -7.46
CA GLN M 265 -21.31 102.86 -7.93
C GLN M 265 -20.27 102.25 -8.86
N GLN M 266 -20.20 102.75 -10.09
CA GLN M 266 -19.13 102.42 -11.01
C GLN M 266 -18.04 103.44 -10.73
N MET M 267 -16.89 102.93 -10.27
CA MET M 267 -15.69 103.75 -10.12
C MET M 267 -14.68 103.32 -11.17
N GLN M 268 -14.11 104.28 -11.90
CA GLN M 268 -13.00 104.06 -12.80
C GLN M 268 -11.72 104.13 -11.97
N SER M 269 -10.96 103.02 -11.98
CA SER M 269 -9.68 102.93 -11.32
C SER M 269 -8.61 102.73 -12.39
N VAL M 270 -7.40 103.27 -12.16
CA VAL M 270 -6.28 102.95 -13.01
C VAL M 270 -6.05 101.43 -12.95
N CYS M 271 -5.77 100.84 -14.12
CA CYS M 271 -5.62 99.40 -14.23
C CYS M 271 -4.33 98.99 -13.52
N SER M 272 -4.47 98.12 -12.51
CA SER M 272 -3.37 97.57 -11.70
C SER M 272 -2.31 96.85 -12.56
N ASP M 273 -2.73 96.27 -13.69
CA ASP M 273 -1.89 95.34 -14.44
C ASP M 273 -0.97 96.06 -15.44
N CYS M 274 -1.33 97.28 -15.86
CA CYS M 274 -0.51 98.11 -16.72
C CYS M 274 -0.24 99.51 -16.19
N ASN M 275 -0.66 99.79 -14.94
CA ASN M 275 -0.50 101.07 -14.27
C ASN M 275 -0.95 102.25 -15.13
N GLY M 276 -1.99 102.05 -15.96
CA GLY M 276 -2.57 103.12 -16.76
C GLY M 276 -2.08 103.20 -18.20
N GLU M 277 -1.02 102.45 -18.56
CA GLU M 277 -0.39 102.59 -19.86
C GLU M 277 -1.24 101.93 -20.96
N GLY M 278 -2.07 100.94 -20.62
CA GLY M 278 -2.85 100.19 -21.60
C GLY M 278 -2.05 99.08 -22.29
N GLU M 279 -0.73 99.11 -22.11
CA GLU M 279 0.16 98.08 -22.61
C GLU M 279 0.92 97.37 -21.50
N VAL M 280 1.36 96.14 -21.78
CA VAL M 280 2.22 95.37 -20.89
C VAL M 280 3.43 94.89 -21.69
N ILE M 281 4.61 95.06 -21.10
CA ILE M 281 5.87 94.56 -21.63
C ILE M 281 6.46 93.62 -20.58
N ASN M 282 6.69 92.36 -20.98
CA ASN M 282 7.38 91.38 -20.14
C ASN M 282 8.73 91.95 -19.68
N GLU M 283 9.07 91.74 -18.41
CA GLU M 283 10.28 92.28 -17.80
C GLU M 283 11.54 92.01 -18.62
N LYS M 284 11.63 90.79 -19.17
CA LYS M 284 12.75 90.30 -19.99
C LYS M 284 12.92 91.06 -21.30
N ASP M 285 11.88 91.78 -21.75
CA ASP M 285 11.89 92.52 -23.01
C ASP M 285 12.24 94.00 -22.82
N ARG M 286 12.03 94.55 -21.61
CA ARG M 286 12.37 95.92 -21.28
C ARG M 286 13.62 95.93 -20.43
N CYS M 287 13.55 95.26 -19.27
CA CYS M 287 14.62 95.21 -18.28
C CYS M 287 13.96 94.95 -16.93
N LYS M 288 14.78 94.84 -15.86
CA LYS M 288 14.28 94.70 -14.51
C LYS M 288 14.21 96.09 -13.88
N LYS M 289 14.13 97.14 -14.73
CA LYS M 289 14.18 98.53 -14.31
C LYS M 289 12.83 99.22 -14.48
N CYS M 290 12.53 99.76 -15.68
CA CYS M 290 11.28 100.47 -15.96
C CYS M 290 10.09 99.60 -15.59
N GLU M 291 9.89 98.47 -16.31
CA GLU M 291 8.84 97.48 -16.11
C GLU M 291 7.76 97.66 -17.18
N GLY M 292 8.19 97.82 -18.44
CA GLY M 292 7.30 98.07 -19.55
C GLY M 292 6.83 99.52 -19.56
N LYS M 293 7.50 100.37 -18.78
CA LYS M 293 7.10 101.75 -18.60
C LYS M 293 7.79 102.69 -19.58
N LYS M 294 8.93 102.27 -20.18
CA LYS M 294 9.68 102.99 -21.21
C LYS M 294 10.52 104.12 -20.60
N VAL M 295 10.27 104.46 -19.33
CA VAL M 295 11.06 105.46 -18.60
C VAL M 295 11.44 104.94 -17.21
N ILE M 296 12.48 105.55 -16.61
CA ILE M 296 12.90 105.29 -15.25
C ILE M 296 13.12 106.64 -14.56
N LYS M 297 12.81 106.70 -13.25
CA LYS M 297 13.11 107.88 -12.45
C LYS M 297 14.59 107.90 -12.10
N GLU M 298 15.29 108.95 -12.55
CA GLU M 298 16.69 109.18 -12.26
C GLU M 298 16.83 110.48 -11.46
N VAL M 299 17.83 110.51 -10.59
CA VAL M 299 18.14 111.66 -9.77
C VAL M 299 19.29 112.42 -10.45
N LYS M 300 19.01 113.66 -10.88
CA LYS M 300 20.01 114.51 -11.50
C LYS M 300 20.34 115.70 -10.59
N ILE M 301 21.63 116.01 -10.48
CA ILE M 301 22.09 117.19 -9.76
C ILE M 301 22.42 118.27 -10.79
N LEU M 302 21.70 119.40 -10.70
CA LEU M 302 21.97 120.58 -11.50
C LEU M 302 22.78 121.59 -10.67
N GLU M 303 23.87 122.09 -11.26
CA GLU M 303 24.61 123.19 -10.67
C GLU M 303 23.98 124.50 -11.12
N VAL M 304 23.50 125.28 -10.13
CA VAL M 304 22.78 126.52 -10.38
C VAL M 304 23.65 127.70 -9.95
N HIS M 305 23.92 128.58 -10.91
CA HIS M 305 24.63 129.83 -10.65
C HIS M 305 23.63 130.98 -10.52
N VAL M 306 23.62 131.61 -9.34
CA VAL M 306 22.89 132.83 -9.07
C VAL M 306 23.91 133.98 -9.10
N ASP M 307 23.81 134.80 -10.16
CA ASP M 307 24.70 135.93 -10.36
C ASP M 307 24.36 137.09 -9.42
N LYS M 308 25.36 137.94 -9.17
CA LYS M 308 25.19 139.18 -8.43
C LYS M 308 24.16 140.09 -9.09
N GLY M 309 23.23 140.61 -8.28
CA GLY M 309 22.25 141.59 -8.71
C GLY M 309 21.00 140.98 -9.38
N MET M 310 20.93 139.65 -9.50
CA MET M 310 19.73 139.00 -10.00
C MET M 310 18.49 139.43 -9.21
N LYS M 311 17.34 139.44 -9.89
CA LYS M 311 16.10 140.00 -9.33
C LYS M 311 15.13 138.90 -8.94
N HIS M 312 14.21 139.24 -8.03
CA HIS M 312 13.05 138.40 -7.76
C HIS M 312 12.28 138.10 -9.06
N GLY M 313 11.85 136.83 -9.21
CA GLY M 313 11.12 136.38 -10.39
C GLY M 313 11.98 136.11 -11.62
N GLN M 314 13.30 136.31 -11.55
CA GLN M 314 14.20 136.01 -12.67
C GLN M 314 14.27 134.49 -12.90
N ARG M 315 14.35 134.10 -14.18
CA ARG M 315 14.33 132.69 -14.59
C ARG M 315 15.74 132.22 -14.96
N ILE M 316 16.11 131.02 -14.45
CA ILE M 316 17.30 130.31 -14.86
C ILE M 316 16.85 129.02 -15.58
N THR M 317 17.16 128.91 -16.87
CA THR M 317 16.67 127.82 -17.71
C THR M 317 17.77 126.80 -18.00
N PHE M 318 17.43 125.52 -17.78
CA PHE M 318 18.24 124.38 -18.15
C PHE M 318 17.55 123.65 -19.31
N THR M 319 18.08 123.86 -20.52
CA THR M 319 17.45 123.40 -21.77
C THR M 319 17.48 121.87 -21.89
N GLY M 320 16.32 121.27 -22.23
CA GLY M 320 16.19 119.84 -22.47
C GLY M 320 16.36 118.98 -21.21
N GLU M 321 16.30 119.61 -20.02
CA GLU M 321 16.57 118.93 -18.77
C GLU M 321 15.30 118.36 -18.10
N ALA M 322 14.11 118.67 -18.63
CA ALA M 322 12.85 118.13 -18.11
C ALA M 322 12.70 116.62 -18.35
N ASP M 323 11.50 116.11 -18.04
CA ASP M 323 11.12 114.73 -18.23
C ASP M 323 11.24 114.30 -19.70
N GLN M 324 11.83 113.12 -19.91
CA GLN M 324 11.89 112.46 -21.20
C GLN M 324 10.70 111.51 -21.37
N ALA M 325 10.15 111.48 -22.58
CA ALA M 325 9.14 110.49 -22.96
C ALA M 325 9.45 109.93 -24.36
N PRO M 326 9.10 108.66 -24.66
CA PRO M 326 9.37 108.09 -25.99
C PRO M 326 8.71 108.88 -27.13
N GLY M 327 9.53 109.31 -28.09
CA GLY M 327 9.09 110.07 -29.25
C GLY M 327 8.79 111.54 -28.97
N VAL M 328 9.20 112.03 -27.79
CA VAL M 328 8.99 113.41 -27.34
C VAL M 328 10.35 114.04 -27.04
N GLU M 329 10.60 115.24 -27.56
CA GLU M 329 11.80 116.01 -27.24
C GLU M 329 11.61 116.63 -25.84
N PRO M 330 12.54 116.46 -24.87
CA PRO M 330 12.34 116.97 -23.52
C PRO M 330 12.14 118.48 -23.44
N GLY M 331 11.27 118.91 -22.52
CA GLY M 331 11.13 120.31 -22.15
C GLY M 331 12.32 120.83 -21.35
N ASP M 332 12.21 122.06 -20.84
CA ASP M 332 13.25 122.69 -20.04
C ASP M 332 12.93 122.66 -18.55
N ILE M 333 13.97 122.69 -17.71
CA ILE M 333 13.79 123.00 -16.29
C ILE M 333 14.02 124.50 -16.09
N VAL M 334 12.98 125.20 -15.62
CA VAL M 334 13.02 126.63 -15.39
C VAL M 334 12.98 126.89 -13.88
N LEU M 335 14.09 127.41 -13.34
CA LEU M 335 14.12 127.80 -11.95
C LEU M 335 13.68 129.26 -11.83
N LEU M 336 12.69 129.50 -10.96
CA LEU M 336 12.20 130.84 -10.69
C LEU M 336 12.79 131.33 -9.38
N LEU M 337 13.58 132.41 -9.42
CA LEU M 337 14.17 132.97 -8.21
C LEU M 337 13.11 133.59 -7.31
N GLN M 338 13.05 133.10 -6.07
CA GLN M 338 12.19 133.65 -5.04
C GLN M 338 13.06 134.29 -3.95
N GLU M 339 13.00 135.61 -3.86
CA GLU M 339 13.74 136.35 -2.85
C GLU M 339 13.08 136.10 -1.49
N LYS M 340 13.90 135.74 -0.50
CA LYS M 340 13.44 135.61 0.87
C LYS M 340 13.41 137.00 1.53
N GLY N 198 0.98 104.51 -0.79
CA GLY N 198 1.68 104.91 -2.02
C GLY N 198 3.04 104.23 -2.12
N GLU N 199 3.64 104.35 -3.30
CA GLU N 199 4.93 103.75 -3.62
C GLU N 199 6.06 104.56 -2.94
N ASP N 200 7.08 103.85 -2.43
CA ASP N 200 8.27 104.48 -1.88
C ASP N 200 9.18 104.98 -3.01
N MET N 201 9.81 106.14 -2.80
CA MET N 201 10.73 106.73 -3.77
C MET N 201 12.18 106.51 -3.32
N MET N 202 12.97 105.83 -4.16
CA MET N 202 14.37 105.57 -3.86
C MET N 202 15.28 106.57 -4.59
N HIS N 203 16.16 107.24 -3.84
CA HIS N 203 17.12 108.18 -4.42
C HIS N 203 18.55 107.86 -3.99
N PRO N 204 19.50 107.70 -4.94
CA PRO N 204 20.91 107.54 -4.58
C PRO N 204 21.51 108.87 -4.11
N LEU N 205 22.13 108.85 -2.93
CA LEU N 205 22.89 109.99 -2.41
C LEU N 205 24.38 109.68 -2.47
N LYS N 206 25.09 110.33 -3.40
CA LYS N 206 26.54 110.17 -3.53
C LYS N 206 27.27 110.95 -2.44
N VAL N 207 28.05 110.23 -1.63
CA VAL N 207 28.80 110.75 -0.49
C VAL N 207 30.27 110.40 -0.63
N SER N 208 31.18 111.31 -0.24
CA SER N 208 32.62 111.04 -0.25
C SER N 208 33.06 110.37 1.07
N LEU N 209 34.29 109.83 1.11
CA LEU N 209 34.86 109.28 2.34
C LEU N 209 34.98 110.34 3.45
N GLU N 210 35.32 111.58 3.08
CA GLU N 210 35.40 112.71 3.99
C GLU N 210 34.03 113.03 4.60
N ASP N 211 32.96 112.97 3.78
CA ASP N 211 31.58 113.16 4.23
C ASP N 211 31.21 112.09 5.27
N LEU N 212 31.61 110.83 5.02
CA LEU N 212 31.32 109.69 5.88
C LEU N 212 32.18 109.68 7.16
N TYR N 213 33.38 110.28 7.10
CA TYR N 213 34.30 110.36 8.23
C TYR N 213 33.92 111.50 9.18
N ASN N 214 33.68 112.69 8.63
CA ASN N 214 33.41 113.91 9.40
C ASN N 214 31.93 114.07 9.75
N GLY N 215 31.04 113.40 9.01
CA GLY N 215 29.62 113.69 9.04
C GLY N 215 29.29 114.88 8.14
N LYS N 216 28.08 114.88 7.56
CA LYS N 216 27.67 115.93 6.64
C LYS N 216 26.17 116.17 6.72
N THR N 217 25.79 117.45 6.77
CA THR N 217 24.42 117.86 6.57
C THR N 217 24.31 118.46 5.16
N THR N 218 23.41 117.90 4.35
CA THR N 218 23.17 118.36 2.99
C THR N 218 21.68 118.59 2.74
N LYS N 219 21.37 119.56 1.86
CA LYS N 219 19.99 119.82 1.46
C LYS N 219 19.72 119.16 0.11
N LEU N 220 18.70 118.30 0.09
CA LEU N 220 18.27 117.62 -1.12
C LEU N 220 16.97 118.22 -1.60
N GLN N 221 16.98 118.77 -2.82
CA GLN N 221 15.76 119.29 -3.43
C GLN N 221 15.10 118.18 -4.26
N LEU N 222 13.84 117.83 -3.93
CA LEU N 222 13.05 116.87 -4.66
C LEU N 222 11.74 117.49 -5.13
N SER N 223 11.31 117.10 -6.34
CA SER N 223 9.99 117.44 -6.84
C SER N 223 9.05 116.26 -6.60
N LYS N 224 7.93 116.52 -5.91
CA LYS N 224 6.94 115.49 -5.61
C LYS N 224 5.53 116.00 -5.89
N ASN N 225 4.62 115.06 -6.10
CA ASN N 225 3.19 115.34 -6.21
C ASN N 225 2.59 115.53 -4.82
N VAL N 226 1.92 116.68 -4.63
CA VAL N 226 1.17 116.95 -3.42
C VAL N 226 -0.30 117.14 -3.79
N LEU N 227 -1.21 116.82 -2.85
CA LEU N 227 -2.62 117.11 -3.06
C LEU N 227 -2.85 118.59 -3.32
N CYS N 228 -3.64 118.89 -4.36
CA CYS N 228 -3.90 120.26 -4.77
C CYS N 228 -4.59 121.03 -3.64
N SER N 229 -3.88 122.00 -3.05
CA SER N 229 -4.35 122.81 -1.92
C SER N 229 -5.70 123.49 -2.17
N ALA N 230 -6.04 123.75 -3.45
CA ALA N 230 -7.26 124.48 -3.84
C ALA N 230 -8.50 123.61 -3.94
N CYS N 231 -8.36 122.28 -4.10
CA CYS N 231 -9.50 121.36 -4.20
C CYS N 231 -9.33 120.12 -3.31
N SER N 232 -8.28 120.07 -2.48
CA SER N 232 -7.96 118.98 -1.57
C SER N 232 -8.06 117.60 -2.23
N GLY N 233 -7.57 117.50 -3.48
CA GLY N 233 -7.50 116.25 -4.25
C GLY N 233 -8.83 115.79 -4.85
N GLN N 234 -9.93 116.41 -4.38
CA GLN N 234 -11.25 115.97 -4.77
C GLN N 234 -11.30 116.16 -6.28
N GLY N 235 -10.27 116.86 -6.75
CA GLY N 235 -10.16 117.17 -8.14
C GLY N 235 -10.97 118.44 -8.25
N GLY N 236 -12.29 118.29 -8.13
CA GLY N 236 -13.15 119.43 -8.06
C GLY N 236 -14.26 119.23 -7.03
N LYS N 237 -15.22 120.16 -6.99
CA LYS N 237 -16.39 120.04 -6.13
C LYS N 237 -17.14 118.74 -6.47
N SER N 238 -17.98 118.24 -5.56
CA SER N 238 -18.82 117.08 -5.83
C SER N 238 -19.74 117.38 -7.00
N GLY N 239 -19.56 116.64 -8.12
CA GLY N 239 -20.28 116.84 -9.36
C GLY N 239 -19.53 117.73 -10.34
N ALA N 240 -18.28 118.08 -10.01
CA ALA N 240 -17.38 118.79 -10.89
C ALA N 240 -16.64 117.79 -11.77
N VAL N 241 -16.56 116.54 -11.31
CA VAL N 241 -15.84 115.48 -12.00
C VAL N 241 -16.74 114.90 -13.08
N GLN N 242 -16.35 115.08 -14.34
CA GLN N 242 -17.10 114.61 -15.50
C GLN N 242 -16.27 113.57 -16.26
N LYS N 243 -16.96 112.57 -16.84
CA LYS N 243 -16.35 111.62 -17.76
C LYS N 243 -15.77 112.40 -18.94
N CYS N 244 -14.51 112.10 -19.29
CA CYS N 244 -13.92 112.69 -20.47
C CYS N 244 -14.67 112.24 -21.73
N SER N 245 -15.28 113.18 -22.48
CA SER N 245 -16.09 112.91 -23.67
C SER N 245 -15.27 112.27 -24.79
N ALA N 246 -14.04 112.76 -24.91
CA ALA N 246 -12.98 112.43 -25.84
C ALA N 246 -12.64 110.92 -25.90
N CYS N 247 -12.36 110.34 -24.73
CA CYS N 247 -11.97 108.95 -24.59
C CYS N 247 -13.09 108.12 -23.91
N ARG N 248 -14.24 108.74 -23.62
CA ARG N 248 -15.37 108.14 -22.93
C ARG N 248 -14.95 107.45 -21.63
N GLY N 249 -14.08 108.11 -20.84
CA GLY N 249 -13.60 107.58 -19.57
C GLY N 249 -12.45 106.57 -19.67
N ARG N 250 -11.93 106.27 -20.87
CA ARG N 250 -10.90 105.25 -21.05
C ARG N 250 -9.48 105.77 -20.79
N GLY N 251 -9.28 107.09 -20.71
CA GLY N 251 -7.94 107.67 -20.57
C GLY N 251 -7.13 107.67 -21.88
N VAL N 252 -7.49 106.77 -22.82
CA VAL N 252 -6.75 106.59 -24.06
C VAL N 252 -7.67 106.70 -25.28
N ARG N 253 -7.09 107.20 -26.39
CA ARG N 253 -7.74 107.26 -27.68
C ARG N 253 -7.03 106.34 -28.65
N ILE N 254 -7.80 105.64 -29.49
CA ILE N 254 -7.23 104.83 -30.55
C ILE N 254 -7.17 105.71 -31.80
N MET N 255 -5.97 106.02 -32.24
CA MET N 255 -5.73 106.78 -33.46
C MET N 255 -5.33 105.81 -34.58
N ILE N 256 -5.98 105.98 -35.74
CA ILE N 256 -5.68 105.17 -36.90
C ILE N 256 -4.69 105.91 -37.81
N ARG N 257 -3.48 105.38 -37.96
CA ARG N 257 -2.51 105.90 -38.90
C ARG N 257 -2.44 105.01 -40.14
N GLN N 258 -2.73 105.52 -41.34
CA GLN N 258 -2.44 104.76 -42.55
C GLN N 258 -0.94 104.68 -42.81
N LEU N 259 -0.41 103.46 -42.98
CA LEU N 259 0.96 103.24 -43.44
C LEU N 259 1.08 103.10 -44.95
N ALA N 260 0.05 102.52 -45.57
CA ALA N 260 -0.11 102.34 -47.00
C ALA N 260 -1.60 102.14 -47.30
N PRO N 261 -2.15 102.38 -48.52
CA PRO N 261 -3.55 102.03 -48.76
C PRO N 261 -3.80 100.53 -48.52
N GLY N 262 -4.72 100.23 -47.61
CA GLY N 262 -4.99 98.86 -47.19
C GLY N 262 -4.16 98.40 -45.97
N MET N 263 -3.17 99.20 -45.53
CA MET N 263 -2.50 99.00 -44.25
C MET N 263 -2.79 100.16 -43.28
N VAL N 264 -3.63 99.92 -42.27
CA VAL N 264 -3.85 100.87 -41.19
C VAL N 264 -3.24 100.35 -39.89
N GLN N 265 -2.51 101.23 -39.18
CA GLN N 265 -2.01 100.99 -37.84
C GLN N 265 -2.93 101.66 -36.82
N GLN N 266 -3.47 100.88 -35.89
CA GLN N 266 -4.17 101.41 -34.75
C GLN N 266 -3.11 101.63 -33.67
N MET N 267 -2.90 102.90 -33.31
CA MET N 267 -2.04 103.26 -32.20
C MET N 267 -2.90 103.79 -31.05
N GLN N 268 -2.67 103.26 -29.84
CA GLN N 268 -3.27 103.79 -28.62
C GLN N 268 -2.40 104.94 -28.14
N SER N 269 -3.01 106.13 -28.05
CA SER N 269 -2.37 107.32 -27.54
C SER N 269 -3.08 107.74 -26.25
N VAL N 270 -2.34 108.31 -25.30
CA VAL N 270 -2.96 108.93 -24.14
C VAL N 270 -3.89 110.04 -24.65
N CYS N 271 -5.08 110.13 -24.04
CA CYS N 271 -6.10 111.08 -24.47
C CYS N 271 -5.61 112.49 -24.13
N SER N 272 -5.49 113.34 -25.16
CA SER N 272 -5.08 114.74 -25.05
C SER N 272 -5.98 115.56 -24.12
N ASP N 273 -7.26 115.19 -24.03
CA ASP N 273 -8.28 116.03 -23.39
C ASP N 273 -8.35 115.81 -21.87
N CYS N 274 -7.92 114.64 -21.39
CA CYS N 274 -7.86 114.34 -19.97
C CYS N 274 -6.49 113.86 -19.50
N ASN N 275 -5.47 113.91 -20.38
CA ASN N 275 -4.10 113.49 -20.10
C ASN N 275 -4.01 112.11 -19.45
N GLY N 276 -4.93 111.21 -19.81
CA GLY N 276 -4.91 109.83 -19.32
C GLY N 276 -5.82 109.54 -18.13
N GLU N 277 -6.38 110.57 -17.49
CA GLU N 277 -7.12 110.39 -16.25
C GLU N 277 -8.51 109.78 -16.52
N GLY N 278 -9.06 109.96 -17.73
CA GLY N 278 -10.42 109.51 -18.04
C GLY N 278 -11.52 110.46 -17.55
N GLU N 279 -11.13 111.40 -16.71
CA GLU N 279 -12.02 112.45 -16.22
C GLU N 279 -11.55 113.85 -16.59
N VAL N 280 -12.51 114.78 -16.64
CA VAL N 280 -12.22 116.19 -16.83
C VAL N 280 -12.91 116.99 -15.72
N ILE N 281 -12.16 117.92 -15.13
CA ILE N 281 -12.66 118.86 -14.14
C ILE N 281 -12.41 120.26 -14.70
N ASN N 282 -13.50 121.04 -14.84
CA ASN N 282 -13.43 122.44 -15.22
C ASN N 282 -12.48 123.18 -14.27
N GLU N 283 -11.64 124.06 -14.83
CA GLU N 283 -10.63 124.79 -14.07
C GLU N 283 -11.19 125.48 -12.82
N LYS N 284 -12.38 126.08 -12.96
CA LYS N 284 -13.11 126.79 -11.92
C LYS N 284 -13.51 125.92 -10.73
N ASP N 285 -13.55 124.59 -10.93
CA ASP N 285 -13.97 123.63 -9.91
C ASP N 285 -12.78 123.02 -9.15
N ARG N 286 -11.58 123.04 -9.75
CA ARG N 286 -10.36 122.54 -9.10
C ARG N 286 -9.53 123.74 -8.68
N CYS N 287 -9.14 124.57 -9.65
CA CYS N 287 -8.26 125.72 -9.47
C CYS N 287 -7.58 125.98 -10.80
N LYS N 288 -6.74 127.02 -10.85
CA LYS N 288 -5.93 127.32 -12.03
C LYS N 288 -4.56 126.67 -11.84
N LYS N 289 -4.49 125.62 -10.99
CA LYS N 289 -3.25 124.98 -10.59
C LYS N 289 -3.14 123.56 -11.18
N CYS N 290 -3.72 122.55 -10.51
CA CYS N 290 -3.66 121.15 -10.94
C CYS N 290 -4.18 121.03 -12.38
N GLU N 291 -5.49 121.30 -12.58
CA GLU N 291 -6.20 121.29 -13.87
C GLU N 291 -7.03 120.02 -13.97
N GLY N 292 -7.76 119.70 -12.89
CA GLY N 292 -8.56 118.50 -12.80
C GLY N 292 -7.69 117.28 -12.53
N LYS N 293 -6.44 117.53 -12.12
CA LYS N 293 -5.47 116.47 -11.93
C LYS N 293 -5.43 115.95 -10.48
N LYS N 294 -5.94 116.74 -9.52
CA LYS N 294 -6.08 116.39 -8.10
C LYS N 294 -4.74 116.51 -7.37
N VAL N 295 -3.63 116.65 -8.11
CA VAL N 295 -2.29 116.86 -7.54
C VAL N 295 -1.57 118.00 -8.26
N ILE N 296 -0.55 118.56 -7.59
CA ILE N 296 0.35 119.56 -8.15
C ILE N 296 1.78 119.16 -7.82
N LYS N 297 2.71 119.44 -8.74
CA LYS N 297 4.13 119.23 -8.47
C LYS N 297 4.65 120.36 -7.60
N GLU N 298 5.16 120.00 -6.42
CA GLU N 298 5.78 120.90 -5.48
C GLU N 298 7.24 120.52 -5.28
N VAL N 299 8.06 121.54 -5.04
CA VAL N 299 9.48 121.36 -4.78
C VAL N 299 9.70 121.38 -3.27
N LYS N 300 10.15 120.26 -2.70
CA LYS N 300 10.45 120.16 -1.28
C LYS N 300 11.96 120.01 -1.06
N ILE N 301 12.48 120.73 -0.07
CA ILE N 301 13.87 120.61 0.36
C ILE N 301 13.89 119.74 1.62
N LEU N 302 14.58 118.59 1.53
CA LEU N 302 14.84 117.72 2.66
C LEU N 302 16.24 117.97 3.20
N GLU N 303 16.33 118.15 4.52
CA GLU N 303 17.63 118.21 5.19
C GLU N 303 18.06 116.79 5.53
N VAL N 304 19.22 116.38 4.96
CA VAL N 304 19.73 115.03 5.10
C VAL N 304 20.98 115.07 5.98
N HIS N 305 20.92 114.31 7.08
CA HIS N 305 22.06 114.12 7.97
C HIS N 305 22.73 112.79 7.65
N VAL N 306 24.02 112.87 7.27
CA VAL N 306 24.90 111.74 7.11
C VAL N 306 25.81 111.70 8.34
N ASP N 307 25.57 110.69 9.19
CA ASP N 307 26.33 110.51 10.42
C ASP N 307 27.72 109.94 10.14
N LYS N 308 28.64 110.19 11.08
CA LYS N 308 29.97 109.61 11.05
C LYS N 308 29.91 108.07 11.06
N GLY N 309 30.70 107.46 10.17
CA GLY N 309 30.84 106.02 10.11
C GLY N 309 29.75 105.29 9.34
N MET N 310 28.76 106.02 8.80
CA MET N 310 27.74 105.41 7.94
C MET N 310 28.39 104.62 6.79
N LYS N 311 27.71 103.56 6.35
CA LYS N 311 28.25 102.61 5.38
C LYS N 311 27.64 102.78 4.00
N HIS N 312 28.37 102.33 2.98
CA HIS N 312 27.80 102.18 1.65
C HIS N 312 26.53 101.33 1.69
N GLY N 313 25.50 101.75 0.95
CA GLY N 313 24.21 101.07 0.89
C GLY N 313 23.28 101.31 2.08
N GLN N 314 23.72 102.11 3.07
CA GLN N 314 22.86 102.45 4.20
C GLN N 314 21.70 103.34 3.75
N ARG N 315 20.51 103.13 4.35
CA ARG N 315 19.29 103.82 3.98
C ARG N 315 18.95 104.92 4.99
N ILE N 316 18.59 106.10 4.47
CA ILE N 316 18.02 107.20 5.26
C ILE N 316 16.57 107.39 4.79
N THR N 317 15.61 107.15 5.69
CA THR N 317 14.19 107.16 5.35
C THR N 317 13.50 108.42 5.87
N PHE N 318 12.75 109.07 4.97
CA PHE N 318 11.85 110.18 5.28
C PHE N 318 10.42 109.69 5.13
N THR N 319 9.77 109.43 6.27
CA THR N 319 8.45 108.79 6.31
C THR N 319 7.34 109.70 5.77
N GLY N 320 6.51 109.16 4.88
CA GLY N 320 5.36 109.86 4.32
C GLY N 320 5.72 111.02 3.38
N GLU N 321 6.99 111.07 2.95
CA GLU N 321 7.50 112.17 2.14
C GLU N 321 7.39 111.94 0.63
N ALA N 322 6.99 110.74 0.20
CA ALA N 322 6.79 110.43 -1.22
C ALA N 322 5.60 111.17 -1.83
N ASP N 323 5.26 110.79 -3.08
CA ASP N 323 4.13 111.32 -3.81
C ASP N 323 2.80 111.07 -3.09
N GLN N 324 1.98 112.13 -3.04
CA GLN N 324 0.61 112.05 -2.55
C GLN N 324 -0.35 111.77 -3.71
N ALA N 325 -1.36 110.92 -3.44
CA ALA N 325 -2.47 110.70 -4.36
C ALA N 325 -3.79 110.69 -3.59
N PRO N 326 -4.93 111.12 -4.20
CA PRO N 326 -6.22 111.12 -3.52
C PRO N 326 -6.64 109.73 -3.02
N GLY N 327 -6.91 109.64 -1.71
CA GLY N 327 -7.32 108.41 -1.06
C GLY N 327 -6.20 107.41 -0.81
N VAL N 328 -4.94 107.84 -0.98
CA VAL N 328 -3.73 107.03 -0.80
C VAL N 328 -2.85 107.68 0.27
N GLU N 329 -2.39 106.89 1.24
CA GLU N 329 -1.43 107.36 2.24
C GLU N 329 -0.04 107.41 1.58
N PRO N 330 0.72 108.53 1.64
CA PRO N 330 2.00 108.63 0.95
C PRO N 330 3.02 107.58 1.39
N GLY N 331 3.82 107.11 0.44
CA GLY N 331 5.00 106.29 0.72
C GLY N 331 6.14 107.10 1.34
N ASP N 332 7.30 106.46 1.48
CA ASP N 332 8.49 107.09 2.06
C ASP N 332 9.48 107.51 0.97
N ILE N 333 10.30 108.52 1.27
CA ILE N 333 11.51 108.78 0.48
C ILE N 333 12.69 108.08 1.16
N VAL N 334 13.32 107.14 0.44
CA VAL N 334 14.44 106.38 0.94
C VAL N 334 15.70 106.79 0.18
N LEU N 335 16.63 107.43 0.90
CA LEU N 335 17.92 107.77 0.31
C LEU N 335 18.89 106.62 0.53
N LEU N 336 19.50 106.15 -0.56
CA LEU N 336 20.51 105.10 -0.50
C LEU N 336 21.89 105.73 -0.60
N LEU N 337 22.72 105.56 0.45
CA LEU N 337 24.07 106.11 0.43
C LEU N 337 24.95 105.36 -0.57
N GLN N 338 25.52 106.13 -1.52
CA GLN N 338 26.49 105.62 -2.48
C GLN N 338 27.84 106.25 -2.18
N GLU N 339 28.78 105.43 -1.73
CA GLU N 339 30.13 105.88 -1.45
C GLU N 339 30.84 106.14 -2.78
N LYS N 340 31.47 107.31 -2.89
CA LYS N 340 32.30 107.63 -4.04
C LYS N 340 33.68 107.04 -3.81
N GLU N 341 34.27 106.57 -4.92
CA GLU N 341 35.69 106.24 -4.97
C GLU N 341 36.52 107.42 -4.52
N HIS N 342 37.58 107.12 -3.74
CA HIS N 342 38.50 108.12 -3.22
C HIS N 342 39.89 107.84 -3.79
N GLU N 343 40.64 108.90 -4.11
CA GLU N 343 41.88 108.79 -4.88
C GLU N 343 43.01 108.11 -4.09
N VAL N 344 43.09 108.37 -2.77
CA VAL N 344 44.16 107.86 -1.90
C VAL N 344 43.74 106.64 -1.09
N PHE N 345 42.54 106.70 -0.47
CA PHE N 345 42.07 105.69 0.46
C PHE N 345 41.01 104.79 -0.17
N GLN N 346 41.10 103.50 0.15
CA GLN N 346 40.06 102.52 -0.11
C GLN N 346 39.51 102.06 1.25
N ARG N 347 38.19 102.01 1.37
CA ARG N 347 37.57 101.65 2.63
C ARG N 347 37.21 100.16 2.63
N ASP N 348 37.59 99.48 3.72
CA ASP N 348 37.12 98.13 4.03
C ASP N 348 36.46 98.12 5.41
N GLY N 349 35.13 98.11 5.45
CA GLY N 349 34.39 98.20 6.70
C GLY N 349 34.69 99.48 7.49
N ASN N 350 35.44 99.35 8.61
CA ASN N 350 35.89 100.47 9.41
C ASN N 350 37.36 100.80 9.16
N ASP N 351 38.07 99.97 8.39
CA ASP N 351 39.48 100.14 8.10
C ASP N 351 39.67 100.91 6.79
N LEU N 352 40.84 101.54 6.67
CA LEU N 352 41.26 102.23 5.45
C LEU N 352 42.52 101.58 4.91
N HIS N 353 42.61 101.54 3.58
CA HIS N 353 43.77 101.03 2.87
C HIS N 353 44.32 102.13 1.97
N MET N 354 45.65 102.24 1.91
CA MET N 354 46.29 103.12 0.95
C MET N 354 47.57 102.47 0.42
N THR N 355 47.99 102.87 -0.79
CA THR N 355 49.29 102.51 -1.33
C THR N 355 50.21 103.72 -1.25
N TYR N 356 51.41 103.51 -0.67
CA TYR N 356 52.40 104.56 -0.55
C TYR N 356 53.69 104.13 -1.26
N LYS N 357 54.19 105.00 -2.15
CA LYS N 357 55.41 104.74 -2.90
C LYS N 357 56.61 105.28 -2.12
N ILE N 358 57.65 104.45 -1.98
CA ILE N 358 58.90 104.81 -1.31
C ILE N 358 60.08 104.37 -2.18
N GLY N 359 61.21 105.09 -2.08
CA GLY N 359 62.45 104.70 -2.75
C GLY N 359 63.16 103.55 -2.05
N LEU N 360 64.09 102.89 -2.76
CA LEU N 360 64.88 101.79 -2.20
C LEU N 360 65.65 102.22 -0.94
N VAL N 361 66.22 103.45 -0.97
CA VAL N 361 66.94 104.01 0.17
C VAL N 361 66.02 104.14 1.39
N GLU N 362 64.79 104.64 1.20
CA GLU N 362 63.80 104.77 2.26
C GLU N 362 63.41 103.39 2.83
N ALA N 363 63.25 102.40 1.94
CA ALA N 363 62.89 101.03 2.29
C ALA N 363 63.97 100.34 3.14
N LEU N 364 65.26 100.66 2.92
CA LEU N 364 66.39 100.03 3.61
C LEU N 364 66.86 100.82 4.84
N CYS N 365 66.84 102.16 4.77
CA CYS N 365 67.48 103.03 5.74
C CYS N 365 66.50 103.72 6.69
N GLY N 366 65.19 103.50 6.52
CA GLY N 366 64.15 104.20 7.26
C GLY N 366 63.74 105.52 6.60
N PHE N 367 62.56 106.02 7.00
CA PHE N 367 61.95 107.17 6.33
C PHE N 367 60.91 107.85 7.21
N GLN N 368 60.56 109.07 6.79
CA GLN N 368 59.46 109.83 7.35
C GLN N 368 58.65 110.41 6.21
N PHE N 369 57.33 110.22 6.25
CA PHE N 369 56.45 110.85 5.28
C PHE N 369 55.21 111.44 5.95
N THR N 370 54.52 112.30 5.20
CA THR N 370 53.31 112.96 5.65
C THR N 370 52.20 112.79 4.62
N PHE N 371 50.96 112.59 5.11
CA PHE N 371 49.79 112.59 4.25
C PHE N 371 48.62 113.32 4.93
N LYS N 372 47.65 113.74 4.11
CA LYS N 372 46.43 114.36 4.59
C LYS N 372 45.37 113.29 4.84
N HIS N 373 44.82 113.26 6.06
CA HIS N 373 43.73 112.35 6.41
C HIS N 373 42.37 112.91 6.01
N LEU N 374 41.30 112.12 6.21
CA LEU N 374 39.92 112.45 5.84
C LEU N 374 39.35 113.63 6.65
N ASP N 375 39.89 113.89 7.86
CA ASP N 375 39.56 115.06 8.66
C ASP N 375 40.39 116.32 8.32
N GLY N 376 41.35 116.16 7.39
CA GLY N 376 42.22 117.25 6.98
C GLY N 376 43.45 117.43 7.88
N ARG N 377 43.62 116.61 8.93
CA ARG N 377 44.86 116.60 9.71
C ARG N 377 46.01 116.06 8.86
N GLN N 378 47.22 116.61 9.08
CA GLN N 378 48.45 116.07 8.53
C GLN N 378 48.98 115.00 9.50
N ILE N 379 49.11 113.76 9.02
CA ILE N 379 49.69 112.67 9.81
C ILE N 379 51.13 112.47 9.37
N VAL N 380 52.05 112.47 10.35
CA VAL N 380 53.46 112.16 10.13
C VAL N 380 53.71 110.70 10.52
N VAL N 381 54.06 109.88 9.53
CA VAL N 381 54.42 108.48 9.76
C VAL N 381 55.94 108.38 9.75
N LYS N 382 56.49 107.77 10.80
CA LYS N 382 57.92 107.55 10.93
C LYS N 382 58.21 106.05 10.99
N TYR N 383 59.20 105.63 10.19
CA TYR N 383 59.70 104.27 10.21
C TYR N 383 61.18 104.29 10.61
N PRO N 384 61.59 103.55 11.66
CA PRO N 384 62.93 103.71 12.24
C PRO N 384 64.00 103.15 11.30
N PRO N 385 65.23 103.74 11.32
CA PRO N 385 66.36 103.20 10.57
C PRO N 385 66.75 101.80 11.06
N GLY N 386 67.23 100.96 10.13
CA GLY N 386 67.65 99.61 10.44
C GLY N 386 66.52 98.56 10.37
N LYS N 387 65.29 98.99 10.05
CA LYS N 387 64.21 98.07 9.71
C LYS N 387 63.90 98.18 8.22
N VAL N 388 63.71 97.03 7.57
CA VAL N 388 63.46 96.96 6.13
C VAL N 388 61.97 96.88 5.84
N ILE N 389 61.55 97.63 4.81
CA ILE N 389 60.25 97.50 4.16
C ILE N 389 60.43 96.68 2.89
N GLU N 390 59.83 95.49 2.86
CA GLU N 390 59.81 94.64 1.68
C GLU N 390 58.81 95.19 0.65
N PRO N 391 59.07 95.02 -0.67
CA PRO N 391 58.10 95.38 -1.71
C PRO N 391 56.75 94.67 -1.51
N GLY N 392 55.69 95.49 -1.50
CA GLY N 392 54.32 95.03 -1.33
C GLY N 392 53.93 94.76 0.12
N CYS N 393 54.85 94.93 1.09
CA CYS N 393 54.52 94.68 2.49
C CYS N 393 53.50 95.70 3.03
N VAL N 394 52.71 95.27 4.01
CA VAL N 394 51.69 96.11 4.64
C VAL N 394 52.11 96.45 6.08
N ARG N 395 51.92 97.73 6.45
CA ARG N 395 52.06 98.19 7.84
C ARG N 395 50.77 98.89 8.27
N VAL N 396 50.60 99.01 9.59
CA VAL N 396 49.36 99.54 10.16
C VAL N 396 49.65 100.80 10.97
N VAL N 397 48.79 101.81 10.79
CA VAL N 397 48.70 102.97 11.67
C VAL N 397 47.38 102.83 12.44
N ARG N 398 47.50 102.48 13.72
CA ARG N 398 46.34 102.12 14.55
C ARG N 398 45.47 103.34 14.85
N GLY N 399 44.14 103.16 14.77
CA GLY N 399 43.15 104.18 15.12
C GLY N 399 42.98 105.29 14.08
N GLU N 400 43.59 105.13 12.89
CA GLU N 400 43.49 106.08 11.78
C GLU N 400 42.62 105.55 10.63
N GLY N 401 41.72 104.60 10.92
CA GLY N 401 40.67 104.17 9.99
C GLY N 401 39.39 105.02 10.10
N MET N 402 38.29 104.49 9.55
CA MET N 402 36.96 105.11 9.63
C MET N 402 36.37 105.01 11.03
N PRO N 403 35.56 106.02 11.48
CA PRO N 403 34.81 105.92 12.72
C PRO N 403 33.70 104.86 12.61
N GLN N 404 33.41 104.20 13.74
CA GLN N 404 32.28 103.28 13.79
C GLN N 404 30.95 104.05 13.81
N TYR N 405 29.97 103.58 13.03
CA TYR N 405 28.63 104.15 13.07
C TYR N 405 28.02 104.03 14.47
N ARG N 406 27.48 105.15 15.00
CA ARG N 406 26.88 105.25 16.34
C ARG N 406 27.90 105.27 17.49
N ASN N 407 29.17 104.91 17.21
CA ASN N 407 30.24 104.97 18.18
C ASN N 407 31.48 105.65 17.56
N PRO N 408 31.41 106.96 17.23
CA PRO N 408 32.47 107.63 16.46
C PRO N 408 33.79 107.86 17.21
N PHE N 409 33.83 107.51 18.50
CA PHE N 409 35.04 107.51 19.32
C PHE N 409 35.94 106.30 19.02
N GLU N 410 35.32 105.20 18.56
CA GLU N 410 36.06 104.05 18.08
C GLU N 410 36.27 104.16 16.57
N LYS N 411 37.50 103.86 16.15
CA LYS N 411 37.88 103.90 14.75
C LYS N 411 38.55 102.57 14.39
N GLY N 412 38.47 102.22 13.10
CA GLY N 412 39.32 101.18 12.56
C GLY N 412 40.77 101.65 12.41
N ASP N 413 41.53 100.87 11.64
CA ASP N 413 42.96 101.09 11.40
C ASP N 413 43.23 101.53 9.96
N LEU N 414 44.39 102.16 9.74
CA LEU N 414 44.88 102.46 8.40
C LEU N 414 46.00 101.48 8.01
N TYR N 415 45.75 100.69 6.97
CA TYR N 415 46.73 99.78 6.37
C TYR N 415 47.42 100.46 5.19
N ILE N 416 48.75 100.49 5.24
CA ILE N 416 49.56 101.11 4.20
C ILE N 416 50.37 100.01 3.50
N LYS N 417 50.05 99.78 2.23
CA LYS N 417 50.84 98.93 1.35
C LYS N 417 51.98 99.75 0.75
N PHE N 418 53.22 99.26 0.93
CA PHE N 418 54.39 99.95 0.41
C PHE N 418 54.78 99.43 -0.97
N ASP N 419 54.88 100.36 -1.92
CA ASP N 419 55.35 100.12 -3.27
C ASP N 419 56.80 100.65 -3.38
N VAL N 420 57.77 99.73 -3.36
CA VAL N 420 59.19 100.09 -3.33
C VAL N 420 59.71 100.32 -4.75
N GLN N 421 60.08 101.57 -5.03
CA GLN N 421 60.62 102.01 -6.31
C GLN N 421 62.13 101.81 -6.35
N PHE N 422 62.56 100.89 -7.22
CA PHE N 422 63.96 100.70 -7.55
C PHE N 422 64.47 101.87 -8.40
N PRO N 423 65.77 102.22 -8.30
CA PRO N 423 66.39 103.23 -9.15
C PRO N 423 66.41 102.74 -10.60
N GLU N 424 66.48 103.68 -11.54
CA GLU N 424 66.49 103.35 -12.95
C GLU N 424 67.80 102.68 -13.38
N ASN N 425 67.76 102.18 -14.61
CA ASN N 425 68.88 101.63 -15.39
C ASN N 425 70.08 102.58 -15.37
N ASN N 426 71.29 102.06 -15.10
CA ASN N 426 72.54 102.81 -15.10
C ASN N 426 72.66 103.86 -13.97
N TRP N 427 71.91 103.76 -12.85
CA TRP N 427 71.90 104.81 -11.84
C TRP N 427 73.25 104.99 -11.12
N ILE N 428 74.07 103.93 -11.12
CA ILE N 428 75.37 103.92 -10.47
C ILE N 428 76.46 103.44 -11.43
N ASN N 429 77.66 104.05 -11.33
CA ASN N 429 78.84 103.63 -12.08
C ASN N 429 79.23 102.21 -11.65
N PRO N 430 79.44 101.25 -12.60
CA PRO N 430 79.96 99.91 -12.28
C PRO N 430 81.09 99.82 -11.26
N ASP N 431 82.02 100.79 -11.24
CA ASP N 431 83.14 100.83 -10.30
C ASP N 431 82.70 100.84 -8.82
N LYS N 432 81.49 101.35 -8.55
CA LYS N 432 80.93 101.49 -7.20
C LYS N 432 80.06 100.30 -6.78
N LEU N 433 79.85 99.33 -7.69
CA LEU N 433 79.03 98.15 -7.39
C LEU N 433 79.67 97.27 -6.31
N SER N 434 81.02 97.23 -6.31
CA SER N 434 81.82 96.52 -5.32
C SER N 434 81.58 97.08 -3.91
N GLU N 435 81.67 98.41 -3.75
CA GLU N 435 81.39 99.10 -2.49
C GLU N 435 79.97 98.80 -1.97
N LEU N 436 78.98 98.71 -2.88
CA LEU N 436 77.61 98.39 -2.53
C LEU N 436 77.46 96.93 -2.06
N GLU N 437 78.17 96.01 -2.74
CA GLU N 437 78.15 94.60 -2.40
C GLU N 437 78.72 94.35 -1.00
N ASP N 438 79.82 95.05 -0.66
CA ASP N 438 80.46 94.96 0.65
C ASP N 438 79.57 95.41 1.81
N LEU N 439 78.58 96.28 1.52
CA LEU N 439 77.70 96.84 2.54
C LEU N 439 76.51 95.91 2.80
N GLY O 198 32.72 -98.56 -12.41
CA GLY O 198 34.14 -98.58 -12.00
C GLY O 198 34.93 -97.52 -12.74
N GLU O 199 36.16 -97.30 -12.27
CA GLU O 199 37.08 -96.32 -12.82
C GLU O 199 37.65 -96.82 -14.15
N ASP O 200 37.80 -95.90 -15.13
CA ASP O 200 38.44 -96.20 -16.40
C ASP O 200 39.98 -96.26 -16.21
N MET O 201 40.62 -97.20 -16.93
CA MET O 201 42.07 -97.35 -16.88
C MET O 201 42.71 -96.77 -18.15
N MET O 202 43.60 -95.79 -17.96
CA MET O 202 44.29 -95.15 -19.09
C MET O 202 45.69 -95.73 -19.25
N HIS O 203 46.02 -96.20 -20.47
CA HIS O 203 47.34 -96.73 -20.78
C HIS O 203 47.95 -96.05 -22.00
N PRO O 204 49.18 -95.49 -21.91
CA PRO O 204 49.86 -94.96 -23.09
C PRO O 204 50.37 -96.09 -23.99
N LEU O 205 50.01 -96.02 -25.28
CA LEU O 205 50.54 -96.94 -26.28
C LEU O 205 51.51 -96.18 -27.19
N LYS O 206 52.80 -96.48 -27.04
CA LYS O 206 53.84 -95.87 -27.88
C LYS O 206 53.86 -96.52 -29.27
N VAL O 207 53.64 -95.70 -30.31
CA VAL O 207 53.56 -96.11 -31.71
C VAL O 207 54.57 -95.31 -32.53
N SER O 208 55.21 -95.94 -33.52
CA SER O 208 56.12 -95.26 -34.44
C SER O 208 55.35 -94.64 -35.62
N LEU O 209 56.01 -93.77 -36.40
CA LEU O 209 55.43 -93.22 -37.63
C LEU O 209 55.10 -94.31 -38.65
N GLU O 210 55.95 -95.34 -38.74
CA GLU O 210 55.75 -96.50 -39.61
C GLU O 210 54.50 -97.29 -39.20
N ASP O 211 54.28 -97.45 -37.88
CA ASP O 211 53.10 -98.09 -37.32
C ASP O 211 51.84 -97.32 -37.73
N LEU O 212 51.89 -95.99 -37.66
CA LEU O 212 50.78 -95.10 -37.98
C LEU O 212 50.53 -94.98 -39.49
N TYR O 213 51.57 -95.18 -40.31
CA TYR O 213 51.48 -95.11 -41.76
C TYR O 213 50.95 -96.42 -42.35
N ASN O 214 51.50 -97.55 -41.91
CA ASN O 214 51.17 -98.87 -42.45
C ASN O 214 49.98 -99.52 -41.76
N GLY O 215 49.66 -99.05 -40.54
CA GLY O 215 48.75 -99.77 -39.66
C GLY O 215 49.47 -100.90 -38.92
N LYS O 216 49.02 -101.18 -37.69
CA LYS O 216 49.65 -102.19 -36.86
C LYS O 216 48.64 -102.87 -35.95
N THR O 217 48.73 -104.21 -35.90
CA THR O 217 48.06 -105.00 -34.89
C THR O 217 49.08 -105.42 -33.84
N THR O 218 48.82 -105.06 -32.57
CA THR O 218 49.71 -105.41 -31.47
C THR O 218 48.91 -106.04 -30.32
N LYS O 219 49.56 -106.95 -29.57
CA LYS O 219 48.96 -107.57 -28.41
C LYS O 219 49.47 -106.86 -27.15
N LEU O 220 48.51 -106.36 -26.35
CA LEU O 220 48.82 -105.70 -25.10
C LEU O 220 48.41 -106.61 -23.94
N GLN O 221 49.40 -106.98 -23.11
CA GLN O 221 49.11 -107.76 -21.92
C GLN O 221 48.86 -106.82 -20.74
N LEU O 222 47.68 -106.90 -20.12
CA LEU O 222 47.32 -106.14 -18.94
C LEU O 222 46.92 -107.07 -17.79
N SER O 223 47.30 -106.68 -16.56
CA SER O 223 46.82 -107.36 -15.37
C SER O 223 45.67 -106.55 -14.79
N LYS O 224 44.52 -107.21 -14.60
CA LYS O 224 43.32 -106.57 -14.05
C LYS O 224 42.69 -107.44 -12.96
N ASN O 225 41.91 -106.81 -12.10
CA ASN O 225 41.10 -107.49 -11.11
C ASN O 225 39.82 -108.01 -11.77
N VAL O 226 39.59 -109.32 -11.60
CA VAL O 226 38.35 -109.96 -12.03
C VAL O 226 37.63 -110.53 -10.81
N LEU O 227 36.31 -110.63 -10.88
CA LEU O 227 35.55 -111.29 -9.82
C LEU O 227 36.02 -112.73 -9.65
N CYS O 228 36.25 -113.12 -8.39
CA CYS O 228 36.75 -114.45 -8.08
C CYS O 228 35.77 -115.52 -8.55
N SER O 229 36.17 -116.30 -9.58
CA SER O 229 35.33 -117.33 -10.19
C SER O 229 34.78 -118.36 -9.20
N ALA O 230 35.46 -118.57 -8.05
CA ALA O 230 35.10 -119.57 -7.06
C ALA O 230 34.04 -119.11 -6.05
N CYS O 231 33.85 -117.79 -5.87
CA CYS O 231 32.86 -117.26 -4.94
C CYS O 231 32.01 -116.14 -5.56
N SER O 232 32.17 -115.88 -6.87
CA SER O 232 31.45 -114.86 -7.63
C SER O 232 31.41 -113.50 -6.92
N GLY O 233 32.54 -113.10 -6.29
CA GLY O 233 32.72 -111.82 -5.62
C GLY O 233 32.05 -111.72 -4.24
N GLN O 234 31.18 -112.68 -3.94
CA GLN O 234 30.39 -112.62 -2.73
C GLN O 234 31.40 -112.63 -1.60
N GLY O 235 32.64 -112.92 -2.00
CA GLY O 235 33.72 -113.03 -1.08
C GLY O 235 33.62 -114.45 -0.61
N GLY O 236 32.58 -114.72 0.18
CA GLY O 236 32.29 -116.08 0.56
C GLY O 236 30.79 -116.34 0.55
N LYS O 237 30.38 -117.52 1.04
CA LYS O 237 28.98 -117.87 1.18
C LYS O 237 28.29 -116.83 2.09
N SER O 238 26.96 -116.72 2.03
CA SER O 238 26.21 -115.83 2.91
C SER O 238 26.44 -116.26 4.36
N GLY O 239 27.08 -115.37 5.15
CA GLY O 239 27.44 -115.63 6.53
C GLY O 239 28.89 -116.13 6.66
N ALA O 240 29.63 -116.13 5.54
CA ALA O 240 31.05 -116.42 5.53
C ALA O 240 31.84 -115.14 5.81
N VAL O 241 31.20 -114.00 5.56
CA VAL O 241 31.85 -112.69 5.72
C VAL O 241 31.75 -112.28 7.19
N GLN O 242 32.91 -112.19 7.85
CA GLN O 242 33.01 -111.83 9.26
C GLN O 242 33.77 -110.51 9.41
N LYS O 243 33.37 -109.70 10.40
CA LYS O 243 34.12 -108.51 10.80
C LYS O 243 35.53 -108.94 11.20
N CYS O 244 36.53 -108.22 10.66
CA CYS O 244 37.90 -108.47 11.08
C CYS O 244 38.07 -108.13 12.56
N SER O 245 38.44 -109.11 13.41
CA SER O 245 38.57 -108.96 14.86
C SER O 245 39.69 -107.98 15.23
N ALA O 246 40.77 -108.06 14.45
CA ALA O 246 42.00 -107.30 14.48
C ALA O 246 41.83 -105.78 14.49
N CYS O 247 41.07 -105.28 13.49
CA CYS O 247 40.82 -103.86 13.30
C CYS O 247 39.36 -103.49 13.63
N ARG O 248 38.56 -104.47 14.09
CA ARG O 248 37.14 -104.33 14.40
C ARG O 248 36.37 -103.69 13.24
N GLY O 249 36.64 -104.15 12.00
CA GLY O 249 35.98 -103.65 10.81
C GLY O 249 36.54 -102.34 10.24
N ARG O 250 37.59 -101.76 10.83
CA ARG O 250 38.11 -100.45 10.41
C ARG O 250 39.07 -100.55 9.21
N GLY O 251 39.56 -101.74 8.86
CA GLY O 251 40.57 -101.89 7.80
C GLY O 251 41.98 -101.50 8.25
N VAL O 252 42.09 -100.65 9.28
CA VAL O 252 43.36 -100.10 9.75
C VAL O 252 43.57 -100.35 11.24
N ARG O 253 44.84 -100.51 11.62
CA ARG O 253 45.26 -100.63 13.01
C ARG O 253 46.12 -99.43 13.37
N ILE O 254 45.93 -98.91 14.58
CA ILE O 254 46.79 -97.85 15.10
C ILE O 254 47.91 -98.52 15.87
N MET O 255 49.14 -98.39 15.36
CA MET O 255 50.34 -98.89 16.01
C MET O 255 51.06 -97.73 16.70
N ILE O 256 51.44 -97.95 17.97
CA ILE O 256 52.16 -96.96 18.73
C ILE O 256 53.66 -97.24 18.65
N ARG O 257 54.43 -96.36 18.02
CA ARG O 257 55.89 -96.44 18.01
C ARG O 257 56.48 -95.43 19.00
N GLN O 258 57.24 -95.87 20.01
CA GLN O 258 58.01 -94.92 20.81
C GLN O 258 59.17 -94.34 20.01
N LEU O 259 59.28 -93.00 19.95
CA LEU O 259 60.46 -92.30 19.41
C LEU O 259 61.50 -91.98 20.48
N ALA O 260 61.02 -91.68 21.70
CA ALA O 260 61.80 -91.40 22.88
C ALA O 260 60.92 -91.63 24.12
N PRO O 261 61.41 -91.89 25.34
CA PRO O 261 60.51 -91.95 26.49
C PRO O 261 59.74 -90.63 26.67
N GLY O 262 58.40 -90.74 26.63
CA GLY O 262 57.52 -89.57 26.66
C GLY O 262 57.14 -89.03 25.27
N MET O 263 57.78 -89.54 24.19
CA MET O 263 57.32 -89.29 22.82
C MET O 263 56.84 -90.59 22.16
N VAL O 264 55.53 -90.74 21.99
CA VAL O 264 54.94 -91.83 21.23
C VAL O 264 54.34 -91.31 19.93
N GLN O 265 54.64 -91.99 18.82
CA GLN O 265 54.02 -91.77 17.52
C GLN O 265 52.92 -92.80 17.29
N GLN O 266 51.70 -92.35 17.06
CA GLN O 266 50.61 -93.20 16.61
C GLN O 266 50.69 -93.20 15.09
N MET O 267 50.98 -94.38 14.52
CA MET O 267 50.95 -94.58 13.10
C MET O 267 49.76 -95.47 12.75
N GLN O 268 48.95 -95.05 11.76
CA GLN O 268 47.91 -95.87 11.18
C GLN O 268 48.54 -96.75 10.10
N SER O 269 48.42 -98.07 10.30
CA SER O 269 48.89 -99.05 9.34
C SER O 269 47.68 -99.82 8.81
N VAL O 270 47.74 -100.25 7.55
CA VAL O 270 46.73 -101.16 7.03
C VAL O 270 46.76 -102.43 7.89
N CYS O 271 45.56 -102.96 8.21
CA CYS O 271 45.44 -104.11 9.08
C CYS O 271 45.96 -105.34 8.34
N SER O 272 46.99 -105.98 8.93
CA SER O 272 47.62 -107.20 8.41
C SER O 272 46.65 -108.35 8.22
N ASP O 273 45.58 -108.41 9.03
CA ASP O 273 44.72 -109.58 9.14
C ASP O 273 43.60 -109.58 8.09
N CYS O 274 43.22 -108.39 7.57
CA CYS O 274 42.24 -108.25 6.52
C CYS O 274 42.73 -107.44 5.31
N ASN O 275 44.03 -107.08 5.30
CA ASN O 275 44.66 -106.30 4.23
C ASN O 275 43.86 -105.04 3.86
N GLY O 276 43.20 -104.42 4.84
CA GLY O 276 42.48 -103.17 4.63
C GLY O 276 40.98 -103.31 4.38
N GLU O 277 40.48 -104.54 4.15
CA GLU O 277 39.09 -104.73 3.74
C GLU O 277 38.13 -104.55 4.93
N GLY O 278 38.61 -104.74 6.16
CA GLY O 278 37.75 -104.68 7.34
C GLY O 278 36.96 -105.97 7.60
N GLU O 279 36.94 -106.85 6.60
CA GLU O 279 36.32 -108.17 6.70
C GLU O 279 37.32 -109.31 6.50
N VAL O 280 36.97 -110.47 7.05
CA VAL O 280 37.73 -111.69 6.85
C VAL O 280 36.76 -112.79 6.39
N ILE O 281 37.18 -113.51 5.34
CA ILE O 281 36.46 -114.67 4.82
C ILE O 281 37.43 -115.85 4.91
N ASN O 282 37.01 -116.90 5.64
CA ASN O 282 37.73 -118.17 5.71
C ASN O 282 37.98 -118.69 4.30
N GLU O 283 39.20 -119.20 4.05
CA GLU O 283 39.62 -119.67 2.74
C GLU O 283 38.61 -120.64 2.10
N LYS O 284 38.06 -121.55 2.91
CA LYS O 284 37.10 -122.57 2.54
C LYS O 284 35.77 -122.01 2.03
N ASP O 285 35.47 -120.74 2.36
CA ASP O 285 34.22 -120.08 1.98
C ASP O 285 34.35 -119.24 0.70
N ARG O 286 35.58 -118.82 0.36
CA ARG O 286 35.85 -118.06 -0.87
C ARG O 286 36.50 -118.98 -1.88
N CYS O 287 37.66 -119.53 -1.50
CA CYS O 287 38.49 -120.38 -2.35
C CYS O 287 39.93 -120.26 -1.84
N LYS O 288 40.85 -120.99 -2.48
CA LYS O 288 42.27 -120.88 -2.18
C LYS O 288 42.90 -119.88 -3.14
N LYS O 289 42.07 -118.97 -3.69
CA LYS O 289 42.47 -118.03 -4.74
C LYS O 289 42.49 -116.60 -4.19
N CYS O 290 41.35 -115.88 -4.20
CA CYS O 290 41.26 -114.49 -3.76
C CYS O 290 41.80 -114.36 -2.33
N GLU O 291 41.11 -114.99 -1.35
CA GLU O 291 41.47 -115.05 0.07
C GLU O 291 40.58 -114.09 0.85
N GLY O 292 39.27 -114.13 0.57
CA GLY O 292 38.30 -113.25 1.17
C GLY O 292 38.34 -111.86 0.54
N LYS O 293 39.01 -111.77 -0.62
CA LYS O 293 39.25 -110.49 -1.28
C LYS O 293 38.16 -110.17 -2.32
N LYS O 294 37.41 -111.18 -2.79
CA LYS O 294 36.28 -111.06 -3.71
C LYS O 294 36.76 -110.87 -5.15
N VAL O 295 38.05 -110.55 -5.34
CA VAL O 295 38.65 -110.43 -6.67
C VAL O 295 39.97 -111.20 -6.76
N ILE O 296 40.40 -111.50 -7.99
CA ILE O 296 41.69 -112.11 -8.28
C ILE O 296 42.34 -111.33 -9.42
N LYS O 297 43.67 -111.21 -9.39
CA LYS O 297 44.41 -110.63 -10.49
C LYS O 297 44.54 -111.63 -11.63
N GLU O 298 43.99 -111.27 -12.79
CA GLU O 298 44.08 -112.06 -14.01
C GLU O 298 44.84 -111.27 -15.08
N VAL O 299 45.55 -112.02 -15.92
CA VAL O 299 46.31 -111.45 -17.02
C VAL O 299 45.47 -111.59 -18.28
N LYS O 300 45.07 -110.46 -18.87
CA LYS O 300 44.31 -110.45 -20.11
C LYS O 300 45.16 -109.88 -21.26
N ILE O 301 45.08 -110.51 -22.42
CA ILE O 301 45.70 -110.02 -23.63
C ILE O 301 44.64 -109.35 -24.49
N LEU O 302 44.82 -108.05 -24.74
CA LEU O 302 43.98 -107.28 -25.64
C LEU O 302 44.68 -107.16 -27.01
N GLU O 303 43.92 -107.46 -28.07
CA GLU O 303 44.40 -107.21 -29.42
C GLU O 303 44.04 -105.77 -29.80
N VAL O 304 45.07 -104.97 -30.09
CA VAL O 304 44.93 -103.56 -30.37
C VAL O 304 45.23 -103.32 -31.84
N HIS O 305 44.23 -102.74 -32.54
CA HIS O 305 44.38 -102.33 -33.93
C HIS O 305 44.64 -100.82 -33.99
N VAL O 306 45.80 -100.48 -34.56
CA VAL O 306 46.17 -99.11 -34.89
C VAL O 306 45.97 -98.95 -36.40
N ASP O 307 44.94 -98.18 -36.75
CA ASP O 307 44.60 -97.91 -38.14
C ASP O 307 45.57 -96.92 -38.79
N LYS O 308 45.67 -96.99 -40.12
CA LYS O 308 46.42 -96.03 -40.92
C LYS O 308 45.91 -94.61 -40.71
N GLY O 309 46.85 -93.69 -40.48
CA GLY O 309 46.55 -92.27 -40.37
C GLY O 309 46.08 -91.82 -38.99
N MET O 310 45.98 -92.74 -38.01
CA MET O 310 45.67 -92.37 -36.64
C MET O 310 46.63 -91.30 -36.12
N LYS O 311 46.13 -90.44 -35.22
CA LYS O 311 46.85 -89.26 -34.76
C LYS O 311 47.40 -89.46 -33.34
N HIS O 312 48.43 -88.68 -33.01
CA HIS O 312 48.88 -88.54 -31.63
C HIS O 312 47.71 -88.13 -30.73
N GLY O 313 47.63 -88.76 -29.53
CA GLY O 313 46.57 -88.49 -28.57
C GLY O 313 45.22 -89.14 -28.87
N GLN O 314 45.11 -89.89 -29.98
CA GLN O 314 43.87 -90.60 -30.30
C GLN O 314 43.64 -91.74 -29.29
N ARG O 315 42.36 -91.97 -28.94
CA ARG O 315 41.97 -92.95 -27.93
C ARG O 315 41.40 -94.21 -28.59
N ILE O 316 41.85 -95.38 -28.11
CA ILE O 316 41.28 -96.67 -28.44
C ILE O 316 40.65 -97.24 -27.17
N THR O 317 39.32 -97.41 -27.18
CA THR O 317 38.57 -97.81 -25.99
C THR O 317 38.13 -99.27 -26.06
N PHE O 318 38.41 -100.01 -24.98
CA PHE O 318 37.93 -101.36 -24.75
C PHE O 318 36.88 -101.31 -23.63
N THR O 319 35.60 -101.41 -24.02
CA THR O 319 34.48 -101.19 -23.11
C THR O 319 34.36 -102.33 -22.08
N GLY O 320 34.19 -101.96 -20.80
CA GLY O 320 33.99 -102.91 -19.70
C GLY O 320 35.21 -103.78 -19.39
N GLU O 321 36.39 -103.39 -19.91
CA GLU O 321 37.60 -104.19 -19.78
C GLU O 321 38.44 -103.82 -18.55
N ALA O 322 38.09 -102.75 -17.82
CA ALA O 322 38.80 -102.35 -16.61
C ALA O 322 38.60 -103.34 -15.45
N ASP O 323 39.08 -102.93 -14.27
CA ASP O 323 38.95 -103.68 -13.03
C ASP O 323 37.48 -103.94 -12.67
N GLN O 324 37.20 -105.20 -12.28
CA GLN O 324 35.91 -105.59 -11.73
C GLN O 324 35.92 -105.48 -10.21
N ALA O 325 34.80 -105.02 -9.64
CA ALA O 325 34.57 -105.03 -8.21
C ALA O 325 33.15 -105.51 -7.90
N PRO O 326 32.90 -106.19 -6.75
CA PRO O 326 31.56 -106.66 -6.40
C PRO O 326 30.53 -105.53 -6.33
N GLY O 327 29.46 -105.68 -7.12
CA GLY O 327 28.36 -104.72 -7.18
C GLY O 327 28.67 -103.45 -7.99
N VAL O 328 29.78 -103.48 -8.75
CA VAL O 328 30.25 -102.36 -9.58
C VAL O 328 30.34 -102.84 -11.03
N GLU O 329 29.78 -102.07 -11.97
CA GLU O 329 29.94 -102.33 -13.40
C GLU O 329 31.33 -101.89 -13.83
N PRO O 330 32.16 -102.73 -14.50
CA PRO O 330 33.53 -102.35 -14.85
C PRO O 330 33.62 -101.10 -15.73
N GLY O 331 34.66 -100.30 -15.48
CA GLY O 331 35.04 -99.21 -16.39
C GLY O 331 35.66 -99.70 -17.69
N ASP O 332 36.17 -98.77 -18.49
CA ASP O 332 36.80 -99.07 -19.77
C ASP O 332 38.32 -99.03 -19.67
N ILE O 333 39.00 -99.78 -20.54
CA ILE O 333 40.42 -99.56 -20.79
C ILE O 333 40.58 -98.64 -21.99
N VAL O 334 41.20 -97.47 -21.76
CA VAL O 334 41.42 -96.46 -22.78
C VAL O 334 42.91 -96.37 -23.10
N LEU O 335 43.27 -96.80 -24.32
CA LEU O 335 44.65 -96.66 -24.77
C LEU O 335 44.82 -95.31 -25.44
N LEU O 336 45.82 -94.54 -24.98
CA LEU O 336 46.16 -93.25 -25.57
C LEU O 336 47.37 -93.42 -26.48
N LEU O 337 47.19 -93.14 -27.78
CA LEU O 337 48.30 -93.24 -28.72
C LEU O 337 49.34 -92.15 -28.47
N GLN O 338 50.58 -92.60 -28.23
CA GLN O 338 51.73 -91.71 -28.10
C GLN O 338 52.67 -91.93 -29.28
N GLU O 339 52.77 -90.93 -30.15
CA GLU O 339 53.64 -90.98 -31.30
C GLU O 339 55.08 -90.85 -30.81
N LYS O 340 55.95 -91.76 -31.27
CA LYS O 340 57.37 -91.67 -31.00
C LYS O 340 58.00 -90.73 -32.01
N GLU O 341 58.99 -89.97 -31.53
CA GLU O 341 59.89 -89.22 -32.38
C GLU O 341 60.54 -90.14 -33.41
N HIS O 342 60.66 -89.63 -34.65
CA HIS O 342 61.25 -90.36 -35.76
C HIS O 342 62.50 -89.61 -36.23
N GLU O 343 63.55 -90.35 -36.60
CA GLU O 343 64.87 -89.77 -36.84
C GLU O 343 64.93 -88.89 -38.09
N VAL O 344 64.18 -89.26 -39.15
CA VAL O 344 64.21 -88.57 -40.44
C VAL O 344 63.00 -87.63 -40.62
N PHE O 345 61.79 -88.12 -40.31
CA PHE O 345 60.55 -87.43 -40.56
C PHE O 345 59.95 -86.81 -39.29
N GLN O 346 59.42 -85.60 -39.44
CA GLN O 346 58.57 -84.96 -38.44
C GLN O 346 57.17 -84.85 -39.04
N ARG O 347 56.16 -85.22 -38.25
CA ARG O 347 54.80 -85.22 -38.73
C ARG O 347 54.09 -83.92 -38.32
N ASP O 348 53.43 -83.29 -39.30
CA ASP O 348 52.50 -82.19 -39.06
C ASP O 348 51.13 -82.54 -39.66
N GLY O 349 50.18 -82.94 -38.81
CA GLY O 349 48.88 -83.41 -39.26
C GLY O 349 48.95 -84.62 -40.19
N ASN O 350 48.70 -84.39 -41.49
CA ASN O 350 48.81 -85.41 -42.53
C ASN O 350 50.09 -85.25 -43.35
N ASP O 351 50.83 -84.16 -43.14
CA ASP O 351 52.05 -83.86 -43.89
C ASP O 351 53.27 -84.38 -43.12
N LEU O 352 54.35 -84.61 -43.88
CA LEU O 352 55.64 -85.00 -43.33
C LEU O 352 56.67 -83.93 -43.68
N HIS O 353 57.59 -83.70 -42.74
CA HIS O 353 58.71 -82.78 -42.92
C HIS O 353 60.02 -83.55 -42.75
N MET O 354 61.01 -83.25 -43.60
CA MET O 354 62.36 -83.78 -43.41
C MET O 354 63.39 -82.71 -43.79
N THR O 355 64.59 -82.82 -43.20
CA THR O 355 65.73 -82.02 -43.61
C THR O 355 66.68 -82.90 -44.42
N TYR O 356 67.06 -82.41 -45.62
CA TYR O 356 67.99 -83.11 -46.49
C TYR O 356 69.21 -82.24 -46.77
N LYS O 357 70.40 -82.80 -46.54
CA LYS O 357 71.67 -82.10 -46.75
C LYS O 357 72.14 -82.34 -48.18
N ILE O 358 72.52 -81.25 -48.86
CA ILE O 358 73.04 -81.29 -50.23
C ILE O 358 74.29 -80.42 -50.32
N GLY O 359 75.22 -80.77 -51.23
CA GLY O 359 76.40 -79.95 -51.49
C GLY O 359 76.08 -78.72 -52.34
N LEU O 360 76.99 -77.73 -52.34
CA LEU O 360 76.84 -76.53 -53.15
C LEU O 360 76.67 -76.84 -54.64
N VAL O 361 77.43 -77.83 -55.15
CA VAL O 361 77.36 -78.28 -56.53
C VAL O 361 75.96 -78.83 -56.85
N GLU O 362 75.39 -79.65 -55.96
CA GLU O 362 74.05 -80.20 -56.11
C GLU O 362 72.99 -79.08 -56.11
N ALA O 363 73.16 -78.09 -55.23
CA ALA O 363 72.28 -76.94 -55.09
C ALA O 363 72.24 -76.07 -56.35
N LEU O 364 73.37 -75.95 -57.08
CA LEU O 364 73.51 -75.10 -58.26
C LEU O 364 73.27 -75.84 -59.57
N CYS O 365 73.70 -77.10 -59.66
CA CYS O 365 73.77 -77.86 -60.91
C CYS O 365 72.68 -78.93 -61.05
N GLY O 366 71.82 -79.08 -60.04
CA GLY O 366 70.83 -80.15 -59.99
C GLY O 366 71.37 -81.44 -59.39
N PHE O 367 70.46 -82.32 -58.95
CA PHE O 367 70.82 -83.51 -58.19
C PHE O 367 69.73 -84.58 -58.24
N GLN O 368 70.14 -85.79 -57.84
CA GLN O 368 69.23 -86.91 -57.62
C GLN O 368 69.61 -87.57 -56.30
N PHE O 369 68.61 -87.79 -55.44
CA PHE O 369 68.84 -88.54 -54.22
C PHE O 369 67.72 -89.54 -53.97
N THR O 370 68.01 -90.49 -53.05
CA THR O 370 67.06 -91.52 -52.67
C THR O 370 66.92 -91.59 -51.16
N PHE O 371 65.69 -91.82 -50.68
CA PHE O 371 65.45 -92.07 -49.27
C PHE O 371 64.42 -93.19 -49.10
N LYS O 372 64.41 -93.78 -47.90
CA LYS O 372 63.46 -94.80 -47.52
C LYS O 372 62.24 -94.14 -46.88
N HIS O 373 61.04 -94.43 -47.42
CA HIS O 373 59.79 -93.93 -46.87
C HIS O 373 59.28 -94.82 -45.73
N LEU O 374 58.17 -94.42 -45.08
CA LEU O 374 57.56 -95.11 -43.94
C LEU O 374 56.99 -96.48 -44.30
N ASP O 375 56.65 -96.72 -45.58
CA ASP O 375 56.25 -98.03 -46.09
C ASP O 375 57.42 -98.91 -46.53
N GLY O 376 58.65 -98.38 -46.46
CA GLY O 376 59.85 -99.09 -46.86
C GLY O 376 60.16 -98.99 -48.36
N ARG O 377 59.33 -98.29 -49.15
CA ARG O 377 59.68 -98.00 -50.55
C ARG O 377 60.87 -97.04 -50.61
N GLN O 378 61.71 -97.22 -51.63
CA GLN O 378 62.76 -96.28 -51.98
C GLN O 378 62.17 -95.22 -52.94
N ILE O 379 62.20 -93.95 -52.51
CA ILE O 379 61.75 -92.84 -53.34
C ILE O 379 62.98 -92.16 -53.95
N VAL O 380 62.96 -91.99 -55.28
CA VAL O 380 63.98 -91.26 -56.01
C VAL O 380 63.45 -89.85 -56.29
N VAL O 381 64.09 -88.84 -55.69
CA VAL O 381 63.78 -87.44 -55.93
C VAL O 381 64.80 -86.88 -56.92
N LYS O 382 64.30 -86.25 -57.99
CA LYS O 382 65.13 -85.63 -59.01
C LYS O 382 64.85 -84.15 -59.07
N TYR O 383 65.93 -83.36 -59.07
CA TYR O 383 65.84 -81.91 -59.26
C TYR O 383 66.60 -81.54 -60.53
N PRO O 384 65.96 -80.84 -61.50
CA PRO O 384 66.55 -80.65 -62.82
C PRO O 384 67.74 -79.69 -62.77
N PRO O 385 68.76 -79.87 -63.66
CA PRO O 385 69.87 -78.93 -63.78
C PRO O 385 69.39 -77.55 -64.24
N GLY O 386 70.09 -76.50 -63.76
CA GLY O 386 69.75 -75.13 -64.11
C GLY O 386 68.70 -74.48 -63.20
N LYS O 387 68.20 -75.21 -62.20
CA LYS O 387 67.40 -74.63 -61.13
C LYS O 387 68.19 -74.66 -59.83
N VAL O 388 68.14 -73.55 -59.08
CA VAL O 388 68.91 -73.38 -57.85
C VAL O 388 68.03 -73.72 -56.64
N ILE O 389 68.66 -74.43 -55.69
CA ILE O 389 68.14 -74.63 -54.34
C ILE O 389 68.87 -73.65 -53.41
N GLU O 390 68.10 -72.69 -52.85
CA GLU O 390 68.61 -71.76 -51.87
C GLU O 390 68.76 -72.46 -50.51
N PRO O 391 69.77 -72.06 -49.67
CA PRO O 391 69.90 -72.57 -48.30
C PRO O 391 68.62 -72.34 -47.48
N GLY O 392 68.13 -73.43 -46.88
CA GLY O 392 66.93 -73.43 -46.06
C GLY O 392 65.62 -73.46 -46.85
N CYS O 393 65.67 -73.46 -48.19
CA CYS O 393 64.44 -73.49 -48.98
C CYS O 393 63.70 -74.84 -48.84
N VAL O 394 62.37 -74.77 -49.00
CA VAL O 394 61.51 -75.95 -48.89
C VAL O 394 60.96 -76.32 -50.27
N ARG O 395 60.96 -77.64 -50.58
CA ARG O 395 60.29 -78.19 -51.74
C ARG O 395 59.33 -79.28 -51.30
N VAL O 396 58.38 -79.62 -52.18
CA VAL O 396 57.31 -80.55 -51.86
C VAL O 396 57.36 -81.76 -52.80
N VAL O 397 57.20 -82.96 -52.21
CA VAL O 397 56.90 -84.18 -52.93
C VAL O 397 55.44 -84.54 -52.62
N ARG O 398 54.57 -84.32 -53.62
CA ARG O 398 53.13 -84.43 -53.42
C ARG O 398 52.69 -85.88 -53.21
N GLY O 399 51.77 -86.11 -52.26
CA GLY O 399 51.18 -87.41 -51.98
C GLY O 399 52.08 -88.39 -51.23
N GLU O 400 53.23 -87.91 -50.73
CA GLU O 400 54.18 -88.72 -49.96
C GLU O 400 54.19 -88.33 -48.46
N GLY O 401 53.08 -87.74 -47.97
CA GLY O 401 52.83 -87.54 -46.54
C GLY O 401 52.14 -88.75 -45.88
N MET O 402 51.58 -88.51 -44.68
CA MET O 402 50.81 -89.50 -43.93
C MET O 402 49.44 -89.76 -44.58
N PRO O 403 48.91 -91.01 -44.50
CA PRO O 403 47.53 -91.29 -44.92
C PRO O 403 46.53 -90.62 -43.98
N GLN O 404 45.39 -90.21 -44.53
CA GLN O 404 44.29 -89.69 -43.72
C GLN O 404 43.60 -90.82 -42.96
N TYR O 405 43.29 -90.58 -41.68
CA TYR O 405 42.52 -91.52 -40.88
C TYR O 405 41.13 -91.76 -41.51
N ARG O 406 40.75 -93.04 -41.67
CA ARG O 406 39.49 -93.48 -42.29
C ARG O 406 39.45 -93.33 -43.82
N ASN O 407 40.39 -92.57 -44.40
CA ASN O 407 40.51 -92.42 -45.85
C ASN O 407 41.97 -92.62 -46.28
N PRO O 408 42.55 -93.83 -46.13
CA PRO O 408 43.97 -94.06 -46.34
C PRO O 408 44.47 -93.96 -47.80
N PHE O 409 43.53 -93.77 -48.74
CA PHE O 409 43.83 -93.52 -50.15
C PHE O 409 44.27 -92.06 -50.38
N GLU O 410 43.82 -91.15 -49.50
CA GLU O 410 44.30 -89.78 -49.49
C GLU O 410 45.47 -89.64 -48.52
N LYS O 411 46.51 -88.94 -48.99
CA LYS O 411 47.71 -88.69 -48.21
C LYS O 411 48.00 -87.19 -48.23
N GLY O 412 48.69 -86.73 -47.18
CA GLY O 412 49.31 -85.42 -47.21
C GLY O 412 50.55 -85.41 -48.11
N ASP O 413 51.35 -84.35 -47.95
CA ASP O 413 52.55 -84.11 -48.74
C ASP O 413 53.82 -84.26 -47.89
N LEU O 414 54.96 -84.49 -48.57
CA LEU O 414 56.27 -84.46 -47.92
C LEU O 414 57.01 -83.15 -48.27
N TYR O 415 57.27 -82.35 -47.24
CA TYR O 415 58.07 -81.14 -47.33
C TYR O 415 59.53 -81.42 -46.98
N ILE O 416 60.43 -81.06 -47.91
CA ILE O 416 61.86 -81.28 -47.75
C ILE O 416 62.53 -79.91 -47.62
N LYS O 417 63.09 -79.64 -46.44
CA LYS O 417 63.94 -78.49 -46.21
C LYS O 417 65.37 -78.85 -46.62
N PHE O 418 65.97 -78.04 -47.51
CA PHE O 418 67.33 -78.28 -47.97
C PHE O 418 68.34 -77.49 -47.14
N ASP O 419 69.32 -78.23 -46.61
CA ASP O 419 70.46 -77.69 -45.90
C ASP O 419 71.68 -77.74 -46.82
N VAL O 420 72.07 -76.59 -47.38
CA VAL O 420 73.14 -76.51 -48.37
C VAL O 420 74.50 -76.40 -47.68
N GLN O 421 75.32 -77.43 -47.87
CA GLN O 421 76.66 -77.52 -47.31
C GLN O 421 77.66 -76.87 -48.27
N PHE O 422 78.24 -75.77 -47.79
CA PHE O 422 79.38 -75.13 -48.43
C PHE O 422 80.64 -75.97 -48.28
N PRO O 423 81.58 -75.92 -49.26
CA PRO O 423 82.88 -76.58 -49.15
C PRO O 423 83.69 -75.93 -48.03
N GLU O 424 84.65 -76.69 -47.48
CA GLU O 424 85.49 -76.19 -46.41
C GLU O 424 86.48 -75.11 -46.88
N ASN O 425 87.10 -74.49 -45.88
CA ASN O 425 88.21 -73.55 -45.97
C ASN O 425 89.31 -74.07 -46.89
N ASN O 426 89.80 -73.25 -47.83
CA ASN O 426 90.90 -73.59 -48.75
C ASN O 426 90.57 -74.68 -49.78
N TRP O 427 89.27 -74.95 -50.10
CA TRP O 427 88.92 -76.08 -50.98
C TRP O 427 89.43 -75.93 -52.41
N ILE O 428 89.67 -74.68 -52.83
CA ILE O 428 90.13 -74.36 -54.18
C ILE O 428 91.38 -73.46 -54.14
N ASN O 429 92.31 -73.70 -55.06
CA ASN O 429 93.50 -72.86 -55.24
C ASN O 429 93.05 -71.44 -55.65
N PRO O 430 93.53 -70.36 -54.98
CA PRO O 430 93.27 -68.98 -55.41
C PRO O 430 93.35 -68.67 -56.90
N ASP O 431 94.27 -69.31 -57.64
CA ASP O 431 94.43 -69.13 -59.08
C ASP O 431 93.16 -69.45 -59.89
N LYS O 432 92.29 -70.33 -59.35
CA LYS O 432 91.07 -70.80 -59.99
C LYS O 432 89.83 -69.98 -59.60
N LEU O 433 89.99 -69.01 -58.67
CA LEU O 433 88.88 -68.19 -58.22
C LEU O 433 88.33 -67.29 -59.34
N SER O 434 89.24 -66.84 -60.24
CA SER O 434 88.93 -66.05 -61.42
C SER O 434 88.01 -66.83 -62.36
N GLU O 435 88.35 -68.09 -62.69
CA GLU O 435 87.54 -68.98 -63.53
C GLU O 435 86.14 -69.17 -62.92
N LEU O 436 86.03 -69.27 -61.59
CA LEU O 436 84.75 -69.43 -60.90
C LEU O 436 83.91 -68.15 -60.99
N GLU O 437 84.56 -66.97 -60.84
CA GLU O 437 83.90 -65.68 -60.91
C GLU O 437 83.29 -65.45 -62.30
N ASP O 438 84.02 -65.83 -63.37
CA ASP O 438 83.58 -65.71 -64.75
C ASP O 438 82.34 -66.56 -65.07
N LEU O 439 82.11 -67.64 -64.30
CA LEU O 439 81.00 -68.56 -64.53
C LEU O 439 79.72 -68.07 -63.82
N GLY P 198 57.73 -106.08 -0.67
CA GLY P 198 56.40 -106.13 -1.31
C GLY P 198 56.13 -107.54 -1.82
N GLU P 199 54.85 -107.75 -2.20
CA GLU P 199 54.37 -109.01 -2.72
C GLU P 199 54.86 -109.23 -4.14
N ASP P 200 55.23 -110.49 -4.47
CA ASP P 200 55.59 -110.87 -5.82
C ASP P 200 54.34 -111.01 -6.70
N MET P 201 54.45 -110.60 -7.96
CA MET P 201 53.35 -110.69 -8.93
C MET P 201 53.58 -111.86 -9.89
N MET P 202 52.64 -112.82 -9.91
CA MET P 202 52.73 -113.97 -10.79
C MET P 202 51.86 -113.78 -12.03
N HIS P 203 52.47 -113.94 -13.22
CA HIS P 203 51.75 -113.83 -14.48
C HIS P 203 51.96 -115.06 -15.36
N PRO P 204 50.88 -115.73 -15.84
CA PRO P 204 51.04 -116.83 -16.79
C PRO P 204 51.41 -116.30 -18.18
N LEU P 205 52.48 -116.83 -18.76
CA LEU P 205 52.88 -116.55 -20.13
C LEU P 205 52.61 -117.77 -21.01
N LYS P 206 51.58 -117.67 -21.85
CA LYS P 206 51.23 -118.75 -22.79
C LYS P 206 52.21 -118.77 -23.97
N VAL P 207 52.90 -119.91 -24.15
CA VAL P 207 53.92 -120.12 -25.17
C VAL P 207 53.56 -121.37 -26.00
N SER P 208 53.80 -121.33 -27.31
CA SER P 208 53.58 -122.49 -28.17
C SER P 208 54.82 -123.41 -28.19
N LEU P 209 54.68 -124.63 -28.73
CA LEU P 209 55.82 -125.53 -28.91
C LEU P 209 56.89 -124.94 -29.83
N GLU P 210 56.46 -124.22 -30.89
CA GLU P 210 57.35 -123.53 -31.80
C GLU P 210 58.15 -122.43 -31.10
N ASP P 211 57.50 -121.69 -30.19
CA ASP P 211 58.15 -120.67 -29.36
C ASP P 211 59.24 -121.31 -28.48
N LEU P 212 58.95 -122.48 -27.89
CA LEU P 212 59.84 -123.22 -27.01
C LEU P 212 60.98 -123.91 -27.77
N TYR P 213 60.74 -124.27 -29.05
CA TYR P 213 61.72 -124.93 -29.89
C TYR P 213 62.71 -123.92 -30.50
N ASN P 214 62.19 -122.83 -31.06
CA ASN P 214 62.99 -121.84 -31.77
C ASN P 214 63.56 -120.76 -30.85
N GLY P 215 62.96 -120.59 -29.66
CA GLY P 215 63.19 -119.42 -28.83
C GLY P 215 62.34 -118.23 -29.29
N LYS P 216 61.95 -117.37 -28.35
CA LYS P 216 61.10 -116.23 -28.65
C LYS P 216 61.39 -115.07 -27.72
N THR P 217 61.50 -113.88 -28.33
CA THR P 217 61.49 -112.63 -27.59
C THR P 217 60.11 -111.98 -27.75
N THR P 218 59.44 -111.73 -26.62
CA THR P 218 58.13 -111.09 -26.62
C THR P 218 58.10 -109.90 -25.65
N LYS P 219 57.28 -108.89 -25.98
CA LYS P 219 57.08 -107.74 -25.10
C LYS P 219 55.80 -107.91 -24.32
N LEU P 220 55.92 -107.86 -22.98
CA LEU P 220 54.79 -107.97 -22.08
C LEU P 220 54.51 -106.60 -21.48
N GLN P 221 53.29 -106.08 -21.73
CA GLN P 221 52.87 -104.84 -21.12
C GLN P 221 52.16 -105.13 -19.80
N LEU P 222 52.67 -104.57 -18.69
CA LEU P 222 52.06 -104.69 -17.37
C LEU P 222 51.78 -103.31 -16.79
N SER P 223 50.66 -103.19 -16.08
CA SER P 223 50.36 -102.01 -15.29
C SER P 223 50.73 -102.27 -13.84
N LYS P 224 51.58 -101.40 -13.27
CA LYS P 224 52.03 -101.52 -11.90
C LYS P 224 51.96 -100.17 -11.18
N ASN P 225 51.90 -100.23 -9.85
CA ASN P 225 51.99 -99.06 -9.00
C ASN P 225 53.45 -98.66 -8.84
N VAL P 226 53.73 -97.38 -9.14
CA VAL P 226 55.04 -96.79 -8.92
C VAL P 226 54.89 -95.63 -7.93
N LEU P 227 55.95 -95.34 -7.18
CA LEU P 227 55.95 -94.17 -6.31
C LEU P 227 55.72 -92.90 -7.13
N CYS P 228 54.80 -92.05 -6.64
CA CYS P 228 54.42 -90.84 -7.34
C CYS P 228 55.64 -89.91 -7.48
N SER P 229 56.11 -89.73 -8.73
CA SER P 229 57.29 -88.93 -9.05
C SER P 229 57.24 -87.48 -8.51
N ALA P 230 56.03 -86.94 -8.28
CA ALA P 230 55.83 -85.56 -7.86
C ALA P 230 55.91 -85.36 -6.34
N CYS P 231 55.74 -86.42 -5.54
CA CYS P 231 55.82 -86.32 -4.08
C CYS P 231 56.68 -87.43 -3.45
N SER P 232 57.33 -88.25 -4.28
CA SER P 232 58.20 -89.35 -3.87
C SER P 232 57.57 -90.24 -2.79
N GLY P 233 56.26 -90.53 -2.94
CA GLY P 233 55.50 -91.41 -2.06
C GLY P 233 55.12 -90.80 -0.71
N GLN P 234 55.73 -89.66 -0.38
CA GLN P 234 55.55 -89.04 0.92
C GLN P 234 54.06 -88.74 0.99
N GLY P 235 53.44 -88.87 -0.17
CA GLY P 235 52.04 -88.58 -0.31
C GLY P 235 52.04 -87.09 -0.55
N GLY P 236 52.36 -86.33 0.49
CA GLY P 236 52.55 -84.91 0.33
C GLY P 236 53.74 -84.42 1.16
N LYS P 237 53.92 -83.09 1.22
CA LYS P 237 54.94 -82.48 2.06
C LYS P 237 54.72 -82.90 3.51
N SER P 238 55.75 -82.78 4.36
CA SER P 238 55.62 -83.07 5.79
C SER P 238 54.59 -82.11 6.40
N GLY P 239 53.47 -82.67 6.89
CA GLY P 239 52.34 -81.91 7.43
C GLY P 239 51.25 -81.67 6.38
N ALA P 240 51.40 -82.28 5.19
CA ALA P 240 50.38 -82.28 4.15
C ALA P 240 49.40 -83.43 4.39
N VAL P 241 49.87 -84.44 5.14
CA VAL P 241 49.08 -85.63 5.40
C VAL P 241 48.16 -85.36 6.58
N GLN P 242 46.84 -85.37 6.31
CA GLN P 242 45.82 -85.11 7.31
C GLN P 242 44.95 -86.35 7.49
N LYS P 243 44.48 -86.58 8.74
CA LYS P 243 43.48 -87.60 9.03
C LYS P 243 42.23 -87.30 8.21
N CYS P 244 41.69 -88.32 7.56
CA CYS P 244 40.44 -88.16 6.85
C CYS P 244 39.31 -87.87 7.83
N SER P 245 38.65 -86.69 7.72
CA SER P 245 37.59 -86.22 8.63
C SER P 245 36.36 -87.13 8.59
N ALA P 246 36.06 -87.59 7.37
CA ALA P 246 34.99 -88.45 6.93
C ALA P 246 34.87 -89.77 7.70
N CYS P 247 36.00 -90.51 7.76
CA CYS P 247 36.08 -91.81 8.42
C CYS P 247 36.91 -91.74 9.71
N ARG P 248 37.37 -90.54 10.09
CA ARG P 248 38.22 -90.30 11.25
C ARG P 248 39.45 -91.22 11.27
N GLY P 249 40.11 -91.40 10.11
CA GLY P 249 41.28 -92.23 9.98
C GLY P 249 41.02 -93.74 9.82
N ARG P 250 39.76 -94.19 9.78
CA ARG P 250 39.42 -95.61 9.74
C ARG P 250 39.47 -96.20 8.33
N GLY P 251 39.51 -95.37 7.27
CA GLY P 251 39.45 -95.86 5.89
C GLY P 251 38.04 -96.25 5.45
N VAL P 252 37.17 -96.58 6.42
CA VAL P 252 35.83 -97.10 6.13
C VAL P 252 34.76 -96.29 6.86
N ARG P 253 33.58 -96.19 6.23
CA ARG P 253 32.40 -95.57 6.80
C ARG P 253 31.32 -96.63 6.99
N ILE P 254 30.60 -96.53 8.11
CA ILE P 254 29.46 -97.40 8.36
C ILE P 254 28.21 -96.69 7.83
N MET P 255 27.61 -97.24 6.79
CA MET P 255 26.37 -96.75 6.21
C MET P 255 25.21 -97.61 6.71
N ILE P 256 24.14 -96.94 7.16
CA ILE P 256 22.96 -97.63 7.65
C ILE P 256 21.91 -97.69 6.54
N ARG P 257 21.60 -98.90 6.05
CA ARG P 257 20.50 -99.10 5.12
C ARG P 257 19.28 -99.67 5.84
N GLN P 258 18.13 -99.00 5.84
CA GLN P 258 16.90 -99.65 6.30
C GLN P 258 16.43 -100.71 5.33
N LEU P 259 16.20 -101.95 5.82
CA LEU P 259 15.55 -103.02 5.05
C LEU P 259 14.03 -103.05 5.23
N ALA P 260 13.59 -102.72 6.46
CA ALA P 260 12.19 -102.58 6.85
C ALA P 260 12.11 -101.65 8.06
N PRO P 261 11.01 -100.95 8.40
CA PRO P 261 11.01 -100.11 9.61
C PRO P 261 11.30 -100.97 10.86
N GLY P 262 12.35 -100.62 11.58
CA GLY P 262 12.84 -101.40 12.72
C GLY P 262 13.88 -102.47 12.36
N MET P 263 14.14 -102.69 11.06
CA MET P 263 15.28 -103.49 10.61
C MET P 263 16.29 -102.63 9.84
N VAL P 264 17.43 -102.31 10.45
CA VAL P 264 18.52 -101.58 9.82
C VAL P 264 19.71 -102.51 9.60
N GLN P 265 20.29 -102.44 8.39
CA GLN P 265 21.54 -103.08 8.04
C GLN P 265 22.68 -102.07 8.11
N GLN P 266 23.69 -102.34 8.93
CA GLN P 266 24.92 -101.58 8.93
C GLN P 266 25.82 -102.25 7.90
N MET P 267 26.15 -101.49 6.85
CA MET P 267 27.11 -101.92 5.86
C MET P 267 28.37 -101.06 6.01
N GLN P 268 29.54 -101.70 6.05
CA GLN P 268 30.83 -101.03 6.01
C GLN P 268 31.17 -100.82 4.53
N SER P 269 31.34 -99.54 4.15
CA SER P 269 31.76 -99.15 2.83
C SER P 269 33.13 -98.50 2.93
N VAL P 270 33.96 -98.67 1.89
CA VAL P 270 35.20 -97.90 1.81
C VAL P 270 34.82 -96.41 1.78
N CYS P 271 35.61 -95.60 2.52
CA CYS P 271 35.32 -94.19 2.67
C CYS P 271 35.60 -93.50 1.33
N SER P 272 34.56 -92.85 0.77
CA SER P 272 34.60 -92.11 -0.48
C SER P 272 35.65 -90.99 -0.48
N ASP P 273 35.94 -90.42 0.69
CA ASP P 273 36.71 -89.19 0.79
C ASP P 273 38.21 -89.44 0.83
N CYS P 274 38.64 -90.65 1.25
CA CYS P 274 40.03 -91.06 1.26
C CYS P 274 40.30 -92.37 0.54
N ASN P 275 39.28 -92.93 -0.15
CA ASN P 275 39.36 -94.17 -0.90
C ASN P 275 39.99 -95.31 -0.09
N GLY P 276 39.77 -95.34 1.23
CA GLY P 276 40.24 -96.41 2.09
C GLY P 276 41.55 -96.13 2.82
N GLU P 277 42.28 -95.06 2.46
CA GLU P 277 43.62 -94.82 2.99
C GLU P 277 43.55 -94.32 4.45
N GLY P 278 42.43 -93.69 4.85
CA GLY P 278 42.32 -93.09 6.18
C GLY P 278 42.97 -91.69 6.29
N GLU P 279 43.75 -91.35 5.28
CA GLU P 279 44.37 -90.03 5.17
C GLU P 279 43.92 -89.27 3.92
N VAL P 280 44.01 -87.94 3.99
CA VAL P 280 43.77 -87.08 2.84
C VAL P 280 44.96 -86.14 2.68
N ILE P 281 45.43 -86.01 1.44
CA ILE P 281 46.48 -85.08 1.05
C ILE P 281 45.88 -84.16 -0.01
N ASN P 282 45.89 -82.85 0.26
CA ASN P 282 45.50 -81.82 -0.69
C ASN P 282 46.29 -82.00 -1.99
N GLU P 283 45.61 -81.88 -3.14
CA GLU P 283 46.20 -82.09 -4.46
C GLU P 283 47.52 -81.33 -4.65
N LYS P 284 47.55 -80.08 -4.17
CA LYS P 284 48.68 -79.16 -4.25
C LYS P 284 49.93 -79.64 -3.49
N ASP P 285 49.74 -80.58 -2.55
CA ASP P 285 50.82 -81.10 -1.70
C ASP P 285 51.41 -82.42 -2.25
N ARG P 286 50.63 -83.15 -3.07
CA ARG P 286 51.09 -84.39 -3.69
C ARG P 286 51.38 -84.12 -5.15
N CYS P 287 50.36 -83.68 -5.88
CA CYS P 287 50.39 -83.43 -7.32
C CYS P 287 48.98 -83.57 -7.85
N LYS P 288 48.80 -83.36 -9.16
CA LYS P 288 47.51 -83.57 -9.82
C LYS P 288 47.50 -84.99 -10.40
N LYS P 289 48.33 -85.88 -9.83
CA LYS P 289 48.55 -87.23 -10.34
C LYS P 289 47.95 -88.28 -9.39
N CYS P 290 48.72 -88.71 -8.36
CA CYS P 290 48.28 -89.74 -7.41
C CYS P 290 46.95 -89.34 -6.79
N GLU P 291 46.94 -88.24 -5.99
CA GLU P 291 45.77 -87.65 -5.33
C GLU P 291 45.81 -88.01 -3.85
N GLY P 292 46.98 -87.87 -3.23
CA GLY P 292 47.19 -88.22 -1.84
C GLY P 292 47.34 -89.73 -1.68
N LYS P 293 47.56 -90.43 -2.81
CA LYS P 293 47.60 -91.88 -2.82
C LYS P 293 49.03 -92.42 -2.65
N LYS P 294 50.05 -91.58 -2.93
CA LYS P 294 51.48 -91.89 -2.74
C LYS P 294 52.00 -92.77 -3.90
N VAL P 295 51.10 -93.35 -4.70
CA VAL P 295 51.47 -94.13 -5.87
C VAL P 295 50.65 -93.72 -7.10
N ILE P 296 51.16 -94.05 -8.30
CA ILE P 296 50.46 -93.87 -9.56
C ILE P 296 50.58 -95.15 -10.37
N LYS P 297 49.53 -95.48 -11.12
CA LYS P 297 49.59 -96.61 -12.05
C LYS P 297 50.37 -96.22 -13.30
N GLU P 298 51.47 -96.94 -13.55
CA GLU P 298 52.30 -96.77 -14.72
C GLU P 298 52.29 -98.05 -15.54
N VAL P 299 52.40 -97.87 -16.86
CA VAL P 299 52.44 -98.98 -17.80
C VAL P 299 53.91 -99.24 -18.14
N LYS P 300 54.40 -100.43 -17.78
CA LYS P 300 55.76 -100.84 -18.09
C LYS P 300 55.76 -101.98 -19.10
N ILE P 301 56.67 -101.89 -20.09
CA ILE P 301 56.89 -102.96 -21.05
C ILE P 301 58.14 -103.73 -20.63
N LEU P 302 57.95 -105.03 -20.34
CA LEU P 302 59.05 -105.95 -20.07
C LEU P 302 59.36 -106.75 -21.32
N GLU P 303 60.65 -106.81 -21.67
CA GLU P 303 61.13 -107.69 -22.72
C GLU P 303 61.41 -109.07 -22.12
N VAL P 304 60.68 -110.08 -22.61
CA VAL P 304 60.75 -111.44 -22.09
C VAL P 304 61.43 -112.33 -23.11
N HIS P 305 62.53 -112.95 -22.69
CA HIS P 305 63.24 -113.95 -23.50
C HIS P 305 62.84 -115.35 -23.05
N VAL P 306 62.27 -116.10 -24.00
CA VAL P 306 61.98 -117.52 -23.84
C VAL P 306 63.06 -118.27 -24.62
N ASP P 307 63.96 -118.94 -23.87
CA ASP P 307 65.06 -119.70 -24.44
C ASP P 307 64.58 -121.02 -25.04
N LYS P 308 65.37 -121.55 -25.98
CA LYS P 308 65.16 -122.87 -26.55
C LYS P 308 65.18 -123.95 -25.47
N GLY P 309 64.19 -124.84 -25.52
CA GLY P 309 64.11 -126.00 -24.65
C GLY P 309 63.52 -125.73 -23.27
N MET P 310 63.12 -124.48 -22.99
CA MET P 310 62.42 -124.17 -21.73
C MET P 310 61.20 -125.07 -21.55
N LYS P 311 60.86 -125.35 -20.28
CA LYS P 311 59.84 -126.33 -19.93
C LYS P 311 58.56 -125.65 -19.45
N HIS P 312 57.45 -126.38 -19.55
CA HIS P 312 56.22 -125.99 -18.89
C HIS P 312 56.45 -125.77 -17.39
N GLY P 313 55.86 -124.69 -16.84
CA GLY P 313 56.00 -124.32 -15.44
C GLY P 313 57.32 -123.64 -15.06
N GLN P 314 58.22 -123.43 -16.02
CA GLN P 314 59.47 -122.72 -15.76
C GLN P 314 59.19 -121.24 -15.46
N ARG P 315 59.96 -120.66 -14.52
CA ARG P 315 59.77 -119.29 -14.05
C ARG P 315 60.82 -118.35 -14.67
N ILE P 316 60.35 -117.19 -15.15
CA ILE P 316 61.20 -116.08 -15.57
C ILE P 316 60.95 -114.93 -14.60
N THR P 317 61.99 -114.54 -13.83
CA THR P 317 61.86 -113.55 -12.76
C THR P 317 62.46 -112.21 -13.17
N PHE P 318 61.69 -111.14 -12.97
CA PHE P 318 62.11 -109.76 -13.10
C PHE P 318 62.17 -109.14 -11.70
N THR P 319 63.40 -109.00 -11.17
CA THR P 319 63.64 -108.60 -9.79
C THR P 319 63.26 -107.13 -9.54
N GLY P 320 62.50 -106.89 -8.46
CA GLY P 320 62.12 -105.54 -8.04
C GLY P 320 61.13 -104.85 -8.99
N GLU P 321 60.51 -105.62 -9.89
CA GLU P 321 59.63 -105.07 -10.92
C GLU P 321 58.16 -105.03 -10.51
N ALA P 322 57.79 -105.60 -9.35
CA ALA P 322 56.43 -105.56 -8.85
C ALA P 322 55.99 -104.16 -8.40
N ASP P 323 54.81 -104.09 -7.77
CA ASP P 323 54.25 -102.88 -7.22
C ASP P 323 55.15 -102.24 -6.17
N GLN P 324 55.31 -100.92 -6.29
CA GLN P 324 56.00 -100.11 -5.29
C GLN P 324 55.00 -99.56 -4.28
N ALA P 325 55.41 -99.54 -3.00
CA ALA P 325 54.67 -98.87 -1.94
C ALA P 325 55.63 -98.05 -1.06
N PRO P 326 55.18 -96.92 -0.45
CA PRO P 326 56.06 -96.12 0.42
C PRO P 326 56.61 -96.92 1.60
N GLY P 327 57.94 -96.93 1.72
CA GLY P 327 58.64 -97.62 2.79
C GLY P 327 58.73 -99.14 2.61
N VAL P 328 58.39 -99.64 1.41
CA VAL P 328 58.39 -101.07 1.07
C VAL P 328 59.32 -101.27 -0.13
N GLU P 329 60.22 -102.25 -0.04
CA GLU P 329 61.06 -102.65 -1.18
C GLU P 329 60.21 -103.48 -2.14
N PRO P 330 60.15 -103.16 -3.46
CA PRO P 330 59.28 -103.89 -4.39
C PRO P 330 59.58 -105.39 -4.47
N GLY P 331 58.52 -106.19 -4.62
CA GLY P 331 58.63 -107.60 -4.96
C GLY P 331 59.07 -107.82 -6.40
N ASP P 332 59.05 -109.09 -6.84
CA ASP P 332 59.43 -109.47 -8.20
C ASP P 332 58.21 -109.73 -9.08
N ILE P 333 58.38 -109.57 -10.39
CA ILE P 333 57.43 -110.10 -11.36
C ILE P 333 57.93 -111.46 -11.82
N VAL P 334 57.13 -112.51 -11.56
CA VAL P 334 57.46 -113.88 -11.92
C VAL P 334 56.52 -114.35 -13.03
N LEU P 335 57.08 -114.56 -14.22
CA LEU P 335 56.31 -115.12 -15.32
C LEU P 335 56.40 -116.64 -15.27
N LEU P 336 55.23 -117.29 -15.28
CA LEU P 336 55.15 -118.74 -15.31
C LEU P 336 54.84 -119.20 -16.73
N LEU P 337 55.75 -119.97 -17.34
CA LEU P 337 55.54 -120.47 -18.69
C LEU P 337 54.41 -121.51 -18.71
N GLN P 338 53.40 -121.24 -19.54
CA GLN P 338 52.31 -122.16 -19.79
C GLN P 338 52.39 -122.64 -21.25
N GLU P 339 52.71 -123.92 -21.43
CA GLU P 339 52.79 -124.52 -22.74
C GLU P 339 51.37 -124.68 -23.28
N LYS P 340 51.16 -124.22 -24.52
CA LYS P 340 49.89 -124.43 -25.20
C LYS P 340 49.91 -125.81 -25.85
N GLU P 341 48.73 -126.44 -25.82
CA GLU P 341 48.46 -127.63 -26.61
C GLU P 341 48.80 -127.38 -28.08
N GLY Q 198 -14.76 -43.59 -27.43
CA GLY Q 198 -13.37 -43.91 -27.82
C GLY Q 198 -13.00 -43.18 -29.10
N GLU Q 199 -11.70 -43.20 -29.40
CA GLU Q 199 -11.11 -42.57 -30.57
C GLU Q 199 -11.46 -43.35 -31.84
N ASP Q 200 -11.75 -42.63 -32.93
CA ASP Q 200 -11.97 -43.23 -34.24
C ASP Q 200 -10.64 -43.64 -34.86
N MET Q 201 -10.63 -44.79 -35.56
CA MET Q 201 -9.45 -45.30 -36.25
C MET Q 201 -9.56 -45.05 -37.75
N MET Q 202 -8.59 -44.30 -38.30
CA MET Q 202 -8.54 -44.00 -39.72
C MET Q 202 -7.58 -44.93 -40.46
N HIS Q 203 -8.07 -45.60 -41.52
CA HIS Q 203 -7.23 -46.47 -42.33
C HIS Q 203 -7.32 -46.11 -43.81
N PRO Q 204 -6.18 -45.88 -44.50
CA PRO Q 204 -6.21 -45.67 -45.95
C PRO Q 204 -6.46 -46.99 -46.69
N LEU Q 205 -7.45 -46.99 -47.57
CA LEU Q 205 -7.72 -48.11 -48.47
C LEU Q 205 -7.32 -47.74 -49.90
N LYS Q 206 -6.22 -48.33 -50.38
CA LYS Q 206 -5.76 -48.11 -51.74
C LYS Q 206 -6.60 -48.90 -52.73
N VAL Q 207 -7.24 -48.19 -53.68
CA VAL Q 207 -8.16 -48.72 -54.68
C VAL Q 207 -7.68 -48.30 -56.08
N SER Q 208 -7.80 -49.19 -57.07
CA SER Q 208 -7.46 -48.86 -58.45
C SER Q 208 -8.67 -48.22 -59.18
N LEU Q 209 -8.44 -47.64 -60.37
CA LEU Q 209 -9.52 -47.11 -61.20
C LEU Q 209 -10.52 -48.21 -61.60
N GLU Q 210 -10.01 -49.41 -61.89
CA GLU Q 210 -10.84 -50.59 -62.22
C GLU Q 210 -11.73 -50.98 -61.05
N ASP Q 211 -11.20 -50.93 -59.82
CA ASP Q 211 -11.95 -51.19 -58.59
C ASP Q 211 -13.09 -50.18 -58.44
N LEU Q 212 -12.82 -48.89 -58.73
CA LEU Q 212 -13.78 -47.80 -58.62
C LEU Q 212 -14.81 -47.81 -59.77
N TYR Q 213 -14.44 -48.35 -60.93
CA TYR Q 213 -15.33 -48.44 -62.09
C TYR Q 213 -16.27 -49.64 -61.99
N ASN Q 214 -15.73 -50.81 -61.65
CA ASN Q 214 -16.50 -52.06 -61.61
C ASN Q 214 -17.18 -52.31 -60.27
N GLY Q 215 -16.70 -51.63 -59.21
CA GLY Q 215 -17.05 -51.99 -57.84
C GLY Q 215 -16.20 -53.16 -57.34
N LYS Q 216 -15.92 -53.18 -56.03
CA LYS Q 216 -15.09 -54.20 -55.44
C LYS Q 216 -15.52 -54.50 -54.01
N THR Q 217 -15.60 -55.80 -53.70
CA THR Q 217 -15.70 -56.27 -52.33
C THR Q 217 -14.35 -56.81 -51.90
N THR Q 218 -13.80 -56.25 -50.81
CA THR Q 218 -12.51 -56.68 -50.28
C THR Q 218 -12.61 -56.96 -48.78
N LYS Q 219 -11.80 -57.92 -48.28
CA LYS Q 219 -11.73 -58.20 -46.87
C LYS Q 219 -10.50 -57.52 -46.26
N LEU Q 220 -10.77 -56.70 -45.24
CA LEU Q 220 -9.72 -55.99 -44.52
C LEU Q 220 -9.54 -56.63 -43.15
N GLN Q 221 -8.33 -57.14 -42.88
CA GLN Q 221 -8.01 -57.66 -41.58
C GLN Q 221 -7.41 -56.55 -40.71
N LEU Q 222 -8.05 -56.27 -39.56
CA LEU Q 222 -7.57 -55.31 -38.59
C LEU Q 222 -7.39 -55.96 -37.22
N SER Q 223 -6.34 -55.54 -36.50
CA SER Q 223 -6.16 -55.92 -35.10
C SER Q 223 -6.67 -54.79 -34.22
N LYS Q 224 -7.60 -55.11 -33.31
CA LYS Q 224 -8.17 -54.14 -32.38
C LYS Q 224 -8.21 -54.70 -30.96
N ASN Q 225 -8.27 -53.79 -30.00
CA ASN Q 225 -8.48 -54.12 -28.60
C ASN Q 225 -9.96 -54.39 -28.36
N VAL Q 226 -10.26 -55.56 -27.78
CA VAL Q 226 -11.60 -55.92 -27.34
C VAL Q 226 -11.58 -56.14 -25.83
N LEU Q 227 -12.72 -55.90 -25.17
CA LEU Q 227 -12.84 -56.22 -23.75
C LEU Q 227 -12.57 -57.71 -23.52
N CYS Q 228 -11.74 -58.01 -22.52
CA CYS Q 228 -11.34 -59.37 -22.20
C CYS Q 228 -12.56 -60.21 -21.83
N SER Q 229 -12.92 -61.17 -22.68
CA SER Q 229 -14.10 -62.02 -22.51
C SER Q 229 -14.14 -62.75 -21.17
N ALA Q 230 -12.98 -62.98 -20.54
CA ALA Q 230 -12.86 -63.75 -19.30
C ALA Q 230 -13.09 -62.92 -18.03
N CYS Q 231 -12.96 -61.59 -18.10
CA CYS Q 231 -13.17 -60.71 -16.94
C CYS Q 231 -14.04 -59.50 -17.26
N SER Q 232 -14.61 -59.44 -18.49
CA SER Q 232 -15.47 -58.37 -18.98
C SER Q 232 -14.92 -56.97 -18.69
N GLY Q 233 -13.58 -56.80 -18.86
CA GLY Q 233 -12.88 -55.52 -18.70
C GLY Q 233 -12.64 -55.10 -17.26
N GLN Q 234 -13.31 -55.78 -16.32
CA GLN Q 234 -13.27 -55.39 -14.93
C GLN Q 234 -11.81 -55.51 -14.53
N GLY Q 235 -11.07 -56.15 -15.44
CA GLY Q 235 -9.69 -56.41 -15.23
C GLY Q 235 -9.72 -57.70 -14.44
N GLY Q 236 -10.15 -57.61 -13.19
CA GLY Q 236 -10.39 -58.80 -12.41
C GLY Q 236 -11.65 -58.68 -11.57
N LYS Q 237 -11.88 -59.65 -10.68
CA LYS Q 237 -13.00 -59.60 -9.75
C LYS Q 237 -12.90 -58.34 -8.90
N SER Q 238 -14.02 -57.91 -8.28
CA SER Q 238 -14.00 -56.76 -7.37
C SER Q 238 -13.07 -57.06 -6.20
N GLY Q 239 -11.98 -56.28 -6.09
CA GLY Q 239 -10.94 -56.47 -5.09
C GLY Q 239 -9.76 -57.29 -5.61
N ALA Q 240 -9.77 -57.60 -6.92
CA ALA Q 240 -8.67 -58.24 -7.61
C ALA Q 240 -7.68 -57.18 -8.08
N VAL Q 241 -8.17 -55.94 -8.22
CA VAL Q 241 -7.38 -54.84 -8.72
C VAL Q 241 -6.56 -54.24 -7.56
N GLN Q 242 -5.24 -54.37 -7.65
CA GLN Q 242 -4.31 -53.89 -6.63
C GLN Q 242 -3.42 -52.80 -7.22
N LYS Q 243 -3.08 -51.80 -6.38
CA LYS Q 243 -2.07 -50.80 -6.72
C LYS Q 243 -0.76 -51.52 -7.04
N CYS Q 244 -0.14 -51.14 -8.16
CA CYS Q 244 1.18 -51.66 -8.48
C CYS Q 244 2.20 -51.21 -7.44
N SER Q 245 2.83 -52.15 -6.70
CA SER Q 245 3.79 -51.87 -5.62
C SER Q 245 5.04 -51.16 -6.13
N ALA Q 246 5.47 -51.59 -7.31
CA ALA Q 246 6.60 -51.18 -8.11
C ALA Q 246 6.68 -49.67 -8.37
N CYS Q 247 5.58 -49.11 -8.91
CA CYS Q 247 5.47 -47.70 -9.27
C CYS Q 247 4.52 -46.95 -8.31
N ARG Q 248 3.99 -47.64 -7.29
CA ARG Q 248 3.03 -47.10 -6.33
C ARG Q 248 1.83 -46.44 -7.03
N GLY Q 249 1.30 -47.09 -8.07
CA GLY Q 249 0.16 -46.57 -8.82
C GLY Q 249 0.48 -45.52 -9.89
N ARG Q 250 1.75 -45.16 -10.09
CA ARG Q 250 2.13 -44.09 -11.01
C ARG Q 250 2.23 -44.56 -12.47
N GLY Q 251 2.26 -45.87 -12.74
CA GLY Q 251 2.47 -46.38 -14.09
C GLY Q 251 3.92 -46.31 -14.56
N VAL Q 252 4.71 -45.40 -13.97
CA VAL Q 252 6.09 -45.14 -14.39
C VAL Q 252 7.07 -45.26 -13.21
N ARG Q 253 8.29 -45.68 -13.53
CA ARG Q 253 9.40 -45.74 -12.58
C ARG Q 253 10.47 -44.77 -13.03
N ILE Q 254 11.10 -44.09 -12.07
CA ILE Q 254 12.25 -43.24 -12.34
C ILE Q 254 13.51 -44.09 -12.16
N MET Q 255 14.22 -44.34 -13.25
CA MET Q 255 15.49 -45.03 -13.26
C MET Q 255 16.63 -44.03 -13.34
N ILE Q 256 17.63 -44.21 -12.49
CA ILE Q 256 18.79 -43.35 -12.45
C ILE Q 256 19.93 -44.00 -13.26
N ARG Q 257 20.32 -43.38 -14.37
CA ARG Q 257 21.51 -43.78 -15.12
C ARG Q 257 22.68 -42.86 -14.83
N GLN Q 258 23.81 -43.35 -14.30
CA GLN Q 258 25.02 -42.53 -14.25
C GLN Q 258 25.59 -42.32 -15.64
N LEU Q 259 25.85 -41.05 -16.02
CA LEU Q 259 26.61 -40.70 -17.22
C LEU Q 259 28.12 -40.52 -16.94
N ALA Q 260 28.42 -40.01 -15.75
CA ALA Q 260 29.76 -39.81 -15.25
C ALA Q 260 29.71 -39.69 -13.72
N PRO Q 261 30.76 -39.93 -12.90
CA PRO Q 261 30.63 -39.68 -11.46
C PRO Q 261 30.28 -38.20 -11.19
N GLY Q 262 29.15 -38.01 -10.50
CA GLY Q 262 28.60 -36.68 -10.27
C GLY Q 262 27.61 -36.19 -11.32
N MET Q 263 27.46 -36.94 -12.44
CA MET Q 263 26.36 -36.73 -13.38
C MET Q 263 25.42 -37.94 -13.42
N VAL Q 264 24.23 -37.80 -12.82
CA VAL Q 264 23.18 -38.82 -12.92
C VAL Q 264 22.02 -38.30 -13.77
N GLN Q 265 21.55 -39.13 -14.70
CA GLN Q 265 20.36 -38.89 -15.49
C GLN Q 265 19.18 -39.65 -14.93
N GLN Q 266 18.11 -38.95 -14.57
CA GLN Q 266 16.86 -39.56 -14.18
C GLN Q 266 16.08 -39.74 -15.48
N MET Q 267 15.82 -41.00 -15.83
CA MET Q 267 14.95 -41.35 -16.93
C MET Q 267 13.66 -41.94 -16.38
N GLN Q 268 12.51 -41.45 -16.85
CA GLN Q 268 11.20 -42.05 -16.58
C GLN Q 268 10.99 -43.16 -17.59
N SER Q 269 10.81 -44.38 -17.06
CA SER Q 269 10.51 -45.56 -17.86
C SER Q 269 9.12 -46.05 -17.47
N VAL Q 270 8.39 -46.62 -18.44
CA VAL Q 270 7.15 -47.31 -18.13
C VAL Q 270 7.48 -48.44 -17.14
N CYS Q 271 6.61 -48.60 -16.13
CA CYS Q 271 6.83 -49.59 -15.08
C CYS Q 271 6.67 -50.98 -15.67
N SER Q 272 7.74 -51.80 -15.58
CA SER Q 272 7.79 -53.18 -16.05
C SER Q 272 6.71 -54.06 -15.42
N ASP Q 273 6.29 -53.75 -14.19
CA ASP Q 273 5.49 -54.66 -13.37
C ASP Q 273 3.99 -54.49 -13.65
N CYS Q 274 3.56 -53.32 -14.15
CA CYS Q 274 2.18 -53.06 -14.54
C CYS Q 274 2.02 -52.54 -15.97
N ASN Q 275 3.12 -52.52 -16.74
CA ASN Q 275 3.15 -52.06 -18.13
C ASN Q 275 2.48 -50.70 -18.32
N GLY Q 276 2.57 -49.82 -17.31
CA GLY Q 276 2.06 -48.46 -17.40
C GLY Q 276 0.67 -48.26 -16.79
N GLU Q 277 -0.04 -49.33 -16.43
CA GLU Q 277 -1.44 -49.22 -15.99
C GLU Q 277 -1.52 -48.66 -14.56
N GLY Q 278 -0.47 -48.83 -13.75
CA GLY Q 278 -0.50 -48.42 -12.34
C GLY Q 278 -1.19 -49.44 -11.42
N GLU Q 279 -1.89 -50.38 -12.03
CA GLU Q 279 -2.53 -51.48 -11.32
C GLU Q 279 -1.99 -52.85 -11.73
N VAL Q 280 -2.13 -53.82 -10.83
CA VAL Q 280 -1.80 -55.21 -11.10
C VAL Q 280 -3.01 -56.08 -10.72
N ILE Q 281 -3.35 -56.99 -11.62
CA ILE Q 281 -4.40 -57.99 -11.41
C ILE Q 281 -3.72 -59.36 -11.56
N ASN Q 282 -3.82 -60.18 -10.49
CA ASN Q 282 -3.36 -61.56 -10.52
C ASN Q 282 -4.02 -62.30 -11.69
N GLU Q 283 -3.25 -63.11 -12.40
CA GLU Q 283 -3.70 -63.83 -13.59
C GLU Q 283 -5.02 -64.58 -13.37
N LYS Q 284 -5.14 -65.22 -12.20
CA LYS Q 284 -6.29 -66.01 -11.75
C LYS Q 284 -7.58 -65.19 -11.62
N ASP Q 285 -7.45 -63.86 -11.50
CA ASP Q 285 -8.58 -62.96 -11.30
C ASP Q 285 -9.08 -62.33 -12.61
N ARG Q 286 -8.21 -62.27 -13.65
CA ARG Q 286 -8.56 -61.75 -14.96
C ARG Q 286 -8.72 -62.93 -15.91
N CYS Q 287 -7.65 -63.71 -16.08
CA CYS Q 287 -7.57 -64.83 -17.01
C CYS Q 287 -6.10 -65.01 -17.37
N LYS Q 288 -5.81 -66.02 -18.20
CA LYS Q 288 -4.47 -66.24 -18.72
C LYS Q 288 -4.34 -65.54 -20.07
N LYS Q 289 -5.21 -64.53 -20.31
CA LYS Q 289 -5.33 -63.84 -21.59
C LYS Q 289 -4.79 -62.40 -21.49
N CYS Q 290 -5.63 -61.43 -21.07
CA CYS Q 290 -5.26 -60.03 -20.99
C CYS Q 290 -4.00 -59.87 -20.14
N GLU Q 291 -4.09 -60.19 -18.83
CA GLU Q 291 -3.01 -60.16 -17.83
C GLU Q 291 -3.17 -58.92 -16.95
N GLY Q 292 -4.41 -58.67 -16.50
CA GLY Q 292 -4.73 -57.51 -15.70
C GLY Q 292 -4.85 -56.26 -16.58
N LYS Q 293 -4.93 -56.48 -17.89
CA LYS Q 293 -4.93 -55.39 -18.86
C LYS Q 293 -6.35 -54.92 -19.21
N LYS Q 294 -7.37 -55.77 -18.97
CA LYS Q 294 -8.79 -55.46 -19.17
C LYS Q 294 -9.18 -55.57 -20.65
N VAL Q 295 -8.18 -55.63 -21.56
CA VAL Q 295 -8.42 -55.80 -22.99
C VAL Q 295 -7.50 -56.89 -23.56
N ILE Q 296 -7.89 -57.43 -24.73
CA ILE Q 296 -7.08 -58.38 -25.49
C ILE Q 296 -7.08 -57.93 -26.95
N LYS Q 297 -5.96 -58.14 -27.65
CA LYS Q 297 -5.88 -57.89 -29.08
C LYS Q 297 -6.55 -59.02 -29.83
N GLU Q 298 -7.61 -58.68 -30.59
CA GLU Q 298 -8.33 -59.60 -31.44
C GLU Q 298 -8.20 -59.16 -32.90
N VAL Q 299 -8.19 -60.16 -33.78
CA VAL Q 299 -8.10 -59.94 -35.22
C VAL Q 299 -9.51 -60.00 -35.79
N LYS Q 300 -10.00 -58.88 -36.33
CA LYS Q 300 -11.31 -58.82 -36.96
C LYS Q 300 -11.18 -58.61 -38.47
N ILE Q 301 -11.99 -59.35 -39.24
CA ILE Q 301 -12.08 -59.19 -40.68
C ILE Q 301 -13.33 -58.37 -40.98
N LEU Q 302 -13.13 -57.19 -41.59
CA LEU Q 302 -14.21 -56.35 -42.09
C LEU Q 302 -14.39 -56.58 -43.58
N GLU Q 303 -15.64 -56.81 -44.00
CA GLU Q 303 -15.97 -56.83 -45.42
C GLU Q 303 -16.26 -55.40 -45.88
N VAL Q 304 -15.46 -54.93 -46.85
CA VAL Q 304 -15.53 -53.57 -47.34
C VAL Q 304 -16.08 -53.59 -48.76
N HIS Q 305 -17.21 -52.88 -48.95
CA HIS Q 305 -17.80 -52.67 -50.26
C HIS Q 305 -17.39 -51.31 -50.81
N VAL Q 306 -16.71 -51.32 -51.95
CA VAL Q 306 -16.40 -50.14 -52.74
C VAL Q 306 -17.38 -50.11 -53.91
N ASP Q 307 -18.31 -49.17 -53.86
CA ASP Q 307 -19.33 -49.00 -54.88
C ASP Q 307 -18.75 -48.36 -56.15
N LYS Q 308 -19.43 -48.61 -57.27
CA LYS Q 308 -19.12 -47.97 -58.55
C LYS Q 308 -19.22 -46.45 -58.45
N GLY Q 309 -18.20 -45.77 -58.97
CA GLY Q 309 -18.17 -44.33 -59.06
C GLY Q 309 -17.72 -43.60 -57.79
N MET Q 310 -17.40 -44.35 -56.72
CA MET Q 310 -16.83 -43.75 -55.51
C MET Q 310 -15.59 -42.89 -55.84
N LYS Q 311 -15.38 -41.85 -55.04
CA LYS Q 311 -14.36 -40.84 -55.32
C LYS Q 311 -13.16 -40.98 -54.40
N HIS Q 312 -12.02 -40.46 -54.85
CA HIS Q 312 -10.87 -40.28 -53.97
C HIS Q 312 -11.25 -39.48 -52.72
N GLY Q 313 -10.74 -39.92 -51.56
CA GLY Q 313 -11.02 -39.28 -50.27
C GLY Q 313 -12.39 -39.61 -49.66
N GLN Q 314 -13.21 -40.43 -50.34
CA GLN Q 314 -14.50 -40.85 -49.78
C GLN Q 314 -14.29 -41.77 -48.58
N ARG Q 315 -15.17 -41.62 -47.57
CA ARG Q 315 -15.07 -42.35 -46.30
C ARG Q 315 -16.08 -43.49 -46.26
N ILE Q 316 -15.60 -44.68 -45.82
CA ILE Q 316 -16.46 -45.82 -45.48
C ILE Q 316 -16.34 -46.05 -43.98
N THR Q 317 -17.45 -45.89 -43.25
CA THR Q 317 -17.47 -45.93 -41.79
C THR Q 317 -18.06 -47.24 -41.28
N PHE Q 318 -17.34 -47.89 -40.37
CA PHE Q 318 -17.80 -49.05 -39.60
C PHE Q 318 -18.02 -48.61 -38.15
N THR Q 319 -19.30 -48.42 -37.78
CA THR Q 319 -19.68 -47.83 -36.50
C THR Q 319 -19.37 -48.77 -35.32
N GLY Q 320 -18.73 -48.23 -34.27
CA GLY Q 320 -18.43 -48.95 -33.04
C GLY Q 320 -17.39 -50.06 -33.22
N GLU Q 321 -16.66 -50.04 -34.35
CA GLU Q 321 -15.70 -51.09 -34.67
C GLU Q 321 -14.27 -50.80 -34.20
N ALA Q 322 -14.00 -49.60 -33.67
CA ALA Q 322 -12.69 -49.25 -33.14
C ALA Q 322 -12.35 -50.01 -31.85
N ASP Q 323 -11.23 -49.61 -31.22
CA ASP Q 323 -10.76 -50.15 -29.96
C ASP Q 323 -11.79 -49.98 -28.84
N GLN Q 324 -11.99 -51.08 -28.08
CA GLN Q 324 -12.79 -51.07 -26.87
C GLN Q 324 -11.91 -50.80 -25.65
N ALA Q 325 -12.44 -49.99 -24.71
CA ALA Q 325 -11.83 -49.78 -23.41
C ALA Q 325 -12.87 -49.85 -22.30
N PRO Q 326 -12.53 -50.30 -21.07
CA PRO Q 326 -13.50 -50.37 -19.97
C PRO Q 326 -14.14 -49.02 -19.65
N GLY Q 327 -15.48 -48.98 -19.69
CA GLY Q 327 -16.26 -47.78 -19.41
C GLY Q 327 -16.29 -46.75 -20.54
N VAL Q 328 -15.81 -47.14 -21.73
CA VAL Q 328 -15.73 -46.28 -22.92
C VAL Q 328 -16.53 -46.95 -24.04
N GLU Q 329 -17.41 -46.18 -24.71
CA GLU Q 329 -18.12 -46.64 -25.89
C GLU Q 329 -17.16 -46.61 -27.07
N PRO Q 330 -16.99 -47.71 -27.86
CA PRO Q 330 -16.01 -47.72 -28.95
C PRO Q 330 -16.25 -46.65 -30.02
N GLY Q 331 -15.15 -46.11 -30.55
CA GLY Q 331 -15.18 -45.26 -31.74
C GLY Q 331 -15.47 -46.05 -33.01
N ASP Q 332 -15.37 -45.37 -34.16
CA ASP Q 332 -15.62 -45.97 -35.47
C ASP Q 332 -14.31 -46.30 -36.19
N ILE Q 333 -14.35 -47.29 -37.08
CA ILE Q 333 -13.30 -47.47 -38.08
C ILE Q 333 -13.70 -46.77 -39.37
N VAL Q 334 -12.90 -45.77 -39.76
CA VAL Q 334 -13.15 -44.98 -40.97
C VAL Q 334 -12.09 -45.31 -42.02
N LEU Q 335 -12.53 -45.95 -43.11
CA LEU Q 335 -11.64 -46.21 -44.22
C LEU Q 335 -11.69 -45.03 -45.19
N LEU Q 336 -10.51 -44.49 -45.51
CA LEU Q 336 -10.38 -43.41 -46.46
C LEU Q 336 -9.91 -43.97 -47.80
N LEU Q 337 -10.74 -43.82 -48.85
CA LEU Q 337 -10.39 -44.30 -50.17
C LEU Q 337 -9.23 -43.48 -50.77
N GLN Q 338 -8.15 -44.19 -51.11
CA GLN Q 338 -7.01 -43.61 -51.81
C GLN Q 338 -6.94 -44.21 -53.21
N GLU Q 339 -7.19 -43.36 -54.21
CA GLU Q 339 -7.13 -43.76 -55.60
C GLU Q 339 -5.66 -43.93 -55.98
N LYS Q 340 -5.34 -45.08 -56.59
CA LYS Q 340 -4.02 -45.33 -57.13
C LYS Q 340 -3.93 -44.69 -58.51
N GLU Q 341 -2.74 -44.17 -58.80
CA GLU Q 341 -2.35 -43.77 -60.15
C GLU Q 341 -2.56 -44.94 -61.12
N HIS Q 342 -3.07 -44.61 -62.31
CA HIS Q 342 -3.31 -45.57 -63.37
C HIS Q 342 -2.43 -45.21 -64.58
N GLU Q 343 -1.88 -46.23 -65.25
CA GLU Q 343 -0.85 -46.00 -66.28
C GLU Q 343 -1.39 -45.32 -67.53
N VAL Q 344 -2.63 -45.64 -67.93
CA VAL Q 344 -3.24 -45.13 -69.18
C VAL Q 344 -4.21 -43.96 -68.92
N PHE Q 345 -5.08 -44.10 -67.92
CA PHE Q 345 -6.15 -43.16 -67.65
C PHE Q 345 -5.85 -42.28 -66.44
N GLN Q 346 -6.20 -40.99 -66.58
CA GLN Q 346 -6.25 -40.05 -65.47
C GLN Q 346 -7.71 -39.67 -65.24
N ARG Q 347 -8.14 -39.67 -63.98
CA ARG Q 347 -9.52 -39.39 -63.67
C ARG Q 347 -9.68 -37.92 -63.28
N ASP Q 348 -10.68 -37.27 -63.89
CA ASP Q 348 -11.16 -35.95 -63.47
C ASP Q 348 -12.66 -36.03 -63.16
N GLY Q 349 -13.01 -36.07 -61.87
CA GLY Q 349 -14.40 -36.25 -61.45
C GLY Q 349 -15.02 -37.55 -61.97
N ASN Q 350 -15.94 -37.42 -62.97
CA ASN Q 350 -16.56 -38.55 -63.64
C ASN Q 350 -15.95 -38.82 -65.01
N ASP Q 351 -15.07 -37.93 -65.48
CA ASP Q 351 -14.46 -38.03 -66.79
C ASP Q 351 -13.10 -38.75 -66.69
N LEU Q 352 -12.68 -39.32 -67.82
CA LEU Q 352 -11.38 -39.95 -67.94
C LEU Q 352 -10.57 -39.22 -69.02
N HIS Q 353 -9.27 -39.11 -68.79
CA HIS Q 353 -8.32 -38.54 -69.73
C HIS Q 353 -7.27 -39.57 -70.09
N MET Q 354 -6.88 -39.63 -71.36
CA MET Q 354 -5.75 -40.44 -71.79
C MET Q 354 -4.98 -39.72 -72.89
N THR Q 355 -3.68 -40.05 -73.01
CA THR Q 355 -2.87 -39.62 -74.13
C THR Q 355 -2.68 -40.79 -75.09
N TYR Q 356 -2.96 -40.56 -76.38
CA TYR Q 356 -2.78 -41.57 -77.41
C TYR Q 356 -1.82 -41.07 -78.48
N LYS Q 357 -0.79 -41.88 -78.77
CA LYS Q 357 0.22 -41.54 -79.77
C LYS Q 357 -0.23 -42.06 -81.13
N ILE Q 358 -0.16 -41.20 -82.16
CA ILE Q 358 -0.50 -41.53 -83.54
C ILE Q 358 0.60 -41.02 -84.47
N GLY Q 359 0.80 -41.70 -85.61
CA GLY Q 359 1.73 -41.23 -86.63
C GLY Q 359 1.17 -40.07 -87.46
N LEU Q 360 2.04 -39.34 -88.17
CA LEU Q 360 1.64 -38.24 -89.04
C LEU Q 360 0.62 -38.69 -90.10
N VAL Q 361 0.82 -39.89 -90.68
CA VAL Q 361 -0.07 -40.48 -91.67
C VAL Q 361 -1.48 -40.69 -91.07
N GLU Q 362 -1.56 -41.22 -89.86
CA GLU Q 362 -2.81 -41.43 -89.15
C GLU Q 362 -3.52 -40.10 -88.87
N ALA Q 363 -2.74 -39.09 -88.46
CA ALA Q 363 -3.24 -37.75 -88.17
C ALA Q 363 -3.85 -37.05 -89.39
N LEU Q 364 -3.31 -37.30 -90.60
CA LEU Q 364 -3.73 -36.66 -91.84
C LEU Q 364 -4.78 -37.48 -92.62
N CYS Q 365 -4.65 -38.81 -92.62
CA CYS Q 365 -5.40 -39.70 -93.51
C CYS Q 365 -6.52 -40.47 -92.79
N GLY Q 366 -6.67 -40.29 -91.47
CA GLY Q 366 -7.61 -41.06 -90.66
C GLY Q 366 -7.01 -42.37 -90.14
N PHE Q 367 -7.64 -42.93 -89.11
CA PHE Q 367 -7.08 -44.07 -88.39
C PHE Q 367 -8.15 -44.84 -87.60
N GLN Q 368 -7.76 -46.04 -87.20
CA GLN Q 368 -8.54 -46.87 -86.29
C GLN Q 368 -7.58 -47.45 -85.25
N PHE Q 369 -7.95 -47.30 -83.97
CA PHE Q 369 -7.19 -47.93 -82.90
C PHE Q 369 -8.10 -48.60 -81.88
N THR Q 370 -7.48 -49.46 -81.05
CA THR Q 370 -8.18 -50.18 -80.01
C THR Q 370 -7.45 -50.01 -78.68
N PHE Q 371 -8.23 -49.89 -77.59
CA PHE Q 371 -7.68 -49.90 -76.25
C PHE Q 371 -8.58 -50.69 -75.30
N LYS Q 372 -8.00 -51.12 -74.17
CA LYS Q 372 -8.71 -51.82 -73.12
C LYS Q 372 -9.26 -50.80 -72.12
N HIS Q 373 -10.58 -50.84 -71.87
CA HIS Q 373 -11.22 -49.99 -70.87
C HIS Q 373 -11.12 -50.59 -69.47
N LEU Q 374 -11.62 -49.85 -68.45
CA LEU Q 374 -11.57 -50.22 -67.04
C LEU Q 374 -12.43 -51.44 -66.71
N ASP Q 375 -13.46 -51.73 -67.53
CA ASP Q 375 -14.27 -52.96 -67.44
C ASP Q 375 -13.67 -54.15 -68.21
N GLY Q 376 -12.56 -53.93 -68.90
CA GLY Q 376 -11.90 -54.97 -69.69
C GLY Q 376 -12.46 -55.13 -71.11
N ARG Q 377 -13.48 -54.34 -71.49
CA ARG Q 377 -13.94 -54.31 -72.88
C ARG Q 377 -12.87 -53.69 -73.78
N GLN Q 378 -12.78 -54.21 -75.01
CA GLN Q 378 -11.99 -53.59 -76.07
C GLN Q 378 -12.85 -52.55 -76.79
N ILE Q 379 -12.40 -51.28 -76.76
CA ILE Q 379 -13.09 -50.21 -77.47
C ILE Q 379 -12.33 -49.93 -78.77
N VAL Q 380 -13.07 -49.93 -79.89
CA VAL Q 380 -12.54 -49.56 -81.20
C VAL Q 380 -12.93 -48.11 -81.49
N VAL Q 381 -11.92 -47.23 -81.57
CA VAL Q 381 -12.13 -45.83 -81.93
C VAL Q 381 -11.75 -45.67 -83.40
N LYS Q 382 -12.68 -45.07 -84.18
CA LYS Q 382 -12.48 -44.80 -85.59
C LYS Q 382 -12.53 -43.30 -85.83
N TYR Q 383 -11.55 -42.81 -86.59
CA TYR Q 383 -11.51 -41.43 -87.05
C TYR Q 383 -11.56 -41.41 -88.57
N PRO Q 384 -12.52 -40.69 -89.20
CA PRO Q 384 -12.74 -40.82 -90.64
C PRO Q 384 -11.61 -40.18 -91.45
N PRO Q 385 -11.32 -40.71 -92.65
CA PRO Q 385 -10.35 -40.10 -93.57
C PRO Q 385 -10.80 -38.71 -94.00
N GLY Q 386 -9.82 -37.82 -94.24
CA GLY Q 386 -10.10 -36.46 -94.68
C GLY Q 386 -10.34 -35.46 -93.53
N LYS Q 387 -10.29 -35.93 -92.28
CA LYS Q 387 -10.27 -35.03 -91.12
C LYS Q 387 -8.89 -35.10 -90.46
N VAL Q 388 -8.36 -33.93 -90.08
CA VAL Q 388 -7.02 -33.81 -89.51
C VAL Q 388 -7.10 -33.78 -87.98
N ILE Q 389 -6.16 -34.50 -87.36
CA ILE Q 389 -5.85 -34.41 -85.94
C ILE Q 389 -4.61 -33.53 -85.78
N GLU Q 390 -4.80 -32.36 -85.16
CA GLU Q 390 -3.69 -31.46 -84.82
C GLU Q 390 -2.90 -32.02 -83.64
N PRO Q 391 -1.56 -31.79 -83.57
CA PRO Q 391 -0.76 -32.13 -82.39
C PRO Q 391 -1.31 -31.49 -81.11
N GLY Q 392 -1.53 -32.36 -80.11
CA GLY Q 392 -2.05 -31.95 -78.81
C GLY Q 392 -3.56 -31.75 -78.76
N CYS Q 393 -4.28 -31.93 -79.88
CA CYS Q 393 -5.73 -31.75 -79.89
C CYS Q 393 -6.44 -32.83 -79.07
N VAL Q 394 -7.60 -32.46 -78.51
CA VAL Q 394 -8.41 -33.37 -77.70
C VAL Q 394 -9.69 -33.76 -78.46
N ARG Q 395 -10.03 -35.05 -78.40
CA ARG Q 395 -11.31 -35.56 -78.87
C ARG Q 395 -12.01 -36.33 -77.75
N VAL Q 396 -13.33 -36.52 -77.90
CA VAL Q 396 -14.15 -37.12 -76.87
C VAL Q 396 -14.80 -38.40 -77.37
N VAL Q 397 -14.78 -39.44 -76.51
CA VAL Q 397 -15.60 -40.64 -76.66
C VAL Q 397 -16.66 -40.57 -75.58
N ARG Q 398 -17.90 -40.27 -75.98
CA ARG Q 398 -18.99 -39.99 -75.05
C ARG Q 398 -19.43 -41.25 -74.30
N GLY Q 399 -19.68 -41.12 -72.99
CA GLY Q 399 -20.20 -42.20 -72.14
C GLY Q 399 -19.18 -43.28 -71.77
N GLU Q 400 -17.89 -43.04 -72.07
CA GLU Q 400 -16.79 -43.95 -71.74
C GLU Q 400 -15.90 -43.41 -70.60
N GLY Q 401 -16.44 -42.50 -69.77
CA GLY Q 401 -15.82 -42.09 -68.51
C GLY Q 401 -16.19 -42.99 -67.32
N MET Q 402 -15.94 -42.48 -66.11
CA MET Q 402 -16.29 -43.15 -64.85
C MET Q 402 -17.80 -43.13 -64.61
N PRO Q 403 -18.38 -44.20 -63.98
CA PRO Q 403 -19.77 -44.17 -63.53
C PRO Q 403 -19.97 -43.16 -62.40
N GLN Q 404 -21.16 -42.55 -62.36
CA GLN Q 404 -21.52 -41.68 -61.25
C GLN Q 404 -21.83 -42.50 -60.00
N TYR Q 405 -21.33 -42.04 -58.84
CA TYR Q 405 -21.65 -42.65 -57.56
C TYR Q 405 -23.17 -42.62 -57.30
N ARG Q 406 -23.75 -43.77 -56.94
CA ARG Q 406 -25.19 -43.97 -56.68
C ARG Q 406 -26.06 -43.99 -57.95
N ASN Q 407 -25.51 -43.57 -59.10
CA ASN Q 407 -26.19 -43.63 -60.38
C ASN Q 407 -25.27 -44.22 -61.45
N PRO Q 408 -24.89 -45.52 -61.34
CA PRO Q 408 -23.86 -46.12 -62.21
C PRO Q 408 -24.26 -46.33 -63.67
N PHE Q 409 -25.53 -46.02 -64.00
CA PHE Q 409 -26.03 -46.01 -65.37
C PHE Q 409 -25.59 -44.76 -66.13
N GLU Q 410 -25.35 -43.67 -65.41
CA GLU Q 410 -24.76 -42.46 -65.96
C GLU Q 410 -23.25 -42.51 -65.81
N LYS Q 411 -22.55 -42.15 -66.90
CA LYS Q 411 -21.10 -42.11 -66.94
C LYS Q 411 -20.67 -40.75 -67.46
N GLY Q 412 -19.44 -40.34 -67.07
CA GLY Q 412 -18.77 -39.24 -67.74
C GLY Q 412 -18.25 -39.66 -69.11
N ASP Q 413 -17.36 -38.81 -69.65
CA ASP Q 413 -16.79 -38.97 -70.98
C ASP Q 413 -15.30 -39.33 -70.91
N LEU Q 414 -14.78 -39.91 -72.00
CA LEU Q 414 -13.34 -40.14 -72.17
C LEU Q 414 -12.76 -39.11 -73.13
N TYR Q 415 -11.84 -38.28 -72.61
CA TYR Q 415 -11.08 -37.32 -73.40
C TYR Q 415 -9.73 -37.92 -73.81
N ILE Q 416 -9.46 -37.89 -75.11
CA ILE Q 416 -8.24 -38.44 -75.68
C ILE Q 416 -7.43 -37.28 -76.26
N LYS Q 417 -6.26 -37.01 -75.64
CA LYS Q 417 -5.28 -36.09 -76.17
C LYS Q 417 -4.39 -36.84 -77.17
N PHE Q 418 -4.30 -36.31 -78.39
CA PHE Q 418 -3.47 -36.93 -79.43
C PHE Q 418 -2.07 -36.34 -79.46
N ASP Q 419 -1.08 -37.23 -79.36
CA ASP Q 419 0.33 -36.91 -79.49
C ASP Q 419 0.80 -37.37 -80.87
N VAL Q 420 0.97 -36.42 -81.81
CA VAL Q 420 1.29 -36.73 -83.20
C VAL Q 420 2.81 -36.88 -83.37
N GLN Q 421 3.23 -38.10 -83.70
CA GLN Q 421 4.62 -38.46 -83.93
C GLN Q 421 4.99 -38.19 -85.38
N PHE Q 422 5.88 -37.22 -85.56
CA PHE Q 422 6.54 -36.96 -86.84
C PHE Q 422 7.54 -38.06 -87.16
N PRO Q 423 7.77 -38.37 -88.46
CA PRO Q 423 8.82 -39.30 -88.87
C PRO Q 423 10.19 -38.73 -88.54
N GLU Q 424 11.18 -39.61 -88.39
CA GLU Q 424 12.54 -39.19 -88.07
C GLU Q 424 13.22 -38.45 -89.23
N ASN Q 425 14.36 -37.86 -88.89
CA ASN Q 425 15.33 -37.22 -89.79
C ASN Q 425 15.67 -38.13 -90.97
N ASN Q 426 15.64 -37.59 -92.21
CA ASN Q 426 15.99 -38.31 -93.43
C ASN Q 426 15.01 -39.45 -93.82
N TRP Q 427 13.75 -39.45 -93.34
CA TRP Q 427 12.84 -40.56 -93.61
C TRP Q 427 12.47 -40.74 -95.09
N ILE Q 428 12.60 -39.65 -95.86
CA ILE Q 428 12.28 -39.62 -97.29
C ILE Q 428 13.44 -39.05 -98.11
N ASN Q 429 13.67 -39.62 -99.30
CA ASN Q 429 14.65 -39.11 -100.26
C ASN Q 429 14.26 -37.70 -100.70
N PRO Q 430 15.18 -36.70 -100.66
CA PRO Q 430 14.93 -35.35 -101.20
C PRO Q 430 14.21 -35.26 -102.54
N ASP Q 431 14.46 -36.19 -103.46
CA ASP Q 431 13.82 -36.22 -104.78
C ASP Q 431 12.28 -36.33 -104.71
N LYS Q 432 11.75 -36.88 -103.61
CA LYS Q 432 10.32 -37.10 -103.40
C LYS Q 432 9.65 -35.97 -102.63
N LEU Q 433 10.42 -34.98 -102.18
CA LEU Q 433 9.88 -33.84 -101.41
C LEU Q 433 8.95 -32.98 -102.28
N SER Q 434 9.26 -32.88 -103.58
CA SER Q 434 8.46 -32.19 -104.59
C SER Q 434 7.06 -32.82 -104.70
N GLU Q 435 6.99 -34.15 -104.84
CA GLU Q 435 5.73 -34.91 -104.90
C GLU Q 435 4.88 -34.67 -103.64
N LEU Q 436 5.52 -34.57 -102.47
CA LEU Q 436 4.84 -34.33 -101.20
C LEU Q 436 4.28 -32.90 -101.15
N GLU Q 437 5.06 -31.91 -101.64
CA GLU Q 437 4.67 -30.52 -101.66
C GLU Q 437 3.43 -30.31 -102.54
N ASP Q 438 3.39 -30.99 -103.70
CA ASP Q 438 2.27 -30.94 -104.65
C ASP Q 438 0.96 -31.48 -104.07
N LEU Q 439 1.05 -32.36 -103.05
CA LEU Q 439 -0.13 -32.99 -102.46
C LEU Q 439 -0.71 -32.12 -101.33
N GLY R 198 -8.16 23.50 -59.05
CA GLY R 198 -6.71 23.47 -58.70
C GLY R 198 -5.95 24.53 -59.47
N GLU R 199 -4.71 24.73 -59.06
CA GLU R 199 -3.80 25.72 -59.64
C GLU R 199 -3.29 25.21 -60.99
N ASP R 200 -3.18 26.13 -61.97
CA ASP R 200 -2.59 25.82 -63.27
C ASP R 200 -1.06 25.76 -63.16
N MET R 201 -0.44 24.83 -63.89
CA MET R 201 1.01 24.67 -63.90
C MET R 201 1.58 25.25 -65.20
N MET R 202 2.49 26.23 -65.05
CA MET R 202 3.14 26.86 -66.20
C MET R 202 4.53 26.28 -66.42
N HIS R 203 4.80 25.82 -67.65
CA HIS R 203 6.11 25.29 -68.02
C HIS R 203 6.67 25.96 -69.27
N PRO R 204 7.90 26.52 -69.22
CA PRO R 204 8.53 27.06 -70.43
C PRO R 204 9.01 25.92 -71.35
N LEU R 205 8.59 25.99 -72.62
CA LEU R 205 9.08 25.08 -73.65
C LEU R 205 10.01 25.83 -74.60
N LYS R 206 11.31 25.53 -74.50
CA LYS R 206 12.31 26.12 -75.38
C LYS R 206 12.27 25.48 -76.77
N VAL R 207 12.02 26.31 -77.80
CA VAL R 207 11.87 25.89 -79.19
C VAL R 207 12.86 26.69 -80.07
N SER R 208 13.45 26.05 -81.08
CA SER R 208 14.32 26.73 -82.03
C SER R 208 13.51 27.35 -83.19
N LEU R 209 14.14 28.23 -84.00
CA LEU R 209 13.50 28.77 -85.19
C LEU R 209 13.13 27.67 -86.19
N GLU R 210 13.99 26.64 -86.33
CA GLU R 210 13.73 25.49 -87.18
C GLU R 210 12.51 24.70 -86.71
N ASP R 211 12.35 24.54 -85.39
CA ASP R 211 11.18 23.89 -84.78
C ASP R 211 9.91 24.67 -85.14
N LEU R 212 9.96 26.01 -85.08
CA LEU R 212 8.84 26.90 -85.34
C LEU R 212 8.53 27.01 -86.84
N TYR R 213 9.54 26.82 -87.71
CA TYR R 213 9.38 26.88 -89.15
C TYR R 213 8.83 25.57 -89.72
N ASN R 214 9.40 24.44 -89.30
CA ASN R 214 9.05 23.13 -89.83
C ASN R 214 7.87 22.48 -89.09
N GLY R 215 7.60 22.94 -87.86
CA GLY R 215 6.73 22.23 -86.93
C GLY R 215 7.48 21.11 -86.21
N LYS R 216 7.08 20.82 -84.98
CA LYS R 216 7.75 19.81 -84.17
C LYS R 216 6.77 19.13 -83.23
N THR R 217 6.87 17.80 -83.18
CA THR R 217 6.23 17.01 -82.15
C THR R 217 7.29 16.58 -81.14
N THR R 218 7.09 16.95 -79.86
CA THR R 218 8.02 16.58 -78.79
C THR R 218 7.26 15.95 -77.61
N LYS R 219 7.93 15.03 -76.90
CA LYS R 219 7.38 14.42 -75.70
C LYS R 219 7.94 15.11 -74.47
N LEU R 220 7.05 15.63 -73.63
CA LEU R 220 7.40 16.29 -72.39
C LEU R 220 7.04 15.39 -71.22
N GLN R 221 8.05 15.00 -70.43
CA GLN R 221 7.81 14.24 -69.22
C GLN R 221 7.62 15.19 -68.04
N LEU R 222 6.46 15.10 -67.37
CA LEU R 222 6.16 15.88 -66.17
C LEU R 222 5.80 14.94 -65.01
N SER R 223 6.23 15.33 -63.80
CA SER R 223 5.80 14.65 -62.58
C SER R 223 4.67 15.47 -61.96
N LYS R 224 3.53 14.81 -61.72
CA LYS R 224 2.37 15.44 -61.11
C LYS R 224 1.77 14.57 -60.01
N ASN R 225 1.03 15.21 -59.11
CA ASN R 225 0.26 14.54 -58.09
C ASN R 225 -1.05 14.02 -58.70
N VAL R 226 -1.29 12.71 -58.51
CA VAL R 226 -2.54 12.08 -58.89
C VAL R 226 -3.20 11.51 -57.64
N LEU R 227 -4.54 11.42 -57.66
CA LEU R 227 -5.25 10.77 -56.57
C LEU R 227 -4.77 9.31 -56.42
N CYS R 228 -4.50 8.92 -55.18
CA CYS R 228 -3.98 7.60 -54.88
C CYS R 228 -4.99 6.52 -55.32
N SER R 229 -4.64 5.74 -56.36
CA SER R 229 -5.50 4.72 -56.93
C SER R 229 -6.01 3.69 -55.93
N ALA R 230 -5.28 3.48 -54.81
CA ALA R 230 -5.60 2.48 -53.80
C ALA R 230 -6.62 2.94 -52.75
N CYS R 231 -6.80 4.26 -52.56
CA CYS R 231 -7.75 4.79 -51.59
C CYS R 231 -8.62 5.91 -52.17
N SER R 232 -8.52 6.18 -53.48
CA SER R 232 -9.26 7.20 -54.21
C SER R 232 -9.27 8.56 -53.49
N GLY R 233 -8.12 8.95 -52.92
CA GLY R 233 -7.91 10.24 -52.25
C GLY R 233 -8.52 10.35 -50.85
N GLN R 234 -9.37 9.37 -50.51
CA GLN R 234 -10.12 9.43 -49.27
C GLN R 234 -9.05 9.42 -48.19
N GLY R 235 -7.84 9.13 -48.64
CA GLY R 235 -6.71 9.01 -47.77
C GLY R 235 -6.81 7.59 -47.29
N GLY R 236 -7.80 7.32 -46.45
CA GLY R 236 -8.09 5.96 -46.08
C GLY R 236 -9.59 5.70 -46.02
N LYS R 237 -9.98 4.52 -45.52
CA LYS R 237 -11.38 4.18 -45.31
C LYS R 237 -12.02 5.22 -44.38
N SER R 238 -13.36 5.33 -44.40
CA SER R 238 -14.07 6.21 -43.47
C SER R 238 -13.79 5.79 -42.03
N GLY R 239 -13.11 6.66 -41.27
CA GLY R 239 -12.68 6.39 -39.90
C GLY R 239 -11.24 5.89 -39.83
N ALA R 240 -10.55 5.89 -40.98
CA ALA R 240 -9.12 5.60 -41.06
C ALA R 240 -8.32 6.88 -40.80
N VAL R 241 -8.97 8.03 -41.01
CA VAL R 241 -8.32 9.32 -40.88
C VAL R 241 -8.36 9.74 -39.41
N GLN R 242 -7.17 9.82 -38.80
CA GLN R 242 -7.00 10.18 -37.39
C GLN R 242 -6.24 11.50 -37.28
N LYS R 243 -6.59 12.30 -36.26
CA LYS R 243 -5.82 13.50 -35.89
C LYS R 243 -4.40 13.06 -35.56
N CYS R 244 -3.42 13.78 -36.12
CA CYS R 244 -2.04 13.53 -35.77
C CYS R 244 -1.79 13.86 -34.29
N SER R 245 -1.39 12.87 -33.48
CA SER R 245 -1.19 13.02 -32.04
C SER R 245 -0.06 13.99 -31.71
N ALA R 246 0.98 13.93 -32.54
CA ALA R 246 2.22 14.67 -32.56
C ALA R 246 2.05 16.20 -32.54
N CYS R 247 1.25 16.70 -33.49
CA CYS R 247 0.99 18.12 -33.66
C CYS R 247 -0.44 18.49 -33.27
N ARG R 248 -1.23 17.51 -32.77
CA ARG R 248 -2.63 17.66 -32.39
C ARG R 248 -3.46 18.30 -33.52
N GLY R 249 -3.24 17.85 -34.77
CA GLY R 249 -3.96 18.36 -35.92
C GLY R 249 -3.43 19.67 -36.52
N ARG R 250 -2.35 20.24 -35.98
CA ARG R 250 -1.85 21.55 -36.41
C ARG R 250 -0.94 21.46 -37.66
N GLY R 251 -0.47 20.27 -38.03
CA GLY R 251 0.49 20.11 -39.14
C GLY R 251 1.92 20.51 -38.75
N VAL R 252 2.08 21.35 -37.72
CA VAL R 252 3.38 21.90 -37.32
C VAL R 252 3.65 21.65 -35.83
N ARG R 253 4.94 21.48 -35.51
CA ARG R 253 5.43 21.36 -34.15
C ARG R 253 6.32 22.54 -33.83
N ILE R 254 6.21 23.04 -32.60
CA ILE R 254 7.09 24.09 -32.12
C ILE R 254 8.28 23.42 -31.42
N MET R 255 9.46 23.55 -32.02
CA MET R 255 10.71 23.05 -31.45
C MET R 255 11.47 24.22 -30.78
N ILE R 256 11.93 23.96 -29.57
CA ILE R 256 12.68 24.95 -28.80
C ILE R 256 14.17 24.70 -28.96
N ARG R 257 14.89 25.62 -29.60
CA ARG R 257 16.35 25.58 -29.66
C ARG R 257 16.95 26.58 -28.67
N GLN R 258 17.75 26.14 -27.70
CA GLN R 258 18.52 27.10 -26.90
C GLN R 258 19.64 27.72 -27.73
N LEU R 259 19.72 29.06 -27.75
CA LEU R 259 20.86 29.80 -28.31
C LEU R 259 21.94 30.12 -27.27
N ALA R 260 21.49 30.39 -26.04
CA ALA R 260 22.31 30.67 -24.88
C ALA R 260 21.49 30.42 -23.60
N PRO R 261 22.04 30.17 -22.40
CA PRO R 261 21.18 30.02 -21.22
C PRO R 261 20.35 31.30 -20.99
N GLY R 262 19.03 31.14 -20.99
CA GLY R 262 18.10 32.27 -20.90
C GLY R 262 17.67 32.85 -22.25
N MET R 263 18.28 32.38 -23.36
CA MET R 263 17.77 32.65 -24.70
C MET R 263 17.31 31.35 -25.39
N VAL R 264 16.00 31.15 -25.50
CA VAL R 264 15.42 30.05 -26.28
C VAL R 264 14.75 30.60 -27.54
N GLN R 265 15.02 29.95 -28.68
CA GLN R 265 14.34 30.20 -29.94
C GLN R 265 13.28 29.16 -30.18
N GLN R 266 12.03 29.59 -30.35
CA GLN R 266 10.94 28.73 -30.77
C GLN R 266 10.97 28.76 -32.29
N MET R 267 11.23 27.60 -32.89
CA MET R 267 11.10 27.42 -34.32
C MET R 267 9.90 26.53 -34.61
N GLN R 268 9.05 26.93 -35.54
CA GLN R 268 7.97 26.12 -36.08
C GLN R 268 8.55 25.25 -37.19
N SER R 269 8.45 23.92 -37.00
CA SER R 269 8.86 22.95 -37.98
C SER R 269 7.63 22.18 -38.45
N VAL R 270 7.63 21.76 -39.73
CA VAL R 270 6.60 20.85 -40.19
C VAL R 270 6.68 19.57 -39.35
N CYS R 271 5.49 19.05 -38.97
CA CYS R 271 5.41 17.90 -38.10
C CYS R 271 5.90 16.67 -38.87
N SER R 272 6.95 16.02 -38.33
CA SER R 272 7.56 14.81 -38.88
C SER R 272 6.57 13.66 -39.03
N ASP R 273 5.54 13.61 -38.17
CA ASP R 273 4.69 12.43 -38.03
C ASP R 273 3.52 12.44 -39.03
N CYS R 274 3.12 13.62 -39.51
CA CYS R 274 2.09 13.77 -40.53
C CYS R 274 2.52 14.59 -41.75
N ASN R 275 3.82 14.95 -41.82
CA ASN R 275 4.40 15.72 -42.91
C ASN R 275 3.59 16.99 -43.24
N GLY R 276 2.97 17.61 -42.23
CA GLY R 276 2.25 18.85 -42.40
C GLY R 276 0.74 18.71 -42.59
N GLU R 277 0.23 17.49 -42.79
CA GLU R 277 -1.17 17.29 -43.14
C GLU R 277 -2.08 17.49 -41.91
N GLY R 278 -1.55 17.28 -40.70
CA GLY R 278 -2.36 17.33 -39.47
C GLY R 278 -3.14 16.04 -39.19
N GLU R 279 -3.20 15.17 -40.19
CA GLU R 279 -3.81 13.86 -40.08
C GLU R 279 -2.82 12.72 -40.32
N VAL R 280 -3.15 11.54 -39.76
CA VAL R 280 -2.40 10.33 -40.00
C VAL R 280 -3.39 9.23 -40.43
N ILE R 281 -3.01 8.51 -41.49
CA ILE R 281 -3.74 7.35 -41.98
C ILE R 281 -2.77 6.17 -41.93
N ASN R 282 -3.18 5.12 -41.18
CA ASN R 282 -2.44 3.86 -41.15
C ASN R 282 -2.25 3.35 -42.57
N GLU R 283 -1.05 2.83 -42.87
CA GLU R 283 -0.68 2.35 -44.21
C GLU R 283 -1.72 1.39 -44.81
N LYS R 284 -2.23 0.49 -43.97
CA LYS R 284 -3.21 -0.54 -44.30
C LYS R 284 -4.56 0.03 -44.76
N ASP R 285 -4.84 1.30 -44.42
CA ASP R 285 -6.10 1.96 -44.74
C ASP R 285 -6.03 2.80 -46.01
N ARG R 286 -4.82 3.22 -46.41
CA ARG R 286 -4.60 3.98 -47.64
C ARG R 286 -3.99 3.06 -48.68
N CYS R 287 -2.81 2.50 -48.36
CA CYS R 287 -2.02 1.65 -49.23
C CYS R 287 -0.57 1.77 -48.79
N LYS R 288 0.33 1.04 -49.48
CA LYS R 288 1.76 1.14 -49.23
C LYS R 288 2.35 2.15 -50.22
N LYS R 289 1.49 3.06 -50.73
CA LYS R 289 1.85 4.00 -51.79
C LYS R 289 1.90 5.44 -51.24
N CYS R 290 0.76 6.15 -51.20
CA CYS R 290 0.69 7.53 -50.75
C CYS R 290 1.29 7.67 -49.35
N GLU R 291 0.65 7.04 -48.34
CA GLU R 291 1.07 6.98 -46.94
C GLU R 291 0.20 7.94 -46.13
N GLY R 292 -1.11 7.90 -46.35
CA GLY R 292 -2.06 8.78 -45.71
C GLY R 292 -2.03 10.17 -46.35
N LYS R 293 -1.41 10.27 -47.53
CA LYS R 293 -1.20 11.54 -48.19
C LYS R 293 -2.33 11.87 -49.18
N LYS R 294 -3.10 10.86 -49.62
CA LYS R 294 -4.28 10.99 -50.49
C LYS R 294 -3.85 11.18 -51.95
N VAL R 295 -2.57 11.49 -52.20
CA VAL R 295 -2.02 11.61 -53.56
C VAL R 295 -0.70 10.84 -53.69
N ILE R 296 -0.32 10.54 -54.94
CA ILE R 296 0.95 9.93 -55.29
C ILE R 296 1.55 10.70 -56.45
N LYS R 297 2.88 10.82 -56.48
CA LYS R 297 3.58 11.40 -57.62
C LYS R 297 3.66 10.39 -58.75
N GLU R 298 3.05 10.75 -59.89
CA GLU R 298 3.09 9.95 -61.11
C GLU R 298 3.80 10.74 -62.21
N VAL R 299 4.48 9.99 -63.07
CA VAL R 299 5.20 10.56 -64.21
C VAL R 299 4.31 10.42 -65.43
N LYS R 300 3.89 11.56 -66.00
CA LYS R 300 3.08 11.58 -67.22
C LYS R 300 3.88 12.15 -68.39
N ILE R 301 3.75 11.50 -69.56
CA ILE R 301 4.33 11.98 -70.79
C ILE R 301 3.23 12.65 -71.61
N LEU R 302 3.41 13.96 -71.87
CA LEU R 302 2.53 14.74 -72.73
C LEU R 302 3.17 14.84 -74.12
N GLU R 303 2.38 14.55 -75.15
CA GLU R 303 2.79 14.81 -76.53
C GLU R 303 2.42 16.25 -76.89
N VAL R 304 3.45 17.04 -77.22
CA VAL R 304 3.29 18.45 -77.49
C VAL R 304 3.52 18.70 -78.99
N HIS R 305 2.50 19.26 -79.65
CA HIS R 305 2.59 19.68 -81.04
C HIS R 305 2.86 21.19 -81.11
N VAL R 306 4.00 21.53 -81.72
CA VAL R 306 4.35 22.90 -82.06
C VAL R 306 4.10 23.06 -83.56
N ASP R 307 3.05 23.83 -83.87
CA ASP R 307 2.65 24.09 -85.26
C ASP R 307 3.60 25.08 -85.94
N LYS R 308 3.64 25.01 -87.28
CA LYS R 308 4.36 25.97 -88.10
C LYS R 308 3.86 27.39 -87.87
N GLY R 309 4.81 28.31 -87.68
CA GLY R 309 4.52 29.73 -87.56
C GLY R 309 4.11 30.19 -86.16
N MET R 310 4.05 29.26 -85.19
CA MET R 310 3.79 29.64 -83.81
C MET R 310 4.78 30.71 -83.33
N LYS R 311 4.32 31.57 -82.40
CA LYS R 311 5.06 32.74 -81.97
C LYS R 311 5.66 32.55 -80.58
N HIS R 312 6.71 33.33 -80.30
CA HIS R 312 7.20 33.46 -78.93
C HIS R 312 6.09 33.87 -77.99
N GLY R 313 6.05 33.26 -76.79
CA GLY R 313 5.03 33.53 -75.78
C GLY R 313 3.67 32.88 -76.03
N GLN R 314 3.51 32.13 -77.13
CA GLN R 314 2.26 31.42 -77.39
C GLN R 314 2.07 30.27 -76.38
N ARG R 315 0.81 30.05 -75.97
CA ARG R 315 0.46 29.07 -74.95
C ARG R 315 -0.14 27.82 -75.58
N ILE R 316 0.33 26.64 -75.12
CA ILE R 316 -0.26 25.34 -75.42
C ILE R 316 -0.84 24.78 -74.12
N THR R 317 -2.17 24.61 -74.07
CA THR R 317 -2.87 24.22 -72.85
C THR R 317 -3.31 22.76 -72.92
N PHE R 318 -3.00 22.02 -71.85
CA PHE R 318 -3.47 20.66 -71.59
C PHE R 318 -4.46 20.71 -70.43
N THR R 319 -5.75 20.62 -70.76
CA THR R 319 -6.84 20.83 -69.81
C THR R 319 -6.92 19.71 -68.78
N GLY R 320 -7.03 20.08 -67.49
CA GLY R 320 -7.19 19.13 -66.38
C GLY R 320 -5.97 18.26 -66.13
N GLU R 321 -4.81 18.65 -66.69
CA GLU R 321 -3.60 17.84 -66.61
C GLU R 321 -2.70 18.21 -65.42
N ALA R 322 -3.02 19.28 -64.68
CA ALA R 322 -2.26 19.68 -63.50
C ALA R 322 -2.42 18.70 -62.33
N ASP R 323 -1.88 19.09 -61.17
CA ASP R 323 -1.97 18.35 -59.92
C ASP R 323 -3.41 18.10 -59.50
N GLN R 324 -3.69 16.85 -59.10
CA GLN R 324 -4.95 16.45 -58.50
C GLN R 324 -4.88 16.56 -56.98
N ALA R 325 -5.97 17.03 -56.37
CA ALA R 325 -6.13 17.02 -54.92
C ALA R 325 -7.54 16.54 -54.55
N PRO R 326 -7.74 15.87 -53.38
CA PRO R 326 -9.07 15.41 -52.97
C PRO R 326 -10.09 16.55 -52.86
N GLY R 327 -11.20 16.40 -53.59
CA GLY R 327 -12.29 17.37 -53.61
C GLY R 327 -12.01 18.62 -54.45
N VAL R 328 -10.93 18.60 -55.26
CA VAL R 328 -10.51 19.71 -56.11
C VAL R 328 -10.47 19.22 -57.55
N GLU R 329 -11.07 19.99 -58.48
CA GLU R 329 -10.98 19.72 -59.91
C GLU R 329 -9.61 20.16 -60.40
N PRO R 330 -8.81 19.31 -61.10
CA PRO R 330 -7.45 19.69 -61.51
C PRO R 330 -7.39 20.94 -62.40
N GLY R 331 -6.35 21.74 -62.20
CA GLY R 331 -6.00 22.82 -63.11
C GLY R 331 -5.44 22.33 -64.44
N ASP R 332 -4.95 23.26 -65.27
CA ASP R 332 -4.39 22.96 -66.57
C ASP R 332 -2.86 22.99 -66.54
N ILE R 333 -2.22 22.25 -67.44
CA ILE R 333 -0.81 22.45 -67.74
C ILE R 333 -0.70 23.39 -68.95
N VAL R 334 -0.07 24.55 -68.75
CA VAL R 334 0.11 25.56 -69.78
C VAL R 334 1.59 25.64 -70.16
N LEU R 335 1.90 25.22 -71.38
CA LEU R 335 3.26 25.36 -71.90
C LEU R 335 3.40 26.71 -72.58
N LEU R 336 4.42 27.47 -72.15
CA LEU R 336 4.73 28.76 -72.75
C LEU R 336 5.91 28.60 -73.71
N LEU R 337 5.68 28.88 -75.01
CA LEU R 337 6.75 28.77 -76.00
C LEU R 337 7.80 29.86 -75.78
N GLN R 338 9.05 29.42 -75.61
CA GLN R 338 10.20 30.30 -75.52
C GLN R 338 11.09 30.07 -76.73
N GLU R 339 11.15 31.08 -77.61
CA GLU R 339 11.98 31.03 -78.79
C GLU R 339 13.45 31.15 -78.36
N LYS R 340 14.28 30.23 -78.86
CA LYS R 340 15.72 30.32 -78.65
C LYS R 340 16.31 31.26 -79.70
N GLU R 341 17.32 32.01 -79.25
CA GLU R 341 18.20 32.76 -80.13
C GLU R 341 18.79 31.83 -81.20
N HIS R 342 18.86 32.34 -82.43
CA HIS R 342 19.40 31.62 -83.57
C HIS R 342 20.64 32.37 -84.08
N GLU R 343 21.67 31.63 -84.50
CA GLU R 343 22.98 32.20 -84.79
C GLU R 343 22.98 33.09 -86.05
N VAL R 344 22.19 32.71 -87.07
CA VAL R 344 22.16 33.41 -88.36
C VAL R 344 20.95 34.35 -88.50
N PHE R 345 19.76 33.85 -88.13
CA PHE R 345 18.50 34.55 -88.35
C PHE R 345 17.97 35.16 -87.05
N GLN R 346 17.43 36.39 -87.17
CA GLN R 346 16.62 37.01 -86.15
C GLN R 346 15.19 37.13 -86.68
N ARG R 347 14.22 36.77 -85.85
CA ARG R 347 12.83 36.78 -86.27
C ARG R 347 12.16 38.08 -85.84
N ASP R 348 11.45 38.71 -86.79
CA ASP R 348 10.53 39.80 -86.52
C ASP R 348 9.15 39.45 -87.06
N GLY R 349 8.23 39.04 -86.17
CA GLY R 349 6.90 38.59 -86.57
C GLY R 349 6.94 37.37 -87.50
N ASN R 350 6.63 37.60 -88.78
CA ASN R 350 6.70 36.59 -89.83
C ASN R 350 7.95 36.74 -90.71
N ASP R 351 8.70 37.83 -90.53
CA ASP R 351 9.89 38.12 -91.32
C ASP R 351 11.14 37.61 -90.61
N LEU R 352 12.18 37.37 -91.41
CA LEU R 352 13.49 36.98 -90.91
C LEU R 352 14.51 38.05 -91.31
N HIS R 353 15.47 38.28 -90.40
CA HIS R 353 16.59 39.19 -90.64
C HIS R 353 17.90 38.42 -90.51
N MET R 354 18.85 38.72 -91.39
CA MET R 354 20.20 38.20 -91.26
C MET R 354 21.21 39.26 -91.69
N THR R 355 22.44 39.15 -91.15
CA THR R 355 23.57 39.95 -91.61
C THR R 355 24.47 39.07 -92.46
N TYR R 356 24.82 39.56 -93.67
CA TYR R 356 25.70 38.85 -94.58
C TYR R 356 26.92 39.72 -94.91
N LYS R 357 28.11 39.16 -94.72
CA LYS R 357 29.36 39.86 -94.99
C LYS R 357 29.78 39.61 -96.44
N ILE R 358 30.12 40.70 -97.15
CA ILE R 358 30.59 40.66 -98.53
C ILE R 358 31.84 41.53 -98.67
N GLY R 359 32.73 41.17 -99.62
CA GLY R 359 33.90 41.99 -99.93
C GLY R 359 33.54 43.22 -100.77
N LEU R 360 34.45 44.21 -100.81
CA LEU R 360 34.27 45.41 -101.62
C LEU R 360 34.04 45.08 -103.10
N VAL R 361 34.78 44.10 -103.64
CA VAL R 361 34.65 43.64 -105.02
C VAL R 361 33.24 43.10 -105.28
N GLU R 362 32.71 42.28 -104.36
CA GLU R 362 31.36 41.74 -104.45
C GLU R 362 30.31 42.85 -104.41
N ALA R 363 30.51 43.85 -103.54
CA ALA R 363 29.63 45.00 -103.37
C ALA R 363 29.55 45.87 -104.62
N LEU R 364 30.65 45.98 -105.40
CA LEU R 364 30.74 46.85 -106.58
C LEU R 364 30.44 46.09 -107.89
N CYS R 365 30.86 44.83 -107.99
CA CYS R 365 30.89 44.08 -109.25
C CYS R 365 29.78 43.01 -109.33
N GLY R 366 28.97 42.85 -108.28
CA GLY R 366 27.97 41.79 -108.19
C GLY R 366 28.54 40.49 -107.62
N PHE R 367 27.65 39.61 -107.14
CA PHE R 367 28.05 38.42 -106.40
C PHE R 367 26.95 37.36 -106.40
N GLN R 368 27.37 36.16 -106.01
CA GLN R 368 26.48 35.03 -105.75
C GLN R 368 26.90 34.38 -104.45
N PHE R 369 25.94 34.15 -103.55
CA PHE R 369 26.22 33.41 -102.34
C PHE R 369 25.12 32.40 -102.04
N THR R 370 25.43 31.47 -101.13
CA THR R 370 24.51 30.43 -100.71
C THR R 370 24.44 30.37 -99.19
N PHE R 371 23.23 30.13 -98.66
CA PHE R 371 23.04 29.88 -97.24
C PHE R 371 22.01 28.77 -97.02
N LYS R 372 22.05 28.18 -95.82
CA LYS R 372 21.11 27.15 -95.40
C LYS R 372 19.93 27.82 -94.71
N HIS R 373 18.71 27.54 -95.21
CA HIS R 373 17.47 28.04 -94.60
C HIS R 373 17.02 27.14 -93.44
N LEU R 374 15.93 27.55 -92.75
CA LEU R 374 15.38 26.87 -91.58
C LEU R 374 14.79 25.48 -91.92
N ASP R 375 14.39 25.25 -93.18
CA ASP R 375 13.96 23.94 -93.67
C ASP R 375 15.12 23.06 -94.17
N GLY R 376 16.34 23.59 -94.14
CA GLY R 376 17.52 22.88 -94.59
C GLY R 376 17.78 22.98 -96.10
N ARG R 377 16.92 23.68 -96.87
CA ARG R 377 17.20 23.97 -98.27
C ARG R 377 18.40 24.93 -98.39
N GLN R 378 19.20 24.73 -99.44
CA GLN R 378 20.22 25.69 -99.83
C GLN R 378 19.61 26.74 -100.76
N ILE R 379 19.66 28.01 -100.34
CA ILE R 379 19.17 29.12 -101.15
C ILE R 379 20.37 29.80 -101.81
N VAL R 380 20.29 29.96 -103.14
CA VAL R 380 21.28 30.69 -103.92
C VAL R 380 20.74 32.10 -104.18
N VAL R 381 21.42 33.10 -103.60
CA VAL R 381 21.09 34.51 -103.83
C VAL R 381 22.08 35.07 -104.86
N LYS R 382 21.53 35.69 -105.92
CA LYS R 382 22.32 36.31 -106.97
C LYS R 382 22.04 37.80 -107.01
N TYR R 383 23.12 38.60 -107.06
CA TYR R 383 23.03 40.03 -107.25
C TYR R 383 23.73 40.40 -108.55
N PRO R 384 23.05 41.10 -109.49
CA PRO R 384 23.59 41.29 -110.84
C PRO R 384 24.78 42.25 -110.85
N PRO R 385 25.76 42.06 -111.77
CA PRO R 385 26.85 43.01 -111.95
C PRO R 385 26.36 44.39 -112.38
N GLY R 386 27.08 45.43 -111.94
CA GLY R 386 26.73 46.81 -112.28
C GLY R 386 25.72 47.46 -111.32
N LYS R 387 25.27 46.73 -110.30
CA LYS R 387 24.51 47.31 -109.20
C LYS R 387 25.36 47.28 -107.93
N VAL R 388 25.34 48.40 -107.19
CA VAL R 388 26.15 48.56 -105.98
C VAL R 388 25.34 48.22 -104.73
N ILE R 389 26.00 47.52 -103.81
CA ILE R 389 25.55 47.32 -102.44
C ILE R 389 26.30 48.30 -101.54
N GLU R 390 25.56 49.26 -100.96
CA GLU R 390 26.11 50.20 -99.99
C GLU R 390 26.33 49.50 -98.64
N PRO R 391 27.37 49.89 -97.85
CA PRO R 391 27.55 49.38 -96.49
C PRO R 391 26.30 49.62 -95.62
N GLY R 392 25.84 48.53 -95.00
CA GLY R 392 24.67 48.53 -94.12
C GLY R 392 23.34 48.51 -94.85
N CYS R 393 23.32 48.49 -96.20
CA CYS R 393 22.06 48.47 -96.93
C CYS R 393 21.33 47.13 -96.76
N VAL R 394 19.99 47.19 -96.86
CA VAL R 394 19.14 46.02 -96.72
C VAL R 394 18.53 45.65 -98.08
N ARG R 395 18.52 44.33 -98.38
CA ARG R 395 17.80 43.78 -99.51
C ARG R 395 16.86 42.68 -99.03
N VAL R 396 15.87 42.35 -99.87
CA VAL R 396 14.82 41.42 -99.50
C VAL R 396 14.83 40.21 -100.44
N VAL R 397 14.68 39.01 -99.84
CA VAL R 397 14.36 37.78 -100.56
C VAL R 397 12.91 37.43 -100.19
N ARG R 398 12.00 37.65 -101.15
CA ARG R 398 10.57 37.54 -100.90
C ARG R 398 10.13 36.08 -100.66
N GLY R 399 9.26 35.87 -99.66
CA GLY R 399 8.67 34.57 -99.36
C GLY R 399 9.60 33.59 -98.66
N GLU R 400 10.78 34.07 -98.20
CA GLU R 400 11.76 33.26 -97.46
C GLU R 400 11.81 33.64 -95.97
N GLY R 401 10.74 34.24 -95.44
CA GLY R 401 10.56 34.43 -94.00
C GLY R 401 9.88 33.24 -93.30
N MET R 402 9.38 33.48 -92.09
CA MET R 402 8.64 32.48 -91.31
C MET R 402 7.24 32.23 -91.89
N PRO R 403 6.71 30.98 -91.79
CA PRO R 403 5.32 30.71 -92.14
C PRO R 403 4.35 31.39 -91.17
N GLN R 404 3.19 31.79 -91.68
CA GLN R 404 2.13 32.31 -90.83
C GLN R 404 1.47 31.19 -90.04
N TYR R 405 1.21 31.43 -88.74
CA TYR R 405 0.47 30.49 -87.91
C TYR R 405 -0.94 30.26 -88.49
N ARG R 406 -1.33 28.98 -88.63
CA ARG R 406 -2.62 28.53 -89.19
C ARG R 406 -2.72 28.69 -90.71
N ASN R 407 -1.80 29.43 -91.34
CA ASN R 407 -1.74 29.58 -92.79
C ASN R 407 -0.31 29.38 -93.28
N PRO R 408 0.27 28.17 -93.16
CA PRO R 408 1.70 27.94 -93.43
C PRO R 408 2.14 28.03 -94.89
N PHE R 409 1.16 28.22 -95.81
CA PHE R 409 1.41 28.48 -97.22
C PHE R 409 1.84 29.92 -97.47
N GLU R 410 1.42 30.84 -96.59
CA GLU R 410 1.90 32.21 -96.59
C GLU R 410 3.11 32.35 -95.68
N LYS R 411 4.13 33.04 -96.19
CA LYS R 411 5.36 33.30 -95.45
C LYS R 411 5.65 34.79 -95.48
N GLY R 412 6.39 35.26 -94.47
CA GLY R 412 7.02 36.57 -94.52
C GLY R 412 8.21 36.57 -95.47
N ASP R 413 9.02 37.63 -95.35
CA ASP R 413 10.18 37.87 -96.19
C ASP R 413 11.49 37.72 -95.40
N LEU R 414 12.60 37.50 -96.11
CA LEU R 414 13.93 37.52 -95.53
C LEU R 414 14.66 38.81 -95.90
N TYR R 415 14.97 39.63 -94.88
CA TYR R 415 15.76 40.83 -95.01
C TYR R 415 17.23 40.55 -94.72
N ILE R 416 18.10 40.91 -95.68
CA ILE R 416 19.53 40.69 -95.58
C ILE R 416 20.21 42.06 -95.49
N LYS R 417 20.81 42.33 -94.32
CA LYS R 417 21.68 43.48 -94.13
C LYS R 417 23.09 43.12 -94.60
N PHE R 418 23.64 43.92 -95.52
CA PHE R 418 24.98 43.69 -96.04
C PHE R 418 26.03 44.47 -95.25
N ASP R 419 27.03 43.73 -94.76
CA ASP R 419 28.21 44.26 -94.10
C ASP R 419 29.39 44.20 -95.07
N VAL R 420 29.76 45.37 -95.65
CA VAL R 420 30.78 45.44 -96.68
C VAL R 420 32.16 45.55 -96.06
N GLN R 421 32.97 44.51 -96.27
CA GLN R 421 34.34 44.41 -95.78
C GLN R 421 35.30 45.06 -96.78
N PHE R 422 35.91 46.16 -96.32
CA PHE R 422 37.02 46.80 -97.01
C PHE R 422 38.29 45.94 -96.91
N PRO R 423 39.18 45.99 -97.93
CA PRO R 423 40.47 45.32 -97.88
C PRO R 423 41.35 45.96 -96.79
N GLU R 424 42.31 45.19 -96.30
CA GLU R 424 43.20 45.67 -95.25
C GLU R 424 44.18 46.73 -95.76
N ASN R 425 44.85 47.33 -94.78
CA ASN R 425 45.97 48.26 -94.90
C ASN R 425 47.04 47.72 -95.88
N ASN R 426 47.50 48.56 -96.84
CA ASN R 426 48.54 48.22 -97.80
C ASN R 426 48.14 47.16 -98.83
N TRP R 427 46.84 46.90 -99.10
CA TRP R 427 46.45 45.77 -99.95
C TRP R 427 46.88 45.92 -101.42
N ILE R 428 47.12 47.17 -101.84
CA ILE R 428 47.53 47.49 -103.20
C ILE R 428 48.78 48.38 -103.22
N ASN R 429 49.67 48.14 -104.19
CA ASN R 429 50.85 48.98 -104.42
C ASN R 429 50.39 50.39 -104.80
N PRO R 430 50.90 51.48 -104.17
CA PRO R 430 50.63 52.86 -104.58
C PRO R 430 50.65 53.17 -106.07
N ASP R 431 51.52 52.52 -106.84
CA ASP R 431 51.63 52.70 -108.30
C ASP R 431 50.33 52.38 -109.04
N LYS R 432 49.48 51.51 -108.47
CA LYS R 432 48.22 51.05 -109.06
C LYS R 432 47.01 51.88 -108.61
N LEU R 433 47.21 52.84 -107.70
CA LEU R 433 46.12 53.67 -107.20
C LEU R 433 45.54 54.57 -108.30
N SER R 434 46.41 55.01 -109.23
CA SER R 434 46.05 55.79 -110.42
C SER R 434 45.08 55.02 -111.31
N GLU R 435 45.40 53.76 -111.63
CA GLU R 435 44.56 52.86 -112.43
C GLU R 435 43.18 52.67 -111.78
N LEU R 436 43.13 52.59 -110.44
CA LEU R 436 41.88 52.44 -109.69
C LEU R 436 41.04 53.72 -109.75
N GLU R 437 41.69 54.88 -109.64
CA GLU R 437 41.04 56.18 -109.69
C GLU R 437 40.37 56.41 -111.05
N ASP R 438 41.06 56.03 -112.14
CA ASP R 438 40.56 56.13 -113.51
C ASP R 438 39.30 55.30 -113.77
N LEU R 439 39.09 54.22 -112.98
CA LEU R 439 37.97 53.30 -113.17
C LEU R 439 36.75 53.81 -112.40
N GLY S 198 17.31 15.93 -48.37
CA GLY S 198 15.95 15.86 -48.95
C GLY S 198 15.64 14.47 -49.45
N GLU S 199 14.36 14.26 -49.78
CA GLU S 199 13.84 12.98 -50.27
C GLU S 199 14.27 12.77 -51.73
N ASP S 200 14.63 11.52 -52.06
CA ASP S 200 14.93 11.13 -53.43
C ASP S 200 13.65 11.00 -54.25
N MET S 201 13.69 11.41 -55.52
CA MET S 201 12.56 11.32 -56.44
C MET S 201 12.75 10.15 -57.40
N MET S 202 11.80 9.20 -57.39
CA MET S 202 11.85 8.04 -58.27
C MET S 202 10.93 8.23 -59.48
N HIS S 203 11.50 8.06 -60.69
CA HIS S 203 10.73 8.17 -61.92
C HIS S 203 10.90 6.93 -62.81
N PRO S 204 9.80 6.27 -63.23
CA PRO S 204 9.92 5.17 -64.19
C PRO S 204 10.21 5.69 -65.59
N LEU S 205 11.27 5.15 -66.22
CA LEU S 205 11.60 5.43 -67.60
C LEU S 205 11.29 4.21 -68.47
N LYS S 206 10.22 4.30 -69.27
CA LYS S 206 9.85 3.24 -70.19
C LYS S 206 10.76 3.22 -71.42
N VAL S 207 11.45 2.08 -71.61
CA VAL S 207 12.43 1.86 -72.68
C VAL S 207 12.03 0.61 -73.48
N SER S 208 12.21 0.65 -74.81
CA SER S 208 11.97 -0.52 -75.67
C SER S 208 13.19 -1.43 -75.73
N LEU S 209 13.04 -2.66 -76.27
CA LEU S 209 14.17 -3.56 -76.49
C LEU S 209 15.19 -2.98 -77.45
N GLU S 210 14.72 -2.25 -78.49
CA GLU S 210 15.57 -1.57 -79.45
C GLU S 210 16.40 -0.47 -78.77
N ASP S 211 15.80 0.27 -77.84
CA ASP S 211 16.47 1.29 -77.04
C ASP S 211 17.60 0.67 -76.21
N LEU S 212 17.33 -0.51 -75.61
CA LEU S 212 18.27 -1.24 -74.77
C LEU S 212 19.37 -1.93 -75.58
N TYR S 213 19.08 -2.30 -76.83
CA TYR S 213 20.02 -2.96 -77.72
C TYR S 213 20.98 -1.96 -78.37
N ASN S 214 20.43 -0.86 -78.92
CA ASN S 214 21.20 0.13 -79.65
C ASN S 214 21.81 1.22 -78.76
N GLY S 215 21.26 1.38 -77.55
CA GLY S 215 21.53 2.55 -76.73
C GLY S 215 20.66 3.74 -77.15
N LYS S 216 20.31 4.60 -76.19
CA LYS S 216 19.45 5.73 -76.46
C LYS S 216 19.79 6.91 -75.54
N THR S 217 19.87 8.09 -76.16
CA THR S 217 19.90 9.34 -75.42
C THR S 217 18.53 9.99 -75.52
N THR S 218 17.90 10.26 -74.37
CA THR S 218 16.59 10.89 -74.31
C THR S 218 16.61 12.08 -73.34
N LYS S 219 15.78 13.10 -73.64
CA LYS S 219 15.62 14.25 -72.76
C LYS S 219 14.36 14.08 -71.93
N LEU S 220 14.55 14.13 -70.60
CA LEU S 220 13.45 14.03 -69.65
C LEU S 220 13.20 15.40 -69.04
N GLN S 221 11.97 15.93 -69.23
CA GLN S 221 11.59 17.16 -68.60
C GLN S 221 10.93 16.88 -67.25
N LEU S 222 11.49 17.43 -66.17
CA LEU S 222 10.93 17.31 -64.83
C LEU S 222 10.68 18.70 -64.23
N SER S 223 9.58 18.82 -63.48
CA SER S 223 9.33 20.01 -62.68
C SER S 223 9.77 19.74 -61.25
N LYS S 224 10.65 20.61 -60.71
CA LYS S 224 11.15 20.50 -59.36
C LYS S 224 11.12 21.85 -58.64
N ASN S 225 11.10 21.79 -57.31
CA ASN S 225 11.23 22.96 -56.46
C ASN S 225 12.69 23.36 -56.38
N VAL S 226 12.97 24.63 -56.69
CA VAL S 226 14.28 25.23 -56.52
C VAL S 226 14.18 26.38 -55.52
N LEU S 227 15.28 26.66 -54.81
CA LEU S 227 15.31 27.83 -53.94
C LEU S 227 15.05 29.11 -54.74
N CYS S 228 14.15 29.96 -54.22
CA CYS S 228 13.76 31.18 -54.89
C CYS S 228 14.97 32.10 -55.10
N SER S 229 15.40 32.28 -56.35
CA SER S 229 16.57 33.07 -56.71
C SER S 229 16.54 34.51 -56.17
N ALA S 230 15.34 35.06 -55.91
CA ALA S 230 15.15 36.45 -55.47
C ALA S 230 15.29 36.65 -53.96
N CYS S 231 15.16 35.59 -53.15
CA CYS S 231 15.29 35.69 -51.70
C CYS S 231 16.17 34.58 -51.10
N SER S 232 16.80 33.77 -51.95
CA SER S 232 17.67 32.65 -51.58
C SER S 232 17.09 31.77 -50.48
N GLY S 233 15.76 31.48 -50.57
CA GLY S 233 15.03 30.60 -49.67
C GLY S 233 14.71 31.21 -48.30
N GLN S 234 15.34 32.36 -48.00
CA GLN S 234 15.21 32.96 -46.69
C GLN S 234 13.73 33.28 -46.56
N GLY S 235 13.05 33.15 -47.70
CA GLY S 235 11.66 33.44 -47.78
C GLY S 235 11.66 34.93 -48.02
N GLY S 236 12.01 35.69 -47.00
CA GLY S 236 12.21 37.11 -47.17
C GLY S 236 13.43 37.60 -46.38
N LYS S 237 13.61 38.92 -46.34
CA LYS S 237 14.67 39.53 -45.54
C LYS S 237 14.50 39.12 -44.08
N SER S 238 15.57 39.23 -43.27
CA SER S 238 15.49 38.96 -41.83
C SER S 238 14.50 39.91 -41.20
N GLY S 239 13.39 39.35 -40.66
CA GLY S 239 12.29 40.11 -40.08
C GLY S 239 11.17 40.36 -41.07
N ALA S 240 11.27 39.75 -42.26
CA ALA S 240 10.20 39.76 -43.26
C ALA S 240 9.23 38.61 -42.98
N VAL S 241 9.72 37.59 -42.25
CA VAL S 241 8.94 36.41 -41.96
C VAL S 241 8.05 36.69 -40.74
N GLN S 242 6.74 36.68 -40.96
CA GLN S 242 5.75 36.95 -39.92
C GLN S 242 4.88 35.72 -39.70
N LYS S 243 4.46 35.50 -38.43
CA LYS S 243 3.47 34.49 -38.10
C LYS S 243 2.19 34.79 -38.88
N CYS S 244 1.62 33.75 -39.52
CA CYS S 244 0.35 33.91 -40.17
C CYS S 244 -0.74 34.22 -39.14
N SER S 245 -1.41 35.38 -39.23
CA SER S 245 -2.42 35.86 -38.29
C SER S 245 -3.65 34.95 -38.27
N ALA S 246 -4.00 34.49 -39.47
CA ALA S 246 -5.09 33.61 -39.86
C ALA S 246 -5.17 32.30 -39.07
N CYS S 247 -4.05 31.56 -39.06
CA CYS S 247 -3.94 30.27 -38.40
C CYS S 247 -3.05 30.35 -37.15
N ARG S 248 -2.58 31.54 -36.79
CA ARG S 248 -1.68 31.81 -35.66
C ARG S 248 -0.45 30.88 -35.70
N GLY S 249 0.15 30.70 -36.89
CA GLY S 249 1.32 29.86 -37.05
C GLY S 249 1.05 28.36 -37.19
N ARG S 250 -0.21 27.91 -37.17
CA ARG S 250 -0.54 26.48 -37.19
C ARG S 250 -0.55 25.89 -38.61
N GLY S 251 -0.54 26.71 -39.66
CA GLY S 251 -0.66 26.21 -41.04
C GLY S 251 -2.09 25.80 -41.42
N VAL S 252 -2.92 25.48 -40.41
CA VAL S 252 -4.28 24.96 -40.64
C VAL S 252 -5.32 25.79 -39.87
N ARG S 253 -6.52 25.87 -40.45
CA ARG S 253 -7.68 26.49 -39.84
C ARG S 253 -8.74 25.43 -39.60
N ILE S 254 -9.42 25.52 -38.45
CA ILE S 254 -10.57 24.68 -38.17
C ILE S 254 -11.82 25.40 -38.65
N MET S 255 -12.46 24.85 -39.68
CA MET S 255 -13.72 25.34 -40.20
C MET S 255 -14.87 24.50 -39.67
N ILE S 256 -15.92 25.17 -39.19
CA ILE S 256 -17.10 24.50 -38.67
C ILE S 256 -18.17 24.44 -39.76
N ARG S 257 -18.51 23.23 -40.22
CA ARG S 257 -19.63 23.03 -41.13
C ARG S 257 -20.83 22.48 -40.38
N GLN S 258 -21.98 23.16 -40.36
CA GLN S 258 -23.21 22.53 -39.87
C GLN S 258 -23.69 21.45 -40.82
N LEU S 259 -23.94 20.24 -40.30
CA LEU S 259 -24.64 19.17 -41.03
C LEU S 259 -26.15 19.18 -40.80
N ALA S 260 -26.55 19.57 -39.58
CA ALA S 260 -27.92 19.72 -39.15
C ALA S 260 -27.94 20.64 -37.92
N PRO S 261 -29.03 21.35 -37.52
CA PRO S 261 -28.99 22.10 -36.26
C PRO S 261 -28.69 21.16 -35.07
N GLY S 262 -27.61 21.47 -34.35
CA GLY S 262 -27.13 20.62 -33.27
C GLY S 262 -26.09 19.58 -33.70
N MET S 263 -25.86 19.42 -35.02
CA MET S 263 -24.71 18.66 -35.53
C MET S 263 -23.73 19.57 -36.28
N VAL S 264 -22.59 19.88 -35.67
CA VAL S 264 -21.51 20.63 -36.34
C VAL S 264 -20.31 19.70 -36.59
N GLN S 265 -19.78 19.74 -37.81
CA GLN S 265 -18.54 19.09 -38.17
C GLN S 265 -17.39 20.07 -38.17
N GLN S 266 -16.36 19.80 -37.38
CA GLN S 266 -15.12 20.55 -37.42
C GLN S 266 -14.25 19.86 -38.47
N MET S 267 -13.96 20.61 -39.54
CA MET S 267 -13.02 20.16 -40.55
C MET S 267 -11.75 21.02 -40.44
N GLN S 268 -10.58 20.37 -40.43
CA GLN S 268 -9.30 21.03 -40.54
C GLN S 268 -9.00 21.23 -42.03
N SER S 269 -8.84 22.50 -42.41
CA SER S 269 -8.48 22.89 -43.76
C SER S 269 -7.11 23.55 -43.73
N VAL S 270 -6.31 23.37 -44.79
CA VAL S 270 -5.09 24.14 -44.93
C VAL S 270 -5.46 25.62 -44.95
N CYS S 271 -4.64 26.44 -44.24
CA CYS S 271 -4.93 27.85 -44.10
C CYS S 271 -4.71 28.54 -45.45
N SER S 272 -5.76 29.17 -45.97
CA SER S 272 -5.78 29.92 -47.23
C SER S 272 -4.72 31.04 -47.28
N ASP S 273 -4.39 31.61 -46.12
CA ASP S 273 -3.62 32.85 -46.05
C ASP S 273 -2.11 32.59 -46.07
N CYS S 274 -1.67 31.39 -45.66
CA CYS S 274 -0.27 30.99 -45.71
C CYS S 274 -0.04 29.66 -46.45
N ASN S 275 -1.09 29.10 -47.08
CA ASN S 275 -1.04 27.86 -47.83
C ASN S 275 -0.37 26.72 -47.04
N GLY S 276 -0.54 26.70 -45.71
CA GLY S 276 -0.03 25.63 -44.87
C GLY S 276 1.31 25.92 -44.19
N GLU S 277 2.01 26.98 -44.59
CA GLU S 277 3.37 27.23 -44.12
C GLU S 277 3.37 27.75 -42.66
N GLY S 278 2.27 28.36 -42.21
CA GLY S 278 2.21 28.98 -40.88
C GLY S 278 2.85 30.37 -40.81
N GLU S 279 3.60 30.71 -41.86
CA GLU S 279 4.21 32.02 -42.00
C GLU S 279 3.72 32.78 -43.23
N VAL S 280 3.81 34.11 -43.17
CA VAL S 280 3.53 34.97 -44.30
C VAL S 280 4.72 35.91 -44.52
N ILE S 281 5.13 36.03 -45.77
CA ILE S 281 6.16 36.96 -46.21
C ILE S 281 5.52 37.88 -47.24
N ASN S 282 5.56 39.20 -46.96
CA ASN S 282 5.13 40.22 -47.91
C ASN S 282 5.86 40.03 -49.24
N GLU S 283 5.15 40.16 -50.36
CA GLU S 283 5.67 39.95 -51.70
C GLU S 283 6.99 40.71 -51.95
N LYS S 284 7.05 41.95 -51.47
CA LYS S 284 8.18 42.88 -51.59
C LYS S 284 9.44 42.39 -50.88
N ASP S 285 9.30 41.44 -49.93
CA ASP S 285 10.40 40.92 -49.13
C ASP S 285 10.96 39.61 -49.70
N ARG S 286 10.16 38.87 -50.49
CA ARG S 286 10.59 37.63 -51.12
C ARG S 286 10.83 37.90 -52.60
N CYS S 287 9.77 38.36 -53.29
CA CYS S 287 9.75 38.60 -54.72
C CYS S 287 8.32 38.46 -55.20
N LYS S 288 8.08 38.67 -56.50
CA LYS S 288 6.78 38.46 -57.11
C LYS S 288 6.73 37.04 -57.68
N LYS S 289 7.59 36.14 -57.15
CA LYS S 289 7.78 34.79 -57.66
C LYS S 289 7.22 33.75 -56.69
N CYS S 290 8.02 33.32 -55.69
CA CYS S 290 7.63 32.29 -54.72
C CYS S 290 6.32 32.69 -54.06
N GLU S 291 6.34 33.79 -53.25
CA GLU S 291 5.20 34.39 -52.55
C GLU S 291 5.29 34.02 -51.07
N GLY S 292 6.49 34.17 -50.50
CA GLY S 292 6.75 33.81 -49.12
C GLY S 292 6.91 32.30 -48.96
N LYS S 293 7.08 31.61 -50.10
CA LYS S 293 7.11 30.16 -50.11
C LYS S 293 8.54 29.60 -50.00
N LYS S 294 9.56 30.44 -50.32
CA LYS S 294 10.99 30.13 -50.20
C LYS S 294 11.47 29.26 -51.36
N VAL S 295 10.53 28.67 -52.13
CA VAL S 295 10.86 27.89 -53.32
C VAL S 295 9.98 28.31 -54.51
N ILE S 296 10.45 27.97 -55.72
CA ILE S 296 9.70 28.16 -56.97
C ILE S 296 9.79 26.87 -57.78
N LYS S 297 8.71 26.54 -58.50
CA LYS S 297 8.72 25.42 -59.42
C LYS S 297 9.45 25.81 -60.70
N GLU S 298 10.54 25.08 -60.99
CA GLU S 298 11.32 25.25 -62.20
C GLU S 298 11.26 23.97 -63.01
N VAL S 299 11.33 24.14 -64.33
CA VAL S 299 11.33 23.03 -65.28
C VAL S 299 12.77 22.76 -65.68
N LYS S 300 13.28 21.57 -65.34
CA LYS S 300 14.61 21.15 -65.69
C LYS S 300 14.57 20.01 -66.71
N ILE S 301 15.44 20.10 -67.73
CA ILE S 301 15.61 19.03 -68.71
C ILE S 301 16.87 18.25 -68.34
N LEU S 302 16.69 16.95 -68.04
CA LEU S 302 17.79 16.04 -67.80
C LEU S 302 18.06 15.22 -69.08
N GLU S 303 19.34 15.17 -69.48
CA GLU S 303 19.75 14.28 -70.55
C GLU S 303 20.06 12.91 -69.95
N VAL S 304 19.32 11.89 -70.42
CA VAL S 304 19.40 10.54 -69.90
C VAL S 304 20.03 9.65 -70.95
N HIS S 305 21.15 9.02 -70.57
CA HIS S 305 21.82 8.02 -71.40
C HIS S 305 21.44 6.62 -70.94
N VAL S 306 20.83 5.87 -71.86
CA VAL S 306 20.55 4.45 -71.70
C VAL S 306 21.60 3.70 -72.51
N ASP S 307 22.52 3.04 -71.81
CA ASP S 307 23.59 2.28 -72.41
C ASP S 307 23.09 0.95 -72.99
N LYS S 308 23.84 0.43 -73.97
CA LYS S 308 23.59 -0.89 -74.53
C LYS S 308 23.67 -1.98 -73.46
N GLY S 309 22.67 -2.87 -73.46
CA GLY S 309 22.63 -4.02 -72.59
C GLY S 309 22.10 -3.75 -71.18
N MET S 310 21.72 -2.50 -70.89
CA MET S 310 21.07 -2.19 -69.61
C MET S 310 19.85 -3.09 -69.37
N LYS S 311 19.57 -3.38 -68.09
CA LYS S 311 18.56 -4.35 -67.69
C LYS S 311 17.31 -3.67 -67.15
N HIS S 312 16.19 -4.40 -67.22
CA HIS S 312 14.98 -4.00 -66.50
C HIS S 312 15.28 -3.77 -65.01
N GLY S 313 14.72 -2.70 -64.44
CA GLY S 313 14.92 -2.34 -63.04
C GLY S 313 16.25 -1.65 -62.72
N GLN S 314 17.11 -1.44 -63.72
CA GLN S 314 18.36 -0.73 -63.51
C GLN S 314 18.10 0.75 -63.20
N ARG S 315 18.91 1.32 -62.30
CA ARG S 315 18.74 2.69 -61.82
C ARG S 315 19.76 3.62 -62.48
N ILE S 316 19.28 4.79 -62.94
CA ILE S 316 20.12 5.90 -63.38
C ILE S 316 19.91 7.06 -62.41
N THR S 317 20.98 7.45 -61.70
CA THR S 317 20.90 8.43 -60.62
C THR S 317 21.49 9.77 -61.06
N PHE S 318 20.72 10.84 -60.82
CA PHE S 318 21.14 12.22 -60.97
C PHE S 318 21.27 12.84 -59.58
N THR S 319 22.52 12.98 -59.11
CA THR S 319 22.82 13.38 -57.74
C THR S 319 22.44 14.84 -57.47
N GLY S 320 21.74 15.09 -56.35
CA GLY S 320 21.36 16.43 -55.92
C GLY S 320 20.35 17.13 -56.83
N GLU S 321 19.69 16.36 -57.71
CA GLU S 321 18.77 16.91 -58.69
C GLU S 321 17.32 16.96 -58.22
N ALA S 322 17.00 16.39 -57.05
CA ALA S 322 15.65 16.44 -56.50
C ALA S 322 15.25 17.84 -56.03
N ASP S 323 14.09 17.91 -55.35
CA ASP S 323 13.54 19.13 -54.79
C ASP S 323 14.50 19.76 -53.77
N GLN S 324 14.66 21.09 -53.89
CA GLN S 324 15.40 21.90 -52.93
C GLN S 324 14.44 22.46 -51.87
N ALA S 325 14.90 22.48 -50.62
CA ALA S 325 14.21 23.15 -49.52
C ALA S 325 15.19 23.96 -48.68
N PRO S 326 14.77 25.09 -48.06
CA PRO S 326 15.68 25.88 -47.22
C PRO S 326 16.27 25.09 -46.05
N GLY S 327 17.62 25.07 -46.00
CA GLY S 327 18.36 24.38 -44.96
C GLY S 327 18.44 22.86 -45.14
N VAL S 328 18.04 22.35 -46.32
CA VAL S 328 18.03 20.93 -46.66
C VAL S 328 18.91 20.73 -47.90
N GLU S 329 19.81 19.74 -47.85
CA GLU S 329 20.60 19.34 -49.02
C GLU S 329 19.71 18.52 -49.95
N PRO S 330 19.60 18.83 -51.26
CA PRO S 330 18.69 18.10 -52.16
C PRO S 330 18.99 16.61 -52.25
N GLY S 331 17.91 15.81 -52.36
CA GLY S 331 18.01 14.40 -52.69
C GLY S 331 18.39 14.17 -54.16
N ASP S 332 18.34 12.90 -54.60
CA ASP S 332 18.67 12.52 -55.96
C ASP S 332 17.41 12.26 -56.79
N ILE S 333 17.53 12.43 -58.11
CA ILE S 333 16.54 11.89 -59.04
C ILE S 333 17.02 10.53 -59.52
N VAL S 334 16.22 9.48 -59.22
CA VAL S 334 16.53 8.11 -59.60
C VAL S 334 15.55 7.64 -60.66
N LEU S 335 16.06 7.43 -61.88
CA LEU S 335 15.24 6.87 -62.95
C LEU S 335 15.33 5.35 -62.90
N LEU S 336 14.17 4.70 -62.85
CA LEU S 336 14.08 3.25 -62.88
C LEU S 336 13.71 2.79 -64.29
N LEU S 337 14.59 2.02 -64.93
CA LEU S 337 14.32 1.51 -66.27
C LEU S 337 13.20 0.48 -66.25
N GLN S 338 12.15 0.74 -67.03
CA GLN S 338 11.04 -0.18 -67.24
C GLN S 338 11.06 -0.65 -68.69
N GLU S 339 11.38 -1.93 -68.88
CA GLU S 339 11.40 -2.54 -70.20
C GLU S 339 9.95 -2.69 -70.68
N LYS S 340 9.69 -2.23 -71.91
CA LYS S 340 8.40 -2.44 -72.54
C LYS S 340 8.39 -3.82 -73.19
N GLU S 341 7.21 -4.45 -73.12
CA GLU S 341 6.90 -5.64 -73.89
C GLU S 341 7.18 -5.38 -75.38
N HIS S 342 7.76 -6.39 -76.05
CA HIS S 342 8.07 -6.34 -77.46
C HIS S 342 7.28 -7.42 -78.18
N GLU S 343 6.77 -7.12 -79.39
CA GLU S 343 5.81 -7.98 -80.07
C GLU S 343 6.41 -9.30 -80.56
N VAL S 344 7.67 -9.28 -80.99
CA VAL S 344 8.36 -10.45 -81.56
C VAL S 344 9.28 -11.15 -80.57
N PHE S 345 10.10 -10.35 -79.84
CA PHE S 345 11.14 -10.87 -78.97
C PHE S 345 10.76 -10.76 -77.50
N GLN S 346 11.09 -11.80 -76.74
CA GLN S 346 11.07 -11.80 -75.28
C GLN S 346 12.51 -11.90 -74.80
N ARG S 347 12.86 -11.06 -73.82
CA ARG S 347 14.22 -11.03 -73.32
C ARG S 347 14.35 -11.89 -72.06
N ASP S 348 15.37 -12.75 -72.04
CA ASP S 348 15.80 -13.45 -70.84
C ASP S 348 17.29 -13.16 -70.58
N GLY S 349 17.56 -12.26 -69.62
CA GLY S 349 18.92 -11.82 -69.34
C GLY S 349 19.60 -11.15 -70.54
N ASN S 350 20.56 -11.87 -71.16
CA ASN S 350 21.24 -11.43 -72.37
C ASN S 350 20.72 -12.14 -73.62
N ASP S 351 19.85 -13.15 -73.45
CA ASP S 351 19.32 -13.94 -74.54
C ASP S 351 17.97 -13.37 -74.99
N LEU S 352 17.62 -13.69 -76.25
CA LEU S 352 16.34 -13.34 -76.82
C LEU S 352 15.59 -14.61 -77.20
N HIS S 353 14.27 -14.58 -77.03
CA HIS S 353 13.39 -15.66 -77.41
C HIS S 353 12.36 -15.14 -78.41
N MET S 354 12.06 -15.94 -79.44
CA MET S 354 10.97 -15.64 -80.35
C MET S 354 10.25 -16.92 -80.75
N THR S 355 8.97 -16.79 -81.13
CA THR S 355 8.21 -17.88 -81.74
C THR S 355 8.09 -17.61 -83.24
N TYR S 356 8.46 -18.62 -84.05
CA TYR S 356 8.37 -18.53 -85.50
C TYR S 356 7.45 -19.64 -86.04
N LYS S 357 6.46 -19.25 -86.84
CA LYS S 357 5.51 -20.18 -87.43
C LYS S 357 6.05 -20.66 -88.78
N ILE S 358 6.03 -21.98 -88.99
CA ILE S 358 6.45 -22.62 -90.24
C ILE S 358 5.41 -23.65 -90.67
N GLY S 359 5.29 -23.89 -91.98
CA GLY S 359 4.42 -24.94 -92.51
C GLY S 359 5.02 -26.33 -92.34
N LEU S 360 4.17 -27.38 -92.45
CA LEU S 360 4.62 -28.77 -92.37
C LEU S 360 5.71 -29.08 -93.42
N VAL S 361 5.55 -28.56 -94.64
CA VAL S 361 6.52 -28.73 -95.73
C VAL S 361 7.87 -28.14 -95.33
N GLU S 362 7.89 -26.93 -94.77
CA GLU S 362 9.10 -26.28 -94.29
C GLU S 362 9.78 -27.09 -93.18
N ALA S 363 8.97 -27.61 -92.25
CA ALA S 363 9.42 -28.42 -91.12
C ALA S 363 10.10 -29.73 -91.55
N LEU S 364 9.64 -30.34 -92.67
CA LEU S 364 10.13 -31.62 -93.16
C LEU S 364 11.22 -31.48 -94.23
N CYS S 365 11.12 -30.47 -95.11
CA CYS S 365 11.93 -30.35 -96.31
C CYS S 365 13.01 -29.27 -96.22
N GLY S 366 13.09 -28.53 -95.09
CA GLY S 366 13.98 -27.40 -94.93
C GLY S 366 13.36 -26.09 -95.43
N PHE S 367 13.93 -24.97 -94.97
CA PHE S 367 13.35 -23.66 -95.20
C PHE S 367 14.37 -22.54 -95.05
N GLN S 368 13.98 -21.36 -95.55
CA GLN S 368 14.71 -20.12 -95.36
C GLN S 368 13.70 -19.04 -95.00
N PHE S 369 13.98 -18.30 -93.92
CA PHE S 369 13.16 -17.15 -93.57
C PHE S 369 14.02 -15.95 -93.18
N THR S 370 13.36 -14.79 -93.15
CA THR S 370 14.01 -13.53 -92.78
C THR S 370 13.20 -12.81 -91.71
N PHE S 371 13.90 -12.17 -90.77
CA PHE S 371 13.26 -11.31 -89.78
C PHE S 371 14.13 -10.06 -89.54
N LYS S 372 13.48 -9.02 -89.00
CA LYS S 372 14.14 -7.78 -88.61
C LYS S 372 14.61 -7.89 -87.17
N HIS S 373 15.91 -7.66 -86.94
CA HIS S 373 16.48 -7.63 -85.59
C HIS S 373 16.31 -6.27 -84.93
N LEU S 374 16.72 -6.15 -83.65
CA LEU S 374 16.59 -4.96 -82.83
C LEU S 374 17.46 -3.78 -83.33
N ASP S 375 18.53 -4.07 -84.09
CA ASP S 375 19.35 -3.05 -84.77
C ASP S 375 18.81 -2.66 -86.15
N GLY S 376 17.74 -3.32 -86.60
CA GLY S 376 17.14 -3.07 -87.90
C GLY S 376 17.79 -3.85 -89.04
N ARG S 377 18.83 -4.67 -88.77
CA ARG S 377 19.37 -5.58 -89.77
C ARG S 377 18.35 -6.66 -90.11
N GLN S 378 18.34 -7.09 -91.39
CA GLN S 378 17.60 -8.26 -91.82
C GLN S 378 18.49 -9.49 -91.65
N ILE S 379 18.03 -10.45 -90.83
CA ILE S 379 18.74 -11.71 -90.63
C ILE S 379 18.06 -12.79 -91.46
N VAL S 380 18.87 -13.49 -92.27
CA VAL S 380 18.42 -14.64 -93.04
C VAL S 380 18.80 -15.92 -92.30
N VAL S 381 17.80 -16.67 -91.84
CA VAL S 381 18.00 -17.97 -91.20
C VAL S 381 17.73 -19.06 -92.22
N LYS S 382 18.69 -19.98 -92.36
CA LYS S 382 18.57 -21.11 -93.28
C LYS S 382 18.63 -22.41 -92.47
N TYR S 383 17.68 -23.31 -92.78
CA TYR S 383 17.66 -24.65 -92.23
C TYR S 383 17.79 -25.65 -93.36
N PRO S 384 18.78 -26.58 -93.31
CA PRO S 384 19.10 -27.42 -94.48
C PRO S 384 18.01 -28.46 -94.74
N PRO S 385 17.80 -28.85 -96.02
CA PRO S 385 16.88 -29.94 -96.35
C PRO S 385 17.33 -31.27 -95.75
N GLY S 386 16.37 -32.12 -95.40
CA GLY S 386 16.65 -33.44 -94.83
C GLY S 386 16.81 -33.44 -93.30
N LYS S 387 16.69 -32.27 -92.66
CA LYS S 387 16.59 -32.20 -91.21
C LYS S 387 15.18 -31.75 -90.83
N VAL S 388 14.61 -32.40 -89.81
CA VAL S 388 13.24 -32.17 -89.37
C VAL S 388 13.22 -31.20 -88.19
N ILE S 389 12.25 -30.27 -88.24
CA ILE S 389 11.85 -29.43 -87.12
C ILE S 389 10.59 -30.02 -86.50
N GLU S 390 10.72 -30.50 -85.25
CA GLU S 390 9.59 -30.99 -84.48
C GLU S 390 8.73 -29.83 -83.98
N PRO S 391 7.39 -30.01 -83.85
CA PRO S 391 6.53 -28.99 -83.23
C PRO S 391 6.99 -28.62 -81.82
N GLY S 392 7.15 -27.31 -81.60
CA GLY S 392 7.58 -26.75 -80.33
C GLY S 392 9.10 -26.84 -80.09
N CYS S 393 9.88 -27.41 -81.02
CA CYS S 393 11.33 -27.50 -80.81
C CYS S 393 12.00 -26.13 -80.86
N VAL S 394 13.13 -26.01 -80.15
CA VAL S 394 13.89 -24.77 -80.08
C VAL S 394 15.21 -24.93 -80.83
N ARG S 395 15.58 -23.90 -81.61
CA ARG S 395 16.89 -23.78 -82.23
C ARG S 395 17.52 -22.44 -81.84
N VAL S 396 18.84 -22.36 -82.01
CA VAL S 396 19.61 -21.20 -81.57
C VAL S 396 20.32 -20.54 -82.76
N VAL S 397 20.25 -19.19 -82.79
CA VAL S 397 21.09 -18.37 -83.64
C VAL S 397 22.09 -17.67 -82.71
N ARG S 398 23.34 -18.13 -82.76
CA ARG S 398 24.37 -17.69 -81.81
C ARG S 398 24.78 -16.24 -82.05
N GLY S 399 24.95 -15.47 -80.96
CA GLY S 399 25.42 -14.09 -80.99
C GLY S 399 24.40 -13.06 -81.47
N GLU S 400 23.12 -13.47 -81.61
CA GLU S 400 22.02 -12.60 -82.01
C GLU S 400 21.06 -12.30 -80.84
N GLY S 401 21.54 -12.43 -79.59
CA GLY S 401 20.83 -11.95 -78.41
C GLY S 401 21.14 -10.48 -78.07
N MET S 402 20.81 -10.08 -76.83
CA MET S 402 21.09 -8.75 -76.31
C MET S 402 22.59 -8.55 -76.03
N PRO S 403 23.14 -7.31 -76.21
CA PRO S 403 24.50 -7.00 -75.78
C PRO S 403 24.62 -7.03 -74.27
N GLN S 404 25.79 -7.42 -73.77
CA GLN S 404 26.09 -7.36 -72.34
C GLN S 404 26.32 -5.90 -71.91
N TYR S 405 25.74 -5.51 -70.77
CA TYR S 405 26.00 -4.20 -70.19
C TYR S 405 27.50 -4.02 -69.88
N ARG S 406 28.07 -2.88 -70.33
CA ARG S 406 29.49 -2.53 -70.18
C ARG S 406 30.43 -3.30 -71.11
N ASN S 407 29.94 -4.40 -71.73
CA ASN S 407 30.71 -5.16 -72.70
C ASN S 407 29.86 -5.44 -73.95
N PRO S 408 29.49 -4.39 -74.73
CA PRO S 408 28.53 -4.53 -75.83
C PRO S 408 29.02 -5.32 -77.05
N PHE S 409 30.30 -5.73 -77.05
CA PHE S 409 30.89 -6.61 -78.05
C PHE S 409 30.48 -8.07 -77.83
N GLU S 410 30.17 -8.43 -76.57
CA GLU S 410 29.61 -9.73 -76.25
C GLU S 410 28.08 -9.64 -76.24
N LYS S 411 27.46 -10.64 -76.87
CA LYS S 411 26.01 -10.74 -76.95
C LYS S 411 25.58 -12.13 -76.48
N GLY S 412 24.34 -12.22 -75.99
CA GLY S 412 23.69 -13.50 -75.81
C GLY S 412 23.27 -14.11 -77.15
N ASP S 413 22.41 -15.12 -77.05
CA ASP S 413 21.92 -15.89 -78.19
C ASP S 413 20.43 -15.61 -78.46
N LEU S 414 19.98 -15.90 -79.69
CA LEU S 414 18.56 -15.88 -80.04
C LEU S 414 18.02 -17.31 -80.13
N TYR S 415 17.07 -17.63 -79.25
CA TYR S 415 16.34 -18.89 -79.25
C TYR S 415 15.03 -18.74 -80.02
N ILE S 416 14.84 -19.62 -81.02
CA ILE S 416 13.66 -19.61 -81.86
C ILE S 416 12.87 -20.89 -81.57
N LYS S 417 11.67 -20.73 -81.00
CA LYS S 417 10.71 -21.80 -80.86
C LYS S 417 9.89 -21.91 -82.14
N PHE S 418 9.87 -23.11 -82.74
CA PHE S 418 9.11 -23.34 -83.97
C PHE S 418 7.70 -23.85 -83.69
N ASP S 419 6.73 -23.14 -84.25
CA ASP S 419 5.33 -23.52 -84.21
C ASP S 419 4.95 -24.08 -85.58
N VAL S 420 4.82 -25.41 -85.68
CA VAL S 420 4.59 -26.10 -86.95
C VAL S 420 3.08 -26.13 -87.26
N GLN S 421 2.71 -25.44 -88.32
CA GLN S 421 1.34 -25.36 -88.81
C GLN S 421 1.04 -26.52 -89.76
N PHE S 422 0.15 -27.41 -89.30
CA PHE S 422 -0.43 -28.45 -90.14
C PHE S 422 -1.40 -27.86 -91.16
N PRO S 423 -1.54 -28.47 -92.35
CA PRO S 423 -2.55 -28.07 -93.33
C PRO S 423 -3.95 -28.32 -92.77
N GLU S 424 -4.93 -27.59 -93.30
CA GLU S 424 -6.31 -27.74 -92.85
C GLU S 424 -6.93 -29.07 -93.28
N ASN S 425 -8.11 -29.33 -92.70
CA ASN S 425 -9.03 -30.41 -93.01
C ASN S 425 -9.29 -30.50 -94.53
N ASN S 426 -9.20 -31.71 -95.11
CA ASN S 426 -9.46 -31.97 -96.53
C ASN S 426 -8.45 -31.34 -97.51
N TRP S 427 -7.21 -31.02 -97.07
CA TRP S 427 -6.26 -30.30 -97.95
C TRP S 427 -5.80 -31.13 -99.16
N ILE S 428 -5.90 -32.46 -99.04
CA ILE S 428 -5.49 -33.40 -100.09
C ILE S 428 -6.62 -34.40 -100.40
N ASN S 429 -6.77 -34.75 -101.69
CA ASN S 429 -7.70 -35.78 -102.13
C ASN S 429 -7.30 -37.13 -101.53
N PRO S 430 -8.24 -37.89 -100.88
CA PRO S 430 -7.97 -39.25 -100.39
C PRO S 430 -7.17 -40.19 -101.31
N ASP S 431 -7.36 -40.08 -102.63
CA ASP S 431 -6.64 -40.90 -103.61
C ASP S 431 -5.12 -40.74 -103.54
N LYS S 432 -4.64 -39.58 -103.05
CA LYS S 432 -3.22 -39.24 -102.95
C LYS S 432 -2.60 -39.57 -101.59
N LEU S 433 -3.42 -40.06 -100.64
CA LEU S 433 -2.94 -40.40 -99.31
C LEU S 433 -1.97 -41.58 -99.34
N SER S 434 -2.21 -42.51 -100.28
CA SER S 434 -1.36 -43.68 -100.55
C SER S 434 0.05 -43.24 -100.96
N GLU S 435 0.15 -42.33 -101.94
CA GLU S 435 1.41 -41.76 -102.42
C GLU S 435 2.19 -41.09 -101.27
N LEU S 436 1.48 -40.41 -100.35
CA LEU S 436 2.10 -39.75 -99.20
C LEU S 436 2.62 -40.78 -98.18
N GLU S 437 1.85 -41.87 -97.97
CA GLU S 437 2.24 -42.92 -97.04
C GLU S 437 3.52 -43.63 -97.51
N ASP S 438 3.63 -43.88 -98.82
CA ASP S 438 4.80 -44.50 -99.45
C ASP S 438 6.09 -43.69 -99.29
N LEU S 439 5.96 -42.36 -99.11
CA LEU S 439 7.10 -41.45 -99.02
C LEU S 439 7.60 -41.37 -97.56
N GLY T 198 11.15 -55.67 -29.03
CA GLY T 198 9.68 -55.47 -28.85
C GLY T 198 8.96 -56.81 -28.80
N GLU T 199 7.70 -56.74 -28.41
CA GLU T 199 6.82 -57.89 -28.27
C GLU T 199 6.39 -58.39 -29.65
N ASP T 200 6.32 -59.72 -29.81
CA ASP T 200 5.81 -60.35 -31.02
C ASP T 200 4.28 -60.27 -31.05
N MET T 201 3.71 -60.05 -32.25
CA MET T 201 2.27 -59.98 -32.44
C MET T 201 1.75 -61.28 -33.08
N MET T 202 0.84 -61.96 -32.38
CA MET T 202 0.25 -63.20 -32.87
C MET T 202 -1.12 -62.94 -33.48
N HIS T 203 -1.31 -63.41 -34.73
CA HIS T 203 -2.58 -63.27 -35.42
C HIS T 203 -3.08 -64.61 -35.96
N PRO T 204 -4.32 -65.05 -35.64
CA PRO T 204 -4.89 -66.25 -36.24
C PRO T 204 -5.29 -65.99 -37.69
N LEU T 205 -4.80 -66.85 -38.61
CA LEU T 205 -5.21 -66.84 -39.99
C LEU T 205 -6.10 -68.05 -40.28
N LYS T 206 -7.39 -67.81 -40.47
CA LYS T 206 -8.35 -68.85 -40.81
C LYS T 206 -8.23 -69.26 -42.27
N VAL T 207 -7.92 -70.55 -42.51
CA VAL T 207 -7.69 -71.14 -43.83
C VAL T 207 -8.63 -72.33 -44.02
N SER T 208 -9.16 -72.51 -45.24
CA SER T 208 -9.98 -73.68 -45.56
C SER T 208 -9.10 -74.87 -46.01
N LEU T 209 -9.69 -76.08 -46.09
CA LEU T 209 -8.99 -77.25 -46.61
C LEU T 209 -8.56 -77.06 -48.06
N GLU T 210 -9.39 -76.38 -48.87
CA GLU T 210 -9.08 -76.05 -50.27
C GLU T 210 -7.87 -75.11 -50.35
N ASP T 211 -7.78 -74.12 -49.45
CA ASP T 211 -6.65 -73.21 -49.33
C ASP T 211 -5.36 -73.98 -49.03
N LEU T 212 -5.44 -74.97 -48.12
CA LEU T 212 -4.31 -75.79 -47.70
C LEU T 212 -3.91 -76.83 -48.75
N TYR T 213 -4.87 -77.27 -49.58
CA TYR T 213 -4.63 -78.26 -50.63
C TYR T 213 -4.03 -77.61 -51.88
N ASN T 214 -4.61 -76.49 -52.32
CA ASN T 214 -4.21 -75.82 -53.56
C ASN T 214 -3.08 -74.81 -53.36
N GLY T 215 -2.88 -74.36 -52.10
CA GLY T 215 -2.06 -73.19 -51.82
C GLY T 215 -2.84 -71.89 -52.04
N LYS T 216 -2.51 -70.86 -51.26
CA LYS T 216 -3.21 -69.60 -51.34
C LYS T 216 -2.28 -68.43 -51.01
N THR T 217 -2.37 -67.39 -51.84
CA THR T 217 -1.79 -66.10 -51.53
C THR T 217 -2.91 -65.15 -51.09
N THR T 218 -2.78 -64.60 -49.88
CA THR T 218 -3.75 -63.66 -49.36
C THR T 218 -3.08 -62.40 -48.82
N LYS T 219 -3.77 -61.25 -48.92
CA LYS T 219 -3.28 -60.00 -48.37
C LYS T 219 -3.93 -59.74 -47.01
N LEU T 220 -3.08 -59.57 -45.99
CA LEU T 220 -3.52 -59.28 -44.64
C LEU T 220 -3.21 -57.83 -44.33
N GLN T 221 -4.27 -57.05 -44.03
CA GLN T 221 -4.09 -55.68 -43.59
C GLN T 221 -3.98 -55.63 -42.06
N LEU T 222 -2.86 -55.10 -41.55
CA LEU T 222 -2.64 -54.91 -40.12
C LEU T 222 -2.35 -53.43 -39.83
N SER T 223 -2.84 -52.96 -38.68
CA SER T 223 -2.48 -51.64 -38.16
C SER T 223 -1.40 -51.82 -37.11
N LYS T 224 -0.26 -51.13 -37.29
CA LYS T 224 0.86 -51.19 -36.37
C LYS T 224 1.40 -49.80 -36.05
N ASN T 225 2.07 -49.68 -34.92
CA ASN T 225 2.78 -48.47 -34.55
C ASN T 225 4.13 -48.44 -35.27
N VAL T 226 4.38 -47.32 -35.97
CA VAL T 226 5.65 -47.04 -36.60
C VAL T 226 6.25 -45.78 -35.98
N LEU T 227 7.59 -45.68 -35.98
CA LEU T 227 8.24 -44.46 -35.55
C LEU T 227 7.77 -43.27 -36.39
N CYS T 228 7.42 -42.17 -35.73
CA CYS T 228 6.91 -40.99 -36.38
C CYS T 228 7.94 -40.42 -37.36
N SER T 229 7.67 -40.51 -38.66
CA SER T 229 8.58 -40.07 -39.73
C SER T 229 9.04 -38.62 -39.59
N ALA T 230 8.24 -37.77 -38.92
CA ALA T 230 8.52 -36.34 -38.80
C ALA T 230 9.46 -35.98 -37.63
N CYS T 231 9.62 -36.86 -36.63
CA CYS T 231 10.51 -36.61 -35.50
C CYS T 231 11.40 -37.81 -35.17
N SER T 232 11.37 -38.87 -36.00
CA SER T 232 12.14 -40.10 -35.86
C SER T 232 12.10 -40.66 -34.44
N GLY T 233 10.91 -40.63 -33.80
CA GLY T 233 10.64 -41.19 -32.47
C GLY T 233 11.17 -40.34 -31.30
N GLN T 234 12.02 -39.35 -31.63
CA GLN T 234 12.69 -38.57 -30.61
C GLN T 234 11.56 -37.90 -29.86
N GLY T 235 10.38 -38.00 -30.45
CA GLY T 235 9.20 -37.39 -29.91
C GLY T 235 9.28 -35.99 -30.46
N GLY T 236 10.24 -35.22 -29.95
CA GLY T 236 10.51 -33.92 -30.53
C GLY T 236 12.01 -33.65 -30.58
N LYS T 237 12.38 -32.41 -30.93
CA LYS T 237 13.77 -31.97 -30.93
C LYS T 237 14.34 -32.15 -29.53
N SER T 238 15.68 -32.20 -29.38
CA SER T 238 16.33 -32.25 -28.08
C SER T 238 15.96 -31.01 -27.27
N GLY T 239 15.24 -31.21 -26.16
CA GLY T 239 14.73 -30.14 -25.30
C GLY T 239 13.29 -29.75 -25.66
N ALA T 240 12.66 -30.52 -26.56
CA ALA T 240 11.25 -30.38 -26.89
C ALA T 240 10.43 -31.22 -25.90
N VAL T 241 11.07 -32.22 -25.30
CA VAL T 241 10.40 -33.13 -24.39
C VAL T 241 10.34 -32.50 -22.99
N GLN T 242 9.12 -32.21 -22.54
CA GLN T 242 8.88 -31.57 -21.24
C GLN T 242 8.09 -32.53 -20.35
N LYS T 243 8.37 -32.47 -19.03
CA LYS T 243 7.56 -33.16 -18.03
C LYS T 243 6.13 -32.66 -18.12
N CYS T 244 5.17 -33.59 -18.14
CA CYS T 244 3.78 -33.22 -18.11
C CYS T 244 3.44 -32.53 -16.78
N SER T 245 3.01 -31.25 -16.81
CA SER T 245 2.72 -30.43 -15.64
C SER T 245 1.57 -31.00 -14.81
N ALA T 246 0.58 -31.51 -15.54
CA ALA T 246 -0.68 -32.13 -15.14
C ALA T 246 -0.51 -33.27 -14.13
N CYS T 247 0.32 -34.25 -14.49
CA CYS T 247 0.58 -35.44 -13.69
C CYS T 247 1.99 -35.43 -13.08
N ARG T 248 2.75 -34.35 -13.29
CA ARG T 248 4.13 -34.17 -12.84
C ARG T 248 5.02 -35.36 -13.24
N GLY T 249 4.87 -35.84 -14.49
CA GLY T 249 5.65 -36.95 -15.00
C GLY T 249 5.13 -38.34 -14.63
N ARG T 250 4.02 -38.46 -13.91
CA ARG T 250 3.53 -39.75 -13.42
C ARG T 250 2.70 -40.51 -14.47
N GLY T 251 2.26 -39.86 -15.55
CA GLY T 251 1.38 -40.48 -16.54
C GLY T 251 -0.08 -40.57 -16.07
N VAL T 252 -0.30 -40.56 -14.74
CA VAL T 252 -1.63 -40.75 -14.16
C VAL T 252 -1.99 -39.60 -13.20
N ARG T 253 -3.29 -39.31 -13.13
CA ARG T 253 -3.85 -38.34 -12.21
C ARG T 253 -4.78 -39.07 -11.23
N ILE T 254 -4.75 -38.65 -9.96
CA ILE T 254 -5.68 -39.16 -8.98
C ILE T 254 -6.89 -38.23 -8.95
N MET T 255 -8.04 -38.75 -9.38
CA MET T 255 -9.31 -38.03 -9.33
C MET T 255 -10.11 -38.51 -8.12
N ILE T 256 -10.65 -37.53 -7.38
CA ILE T 256 -11.45 -37.82 -6.20
C ILE T 256 -12.94 -37.77 -6.58
N ARG T 257 -13.63 -38.91 -6.50
CA ARG T 257 -15.08 -38.96 -6.67
C ARG T 257 -15.76 -39.09 -5.30
N GLN T 258 -16.62 -38.15 -4.90
CA GLN T 258 -17.45 -38.39 -3.72
C GLN T 258 -18.53 -39.44 -4.02
N LEU T 259 -18.62 -40.48 -3.17
CA LEU T 259 -19.73 -41.44 -3.17
C LEU T 259 -20.87 -41.02 -2.23
N ALA T 260 -20.52 -40.40 -1.11
CA ALA T 260 -21.40 -39.84 -0.11
C ALA T 260 -20.65 -38.79 0.70
N PRO T 261 -21.26 -37.80 1.39
CA PRO T 261 -20.44 -36.89 2.22
C PRO T 261 -19.68 -37.68 3.30
N GLY T 262 -18.36 -37.55 3.29
CA GLY T 262 -17.47 -38.32 4.17
C GLY T 262 -16.99 -39.65 3.57
N MET T 263 -17.53 -40.05 2.39
CA MET T 263 -16.94 -41.13 1.59
C MET T 263 -16.40 -40.60 0.26
N VAL T 264 -15.08 -40.50 0.12
CA VAL T 264 -14.44 -40.15 -1.15
C VAL T 264 -13.69 -41.36 -1.70
N GLN T 265 -13.88 -41.62 -3.00
CA GLN T 265 -13.13 -42.60 -3.76
C GLN T 265 -12.04 -41.93 -4.56
N GLN T 266 -10.79 -42.35 -4.34
CA GLN T 266 -9.67 -41.92 -5.15
C GLN T 266 -9.59 -42.93 -6.29
N MET T 267 -9.80 -42.44 -7.51
CA MET T 267 -9.60 -43.22 -8.72
C MET T 267 -8.36 -42.70 -9.44
N GLN T 268 -7.46 -43.60 -9.85
CA GLN T 268 -6.36 -43.30 -10.73
C GLN T 268 -6.86 -43.37 -12.16
N SER T 269 -6.75 -42.24 -12.87
CA SER T 269 -7.10 -42.13 -14.26
C SER T 269 -5.82 -41.82 -15.06
N VAL T 270 -5.75 -42.31 -16.30
CA VAL T 270 -4.68 -41.90 -17.19
C VAL T 270 -4.78 -40.38 -17.37
N CYS T 271 -3.62 -39.71 -17.36
CA CYS T 271 -3.58 -38.26 -17.44
C CYS T 271 -4.00 -37.83 -18.84
N SER T 272 -5.08 -37.03 -18.91
CA SER T 272 -5.64 -36.47 -20.15
C SER T 272 -4.63 -35.65 -20.95
N ASP T 273 -3.65 -35.03 -20.28
CA ASP T 273 -2.79 -34.02 -20.89
C ASP T 273 -1.57 -34.64 -21.58
N CYS T 274 -1.16 -35.85 -21.16
CA CYS T 274 -0.07 -36.59 -21.79
C CYS T 274 -0.44 -38.01 -22.21
N ASN T 275 -1.74 -38.37 -22.10
CA ASN T 275 -2.27 -39.69 -22.46
C ASN T 275 -1.45 -40.83 -21.85
N GLY T 276 -0.90 -40.63 -20.65
CA GLY T 276 -0.18 -41.68 -19.94
C GLY T 276 1.33 -41.66 -20.09
N GLU T 277 1.87 -40.85 -21.01
CA GLU T 277 3.30 -40.87 -21.33
C GLU T 277 4.13 -40.20 -20.22
N GLY T 278 3.52 -39.28 -19.46
CA GLY T 278 4.27 -38.51 -18.46
C GLY T 278 5.04 -37.31 -19.04
N GLU T 279 5.17 -37.30 -20.35
CA GLU T 279 5.79 -36.20 -21.08
C GLU T 279 4.84 -35.51 -22.05
N VAL T 280 5.14 -34.25 -22.37
CA VAL T 280 4.42 -33.50 -23.38
C VAL T 280 5.45 -32.91 -24.36
N ILE T 281 5.14 -33.05 -25.65
CA ILE T 281 5.92 -32.46 -26.74
C ILE T 281 4.97 -31.56 -27.51
N ASN T 282 5.33 -30.27 -27.61
CA ASN T 282 4.61 -29.31 -28.43
C ASN T 282 4.51 -29.84 -29.86
N GLU T 283 3.33 -29.68 -30.49
CA GLU T 283 3.05 -30.18 -31.82
C GLU T 283 4.13 -29.80 -32.84
N LYS T 284 4.60 -28.57 -32.77
CA LYS T 284 5.61 -27.96 -33.63
C LYS T 284 6.98 -28.66 -33.54
N ASP T 285 7.22 -29.40 -32.45
CA ASP T 285 8.50 -30.06 -32.20
C ASP T 285 8.48 -31.54 -32.64
N ARG T 286 7.29 -32.15 -32.73
CA ARG T 286 7.14 -33.53 -33.18
C ARG T 286 6.61 -33.51 -34.60
N CYS T 287 5.42 -32.92 -34.78
CA CYS T 287 4.69 -32.86 -36.03
C CYS T 287 3.21 -32.70 -35.70
N LYS T 288 2.36 -32.62 -36.73
CA LYS T 288 0.92 -32.57 -36.55
C LYS T 288 0.38 -34.00 -36.69
N LYS T 289 1.24 -35.01 -36.45
CA LYS T 289 0.94 -36.42 -36.66
C LYS T 289 0.84 -37.16 -35.31
N CYS T 290 1.98 -37.64 -34.76
CA CYS T 290 2.00 -38.40 -33.52
C CYS T 290 1.32 -37.62 -32.41
N GLU T 291 1.91 -36.46 -32.00
CA GLU T 291 1.41 -35.53 -31.00
C GLU T 291 2.21 -35.70 -29.71
N GLY T 292 3.54 -35.78 -29.85
CA GLY T 292 4.44 -36.01 -28.73
C GLY T 292 4.43 -37.48 -28.32
N LYS T 293 3.89 -38.34 -29.19
CA LYS T 293 3.70 -39.75 -28.89
C LYS T 293 4.88 -40.61 -29.36
N LYS T 294 5.69 -40.09 -30.31
CA LYS T 294 6.90 -40.72 -30.83
C LYS T 294 6.56 -41.83 -31.84
N VAL T 295 5.29 -42.26 -31.90
CA VAL T 295 4.82 -43.24 -32.87
C VAL T 295 3.53 -42.78 -33.54
N ILE T 296 3.24 -43.38 -34.71
CA ILE T 296 1.98 -43.17 -35.44
C ILE T 296 1.44 -44.53 -35.85
N LYS T 297 0.12 -44.68 -35.86
CA LYS T 297 -0.52 -45.88 -36.39
C LYS T 297 -0.53 -45.85 -37.90
N GLU T 298 0.14 -46.84 -38.51
CA GLU T 298 0.19 -47.03 -39.95
C GLU T 298 -0.47 -48.36 -40.31
N VAL T 299 -1.08 -48.37 -41.49
CA VAL T 299 -1.74 -49.55 -42.03
C VAL T 299 -0.77 -50.22 -43.00
N LYS T 300 -0.34 -51.44 -42.67
CA LYS T 300 0.55 -52.21 -43.54
C LYS T 300 -0.19 -53.43 -44.11
N ILE T 301 0.02 -53.69 -45.41
CA ILE T 301 -0.50 -54.87 -46.06
C ILE T 301 0.64 -55.88 -46.19
N LEU T 302 0.46 -57.04 -45.54
CA LEU T 302 1.38 -58.17 -45.67
C LEU T 302 0.82 -59.17 -46.68
N GLU T 303 1.67 -59.59 -47.62
CA GLU T 303 1.35 -60.69 -48.51
C GLU T 303 1.72 -62.01 -47.84
N VAL T 304 0.70 -62.85 -47.63
CA VAL T 304 0.86 -64.11 -46.92
C VAL T 304 0.71 -65.26 -47.90
N HIS T 305 1.76 -66.09 -47.98
CA HIS T 305 1.75 -67.31 -48.77
C HIS T 305 1.47 -68.51 -47.87
N VAL T 306 0.37 -69.21 -48.16
CA VAL T 306 0.02 -70.48 -47.56
C VAL T 306 0.36 -71.56 -48.58
N ASP T 307 1.42 -72.33 -48.27
CA ASP T 307 1.89 -73.41 -49.13
C ASP T 307 0.97 -74.63 -49.05
N LYS T 308 1.02 -75.44 -50.12
CA LYS T 308 0.34 -76.72 -50.16
C LYS T 308 0.81 -77.65 -49.04
N GLY T 309 -0.16 -78.26 -48.35
CA GLY T 309 0.10 -79.26 -47.33
C GLY T 309 0.43 -78.68 -45.95
N MET T 310 0.43 -77.35 -45.79
CA MET T 310 0.61 -76.73 -44.49
C MET T 310 -0.42 -77.26 -43.48
N LYS T 311 -0.02 -77.30 -42.20
CA LYS T 311 -0.80 -77.95 -41.15
C LYS T 311 -1.47 -76.92 -40.25
N HIS T 312 -2.55 -77.36 -39.59
CA HIS T 312 -3.13 -76.59 -38.49
C HIS T 312 -2.07 -76.26 -37.43
N GLY T 313 -2.09 -75.01 -36.93
CA GLY T 313 -1.15 -74.53 -35.93
C GLY T 313 0.24 -74.16 -36.48
N GLN T 314 0.47 -74.29 -37.78
CA GLN T 314 1.74 -73.88 -38.38
C GLN T 314 1.89 -72.35 -38.34
N ARG T 315 3.11 -71.89 -38.11
CA ARG T 315 3.43 -70.47 -37.95
C ARG T 315 4.07 -69.90 -39.21
N ILE T 316 3.58 -68.72 -39.65
CA ILE T 316 4.21 -67.91 -40.69
C ILE T 316 4.71 -66.63 -40.04
N THR T 317 6.05 -66.43 -40.04
CA THR T 317 6.67 -65.31 -39.33
C THR T 317 7.13 -64.23 -40.30
N PHE T 318 6.76 -62.98 -39.99
CA PHE T 318 7.24 -61.78 -40.64
C PHE T 318 8.16 -61.03 -39.67
N THR T 319 9.47 -61.14 -39.92
CA THR T 319 10.50 -60.66 -39.00
C THR T 319 10.54 -59.12 -38.94
N GLY T 320 10.56 -58.56 -37.71
CA GLY T 320 10.67 -57.12 -37.48
C GLY T 320 9.43 -56.33 -37.92
N GLU T 321 8.31 -57.02 -38.16
CA GLU T 321 7.10 -56.39 -38.67
C GLU T 321 6.13 -55.94 -37.58
N ALA T 322 6.40 -56.25 -36.30
CA ALA T 322 5.56 -55.82 -35.18
C ALA T 322 5.67 -54.31 -34.93
N ASP T 323 5.05 -53.88 -33.82
CA ASP T 323 5.08 -52.51 -33.35
C ASP T 323 6.51 -51.99 -33.11
N GLN T 324 6.76 -50.78 -33.60
CA GLN T 324 7.99 -50.05 -33.34
C GLN T 324 7.83 -49.14 -32.11
N ALA T 325 8.88 -49.08 -31.29
CA ALA T 325 8.95 -48.13 -30.18
C ALA T 325 10.34 -47.48 -30.15
N PRO T 326 10.48 -46.21 -29.69
CA PRO T 326 11.79 -45.56 -29.60
C PRO T 326 12.79 -46.32 -28.74
N GLY T 327 13.94 -46.65 -29.33
CA GLY T 327 15.01 -47.37 -28.64
C GLY T 327 14.78 -48.88 -28.49
N VAL T 328 13.75 -49.41 -29.17
CA VAL T 328 13.36 -50.81 -29.12
C VAL T 328 13.42 -51.38 -30.54
N GLU T 329 14.06 -52.54 -30.71
CA GLU T 329 14.05 -53.27 -31.98
C GLU T 329 12.71 -53.96 -32.15
N PRO T 330 11.96 -53.80 -33.26
CA PRO T 330 10.63 -54.39 -33.40
C PRO T 330 10.61 -55.91 -33.27
N GLY T 331 9.55 -56.43 -32.65
CA GLY T 331 9.24 -57.86 -32.65
C GLY T 331 8.76 -58.35 -34.03
N ASP T 332 8.32 -59.62 -34.07
CA ASP T 332 7.83 -60.25 -35.29
C ASP T 332 6.30 -60.30 -35.31
N ILE T 333 5.72 -60.33 -36.53
CA ILE T 333 4.34 -60.73 -36.69
C ILE T 333 4.28 -62.22 -37.01
N VAL T 334 3.63 -63.00 -36.14
CA VAL T 334 3.50 -64.44 -36.28
C VAL T 334 2.05 -64.78 -36.59
N LEU T 335 1.81 -65.27 -37.81
CA LEU T 335 0.49 -65.74 -38.18
C LEU T 335 0.37 -67.23 -37.83
N LEU T 336 -0.68 -67.56 -37.07
CA LEU T 336 -0.97 -68.94 -36.71
C LEU T 336 -2.08 -69.47 -37.61
N LEU T 337 -1.79 -70.51 -38.40
CA LEU T 337 -2.79 -71.10 -39.27
C LEU T 337 -3.87 -71.82 -38.46
N GLN T 338 -5.12 -71.41 -38.67
CA GLN T 338 -6.28 -72.06 -38.10
C GLN T 338 -7.10 -72.71 -39.22
N GLU T 339 -7.13 -74.03 -39.23
CA GLU T 339 -7.88 -74.79 -40.21
C GLU T 339 -9.37 -74.65 -39.87
N LYS T 340 -10.16 -74.30 -40.89
CA LYS T 340 -11.61 -74.26 -40.75
C LYS T 340 -12.15 -75.67 -40.96
N GLU T 341 -13.19 -75.99 -40.19
CA GLU T 341 -14.03 -77.16 -40.43
C GLU T 341 -14.54 -77.16 -41.86
N HIS T 342 -14.55 -78.34 -42.48
CA HIS T 342 -15.01 -78.55 -43.83
C HIS T 342 -16.22 -79.49 -43.81
N GLU T 343 -17.22 -79.23 -44.66
CA GLU T 343 -18.52 -79.90 -44.58
C GLU T 343 -18.46 -81.38 -44.96
N VAL T 344 -17.60 -81.73 -45.94
CA VAL T 344 -17.50 -83.10 -46.47
C VAL T 344 -16.30 -83.86 -45.90
N PHE T 345 -15.13 -83.21 -45.88
CA PHE T 345 -13.86 -83.85 -45.52
C PHE T 345 -13.41 -83.45 -44.12
N GLN T 346 -12.88 -84.45 -43.39
CA GLN T 346 -12.14 -84.25 -42.16
C GLN T 346 -10.69 -84.64 -42.42
N ARG T 347 -9.76 -83.79 -41.97
CA ARG T 347 -8.35 -84.03 -42.22
C ARG T 347 -7.71 -84.73 -41.02
N ASP T 348 -6.96 -85.81 -41.29
CA ASP T 348 -6.07 -86.42 -40.32
C ASP T 348 -4.66 -86.47 -40.89
N GLY T 349 -3.79 -85.56 -40.42
CA GLY T 349 -2.44 -85.43 -40.95
C GLY T 349 -2.41 -85.11 -42.45
N ASN T 350 -2.01 -86.11 -43.27
CA ASN T 350 -2.02 -86.01 -44.72
C ASN T 350 -3.22 -86.72 -45.35
N ASP T 351 -3.98 -87.47 -44.55
CA ASP T 351 -5.13 -88.23 -45.02
C ASP T 351 -6.42 -87.41 -44.88
N LEU T 352 -7.41 -87.79 -45.70
CA LEU T 352 -8.74 -87.21 -45.64
C LEU T 352 -9.75 -88.31 -45.30
N HIS T 353 -10.76 -87.93 -44.52
CA HIS T 353 -11.87 -88.81 -44.16
C HIS T 353 -13.18 -88.18 -44.63
N MET T 354 -14.08 -89.01 -45.16
CA MET T 354 -15.43 -88.56 -45.47
C MET T 354 -16.43 -89.68 -45.16
N THR T 355 -17.68 -89.29 -44.88
CA THR T 355 -18.78 -90.22 -44.78
C THR T 355 -19.63 -90.13 -46.05
N TYR T 356 -19.90 -91.30 -46.66
CA TYR T 356 -20.73 -91.37 -47.86
C TYR T 356 -21.92 -92.28 -47.61
N LYS T 357 -23.13 -91.77 -47.90
CA LYS T 357 -24.37 -92.52 -47.70
C LYS T 357 -24.70 -93.28 -48.98
N ILE T 358 -25.01 -94.57 -48.84
CA ILE T 358 -25.40 -95.45 -49.95
C ILE T 358 -26.65 -96.25 -49.56
N GLY T 359 -27.47 -96.61 -50.55
CA GLY T 359 -28.62 -97.47 -50.33
C GLY T 359 -28.24 -98.94 -50.14
N LEU T 360 -29.16 -99.75 -49.59
CA LEU T 360 -28.94 -101.19 -49.41
C LEU T 360 -28.62 -101.89 -50.74
N VAL T 361 -29.32 -101.50 -51.82
CA VAL T 361 -29.10 -102.05 -53.16
C VAL T 361 -27.67 -101.77 -53.63
N GLU T 362 -27.18 -100.54 -53.44
CA GLU T 362 -25.82 -100.13 -53.78
C GLU T 362 -24.79 -100.93 -52.98
N ALA T 363 -25.05 -101.13 -51.68
CA ALA T 363 -24.20 -101.87 -50.76
C ALA T 363 -24.06 -103.34 -51.14
N LEU T 364 -25.11 -103.96 -51.72
CA LEU T 364 -25.13 -105.38 -52.07
C LEU T 364 -24.74 -105.64 -53.53
N CYS T 365 -25.15 -104.76 -54.45
CA CYS T 365 -25.09 -105.01 -55.89
C CYS T 365 -23.97 -104.22 -56.59
N GLY T 366 -23.22 -103.39 -55.85
CA GLY T 366 -22.22 -102.49 -56.42
C GLY T 366 -22.81 -101.15 -56.85
N PHE T 367 -21.93 -100.14 -57.01
CA PHE T 367 -22.36 -98.78 -57.24
C PHE T 367 -21.26 -97.92 -57.87
N GLN T 368 -21.69 -96.76 -58.38
CA GLN T 368 -20.80 -95.73 -58.86
C GLN T 368 -21.29 -94.40 -58.32
N PHE T 369 -20.38 -93.61 -57.72
CA PHE T 369 -20.73 -92.27 -57.30
C PHE T 369 -19.64 -91.27 -57.67
N THR T 370 -19.99 -89.98 -57.60
CA THR T 370 -19.09 -88.88 -57.91
C THR T 370 -19.10 -87.86 -56.79
N PHE T 371 -17.92 -87.29 -56.48
CA PHE T 371 -17.82 -86.18 -55.55
C PHE T 371 -16.79 -85.16 -56.05
N LYS T 372 -16.91 -83.94 -55.52
CA LYS T 372 -15.97 -82.86 -55.82
C LYS T 372 -14.83 -82.89 -54.80
N HIS T 373 -13.58 -82.95 -55.29
CA HIS T 373 -12.40 -82.90 -54.44
C HIS T 373 -12.00 -81.45 -54.12
N LEU T 374 -10.96 -81.28 -53.27
CA LEU T 374 -10.47 -80.00 -52.80
C LEU T 374 -9.84 -79.14 -53.92
N ASP T 375 -9.37 -79.78 -55.01
CA ASP T 375 -8.90 -79.08 -56.21
C ASP T 375 -10.02 -78.76 -57.21
N GLY T 376 -11.25 -79.18 -56.92
CA GLY T 376 -12.39 -78.97 -57.78
C GLY T 376 -12.56 -80.02 -58.88
N ARG T 377 -11.67 -81.03 -58.96
CA ARG T 377 -11.86 -82.17 -59.86
C ARG T 377 -13.06 -83.01 -59.38
N GLN T 378 -13.80 -83.57 -60.35
CA GLN T 378 -14.81 -84.58 -60.09
C GLN T 378 -14.14 -85.96 -60.08
N ILE T 379 -14.24 -86.66 -58.94
CA ILE T 379 -13.72 -88.01 -58.81
C ILE T 379 -14.88 -88.99 -58.94
N VAL T 380 -14.73 -89.97 -59.84
CA VAL T 380 -15.68 -91.06 -60.01
C VAL T 380 -15.15 -92.30 -59.26
N VAL T 381 -15.86 -92.71 -58.21
CA VAL T 381 -15.54 -93.92 -57.47
C VAL T 381 -16.47 -95.03 -57.94
N LYS T 382 -15.87 -96.17 -58.31
CA LYS T 382 -16.59 -97.35 -58.75
C LYS T 382 -16.33 -98.51 -57.79
N TYR T 383 -17.41 -99.18 -57.38
CA TYR T 383 -17.32 -100.39 -56.58
C TYR T 383 -17.95 -101.54 -57.37
N PRO T 384 -17.22 -102.66 -57.59
CA PRO T 384 -17.69 -103.69 -58.52
C PRO T 384 -18.88 -104.46 -57.97
N PRO T 385 -19.79 -104.95 -58.85
CA PRO T 385 -20.90 -105.82 -58.43
C PRO T 385 -20.39 -107.13 -57.83
N GLY T 386 -21.14 -107.67 -56.85
CA GLY T 386 -20.78 -108.92 -56.21
C GLY T 386 -19.85 -108.76 -55.00
N LYS T 387 -19.44 -107.53 -54.67
CA LYS T 387 -18.76 -107.24 -53.42
C LYS T 387 -19.69 -106.43 -52.53
N VAL T 388 -19.73 -106.80 -51.23
CA VAL T 388 -20.61 -106.17 -50.25
C VAL T 388 -19.87 -105.07 -49.48
N ILE T 389 -20.58 -103.96 -49.27
CA ILE T 389 -20.21 -102.91 -48.33
C ILE T 389 -21.02 -103.10 -47.06
N GLU T 390 -20.33 -103.42 -45.96
CA GLU T 390 -20.95 -103.53 -44.64
C GLU T 390 -21.24 -102.13 -44.08
N PRO T 391 -22.32 -101.95 -43.28
CA PRO T 391 -22.58 -100.69 -42.58
C PRO T 391 -21.40 -100.27 -41.70
N GLY T 392 -20.96 -99.02 -41.91
CA GLY T 392 -19.84 -98.42 -41.18
C GLY T 392 -18.46 -98.83 -41.69
N CYS T 393 -18.37 -99.70 -42.72
CA CYS T 393 -17.06 -100.11 -43.22
C CYS T 393 -16.33 -98.96 -43.92
N VAL T 394 -14.99 -99.03 -43.89
CA VAL T 394 -14.14 -98.02 -44.49
C VAL T 394 -13.44 -98.59 -45.74
N ARG T 395 -13.41 -97.79 -46.82
CA ARG T 395 -12.60 -98.08 -48.00
C ARG T 395 -11.68 -96.91 -48.30
N VAL T 396 -10.65 -97.17 -49.11
CA VAL T 396 -9.61 -96.18 -49.37
C VAL T 396 -9.55 -95.87 -50.87
N VAL T 397 -9.42 -94.57 -51.18
CA VAL T 397 -9.04 -94.09 -52.50
C VAL T 397 -7.62 -93.54 -52.37
N ARG T 398 -6.66 -94.29 -52.90
CA ARG T 398 -5.23 -94.01 -52.72
C ARG T 398 -4.80 -92.74 -53.46
N GLY T 399 -3.99 -91.90 -52.80
CA GLY T 399 -3.40 -90.70 -53.38
C GLY T 399 -4.37 -89.51 -53.52
N GLU T 400 -5.57 -89.62 -52.93
CA GLU T 400 -6.58 -88.56 -52.95
C GLU T 400 -6.73 -87.89 -51.56
N GLY T 401 -5.69 -87.97 -50.72
CA GLY T 401 -5.60 -87.18 -49.48
C GLY T 401 -4.96 -85.80 -49.70
N MET T 402 -4.52 -85.17 -48.59
CA MET T 402 -3.82 -83.90 -48.60
C MET T 402 -2.39 -84.04 -49.14
N PRO T 403 -1.85 -83.00 -49.85
CA PRO T 403 -0.43 -82.98 -50.22
C PRO T 403 0.46 -82.84 -49.00
N GLN T 404 1.65 -83.45 -49.06
CA GLN T 404 2.65 -83.27 -48.01
C GLN T 404 3.28 -81.87 -48.10
N TYR T 405 3.45 -81.21 -46.95
CA TYR T 405 4.15 -79.93 -46.89
C TYR T 405 5.61 -80.09 -47.40
N ARG T 406 6.01 -79.20 -48.32
CA ARG T 406 7.34 -79.18 -48.96
C ARG T 406 7.52 -80.28 -50.02
N ASN T 407 6.64 -81.28 -50.06
CA ASN T 407 6.66 -82.34 -51.07
C ASN T 407 5.25 -82.54 -51.65
N PRO T 408 4.68 -81.55 -52.38
CA PRO T 408 3.28 -81.60 -52.79
C PRO T 408 2.94 -82.62 -53.87
N PHE T 409 3.96 -83.33 -54.40
CA PHE T 409 3.79 -84.45 -55.31
C PHE T 409 3.36 -85.73 -54.59
N GLU T 410 3.71 -85.84 -53.31
CA GLU T 410 3.22 -86.91 -52.45
C GLU T 410 1.96 -86.46 -51.73
N LYS T 411 0.96 -87.34 -51.71
CA LYS T 411 -0.32 -87.10 -51.05
C LYS T 411 -0.62 -88.26 -50.12
N GLY T 412 -1.42 -87.99 -49.09
CA GLY T 412 -2.05 -89.04 -48.32
C GLY T 412 -3.19 -89.69 -49.10
N ASP T 413 -4.01 -90.44 -48.36
CA ASP T 413 -5.14 -91.20 -48.90
C ASP T 413 -6.49 -90.61 -48.47
N LEU T 414 -7.55 -90.94 -49.22
CA LEU T 414 -8.92 -90.62 -48.83
C LEU T 414 -9.62 -91.87 -48.31
N TYR T 415 -10.01 -91.84 -47.02
CA TYR T 415 -10.81 -92.87 -46.38
C TYR T 415 -12.29 -92.51 -46.42
N ILE T 416 -13.09 -93.42 -46.96
CA ILE T 416 -14.53 -93.24 -47.10
C ILE T 416 -15.23 -94.24 -46.18
N LYS T 417 -15.90 -93.71 -45.15
CA LYS T 417 -16.80 -94.49 -44.31
C LYS T 417 -18.17 -94.56 -44.97
N PHE T 418 -18.68 -95.78 -45.19
CA PHE T 418 -19.98 -95.98 -45.80
C PHE T 418 -21.09 -96.09 -44.75
N ASP T 419 -22.11 -95.25 -44.92
CA ASP T 419 -23.32 -95.26 -44.12
C ASP T 419 -24.44 -95.89 -44.96
N VAL T 420 -24.78 -97.15 -44.66
CA VAL T 420 -25.75 -97.91 -45.45
C VAL T 420 -27.17 -97.62 -44.98
N GLN T 421 -27.95 -97.00 -45.86
CA GLN T 421 -29.35 -96.64 -45.63
C GLN T 421 -30.25 -97.81 -46.01
N PHE T 422 -30.90 -98.38 -44.99
CA PHE T 422 -31.99 -99.34 -45.16
C PHE T 422 -33.24 -98.67 -45.71
N PRO T 423 -34.06 -99.38 -46.51
CA PRO T 423 -35.35 -98.87 -46.97
C PRO T 423 -36.30 -98.68 -45.79
N GLU T 424 -37.28 -97.79 -45.96
CA GLU T 424 -38.23 -97.51 -44.91
C GLU T 424 -39.20 -98.68 -44.65
N ASN T 425 -39.94 -98.51 -43.56
CA ASN T 425 -41.07 -99.32 -43.11
C ASN T 425 -42.05 -99.58 -44.27
N ASN T 426 -42.47 -100.85 -44.47
CA ASN T 426 -43.45 -101.24 -45.48
C ASN T 426 -42.98 -101.10 -46.94
N TRP T 427 -41.66 -101.04 -47.23
CA TRP T 427 -41.20 -100.73 -48.59
C TRP T 427 -41.54 -101.81 -49.62
N ILE T 428 -41.76 -103.04 -49.14
CA ILE T 428 -42.10 -104.18 -49.99
C ILE T 428 -43.36 -104.90 -49.49
N ASN T 429 -44.20 -105.38 -50.42
CA ASN T 429 -45.36 -106.19 -50.11
C ASN T 429 -44.90 -107.51 -49.47
N PRO T 430 -45.47 -107.93 -48.30
CA PRO T 430 -45.19 -109.24 -47.70
C PRO T 430 -45.13 -110.44 -48.63
N ASP T 431 -45.95 -110.47 -49.69
CA ASP T 431 -45.98 -111.56 -50.67
C ASP T 431 -44.63 -111.76 -51.38
N LYS T 432 -43.81 -110.71 -51.46
CA LYS T 432 -42.51 -110.71 -52.14
C LYS T 432 -41.33 -111.01 -51.21
N LEU T 433 -41.60 -111.16 -49.90
CA LEU T 433 -40.55 -111.43 -48.92
C LEU T 433 -39.92 -112.82 -49.14
N SER T 434 -40.75 -113.78 -49.60
CA SER T 434 -40.33 -115.13 -49.97
C SER T 434 -39.30 -115.10 -51.10
N GLU T 435 -39.60 -114.37 -52.19
CA GLU T 435 -38.69 -114.19 -53.33
C GLU T 435 -37.36 -113.59 -52.89
N LEU T 436 -37.37 -112.64 -51.93
CA LEU T 436 -36.16 -112.02 -51.41
C LEU T 436 -35.33 -113.00 -50.57
N GLU T 437 -36.02 -113.84 -49.76
CA GLU T 437 -35.37 -114.83 -48.92
C GLU T 437 -34.64 -115.88 -49.77
N ASP T 438 -35.26 -116.32 -50.87
CA ASP T 438 -34.69 -117.27 -51.82
C ASP T 438 -33.41 -116.78 -52.50
N LEU T 439 -33.22 -115.45 -52.59
CA LEU T 439 -32.09 -114.84 -53.28
C LEU T 439 -30.90 -114.70 -52.32
N GLY U 198 -3.00 95.84 -73.78
CA GLY U 198 -1.97 95.92 -72.71
C GLY U 198 -1.19 97.22 -72.83
N GLU U 199 -0.42 97.51 -71.77
CA GLU U 199 0.40 98.70 -71.66
C GLU U 199 1.63 98.58 -72.58
N ASP U 200 2.00 99.70 -73.22
CA ASP U 200 3.22 99.78 -74.02
C ASP U 200 4.45 99.88 -73.11
N MET U 201 5.55 99.23 -73.50
CA MET U 201 6.80 99.27 -72.76
C MET U 201 7.79 100.20 -73.45
N MET U 202 8.26 101.22 -72.72
CA MET U 202 9.22 102.18 -73.24
C MET U 202 10.63 101.86 -72.75
N HIS U 203 11.58 101.72 -73.70
CA HIS U 203 12.98 101.45 -73.36
C HIS U 203 13.92 102.47 -74.01
N PRO U 204 14.79 103.16 -73.24
CA PRO U 204 15.81 104.02 -73.84
C PRO U 204 16.92 103.20 -74.49
N LEU U 205 17.21 103.49 -75.77
CA LEU U 205 18.34 102.91 -76.48
C LEU U 205 19.42 103.97 -76.67
N LYS U 206 20.52 103.82 -75.93
CA LYS U 206 21.66 104.73 -76.04
C LYS U 206 22.48 104.43 -77.31
N VAL U 207 22.60 105.43 -78.19
CA VAL U 207 23.26 105.33 -79.49
C VAL U 207 24.33 106.43 -79.58
N SER U 208 25.49 106.12 -80.19
CA SER U 208 26.54 107.11 -80.42
C SER U 208 26.31 107.85 -81.74
N LEU U 209 27.04 108.97 -81.98
CA LEU U 209 26.98 109.68 -83.25
C LEU U 209 27.43 108.81 -84.41
N GLU U 210 28.44 107.95 -84.19
CA GLU U 210 28.93 107.00 -85.19
C GLU U 210 27.86 105.98 -85.56
N ASP U 211 27.09 105.50 -84.56
CA ASP U 211 25.97 104.59 -84.77
C ASP U 211 24.90 105.26 -85.65
N LEU U 212 24.61 106.54 -85.40
CA LEU U 212 23.61 107.32 -86.12
C LEU U 212 24.08 107.74 -87.52
N TYR U 213 25.40 107.87 -87.71
CA TYR U 213 25.98 108.25 -88.99
C TYR U 213 26.11 107.04 -89.94
N ASN U 214 26.63 105.92 -89.42
CA ASN U 214 26.90 104.73 -90.22
C ASN U 214 25.71 103.79 -90.31
N GLY U 215 24.75 103.92 -89.38
CA GLY U 215 23.72 102.91 -89.18
C GLY U 215 24.25 101.76 -88.31
N LYS U 216 23.35 101.14 -87.52
CA LYS U 216 23.74 100.08 -86.62
C LYS U 216 22.60 99.07 -86.45
N THR U 217 22.97 97.79 -86.52
CA THR U 217 22.09 96.72 -86.10
C THR U 217 22.57 96.21 -84.74
N THR U 218 21.67 96.24 -83.74
CA THR U 218 21.99 95.77 -82.40
C THR U 218 20.92 94.80 -81.90
N LYS U 219 21.33 93.84 -81.06
CA LYS U 219 20.40 92.91 -80.44
C LYS U 219 20.09 93.36 -79.01
N LEU U 220 18.79 93.56 -78.74
CA LEU U 220 18.32 93.96 -77.43
C LEU U 220 17.64 92.76 -76.78
N GLN U 221 18.17 92.36 -75.62
CA GLN U 221 17.54 91.30 -74.84
C GLN U 221 16.56 91.91 -73.83
N LEU U 222 15.28 91.53 -73.91
CA LEU U 222 14.26 91.96 -72.98
C LEU U 222 13.59 90.75 -72.32
N SER U 223 13.25 90.90 -71.03
CA SER U 223 12.43 89.93 -70.33
C SER U 223 10.99 90.41 -70.32
N LYS U 224 10.07 89.59 -70.81
CA LYS U 224 8.65 89.91 -70.86
C LYS U 224 7.81 88.73 -70.37
N ASN U 225 6.58 89.05 -69.93
CA ASN U 225 5.59 88.06 -69.58
C ASN U 225 4.93 87.53 -70.85
N VAL U 226 4.94 86.20 -71.00
CA VAL U 226 4.23 85.52 -72.07
C VAL U 226 3.18 84.59 -71.45
N LEU U 227 2.10 84.33 -72.20
CA LEU U 227 1.12 83.35 -71.76
C LEU U 227 1.77 81.99 -71.55
N CYS U 228 1.47 81.36 -70.41
CA CYS U 228 2.06 80.07 -70.07
C CYS U 228 1.69 79.01 -71.10
N SER U 229 2.68 78.55 -71.87
CA SER U 229 2.49 77.57 -72.94
C SER U 229 1.79 76.28 -72.51
N ALA U 230 1.88 75.92 -71.21
CA ALA U 230 1.35 74.68 -70.67
C ALA U 230 -0.13 74.75 -70.28
N CYS U 231 -0.69 75.97 -70.06
CA CYS U 231 -2.09 76.13 -69.69
C CYS U 231 -2.79 77.24 -70.50
N SER U 232 -2.09 77.80 -71.50
CA SER U 232 -2.58 78.86 -72.38
C SER U 232 -3.27 80.01 -71.63
N GLY U 233 -2.69 80.40 -70.48
CA GLY U 233 -3.15 81.51 -69.66
C GLY U 233 -4.38 81.22 -68.79
N GLN U 234 -5.04 80.09 -69.10
CA GLN U 234 -6.30 79.77 -68.45
C GLN U 234 -5.95 79.65 -66.98
N GLY U 235 -4.65 79.63 -66.74
CA GLY U 235 -4.13 79.46 -65.42
C GLY U 235 -4.11 77.97 -65.25
N GLY U 236 -5.30 77.39 -65.12
CA GLY U 236 -5.42 75.95 -65.13
C GLY U 236 -6.64 75.50 -65.92
N LYS U 237 -6.94 74.19 -65.85
CA LYS U 237 -8.14 73.64 -66.48
C LYS U 237 -9.37 74.35 -65.91
N SER U 238 -10.51 74.29 -66.63
CA SER U 238 -11.77 74.83 -66.14
C SER U 238 -12.15 74.13 -64.83
N GLY U 239 -12.18 74.88 -63.72
CA GLY U 239 -12.45 74.38 -62.38
C GLY U 239 -11.16 74.06 -61.62
N ALA U 240 -10.00 74.43 -62.20
CA ALA U 240 -8.72 74.34 -61.54
C ALA U 240 -8.47 75.61 -60.73
N VAL U 241 -9.17 76.69 -61.12
CA VAL U 241 -8.99 77.99 -60.50
C VAL U 241 -9.85 78.06 -59.24
N GLN U 242 -9.19 78.16 -58.08
CA GLN U 242 -9.84 78.21 -56.77
C GLN U 242 -9.56 79.56 -56.11
N LYS U 243 -10.57 80.06 -55.36
CA LYS U 243 -10.38 81.24 -54.51
C LYS U 243 -9.27 80.93 -53.50
N CYS U 244 -8.33 81.87 -53.36
CA CYS U 244 -7.30 81.73 -52.35
C CYS U 244 -7.92 81.76 -50.94
N SER U 245 -7.78 80.67 -50.16
CA SER U 245 -8.38 80.51 -48.83
C SER U 245 -7.82 81.53 -47.83
N ALA U 246 -6.51 81.77 -47.97
CA ALA U 246 -5.64 82.66 -47.23
C ALA U 246 -6.14 84.11 -47.12
N CYS U 247 -6.44 84.71 -48.29
CA CYS U 247 -6.88 86.09 -48.39
C CYS U 247 -8.36 86.17 -48.80
N ARG U 248 -9.04 85.02 -48.92
CA ARG U 248 -10.44 84.90 -49.36
C ARG U 248 -10.70 85.66 -50.66
N GLY U 249 -9.78 85.54 -51.64
CA GLY U 249 -9.91 86.20 -52.93
C GLY U 249 -9.46 87.66 -52.98
N ARG U 250 -8.97 88.23 -51.87
CA ARG U 250 -8.62 89.66 -51.80
C ARG U 250 -7.22 89.96 -52.35
N GLY U 251 -6.36 88.94 -52.56
CA GLY U 251 -4.97 89.16 -52.97
C GLY U 251 -4.07 89.63 -51.84
N VAL U 252 -4.65 90.24 -50.79
CA VAL U 252 -3.90 90.84 -49.69
C VAL U 252 -4.37 90.31 -48.34
N ARG U 253 -3.42 90.24 -47.39
CA ARG U 253 -3.68 89.88 -46.01
C ARG U 253 -3.38 91.07 -45.11
N ILE U 254 -4.22 91.29 -44.11
CA ILE U 254 -3.97 92.32 -43.12
C ILE U 254 -3.21 91.68 -41.96
N MET U 255 -1.96 92.08 -41.77
CA MET U 255 -1.12 91.63 -40.67
C MET U 255 -1.09 92.70 -39.58
N ILE U 256 -1.31 92.27 -38.35
CA ILE U 256 -1.31 93.17 -37.20
C ILE U 256 0.06 93.14 -36.53
N ARG U 257 0.79 94.25 -36.56
CA ARG U 257 2.03 94.40 -35.81
C ARG U 257 1.79 95.24 -34.54
N GLN U 258 2.03 94.72 -33.35
CA GLN U 258 2.05 95.59 -32.16
C GLN U 258 3.27 96.48 -32.15
N LEU U 259 3.07 97.81 -32.01
CA LEU U 259 4.15 98.77 -31.79
C LEU U 259 4.43 99.04 -30.31
N ALA U 260 3.37 99.01 -29.52
CA ALA U 260 3.39 99.15 -28.07
C ALA U 260 2.12 98.50 -27.48
N PRO U 261 2.03 98.04 -26.22
CA PRO U 261 0.75 97.48 -25.76
C PRO U 261 -0.38 98.52 -25.85
N GLY U 262 -1.43 98.18 -26.60
CA GLY U 262 -2.52 99.11 -26.88
C GLY U 262 -2.33 99.94 -28.17
N MET U 263 -1.15 99.86 -28.80
CA MET U 263 -0.92 100.39 -30.15
C MET U 263 -0.63 99.27 -31.15
N VAL U 264 -1.60 98.95 -32.01
CA VAL U 264 -1.44 97.98 -33.09
C VAL U 264 -1.43 98.70 -34.44
N GLN U 265 -0.46 98.32 -35.30
CA GLN U 265 -0.41 98.73 -36.69
C GLN U 265 -0.96 97.61 -37.57
N GLN U 266 -2.00 97.94 -38.37
CA GLN U 266 -2.49 97.04 -39.38
C GLN U 266 -1.68 97.39 -40.63
N MET U 267 -0.90 96.40 -41.10
CA MET U 267 -0.22 96.51 -42.37
C MET U 267 -0.87 95.56 -43.36
N GLN U 268 -1.19 96.05 -44.56
CA GLN U 268 -1.64 95.24 -45.68
C GLN U 268 -0.39 94.71 -46.39
N SER U 269 -0.29 93.37 -46.44
CA SER U 269 0.78 92.69 -47.14
C SER U 269 0.16 91.90 -48.30
N VAL U 270 0.90 91.78 -49.41
CA VAL U 270 0.49 90.88 -50.47
C VAL U 270 0.40 89.46 -49.88
N CYS U 271 -0.66 88.72 -50.27
CA CYS U 271 -0.91 87.40 -49.72
C CYS U 271 0.17 86.45 -50.24
N SER U 272 0.92 85.84 -49.32
CA SER U 272 1.97 84.87 -49.60
C SER U 272 1.48 83.65 -50.40
N ASP U 273 0.21 83.29 -50.24
CA ASP U 273 -0.31 82.01 -50.72
C ASP U 273 -0.78 82.09 -52.18
N CYS U 274 -1.13 83.30 -52.66
CA CYS U 274 -1.51 83.53 -54.05
C CYS U 274 -0.72 84.66 -54.73
N ASN U 275 0.32 85.18 -54.04
CA ASN U 275 1.19 86.25 -54.54
C ASN U 275 0.40 87.44 -55.11
N GLY U 276 -0.78 87.74 -54.52
CA GLY U 276 -1.57 88.89 -54.89
C GLY U 276 -2.71 88.61 -55.89
N GLU U 277 -2.75 87.42 -56.48
CA GLU U 277 -3.70 87.13 -57.55
C GLU U 277 -5.12 86.92 -56.99
N GLY U 278 -5.24 86.51 -55.73
CA GLY U 278 -6.54 86.19 -55.14
C GLY U 278 -7.05 84.78 -55.48
N GLU U 279 -6.39 84.16 -56.45
CA GLU U 279 -6.67 82.79 -56.85
C GLU U 279 -5.47 81.86 -56.66
N VAL U 280 -5.75 80.57 -56.51
CA VAL U 280 -4.72 79.53 -56.46
C VAL U 280 -5.07 78.45 -57.48
N ILE U 281 -4.08 78.04 -58.25
CA ILE U 281 -4.17 76.93 -59.20
C ILE U 281 -3.12 75.90 -58.79
N ASN U 282 -3.58 74.68 -58.52
CA ASN U 282 -2.71 73.55 -58.25
C ASN U 282 -1.71 73.39 -59.39
N GLU U 283 -0.44 73.12 -59.07
CA GLU U 283 0.64 73.01 -60.03
C GLU U 283 0.30 72.08 -61.21
N LYS U 284 -0.33 70.95 -60.90
CA LYS U 284 -0.75 69.90 -61.84
C LYS U 284 -1.78 70.40 -62.87
N ASP U 285 -2.47 71.51 -62.58
CA ASP U 285 -3.51 72.05 -63.45
C ASP U 285 -3.00 73.16 -64.37
N ARG U 286 -1.89 73.82 -63.99
CA ARG U 286 -1.27 74.86 -64.81
C ARG U 286 -0.02 74.28 -65.46
N CYS U 287 0.92 73.82 -64.63
CA CYS U 287 2.22 73.30 -65.04
C CYS U 287 3.18 73.50 -63.87
N LYS U 288 4.44 73.08 -64.04
CA LYS U 288 5.48 73.30 -63.06
C LYS U 288 6.24 74.57 -63.43
N LYS U 289 5.58 75.46 -64.21
CA LYS U 289 6.19 76.66 -64.79
C LYS U 289 5.63 77.93 -64.13
N CYS U 290 4.50 78.45 -64.62
CA CYS U 290 3.89 79.68 -64.11
C CYS U 290 3.66 79.56 -62.60
N GLU U 291 2.76 78.64 -62.18
CA GLU U 291 2.41 78.32 -60.79
C GLU U 291 1.06 78.95 -60.46
N GLY U 292 0.09 78.79 -61.37
CA GLY U 292 -1.23 79.38 -61.23
C GLY U 292 -1.21 80.87 -61.57
N LYS U 293 -0.12 81.30 -62.20
CA LYS U 293 0.10 82.71 -62.50
C LYS U 293 -0.42 83.11 -63.88
N LYS U 294 -0.60 82.13 -64.80
CA LYS U 294 -1.18 82.31 -66.14
C LYS U 294 -0.14 82.88 -67.10
N VAL U 295 0.99 83.39 -66.58
CA VAL U 295 2.09 83.90 -67.40
C VAL U 295 3.44 83.36 -66.90
N ILE U 296 4.45 83.40 -67.78
CA ILE U 296 5.82 83.05 -67.46
C ILE U 296 6.74 84.15 -68.01
N LYS U 297 7.83 84.44 -67.29
CA LYS U 297 8.84 85.36 -67.78
C LYS U 297 9.72 84.66 -68.82
N GLU U 298 9.71 85.18 -70.05
CA GLU U 298 10.53 84.71 -71.15
C GLU U 298 11.49 85.81 -71.58
N VAL U 299 12.67 85.37 -72.03
CA VAL U 299 13.70 86.26 -72.53
C VAL U 299 13.61 86.30 -74.05
N LYS U 300 13.28 87.47 -74.60
CA LYS U 300 13.21 87.65 -76.04
C LYS U 300 14.33 88.58 -76.53
N ILE U 301 14.96 88.20 -77.65
CA ILE U 301 15.96 89.03 -78.31
C ILE U 301 15.29 89.73 -79.49
N LEU U 302 15.26 91.07 -79.44
CA LEU U 302 14.79 91.89 -80.55
C LEU U 302 16.00 92.40 -81.34
N GLU U 303 15.94 92.25 -82.67
CA GLU U 303 16.91 92.86 -83.55
C GLU U 303 16.45 94.29 -83.88
N VAL U 304 17.29 95.27 -83.51
CA VAL U 304 16.98 96.67 -83.63
C VAL U 304 17.87 97.27 -84.72
N HIS U 305 17.21 97.84 -85.75
CA HIS U 305 17.89 98.57 -86.80
C HIS U 305 17.80 100.08 -86.53
N VAL U 306 18.98 100.70 -86.38
CA VAL U 306 19.13 102.13 -86.30
C VAL U 306 19.64 102.61 -87.66
N ASP U 307 18.75 103.29 -88.40
CA ASP U 307 19.06 103.81 -89.72
C ASP U 307 19.96 105.04 -89.66
N LYS U 308 20.68 105.28 -90.76
CA LYS U 308 21.48 106.49 -90.94
C LYS U 308 20.62 107.75 -90.84
N GLY U 309 21.11 108.71 -90.06
CA GLY U 309 20.48 110.02 -89.93
C GLY U 309 19.33 110.08 -88.93
N MET U 310 19.00 108.96 -88.27
CA MET U 310 18.00 108.97 -87.20
C MET U 310 18.34 110.02 -86.14
N LYS U 311 17.29 110.58 -85.51
CA LYS U 311 17.42 111.71 -84.60
C LYS U 311 17.26 111.28 -83.15
N HIS U 312 17.81 112.10 -82.24
CA HIS U 312 17.51 111.98 -80.82
C HIS U 312 15.99 112.02 -80.58
N GLY U 313 15.51 111.14 -79.69
CA GLY U 313 14.09 111.03 -79.36
C GLY U 313 13.24 110.28 -80.38
N GLN U 314 13.83 109.80 -81.48
CA GLN U 314 13.08 109.01 -82.46
C GLN U 314 12.68 107.66 -81.87
N ARG U 315 11.48 107.19 -82.23
CA ARG U 315 10.89 105.97 -81.70
C ARG U 315 11.01 104.82 -82.70
N ILE U 316 11.43 103.64 -82.22
CA ILE U 316 11.39 102.38 -82.96
C ILE U 316 10.38 101.47 -82.26
N THR U 317 9.29 101.13 -82.96
CA THR U 317 8.18 100.38 -82.36
C THR U 317 8.18 98.92 -82.83
N PHE U 318 8.08 98.01 -81.85
CA PHE U 318 7.86 96.59 -82.07
C PHE U 318 6.44 96.23 -81.63
N THR U 319 5.55 96.07 -82.61
CA THR U 319 4.11 95.90 -82.38
C THR U 319 3.78 94.57 -81.71
N GLY U 320 2.96 94.62 -80.65
CA GLY U 320 2.50 93.43 -79.93
C GLY U 320 3.59 92.68 -79.17
N GLU U 321 4.74 93.34 -78.96
CA GLU U 321 5.89 92.70 -78.34
C GLU U 321 5.96 92.91 -76.82
N ALA U 322 5.07 93.72 -76.24
CA ALA U 322 5.02 93.94 -74.80
C ALA U 322 4.53 92.70 -74.03
N ASP U 323 4.30 92.89 -72.73
CA ASP U 323 3.77 91.87 -71.83
C ASP U 323 2.41 91.35 -72.29
N GLN U 324 2.27 90.01 -72.25
CA GLN U 324 1.01 89.33 -72.49
C GLN U 324 0.29 89.10 -71.15
N ALA U 325 -1.04 89.27 -71.18
CA ALA U 325 -1.91 88.91 -70.06
C ALA U 325 -3.14 88.17 -70.58
N PRO U 326 -3.75 87.23 -69.80
CA PRO U 326 -4.95 86.51 -70.24
C PRO U 326 -6.12 87.45 -70.56
N GLY U 327 -6.63 87.34 -71.79
CA GLY U 327 -7.77 88.14 -72.26
C GLY U 327 -7.40 89.57 -72.65
N VAL U 328 -6.09 89.88 -72.74
CA VAL U 328 -5.56 91.20 -73.07
C VAL U 328 -4.69 91.07 -74.33
N GLU U 329 -4.91 91.95 -75.32
CA GLU U 329 -4.05 92.03 -76.49
C GLU U 329 -2.77 92.74 -76.11
N PRO U 330 -1.55 92.20 -76.38
CA PRO U 330 -0.31 92.83 -75.94
C PRO U 330 -0.09 94.24 -76.49
N GLY U 331 0.49 95.11 -75.66
CA GLY U 331 0.98 96.40 -76.10
C GLY U 331 2.24 96.30 -76.97
N ASP U 332 2.84 97.46 -77.28
CA ASP U 332 4.04 97.53 -78.09
C ASP U 332 5.29 97.76 -77.24
N ILE U 333 6.46 97.32 -77.74
CA ILE U 333 7.73 97.77 -77.20
C ILE U 333 8.21 98.97 -78.04
N VAL U 334 8.37 100.12 -77.38
CA VAL U 334 8.81 101.35 -78.02
C VAL U 334 10.21 101.71 -77.53
N LEU U 335 11.19 101.61 -78.44
CA LEU U 335 12.53 102.04 -78.11
C LEU U 335 12.69 103.52 -78.43
N LEU U 336 13.16 104.29 -77.44
CA LEU U 336 13.42 105.70 -77.61
C LEU U 336 14.92 105.92 -77.79
N LEU U 337 15.32 106.46 -78.96
CA LEU U 337 16.73 106.72 -79.22
C LEU U 337 17.25 107.85 -78.34
N GLN U 338 18.30 107.54 -77.58
CA GLN U 338 19.01 108.52 -76.77
C GLN U 338 20.42 108.69 -77.34
N GLU U 339 20.68 109.88 -77.90
CA GLU U 339 21.97 110.21 -78.45
C GLU U 339 22.95 110.41 -77.28
N LYS U 340 24.11 109.76 -77.37
CA LYS U 340 25.17 109.98 -76.40
C LYS U 340 25.97 111.22 -76.80
N GLY V 198 14.60 89.38 -52.12
CA GLY V 198 13.78 89.29 -53.35
C GLY V 198 14.10 88.02 -54.12
N GLU V 199 13.25 87.72 -55.10
CA GLU V 199 13.35 86.55 -55.94
C GLU V 199 14.50 86.72 -56.95
N ASP V 200 15.23 85.63 -57.20
CA ASP V 200 16.28 85.61 -58.22
C ASP V 200 15.64 85.50 -59.61
N MET V 201 16.24 86.19 -60.60
CA MET V 201 15.77 86.17 -61.99
C MET V 201 16.69 85.28 -62.83
N MET V 202 16.11 84.24 -63.45
CA MET V 202 16.87 83.32 -64.30
C MET V 202 16.66 83.67 -65.78
N HIS V 203 17.78 83.87 -66.51
CA HIS V 203 17.74 84.15 -67.93
C HIS V 203 18.61 83.19 -68.74
N PRO V 204 18.07 82.49 -69.77
CA PRO V 204 18.90 81.67 -70.64
C PRO V 204 19.73 82.55 -71.58
N LEU V 205 21.06 82.31 -71.59
CA LEU V 205 21.96 82.93 -72.54
C LEU V 205 22.42 81.91 -73.58
N LYS V 206 21.92 82.06 -74.81
CA LYS V 206 22.30 81.18 -75.92
C LYS V 206 23.69 81.55 -76.44
N VAL V 207 24.63 80.58 -76.39
CA VAL V 207 26.02 80.75 -76.78
C VAL V 207 26.39 79.68 -77.81
N SER V 208 27.20 80.04 -78.81
CA SER V 208 27.70 79.07 -79.81
C SER V 208 28.96 78.37 -79.31
N LEU V 209 29.38 77.28 -79.99
CA LEU V 209 30.64 76.61 -79.68
C LEU V 209 31.84 77.53 -79.87
N GLU V 210 31.81 78.40 -80.89
CA GLU V 210 32.85 79.40 -81.14
C GLU V 210 32.95 80.41 -79.99
N ASP V 211 31.80 80.83 -79.45
CA ASP V 211 31.72 81.72 -78.29
C ASP V 211 32.39 81.06 -77.07
N LEU V 212 32.13 79.77 -76.86
CA LEU V 212 32.66 78.99 -75.75
C LEU V 212 34.14 78.63 -75.92
N TYR V 213 34.61 78.54 -77.17
CA TYR V 213 36.00 78.21 -77.48
C TYR V 213 36.90 79.45 -77.38
N ASN V 214 36.47 80.57 -77.99
CA ASN V 214 37.25 81.79 -78.07
C ASN V 214 37.05 82.71 -76.86
N GLY V 215 35.94 82.52 -76.12
CA GLY V 215 35.49 83.50 -75.14
C GLY V 215 34.72 84.64 -75.82
N LYS V 216 33.73 85.19 -75.10
CA LYS V 216 32.90 86.24 -75.65
C LYS V 216 32.45 87.22 -74.55
N THR V 217 32.55 88.51 -74.87
CA THR V 217 31.91 89.55 -74.09
C THR V 217 30.66 90.02 -74.84
N THR V 218 29.50 89.93 -74.17
CA THR V 218 28.24 90.37 -74.75
C THR V 218 27.48 91.29 -73.79
N LYS V 219 26.71 92.23 -74.36
CA LYS V 219 25.87 93.11 -73.56
C LYS V 219 24.44 92.60 -73.56
N LEU V 220 23.91 92.37 -72.36
CA LEU V 220 22.54 91.92 -72.17
C LEU V 220 21.71 93.06 -71.62
N GLN V 221 20.67 93.45 -72.37
CA GLN V 221 19.75 94.46 -71.91
C GLN V 221 18.58 93.79 -71.17
N LEU V 222 18.37 94.15 -69.90
CA LEU V 222 17.27 93.66 -69.10
C LEU V 222 16.43 94.82 -68.56
N SER V 223 15.11 94.62 -68.50
CA SER V 223 14.22 95.56 -67.83
C SER V 223 13.92 95.03 -66.44
N LYS V 224 14.19 95.86 -65.41
CA LYS V 224 13.95 95.50 -64.02
C LYS V 224 13.24 96.63 -63.28
N ASN V 225 12.58 96.27 -62.18
CA ASN V 225 11.99 97.22 -61.26
C ASN V 225 13.07 97.78 -60.34
N VAL V 226 13.17 99.12 -60.30
CA VAL V 226 14.04 99.81 -59.37
C VAL V 226 13.18 100.69 -58.46
N LEU V 227 13.68 100.95 -57.24
CA LEU V 227 12.99 101.89 -56.36
C LEU V 227 12.89 103.26 -57.01
N CYS V 228 11.68 103.84 -56.94
CA CYS V 228 11.41 105.13 -57.57
C CYS V 228 12.30 106.22 -56.96
N SER V 229 13.25 106.74 -57.77
CA SER V 229 14.22 107.74 -57.35
C SER V 229 13.58 109.00 -56.73
N ALA V 230 12.33 109.31 -57.08
CA ALA V 230 11.64 110.52 -56.65
C ALA V 230 10.94 110.39 -55.28
N CYS V 231 10.67 109.16 -54.81
CA CYS V 231 10.03 108.94 -53.51
C CYS V 231 10.72 107.85 -52.69
N SER V 232 11.87 107.34 -53.16
CA SER V 232 12.66 106.30 -52.52
C SER V 232 11.83 105.12 -52.02
N GLY V 233 10.84 104.69 -52.85
CA GLY V 233 9.98 103.54 -52.59
C GLY V 233 8.88 103.77 -51.55
N GLN V 234 8.98 104.89 -50.82
CA GLN V 234 8.08 105.16 -49.72
C GLN V 234 6.72 105.24 -50.37
N GLY V 235 6.74 105.28 -51.70
CA GLY V 235 5.57 105.40 -52.48
C GLY V 235 5.34 106.90 -52.50
N GLY V 236 4.94 107.44 -51.36
CA GLY V 236 4.86 108.87 -51.21
C GLY V 236 5.36 109.32 -49.85
N LYS V 237 5.19 110.61 -49.54
CA LYS V 237 5.53 111.15 -48.23
C LYS V 237 4.75 110.39 -47.15
N SER V 238 5.21 110.46 -45.89
CA SER V 238 4.49 109.85 -44.78
C SER V 238 3.11 110.49 -44.65
N GLY V 239 2.05 109.69 -44.88
CA GLY V 239 0.66 110.14 -44.88
C GLY V 239 0.17 110.46 -46.29
N ALA V 240 0.99 110.16 -47.31
CA ALA V 240 0.61 110.26 -48.70
C ALA V 240 -0.07 108.96 -49.14
N VAL V 241 0.20 107.88 -48.40
CA VAL V 241 -0.32 106.55 -48.72
C VAL V 241 -1.73 106.43 -48.15
N GLN V 242 -2.72 106.31 -49.03
CA GLN V 242 -4.12 106.19 -48.67
C GLN V 242 -4.66 104.84 -49.11
N LYS V 243 -5.59 104.28 -48.30
CA LYS V 243 -6.35 103.09 -48.68
C LYS V 243 -7.10 103.39 -49.97
N CYS V 244 -7.01 102.47 -50.94
CA CYS V 244 -7.79 102.61 -52.15
C CYS V 244 -9.28 102.51 -51.83
N SER V 245 -10.07 103.58 -52.12
CA SER V 245 -11.49 103.68 -51.81
C SER V 245 -12.31 102.64 -52.57
N ALA V 246 -11.91 102.43 -53.83
CA ALA V 246 -12.42 101.53 -54.85
C ALA V 246 -12.56 100.08 -54.41
N CYS V 247 -11.46 99.50 -53.89
CA CYS V 247 -11.39 98.12 -53.44
C CYS V 247 -11.30 98.01 -51.92
N ARG V 248 -11.37 99.16 -51.21
CA ARG V 248 -11.23 99.26 -49.75
C ARG V 248 -9.99 98.54 -49.24
N GLY V 249 -8.84 98.71 -49.93
CA GLY V 249 -7.58 98.11 -49.55
C GLY V 249 -7.38 96.66 -50.01
N ARG V 250 -8.34 96.06 -50.73
CA ARG V 250 -8.28 94.64 -51.10
C ARG V 250 -7.44 94.38 -52.36
N GLY V 251 -7.10 95.43 -53.14
CA GLY V 251 -6.39 95.26 -54.41
C GLY V 251 -7.30 94.76 -55.54
N VAL V 252 -8.42 94.11 -55.20
CA VAL V 252 -9.31 93.49 -56.17
C VAL V 252 -10.76 93.97 -55.98
N ARG V 253 -11.49 94.03 -57.10
CA ARG V 253 -12.92 94.34 -57.13
C ARG V 253 -13.68 93.12 -57.62
N ILE V 254 -14.82 92.84 -57.00
CA ILE V 254 -15.71 91.78 -57.46
C ILE V 254 -16.71 92.43 -58.43
N MET V 255 -16.62 92.06 -59.70
CA MET V 255 -17.55 92.50 -60.73
C MET V 255 -18.57 91.40 -61.00
N ILE V 256 -19.85 91.79 -61.04
CA ILE V 256 -20.92 90.86 -61.32
C ILE V 256 -21.28 90.94 -62.81
N ARG V 257 -21.05 89.86 -63.55
CA ARG V 257 -21.49 89.76 -64.94
C ARG V 257 -22.74 88.88 -65.03
N GLN V 258 -23.87 89.38 -65.53
CA GLN V 258 -24.99 88.50 -65.84
C GLN V 258 -24.67 87.65 -67.08
N LEU V 259 -24.82 86.31 -66.97
CA LEU V 259 -24.77 85.41 -68.10
C LEU V 259 -26.14 85.13 -68.72
N ALA V 260 -27.17 85.12 -67.87
CA ALA V 260 -28.56 84.95 -68.21
C ALA V 260 -29.42 85.50 -67.07
N PRO V 261 -30.70 85.92 -67.22
CA PRO V 261 -31.49 86.29 -66.04
C PRO V 261 -31.57 85.14 -65.04
N GLY V 262 -31.11 85.41 -63.81
CA GLY V 262 -31.02 84.38 -62.77
C GLY V 262 -29.67 83.65 -62.73
N MET V 263 -28.79 83.89 -63.72
CA MET V 263 -27.39 83.46 -63.64
C MET V 263 -26.45 84.66 -63.61
N VAL V 264 -25.85 84.94 -62.44
CA VAL V 264 -24.81 85.96 -62.31
C VAL V 264 -23.46 85.29 -62.03
N GLN V 265 -22.43 85.72 -62.75
CA GLN V 265 -21.04 85.35 -62.51
C GLN V 265 -20.34 86.46 -61.73
N GLN V 266 -19.79 86.13 -60.56
CA GLN V 266 -18.93 87.02 -59.83
C GLN V 266 -17.52 86.74 -60.34
N MET V 267 -16.92 87.76 -60.98
CA MET V 267 -15.54 87.71 -61.40
C MET V 267 -14.73 88.66 -60.53
N GLN V 268 -13.60 88.18 -59.98
CA GLN V 268 -12.63 89.02 -59.30
C GLN V 268 -11.70 89.61 -60.35
N SER V 269 -11.68 90.94 -60.43
CA SER V 269 -10.79 91.68 -61.31
C SER V 269 -9.81 92.48 -60.45
N VAL V 270 -8.58 92.66 -60.95
CA VAL V 270 -7.66 93.59 -60.30
C VAL V 270 -8.31 94.98 -60.31
N CYS V 271 -8.18 95.70 -59.19
CA CYS V 271 -8.82 97.00 -59.04
C CYS V 271 -8.12 98.00 -59.96
N SER V 272 -8.89 98.60 -60.88
CA SER V 272 -8.44 99.61 -61.84
C SER V 272 -7.81 100.83 -61.18
N ASP V 273 -8.24 101.16 -59.95
CA ASP V 273 -7.92 102.44 -59.33
C ASP V 273 -6.59 102.39 -58.57
N CYS V 274 -6.15 101.20 -58.14
CA CYS V 274 -4.86 101.00 -57.50
C CYS V 274 -3.99 99.92 -58.15
N ASN V 275 -4.41 99.41 -59.32
CA ASN V 275 -3.71 98.37 -60.07
C ASN V 275 -3.28 97.18 -59.20
N GLY V 276 -4.08 96.85 -58.19
CA GLY V 276 -3.83 95.68 -57.35
C GLY V 276 -3.11 95.97 -56.04
N GLU V 277 -2.57 97.18 -55.85
CA GLU V 277 -1.74 97.49 -54.69
C GLU V 277 -2.59 97.64 -53.41
N GLY V 278 -3.88 97.99 -53.55
CA GLY V 278 -4.72 98.26 -52.39
C GLY V 278 -4.55 99.67 -51.81
N GLU V 279 -3.49 100.35 -52.24
CA GLU V 279 -3.21 101.73 -51.86
C GLU V 279 -3.19 102.67 -53.06
N VAL V 280 -3.44 103.96 -52.78
CA VAL V 280 -3.31 105.01 -53.78
C VAL V 280 -2.44 106.11 -53.19
N ILE V 281 -1.49 106.57 -54.00
CA ILE V 281 -0.63 107.72 -53.69
C ILE V 281 -0.85 108.76 -54.79
N ASN V 282 -1.26 109.97 -54.37
CA ASN V 282 -1.40 111.11 -55.26
C ASN V 282 -0.07 111.33 -55.99
N GLU V 283 -0.14 111.62 -57.29
CA GLU V 283 1.03 111.79 -58.14
C GLU V 283 2.07 112.75 -57.55
N LYS V 284 1.59 113.86 -56.97
CA LYS V 284 2.38 114.91 -56.35
C LYS V 284 3.20 114.45 -55.13
N ASP V 285 2.81 113.30 -54.54
CA ASP V 285 3.46 112.76 -53.35
C ASP V 285 4.51 111.69 -53.68
N ARG V 286 4.40 111.06 -54.86
CA ARG V 286 5.37 110.06 -55.32
C ARG V 286 6.24 110.70 -56.39
N CYS V 287 5.61 111.15 -57.48
CA CYS V 287 6.27 111.71 -58.65
C CYS V 287 5.33 111.51 -59.83
N LYS V 288 5.74 111.97 -61.02
CA LYS V 288 5.01 111.74 -62.25
C LYS V 288 5.58 110.49 -62.93
N LYS V 289 6.24 109.62 -62.15
CA LYS V 289 6.97 108.46 -62.65
C LYS V 289 6.27 107.16 -62.26
N CYS V 290 6.53 106.62 -61.06
CA CYS V 290 5.96 105.36 -60.59
C CYS V 290 4.43 105.42 -60.68
N GLU V 291 3.79 106.30 -59.87
CA GLU V 291 2.35 106.56 -59.82
C GLU V 291 1.77 105.89 -58.58
N GLY V 292 2.45 106.05 -57.44
CA GLY V 292 2.06 105.42 -56.19
C GLY V 292 2.46 103.95 -56.17
N LYS V 293 3.33 103.56 -57.11
CA LYS V 293 3.71 102.17 -57.28
C LYS V 293 4.97 101.81 -56.49
N LYS V 294 5.79 102.82 -56.10
CA LYS V 294 6.99 102.68 -55.26
C LYS V 294 8.18 102.16 -56.09
N VAL V 295 7.92 101.65 -57.31
CA VAL V 295 8.96 101.21 -58.23
C VAL V 295 8.73 101.77 -59.63
N ILE V 296 9.81 101.78 -60.44
CA ILE V 296 9.76 102.16 -61.86
C ILE V 296 10.54 101.10 -62.64
N LYS V 297 10.07 100.82 -63.87
CA LYS V 297 10.81 99.94 -64.77
C LYS V 297 11.97 100.70 -65.39
N GLU V 298 13.19 100.21 -65.14
CA GLU V 298 14.42 100.76 -65.71
C GLU V 298 15.08 99.69 -66.58
N VAL V 299 15.75 100.17 -67.62
CA VAL V 299 16.48 99.32 -68.55
C VAL V 299 17.95 99.34 -68.14
N LYS V 300 18.47 98.18 -67.73
CA LYS V 300 19.87 98.04 -67.36
C LYS V 300 20.61 97.16 -68.38
N ILE V 301 21.83 97.59 -68.74
CA ILE V 301 22.71 96.81 -69.59
C ILE V 301 23.75 96.14 -68.71
N LEU V 302 23.75 94.80 -68.71
CA LEU V 302 24.77 93.99 -68.05
C LEU V 302 25.81 93.54 -69.06
N GLU V 303 27.09 93.74 -68.71
CA GLU V 303 28.19 93.17 -69.49
C GLU V 303 28.46 91.76 -69.00
N VAL V 304 28.31 90.79 -69.92
CA VAL V 304 28.43 89.38 -69.61
C VAL V 304 29.70 88.83 -70.26
N HIS V 305 30.58 88.29 -69.42
CA HIS V 305 31.79 87.62 -69.87
C HIS V 305 31.56 86.10 -69.86
N VAL V 306 31.69 85.51 -71.06
CA VAL V 306 31.70 84.06 -71.25
C VAL V 306 33.15 83.66 -71.47
N ASP V 307 33.71 82.97 -70.46
CA ASP V 307 35.09 82.51 -70.48
C ASP V 307 35.27 81.30 -71.40
N LYS V 308 36.50 81.11 -71.87
CA LYS V 308 36.89 79.93 -72.64
C LYS V 308 36.66 78.65 -71.84
N GLY V 309 36.03 77.67 -72.50
CA GLY V 309 35.83 76.35 -71.93
C GLY V 309 34.61 76.22 -71.01
N MET V 310 33.86 77.31 -70.82
CA MET V 310 32.61 77.24 -70.07
C MET V 310 31.67 76.16 -70.63
N LYS V 311 30.87 75.56 -69.75
CA LYS V 311 30.05 74.39 -70.09
C LYS V 311 28.58 74.77 -70.23
N HIS V 312 27.84 73.94 -70.97
CA HIS V 312 26.39 74.00 -70.97
C HIS V 312 25.84 73.92 -69.55
N GLY V 313 24.83 74.75 -69.25
CA GLY V 313 24.20 74.81 -67.93
C GLY V 313 25.00 75.56 -66.86
N GLN V 314 26.17 76.11 -67.20
CA GLN V 314 26.94 76.90 -66.25
C GLN V 314 26.22 78.23 -65.96
N ARG V 315 26.31 78.68 -64.69
CA ARG V 315 25.62 79.87 -64.22
C ARG V 315 26.58 81.05 -64.10
N ILE V 316 26.15 82.23 -64.60
CA ILE V 316 26.81 83.50 -64.38
C ILE V 316 25.88 84.37 -63.54
N THR V 317 26.32 84.72 -62.31
CA THR V 317 25.49 85.42 -61.34
C THR V 317 25.89 86.88 -61.22
N PHE V 318 24.88 87.76 -61.31
CA PHE V 318 24.99 89.18 -61.02
C PHE V 318 24.25 89.48 -59.72
N THR V 319 25.02 89.66 -58.64
CA THR V 319 24.49 89.77 -57.28
C THR V 319 23.71 91.08 -57.08
N GLY V 320 22.50 90.98 -56.49
CA GLY V 320 21.66 92.13 -56.17
C GLY V 320 21.12 92.88 -57.39
N GLU V 321 21.18 92.25 -58.57
CA GLU V 321 20.79 92.89 -59.82
C GLU V 321 19.33 92.63 -60.20
N ALA V 322 18.61 91.78 -59.48
CA ALA V 322 17.20 91.51 -59.72
C ALA V 322 16.30 92.71 -59.38
N ASP V 323 14.99 92.47 -59.43
CA ASP V 323 13.95 93.45 -59.09
C ASP V 323 14.10 93.95 -57.65
N GLN V 324 13.99 95.27 -57.50
CA GLN V 324 13.92 95.94 -56.20
C GLN V 324 12.47 96.11 -55.77
N ALA V 325 12.22 95.90 -54.46
CA ALA V 325 10.94 96.21 -53.85
C ALA V 325 11.15 96.92 -52.51
N PRO V 326 10.23 97.82 -52.07
CA PRO V 326 10.38 98.52 -50.80
C PRO V 326 10.49 97.57 -49.60
N GLY V 327 11.58 97.71 -48.83
CA GLY V 327 11.84 96.91 -47.65
C GLY V 327 12.36 95.50 -47.94
N VAL V 328 12.73 95.23 -49.21
CA VAL V 328 13.21 93.93 -49.67
C VAL V 328 14.61 94.12 -50.27
N GLU V 329 15.57 93.27 -49.87
CA GLU V 329 16.90 93.26 -50.46
C GLU V 329 16.81 92.56 -51.81
N PRO V 330 17.31 93.14 -52.94
CA PRO V 330 17.16 92.53 -54.25
C PRO V 330 17.80 91.15 -54.37
N GLY V 331 17.14 90.26 -55.13
CA GLY V 331 17.72 88.99 -55.55
C GLY V 331 18.82 89.16 -56.59
N ASP V 332 19.30 88.03 -57.13
CA ASP V 332 20.34 88.01 -58.14
C ASP V 332 19.78 87.78 -59.54
N ILE V 333 20.49 88.27 -60.56
CA ILE V 333 20.25 87.83 -61.93
C ILE V 333 21.22 86.68 -62.25
N VAL V 334 20.65 85.51 -62.56
CA VAL V 334 21.42 84.31 -62.87
C VAL V 334 21.23 83.97 -64.36
N LEU V 335 22.33 84.12 -65.12
CA LEU V 335 22.31 83.72 -66.52
C LEU V 335 22.71 82.25 -66.63
N LEU V 336 21.87 81.46 -67.30
CA LEU V 336 22.14 80.05 -67.55
C LEU V 336 22.65 79.88 -68.98
N LEU V 337 23.89 79.40 -69.14
CA LEU V 337 24.46 79.18 -70.46
C LEU V 337 23.74 78.04 -71.18
N GLN V 338 23.21 78.34 -72.35
CA GLN V 338 22.60 77.36 -73.24
C GLN V 338 23.46 77.24 -74.49
N GLU V 339 24.11 76.08 -74.65
CA GLU V 339 24.93 75.80 -75.81
C GLU V 339 24.00 75.57 -77.01
N LYS V 340 24.31 76.26 -78.11
CA LYS V 340 23.60 76.04 -79.37
C LYS V 340 24.23 74.86 -80.07
N GLU V 341 23.37 74.08 -80.73
CA GLU V 341 23.78 73.07 -81.70
C GLU V 341 24.69 73.70 -82.76
N HIS V 342 25.75 72.96 -83.13
CA HIS V 342 26.70 73.38 -84.13
C HIS V 342 26.66 72.41 -85.31
N GLU V 343 26.78 72.92 -86.53
CA GLU V 343 26.53 72.15 -87.74
C GLU V 343 27.57 71.04 -87.99
N VAL V 344 28.84 71.32 -87.66
CA VAL V 344 29.96 70.40 -87.91
C VAL V 344 30.38 69.61 -86.66
N PHE V 345 30.52 70.32 -85.52
CA PHE V 345 31.06 69.74 -84.29
C PHE V 345 29.96 69.46 -83.27
N GLN V 346 30.10 68.32 -82.59
CA GLN V 346 29.34 67.99 -81.40
C GLN V 346 30.32 67.97 -80.22
N ARG V 347 29.93 68.60 -79.12
CA ARG V 347 30.81 68.68 -77.97
C ARG V 347 30.46 67.59 -76.96
N ASP V 348 31.50 66.88 -76.49
CA ASP V 348 31.42 65.99 -75.35
C ASP V 348 32.45 66.40 -74.30
N GLY V 349 31.99 67.07 -73.23
CA GLY V 349 32.88 67.61 -72.21
C GLY V 349 33.90 68.61 -72.76
N ASN V 350 35.18 68.18 -72.84
CA ASN V 350 36.25 68.97 -73.43
C ASN V 350 36.61 68.50 -74.85
N ASP V 351 36.04 67.38 -75.28
CA ASP V 351 36.32 66.80 -76.59
C ASP V 351 35.30 67.27 -77.62
N LEU V 352 35.71 67.23 -78.90
CA LEU V 352 34.85 67.52 -80.02
C LEU V 352 34.71 66.29 -80.90
N HIS V 353 33.52 66.11 -81.46
CA HIS V 353 33.23 65.04 -82.41
C HIS V 353 32.76 65.65 -83.73
N MET V 354 33.21 65.07 -84.84
CA MET V 354 32.69 65.44 -86.15
C MET V 354 32.59 64.19 -87.04
N THR V 355 31.68 64.25 -88.02
CA THR V 355 31.61 63.24 -89.08
C THR V 355 32.20 63.82 -90.36
N TYR V 356 33.14 63.09 -90.97
CA TYR V 356 33.77 63.49 -92.22
C TYR V 356 33.54 62.43 -93.28
N LYS V 357 33.03 62.86 -94.45
CA LYS V 357 32.75 61.97 -95.57
C LYS V 357 33.98 61.89 -96.46
N ILE V 358 34.37 60.65 -96.81
CA ILE V 358 35.50 60.37 -97.70
C ILE V 358 35.09 59.35 -98.75
N GLY V 359 35.70 59.41 -99.94
CA GLY V 359 35.47 58.40 -100.98
C GLY V 359 36.21 57.09 -100.70
N LEU V 360 35.80 56.00 -101.38
CA LEU V 360 36.45 54.70 -101.25
C LEU V 360 37.95 54.77 -101.56
N VAL V 361 38.32 55.53 -102.61
CA VAL V 361 39.71 55.73 -103.01
C VAL V 361 40.51 56.38 -101.88
N GLU V 362 39.96 57.42 -101.24
CA GLU V 362 40.59 58.10 -100.10
C GLU V 362 40.76 57.16 -98.92
N ALA V 363 39.74 56.33 -98.65
CA ALA V 363 39.74 55.36 -97.57
C ALA V 363 40.81 54.28 -97.73
N LEU V 364 41.14 53.88 -98.99
CA LEU V 364 42.09 52.81 -99.29
C LEU V 364 43.51 53.33 -99.56
N CYS V 365 43.63 54.49 -100.23
CA CYS V 365 44.88 54.98 -100.79
C CYS V 365 45.49 56.15 -99.98
N GLY V 366 44.82 56.60 -98.91
CA GLY V 366 45.23 57.78 -98.15
C GLY V 366 44.66 59.08 -98.74
N PHE V 367 44.65 60.13 -97.91
CA PHE V 367 43.98 61.38 -98.25
C PHE V 367 44.51 62.56 -97.43
N GLN V 368 44.17 63.75 -97.92
CA GLN V 368 44.39 65.00 -97.20
C GLN V 368 43.12 65.84 -97.31
N PHE V 369 42.64 66.33 -96.16
CA PHE V 369 41.52 67.26 -96.16
C PHE V 369 41.76 68.44 -95.23
N THR V 370 40.93 69.47 -95.40
CA THR V 370 41.01 70.68 -94.59
C THR V 370 39.63 71.03 -94.05
N PHE V 371 39.58 71.52 -92.80
CA PHE V 371 38.37 72.04 -92.22
C PHE V 371 38.67 73.31 -91.39
N LYS V 372 37.62 74.11 -91.16
CA LYS V 372 37.70 75.30 -90.33
C LYS V 372 37.38 74.92 -88.89
N HIS V 373 38.29 75.26 -87.96
CA HIS V 373 38.09 75.04 -86.54
C HIS V 373 37.30 76.20 -85.90
N LEU V 374 36.98 76.07 -84.60
CA LEU V 374 36.18 77.01 -83.83
C LEU V 374 36.88 78.37 -83.64
N ASP V 375 38.22 78.41 -83.72
CA ASP V 375 39.01 79.65 -83.72
C ASP V 375 39.18 80.27 -85.11
N GLY V 376 38.66 79.60 -86.15
CA GLY V 376 38.76 80.06 -87.52
C GLY V 376 40.06 79.65 -88.22
N ARG V 377 40.97 78.93 -87.54
CA ARG V 377 42.14 78.36 -88.20
C ARG V 377 41.71 77.25 -89.18
N GLN V 378 42.44 77.13 -90.29
CA GLN V 378 42.31 76.01 -91.20
C GLN V 378 43.24 74.88 -90.72
N ILE V 379 42.67 73.72 -90.41
CA ILE V 379 43.44 72.55 -90.02
C ILE V 379 43.55 71.61 -91.22
N VAL V 380 44.79 71.21 -91.55
CA VAL V 380 45.07 70.22 -92.58
C VAL V 380 45.30 68.87 -91.91
N VAL V 381 44.40 67.92 -92.17
CA VAL V 381 44.54 66.55 -91.68
C VAL V 381 45.07 65.69 -92.83
N LYS V 382 46.16 64.96 -92.55
CA LYS V 382 46.78 64.05 -93.51
C LYS V 382 46.72 62.63 -92.98
N TYR V 383 46.29 61.71 -93.86
CA TYR V 383 46.30 60.29 -93.58
C TYR V 383 47.22 59.59 -94.58
N PRO V 384 48.23 58.81 -94.12
CA PRO V 384 49.26 58.31 -95.02
C PRO V 384 48.73 57.23 -95.96
N PRO V 385 49.28 57.12 -97.19
CA PRO V 385 48.94 56.02 -98.10
C PRO V 385 49.31 54.66 -97.53
N GLY V 386 48.52 53.64 -97.86
CA GLY V 386 48.77 52.28 -97.40
C GLY V 386 48.14 51.95 -96.04
N LYS V 387 47.45 52.91 -95.43
CA LYS V 387 46.61 52.65 -94.25
C LYS V 387 45.15 52.80 -94.65
N VAL V 388 44.31 51.86 -94.19
CA VAL V 388 42.89 51.83 -94.53
C VAL V 388 42.05 52.49 -93.43
N ILE V 389 41.07 53.27 -93.87
CA ILE V 389 39.98 53.78 -93.05
C ILE V 389 38.75 52.89 -93.29
N GLU V 390 38.34 52.17 -92.24
CA GLU V 390 37.12 51.37 -92.27
C GLU V 390 35.89 52.27 -92.16
N PRO V 391 34.74 51.91 -92.81
CA PRO V 391 33.48 52.63 -92.62
C PRO V 391 33.07 52.72 -91.15
N GLY V 392 32.80 53.96 -90.72
CA GLY V 392 32.39 54.27 -89.35
C GLY V 392 33.55 54.33 -88.35
N CYS V 393 34.80 54.09 -88.76
CA CYS V 393 35.92 54.12 -87.83
C CYS V 393 36.20 55.56 -87.34
N VAL V 394 36.75 55.65 -86.13
CA VAL V 394 37.07 56.93 -85.50
C VAL V 394 38.58 57.11 -85.44
N ARG V 395 39.04 58.33 -85.76
CA ARG V 395 40.42 58.75 -85.55
C ARG V 395 40.46 60.03 -84.72
N VAL V 396 41.62 60.32 -84.13
CA VAL V 396 41.77 61.43 -83.20
C VAL V 396 42.81 62.43 -83.74
N VAL V 397 42.45 63.72 -83.63
CA VAL V 397 43.40 64.82 -83.78
C VAL V 397 43.60 65.42 -82.38
N ARG V 398 44.78 65.14 -81.80
CA ARG V 398 45.05 65.47 -80.41
C ARG V 398 45.18 66.99 -80.20
N GLY V 399 44.60 67.49 -79.10
CA GLY V 399 44.70 68.89 -78.70
C GLY V 399 43.84 69.87 -79.51
N GLU V 400 42.94 69.34 -80.37
CA GLU V 400 42.03 70.14 -81.19
C GLU V 400 40.58 70.04 -80.70
N GLY V 401 40.37 69.69 -79.41
CA GLY V 401 39.08 69.80 -78.74
C GLY V 401 38.82 71.18 -78.12
N MET V 402 37.84 71.24 -77.21
CA MET V 402 37.51 72.45 -76.46
C MET V 402 38.57 72.76 -75.39
N PRO V 403 38.83 74.06 -75.09
CA PRO V 403 39.67 74.44 -73.97
C PRO V 403 39.02 74.09 -72.63
N GLN V 404 39.83 73.74 -71.64
CA GLN V 404 39.35 73.52 -70.28
C GLN V 404 38.99 74.86 -69.62
N TYR V 405 37.84 74.89 -68.93
CA TYR V 405 37.46 76.06 -68.14
C TYR V 405 38.51 76.36 -67.06
N ARG V 406 38.95 77.62 -66.97
CA ARG V 406 39.98 78.11 -66.04
C ARG V 406 41.41 77.69 -66.41
N ASN V 407 41.57 76.72 -67.32
CA ASN V 407 42.88 76.29 -67.81
C ASN V 407 42.86 76.22 -69.35
N PRO V 408 42.71 77.36 -70.07
CA PRO V 408 42.49 77.35 -71.52
C PRO V 408 43.69 76.93 -72.37
N PHE V 409 44.85 76.69 -71.72
CA PHE V 409 46.05 76.15 -72.36
C PHE V 409 45.94 74.64 -72.58
N GLU V 410 45.13 73.96 -71.74
CA GLU V 410 44.79 72.56 -71.94
C GLU V 410 43.49 72.45 -72.75
N LYS V 411 43.52 71.55 -73.73
CA LYS V 411 42.38 71.29 -74.58
C LYS V 411 42.10 69.79 -74.60
N GLY V 412 40.84 69.43 -74.87
CA GLY V 412 40.51 68.07 -75.23
C GLY V 412 40.96 67.73 -76.65
N ASP V 413 40.43 66.62 -77.17
CA ASP V 413 40.77 66.08 -78.47
C ASP V 413 39.61 66.22 -79.47
N LEU V 414 39.91 66.16 -80.77
CA LEU V 414 38.91 66.08 -81.82
C LEU V 414 38.83 64.66 -82.37
N TYR V 415 37.66 64.02 -82.19
CA TYR V 415 37.35 62.72 -82.75
C TYR V 415 36.61 62.87 -84.07
N ILE V 416 37.16 62.23 -85.11
CA ILE V 416 36.59 62.28 -86.45
C ILE V 416 36.09 60.88 -86.81
N LYS V 417 34.76 60.76 -86.96
CA LYS V 417 34.12 59.57 -87.49
C LYS V 417 34.12 59.65 -89.02
N PHE V 418 34.68 58.62 -89.68
CA PHE V 418 34.72 58.58 -91.14
C PHE V 418 33.53 57.85 -91.72
N ASP V 419 32.82 58.54 -92.63
CA ASP V 419 31.72 57.99 -93.40
C ASP V 419 32.23 57.72 -94.83
N VAL V 420 32.48 56.44 -95.14
CA VAL V 420 33.08 56.04 -96.41
C VAL V 420 32.00 55.88 -97.48
N GLN V 421 32.06 56.75 -98.49
CA GLN V 421 31.14 56.76 -99.62
C GLN V 421 31.64 55.83 -100.71
N PHE V 422 30.86 54.75 -100.93
CA PHE V 422 31.04 53.87 -102.07
C PHE V 422 30.62 54.55 -103.37
N PRO V 423 31.25 54.20 -104.52
CA PRO V 423 30.84 54.70 -105.82
C PRO V 423 29.44 54.17 -106.16
N GLU V 424 28.74 54.89 -107.04
CA GLU V 424 27.40 54.49 -107.45
C GLU V 424 27.39 53.23 -108.32
N ASN V 425 26.17 52.73 -108.51
CA ASN V 425 25.79 51.65 -109.43
C ASN V 425 26.39 51.86 -110.82
N ASN V 426 27.01 50.82 -111.40
CA ASN V 426 27.59 50.84 -112.75
C ASN V 426 28.82 51.75 -112.92
N TRP V 427 29.54 52.12 -111.83
CA TRP V 427 30.62 53.11 -111.96
C TRP V 427 31.82 52.62 -112.81
N ILE V 428 31.96 51.30 -112.93
CA ILE V 428 33.04 50.67 -113.69
C ILE V 428 32.49 49.65 -114.69
N ASN V 429 33.11 49.58 -115.88
CA ASN V 429 32.80 48.57 -116.88
C ASN V 429 33.12 47.18 -116.32
N PRO V 430 32.21 46.18 -116.39
CA PRO V 430 32.49 44.79 -116.02
C PRO V 430 33.83 44.20 -116.46
N ASP V 431 34.33 44.58 -117.65
CA ASP V 431 35.61 44.11 -118.19
C ASP V 431 36.81 44.45 -117.27
N LYS V 432 36.67 45.51 -116.46
CA LYS V 432 37.73 46.01 -115.57
C LYS V 432 37.62 45.44 -114.15
N LEU V 433 36.59 44.65 -113.86
CA LEU V 433 36.38 44.08 -112.54
C LEU V 433 37.49 43.07 -112.18
N SER V 434 37.98 42.35 -113.22
CA SER V 434 39.09 41.40 -113.11
C SER V 434 40.37 42.10 -112.65
N GLU V 435 40.73 43.22 -113.30
CA GLU V 435 41.89 44.04 -112.93
C GLU V 435 41.80 44.52 -111.48
N LEU V 436 40.59 44.88 -111.01
CA LEU V 436 40.36 45.33 -109.64
C LEU V 436 40.53 44.18 -108.64
N GLU V 437 40.03 42.98 -109.00
CA GLU V 437 40.13 41.79 -108.17
C GLU V 437 41.59 41.39 -107.94
N ASP V 438 42.41 41.46 -109.00
CA ASP V 438 43.84 41.15 -108.97
C ASP V 438 44.65 42.08 -108.04
N LEU V 439 44.13 43.30 -107.79
CA LEU V 439 44.82 44.29 -106.99
C LEU V 439 44.49 44.12 -105.50
N GLY W 198 -13.55 -102.20 17.77
CA GLY W 198 -12.64 -102.90 16.83
C GLY W 198 -12.88 -102.44 15.40
N GLU W 199 -11.97 -102.83 14.52
CA GLU W 199 -12.00 -102.50 13.10
C GLU W 199 -13.08 -103.31 12.38
N ASP W 200 -13.78 -102.65 11.44
CA ASP W 200 -14.76 -103.33 10.59
C ASP W 200 -14.04 -104.14 9.50
N MET W 201 -14.58 -105.32 9.18
CA MET W 201 -14.04 -106.18 8.13
C MET W 201 -14.88 -106.08 6.86
N MET W 202 -14.23 -105.69 5.76
CA MET W 202 -14.92 -105.56 4.47
C MET W 202 -14.64 -106.78 3.58
N HIS W 203 -15.71 -107.42 3.09
CA HIS W 203 -15.59 -108.57 2.20
C HIS W 203 -16.39 -108.37 0.91
N PRO W 204 -15.76 -108.51 -0.28
CA PRO W 204 -16.52 -108.47 -1.53
C PRO W 204 -17.32 -109.76 -1.72
N LEU W 205 -18.63 -109.62 -1.98
CA LEU W 205 -19.49 -110.73 -2.34
C LEU W 205 -19.86 -110.64 -3.82
N LYS W 206 -19.29 -111.54 -4.63
CA LYS W 206 -19.58 -111.59 -6.06
C LYS W 206 -20.95 -112.26 -6.30
N VAL W 207 -21.86 -111.51 -6.94
CA VAL W 207 -23.24 -111.91 -7.22
C VAL W 207 -23.51 -111.79 -8.72
N SER W 208 -24.27 -112.73 -9.29
CA SER W 208 -24.68 -112.66 -10.70
C SER W 208 -25.96 -111.82 -10.86
N LEU W 209 -26.31 -111.46 -12.10
CA LEU W 209 -27.57 -110.77 -12.38
C LEU W 209 -28.79 -111.61 -12.00
N GLU W 210 -28.70 -112.94 -12.20
CA GLU W 210 -29.76 -113.89 -11.82
C GLU W 210 -29.94 -113.92 -10.30
N ASP W 211 -28.84 -113.86 -9.53
CA ASP W 211 -28.85 -113.78 -8.08
C ASP W 211 -29.58 -112.50 -7.63
N LEU W 212 -29.30 -111.38 -8.30
CA LEU W 212 -29.88 -110.07 -7.99
C LEU W 212 -31.34 -109.95 -8.43
N TYR W 213 -31.74 -110.70 -9.47
CA TYR W 213 -33.10 -110.68 -10.00
C TYR W 213 -34.02 -111.59 -9.17
N ASN W 214 -33.58 -112.81 -8.88
CA ASN W 214 -34.38 -113.82 -8.20
C ASN W 214 -34.28 -113.72 -6.67
N GLY W 215 -33.22 -113.08 -6.17
CA GLY W 215 -32.84 -113.17 -4.77
C GLY W 215 -32.05 -114.45 -4.49
N LYS W 216 -31.14 -114.40 -3.52
CA LYS W 216 -30.28 -115.53 -3.20
C LYS W 216 -29.92 -115.54 -1.72
N THR W 217 -30.02 -116.73 -1.12
CA THR W 217 -29.47 -117.00 0.18
C THR W 217 -28.19 -117.81 0.00
N THR W 218 -27.06 -117.29 0.52
CA THR W 218 -25.78 -117.96 0.43
C THR W 218 -25.10 -118.02 1.81
N LYS W 219 -24.32 -119.09 2.03
CA LYS W 219 -23.55 -119.22 3.26
C LYS W 219 -22.11 -118.80 3.01
N LEU W 220 -21.65 -117.83 3.81
CA LEU W 220 -20.29 -117.33 3.75
C LEU W 220 -19.52 -117.83 4.96
N GLN W 221 -18.44 -118.59 4.70
CA GLN W 221 -17.56 -119.03 5.77
C GLN W 221 -16.43 -118.02 5.95
N LEU W 222 -16.32 -117.46 7.16
CA LEU W 222 -15.25 -116.54 7.52
C LEU W 222 -14.48 -117.05 8.74
N SER W 223 -13.16 -116.84 8.73
CA SER W 223 -12.32 -117.09 9.90
C SER W 223 -12.11 -115.76 10.64
N LYS W 224 -12.46 -115.74 11.93
CA LYS W 224 -12.28 -114.56 12.77
C LYS W 224 -11.65 -114.92 14.11
N ASN W 225 -11.06 -113.92 14.75
CA ASN W 225 -10.55 -114.03 16.09
C ASN W 225 -11.69 -113.88 17.08
N VAL W 226 -11.82 -114.87 17.98
CA VAL W 226 -12.76 -114.82 19.09
C VAL W 226 -11.98 -114.87 20.40
N LEU W 227 -12.55 -114.29 21.46
CA LEU W 227 -11.95 -114.40 22.79
C LEU W 227 -11.83 -115.87 23.19
N CYS W 228 -10.65 -116.24 23.69
CA CYS W 228 -10.36 -117.62 24.07
C CYS W 228 -11.31 -118.08 25.18
N SER W 229 -12.22 -119.02 24.85
CA SER W 229 -13.24 -119.52 25.76
C SER W 229 -12.68 -120.06 27.08
N ALA W 230 -11.41 -120.50 27.10
CA ALA W 230 -10.77 -121.13 28.26
C ALA W 230 -10.16 -120.11 29.25
N CYS W 231 -9.88 -118.88 28.82
CA CYS W 231 -9.32 -117.85 29.71
C CYS W 231 -10.04 -116.50 29.58
N SER W 232 -11.14 -116.45 28.82
CA SER W 232 -11.96 -115.26 28.58
C SER W 232 -11.13 -114.02 28.24
N GLY W 233 -10.08 -114.20 27.39
CA GLY W 233 -9.21 -113.14 26.89
C GLY W 233 -8.18 -112.62 27.89
N GLN W 234 -8.37 -113.00 29.17
CA GLN W 234 -7.53 -112.47 30.23
C GLN W 234 -6.12 -112.91 29.88
N GLY W 235 -6.09 -113.81 28.90
CA GLY W 235 -4.85 -114.39 28.46
C GLY W 235 -4.66 -115.53 29.43
N GLY W 236 -4.34 -115.18 30.67
CA GLY W 236 -4.30 -116.18 31.72
C GLY W 236 -4.90 -115.65 33.01
N LYS W 237 -4.78 -116.43 34.10
CA LYS W 237 -5.20 -115.99 35.42
C LYS W 237 -4.48 -114.70 35.79
N SER W 238 -5.01 -113.94 36.76
CA SER W 238 -4.35 -112.74 37.26
C SER W 238 -3.00 -113.11 37.85
N GLY W 239 -1.90 -112.62 37.22
CA GLY W 239 -0.54 -112.93 37.60
C GLY W 239 0.04 -114.09 36.77
N ALA W 240 -0.71 -114.53 35.75
CA ALA W 240 -0.24 -115.51 34.77
C ALA W 240 0.48 -114.79 33.65
N VAL W 241 0.19 -113.49 33.48
CA VAL W 241 0.76 -112.69 32.42
C VAL W 241 2.14 -112.18 32.86
N GLN W 242 3.18 -112.65 32.17
CA GLN W 242 4.56 -112.29 32.46
C GLN W 242 5.16 -111.53 31.28
N LYS W 243 6.05 -110.57 31.58
CA LYS W 243 6.86 -109.89 30.57
C LYS W 243 7.68 -110.95 29.83
N CYS W 244 7.67 -110.88 28.49
CA CYS W 244 8.51 -111.75 27.70
C CYS W 244 9.99 -111.44 27.98
N SER W 245 10.76 -112.41 28.51
CA SER W 245 12.17 -112.26 28.89
C SER W 245 13.06 -111.95 27.69
N ALA W 246 12.73 -112.61 26.58
CA ALA W 246 13.32 -112.59 25.26
C ALA W 246 13.48 -111.19 24.65
N CYS W 247 12.36 -110.44 24.61
CA CYS W 247 12.29 -109.10 24.04
C CYS W 247 12.11 -108.03 25.13
N ARG W 248 12.10 -108.43 26.40
CA ARG W 248 11.88 -107.57 27.56
C ARG W 248 10.62 -106.72 27.41
N GLY W 249 9.52 -107.33 26.93
CA GLY W 249 8.25 -106.64 26.74
C GLY W 249 8.12 -105.84 25.45
N ARG W 250 9.14 -105.83 24.57
CA ARG W 250 9.13 -105.00 23.36
C ARG W 250 8.37 -105.65 22.19
N GLY W 251 8.06 -106.95 22.26
CA GLY W 251 7.44 -107.66 21.14
C GLY W 251 8.42 -108.00 20.01
N VAL W 252 9.54 -107.26 19.92
CA VAL W 252 10.51 -107.40 18.83
C VAL W 252 11.92 -107.61 19.38
N ARG W 253 12.71 -108.36 18.61
CA ARG W 253 14.12 -108.58 18.88
C ARG W 253 14.95 -107.97 17.76
N ILE W 254 16.07 -107.34 18.13
CA ILE W 254 17.01 -106.82 17.15
C ILE W 254 18.04 -107.91 16.89
N MET W 255 18.04 -108.46 15.68
CA MET W 255 19.01 -109.45 15.23
C MET W 255 20.07 -108.77 14.38
N ILE W 256 21.34 -109.05 14.68
CA ILE W 256 22.46 -108.51 13.93
C ILE W 256 22.90 -109.53 12.87
N ARG W 257 22.74 -109.19 11.59
CA ARG W 257 23.25 -109.99 10.49
C ARG W 257 24.52 -109.36 9.92
N GLN W 258 25.67 -110.05 9.94
CA GLN W 258 26.82 -109.56 9.18
C GLN W 258 26.59 -109.72 7.68
N LEU W 259 26.77 -108.61 6.92
CA LEU W 259 26.81 -108.65 5.45
C LEU W 259 28.22 -108.81 4.89
N ALA W 260 29.20 -108.24 5.59
CA ALA W 260 30.61 -108.31 5.30
C ALA W 260 31.39 -107.98 6.59
N PRO W 261 32.68 -108.37 6.81
CA PRO W 261 33.38 -107.88 7.99
C PRO W 261 33.44 -106.34 8.03
N GLY W 262 32.90 -105.78 9.11
CA GLY W 262 32.77 -104.32 9.24
C GLY W 262 31.44 -103.75 8.73
N MET W 263 30.61 -104.59 8.06
CA MET W 263 29.22 -104.23 7.76
C MET W 263 28.24 -105.16 8.50
N VAL W 264 27.58 -104.64 9.54
CA VAL W 264 26.51 -105.35 10.23
C VAL W 264 25.16 -104.67 9.93
N GLN W 265 24.16 -105.49 9.60
CA GLN W 265 22.77 -105.08 9.47
C GLN W 265 22.01 -105.42 10.75
N GLN W 266 21.40 -104.43 11.39
CA GLN W 266 20.48 -104.65 12.48
C GLN W 266 19.11 -104.79 11.82
N MET W 267 18.53 -105.99 11.95
CA MET W 267 17.17 -106.24 11.51
C MET W 267 16.28 -106.43 12.74
N GLN W 268 15.14 -105.73 12.78
CA GLN W 268 14.11 -105.95 13.78
C GLN W 268 13.22 -107.10 13.29
N SER W 269 13.17 -108.16 14.11
CA SER W 269 12.33 -109.31 13.86
C SER W 269 11.28 -109.39 14.97
N VAL W 270 10.08 -109.88 14.63
CA VAL W 270 9.11 -110.20 15.67
C VAL W 270 9.72 -111.24 16.59
N CYS W 271 9.50 -111.07 17.91
CA CYS W 271 10.09 -111.94 18.91
C CYS W 271 9.43 -113.31 18.82
N SER W 272 10.25 -114.35 18.56
CA SER W 272 9.83 -115.75 18.45
C SER W 272 9.13 -116.25 19.71
N ASP W 273 9.48 -115.70 20.89
CA ASP W 273 9.09 -116.28 22.17
C ASP W 273 7.72 -115.78 22.63
N CYS W 274 7.28 -114.61 22.15
CA CYS W 274 5.95 -114.06 22.44
C CYS W 274 5.15 -113.69 21.19
N ASN W 275 5.67 -114.04 19.99
CA ASN W 275 5.03 -113.76 18.71
C ASN W 275 4.57 -112.31 18.56
N GLY W 276 5.32 -111.37 19.16
CA GLY W 276 5.04 -109.94 19.03
C GLY W 276 4.24 -109.32 20.16
N GLU W 277 3.67 -110.14 21.06
CA GLU W 277 2.76 -109.64 22.09
C GLU W 277 3.52 -108.91 23.21
N GLY W 278 4.80 -109.23 23.41
CA GLY W 278 5.58 -108.67 24.52
C GLY W 278 5.33 -109.37 25.87
N GLU W 279 4.28 -110.18 25.91
CA GLU W 279 3.95 -110.99 27.08
C GLU W 279 3.99 -112.48 26.79
N VAL W 280 4.19 -113.28 27.84
CA VAL W 280 4.10 -114.73 27.78
C VAL W 280 3.17 -115.20 28.88
N ILE W 281 2.25 -116.10 28.50
CA ILE W 281 1.36 -116.78 29.43
C ILE W 281 1.62 -118.28 29.29
N ASN W 282 1.98 -118.92 30.41
CA ASN W 282 2.14 -120.36 30.49
C ASN W 282 0.85 -121.04 30.00
N GLU W 283 0.99 -122.10 29.20
CA GLU W 283 -0.12 -122.82 28.60
C GLU W 283 -1.22 -123.19 29.60
N LYS W 284 -0.80 -123.64 30.79
CA LYS W 284 -1.65 -124.06 31.90
C LYS W 284 -2.52 -122.93 32.46
N ASP W 285 -2.15 -121.66 32.20
CA ASP W 285 -2.86 -120.49 32.71
C ASP W 285 -3.87 -119.93 31.71
N ARG W 286 -3.67 -120.21 30.40
CA ARG W 286 -4.58 -119.77 29.35
C ARG W 286 -5.41 -120.97 28.90
N CYS W 287 -4.71 -122.00 28.40
CA CYS W 287 -5.30 -123.20 27.84
C CYS W 287 -4.30 -123.80 26.86
N LYS W 288 -4.65 -124.93 26.24
CA LYS W 288 -3.84 -125.54 25.20
C LYS W 288 -4.34 -125.05 23.84
N LYS W 289 -5.03 -123.89 23.83
CA LYS W 289 -5.70 -123.35 22.66
C LYS W 289 -4.98 -122.09 22.14
N CYS W 290 -5.31 -120.90 22.69
CA CYS W 290 -4.74 -119.63 22.26
C CYS W 290 -3.22 -119.70 22.33
N GLU W 291 -2.65 -119.82 23.55
CA GLU W 291 -1.23 -119.96 23.85
C GLU W 291 -0.70 -118.63 24.38
N GLY W 292 -1.46 -118.03 25.31
CA GLY W 292 -1.13 -116.73 25.88
C GLY W 292 -1.50 -115.61 24.91
N LYS W 293 -2.29 -115.94 23.90
CA LYS W 293 -2.63 -115.01 22.84
C LYS W 293 -3.93 -114.25 23.12
N LYS W 294 -4.79 -114.78 24.02
CA LYS W 294 -6.04 -114.16 24.49
C LYS W 294 -7.16 -114.34 23.46
N VAL W 295 -6.82 -114.74 22.23
CA VAL W 295 -7.80 -115.01 21.17
C VAL W 295 -7.49 -116.35 20.48
N ILE W 296 -8.52 -116.91 19.82
CA ILE W 296 -8.39 -118.11 18.99
C ILE W 296 -9.09 -117.84 17.66
N LYS W 297 -8.55 -118.40 16.57
CA LYS W 297 -9.21 -118.35 15.28
C LYS W 297 -10.35 -119.36 15.23
N GLU W 298 -11.57 -118.85 15.03
CA GLU W 298 -12.77 -119.66 14.88
C GLU W 298 -13.36 -119.43 13.48
N VAL W 299 -13.97 -120.49 12.96
CA VAL W 299 -14.62 -120.47 11.66
C VAL W 299 -16.12 -120.24 11.90
N LYS W 300 -16.64 -119.11 11.43
CA LYS W 300 -18.06 -118.79 11.52
C LYS W 300 -18.71 -118.81 10.14
N ILE W 301 -19.91 -119.41 10.07
CA ILE W 301 -20.72 -119.38 8.86
C ILE W 301 -21.80 -118.32 9.03
N LEU W 302 -21.77 -117.30 8.15
CA LEU W 302 -22.81 -116.28 8.08
C LEU W 302 -23.78 -116.62 6.95
N GLU W 303 -25.07 -116.58 7.27
CA GLU W 303 -26.12 -116.68 6.26
C GLU W 303 -26.38 -115.30 5.68
N VAL W 304 -26.16 -115.15 4.37
CA VAL W 304 -26.27 -113.88 3.67
C VAL W 304 -27.48 -113.92 2.75
N HIS W 305 -28.40 -112.98 2.98
CA HIS W 305 -29.56 -112.78 2.12
C HIS W 305 -29.30 -111.63 1.16
N VAL W 306 -29.35 -111.95 -0.13
CA VAL W 306 -29.31 -110.99 -1.22
C VAL W 306 -30.75 -110.85 -1.73
N ASP W 307 -31.35 -109.69 -1.45
CA ASP W 307 -32.72 -109.38 -1.85
C ASP W 307 -32.80 -109.07 -3.35
N LYS W 308 -34.01 -109.26 -3.90
CA LYS W 308 -34.32 -108.87 -5.27
C LYS W 308 -34.11 -107.37 -5.48
N GLY W 309 -33.43 -107.04 -6.58
CA GLY W 309 -33.22 -105.66 -7.00
C GLY W 309 -32.06 -104.94 -6.31
N MET W 310 -31.34 -105.62 -5.40
CA MET W 310 -30.14 -105.05 -4.81
C MET W 310 -29.15 -104.58 -5.88
N LYS W 311 -28.38 -103.53 -5.55
CA LYS W 311 -27.52 -102.84 -6.52
C LYS W 311 -26.06 -103.18 -6.30
N HIS W 312 -25.26 -103.02 -7.36
CA HIS W 312 -23.81 -103.04 -7.23
C HIS W 312 -23.35 -102.03 -6.16
N GLY W 313 -22.37 -102.45 -5.33
CA GLY W 313 -21.83 -101.62 -4.27
C GLY W 313 -22.71 -101.51 -3.00
N GLN W 314 -23.88 -102.18 -2.98
CA GLN W 314 -24.72 -102.18 -1.80
C GLN W 314 -24.05 -102.99 -0.67
N ARG W 315 -24.22 -102.51 0.58
CA ARG W 315 -23.59 -103.09 1.75
C ARG W 315 -24.58 -103.94 2.55
N ILE W 316 -24.14 -105.14 2.96
CA ILE W 316 -24.84 -105.99 3.92
C ILE W 316 -23.99 -106.06 5.18
N THR W 317 -24.52 -105.54 6.30
CA THR W 317 -23.76 -105.42 7.54
C THR W 317 -24.19 -106.46 8.57
N PHE W 318 -23.20 -107.17 9.14
CA PHE W 318 -23.36 -108.07 10.26
C PHE W 318 -22.71 -107.44 11.50
N THR W 319 -23.55 -106.89 12.39
CA THR W 319 -23.10 -106.08 13.52
C THR W 319 -22.37 -106.92 14.56
N GLY W 320 -21.19 -106.44 15.01
CA GLY W 320 -20.41 -107.08 16.06
C GLY W 320 -19.80 -108.42 15.65
N GLU W 321 -19.77 -108.71 14.34
CA GLU W 321 -19.32 -110.00 13.83
C GLU W 321 -17.83 -110.03 13.48
N ALA W 322 -17.14 -108.88 13.51
CA ALA W 322 -15.71 -108.81 13.23
C ALA W 322 -14.86 -109.48 14.33
N ASP W 323 -13.54 -109.31 14.21
CA ASP W 323 -12.55 -109.79 15.17
C ASP W 323 -12.80 -109.25 16.58
N GLN W 324 -12.73 -110.16 17.57
CA GLN W 324 -12.75 -109.81 18.97
C GLN W 324 -11.33 -109.62 19.50
N ALA W 325 -11.17 -108.62 20.38
CA ALA W 325 -9.92 -108.41 21.12
C ALA W 325 -10.25 -108.09 22.58
N PRO W 326 -9.37 -108.47 23.56
CA PRO W 326 -9.61 -108.17 24.97
C PRO W 326 -9.77 -106.68 25.24
N GLY W 327 -10.92 -106.31 25.85
CA GLY W 327 -11.23 -104.93 26.22
C GLY W 327 -11.69 -104.07 25.04
N VAL W 328 -11.97 -104.69 23.89
CA VAL W 328 -12.40 -104.02 22.66
C VAL W 328 -13.77 -104.59 22.26
N GLU W 329 -14.72 -103.71 21.95
CA GLU W 329 -16.02 -104.11 21.40
C GLU W 329 -15.84 -104.46 19.92
N PRO W 330 -16.28 -105.65 19.43
CA PRO W 330 -16.03 -106.03 18.04
C PRO W 330 -16.64 -105.06 17.02
N GLY W 331 -15.91 -104.88 15.90
CA GLY W 331 -16.43 -104.19 14.73
C GLY W 331 -17.47 -105.03 13.98
N ASP W 332 -17.89 -104.53 12.80
CA ASP W 332 -18.88 -105.20 11.97
C ASP W 332 -18.22 -105.93 10.79
N ILE W 333 -18.88 -106.97 10.29
CA ILE W 333 -18.55 -107.53 8.98
C ILE W 333 -19.46 -106.88 7.93
N VAL W 334 -18.85 -106.17 6.97
CA VAL W 334 -19.57 -105.48 5.91
C VAL W 334 -19.29 -106.19 4.58
N LEU W 335 -20.33 -106.82 4.03
CA LEU W 335 -20.23 -107.42 2.71
C LEU W 335 -20.60 -106.39 1.66
N LEU W 336 -19.69 -106.21 0.68
CA LEU W 336 -19.92 -105.31 -0.44
C LEU W 336 -20.33 -106.12 -1.66
N LEU W 337 -21.55 -105.87 -2.17
CA LEU W 337 -22.02 -106.59 -3.35
C LEU W 337 -21.25 -106.16 -4.59
N GLN W 338 -20.65 -107.15 -5.26
CA GLN W 338 -19.97 -106.97 -6.53
C GLN W 338 -20.75 -107.71 -7.61
N GLU W 339 -21.36 -106.95 -8.52
CA GLU W 339 -22.10 -107.51 -9.63
C GLU W 339 -21.10 -108.09 -10.63
N LYS W 340 -21.34 -109.34 -11.03
CA LYS W 340 -20.56 -109.97 -12.09
C LYS W 340 -21.12 -109.55 -13.43
N GLU W 341 -20.19 -109.37 -14.39
CA GLU W 341 -20.53 -109.23 -15.80
C GLU W 341 -21.38 -110.42 -16.25
N HIS W 342 -22.39 -110.12 -17.07
CA HIS W 342 -23.31 -111.12 -17.61
C HIS W 342 -23.16 -111.14 -19.13
N GLU W 343 -23.23 -112.33 -19.75
CA GLU W 343 -22.88 -112.52 -21.14
C GLU W 343 -23.88 -111.87 -22.10
N VAL W 344 -25.17 -111.89 -21.76
CA VAL W 344 -26.26 -111.39 -22.61
C VAL W 344 -26.74 -109.99 -22.20
N PHE W 345 -26.95 -109.78 -20.90
CA PHE W 345 -27.56 -108.57 -20.36
C PHE W 345 -26.52 -107.65 -19.71
N GLN W 346 -26.68 -106.35 -19.94
CA GLN W 346 -25.99 -105.31 -19.20
C GLN W 346 -27.02 -104.55 -18.39
N ARG W 347 -26.72 -104.30 -17.11
CA ARG W 347 -27.67 -103.63 -16.24
C ARG W 347 -27.37 -102.14 -16.17
N ASP W 348 -28.42 -101.32 -16.34
CA ASP W 348 -28.39 -99.90 -16.05
C ASP W 348 -29.49 -99.56 -15.05
N GLY W 349 -29.12 -99.36 -13.78
CA GLY W 349 -30.08 -99.13 -12.71
C GLY W 349 -31.08 -100.28 -12.54
N ASN W 350 -32.34 -100.03 -12.95
CA ASN W 350 -33.39 -101.04 -12.95
C ASN W 350 -33.65 -101.61 -14.35
N ASP W 351 -33.04 -101.03 -15.38
CA ASP W 351 -33.22 -101.44 -16.76
C ASP W 351 -32.15 -102.45 -17.18
N LEU W 352 -32.48 -103.25 -18.20
CA LEU W 352 -31.56 -104.19 -18.80
C LEU W 352 -31.35 -103.82 -20.26
N HIS W 353 -30.11 -104.02 -20.74
CA HIS W 353 -29.73 -103.81 -22.13
C HIS W 353 -29.19 -105.12 -22.70
N MET W 354 -29.56 -105.41 -23.95
CA MET W 354 -28.98 -106.54 -24.67
C MET W 354 -28.79 -106.16 -26.14
N THR W 355 -27.82 -106.82 -26.80
CA THR W 355 -27.67 -106.73 -28.24
C THR W 355 -28.19 -108.03 -28.87
N TYR W 356 -29.08 -107.88 -29.87
CA TYR W 356 -29.63 -109.01 -30.59
C TYR W 356 -29.31 -108.89 -32.08
N LYS W 357 -28.74 -109.97 -32.64
CA LYS W 357 -28.37 -110.01 -34.06
C LYS W 357 -29.54 -110.55 -34.87
N ILE W 358 -29.88 -109.85 -35.96
CA ILE W 358 -30.94 -110.25 -36.88
C ILE W 358 -30.44 -110.14 -38.32
N GLY W 359 -30.98 -110.97 -39.23
CA GLY W 359 -30.67 -110.88 -40.64
C GLY W 359 -31.40 -109.71 -41.33
N LEU W 360 -30.92 -109.32 -42.52
CA LEU W 360 -31.55 -108.26 -43.32
C LEU W 360 -33.02 -108.55 -43.60
N VAL W 361 -33.34 -109.82 -43.91
CA VAL W 361 -34.72 -110.27 -44.18
C VAL W 361 -35.60 -110.05 -42.95
N GLU W 362 -35.10 -110.41 -41.76
CA GLU W 362 -35.81 -110.21 -40.50
C GLU W 362 -36.04 -108.72 -40.21
N ALA W 363 -35.04 -107.89 -40.48
CA ALA W 363 -35.07 -106.45 -40.30
C ALA W 363 -36.12 -105.76 -41.19
N LEU W 364 -36.35 -106.29 -42.42
CA LEU W 364 -37.25 -105.69 -43.41
C LEU W 364 -38.67 -106.31 -43.36
N CYS W 365 -38.77 -107.62 -43.11
CA CYS W 365 -40.00 -108.38 -43.29
C CYS W 365 -40.68 -108.76 -41.97
N GLY W 366 -40.08 -108.40 -40.82
CA GLY W 366 -40.56 -108.82 -39.51
C GLY W 366 -40.00 -110.16 -39.07
N PHE W 367 -40.06 -110.42 -37.77
CA PHE W 367 -39.40 -111.58 -37.17
C PHE W 367 -40.00 -111.95 -35.81
N GLN W 368 -39.65 -113.18 -35.38
CA GLN W 368 -39.95 -113.66 -34.05
C GLN W 368 -38.69 -114.33 -33.51
N PHE W 369 -38.30 -113.96 -32.28
CA PHE W 369 -37.21 -114.63 -31.62
C PHE W 369 -37.53 -114.93 -30.16
N THR W 370 -36.71 -115.81 -29.56
CA THR W 370 -36.86 -116.20 -28.17
C THR W 370 -35.53 -116.08 -27.45
N PHE W 371 -35.58 -115.64 -26.18
CA PHE W 371 -34.40 -115.63 -25.32
C PHE W 371 -34.80 -116.06 -23.90
N LYS W 372 -33.78 -116.50 -23.13
CA LYS W 372 -33.93 -116.86 -21.74
C LYS W 372 -33.70 -115.63 -20.86
N HIS W 373 -34.67 -115.31 -20.01
CA HIS W 373 -34.55 -114.21 -19.05
C HIS W 373 -33.82 -114.65 -17.77
N LEU W 374 -33.58 -113.70 -16.85
CA LEU W 374 -32.85 -113.91 -15.61
C LEU W 374 -33.59 -114.82 -14.62
N ASP W 375 -34.93 -114.94 -14.74
CA ASP W 375 -35.74 -115.90 -13.98
C ASP W 375 -35.84 -117.28 -14.65
N GLY W 376 -35.24 -117.43 -15.83
CA GLY W 376 -35.27 -118.68 -16.58
C GLY W 376 -36.51 -118.86 -17.45
N ARG W 377 -37.45 -117.89 -17.47
CA ARG W 377 -38.57 -117.91 -18.41
C ARG W 377 -38.04 -117.69 -19.83
N GLN W 378 -38.70 -118.35 -20.80
CA GLN W 378 -38.49 -118.07 -22.22
C GLN W 378 -39.43 -116.94 -22.65
N ILE W 379 -38.85 -115.83 -23.13
CA ILE W 379 -39.62 -114.71 -23.64
C ILE W 379 -39.63 -114.78 -25.16
N VAL W 380 -40.84 -114.71 -25.75
CA VAL W 380 -41.03 -114.64 -27.19
C VAL W 380 -41.27 -113.18 -27.58
N VAL W 381 -40.33 -112.60 -28.34
CA VAL W 381 -40.48 -111.25 -28.87
C VAL W 381 -40.92 -111.36 -30.32
N LYS W 382 -42.01 -110.64 -30.66
CA LYS W 382 -42.55 -110.60 -32.01
C LYS W 382 -42.49 -109.17 -32.53
N TYR W 383 -41.98 -109.03 -33.77
CA TYR W 383 -41.98 -107.77 -34.48
C TYR W 383 -42.81 -107.91 -35.74
N PRO W 384 -43.84 -107.04 -35.96
CA PRO W 384 -44.80 -107.28 -37.04
C PRO W 384 -44.18 -107.05 -38.42
N PRO W 385 -44.65 -107.78 -39.46
CA PRO W 385 -44.23 -107.53 -40.84
C PRO W 385 -44.62 -106.14 -41.32
N GLY W 386 -43.79 -105.56 -42.18
CA GLY W 386 -44.03 -104.23 -42.73
C GLY W 386 -43.48 -103.08 -41.88
N LYS W 387 -42.85 -103.39 -40.74
CA LYS W 387 -42.08 -102.40 -39.97
C LYS W 387 -40.60 -102.75 -40.07
N VAL W 388 -39.77 -101.72 -40.30
CA VAL W 388 -38.33 -101.87 -40.49
C VAL W 388 -37.58 -101.64 -39.17
N ILE W 389 -36.58 -102.51 -38.94
CA ILE W 389 -35.57 -102.33 -37.91
C ILE W 389 -34.31 -101.77 -38.60
N GLU W 390 -33.94 -100.54 -38.25
CA GLU W 390 -32.71 -99.92 -38.71
C GLU W 390 -31.50 -100.51 -37.97
N PRO W 391 -30.31 -100.62 -38.62
CA PRO W 391 -29.08 -101.02 -37.94
C PRO W 391 -28.76 -100.12 -36.73
N GLY W 392 -28.55 -100.78 -35.58
CA GLY W 392 -28.24 -100.12 -34.33
C GLY W 392 -29.45 -99.53 -33.60
N CYS W 393 -30.67 -99.66 -34.15
CA CYS W 393 -31.84 -99.11 -33.48
C CYS W 393 -32.18 -99.88 -32.20
N VAL W 394 -32.81 -99.17 -31.25
CA VAL W 394 -33.20 -99.74 -29.97
C VAL W 394 -34.72 -99.88 -29.89
N ARG W 395 -35.18 -101.03 -29.38
CA ARG W 395 -36.59 -101.24 -29.03
C ARG W 395 -36.69 -101.67 -27.57
N VAL W 396 -37.90 -101.54 -27.01
CA VAL W 396 -38.13 -101.78 -25.60
C VAL W 396 -39.15 -102.92 -25.41
N VAL W 397 -38.84 -103.82 -24.47
CA VAL W 397 -39.80 -104.78 -23.92
C VAL W 397 -40.09 -104.33 -22.49
N ARG W 398 -41.30 -103.76 -22.29
CA ARG W 398 -41.67 -103.12 -21.04
C ARG W 398 -41.85 -104.13 -19.91
N GLY W 399 -41.34 -103.80 -18.72
CA GLY W 399 -41.49 -104.60 -17.51
C GLY W 399 -40.61 -105.85 -17.44
N GLU W 400 -39.65 -105.98 -18.38
CA GLU W 400 -38.72 -107.11 -18.43
C GLU W 400 -37.29 -106.68 -18.03
N GLY W 401 -37.15 -105.57 -17.27
CA GLY W 401 -35.90 -105.18 -16.62
C GLY W 401 -35.72 -105.82 -15.22
N MET W 402 -34.80 -105.25 -14.43
CA MET W 402 -34.53 -105.67 -13.06
C MET W 402 -35.67 -105.25 -12.11
N PRO W 403 -35.97 -106.05 -11.06
CA PRO W 403 -36.90 -105.62 -10.01
C PRO W 403 -36.31 -104.47 -9.20
N GLN W 404 -37.18 -103.58 -8.71
CA GLN W 404 -36.77 -102.52 -7.81
C GLN W 404 -36.49 -103.10 -6.40
N TYR W 405 -35.39 -102.65 -5.79
CA TYR W 405 -35.08 -103.02 -4.41
C TYR W 405 -36.20 -102.57 -3.46
N ARG W 406 -36.67 -103.48 -2.60
CA ARG W 406 -37.76 -103.27 -1.64
C ARG W 406 -39.16 -103.22 -2.28
N ASN W 407 -39.25 -103.09 -3.61
CA ASN W 407 -40.51 -103.12 -4.34
C ASN W 407 -40.39 -104.04 -5.55
N PRO W 408 -40.23 -105.37 -5.34
CA PRO W 408 -39.92 -106.31 -6.44
C PRO W 408 -41.06 -106.57 -7.43
N PHE W 409 -42.24 -106.00 -7.17
CA PHE W 409 -43.38 -106.03 -8.07
C PHE W 409 -43.23 -105.01 -9.22
N GLU W 410 -42.46 -103.94 -8.97
CA GLU W 410 -42.08 -102.99 -10.01
C GLU W 410 -40.74 -103.41 -10.61
N LYS W 411 -40.68 -103.37 -11.95
CA LYS W 411 -39.48 -103.70 -12.71
C LYS W 411 -39.18 -102.55 -13.66
N GLY W 412 -37.89 -102.43 -14.02
CA GLY W 412 -37.51 -101.63 -15.17
C GLY W 412 -37.87 -102.30 -16.48
N ASP W 413 -37.28 -101.79 -17.57
CA ASP W 413 -37.53 -102.22 -18.94
C ASP W 413 -36.31 -102.95 -19.51
N LEU W 414 -36.54 -103.76 -20.56
CA LEU W 414 -35.46 -104.36 -21.35
C LEU W 414 -35.32 -103.63 -22.69
N TYR W 415 -34.16 -103.01 -22.88
CA TYR W 415 -33.77 -102.36 -24.14
C TYR W 415 -32.96 -103.32 -25.00
N ILE W 416 -33.42 -103.53 -26.24
CA ILE W 416 -32.79 -104.42 -27.19
C ILE W 416 -32.22 -103.58 -28.34
N LYS W 417 -30.89 -103.55 -28.44
CA LYS W 417 -30.20 -102.98 -29.59
C LYS W 417 -30.10 -104.03 -30.69
N PHE W 418 -30.59 -103.70 -31.89
CA PHE W 418 -30.55 -104.61 -33.01
C PHE W 418 -29.29 -104.41 -33.86
N ASP W 419 -28.56 -105.49 -34.06
CA ASP W 419 -27.40 -105.56 -34.93
C ASP W 419 -27.80 -106.28 -36.22
N VAL W 420 -28.01 -105.51 -37.31
CA VAL W 420 -28.52 -106.06 -38.56
C VAL W 420 -27.36 -106.60 -39.42
N GLN W 421 -27.38 -107.92 -39.63
CA GLN W 421 -26.40 -108.64 -40.41
C GLN W 421 -26.81 -108.65 -41.89
N PHE W 422 -25.99 -107.96 -42.69
CA PHE W 422 -26.07 -108.02 -44.14
C PHE W 422 -25.59 -109.38 -44.66
N PRO W 423 -26.14 -109.87 -45.80
CA PRO W 423 -25.65 -111.08 -46.45
C PRO W 423 -24.23 -110.87 -46.96
N GLU W 424 -23.49 -111.95 -47.13
CA GLU W 424 -22.11 -111.89 -47.61
C GLU W 424 -22.03 -111.48 -49.08
N ASN W 425 -20.79 -111.19 -49.49
CA ASN W 425 -20.33 -110.94 -50.85
C ASN W 425 -20.85 -112.03 -51.82
N ASN W 426 -21.42 -111.62 -52.97
CA ASN W 426 -21.91 -112.53 -54.01
C ASN W 426 -23.14 -113.37 -53.62
N TRP W 427 -23.93 -112.98 -52.61
CA TRP W 427 -25.03 -113.83 -52.12
C TRP W 427 -26.15 -114.05 -53.14
N ILE W 428 -26.27 -113.13 -54.11
CA ILE W 428 -27.28 -113.18 -55.15
C ILE W 428 -26.66 -113.04 -56.55
N ASN W 429 -27.20 -113.78 -57.52
CA ASN W 429 -26.81 -113.66 -58.93
C ASN W 429 -27.15 -112.25 -59.43
N PRO W 430 -26.21 -111.52 -60.08
CA PRO W 430 -26.49 -110.23 -60.71
C PRO W 430 -27.80 -110.10 -61.52
N ASP W 431 -28.23 -111.17 -62.19
CA ASP W 431 -29.46 -111.19 -62.97
C ASP W 431 -30.72 -110.89 -62.13
N LYS W 432 -30.66 -111.16 -60.82
CA LYS W 432 -31.77 -110.98 -59.88
C LYS W 432 -31.74 -109.62 -59.17
N LEU W 433 -30.70 -108.81 -59.41
CA LEU W 433 -30.57 -107.50 -58.76
C LEU W 433 -31.67 -106.54 -59.22
N SER W 434 -32.09 -106.68 -60.49
CA SER W 434 -33.19 -105.92 -61.10
C SER W 434 -34.51 -106.18 -60.36
N GLU W 435 -34.86 -107.46 -60.14
CA GLU W 435 -36.05 -107.87 -59.39
C GLU W 435 -36.04 -107.28 -57.97
N LEU W 436 -34.87 -107.22 -57.33
CA LEU W 436 -34.72 -106.67 -55.98
C LEU W 436 -34.93 -105.15 -55.98
N GLU W 437 -34.39 -104.46 -57.01
CA GLU W 437 -34.51 -103.02 -57.15
C GLU W 437 -35.97 -102.60 -57.32
N ASP W 438 -36.74 -103.37 -58.13
CA ASP W 438 -38.16 -103.14 -58.38
C ASP W 438 -39.03 -103.25 -57.11
N LEU W 439 -38.55 -104.01 -56.11
CA LEU W 439 -39.31 -104.26 -54.88
C LEU W 439 -39.06 -103.14 -53.86
N GLY X 198 5.38 -120.49 6.48
CA GLY X 198 4.29 -119.92 7.30
C GLY X 198 3.51 -121.01 8.01
N GLU X 199 2.67 -120.58 8.95
CA GLU X 199 1.84 -121.47 9.75
C GLU X 199 0.67 -122.00 8.91
N ASP X 200 0.32 -123.28 9.12
CA ASP X 200 -0.83 -123.90 8.49
C ASP X 200 -2.12 -123.43 9.20
N MET X 201 -3.19 -123.22 8.42
CA MET X 201 -4.48 -122.81 8.94
C MET X 201 -5.45 -124.01 8.96
N MET X 202 -5.96 -124.34 10.16
CA MET X 202 -6.90 -125.44 10.31
C MET X 202 -8.33 -124.92 10.40
N HIS X 203 -9.22 -125.46 9.54
CA HIS X 203 -10.63 -125.08 9.56
C HIS X 203 -11.54 -126.31 9.66
N PRO X 204 -12.47 -126.38 10.64
CA PRO X 204 -13.45 -127.47 10.68
C PRO X 204 -14.51 -127.28 9.60
N LEU X 205 -14.71 -128.33 8.79
CA LEU X 205 -15.79 -128.38 7.82
C LEU X 205 -16.88 -129.35 8.28
N LYS X 206 -18.02 -128.81 8.70
CA LYS X 206 -19.15 -129.61 9.13
C LYS X 206 -19.89 -130.21 7.93
N VAL X 207 -19.95 -131.55 7.87
CA VAL X 207 -20.55 -132.32 6.78
C VAL X 207 -21.62 -133.26 7.35
N SER X 208 -22.73 -133.45 6.63
CA SER X 208 -23.77 -134.40 7.03
C SER X 208 -23.46 -135.81 6.50
N LEU X 209 -24.19 -136.83 7.00
CA LEU X 209 -24.06 -138.19 6.48
C LEU X 209 -24.43 -138.29 5.00
N GLU X 210 -25.45 -137.52 4.57
CA GLU X 210 -25.87 -137.43 3.17
C GLU X 210 -24.76 -136.84 2.30
N ASP X 211 -24.06 -135.82 2.79
CA ASP X 211 -22.92 -135.21 2.11
C ASP X 211 -21.80 -136.24 1.91
N LEU X 212 -21.53 -137.07 2.95
CA LEU X 212 -20.51 -138.09 2.94
C LEU X 212 -20.89 -139.32 2.10
N TYR X 213 -22.19 -139.59 1.98
CA TYR X 213 -22.70 -140.72 1.20
C TYR X 213 -22.76 -140.39 -0.30
N ASN X 214 -23.30 -139.22 -0.65
CA ASN X 214 -23.52 -138.81 -2.04
C ASN X 214 -22.30 -138.11 -2.65
N GLY X 215 -21.41 -137.59 -1.80
CA GLY X 215 -20.39 -136.63 -2.23
C GLY X 215 -20.96 -135.23 -2.33
N LYS X 216 -20.11 -134.22 -2.07
CA LYS X 216 -20.54 -132.83 -2.07
C LYS X 216 -19.41 -131.91 -2.52
N THR X 217 -19.76 -130.98 -3.42
CA THR X 217 -18.91 -129.85 -3.74
C THR X 217 -19.47 -128.61 -3.03
N THR X 218 -18.64 -127.98 -2.20
CA THR X 218 -19.03 -126.77 -1.48
C THR X 218 -17.98 -125.67 -1.66
N LYS X 219 -18.44 -124.40 -1.65
CA LYS X 219 -17.54 -123.26 -1.71
C LYS X 219 -17.32 -122.70 -0.31
N LEU X 220 -16.05 -122.63 0.09
CA LEU X 220 -15.65 -122.08 1.37
C LEU X 220 -15.01 -120.72 1.15
N GLN X 221 -15.61 -119.69 1.76
CA GLN X 221 -15.02 -118.36 1.72
C GLN X 221 -14.11 -118.16 2.93
N LEU X 222 -12.83 -117.87 2.68
CA LEU X 222 -11.86 -117.58 3.73
C LEU X 222 -11.23 -116.21 3.50
N SER X 223 -10.97 -115.49 4.61
CA SER X 223 -10.19 -114.25 4.56
C SER X 223 -8.75 -114.58 4.97
N LYS X 224 -7.79 -114.22 4.09
CA LYS X 224 -6.38 -114.45 4.35
C LYS X 224 -5.55 -113.21 4.01
N ASN X 225 -4.37 -113.14 4.61
CA ASN X 225 -3.38 -112.12 4.30
C ASN X 225 -2.65 -112.49 3.03
N VAL X 226 -2.64 -111.56 2.06
CA VAL X 226 -1.86 -111.70 0.84
C VAL X 226 -0.85 -110.56 0.77
N LEU X 227 0.29 -110.79 0.09
CA LEU X 227 1.25 -109.73 -0.14
C LEU X 227 0.60 -108.58 -0.90
N CYS X 228 0.83 -107.35 -0.41
CA CYS X 228 0.23 -106.15 -0.98
C CYS X 228 0.66 -105.99 -2.44
N SER X 229 -0.27 -106.15 -3.38
CA SER X 229 -0.02 -106.08 -4.81
C SER X 229 0.66 -104.78 -5.26
N ALA X 230 0.50 -103.68 -4.50
CA ALA X 230 1.01 -102.36 -4.85
C ALA X 230 2.47 -102.12 -4.42
N CYS X 231 3.00 -102.89 -3.47
CA CYS X 231 4.37 -102.75 -3.00
C CYS X 231 5.11 -104.10 -2.89
N SER X 232 4.47 -105.19 -3.33
CA SER X 232 5.01 -106.55 -3.31
C SER X 232 5.64 -106.93 -1.96
N GLY X 233 4.98 -106.52 -0.85
CA GLY X 233 5.39 -106.84 0.52
C GLY X 233 6.57 -106.02 1.05
N GLN X 234 7.26 -105.33 0.13
CA GLN X 234 8.47 -104.62 0.48
C GLN X 234 8.04 -103.61 1.52
N GLY X 235 6.73 -103.48 1.63
CA GLY X 235 6.13 -102.53 2.51
C GLY X 235 6.11 -101.27 1.69
N GLY X 236 7.29 -100.71 1.48
CA GLY X 236 7.43 -99.59 0.57
C GLY X 236 8.70 -99.71 -0.27
N LYS X 237 9.00 -98.66 -1.04
CA LYS X 237 10.24 -98.59 -1.80
C LYS X 237 11.43 -98.74 -0.86
N SER X 238 12.61 -99.10 -1.39
CA SER X 238 13.83 -99.17 -0.59
C SER X 238 14.14 -97.80 -0.03
N GLY X 239 14.10 -97.67 1.32
CA GLY X 239 14.30 -96.43 2.03
C GLY X 239 12.96 -95.74 2.35
N ALA X 240 11.85 -96.42 2.08
CA ALA X 240 10.51 -95.97 2.47
C ALA X 240 10.22 -96.45 3.88
N VAL X 241 10.92 -97.50 4.31
CA VAL X 241 10.70 -98.12 5.62
C VAL X 241 11.48 -97.33 6.66
N GLN X 242 10.76 -96.69 7.58
CA GLN X 242 11.32 -95.89 8.65
C GLN X 242 11.00 -96.50 10.01
N LYS X 243 11.95 -96.39 10.96
CA LYS X 243 11.69 -96.73 12.36
C LYS X 243 10.53 -95.90 12.88
N CYS X 244 9.58 -96.55 13.54
CA CYS X 244 8.48 -95.83 14.16
C CYS X 244 9.01 -94.94 15.28
N SER X 245 8.84 -93.60 15.18
CA SER X 245 9.35 -92.61 16.13
C SER X 245 8.73 -92.77 17.52
N ALA X 246 7.44 -93.09 17.50
CA ALA X 246 6.50 -93.33 18.59
C ALA X 246 6.99 -94.35 19.62
N CYS X 247 7.35 -95.55 19.13
CA CYS X 247 7.79 -96.67 19.95
C CYS X 247 9.29 -96.94 19.77
N ARG X 248 9.99 -96.12 18.98
CA ARG X 248 11.41 -96.25 18.65
C ARG X 248 11.74 -97.66 18.16
N GLY X 249 10.89 -98.22 17.27
CA GLY X 249 11.09 -99.55 16.71
C GLY X 249 10.63 -100.71 17.59
N ARG X 250 10.07 -100.47 18.78
CA ARG X 250 9.71 -101.53 19.71
C ARG X 250 8.33 -102.16 19.41
N GLY X 251 7.51 -101.54 18.56
CA GLY X 251 6.15 -102.03 18.31
C GLY X 251 5.17 -101.69 19.44
N VAL X 252 5.68 -101.47 20.66
CA VAL X 252 4.85 -101.25 21.84
C VAL X 252 5.24 -99.95 22.56
N ARG X 253 4.25 -99.33 23.20
CA ARG X 253 4.42 -98.16 24.03
C ARG X 253 4.05 -98.51 25.47
N ILE X 254 4.82 -97.98 26.43
CA ILE X 254 4.50 -98.14 27.83
C ILE X 254 3.66 -96.93 28.26
N MET X 255 2.40 -97.18 28.59
CA MET X 255 1.48 -96.17 29.09
C MET X 255 1.39 -96.29 30.61
N ILE X 256 1.50 -95.14 31.29
CA ILE X 256 1.42 -95.10 32.74
C ILE X 256 0.00 -94.71 33.15
N ARG X 257 -0.73 -95.62 33.80
CA ARG X 257 -2.03 -95.32 34.39
C ARG X 257 -1.90 -95.13 35.90
N GLN X 258 -2.24 -93.99 36.47
CA GLN X 258 -2.37 -93.89 37.93
C GLN X 258 -3.58 -94.64 38.44
N LEU X 259 -3.38 -95.54 39.41
CA LEU X 259 -4.47 -96.19 40.14
C LEU X 259 -4.88 -95.46 41.42
N ALA X 260 -3.88 -94.86 42.08
CA ALA X 260 -4.02 -94.02 43.25
C ALA X 260 -2.80 -93.08 43.34
N PRO X 261 -2.81 -91.91 44.01
CA PRO X 261 -1.57 -91.10 44.07
C PRO X 261 -0.44 -91.91 44.75
N GLY X 262 0.66 -92.08 44.04
CA GLY X 262 1.77 -92.90 44.49
C GLY X 262 1.69 -94.38 44.04
N MET X 263 0.57 -94.79 43.44
CA MET X 263 0.45 -96.08 42.75
C MET X 263 0.24 -95.89 41.24
N VAL X 264 1.28 -96.14 40.44
CA VAL X 264 1.21 -96.11 38.99
C VAL X 264 1.31 -97.52 38.41
N GLN X 265 0.42 -97.85 37.46
CA GLN X 265 0.49 -99.05 36.66
C GLN X 265 1.10 -98.75 35.31
N GLN X 266 2.19 -99.44 34.97
CA GLN X 266 2.77 -99.39 33.65
C GLN X 266 2.06 -100.50 32.87
N MET X 267 1.31 -100.10 31.83
CA MET X 267 0.71 -101.02 30.90
C MET X 267 1.43 -100.91 29.56
N GLN X 268 1.81 -102.04 28.98
CA GLN X 268 2.32 -102.13 27.62
C GLN X 268 1.13 -102.21 26.68
N SER X 269 1.03 -101.22 25.78
CA SER X 269 0.02 -101.19 24.75
C SER X 269 0.71 -101.30 23.39
N VAL X 270 0.04 -101.95 22.41
CA VAL X 270 0.53 -101.92 21.05
C VAL X 270 0.59 -100.45 20.59
N CYS X 271 1.67 -100.09 19.89
CA CYS X 271 1.90 -98.73 19.47
C CYS X 271 0.87 -98.36 18.40
N SER X 272 0.07 -97.32 18.68
CA SER X 272 -0.96 -96.78 17.80
C SER X 272 -0.42 -96.35 16.43
N ASP X 273 0.86 -95.92 16.38
CA ASP X 273 1.40 -95.25 15.22
C ASP X 273 1.96 -96.23 14.17
N CYS X 274 2.33 -97.44 14.60
CA CYS X 274 2.79 -98.50 13.72
C CYS X 274 2.04 -99.82 13.87
N ASN X 275 0.95 -99.82 14.67
CA ASN X 275 0.11 -101.00 14.93
C ASN X 275 0.93 -102.23 15.30
N GLY X 276 2.06 -102.06 15.99
CA GLY X 276 2.86 -103.16 16.49
C GLY X 276 4.06 -103.53 15.61
N GLU X 277 4.14 -103.00 14.38
CA GLU X 277 5.17 -103.43 13.43
C GLU X 277 6.55 -102.86 13.80
N GLY X 278 6.60 -101.74 14.53
CA GLY X 278 7.86 -101.07 14.84
C GLY X 278 8.40 -100.18 13.70
N GLU X 279 7.81 -100.35 12.51
CA GLU X 279 8.12 -99.54 11.35
C GLU X 279 6.92 -98.75 10.85
N VAL X 280 7.20 -97.65 10.14
CA VAL X 280 6.19 -96.85 9.47
C VAL X 280 6.61 -96.66 8.02
N ILE X 281 5.66 -96.87 7.11
CA ILE X 281 5.82 -96.62 5.68
C ILE X 281 4.76 -95.60 5.29
N ASN X 282 5.21 -94.45 4.74
CA ASN X 282 4.33 -93.45 4.17
C ASN X 282 3.40 -94.09 3.14
N GLU X 283 2.11 -93.72 3.16
CA GLU X 283 1.09 -94.28 2.29
C GLU X 283 1.51 -94.31 0.81
N LYS X 284 2.14 -93.22 0.37
CA LYS X 284 2.62 -93.00 -1.00
C LYS X 284 3.69 -93.99 -1.44
N ASP X 285 4.37 -94.64 -0.46
CA ASP X 285 5.46 -95.58 -0.73
C ASP X 285 4.98 -97.04 -0.75
N ARG X 286 3.84 -97.34 -0.10
CA ARG X 286 3.27 -98.68 -0.10
C ARG X 286 2.07 -98.70 -1.02
N CYS X 287 1.09 -97.84 -0.73
CA CYS X 287 -0.19 -97.75 -1.44
C CYS X 287 -1.21 -97.19 -0.47
N LYS X 288 -2.45 -97.01 -0.94
CA LYS X 288 -3.56 -96.59 -0.09
C LYS X 288 -4.30 -97.84 0.39
N LYS X 289 -3.61 -98.99 0.38
CA LYS X 289 -4.19 -100.29 0.69
C LYS X 289 -3.68 -100.83 2.03
N CYS X 290 -2.52 -101.52 2.04
CA CYS X 290 -1.95 -102.12 3.25
C CYS X 290 -1.81 -101.06 4.35
N GLU X 291 -0.93 -100.05 4.12
CA GLU X 291 -0.67 -98.92 5.00
C GLU X 291 0.66 -99.14 5.73
N GLY X 292 1.68 -99.57 4.98
CA GLY X 292 2.98 -99.88 5.54
C GLY X 292 2.97 -101.25 6.21
N LYS X 293 1.92 -102.03 5.95
CA LYS X 293 1.71 -103.31 6.62
C LYS X 293 2.31 -104.47 5.84
N LYS X 294 2.55 -104.29 4.51
CA LYS X 294 3.20 -105.27 3.63
C LYS X 294 2.21 -106.36 3.20
N VAL X 295 1.06 -106.46 3.87
CA VAL X 295 0.00 -107.40 3.51
C VAL X 295 -1.36 -106.71 3.47
N ILE X 296 -2.32 -107.35 2.77
CA ILE X 296 -3.72 -106.91 2.73
C ILE X 296 -4.59 -108.14 2.96
N LYS X 297 -5.73 -107.94 3.64
CA LYS X 297 -6.72 -109.00 3.78
C LYS X 297 -7.52 -109.15 2.51
N GLU X 298 -7.45 -110.33 1.89
CA GLU X 298 -8.19 -110.69 0.71
C GLU X 298 -9.14 -111.85 1.02
N VAL X 299 -10.28 -111.84 0.34
CA VAL X 299 -11.28 -112.87 0.47
C VAL X 299 -11.10 -113.87 -0.66
N LYS X 300 -10.75 -115.12 -0.33
CA LYS X 300 -10.60 -116.18 -1.31
C LYS X 300 -11.69 -117.23 -1.16
N ILE X 301 -12.25 -117.68 -2.29
CA ILE X 301 -13.21 -118.76 -2.32
C ILE X 301 -12.47 -120.03 -2.75
N LEU X 302 -12.46 -121.04 -1.86
CA LEU X 302 -11.94 -122.35 -2.15
C LEU X 302 -13.09 -123.30 -2.50
N GLU X 303 -12.94 -124.03 -3.62
CA GLU X 303 -13.86 -125.10 -3.96
C GLU X 303 -13.40 -126.37 -3.28
N VAL X 304 -14.27 -126.92 -2.41
CA VAL X 304 -13.96 -128.08 -1.59
C VAL X 304 -14.78 -129.26 -2.09
N HIS X 305 -14.07 -130.33 -2.48
CA HIS X 305 -14.69 -131.59 -2.86
C HIS X 305 -14.63 -132.57 -1.70
N VAL X 306 -15.81 -132.99 -1.25
CA VAL X 306 -16.00 -134.06 -0.28
C VAL X 306 -16.41 -135.30 -1.05
N ASP X 307 -15.49 -136.27 -1.13
CA ASP X 307 -15.70 -137.52 -1.84
C ASP X 307 -16.62 -138.46 -1.05
N LYS X 308 -17.28 -139.37 -1.78
CA LYS X 308 -18.06 -140.44 -1.19
C LYS X 308 -17.22 -141.32 -0.26
N GLY X 309 -17.78 -141.58 0.93
CA GLY X 309 -17.16 -142.49 1.89
C GLY X 309 -16.07 -141.86 2.77
N MET X 310 -15.78 -140.57 2.57
CA MET X 310 -14.85 -139.86 3.44
C MET X 310 -15.26 -140.00 4.92
N LYS X 311 -14.25 -139.99 5.81
CA LYS X 311 -14.44 -140.30 7.23
C LYS X 311 -14.37 -139.03 8.08
N HIS X 312 -14.99 -139.11 9.27
CA HIS X 312 -14.77 -138.11 10.30
C HIS X 312 -13.27 -137.92 10.58
N GLY X 313 -12.84 -136.66 10.74
CA GLY X 313 -11.45 -136.32 11.01
C GLY X 313 -10.52 -136.38 9.78
N GLN X 314 -11.04 -136.72 8.60
CA GLN X 314 -10.23 -136.72 7.38
C GLN X 314 -9.85 -135.28 6.99
N ARG X 315 -8.62 -135.10 6.47
CA ARG X 315 -8.06 -133.81 6.14
C ARG X 315 -8.11 -133.56 4.62
N ILE X 316 -8.56 -132.36 4.23
CA ILE X 316 -8.46 -131.86 2.86
C ILE X 316 -7.50 -130.67 2.87
N THR X 317 -6.36 -130.81 2.16
CA THR X 317 -5.29 -129.83 2.21
C THR X 317 -5.24 -129.01 0.92
N PHE X 318 -5.20 -127.68 1.08
CA PHE X 318 -4.95 -126.71 0.03
C PHE X 318 -3.56 -126.12 0.22
N THR X 319 -2.61 -126.58 -0.61
CA THR X 319 -1.19 -126.26 -0.45
C THR X 319 -0.90 -124.80 -0.77
N GLY X 320 -0.13 -124.13 0.12
CA GLY X 320 0.30 -122.75 -0.06
C GLY X 320 -0.84 -121.72 0.00
N GLU X 321 -2.00 -122.13 0.50
CA GLU X 321 -3.19 -121.29 0.52
C GLU X 321 -3.36 -120.48 1.81
N ALA X 322 -2.50 -120.71 2.82
CA ALA X 322 -2.54 -119.95 4.07
C ALA X 322 -2.09 -118.49 3.90
N ASP X 323 -1.94 -117.80 5.03
CA ASP X 323 -1.46 -116.43 5.10
C ASP X 323 -0.07 -116.27 4.48
N GLN X 324 0.07 -115.21 3.67
CA GLN X 324 1.35 -114.80 3.12
C GLN X 324 1.99 -113.74 4.03
N ALA X 325 3.32 -113.85 4.19
CA ALA X 325 4.12 -112.83 4.86
C ALA X 325 5.39 -112.55 4.05
N PRO X 326 5.96 -111.31 4.08
CA PRO X 326 7.18 -111.00 3.35
C PRO X 326 8.36 -111.89 3.77
N GLY X 327 8.96 -112.56 2.78
CA GLY X 327 10.11 -113.44 2.99
C GLY X 327 9.76 -114.81 3.59
N VAL X 328 8.46 -115.14 3.64
CA VAL X 328 7.94 -116.39 4.20
C VAL X 328 7.14 -117.12 3.11
N GLU X 329 7.42 -118.42 2.92
CA GLU X 329 6.63 -119.26 2.03
C GLU X 329 5.32 -119.61 2.71
N PRO X 330 4.12 -119.39 2.08
CA PRO X 330 2.86 -119.65 2.76
C PRO X 330 2.66 -121.09 3.23
N GLY X 331 2.02 -121.25 4.39
CA GLY X 331 1.54 -122.55 4.86
C GLY X 331 0.34 -123.05 4.05
N ASP X 332 -0.24 -124.16 4.52
CA ASP X 332 -1.40 -124.78 3.88
C ASP X 332 -2.69 -124.45 4.63
N ILE X 333 -3.82 -124.47 3.90
CA ILE X 333 -5.13 -124.53 4.53
C ILE X 333 -5.57 -125.99 4.62
N VAL X 334 -5.78 -126.47 5.86
CA VAL X 334 -6.18 -127.83 6.13
C VAL X 334 -7.61 -127.84 6.66
N LEU X 335 -8.53 -128.38 5.86
CA LEU X 335 -9.90 -128.55 6.30
C LEU X 335 -10.05 -129.90 6.99
N LEU X 336 -10.57 -129.88 8.22
CA LEU X 336 -10.84 -131.09 8.98
C LEU X 336 -12.33 -131.42 8.89
N LEU X 337 -12.66 -132.59 8.32
CA LEU X 337 -14.05 -133.01 8.21
C LEU X 337 -14.63 -133.33 9.58
N GLN X 338 -15.72 -132.64 9.93
CA GLN X 338 -16.50 -132.91 11.13
C GLN X 338 -17.87 -133.45 10.73
N GLU X 339 -18.09 -134.72 11.04
CA GLU X 339 -19.36 -135.37 10.76
C GLU X 339 -20.41 -134.82 11.74
N LYS X 340 -21.55 -134.41 11.20
CA LYS X 340 -22.69 -134.00 12.01
C LYS X 340 -23.46 -135.24 12.43
N GLU X 341 -23.97 -135.18 13.65
CA GLU X 341 -24.97 -136.12 14.14
C GLU X 341 -26.16 -136.19 13.18
N GLY Y 198 -36.88 -31.92 22.10
CA GLY Y 198 -36.78 -32.92 21.01
C GLY Y 198 -37.71 -32.57 19.86
N GLU Y 199 -37.51 -33.27 18.75
CA GLU Y 199 -38.28 -33.09 17.53
C GLU Y 199 -39.68 -33.68 17.69
N ASP Y 200 -40.69 -32.98 17.13
CA ASP Y 200 -42.06 -33.48 17.09
C ASP Y 200 -42.21 -34.56 16.01
N MET Y 201 -43.01 -35.59 16.29
CA MET Y 201 -43.27 -36.68 15.35
C MET Y 201 -44.66 -36.51 14.73
N MET Y 202 -44.70 -36.39 13.39
CA MET Y 202 -45.96 -36.24 12.66
C MET Y 202 -46.40 -37.58 12.07
N HIS Y 203 -47.65 -37.99 12.36
CA HIS Y 203 -48.22 -39.22 11.82
C HIS Y 203 -49.56 -38.96 11.14
N PRO Y 204 -49.75 -39.38 9.87
CA PRO Y 204 -51.06 -39.29 9.22
C PRO Y 204 -52.01 -40.35 9.77
N LEU Y 205 -53.19 -39.90 10.22
CA LEU Y 205 -54.27 -40.79 10.62
C LEU Y 205 -55.38 -40.77 9.57
N LYS Y 206 -55.51 -41.86 8.82
CA LYS Y 206 -56.55 -42.01 7.81
C LYS Y 206 -57.90 -42.33 8.47
N VAL Y 207 -58.89 -41.45 8.25
CA VAL Y 207 -60.23 -41.52 8.84
C VAL Y 207 -61.28 -41.49 7.71
N SER Y 208 -62.37 -42.27 7.86
CA SER Y 208 -63.47 -42.25 6.89
C SER Y 208 -64.47 -41.13 7.24
N LEU Y 209 -65.40 -40.83 6.32
CA LEU Y 209 -66.49 -39.88 6.58
C LEU Y 209 -67.38 -40.36 7.73
N GLU Y 210 -67.64 -41.67 7.82
CA GLU Y 210 -68.41 -42.28 8.91
C GLU Y 210 -67.72 -42.09 10.25
N ASP Y 211 -66.38 -42.23 10.29
CA ASP Y 211 -65.57 -41.99 11.47
C ASP Y 211 -65.71 -40.54 11.95
N LEU Y 212 -65.69 -39.59 10.99
CA LEU Y 212 -65.79 -38.16 11.25
C LEU Y 212 -67.22 -37.72 11.61
N TYR Y 213 -68.24 -38.45 11.14
CA TYR Y 213 -69.63 -38.16 11.41
C TYR Y 213 -70.06 -38.71 12.78
N ASN Y 214 -69.72 -39.97 13.06
CA ASN Y 214 -70.14 -40.66 14.29
C ASN Y 214 -69.19 -40.43 15.46
N GLY Y 215 -67.95 -40.02 15.17
CA GLY Y 215 -66.87 -40.05 16.15
C GLY Y 215 -66.26 -41.46 16.25
N LYS Y 216 -64.96 -41.52 16.56
CA LYS Y 216 -64.26 -42.78 16.63
C LYS Y 216 -63.14 -42.74 17.67
N THR Y 217 -63.08 -43.79 18.48
CA THR Y 217 -61.93 -44.05 19.33
C THR Y 217 -61.11 -45.17 18.71
N THR Y 218 -59.83 -44.89 18.43
CA THR Y 218 -58.92 -45.87 17.84
C THR Y 218 -57.62 -45.96 18.63
N LYS Y 219 -57.02 -47.15 18.66
CA LYS Y 219 -55.72 -47.35 19.30
C LYS Y 219 -54.62 -47.33 18.24
N LEU Y 220 -53.66 -46.43 18.45
CA LEU Y 220 -52.51 -46.30 17.56
C LEU Y 220 -51.28 -46.85 18.27
N GLN Y 221 -50.66 -47.87 17.66
CA GLN Y 221 -49.42 -48.40 18.18
C GLN Y 221 -48.24 -47.68 17.51
N LEU Y 222 -47.38 -47.04 18.32
CA LEU Y 222 -46.17 -46.39 17.85
C LEU Y 222 -44.94 -46.95 18.56
N SER Y 223 -43.83 -47.08 17.82
CA SER Y 223 -42.54 -47.40 18.41
C SER Y 223 -41.76 -46.11 18.60
N LYS Y 224 -41.31 -45.86 19.84
CA LYS Y 224 -40.53 -44.67 20.17
C LYS Y 224 -39.32 -45.02 21.03
N ASN Y 225 -38.32 -44.16 21.01
CA ASN Y 225 -37.16 -44.24 21.87
C ASN Y 225 -37.52 -43.70 23.26
N VAL Y 226 -37.27 -44.52 24.28
CA VAL Y 226 -37.41 -44.12 25.67
C VAL Y 226 -36.05 -44.23 26.36
N LEU Y 227 -35.83 -43.39 27.39
CA LEU Y 227 -34.62 -43.52 28.20
C LEU Y 227 -34.52 -44.92 28.80
N CYS Y 228 -33.32 -45.52 28.68
CA CYS Y 228 -33.09 -46.88 29.16
C CYS Y 228 -33.32 -46.95 30.67
N SER Y 229 -34.38 -47.65 31.09
CA SER Y 229 -34.77 -47.78 32.49
C SER Y 229 -33.66 -48.31 33.41
N ALA Y 230 -32.68 -49.05 32.86
CA ALA Y 230 -31.61 -49.69 33.62
C ALA Y 230 -30.41 -48.77 33.89
N CYS Y 231 -30.23 -47.68 33.11
CA CYS Y 231 -29.12 -46.76 33.30
C CYS Y 231 -29.57 -45.29 33.26
N SER Y 232 -30.88 -45.04 33.20
CA SER Y 232 -31.51 -43.72 33.15
C SER Y 232 -30.83 -42.77 32.15
N GLY Y 233 -30.48 -43.31 30.96
CA GLY Y 233 -29.89 -42.56 29.85
C GLY Y 233 -28.41 -42.21 30.01
N GLN Y 234 -27.90 -42.39 31.24
CA GLN Y 234 -26.55 -41.98 31.56
C GLN Y 234 -25.66 -42.80 30.64
N GLY Y 235 -26.32 -43.78 30.01
CA GLY Y 235 -25.65 -44.70 29.15
C GLY Y 235 -25.13 -45.74 30.11
N GLY Y 236 -24.12 -45.36 30.89
CA GLY Y 236 -23.66 -46.21 31.96
C GLY Y 236 -23.34 -45.40 33.21
N LYS Y 237 -22.75 -46.07 34.22
CA LYS Y 237 -22.30 -45.40 35.43
C LYS Y 237 -21.30 -44.31 35.06
N SER Y 238 -21.08 -43.33 35.96
CA SER Y 238 -20.07 -42.29 35.75
C SER Y 238 -18.70 -42.94 35.62
N GLY Y 239 -18.08 -42.81 34.43
CA GLY Y 239 -16.80 -43.43 34.10
C GLY Y 239 -16.97 -44.77 33.38
N ALA Y 240 -18.22 -45.12 33.03
CA ALA Y 240 -18.54 -46.27 32.21
C ALA Y 240 -18.45 -45.88 30.74
N VAL Y 241 -18.58 -44.59 30.47
CA VAL Y 241 -18.58 -44.07 29.11
C VAL Y 241 -17.14 -43.90 28.64
N GLN Y 242 -16.75 -44.68 27.63
CA GLN Y 242 -15.41 -44.67 27.07
C GLN Y 242 -15.46 -44.21 25.61
N LYS Y 243 -14.41 -43.47 25.18
CA LYS Y 243 -14.23 -43.13 23.77
C LYS Y 243 -14.13 -44.44 22.98
N CYS Y 244 -14.88 -44.50 21.87
CA CYS Y 244 -14.77 -45.63 20.97
C CYS Y 244 -13.37 -45.69 20.35
N SER Y 245 -12.60 -46.77 20.61
CA SER Y 245 -11.21 -46.94 20.15
C SER Y 245 -11.12 -47.00 18.63
N ALA Y 246 -12.11 -47.66 18.04
CA ALA Y 246 -12.36 -47.93 16.64
C ALA Y 246 -12.36 -46.69 15.74
N CYS Y 247 -13.18 -45.70 16.12
CA CYS Y 247 -13.34 -44.45 15.38
C CYS Y 247 -12.71 -43.26 16.12
N ARG Y 248 -12.06 -43.51 17.28
CA ARG Y 248 -11.45 -42.51 18.13
C ARG Y 248 -12.43 -41.38 18.48
N GLY Y 249 -13.69 -41.73 18.80
CA GLY Y 249 -14.72 -40.77 19.15
C GLY Y 249 -15.44 -40.09 17.97
N ARG Y 250 -15.10 -40.43 16.72
CA ARG Y 250 -15.65 -39.77 15.54
C ARG Y 250 -17.03 -40.31 15.12
N GLY Y 251 -17.45 -41.48 15.65
CA GLY Y 251 -18.69 -42.12 15.21
C GLY Y 251 -18.57 -42.82 13.85
N VAL Y 252 -17.60 -42.40 13.02
CA VAL Y 252 -17.45 -42.90 11.66
C VAL Y 252 -16.03 -43.41 11.40
N ARG Y 253 -15.93 -44.41 10.53
CA ARG Y 253 -14.67 -44.96 10.06
C ARG Y 253 -14.53 -44.70 8.57
N ILE Y 254 -13.33 -44.36 8.13
CA ILE Y 254 -13.03 -44.23 6.72
C ILE Y 254 -12.52 -45.58 6.21
N MET Y 255 -13.31 -46.22 5.35
CA MET Y 255 -12.95 -47.47 4.70
C MET Y 255 -12.45 -47.19 3.28
N ILE Y 256 -11.33 -47.80 2.93
CA ILE Y 256 -10.75 -47.64 1.61
C ILE Y 256 -11.17 -48.82 0.73
N ARG Y 257 -11.95 -48.56 -0.32
CA ARG Y 257 -12.27 -49.56 -1.33
C ARG Y 257 -11.43 -49.33 -2.59
N GLN Y 258 -10.61 -50.29 -3.03
CA GLN Y 258 -9.99 -50.19 -4.35
C GLN Y 258 -11.04 -50.39 -5.45
N LEU Y 259 -11.10 -49.45 -6.41
CA LEU Y 259 -11.88 -49.62 -7.65
C LEU Y 259 -11.05 -50.21 -8.80
N ALA Y 260 -9.77 -49.86 -8.83
CA ALA Y 260 -8.78 -50.31 -9.78
C ALA Y 260 -7.39 -50.09 -9.19
N PRO Y 261 -6.28 -50.77 -9.58
CA PRO Y 261 -4.97 -50.41 -9.04
C PRO Y 261 -4.64 -48.93 -9.37
N GLY Y 262 -4.39 -48.15 -8.32
CA GLY Y 262 -4.18 -46.71 -8.46
C GLY Y 262 -5.45 -45.86 -8.34
N MET Y 263 -6.63 -46.50 -8.29
CA MET Y 263 -7.87 -45.83 -7.90
C MET Y 263 -8.42 -46.39 -6.58
N VAL Y 264 -8.29 -45.64 -5.49
CA VAL Y 264 -8.91 -45.99 -4.20
C VAL Y 264 -10.05 -45.00 -3.90
N GLN Y 265 -11.19 -45.55 -3.48
CA GLN Y 265 -12.32 -44.79 -2.98
C GLN Y 265 -12.34 -44.82 -1.46
N GLN Y 266 -12.30 -43.65 -0.83
CA GLN Y 266 -12.49 -43.52 0.59
C GLN Y 266 -14.00 -43.35 0.79
N MET Y 267 -14.59 -44.34 1.48
CA MET Y 267 -15.98 -44.26 1.89
C MET Y 267 -16.03 -44.08 3.41
N GLN Y 268 -16.83 -43.12 3.89
CA GLN Y 268 -17.14 -42.95 5.29
C GLN Y 268 -18.31 -43.87 5.62
N SER Y 269 -18.07 -44.80 6.55
CA SER Y 269 -19.07 -45.71 7.05
C SER Y 269 -19.30 -45.41 8.54
N VAL Y 270 -20.55 -45.60 9.00
CA VAL Y 270 -20.81 -45.54 10.43
C VAL Y 270 -19.95 -46.61 11.11
N CYS Y 271 -19.36 -46.25 12.27
CA CYS Y 271 -18.45 -47.14 12.97
C CYS Y 271 -19.26 -48.30 13.55
N SER Y 272 -18.90 -49.53 13.15
CA SER Y 272 -19.51 -50.78 13.61
C SER Y 272 -19.47 -50.95 15.13
N ASP Y 273 -18.44 -50.39 15.78
CA ASP Y 273 -18.12 -50.71 17.16
C ASP Y 273 -18.90 -49.83 18.15
N CYS Y 274 -19.35 -48.64 17.72
CA CYS Y 274 -20.17 -47.75 18.52
C CYS Y 274 -21.47 -47.31 17.83
N ASN Y 275 -21.77 -47.90 16.65
CA ASN Y 275 -22.97 -47.62 15.88
C ASN Y 275 -23.19 -46.12 15.66
N GLY Y 276 -22.10 -45.34 15.54
CA GLY Y 276 -22.17 -43.91 15.26
C GLY Y 276 -22.10 -43.00 16.47
N GLU Y 277 -22.18 -43.53 17.69
CA GLU Y 277 -22.28 -42.71 18.90
C GLU Y 277 -20.91 -42.09 19.25
N GLY Y 278 -19.81 -42.71 18.82
CA GLY Y 278 -18.47 -42.26 19.20
C GLY Y 278 -18.02 -42.71 20.59
N GLU Y 279 -18.97 -43.22 21.36
CA GLU Y 279 -18.71 -43.80 22.67
C GLU Y 279 -19.09 -45.27 22.76
N VAL Y 280 -18.45 -45.98 23.69
CA VAL Y 280 -18.79 -47.36 24.01
C VAL Y 280 -19.01 -47.48 25.52
N ILE Y 281 -20.09 -48.15 25.89
CA ILE Y 281 -20.42 -48.47 27.27
C ILE Y 281 -20.52 -50.00 27.36
N ASN Y 282 -19.69 -50.58 28.25
CA ASN Y 282 -19.74 -52.00 28.55
C ASN Y 282 -21.16 -52.37 28.97
N GLU Y 283 -21.66 -53.52 28.49
CA GLU Y 283 -23.01 -54.00 28.73
C GLU Y 283 -23.40 -53.95 30.22
N LYS Y 284 -22.47 -54.36 31.08
CA LYS Y 284 -22.59 -54.44 32.53
C LYS Y 284 -22.83 -53.08 33.19
N ASP Y 285 -22.48 -51.98 32.49
CA ASP Y 285 -22.58 -50.62 33.02
C ASP Y 285 -23.88 -49.92 32.58
N ARG Y 286 -24.49 -50.38 31.47
CA ARG Y 286 -25.76 -49.84 30.99
C ARG Y 286 -26.87 -50.83 31.32
N CYS Y 287 -26.74 -52.05 30.78
CA CYS Y 287 -27.71 -53.13 30.91
C CYS Y 287 -27.54 -54.05 29.71
N LYS Y 288 -28.34 -55.12 29.65
CA LYS Y 288 -28.35 -56.02 28.51
C LYS Y 288 -29.45 -55.57 27.55
N LYS Y 289 -29.83 -54.28 27.63
CA LYS Y 289 -30.96 -53.72 26.89
C LYS Y 289 -30.47 -52.75 25.81
N CYS Y 290 -30.25 -51.46 26.15
CA CYS Y 290 -29.83 -50.43 25.21
C CYS Y 290 -28.56 -50.88 24.48
N GLU Y 291 -27.43 -51.01 25.22
CA GLU Y 291 -26.13 -51.46 24.76
C GLU Y 291 -25.20 -50.26 24.61
N GLY Y 292 -25.20 -49.39 25.63
CA GLY Y 292 -24.42 -48.17 25.63
C GLY Y 292 -25.09 -47.10 24.78
N LYS Y 293 -26.36 -47.32 24.42
CA LYS Y 293 -27.09 -46.46 23.51
C LYS Y 293 -27.87 -45.37 24.25
N LYS Y 294 -28.15 -45.56 25.56
CA LYS Y 294 -28.81 -44.60 26.45
C LYS Y 294 -30.32 -44.59 26.23
N VAL Y 295 -30.80 -45.20 25.12
CA VAL Y 295 -32.22 -45.34 24.84
C VAL Y 295 -32.57 -46.77 24.43
N ILE Y 296 -33.86 -47.12 24.54
CA ILE Y 296 -34.41 -48.39 24.07
C ILE Y 296 -35.68 -48.11 23.28
N LYS Y 297 -35.93 -48.90 22.24
CA LYS Y 297 -37.18 -48.82 21.50
C LYS Y 297 -38.29 -49.50 22.28
N GLU Y 298 -39.32 -48.73 22.64
CA GLU Y 298 -40.51 -49.22 23.33
C GLU Y 298 -41.74 -49.00 22.44
N VAL Y 299 -42.68 -49.92 22.58
CA VAL Y 299 -43.94 -49.88 21.84
C VAL Y 299 -44.99 -49.27 22.75
N LYS Y 300 -45.50 -48.09 22.38
CA LYS Y 300 -46.56 -47.41 23.12
C LYS Y 300 -47.87 -47.41 22.34
N ILE Y 301 -48.98 -47.69 23.03
CA ILE Y 301 -50.31 -47.59 22.46
C ILE Y 301 -50.93 -46.29 22.92
N LEU Y 302 -51.25 -45.41 21.95
CA LEU Y 302 -51.99 -44.18 22.19
C LEU Y 302 -53.45 -44.39 21.86
N GLU Y 303 -54.33 -43.98 22.78
CA GLU Y 303 -55.76 -43.93 22.51
C GLU Y 303 -56.09 -42.58 21.86
N VAL Y 304 -56.62 -42.65 20.62
CA VAL Y 304 -56.90 -41.48 19.82
C VAL Y 304 -58.41 -41.31 19.71
N HIS Y 305 -58.89 -40.14 20.16
CA HIS Y 305 -60.29 -39.76 20.01
C HIS Y 305 -60.44 -38.82 18.82
N VAL Y 306 -61.25 -39.26 17.85
CA VAL Y 306 -61.68 -38.45 16.72
C VAL Y 306 -63.12 -38.01 17.02
N ASP Y 307 -63.28 -36.72 17.31
CA ASP Y 307 -64.57 -36.13 17.62
C ASP Y 307 -65.43 -35.96 16.37
N LYS Y 308 -66.75 -35.91 16.58
CA LYS Y 308 -67.71 -35.60 15.53
C LYS Y 308 -67.43 -34.23 14.90
N GLY Y 309 -67.44 -34.21 13.57
CA GLY Y 309 -67.30 -32.97 12.81
C GLY Y 309 -65.87 -32.50 12.60
N MET Y 310 -64.88 -33.24 13.13
CA MET Y 310 -63.47 -32.92 12.86
C MET Y 310 -63.20 -32.83 11.35
N LYS Y 311 -62.23 -31.98 10.98
CA LYS Y 311 -61.96 -31.64 9.58
C LYS Y 311 -60.70 -32.32 9.07
N HIS Y 312 -60.62 -32.47 7.75
CA HIS Y 312 -59.37 -32.84 7.10
C HIS Y 312 -58.24 -31.88 7.50
N GLY Y 313 -57.05 -32.43 7.77
CA GLY Y 313 -55.88 -31.65 8.18
C GLY Y 313 -55.88 -31.20 9.65
N GLN Y 314 -56.91 -31.54 10.42
CA GLN Y 314 -56.94 -31.21 11.85
C GLN Y 314 -55.88 -32.02 12.61
N ARG Y 315 -55.26 -31.39 13.61
CA ARG Y 315 -54.17 -31.97 14.37
C ARG Y 315 -54.66 -32.45 15.75
N ILE Y 316 -54.25 -33.67 16.12
CA ILE Y 316 -54.42 -34.21 17.48
C ILE Y 316 -53.02 -34.37 18.09
N THR Y 317 -52.74 -33.62 19.16
CA THR Y 317 -51.42 -33.56 19.75
C THR Y 317 -51.36 -34.34 21.07
N PHE Y 318 -50.34 -35.20 21.18
CA PHE Y 318 -49.97 -35.91 22.40
C PHE Y 318 -48.66 -35.33 22.92
N THR Y 319 -48.76 -34.49 23.96
CA THR Y 319 -47.64 -33.71 24.47
C THR Y 319 -46.59 -34.58 25.15
N GLY Y 320 -45.31 -34.37 24.79
CA GLY Y 320 -44.17 -35.06 25.39
C GLY Y 320 -44.10 -36.56 25.04
N GLU Y 321 -44.87 -36.99 24.03
CA GLU Y 321 -44.97 -38.39 23.67
C GLU Y 321 -43.96 -38.83 22.61
N ALA Y 322 -43.21 -37.90 22.01
CA ALA Y 322 -42.19 -38.23 21.02
C ALA Y 322 -40.98 -38.97 21.64
N ASP Y 323 -39.94 -39.14 20.80
CA ASP Y 323 -38.68 -39.76 21.19
C ASP Y 323 -38.01 -39.02 22.36
N GLN Y 324 -37.54 -39.82 23.33
CA GLN Y 324 -36.72 -39.32 24.43
C GLN Y 324 -35.24 -39.44 24.08
N ALA Y 325 -34.46 -38.43 24.47
CA ALA Y 325 -33.00 -38.46 24.39
C ALA Y 325 -32.38 -37.91 25.68
N PRO Y 326 -31.18 -38.40 26.11
CA PRO Y 326 -30.54 -37.89 27.33
C PRO Y 326 -30.29 -36.38 27.30
N GLY Y 327 -30.82 -35.68 28.30
CA GLY Y 327 -30.67 -34.23 28.44
C GLY Y 327 -31.57 -33.41 27.51
N VAL Y 328 -32.55 -34.07 26.87
CA VAL Y 328 -33.48 -33.45 25.93
C VAL Y 328 -34.91 -33.69 26.44
N GLU Y 329 -35.73 -32.63 26.50
CA GLU Y 329 -37.15 -32.75 26.81
C GLU Y 329 -37.88 -33.29 25.58
N PRO Y 330 -38.69 -34.37 25.68
CA PRO Y 330 -39.33 -34.95 24.50
C PRO Y 330 -40.26 -33.99 23.75
N GLY Y 331 -40.26 -34.10 22.41
CA GLY Y 331 -41.24 -33.44 21.56
C GLY Y 331 -42.64 -34.07 21.68
N ASP Y 332 -43.56 -33.61 20.82
CA ASP Y 332 -44.93 -34.09 20.79
C ASP Y 332 -45.16 -35.08 19.66
N ILE Y 333 -46.14 -35.98 19.83
CA ILE Y 333 -46.69 -36.73 18.71
C ILE Y 333 -47.92 -36.00 18.18
N VAL Y 334 -47.85 -35.58 16.91
CA VAL Y 334 -48.93 -34.85 16.25
C VAL Y 334 -49.55 -35.73 15.18
N LEU Y 335 -50.80 -36.14 15.41
CA LEU Y 335 -51.55 -36.89 14.41
C LEU Y 335 -52.28 -35.91 13.48
N LEU Y 336 -52.05 -36.07 12.18
CA LEU Y 336 -52.73 -35.27 11.17
C LEU Y 336 -53.88 -36.08 10.57
N LEU Y 337 -55.12 -35.60 10.73
CA LEU Y 337 -56.27 -36.28 10.16
C LEU Y 337 -56.27 -36.21 8.64
N GLN Y 338 -56.30 -37.38 8.00
CA GLN Y 338 -56.43 -37.51 6.56
C GLN Y 338 -57.79 -38.15 6.25
N GLU Y 339 -58.67 -37.36 5.65
CA GLU Y 339 -59.99 -37.83 5.25
C GLU Y 339 -59.82 -38.75 4.04
N LYS Y 340 -60.43 -39.94 4.12
CA LYS Y 340 -60.47 -40.85 2.99
C LYS Y 340 -61.62 -40.45 2.08
N GLU Y 341 -61.37 -40.60 0.78
CA GLU Y 341 -62.40 -40.55 -0.26
C GLU Y 341 -63.54 -41.51 0.10
N HIS Y 342 -64.77 -41.05 -0.12
CA HIS Y 342 -65.97 -41.84 0.13
C HIS Y 342 -66.71 -42.05 -1.20
N GLU Y 343 -67.28 -43.24 -1.40
CA GLU Y 343 -67.80 -43.64 -2.70
C GLU Y 343 -69.06 -42.88 -3.11
N VAL Y 344 -69.92 -42.55 -2.15
CA VAL Y 344 -71.22 -41.89 -2.39
C VAL Y 344 -71.17 -40.38 -2.12
N PHE Y 345 -70.59 -39.99 -0.98
CA PHE Y 345 -70.61 -38.62 -0.49
C PHE Y 345 -69.25 -37.93 -0.69
N GLN Y 346 -69.32 -36.66 -1.10
CA GLN Y 346 -68.19 -35.75 -1.09
C GLN Y 346 -68.47 -34.67 -0.05
N ARG Y 347 -67.47 -34.37 0.78
CA ARG Y 347 -67.65 -33.41 1.85
C ARG Y 347 -67.14 -32.03 1.41
N ASP Y 348 -67.98 -31.00 1.64
CA ASP Y 348 -67.57 -29.61 1.52
C ASP Y 348 -67.86 -28.90 2.85
N GLY Y 349 -66.81 -28.67 3.66
CA GLY Y 349 -66.96 -28.09 4.98
C GLY Y 349 -67.86 -28.93 5.91
N ASN Y 350 -69.08 -28.42 6.17
CA ASN Y 350 -70.09 -29.13 6.95
C ASN Y 350 -71.17 -29.76 6.06
N ASP Y 351 -71.15 -29.47 4.77
CA ASP Y 351 -72.14 -29.96 3.82
C ASP Y 351 -71.64 -31.25 3.15
N LEU Y 352 -72.61 -32.03 2.67
CA LEU Y 352 -72.33 -33.24 1.90
C LEU Y 352 -72.92 -33.09 0.50
N HIS Y 353 -72.22 -33.64 -0.48
CA HIS Y 353 -72.66 -33.69 -1.87
C HIS Y 353 -72.74 -35.14 -2.32
N MET Y 354 -73.79 -35.46 -3.09
CA MET Y 354 -73.87 -36.76 -3.74
C MET Y 354 -74.50 -36.61 -5.13
N THR Y 355 -74.18 -37.55 -6.03
CA THR Y 355 -74.85 -37.67 -7.31
C THR Y 355 -75.82 -38.84 -7.25
N TYR Y 356 -77.08 -38.59 -7.65
CA TYR Y 356 -78.11 -39.61 -7.69
C TYR Y 356 -78.66 -39.74 -9.11
N LYS Y 357 -78.68 -40.98 -9.63
CA LYS Y 357 -79.17 -41.26 -10.97
C LYS Y 357 -80.66 -41.58 -10.89
N ILE Y 358 -81.45 -40.94 -11.78
CA ILE Y 358 -82.89 -41.15 -11.88
C ILE Y 358 -83.27 -41.32 -13.35
N GLY Y 359 -84.34 -42.08 -13.63
CA GLY Y 359 -84.87 -42.22 -14.97
C GLY Y 359 -85.67 -40.99 -15.43
N LEU Y 360 -85.89 -40.86 -16.74
CA LEU Y 360 -86.70 -39.77 -17.30
C LEU Y 360 -88.11 -39.71 -16.69
N VAL Y 361 -88.73 -40.89 -16.50
CA VAL Y 361 -90.06 -41.01 -15.90
C VAL Y 361 -90.06 -40.44 -14.47
N GLU Y 362 -89.04 -40.79 -13.67
CA GLU Y 362 -88.88 -40.28 -12.31
C GLU Y 362 -88.69 -38.76 -12.30
N ALA Y 363 -87.89 -38.24 -13.24
CA ALA Y 363 -87.60 -36.82 -13.39
C ALA Y 363 -88.85 -36.00 -13.74
N LEU Y 364 -89.81 -36.57 -14.50
CA LEU Y 364 -91.02 -35.88 -14.97
C LEU Y 364 -92.23 -36.11 -14.06
N CYS Y 365 -92.36 -37.33 -13.50
CA CYS Y 365 -93.59 -37.78 -12.83
C CYS Y 365 -93.45 -37.82 -11.30
N GLY Y 366 -92.27 -37.50 -10.76
CA GLY Y 366 -91.99 -37.63 -9.33
C GLY Y 366 -91.48 -39.03 -8.96
N PHE Y 367 -90.84 -39.13 -7.80
CA PHE Y 367 -90.14 -40.34 -7.39
C PHE Y 367 -89.92 -40.40 -5.88
N GLN Y 368 -89.58 -41.62 -5.43
CA GLN Y 368 -89.14 -41.87 -4.07
C GLN Y 368 -87.92 -42.78 -4.13
N PHE Y 369 -86.86 -42.38 -3.42
CA PHE Y 369 -85.69 -43.24 -3.29
C PHE Y 369 -85.17 -43.28 -1.85
N THR Y 370 -84.32 -44.28 -1.60
CA THR Y 370 -83.72 -44.47 -0.28
C THR Y 370 -82.20 -44.62 -0.41
N PHE Y 371 -81.47 -44.04 0.55
CA PHE Y 371 -80.03 -44.24 0.64
C PHE Y 371 -79.61 -44.39 2.11
N LYS Y 372 -78.42 -44.99 2.30
CA LYS Y 372 -77.82 -45.15 3.62
C LYS Y 372 -76.95 -43.93 3.93
N HIS Y 373 -77.21 -43.29 5.07
CA HIS Y 373 -76.42 -42.16 5.55
C HIS Y 373 -75.17 -42.63 6.31
N LEU Y 374 -74.32 -41.68 6.73
CA LEU Y 374 -73.05 -41.92 7.43
C LEU Y 374 -73.25 -42.52 8.82
N ASP Y 375 -74.43 -42.30 9.45
CA ASP Y 375 -74.80 -42.94 10.71
C ASP Y 375 -75.46 -44.32 10.53
N GLY Y 376 -75.66 -44.74 9.28
CA GLY Y 376 -76.29 -46.02 8.97
C GLY Y 376 -77.82 -45.97 8.94
N ARG Y 377 -78.44 -44.80 9.20
CA ARG Y 377 -79.89 -44.64 9.01
C ARG Y 377 -80.23 -44.70 7.52
N GLN Y 378 -81.40 -45.28 7.21
CA GLN Y 378 -81.98 -45.22 5.88
C GLN Y 378 -82.81 -43.95 5.76
N ILE Y 379 -82.45 -43.07 4.81
CA ILE Y 379 -83.20 -41.86 4.54
C ILE Y 379 -84.07 -42.08 3.31
N VAL Y 380 -85.37 -41.78 3.45
CA VAL Y 380 -86.32 -41.82 2.35
C VAL Y 380 -86.52 -40.39 1.83
N VAL Y 381 -86.10 -40.15 0.58
CA VAL Y 381 -86.31 -38.87 -0.08
C VAL Y 381 -87.51 -39.02 -1.03
N LYS Y 382 -88.47 -38.10 -0.89
CA LYS Y 382 -89.66 -38.06 -1.73
C LYS Y 382 -89.69 -36.75 -2.51
N TYR Y 383 -89.95 -36.88 -3.82
CA TYR Y 383 -90.16 -35.74 -4.70
C TYR Y 383 -91.57 -35.80 -5.27
N PRO Y 384 -92.40 -34.74 -5.10
CA PRO Y 384 -93.82 -34.83 -5.44
C PRO Y 384 -94.05 -34.91 -6.95
N PRO Y 385 -95.14 -35.60 -7.39
CA PRO Y 385 -95.52 -35.62 -8.80
C PRO Y 385 -95.90 -34.23 -9.30
N GLY Y 386 -95.62 -33.97 -10.58
CA GLY Y 386 -95.93 -32.68 -11.20
C GLY Y 386 -94.83 -31.63 -11.05
N LYS Y 387 -93.72 -31.98 -10.38
CA LYS Y 387 -92.52 -31.13 -10.38
C LYS Y 387 -91.43 -31.85 -11.17
N VAL Y 388 -90.72 -31.08 -12.00
CA VAL Y 388 -89.68 -31.62 -12.88
C VAL Y 388 -88.30 -31.45 -12.24
N ILE Y 389 -87.48 -32.50 -12.39
CA ILE Y 389 -86.05 -32.48 -12.12
C ILE Y 389 -85.33 -32.34 -13.46
N GLU Y 390 -84.64 -31.20 -13.65
CA GLU Y 390 -83.80 -30.96 -14.82
C GLU Y 390 -82.50 -31.75 -14.70
N PRO Y 391 -81.91 -32.23 -15.83
CA PRO Y 391 -80.59 -32.86 -15.83
C PRO Y 391 -79.52 -31.93 -15.21
N GLY Y 392 -78.80 -32.50 -14.23
CA GLY Y 392 -77.74 -31.80 -13.52
C GLY Y 392 -78.23 -30.86 -12.41
N CYS Y 393 -79.55 -30.73 -12.21
CA CYS Y 393 -80.05 -29.84 -11.17
C CYS Y 393 -79.73 -30.36 -9.75
N VAL Y 394 -79.59 -29.42 -8.81
CA VAL Y 394 -79.28 -29.74 -7.43
C VAL Y 394 -80.49 -29.48 -6.53
N ARG Y 395 -80.75 -30.41 -5.61
CA ARG Y 395 -81.74 -30.23 -4.54
C ARG Y 395 -81.07 -30.47 -3.18
N VAL Y 396 -81.72 -29.99 -2.12
CA VAL Y 396 -81.15 -30.01 -0.79
C VAL Y 396 -82.04 -30.82 0.16
N VAL Y 397 -81.40 -31.67 0.97
CA VAL Y 397 -82.00 -32.30 2.14
C VAL Y 397 -81.38 -31.63 3.37
N ARG Y 398 -82.17 -30.77 4.02
CA ARG Y 398 -81.67 -29.92 5.10
C ARG Y 398 -81.33 -30.73 6.36
N GLY Y 399 -80.20 -30.40 7.00
CA GLY Y 399 -79.77 -31.01 8.26
C GLY Y 399 -79.20 -32.43 8.14
N GLU Y 400 -78.96 -32.89 6.90
CA GLU Y 400 -78.39 -34.21 6.62
C GLU Y 400 -76.95 -34.11 6.10
N GLY Y 401 -76.25 -33.01 6.40
CA GLY Y 401 -74.81 -32.88 6.20
C GLY Y 401 -73.98 -33.39 7.39
N MET Y 402 -72.69 -32.99 7.42
CA MET Y 402 -71.77 -33.31 8.51
C MET Y 402 -72.10 -32.51 9.78
N PRO Y 403 -71.88 -33.10 10.99
CA PRO Y 403 -71.98 -32.34 12.24
C PRO Y 403 -70.88 -31.29 12.34
N GLN Y 404 -71.18 -30.17 12.99
CA GLN Y 404 -70.18 -29.16 13.28
C GLN Y 404 -69.25 -29.62 14.41
N TYR Y 405 -67.94 -29.40 14.24
CA TYR Y 405 -66.97 -29.69 15.29
C TYR Y 405 -67.28 -28.87 16.56
N ARG Y 406 -67.33 -29.54 17.72
CA ARG Y 406 -67.65 -28.97 19.04
C ARG Y 406 -69.13 -28.64 19.23
N ASN Y 407 -69.93 -28.63 18.15
CA ASN Y 407 -71.37 -28.41 18.22
C ASN Y 407 -72.09 -29.48 17.37
N PRO Y 408 -72.04 -30.77 17.75
CA PRO Y 408 -72.55 -31.86 16.91
C PRO Y 408 -74.06 -31.94 16.75
N PHE Y 409 -74.80 -31.06 17.46
CA PHE Y 409 -76.24 -30.89 17.31
C PHE Y 409 -76.60 -30.09 16.06
N GLU Y 410 -75.68 -29.22 15.63
CA GLU Y 410 -75.80 -28.52 14.36
C GLU Y 410 -75.12 -29.31 13.25
N LYS Y 411 -75.81 -29.43 12.12
CA LYS Y 411 -75.31 -30.13 10.94
C LYS Y 411 -75.43 -29.22 9.74
N GLY Y 412 -74.57 -29.45 8.74
CA GLY Y 412 -74.77 -28.89 7.42
C GLY Y 412 -75.90 -29.60 6.68
N ASP Y 413 -75.96 -29.36 5.36
CA ASP Y 413 -76.99 -29.88 4.47
C ASP Y 413 -76.43 -30.94 3.53
N LEU Y 414 -77.32 -31.77 2.97
CA LEU Y 414 -76.98 -32.70 1.90
C LEU Y 414 -77.50 -32.17 0.56
N TYR Y 415 -76.57 -31.89 -0.36
CA TYR Y 415 -76.87 -31.50 -1.73
C TYR Y 415 -76.82 -32.72 -2.65
N ILE Y 416 -77.93 -32.92 -3.38
CA ILE Y 416 -78.08 -34.05 -4.29
C ILE Y 416 -78.14 -33.50 -5.72
N LYS Y 417 -77.10 -33.81 -6.51
CA LYS Y 417 -77.10 -33.55 -7.95
C LYS Y 417 -77.79 -34.71 -8.66
N PHE Y 418 -78.82 -34.39 -9.47
CA PHE Y 418 -79.55 -35.41 -10.21
C PHE Y 418 -78.98 -35.61 -11.61
N ASP Y 419 -78.65 -36.87 -11.91
CA ASP Y 419 -78.20 -37.31 -13.21
C ASP Y 419 -79.37 -38.04 -13.89
N VAL Y 420 -80.03 -37.37 -14.86
CA VAL Y 420 -81.23 -37.90 -15.49
C VAL Y 420 -80.86 -38.80 -16.67
N GLN Y 421 -81.17 -40.09 -16.53
CA GLN Y 421 -80.92 -41.11 -17.53
C GLN Y 421 -82.10 -41.17 -18.53
N PHE Y 422 -81.79 -40.79 -19.77
CA PHE Y 422 -82.67 -40.99 -20.90
C PHE Y 422 -82.76 -42.47 -21.27
N PRO Y 423 -83.91 -42.93 -21.81
CA PRO Y 423 -84.05 -44.29 -22.33
C PRO Y 423 -83.14 -44.47 -23.55
N GLU Y 424 -82.77 -45.72 -23.83
CA GLU Y 424 -81.92 -46.02 -24.98
C GLU Y 424 -82.62 -45.81 -26.31
N ASN Y 425 -81.81 -45.85 -27.37
CA ASN Y 425 -82.18 -45.84 -28.79
C ASN Y 425 -83.28 -46.88 -29.07
N ASN Y 426 -84.35 -46.48 -29.78
CA ASN Y 426 -85.45 -47.36 -30.19
C ASN Y 426 -86.32 -47.88 -29.03
N TRP Y 427 -86.35 -47.21 -27.86
CA TRP Y 427 -87.09 -47.72 -26.69
C TRP Y 427 -88.61 -47.79 -26.91
N ILE Y 428 -89.12 -46.97 -27.84
CA ILE Y 428 -90.55 -46.88 -28.15
C ILE Y 428 -90.79 -47.03 -29.66
N ASN Y 429 -91.88 -47.72 -30.02
CA ASN Y 429 -92.33 -47.84 -31.40
C ASN Y 429 -92.67 -46.46 -31.97
N PRO Y 430 -92.15 -46.06 -33.16
CA PRO Y 430 -92.54 -44.81 -33.82
C PRO Y 430 -94.03 -44.45 -33.83
N ASP Y 431 -94.92 -45.45 -33.93
CA ASP Y 431 -96.36 -45.23 -33.93
C ASP Y 431 -96.88 -44.55 -32.66
N LYS Y 432 -96.15 -44.68 -31.54
CA LYS Y 432 -96.52 -44.14 -30.23
C LYS Y 432 -95.89 -42.77 -29.95
N LEU Y 433 -95.05 -42.27 -30.87
CA LEU Y 433 -94.38 -40.97 -30.70
C LEU Y 433 -95.39 -39.82 -30.73
N SER Y 434 -96.47 -39.99 -31.53
CA SER Y 434 -97.59 -39.05 -31.62
C SER Y 434 -98.30 -38.89 -30.28
N GLU Y 435 -98.65 -40.01 -29.63
CA GLU Y 435 -99.27 -40.03 -28.30
C GLU Y 435 -98.39 -39.32 -27.25
N LEU Y 436 -97.06 -39.49 -27.35
CA LEU Y 436 -96.12 -38.84 -26.44
C LEU Y 436 -96.07 -37.33 -26.68
N GLU Y 437 -96.09 -36.90 -27.96
CA GLU Y 437 -96.06 -35.51 -28.34
C GLU Y 437 -97.29 -34.76 -27.82
N ASP Y 438 -98.47 -35.39 -27.91
CA ASP Y 438 -99.75 -34.85 -27.43
C ASP Y 438 -99.77 -34.62 -25.91
N LEU Y 439 -98.93 -35.35 -25.16
CA LEU Y 439 -98.91 -35.27 -23.70
C LEU Y 439 -97.97 -34.15 -23.24
N GLY Z 198 -53.89 20.34 -28.13
CA GLY Z 198 -53.03 19.62 -29.12
C GLY Z 198 -53.31 20.08 -30.54
N GLU Z 199 -52.45 19.67 -31.44
CA GLU Z 199 -52.51 20.02 -32.86
C GLU Z 199 -53.64 19.23 -33.54
N ASP Z 200 -54.36 19.90 -34.45
CA ASP Z 200 -55.38 19.26 -35.27
C ASP Z 200 -54.72 18.43 -36.39
N MET Z 201 -55.30 17.27 -36.70
CA MET Z 201 -54.81 16.40 -37.76
C MET Z 201 -55.69 16.52 -39.01
N MET Z 202 -55.09 16.91 -40.14
CA MET Z 202 -55.81 17.05 -41.39
C MET Z 202 -55.59 15.84 -42.29
N HIS Z 203 -56.69 15.22 -42.75
CA HIS Z 203 -56.62 14.08 -43.65
C HIS Z 203 -57.47 14.30 -44.90
N PRO Z 204 -56.88 14.15 -46.12
CA PRO Z 204 -57.69 14.21 -47.34
C PRO Z 204 -58.52 12.94 -47.52
N LEU Z 205 -59.84 13.12 -47.72
CA LEU Z 205 -60.73 12.02 -48.06
C LEU Z 205 -61.15 12.12 -49.52
N LYS Z 206 -60.62 11.22 -50.35
CA LYS Z 206 -60.98 11.16 -51.77
C LYS Z 206 -62.36 10.54 -51.96
N VAL Z 207 -63.28 11.31 -52.56
CA VAL Z 207 -64.67 10.93 -52.80
C VAL Z 207 -65.00 11.07 -54.29
N SER Z 208 -65.81 10.14 -54.83
CA SER Z 208 -66.26 10.23 -56.22
C SER Z 208 -67.53 11.09 -56.34
N LEU Z 209 -67.92 11.47 -57.57
CA LEU Z 209 -69.17 12.18 -57.80
C LEU Z 209 -70.39 11.36 -57.37
N GLU Z 210 -70.35 10.03 -57.59
CA GLU Z 210 -71.39 9.11 -57.16
C GLU Z 210 -71.52 9.08 -55.63
N ASP Z 211 -70.39 9.11 -54.92
CA ASP Z 211 -70.36 9.19 -53.46
C ASP Z 211 -71.04 10.47 -52.97
N LEU Z 212 -70.76 11.60 -53.65
CA LEU Z 212 -71.30 12.91 -53.32
C LEU Z 212 -72.78 13.07 -53.71
N TYR Z 213 -73.22 12.33 -54.73
CA TYR Z 213 -74.60 12.37 -55.21
C TYR Z 213 -75.51 11.48 -54.36
N ASN Z 214 -75.08 10.25 -54.08
CA ASN Z 214 -75.89 9.26 -53.37
C ASN Z 214 -75.72 9.34 -51.85
N GLY Z 215 -74.63 9.97 -51.39
CA GLY Z 215 -74.21 9.85 -50.00
C GLY Z 215 -73.44 8.56 -49.76
N LYS Z 216 -72.48 8.59 -48.82
CA LYS Z 216 -71.64 7.44 -48.54
C LYS Z 216 -71.22 7.41 -47.07
N THR Z 217 -71.34 6.23 -46.48
CA THR Z 217 -70.74 5.94 -45.19
C THR Z 217 -69.48 5.10 -45.42
N THR Z 218 -68.33 5.60 -44.95
CA THR Z 218 -67.07 4.89 -45.07
C THR Z 218 -66.35 4.81 -43.72
N LYS Z 219 -65.58 3.73 -43.52
CA LYS Z 219 -64.77 3.57 -42.32
C LYS Z 219 -63.33 3.96 -42.62
N LEU Z 220 -62.82 4.92 -41.84
CA LEU Z 220 -61.45 5.38 -41.96
C LEU Z 220 -60.64 4.87 -40.78
N GLN Z 221 -59.60 4.09 -41.08
CA GLN Z 221 -58.69 3.63 -40.05
C GLN Z 221 -57.53 4.62 -39.90
N LEU Z 222 -57.36 5.18 -38.69
CA LEU Z 222 -56.26 6.08 -38.38
C LEU Z 222 -55.45 5.53 -37.19
N SER Z 223 -54.13 5.72 -37.23
CA SER Z 223 -53.27 5.45 -36.10
C SER Z 223 -52.99 6.76 -35.36
N LYS Z 224 -53.29 6.79 -34.06
CA LYS Z 224 -53.07 7.97 -33.22
C LYS Z 224 -52.40 7.59 -31.91
N ASN Z 225 -51.75 8.57 -31.30
CA ASN Z 225 -51.20 8.45 -29.96
C ASN Z 225 -52.30 8.61 -28.93
N VAL Z 226 -52.41 7.63 -28.04
CA VAL Z 226 -53.32 7.69 -26.90
C VAL Z 226 -52.50 7.62 -25.61
N LEU Z 227 -53.01 8.22 -24.53
CA LEU Z 227 -52.37 8.08 -23.23
C LEU Z 227 -52.26 6.61 -22.83
N CYS Z 228 -51.07 6.21 -22.37
CA CYS Z 228 -50.81 4.83 -22.00
C CYS Z 228 -51.73 4.39 -20.86
N SER Z 229 -52.67 3.48 -21.16
CA SER Z 229 -53.67 2.98 -20.22
C SER Z 229 -53.07 2.42 -18.92
N ALA Z 230 -51.81 1.96 -18.96
CA ALA Z 230 -51.14 1.32 -17.83
C ALA Z 230 -50.48 2.30 -16.85
N CYS Z 231 -50.19 3.54 -17.28
CA CYS Z 231 -49.56 4.55 -16.41
C CYS Z 231 -50.26 5.92 -16.51
N SER Z 232 -51.38 6.00 -17.23
CA SER Z 232 -52.19 7.20 -17.44
C SER Z 232 -51.33 8.43 -17.81
N GLY Z 233 -50.32 8.22 -18.68
CA GLY Z 233 -49.45 9.27 -19.21
C GLY Z 233 -48.37 9.76 -18.25
N GLN Z 234 -48.52 9.38 -16.97
CA GLN Z 234 -47.64 9.88 -15.93
C GLN Z 234 -46.26 9.41 -16.34
N GLY Z 235 -46.27 8.51 -17.32
CA GLY Z 235 -45.07 7.92 -17.80
C GLY Z 235 -44.87 6.77 -16.85
N GLY Z 236 -44.51 7.10 -15.61
CA GLY Z 236 -44.45 6.09 -14.58
C GLY Z 236 -44.99 6.63 -13.26
N LYS Z 237 -44.85 5.85 -12.18
CA LYS Z 237 -45.23 6.28 -10.84
C LYS Z 237 -44.46 7.56 -10.50
N SER Z 238 -44.94 8.33 -9.50
CA SER Z 238 -44.23 9.51 -9.02
C SER Z 238 -42.87 9.08 -8.47
N GLY Z 239 -41.79 9.56 -9.12
CA GLY Z 239 -40.41 9.21 -8.79
C GLY Z 239 -39.90 8.05 -9.65
N ALA Z 240 -40.69 7.62 -10.65
CA ALA Z 240 -40.28 6.65 -11.64
C ALA Z 240 -39.56 7.36 -12.79
N VAL Z 241 -39.84 8.66 -12.93
CA VAL Z 241 -39.28 9.46 -14.01
C VAL Z 241 -37.89 9.94 -13.62
N GLN Z 242 -36.88 9.45 -14.35
CA GLN Z 242 -35.48 9.77 -14.10
C GLN Z 242 -34.90 10.53 -15.31
N LYS Z 243 -33.98 11.46 -15.03
CA LYS Z 243 -33.18 12.12 -16.06
C LYS Z 243 -32.42 11.06 -16.84
N CYS Z 244 -32.47 11.14 -18.17
CA CYS Z 244 -31.69 10.25 -19.00
C CYS Z 244 -30.19 10.51 -18.78
N SER Z 245 -29.43 9.51 -18.29
CA SER Z 245 -28.00 9.63 -17.95
C SER Z 245 -27.14 9.93 -19.18
N ALA Z 246 -27.54 9.28 -20.28
CA ALA Z 246 -27.00 9.30 -21.63
C ALA Z 246 -26.82 10.70 -22.23
N CYS Z 247 -27.92 11.48 -22.23
CA CYS Z 247 -27.97 12.82 -22.79
C CYS Z 247 -28.08 13.89 -21.68
N ARG Z 248 -28.05 13.48 -20.40
CA ARG Z 248 -28.20 14.34 -19.23
C ARG Z 248 -29.45 15.23 -19.34
N GLY Z 249 -30.58 14.65 -19.77
CA GLY Z 249 -31.83 15.36 -19.91
C GLY Z 249 -31.99 16.18 -21.20
N ARG Z 250 -31.02 16.17 -22.11
CA ARG Z 250 -31.05 17.01 -23.31
C ARG Z 250 -31.87 16.39 -24.46
N GLY Z 251 -32.21 15.10 -24.39
CA GLY Z 251 -32.89 14.42 -25.50
C GLY Z 251 -31.96 14.06 -26.65
N VAL Z 252 -30.83 14.78 -26.78
CA VAL Z 252 -29.90 14.61 -27.90
C VAL Z 252 -28.47 14.36 -27.43
N ARG Z 253 -27.74 13.60 -28.23
CA ARG Z 253 -26.32 13.33 -28.01
C ARG Z 253 -25.53 13.93 -29.16
N ILE Z 254 -24.36 14.50 -28.85
CA ILE Z 254 -23.44 14.97 -29.85
C ILE Z 254 -22.46 13.84 -30.19
N MET Z 255 -22.55 13.33 -31.41
CA MET Z 255 -21.65 12.31 -31.92
C MET Z 255 -20.59 12.96 -32.82
N ILE Z 256 -19.34 12.60 -32.58
CA ILE Z 256 -18.23 13.14 -33.35
C ILE Z 256 -17.86 12.14 -34.46
N ARG Z 257 -18.04 12.53 -35.72
CA ARG Z 257 -17.57 11.76 -36.86
C ARG Z 257 -16.29 12.38 -37.44
N GLN Z 258 -15.17 11.66 -37.47
CA GLN Z 258 -14.01 12.17 -38.23
C GLN Z 258 -14.26 12.07 -39.73
N LEU Z 259 -14.07 13.19 -40.46
CA LEU Z 259 -14.06 13.21 -41.92
C LEU Z 259 -12.66 13.02 -42.52
N ALA Z 260 -11.66 13.55 -41.81
CA ALA Z 260 -10.25 13.46 -42.14
C ALA Z 260 -9.42 13.72 -40.88
N PRO Z 261 -8.15 13.30 -40.70
CA PRO Z 261 -7.42 13.69 -39.49
C PRO Z 261 -7.31 15.21 -39.37
N GLY Z 262 -7.82 15.75 -38.27
CA GLY Z 262 -7.90 17.19 -38.06
C GLY Z 262 -9.22 17.82 -38.52
N MET Z 263 -10.08 17.05 -39.22
CA MET Z 263 -11.47 17.46 -39.48
C MET Z 263 -12.46 16.53 -38.77
N VAL Z 264 -13.08 17.01 -37.69
CA VAL Z 264 -14.16 16.30 -37.00
C VAL Z 264 -15.49 17.03 -37.24
N GLN Z 265 -16.53 16.26 -37.57
CA GLN Z 265 -17.90 16.73 -37.66
C GLN Z 265 -18.66 16.35 -36.41
N GLN Z 266 -19.21 17.35 -35.71
CA GLN Z 266 -20.12 17.13 -34.61
C GLN Z 266 -21.51 17.04 -35.23
N MET Z 267 -22.13 15.86 -35.10
CA MET Z 267 -23.52 15.67 -35.48
C MET Z 267 -24.35 15.50 -34.21
N GLN Z 268 -25.47 16.21 -34.11
CA GLN Z 268 -26.47 16.02 -33.08
C GLN Z 268 -27.40 14.90 -33.55
N SER Z 269 -27.45 13.83 -32.74
CA SER Z 269 -28.34 12.71 -32.97
C SER Z 269 -29.34 12.64 -31.81
N VAL Z 270 -30.57 12.19 -32.10
CA VAL Z 270 -31.51 11.90 -31.03
C VAL Z 270 -30.88 10.82 -30.14
N CYS Z 271 -31.05 10.99 -28.81
CA CYS Z 271 -30.43 10.09 -27.85
C CYS Z 271 -31.14 8.73 -27.93
N SER Z 272 -30.36 7.69 -28.23
CA SER Z 272 -30.81 6.30 -28.32
C SER Z 272 -31.49 5.79 -27.04
N ASP Z 273 -31.08 6.33 -25.89
CA ASP Z 273 -31.44 5.76 -24.59
C ASP Z 273 -32.78 6.29 -24.07
N CYS Z 274 -33.20 7.47 -24.53
CA CYS Z 274 -34.49 8.05 -24.18
C CYS Z 274 -35.33 8.45 -25.40
N ASN Z 275 -34.88 8.10 -26.62
CA ASN Z 275 -35.56 8.41 -27.88
C ASN Z 275 -35.97 9.87 -27.99
N GLY Z 276 -35.18 10.79 -27.41
CA GLY Z 276 -35.42 12.22 -27.52
C GLY Z 276 -36.17 12.85 -26.35
N GLU Z 277 -36.73 12.04 -25.44
CA GLU Z 277 -37.59 12.56 -24.37
C GLU Z 277 -36.77 13.25 -23.28
N GLY Z 278 -35.49 12.89 -23.13
CA GLY Z 278 -34.65 13.43 -22.04
C GLY Z 278 -34.87 12.73 -20.70
N GLU Z 279 -35.94 11.95 -20.61
CA GLU Z 279 -36.24 11.14 -19.44
C GLU Z 279 -36.26 9.64 -19.75
N VAL Z 280 -36.03 8.84 -18.71
CA VAL Z 280 -36.16 7.39 -18.79
C VAL Z 280 -37.07 6.92 -17.66
N ILE Z 281 -38.00 6.04 -18.01
CA ILE Z 281 -38.90 5.37 -17.06
C ILE Z 281 -38.67 3.87 -17.22
N ASN Z 282 -38.28 3.22 -16.10
CA ASN Z 282 -38.15 1.77 -16.05
C ASN Z 282 -39.47 1.13 -16.50
N GLU Z 283 -39.37 0.07 -17.30
CA GLU Z 283 -40.53 -0.62 -17.87
C GLU Z 283 -41.60 -0.96 -16.83
N LYS Z 284 -41.16 -1.42 -15.66
CA LYS Z 284 -41.96 -1.84 -14.51
C LYS Z 284 -42.79 -0.70 -13.92
N ASP Z 285 -42.41 0.56 -14.20
CA ASP Z 285 -43.07 1.74 -13.65
C ASP Z 285 -44.10 2.34 -14.62
N ARG Z 286 -43.96 2.07 -15.93
CA ARG Z 286 -44.89 2.53 -16.94
C ARG Z 286 -45.76 1.35 -17.38
N CYS Z 287 -45.11 0.30 -17.89
CA CYS Z 287 -45.74 -0.89 -18.45
C CYS Z 287 -44.79 -1.49 -19.46
N LYS Z 288 -45.19 -2.62 -20.06
CA LYS Z 288 -44.42 -3.24 -21.14
C LYS Z 288 -44.97 -2.73 -22.48
N LYS Z 289 -45.62 -1.56 -22.45
CA LYS Z 289 -46.32 -1.00 -23.60
C LYS Z 289 -45.60 0.25 -24.13
N CYS Z 290 -45.88 1.44 -23.58
CA CYS Z 290 -45.30 2.71 -24.02
C CYS Z 290 -43.77 2.60 -24.01
N GLU Z 291 -43.17 2.46 -22.81
CA GLU Z 291 -41.74 2.29 -22.56
C GLU Z 291 -41.17 3.61 -22.04
N GLY Z 292 -41.87 4.22 -21.08
CA GLY Z 292 -41.49 5.51 -20.52
C GLY Z 292 -41.87 6.65 -21.47
N LYS Z 293 -42.71 6.33 -22.45
CA LYS Z 293 -43.07 7.28 -23.50
C LYS Z 293 -44.34 8.07 -23.17
N LYS Z 294 -45.18 7.55 -22.24
CA LYS Z 294 -46.40 8.20 -21.73
C LYS Z 294 -47.55 8.05 -22.73
N VAL Z 295 -47.26 7.64 -23.98
CA VAL Z 295 -48.29 7.39 -24.99
C VAL Z 295 -48.04 6.05 -25.69
N ILE Z 296 -49.10 5.52 -26.33
CA ILE Z 296 -49.02 4.32 -27.16
C ILE Z 296 -49.77 4.61 -28.46
N LYS Z 297 -49.28 4.03 -29.57
CA LYS Z 297 -49.98 4.10 -30.84
C LYS Z 297 -51.14 3.12 -30.85
N GLU Z 298 -52.37 3.65 -30.99
CA GLU Z 298 -53.58 2.87 -31.11
C GLU Z 298 -54.21 3.12 -32.48
N VAL Z 299 -54.88 2.07 -32.98
CA VAL Z 299 -55.57 2.11 -34.25
C VAL Z 299 -57.05 2.37 -33.98
N LYS Z 300 -57.56 3.52 -34.42
CA LYS Z 300 -58.96 3.86 -34.27
C LYS Z 300 -59.67 3.87 -35.63
N ILE Z 301 -60.88 3.30 -35.66
CA ILE Z 301 -61.74 3.34 -36.84
C ILE Z 301 -62.79 4.42 -36.62
N LEU Z 302 -62.77 5.44 -37.50
CA LEU Z 302 -63.78 6.48 -37.53
C LEU Z 302 -64.81 6.16 -38.63
N GLU Z 303 -66.09 6.23 -38.26
CA GLU Z 303 -67.17 6.15 -39.24
C GLU Z 303 -67.43 7.56 -39.79
N VAL Z 304 -67.24 7.70 -41.11
CA VAL Z 304 -67.34 8.98 -41.80
C VAL Z 304 -68.59 8.96 -42.68
N HIS Z 305 -69.48 9.93 -42.41
CA HIS Z 305 -70.67 10.14 -43.23
C HIS Z 305 -70.42 11.30 -44.20
N VAL Z 306 -70.52 10.99 -45.49
CA VAL Z 306 -70.51 11.95 -46.57
C VAL Z 306 -71.95 12.12 -47.03
N ASP Z 307 -72.52 13.30 -46.72
CA ASP Z 307 -73.90 13.63 -47.07
C ASP Z 307 -74.03 13.96 -48.57
N LYS Z 308 -75.26 13.79 -49.08
CA LYS Z 308 -75.61 14.18 -50.43
C LYS Z 308 -75.38 15.68 -50.64
N GLY Z 309 -74.73 16.01 -51.77
CA GLY Z 309 -74.52 17.39 -52.19
C GLY Z 309 -73.33 18.08 -51.54
N MET Z 310 -72.59 17.38 -50.67
CA MET Z 310 -71.35 17.93 -50.11
C MET Z 310 -70.39 18.38 -51.21
N LYS Z 311 -69.59 19.42 -50.92
CA LYS Z 311 -68.75 20.08 -51.91
C LYS Z 311 -67.28 19.71 -51.74
N HIS Z 312 -66.53 19.86 -52.82
CA HIS Z 312 -65.07 19.81 -52.75
C HIS Z 312 -64.55 20.80 -51.70
N GLY Z 313 -63.55 20.37 -50.91
CA GLY Z 313 -62.96 21.19 -49.85
C GLY Z 313 -63.78 21.30 -48.56
N GLN Z 314 -64.96 20.66 -48.51
CA GLN Z 314 -65.77 20.66 -47.28
C GLN Z 314 -65.07 19.85 -46.18
N ARG Z 315 -65.19 20.32 -44.93
CA ARG Z 315 -64.52 19.72 -43.78
C ARG Z 315 -65.50 18.89 -42.95
N ILE Z 316 -65.07 17.68 -42.56
CA ILE Z 316 -65.76 16.85 -41.58
C ILE Z 316 -64.86 16.73 -40.35
N THR Z 317 -65.33 17.26 -39.21
CA THR Z 317 -64.52 17.36 -38.00
C THR Z 317 -64.95 16.32 -36.96
N PHE Z 318 -63.96 15.59 -36.43
CA PHE Z 318 -64.08 14.69 -35.30
C PHE Z 318 -63.38 15.31 -34.10
N THR Z 319 -64.17 15.87 -33.17
CA THR Z 319 -63.67 16.66 -32.06
C THR Z 319 -62.91 15.80 -31.04
N GLY Z 320 -61.71 16.26 -30.63
CA GLY Z 320 -60.90 15.60 -29.61
C GLY Z 320 -60.33 14.24 -30.05
N GLU Z 321 -60.36 13.96 -31.35
CA GLU Z 321 -59.96 12.66 -31.89
C GLU Z 321 -58.49 12.61 -32.30
N ALA Z 322 -57.77 13.74 -32.28
CA ALA Z 322 -56.35 13.78 -32.62
C ALA Z 322 -55.48 13.09 -31.55
N ASP Z 323 -54.15 13.25 -31.72
CA ASP Z 323 -53.15 12.73 -30.80
C ASP Z 323 -53.33 13.27 -29.38
N GLN Z 324 -53.24 12.36 -28.41
CA GLN Z 324 -53.21 12.70 -26.99
C GLN Z 324 -51.77 12.85 -26.51
N ALA Z 325 -51.54 13.85 -25.65
CA ALA Z 325 -50.27 14.03 -24.95
C ALA Z 325 -50.52 14.36 -23.47
N PRO Z 326 -49.62 13.95 -22.54
CA PRO Z 326 -49.80 14.25 -21.11
C PRO Z 326 -49.91 15.75 -20.83
N GLY Z 327 -51.01 16.14 -20.18
CA GLY Z 327 -51.29 17.53 -19.81
C GLY Z 327 -51.78 18.40 -20.97
N VAL Z 328 -52.12 17.79 -22.11
CA VAL Z 328 -52.59 18.46 -23.31
C VAL Z 328 -53.98 17.93 -23.67
N GLU Z 329 -54.94 18.84 -23.93
CA GLU Z 329 -56.26 18.46 -24.42
C GLU Z 329 -56.13 18.11 -25.90
N PRO Z 330 -56.62 16.93 -26.39
CA PRO Z 330 -56.44 16.55 -27.79
C PRO Z 330 -57.05 17.52 -28.79
N GLY Z 331 -56.36 17.71 -29.92
CA GLY Z 331 -56.92 18.40 -31.08
C GLY Z 331 -58.01 17.60 -31.80
N ASP Z 332 -58.45 18.11 -32.95
CA ASP Z 332 -59.49 17.46 -33.75
C ASP Z 332 -58.88 16.73 -34.96
N ILE Z 333 -59.59 15.70 -35.44
CA ILE Z 333 -59.31 15.15 -36.76
C ILE Z 333 -60.25 15.81 -37.77
N VAL Z 334 -59.66 16.51 -38.76
CA VAL Z 334 -60.41 17.22 -39.78
C VAL Z 334 -60.19 16.51 -41.12
N LEU Z 335 -61.27 15.91 -41.64
CA LEU Z 335 -61.21 15.31 -42.97
C LEU Z 335 -61.60 16.37 -44.00
N LEU Z 336 -60.72 16.53 -45.00
CA LEU Z 336 -60.98 17.44 -46.11
C LEU Z 336 -61.45 16.65 -47.32
N LEU Z 337 -62.68 16.91 -47.79
CA LEU Z 337 -63.21 16.22 -48.95
C LEU Z 337 -62.47 16.63 -50.22
N GLN Z 338 -61.91 15.63 -50.91
CA GLN Z 338 -61.28 15.81 -52.21
C GLN Z 338 -62.11 15.09 -53.27
N GLU Z 339 -62.74 15.86 -54.15
CA GLU Z 339 -63.53 15.32 -55.23
C GLU Z 339 -62.58 14.72 -56.27
N LYS Z 340 -62.86 13.48 -56.67
CA LYS Z 340 -62.13 12.84 -57.75
C LYS Z 340 -62.72 13.28 -59.08
N GLU Z 341 -61.84 13.44 -60.06
CA GLU Z 341 -62.22 13.58 -61.46
C GLU Z 341 -63.12 12.42 -61.88
N HIS Z 342 -64.15 12.74 -62.67
CA HIS Z 342 -65.10 11.77 -63.17
C HIS Z 342 -65.01 11.75 -64.70
N GLU Z 343 -65.12 10.56 -65.31
CA GLU Z 343 -64.83 10.39 -66.73
C GLU Z 343 -65.85 11.05 -67.65
N VAL Z 344 -67.14 11.07 -67.26
CA VAL Z 344 -68.23 11.58 -68.07
C VAL Z 344 -68.67 12.99 -67.63
N PHE Z 345 -68.84 13.19 -66.32
CA PHE Z 345 -69.39 14.42 -65.77
C PHE Z 345 -68.32 15.30 -65.14
N GLN Z 346 -68.46 16.61 -65.37
CA GLN Z 346 -67.72 17.64 -64.65
C GLN Z 346 -68.72 18.42 -63.80
N ARG Z 347 -68.36 18.65 -62.53
CA ARG Z 347 -69.27 19.33 -61.62
C ARG Z 347 -68.93 20.82 -61.55
N ASP Z 348 -69.97 21.66 -61.69
CA ASP Z 348 -69.90 23.09 -61.39
C ASP Z 348 -70.95 23.44 -60.34
N GLY Z 349 -70.53 23.63 -59.09
CA GLY Z 349 -71.46 23.86 -57.99
C GLY Z 349 -72.47 22.75 -57.79
N ASN Z 350 -73.74 23.01 -58.15
CA ASN Z 350 -74.81 22.02 -58.12
C ASN Z 350 -75.14 21.46 -59.51
N ASP Z 351 -74.54 22.04 -60.56
CA ASP Z 351 -74.79 21.64 -61.93
C ASP Z 351 -73.75 20.61 -62.39
N LEU Z 352 -74.13 19.83 -63.40
CA LEU Z 352 -73.25 18.88 -64.04
C LEU Z 352 -73.08 19.24 -65.51
N HIS Z 353 -71.87 19.02 -66.03
CA HIS Z 353 -71.54 19.23 -67.43
C HIS Z 353 -71.05 17.92 -68.03
N MET Z 354 -71.47 17.63 -69.25
CA MET Z 354 -70.93 16.51 -70.01
C MET Z 354 -70.80 16.87 -71.48
N THR Z 355 -69.86 16.20 -72.17
CA THR Z 355 -69.77 16.29 -73.63
C THR Z 355 -70.34 15.01 -74.23
N TYR Z 356 -71.25 15.18 -75.21
CA TYR Z 356 -71.86 14.06 -75.91
C TYR Z 356 -71.59 14.18 -77.41
N LYS Z 357 -71.07 13.10 -78.00
CA LYS Z 357 -70.74 13.05 -79.43
C LYS Z 357 -71.96 12.54 -80.19
N ILE Z 358 -72.33 13.25 -81.27
CA ILE Z 358 -73.43 12.88 -82.15
C ILE Z 358 -72.97 12.99 -83.61
N GLY Z 359 -73.57 12.18 -84.50
CA GLY Z 359 -73.31 12.26 -85.93
C GLY Z 359 -74.03 13.45 -86.58
N LEU Z 360 -73.59 13.84 -87.79
CA LEU Z 360 -74.23 14.91 -88.55
C LEU Z 360 -75.73 14.65 -88.78
N VAL Z 361 -76.09 13.39 -89.09
CA VAL Z 361 -77.47 12.97 -89.31
C VAL Z 361 -78.30 13.21 -88.04
N GLU Z 362 -77.78 12.83 -86.87
CA GLU Z 362 -78.43 13.04 -85.58
C GLU Z 362 -78.63 14.53 -85.29
N ALA Z 363 -77.61 15.34 -85.59
CA ALA Z 363 -77.60 16.78 -85.40
C ALA Z 363 -78.66 17.49 -86.26
N LEU Z 364 -78.96 16.98 -87.47
CA LEU Z 364 -79.88 17.59 -88.42
C LEU Z 364 -81.31 17.01 -88.33
N CYS Z 365 -81.43 15.69 -88.08
CA CYS Z 365 -82.68 14.96 -88.22
C CYS Z 365 -83.32 14.59 -86.88
N GLY Z 366 -82.67 14.94 -85.74
CA GLY Z 366 -83.11 14.52 -84.42
C GLY Z 366 -82.55 13.16 -84.01
N PHE Z 367 -82.58 12.89 -82.69
CA PHE Z 367 -81.92 11.72 -82.13
C PHE Z 367 -82.47 11.35 -80.75
N GLN Z 368 -82.14 10.13 -80.35
CA GLN Z 368 -82.39 9.64 -79.00
C GLN Z 368 -81.13 8.94 -78.51
N PHE Z 369 -80.69 9.30 -77.30
CA PHE Z 369 -79.57 8.60 -76.67
C PHE Z 369 -79.86 8.30 -75.20
N THR Z 370 -79.03 7.40 -74.65
CA THR Z 370 -79.15 7.00 -73.25
C THR Z 370 -77.78 7.10 -72.58
N PHE Z 371 -77.77 7.54 -71.30
CA PHE Z 371 -76.57 7.51 -70.50
C PHE Z 371 -76.92 7.09 -69.06
N LYS Z 372 -75.88 6.63 -68.34
CA LYS Z 372 -75.99 6.27 -66.93
C LYS Z 372 -75.70 7.49 -66.07
N HIS Z 373 -76.64 7.82 -65.17
CA HIS Z 373 -76.46 8.91 -64.22
C HIS Z 373 -75.69 8.45 -62.96
N LEU Z 374 -75.40 9.39 -62.04
CA LEU Z 374 -74.63 9.16 -60.82
C LEU Z 374 -75.35 8.26 -59.82
N ASP Z 375 -76.70 8.17 -59.90
CA ASP Z 375 -77.49 7.23 -59.11
C ASP Z 375 -77.65 5.85 -59.77
N GLY Z 376 -77.09 5.69 -60.98
CA GLY Z 376 -77.18 4.45 -61.74
C GLY Z 376 -78.46 4.30 -62.56
N ARG Z 377 -79.37 5.29 -62.53
CA ARG Z 377 -80.52 5.30 -63.44
C ARG Z 377 -80.04 5.51 -64.88
N GLN Z 378 -80.75 4.87 -65.84
CA GLN Z 378 -80.58 5.15 -67.25
C GLN Z 378 -81.52 6.31 -67.64
N ILE Z 379 -80.93 7.40 -68.14
CA ILE Z 379 -81.70 8.54 -68.62
C ILE Z 379 -81.76 8.47 -70.14
N VAL Z 380 -82.99 8.56 -70.68
CA VAL Z 380 -83.24 8.64 -72.11
C VAL Z 380 -83.47 10.11 -72.48
N VAL Z 381 -82.55 10.67 -73.28
CA VAL Z 381 -82.68 12.03 -73.80
C VAL Z 381 -83.18 11.94 -75.24
N LYS Z 382 -84.27 12.68 -75.52
CA LYS Z 382 -84.85 12.74 -76.85
C LYS Z 382 -84.78 14.18 -77.38
N TYR Z 383 -84.32 14.30 -78.63
CA TYR Z 383 -84.31 15.58 -79.33
C TYR Z 383 -85.20 15.45 -80.57
N PRO Z 384 -86.22 16.34 -80.75
CA PRO Z 384 -87.22 16.14 -81.79
C PRO Z 384 -86.65 16.35 -83.19
N PRO Z 385 -87.18 15.64 -84.21
CA PRO Z 385 -86.80 15.89 -85.61
C PRO Z 385 -87.18 17.29 -86.05
N GLY Z 386 -86.36 17.86 -86.96
CA GLY Z 386 -86.61 19.21 -87.48
C GLY Z 386 -85.99 20.34 -86.65
N LYS Z 387 -85.33 20.01 -85.54
CA LYS Z 387 -84.52 20.97 -84.80
C LYS Z 387 -83.04 20.60 -84.96
N VAL Z 388 -82.20 21.61 -85.20
CA VAL Z 388 -80.78 21.43 -85.45
C VAL Z 388 -79.98 21.64 -84.16
N ILE Z 389 -78.98 20.76 -83.97
CA ILE Z 389 -77.93 20.91 -82.98
C ILE Z 389 -76.68 21.43 -83.71
N GLU Z 390 -76.28 22.66 -83.38
CA GLU Z 390 -75.05 23.26 -83.88
C GLU Z 390 -73.83 22.64 -83.18
N PRO Z 391 -72.67 22.50 -83.88
CA PRO Z 391 -71.42 22.08 -83.24
C PRO Z 391 -71.05 22.96 -82.04
N GLY Z 392 -70.80 22.30 -80.91
CA GLY Z 392 -70.42 22.95 -79.67
C GLY Z 392 -71.60 23.55 -78.89
N CYS Z 393 -72.83 23.45 -79.40
CA CYS Z 393 -73.98 24.02 -78.69
C CYS Z 393 -74.29 23.25 -77.39
N VAL Z 394 -74.86 23.97 -76.42
CA VAL Z 394 -75.21 23.40 -75.11
C VAL Z 394 -76.73 23.30 -74.99
N ARG Z 395 -77.21 22.15 -74.47
CA ARG Z 395 -78.60 21.96 -74.07
C ARG Z 395 -78.65 21.53 -72.61
N VAL Z 396 -79.84 21.68 -72.00
CA VAL Z 396 -80.02 21.43 -70.58
C VAL Z 396 -81.05 20.33 -70.36
N VAL Z 397 -80.74 19.41 -69.44
CA VAL Z 397 -81.68 18.47 -68.86
C VAL Z 397 -81.92 18.92 -67.41
N ARG Z 398 -83.10 19.50 -67.17
CA ARG Z 398 -83.42 20.15 -65.91
C ARG Z 398 -83.58 19.13 -64.78
N GLY Z 399 -83.01 19.45 -63.60
CA GLY Z 399 -83.14 18.66 -62.38
C GLY Z 399 -82.28 17.38 -62.35
N GLU Z 400 -81.36 17.23 -63.33
CA GLU Z 400 -80.45 16.10 -63.41
C GLU Z 400 -78.99 16.50 -63.07
N GLY Z 401 -78.82 17.59 -62.31
CA GLY Z 401 -77.53 17.95 -61.70
C GLY Z 401 -77.31 17.31 -60.32
N MET Z 402 -76.35 17.85 -59.56
CA MET Z 402 -76.05 17.43 -58.20
C MET Z 402 -77.14 17.87 -57.22
N PRO Z 403 -77.42 17.06 -56.15
CA PRO Z 403 -78.30 17.50 -55.06
C PRO Z 403 -77.66 18.64 -54.26
N GLN Z 404 -78.50 19.55 -53.75
CA GLN Z 404 -78.03 20.59 -52.86
C GLN Z 404 -77.70 20.01 -51.48
N TYR Z 405 -76.57 20.43 -50.90
CA TYR Z 405 -76.22 20.06 -49.53
C TYR Z 405 -77.30 20.52 -48.53
N ARG Z 406 -77.76 19.61 -47.65
CA ARG Z 406 -78.81 19.84 -46.66
C ARG Z 406 -80.23 19.92 -47.25
N ASN Z 407 -80.36 20.06 -48.58
CA ASN Z 407 -81.65 20.07 -49.26
C ASN Z 407 -81.60 19.13 -50.48
N PRO Z 408 -81.45 17.79 -50.28
CA PRO Z 408 -81.20 16.87 -51.40
C PRO Z 408 -82.38 16.63 -52.34
N PHE Z 409 -83.55 17.22 -52.02
CA PHE Z 409 -84.72 17.22 -52.90
C PHE Z 409 -84.58 18.23 -54.04
N GLU Z 410 -83.79 19.28 -53.82
CA GLU Z 410 -83.43 20.23 -54.87
C GLU Z 410 -82.12 19.80 -55.52
N LYS Z 411 -82.11 19.85 -56.86
CA LYS Z 411 -80.94 19.49 -57.65
C LYS Z 411 -80.65 20.63 -58.62
N GLY Z 412 -79.38 20.73 -59.03
CA GLY Z 412 -79.01 21.54 -60.18
C GLY Z 412 -79.44 20.87 -61.49
N ASP Z 413 -78.88 21.38 -62.59
CA ASP Z 413 -79.18 20.96 -63.95
C ASP Z 413 -78.00 20.21 -64.58
N LEU Z 414 -78.29 19.40 -65.61
CA LEU Z 414 -77.25 18.79 -66.44
C LEU Z 414 -77.14 19.52 -67.78
N TYR Z 415 -75.97 20.13 -68.02
CA TYR Z 415 -75.63 20.76 -69.29
C TYR Z 415 -74.86 19.79 -70.18
N ILE Z 416 -75.38 19.60 -71.40
CA ILE Z 416 -74.79 18.70 -72.39
C ILE Z 416 -74.26 19.53 -73.54
N LYS Z 417 -72.92 19.54 -73.69
CA LYS Z 417 -72.26 20.11 -74.87
C LYS Z 417 -72.23 19.06 -75.97
N PHE Z 418 -72.76 19.41 -77.15
CA PHE Z 418 -72.78 18.49 -78.28
C PHE Z 418 -71.55 18.68 -79.18
N ASP Z 419 -70.84 17.57 -79.41
CA ASP Z 419 -69.72 17.49 -80.32
C ASP Z 419 -70.19 16.78 -81.60
N VAL Z 420 -70.41 17.56 -82.68
CA VAL Z 420 -70.99 17.04 -83.92
C VAL Z 420 -69.87 16.47 -84.81
N GLN Z 421 -69.93 15.16 -85.02
CA GLN Z 421 -68.99 14.42 -85.84
C GLN Z 421 -69.45 14.42 -87.30
N PHE Z 422 -68.65 15.09 -88.13
CA PHE Z 422 -68.79 15.03 -89.58
C PHE Z 422 -68.36 13.66 -90.12
N PRO Z 423 -68.96 13.19 -91.23
CA PRO Z 423 -68.53 11.97 -91.89
C PRO Z 423 -67.12 12.14 -92.47
N GLU Z 424 -66.42 11.03 -92.65
CA GLU Z 424 -65.06 11.06 -93.17
C GLU Z 424 -65.01 11.46 -94.66
N ASN Z 425 -63.78 11.70 -95.10
CA ASN Z 425 -63.35 11.92 -96.48
C ASN Z 425 -63.94 10.86 -97.42
N ASN Z 426 -64.52 11.28 -98.55
CA ASN Z 426 -65.07 10.39 -99.58
C ASN Z 426 -66.32 9.61 -99.15
N TRP Z 427 -67.08 10.03 -98.11
CA TRP Z 427 -68.17 9.20 -97.59
C TRP Z 427 -69.33 9.00 -98.57
N ILE Z 428 -69.46 9.93 -99.52
CA ILE Z 428 -70.51 9.90 -100.54
C ILE Z 428 -69.94 10.03 -101.95
N ASN Z 429 -70.53 9.32 -102.91
CA ASN Z 429 -70.20 9.43 -104.32
C ASN Z 429 -70.51 10.85 -104.81
N PRO Z 430 -69.58 11.56 -105.49
CA PRO Z 430 -69.86 12.87 -106.11
C PRO Z 430 -71.18 13.02 -106.86
N ASP Z 431 -71.66 11.96 -107.53
CA ASP Z 431 -72.93 11.97 -108.26
C ASP Z 431 -74.15 12.30 -107.38
N LYS Z 432 -74.05 12.02 -106.07
CA LYS Z 432 -75.12 12.22 -105.09
C LYS Z 432 -75.04 13.57 -104.38
N LEU Z 433 -73.99 14.36 -104.65
CA LEU Z 433 -73.81 15.66 -104.01
C LEU Z 433 -74.90 16.66 -104.42
N SER Z 434 -75.38 16.53 -105.67
CA SER Z 434 -76.49 17.30 -106.24
C SER Z 434 -77.78 17.08 -105.45
N GLU Z 435 -78.14 15.80 -105.22
CA GLU Z 435 -79.31 15.41 -104.43
C GLU Z 435 -79.24 15.99 -103.00
N LEU Z 436 -78.03 16.02 -102.40
CA LEU Z 436 -77.84 16.57 -101.06
C LEU Z 436 -78.01 18.10 -101.06
N GLU Z 437 -77.50 18.78 -102.11
CA GLU Z 437 -77.60 20.22 -102.24
C GLU Z 437 -79.06 20.67 -102.35
N ASP Z 438 -79.86 19.92 -103.13
CA ASP Z 438 -81.29 20.18 -103.32
C ASP Z 438 -82.11 20.06 -102.03
N LEU Z 439 -81.63 19.30 -101.04
CA LEU Z 439 -82.34 19.07 -99.79
C LEU Z 439 -82.02 20.17 -98.77
N GLY AA 198 -35.79 1.71 -40.17
CA GLY AA 198 -36.83 2.30 -39.30
C GLY AA 198 -37.61 1.21 -38.58
N GLU AA 199 -38.40 1.65 -37.60
CA GLU AA 199 -39.23 0.79 -36.78
C GLU AA 199 -40.43 0.29 -37.57
N ASP AA 200 -40.79 -0.99 -37.36
CA ASP AA 200 -42.00 -1.57 -37.94
C ASP AA 200 -43.25 -1.09 -37.19
N MET AA 201 -44.34 -0.84 -37.93
CA MET AA 201 -45.60 -0.42 -37.35
C MET AA 201 -46.59 -1.59 -37.30
N MET AA 202 -47.06 -1.93 -36.10
CA MET AA 202 -48.02 -3.01 -35.91
C MET AA 202 -49.44 -2.47 -35.76
N HIS AA 203 -50.37 -2.97 -36.58
CA HIS AA 203 -51.77 -2.58 -36.51
C HIS AA 203 -52.69 -3.78 -36.39
N PRO AA 204 -53.59 -3.83 -35.38
CA PRO AA 204 -54.58 -4.90 -35.30
C PRO AA 204 -55.68 -4.70 -36.34
N LEU AA 205 -55.95 -5.74 -37.14
CA LEU AA 205 -57.06 -5.76 -38.08
C LEU AA 205 -58.14 -6.71 -37.57
N LYS AA 206 -59.25 -6.14 -37.10
CA LYS AA 206 -60.39 -6.93 -36.63
C LYS AA 206 -61.19 -7.50 -37.81
N VAL AA 207 -61.29 -8.84 -37.87
CA VAL AA 207 -61.93 -9.59 -38.95
C VAL AA 207 -63.00 -10.52 -38.34
N SER AA 208 -64.14 -10.67 -39.02
CA SER AA 208 -65.18 -11.61 -38.59
C SER AA 208 -64.93 -13.01 -39.13
N LEU AA 209 -65.65 -14.03 -38.61
CA LEU AA 209 -65.56 -15.39 -39.14
C LEU AA 209 -66.00 -15.47 -40.61
N GLU AA 210 -67.01 -14.68 -40.99
CA GLU AA 210 -67.49 -14.58 -42.38
C GLU AA 210 -66.40 -14.01 -43.29
N ASP AA 211 -65.66 -12.99 -42.81
CA ASP AA 211 -64.54 -12.41 -43.53
C ASP AA 211 -63.44 -13.47 -43.78
N LEU AA 212 -63.16 -14.30 -42.77
CA LEU AA 212 -62.14 -15.35 -42.81
C LEU AA 212 -62.59 -16.56 -43.65
N TYR AA 213 -63.89 -16.81 -43.73
CA TYR AA 213 -64.45 -17.91 -44.49
C TYR AA 213 -64.56 -17.57 -45.99
N ASN AA 214 -65.10 -16.39 -46.30
CA ASN AA 214 -65.35 -15.98 -47.67
C ASN AA 214 -64.15 -15.29 -48.33
N GLY AA 215 -63.23 -14.78 -47.51
CA GLY AA 215 -62.20 -13.86 -47.97
C GLY AA 215 -62.73 -12.43 -48.04
N LYS AA 216 -61.86 -11.45 -47.81
CA LYS AA 216 -62.26 -10.05 -47.80
C LYS AA 216 -61.13 -9.16 -48.29
N THR AA 217 -61.49 -8.22 -49.16
CA THR AA 217 -60.63 -7.11 -49.50
C THR AA 217 -61.13 -5.86 -48.79
N THR AA 218 -60.26 -5.24 -47.98
CA THR AA 218 -60.60 -4.02 -47.25
C THR AA 218 -59.54 -2.94 -47.46
N LYS AA 219 -59.97 -1.66 -47.42
CA LYS AA 219 -59.06 -0.54 -47.52
C LYS AA 219 -58.77 0.00 -46.13
N LEU AA 220 -57.48 0.04 -45.78
CA LEU AA 220 -57.02 0.58 -44.51
C LEU AA 220 -56.37 1.92 -44.75
N GLN AA 221 -56.92 2.98 -44.12
CA GLN AA 221 -56.30 4.29 -44.18
C GLN AA 221 -55.35 4.46 -42.99
N LEU AA 222 -54.06 4.72 -43.28
CA LEU AA 222 -53.05 4.99 -42.27
C LEU AA 222 -52.40 6.36 -42.52
N SER AA 223 -52.08 7.06 -41.43
CA SER AA 223 -51.28 8.28 -41.51
C SER AA 223 -49.84 7.92 -41.16
N LYS AA 224 -48.91 8.26 -42.06
CA LYS AA 224 -47.49 8.00 -41.87
C LYS AA 224 -46.66 9.23 -42.22
N ASN AA 225 -45.45 9.28 -41.67
CA ASN AA 225 -44.45 10.27 -42.00
C ASN AA 225 -43.76 9.88 -43.31
N VAL AA 226 -43.78 10.82 -44.27
CA VAL AA 226 -43.04 10.68 -45.52
C VAL AA 226 -42.01 11.79 -45.62
N LEU AA 227 -40.91 11.53 -46.34
CA LEU AA 227 -39.92 12.58 -46.60
C LEU AA 227 -40.58 13.76 -47.32
N CYS AA 228 -40.30 14.97 -46.84
CA CYS AA 228 -40.90 16.18 -47.39
C CYS AA 228 -40.50 16.36 -48.86
N SER AA 229 -41.47 16.21 -49.77
CA SER AA 229 -41.26 16.27 -51.21
C SER AA 229 -40.58 17.56 -51.69
N ALA AA 230 -40.69 18.66 -50.91
CA ALA AA 230 -40.16 19.97 -51.28
C ALA AA 230 -38.69 20.18 -50.90
N CYS AA 231 -38.15 19.39 -49.96
CA CYS AA 231 -36.75 19.51 -49.54
C CYS AA 231 -36.03 18.15 -49.45
N SER AA 232 -36.71 17.07 -49.88
CA SER AA 232 -36.21 15.69 -49.88
C SER AA 232 -35.54 15.31 -48.56
N GLY AA 233 -36.15 15.72 -47.42
CA GLY AA 233 -35.71 15.38 -46.07
C GLY AA 233 -34.49 16.18 -45.58
N GLN AA 234 -33.82 16.86 -46.52
CA GLN AA 234 -32.57 17.54 -46.20
C GLN AA 234 -32.95 18.56 -45.15
N GLY AA 235 -34.27 18.71 -45.00
CA GLY AA 235 -34.81 19.67 -44.09
C GLY AA 235 -34.83 20.93 -44.91
N GLY AA 236 -33.64 21.48 -45.16
CA GLY AA 236 -33.52 22.59 -46.07
C GLY AA 236 -32.29 22.45 -46.95
N LYS AA 237 -31.98 23.49 -47.73
CA LYS AA 237 -30.77 23.54 -48.54
C LYS AA 237 -29.55 23.37 -47.64
N SER AA 238 -28.40 22.98 -48.21
CA SER AA 238 -27.15 22.88 -47.46
C SER AA 238 -26.79 24.25 -46.90
N GLY AA 239 -26.78 24.37 -45.55
CA GLY AA 239 -26.54 25.61 -44.84
C GLY AA 239 -27.84 26.33 -44.47
N ALA AA 240 -28.99 25.68 -44.71
CA ALA AA 240 -30.30 26.14 -44.28
C ALA AA 240 -30.55 25.66 -42.85
N VAL AA 241 -29.85 24.59 -42.45
CA VAL AA 241 -30.03 23.99 -41.15
C VAL AA 241 -29.20 24.76 -40.12
N GLN AA 242 -29.89 25.41 -39.18
CA GLN AA 242 -29.27 26.21 -38.13
C GLN AA 242 -29.55 25.59 -36.76
N LYS AA 243 -28.58 25.72 -35.84
CA LYS AA 243 -28.77 25.36 -34.43
C LYS AA 243 -29.92 26.21 -33.88
N CYS AA 244 -30.87 25.55 -33.18
CA CYS AA 244 -31.91 26.29 -32.52
C CYS AA 244 -31.32 27.18 -31.41
N SER AA 245 -31.49 28.51 -31.51
CA SER AA 245 -30.92 29.49 -30.57
C SER AA 245 -31.49 29.33 -29.16
N ALA AA 246 -32.79 29.03 -29.13
CA ALA AA 246 -33.68 28.81 -28.00
C ALA AA 246 -33.18 27.76 -27.00
N CYS AA 247 -32.85 26.57 -27.51
CA CYS AA 247 -32.39 25.43 -26.70
C CYS AA 247 -30.90 25.15 -26.95
N ARG AA 248 -30.23 25.96 -27.76
CA ARG AA 248 -28.83 25.81 -28.15
C ARG AA 248 -28.53 24.39 -28.67
N GLY AA 249 -29.43 23.85 -29.52
CA GLY AA 249 -29.27 22.53 -30.09
C GLY AA 249 -29.71 21.37 -29.20
N ARG AA 250 -30.22 21.61 -27.99
CA ARG AA 250 -30.57 20.55 -27.04
C ARG AA 250 -31.95 19.94 -27.29
N GLY AA 251 -32.81 20.58 -28.11
CA GLY AA 251 -34.18 20.12 -28.30
C GLY AA 251 -35.12 20.46 -27.14
N VAL AA 252 -34.54 20.67 -25.94
CA VAL AA 252 -35.33 20.90 -24.73
C VAL AA 252 -34.89 22.18 -24.01
N ARG AA 253 -35.85 22.81 -23.34
CA ARG AA 253 -35.63 23.98 -22.49
C ARG AA 253 -35.95 23.62 -21.05
N ILE AA 254 -35.13 24.12 -20.12
CA ILE AA 254 -35.41 23.97 -18.70
C ILE AA 254 -36.21 25.20 -18.27
N MET AA 255 -37.47 24.98 -17.89
CA MET AA 255 -38.35 26.01 -17.36
C MET AA 255 -38.40 25.89 -15.84
N ILE AA 256 -38.24 27.04 -15.17
CA ILE AA 256 -38.29 27.08 -13.71
C ILE AA 256 -39.71 27.51 -13.27
N ARG AA 257 -40.43 26.61 -12.60
CA ARG AA 257 -41.70 26.94 -11.98
C ARG AA 257 -41.53 27.13 -10.47
N GLN AA 258 -41.84 28.29 -9.90
CA GLN AA 258 -41.92 28.41 -8.45
C GLN AA 258 -43.15 27.66 -7.91
N LEU AA 259 -42.93 26.78 -6.92
CA LEU AA 259 -44.02 26.16 -6.14
C LEU AA 259 -44.36 26.95 -4.87
N ALA AA 260 -43.33 27.55 -4.27
CA ALA AA 260 -43.41 28.40 -3.10
C ALA AA 260 -42.15 29.29 -3.05
N PRO AA 261 -42.08 30.46 -2.38
CA PRO AA 261 -40.80 31.16 -2.28
C PRO AA 261 -39.73 30.28 -1.59
N GLY AA 262 -38.63 30.05 -2.31
CA GLY AA 262 -37.59 29.14 -1.86
C GLY AA 262 -37.75 27.69 -2.33
N MET AA 263 -38.91 27.36 -2.96
CA MET AA 263 -39.07 26.10 -3.69
C MET AA 263 -39.26 26.34 -5.19
N VAL AA 264 -38.23 26.08 -6.00
CA VAL AA 264 -38.35 26.13 -7.46
C VAL AA 264 -38.27 24.72 -8.04
N GLN AA 265 -39.18 24.41 -8.96
CA GLN AA 265 -39.16 23.19 -9.75
C GLN AA 265 -38.60 23.46 -11.13
N GLN AA 266 -37.52 22.75 -11.50
CA GLN AA 266 -37.00 22.77 -12.84
C GLN AA 266 -37.75 21.68 -13.59
N MET AA 267 -38.51 22.09 -14.61
CA MET AA 267 -39.16 21.17 -15.52
C MET AA 267 -38.47 21.27 -16.88
N GLN AA 268 -38.12 20.13 -17.48
CA GLN AA 268 -37.65 20.04 -18.84
C GLN AA 268 -38.87 19.97 -19.75
N SER AA 269 -38.99 20.95 -20.65
CA SER AA 269 -40.03 21.02 -21.64
C SER AA 269 -39.40 20.90 -23.03
N VAL AA 270 -40.11 20.27 -23.97
CA VAL AA 270 -39.69 20.29 -25.35
C VAL AA 270 -39.63 21.77 -25.80
N CYS AA 271 -38.57 22.11 -26.55
CA CYS AA 271 -38.33 23.48 -26.97
C CYS AA 271 -39.40 23.86 -28.00
N SER AA 272 -40.17 24.91 -27.69
CA SER AA 272 -41.23 25.46 -28.53
C SER AA 272 -40.73 25.89 -29.92
N ASP AA 273 -39.45 26.30 -30.00
CA ASP AA 273 -38.93 26.98 -31.19
C ASP AA 273 -38.43 26.00 -32.26
N CYS AA 274 -38.06 24.77 -31.85
CA CYS AA 274 -37.65 23.71 -32.76
C CYS AA 274 -38.43 22.40 -32.59
N ASN AA 275 -39.48 22.41 -31.74
CA ASN AA 275 -40.32 21.26 -31.46
C ASN AA 275 -39.52 20.00 -31.12
N GLY AA 276 -38.37 20.17 -30.46
CA GLY AA 276 -37.55 19.05 -30.01
C GLY AA 276 -36.40 18.66 -30.93
N GLU AA 277 -36.35 19.19 -32.16
CA GLU AA 277 -35.38 18.75 -33.15
C GLU AA 277 -33.97 19.29 -32.83
N GLY AA 278 -33.87 20.41 -32.11
CA GLY AA 278 -32.59 21.06 -31.84
C GLY AA 278 -32.09 21.94 -33.00
N GLU AA 279 -32.72 21.79 -34.16
CA GLU AA 279 -32.44 22.60 -35.32
C GLU AA 279 -33.65 23.42 -35.79
N VAL AA 280 -33.37 24.52 -36.49
CA VAL AA 280 -34.39 25.33 -37.12
C VAL AA 280 -34.01 25.52 -38.60
N ILE AA 281 -35.00 25.33 -39.47
CA ILE AA 281 -34.89 25.58 -40.90
C ILE AA 281 -35.94 26.62 -41.26
N ASN AA 282 -35.48 27.76 -41.82
CA ASN AA 282 -36.37 28.79 -42.34
C ASN AA 282 -37.34 28.17 -43.35
N GLU AA 283 -38.61 28.57 -43.29
CA GLU AA 283 -39.68 28.02 -44.12
C GLU AA 283 -39.31 27.99 -45.61
N LYS AA 284 -38.67 29.07 -46.08
CA LYS AA 284 -38.24 29.29 -47.46
C LYS AA 284 -37.20 28.28 -47.93
N ASP AA 285 -36.52 27.61 -46.99
CA ASP AA 285 -35.45 26.65 -47.29
C ASP AA 285 -35.95 25.20 -47.30
N ARG AA 286 -37.07 24.92 -46.62
CA ARG AA 286 -37.67 23.58 -46.60
C ARG AA 286 -38.90 23.60 -47.49
N CYS AA 287 -39.86 24.47 -47.15
CA CYS AA 287 -41.16 24.60 -47.82
C CYS AA 287 -42.14 25.18 -46.81
N LYS AA 288 -43.39 25.38 -47.24
CA LYS AA 288 -44.46 25.82 -46.35
C LYS AA 288 -45.21 24.58 -45.85
N LYS AA 289 -44.53 23.42 -45.88
CA LYS AA 289 -45.13 22.12 -45.57
C LYS AA 289 -44.58 21.57 -44.24
N CYS AA 290 -43.44 20.86 -44.27
CA CYS AA 290 -42.84 20.25 -43.08
C CYS AA 290 -42.65 21.30 -41.99
N GLU AA 291 -41.75 22.28 -42.23
CA GLU AA 291 -41.44 23.41 -41.36
C GLU AA 291 -40.09 23.16 -40.68
N GLY AA 292 -39.10 22.72 -41.46
CA GLY AA 292 -37.79 22.37 -40.96
C GLY AA 292 -37.81 21.00 -40.28
N LYS AA 293 -38.89 20.25 -40.51
CA LYS AA 293 -39.09 18.97 -39.84
C LYS AA 293 -38.55 17.79 -40.64
N LYS AA 294 -38.35 17.97 -41.98
CA LYS AA 294 -37.76 16.99 -42.88
C LYS AA 294 -38.77 15.91 -43.28
N VAL AA 295 -39.91 15.84 -42.57
CA VAL AA 295 -40.99 14.92 -42.90
C VAL AA 295 -42.35 15.63 -42.89
N ILE AA 296 -43.34 15.03 -43.56
CA ILE AA 296 -44.72 15.49 -43.55
C ILE AA 296 -45.63 14.28 -43.30
N LYS AA 297 -46.74 14.50 -42.58
CA LYS AA 297 -47.74 13.46 -42.40
C LYS AA 297 -48.59 13.34 -43.64
N GLU AA 298 -48.55 12.15 -44.27
CA GLU AA 298 -49.35 11.81 -45.43
C GLU AA 298 -50.31 10.67 -45.07
N VAL AA 299 -51.48 10.71 -45.72
CA VAL AA 299 -52.50 9.70 -45.54
C VAL AA 299 -52.38 8.70 -46.69
N LYS AA 300 -52.04 7.44 -46.37
CA LYS AA 300 -51.94 6.38 -47.35
C LYS AA 300 -53.06 5.35 -47.16
N ILE AA 301 -53.66 4.92 -48.28
CA ILE AA 301 -54.65 3.86 -48.27
C ILE AA 301 -53.96 2.58 -48.73
N LEU AA 302 -53.93 1.56 -47.85
CA LEU AA 302 -53.45 0.23 -48.16
C LEU AA 302 -54.64 -0.68 -48.47
N GLU AA 303 -54.54 -1.40 -49.59
CA GLU AA 303 -55.49 -2.45 -49.91
C GLU AA 303 -55.03 -3.74 -49.24
N VAL AA 304 -55.88 -4.27 -48.34
CA VAL AA 304 -55.57 -5.44 -47.54
C VAL AA 304 -56.43 -6.61 -48.02
N HIS AA 305 -55.76 -7.69 -48.43
CA HIS AA 305 -56.42 -8.93 -48.80
C HIS AA 305 -56.33 -9.91 -47.64
N VAL AA 306 -57.51 -10.32 -47.15
CA VAL AA 306 -57.67 -11.39 -46.18
C VAL AA 306 -58.14 -12.61 -46.95
N ASP AA 307 -57.25 -13.60 -47.07
CA ASP AA 307 -57.52 -14.85 -47.77
C ASP AA 307 -58.43 -15.77 -46.95
N LYS AA 308 -59.12 -16.67 -47.67
CA LYS AA 308 -59.92 -17.72 -47.04
C LYS AA 308 -59.06 -18.61 -46.16
N GLY AA 309 -59.56 -18.88 -44.95
CA GLY AA 309 -58.93 -19.80 -44.02
C GLY AA 309 -57.80 -19.19 -43.18
N MET AA 310 -57.49 -17.91 -43.38
CA MET AA 310 -56.51 -17.23 -42.53
C MET AA 310 -56.86 -17.37 -41.04
N LYS AA 311 -55.83 -17.38 -40.19
CA LYS AA 311 -55.98 -17.69 -38.76
C LYS AA 311 -55.85 -16.44 -37.91
N HIS AA 312 -56.42 -16.50 -36.70
CA HIS AA 312 -56.15 -15.51 -35.68
C HIS AA 312 -54.64 -15.36 -35.45
N GLY AA 313 -54.17 -14.12 -35.30
CA GLY AA 313 -52.76 -13.81 -35.09
C GLY AA 313 -51.88 -13.86 -36.34
N GLN AA 314 -52.45 -14.19 -37.51
CA GLN AA 314 -51.70 -14.19 -38.75
C GLN AA 314 -51.30 -12.76 -39.15
N ARG AA 315 -50.09 -12.62 -39.71
CA ARG AA 315 -49.51 -11.33 -40.06
C ARG AA 315 -49.61 -11.07 -41.57
N ILE AA 316 -50.05 -9.86 -41.95
CA ILE AA 316 -49.98 -9.36 -43.31
C ILE AA 316 -49.00 -8.19 -43.34
N THR AA 317 -47.89 -8.35 -44.08
CA THR AA 317 -46.79 -7.39 -44.08
C THR AA 317 -46.78 -6.56 -45.37
N PHE AA 318 -46.70 -5.24 -45.19
CA PHE AA 318 -46.48 -4.27 -46.26
C PHE AA 318 -45.07 -3.70 -46.12
N THR AA 319 -44.16 -4.19 -46.98
CA THR AA 319 -42.73 -3.90 -46.87
C THR AA 319 -42.41 -2.44 -47.20
N GLY AA 320 -41.61 -1.79 -46.33
CA GLY AA 320 -41.15 -0.42 -46.53
C GLY AA 320 -42.26 0.64 -46.42
N GLU AA 321 -43.42 0.24 -45.87
CA GLU AA 321 -44.59 1.11 -45.82
C GLU AA 321 -44.69 1.92 -44.52
N ALA AA 322 -43.81 1.67 -43.54
CA ALA AA 322 -43.78 2.42 -42.29
C ALA AA 322 -43.31 3.87 -42.47
N ASP AA 323 -43.10 4.56 -41.35
CA ASP AA 323 -42.59 5.92 -41.29
C ASP AA 323 -41.23 6.06 -41.96
N GLN AA 324 -41.09 7.11 -42.78
CA GLN AA 324 -39.82 7.50 -43.37
C GLN AA 324 -39.13 8.54 -42.48
N ALA AA 325 -37.80 8.41 -42.37
CA ALA AA 325 -36.95 9.41 -41.72
C ALA AA 325 -35.70 9.66 -42.56
N PRO AA 326 -35.11 10.89 -42.55
CA PRO AA 326 -33.90 11.17 -43.32
C PRO AA 326 -32.73 10.27 -42.94
N GLY AA 327 -32.18 9.58 -43.95
CA GLY AA 327 -31.05 8.68 -43.79
C GLY AA 327 -31.41 7.32 -43.19
N VAL AA 328 -32.71 7.00 -43.09
CA VAL AA 328 -33.23 5.76 -42.52
C VAL AA 328 -34.08 5.07 -43.59
N GLU AA 329 -33.85 3.76 -43.79
CA GLU AA 329 -34.67 2.94 -44.67
C GLU AA 329 -35.97 2.62 -43.93
N PRO AA 330 -37.19 2.85 -44.50
CA PRO AA 330 -38.43 2.62 -43.79
C PRO AA 330 -38.64 1.18 -43.33
N GLY AA 331 -39.24 1.02 -42.13
CA GLY AA 331 -39.72 -0.26 -41.66
C GLY AA 331 -40.96 -0.74 -42.42
N ASP AA 332 -41.56 -1.84 -41.93
CA ASP AA 332 -42.74 -2.43 -42.53
C ASP AA 332 -44.01 -2.08 -41.74
N ILE AA 333 -45.16 -2.08 -42.43
CA ILE AA 333 -46.45 -2.10 -41.75
C ILE AA 333 -46.91 -3.56 -41.64
N VAL AA 334 -47.08 -4.03 -40.40
CA VAL AA 334 -47.51 -5.40 -40.11
C VAL AA 334 -48.92 -5.37 -39.54
N LEU AA 335 -49.87 -5.90 -40.30
CA LEU AA 335 -51.24 -6.03 -39.81
C LEU AA 335 -51.38 -7.39 -39.12
N LEU AA 336 -51.86 -7.35 -37.87
CA LEU AA 336 -52.12 -8.56 -37.11
C LEU AA 336 -53.61 -8.87 -37.14
N LEU AA 337 -53.99 -10.02 -37.70
CA LEU AA 337 -55.40 -10.42 -37.76
C LEU AA 337 -55.94 -10.74 -36.37
N GLN AA 338 -57.00 -10.03 -35.98
CA GLN AA 338 -57.73 -10.28 -34.75
C GLN AA 338 -59.13 -10.79 -35.10
N GLU AA 339 -59.38 -12.07 -34.79
CA GLU AA 339 -60.66 -12.69 -35.03
C GLU AA 339 -61.65 -12.12 -34.02
N LYS AA 340 -62.82 -11.68 -34.51
CA LYS AA 340 -63.91 -11.25 -33.65
C LYS AA 340 -64.70 -12.48 -33.22
N GLU AA 341 -65.16 -12.42 -31.96
CA GLU AA 341 -66.16 -13.34 -31.45
C GLU AA 341 -67.38 -13.36 -32.37
N HIS AA 342 -67.93 -14.57 -32.58
CA HIS AA 342 -69.10 -14.77 -33.41
C HIS AA 342 -70.21 -15.35 -32.52
N GLU AA 343 -71.47 -14.92 -32.76
CA GLU AA 343 -72.56 -15.22 -31.85
C GLU AA 343 -72.98 -16.69 -31.86
N VAL AA 344 -72.91 -17.34 -33.03
CA VAL AA 344 -73.36 -18.74 -33.21
C VAL AA 344 -72.20 -19.73 -33.22
N PHE AA 345 -71.12 -19.41 -33.95
CA PHE AA 345 -70.01 -20.32 -34.18
C PHE AA 345 -68.79 -19.93 -33.35
N GLN AA 346 -68.11 -20.95 -32.82
CA GLN AA 346 -66.79 -20.84 -32.23
C GLN AA 346 -65.82 -21.61 -33.11
N ARG AA 347 -64.67 -21.01 -33.42
CA ARG AA 347 -63.71 -21.64 -34.31
C ARG AA 347 -62.63 -22.35 -33.49
N ASP AA 348 -62.36 -23.60 -33.87
CA ASP AA 348 -61.20 -24.35 -33.39
C ASP AA 348 -60.38 -24.82 -34.59
N GLY AA 349 -59.26 -24.13 -34.86
CA GLY AA 349 -58.44 -24.41 -36.05
C GLY AA 349 -59.20 -24.26 -37.36
N ASN AA 350 -59.52 -25.40 -38.00
CA ASN AA 350 -60.31 -25.45 -39.22
C ASN AA 350 -61.76 -25.88 -38.95
N ASP AA 351 -62.05 -26.31 -37.72
CA ASP AA 351 -63.37 -26.80 -37.33
C ASP AA 351 -64.20 -25.66 -36.74
N LEU AA 352 -65.52 -25.83 -36.80
CA LEU AA 352 -66.48 -24.92 -36.19
C LEU AA 352 -67.29 -25.66 -35.14
N HIS AA 353 -67.61 -24.96 -34.06
CA HIS AA 353 -68.45 -25.48 -32.98
C HIS AA 353 -69.67 -24.57 -32.82
N MET AA 354 -70.83 -25.18 -32.60
CA MET AA 354 -72.03 -24.43 -32.25
C MET AA 354 -72.84 -25.20 -31.22
N THR AA 355 -73.65 -24.47 -30.43
CA THR AA 355 -74.64 -25.06 -29.55
C THR AA 355 -76.02 -24.88 -30.17
N TYR AA 356 -76.78 -25.98 -30.27
CA TYR AA 356 -78.13 -25.96 -30.81
C TYR AA 356 -79.11 -26.49 -29.77
N LYS AA 357 -80.17 -25.71 -29.49
CA LYS AA 357 -81.19 -26.07 -28.52
C LYS AA 357 -82.30 -26.85 -29.23
N ILE AA 358 -82.70 -27.98 -28.65
CA ILE AA 358 -83.77 -28.84 -29.16
C ILE AA 358 -84.69 -29.23 -28.00
N GLY AA 359 -85.98 -29.45 -28.31
CA GLY AA 359 -86.94 -29.95 -27.32
C GLY AA 359 -86.76 -31.45 -27.04
N LEU AA 360 -87.33 -31.92 -25.91
CA LEU AA 360 -87.29 -33.34 -25.55
C LEU AA 360 -87.89 -34.24 -26.66
N VAL AA 361 -89.00 -33.78 -27.27
CA VAL AA 361 -89.67 -34.50 -28.36
C VAL AA 361 -88.73 -34.66 -29.56
N GLU AA 362 -88.02 -33.58 -29.93
CA GLU AA 362 -87.05 -33.60 -31.02
C GLU AA 362 -85.88 -34.55 -30.72
N ALA AA 363 -85.41 -34.54 -29.46
CA ALA AA 363 -84.33 -35.38 -28.98
C ALA AA 363 -84.66 -36.88 -29.04
N LEU AA 364 -85.95 -37.25 -28.82
CA LEU AA 364 -86.40 -38.64 -28.78
C LEU AA 364 -86.95 -39.14 -30.12
N CYS AA 365 -87.66 -38.27 -30.86
CA CYS AA 365 -88.45 -38.66 -32.02
C CYS AA 365 -87.81 -38.27 -33.36
N GLY AA 366 -86.64 -37.61 -33.33
CA GLY AA 366 -86.00 -37.07 -34.52
C GLY AA 366 -86.49 -35.66 -34.88
N PHE AA 367 -85.71 -34.95 -35.70
CA PHE AA 367 -85.95 -33.54 -35.97
C PHE AA 367 -85.26 -33.08 -37.26
N GLN AA 368 -85.71 -31.91 -37.73
CA GLN AA 368 -85.09 -31.19 -38.83
C GLN AA 368 -84.97 -29.74 -38.42
N PHE AA 369 -83.76 -29.17 -38.58
CA PHE AA 369 -83.58 -27.74 -38.37
C PHE AA 369 -82.74 -27.11 -39.47
N THR AA 370 -82.78 -25.77 -39.51
CA THR AA 370 -82.03 -25.00 -40.49
C THR AA 370 -81.24 -23.89 -39.80
N PHE AA 371 -80.02 -23.64 -40.29
CA PHE AA 371 -79.22 -22.50 -39.82
C PHE AA 371 -78.51 -21.85 -41.01
N LYS AA 372 -78.10 -20.58 -40.80
CA LYS AA 372 -77.33 -19.83 -41.78
C LYS AA 372 -75.84 -20.05 -41.53
N HIS AA 373 -75.12 -20.49 -42.57
CA HIS AA 373 -73.67 -20.68 -42.51
C HIS AA 373 -72.93 -19.36 -42.77
N LEU AA 374 -71.58 -19.39 -42.66
CA LEU AA 374 -70.70 -18.24 -42.83
C LEU AA 374 -70.67 -17.71 -44.27
N ASP AA 375 -71.02 -18.54 -45.25
CA ASP AA 375 -71.19 -18.12 -46.66
C ASP AA 375 -72.60 -17.62 -46.98
N GLY AA 376 -73.51 -17.67 -45.98
CA GLY AA 376 -74.89 -17.24 -46.15
C GLY AA 376 -75.81 -18.32 -46.72
N ARG AA 377 -75.30 -19.52 -47.02
CA ARG AA 377 -76.16 -20.65 -47.40
C ARG AA 377 -76.99 -21.09 -46.20
N GLN AA 378 -78.23 -21.53 -46.47
CA GLN AA 378 -79.07 -22.21 -45.50
C GLN AA 378 -78.75 -23.71 -45.52
N ILE AA 379 -78.31 -24.24 -44.38
CA ILE AA 379 -78.04 -25.67 -44.23
C ILE AA 379 -79.22 -26.31 -43.50
N VAL AA 380 -79.76 -27.38 -44.10
CA VAL AA 380 -80.81 -28.19 -43.50
C VAL AA 380 -80.16 -29.44 -42.89
N VAL AA 381 -80.22 -29.54 -41.55
CA VAL AA 381 -79.73 -30.72 -40.83
C VAL AA 381 -80.94 -31.59 -40.47
N LYS AA 382 -80.85 -32.88 -40.84
CA LYS AA 382 -81.89 -33.86 -40.54
C LYS AA 382 -81.32 -34.95 -39.64
N TYR AA 383 -82.08 -35.26 -38.58
CA TYR AA 383 -81.77 -36.37 -37.69
C TYR AA 383 -82.90 -37.38 -37.76
N PRO AA 384 -82.63 -38.67 -38.06
CA PRO AA 384 -83.70 -39.63 -38.34
C PRO AA 384 -84.49 -39.99 -37.09
N PRO AA 385 -85.80 -40.31 -37.23
CA PRO AA 385 -86.60 -40.81 -36.11
C PRO AA 385 -86.08 -42.14 -35.58
N GLY AA 386 -86.23 -42.36 -34.26
CA GLY AA 386 -85.79 -43.60 -33.63
C GLY AA 386 -84.33 -43.58 -33.17
N LYS AA 387 -83.62 -42.47 -33.38
CA LYS AA 387 -82.30 -42.25 -32.78
C LYS AA 387 -82.42 -41.14 -31.74
N VAL AA 388 -81.78 -41.33 -30.58
CA VAL AA 388 -81.85 -40.42 -29.46
C VAL AA 388 -80.63 -39.49 -29.46
N ILE AA 389 -80.91 -38.21 -29.17
CA ILE AA 389 -79.90 -37.20 -28.84
C ILE AA 389 -79.88 -37.05 -27.32
N GLU AA 390 -78.75 -37.43 -26.71
CA GLU AA 390 -78.54 -37.23 -25.28
C GLU AA 390 -78.21 -35.77 -24.99
N PRO AA 391 -78.62 -35.23 -23.80
CA PRO AA 391 -78.21 -33.88 -23.38
C PRO AA 391 -76.70 -33.70 -23.37
N GLY AA 392 -76.25 -32.64 -24.05
CA GLY AA 392 -74.85 -32.30 -24.17
C GLY AA 392 -74.08 -33.11 -25.22
N CYS AA 393 -74.72 -34.06 -25.91
CA CYS AA 393 -74.02 -34.86 -26.92
C CYS AA 393 -73.62 -34.01 -28.13
N VAL AA 394 -72.53 -34.44 -28.79
CA VAL AA 394 -72.01 -33.75 -29.96
C VAL AA 394 -72.24 -34.60 -31.22
N ARG AA 395 -72.68 -33.96 -32.30
CA ARG AA 395 -72.74 -34.56 -33.63
C ARG AA 395 -71.96 -33.70 -34.62
N VAL AA 396 -71.62 -34.31 -35.77
CA VAL AA 396 -70.77 -33.66 -36.75
C VAL AA 396 -71.50 -33.53 -38.09
N VAL AA 397 -71.37 -32.35 -38.71
CA VAL AA 397 -71.71 -32.11 -40.10
C VAL AA 397 -70.39 -31.94 -40.86
N ARG AA 398 -70.04 -32.98 -41.63
CA ARG AA 398 -68.74 -33.06 -42.28
C ARG AA 398 -68.60 -32.03 -43.40
N GLY AA 399 -67.42 -31.39 -43.49
CA GLY AA 399 -67.07 -30.44 -44.54
C GLY AA 399 -67.74 -29.06 -44.43
N GLU AA 400 -68.40 -28.79 -43.29
CA GLU AA 400 -69.04 -27.51 -43.02
C GLU AA 400 -68.29 -26.69 -41.95
N GLY AA 401 -66.99 -26.95 -41.78
CA GLY AA 401 -66.08 -26.11 -41.00
C GLY AA 401 -65.45 -24.97 -41.82
N MET AA 402 -64.38 -24.38 -41.28
CA MET AA 402 -63.59 -23.34 -41.95
C MET AA 402 -62.77 -23.90 -43.11
N PRO AA 403 -62.55 -23.13 -44.20
CA PRO AA 403 -61.61 -23.51 -45.26
C PRO AA 403 -60.17 -23.50 -44.75
N GLN AA 404 -59.35 -24.40 -45.28
CA GLN AA 404 -57.92 -24.38 -44.99
C GLN AA 404 -57.23 -23.23 -45.71
N TYR AA 405 -56.33 -22.53 -45.00
CA TYR AA 405 -55.52 -21.48 -45.62
C TYR AA 405 -54.66 -22.06 -46.76
N ARG AA 406 -54.69 -21.41 -47.93
CA ARG AA 406 -53.98 -21.80 -49.16
C ARG AA 406 -54.60 -23.02 -49.88
N ASN AA 407 -55.52 -23.75 -49.21
CA ASN AA 407 -56.23 -24.86 -49.81
C ASN AA 407 -57.73 -24.74 -49.50
N PRO AA 408 -58.44 -23.71 -50.03
CA PRO AA 408 -59.82 -23.43 -49.63
C PRO AA 408 -60.87 -24.44 -50.10
N PHE AA 409 -60.45 -25.43 -50.90
CA PHE AA 409 -61.29 -26.56 -51.31
C PHE AA 409 -61.44 -27.59 -50.20
N GLU AA 410 -60.46 -27.67 -49.31
CA GLU AA 410 -60.55 -28.47 -48.10
C GLU AA 410 -61.09 -27.63 -46.95
N LYS AA 411 -62.05 -28.22 -46.21
CA LYS AA 411 -62.66 -27.58 -45.07
C LYS AA 411 -62.58 -28.52 -43.88
N GLY AA 412 -62.60 -27.94 -42.68
CA GLY AA 412 -62.86 -28.71 -41.47
C GLY AA 412 -64.34 -29.11 -41.36
N ASP AA 413 -64.71 -29.53 -40.15
CA ASP AA 413 -66.05 -30.03 -39.84
C ASP AA 413 -66.80 -29.05 -38.92
N LEU AA 414 -68.15 -29.16 -38.90
CA LEU AA 414 -68.97 -28.45 -37.95
C LEU AA 414 -69.47 -29.42 -36.86
N TYR AA 415 -69.05 -29.15 -35.62
CA TYR AA 415 -69.50 -29.87 -34.43
C TYR AA 415 -70.67 -29.13 -33.77
N ILE AA 416 -71.79 -29.85 -33.58
CA ILE AA 416 -72.99 -29.31 -32.99
C ILE AA 416 -73.22 -30.00 -31.65
N LYS AA 417 -73.10 -29.21 -30.57
CA LYS AA 417 -73.47 -29.64 -29.22
C LYS AA 417 -74.97 -29.41 -29.05
N PHE AA 418 -75.70 -30.47 -28.66
CA PHE AA 418 -77.13 -30.37 -28.45
C PHE AA 418 -77.46 -30.08 -26.99
N ASP AA 419 -78.24 -29.01 -26.78
CA ASP AA 419 -78.78 -28.63 -25.49
C ASP AA 419 -80.26 -29.01 -25.45
N VAL AA 420 -80.59 -30.10 -24.75
CA VAL AA 420 -81.94 -30.66 -24.72
C VAL AA 420 -82.78 -29.96 -23.65
N GLN AA 421 -83.80 -29.24 -24.11
CA GLN AA 421 -84.74 -28.51 -23.27
C GLN AA 421 -85.89 -29.43 -22.85
N PHE AA 422 -85.92 -29.71 -21.54
CA PHE AA 422 -87.05 -30.37 -20.90
C PHE AA 422 -88.25 -29.44 -20.83
N PRO AA 423 -89.50 -29.99 -20.88
CA PRO AA 423 -90.71 -29.19 -20.67
C PRO AA 423 -90.75 -28.66 -19.24
N GLU AA 424 -91.49 -27.57 -19.04
CA GLU AA 424 -91.61 -26.97 -17.72
C GLU AA 424 -92.43 -27.82 -16.74
N ASN AA 425 -92.36 -27.42 -15.49
CA ASN AA 425 -93.14 -27.90 -14.35
C ASN AA 425 -94.64 -27.96 -14.69
N ASN AA 426 -95.31 -29.09 -14.39
CA ASN AA 426 -96.75 -29.28 -14.61
C ASN AA 426 -97.19 -29.31 -16.10
N TRP AA 427 -96.28 -29.63 -17.05
CA TRP AA 427 -96.64 -29.56 -18.48
C TRP AA 427 -97.70 -30.57 -18.90
N ILE AA 428 -97.82 -31.67 -18.13
CA ILE AA 428 -98.77 -32.76 -18.40
C ILE AA 428 -99.61 -33.06 -17.15
N ASN AA 429 -100.90 -33.38 -17.36
CA ASN AA 429 -101.80 -33.83 -16.30
C ASN AA 429 -101.28 -35.15 -15.71
N PRO AA 430 -101.14 -35.28 -14.37
CA PRO AA 430 -100.79 -36.56 -13.72
C PRO AA 430 -101.48 -37.83 -14.24
N ASP AA 431 -102.74 -37.75 -14.66
CA ASP AA 431 -103.50 -38.87 -15.20
C ASP AA 431 -102.85 -39.50 -16.46
N LYS AA 432 -102.05 -38.71 -17.19
CA LYS AA 432 -101.39 -39.12 -18.44
C LYS AA 432 -99.97 -39.63 -18.23
N LEU AA 433 -99.46 -39.57 -16.98
CA LEU AA 433 -98.11 -40.01 -16.68
C LEU AA 433 -97.95 -41.53 -16.86
N SER AA 434 -99.04 -42.27 -16.58
CA SER AA 434 -99.14 -43.72 -16.79
C SER AA 434 -98.94 -44.08 -18.26
N GLU AA 435 -99.68 -43.41 -19.17
CA GLU AA 435 -99.55 -43.59 -20.61
C GLU AA 435 -98.13 -43.34 -21.10
N LEU AA 436 -97.45 -42.32 -20.52
CA LEU AA 436 -96.07 -41.99 -20.88
C LEU AA 436 -95.09 -43.07 -20.39
N GLU AA 437 -95.31 -43.61 -19.18
CA GLU AA 437 -94.49 -44.65 -18.60
C GLU AA 437 -94.54 -45.93 -19.44
N ASP AA 438 -95.74 -46.29 -19.92
CA ASP AA 438 -95.98 -47.46 -20.77
C ASP AA 438 -95.24 -47.39 -22.12
N LEU AA 439 -94.94 -46.17 -22.59
CA LEU AA 439 -94.31 -45.96 -23.89
C LEU AA 439 -92.77 -46.05 -23.76
N GLY BA 198 -30.56 -55.50 7.14
CA GLY BA 198 -30.90 -54.59 8.25
C GLY BA 198 -31.31 -55.35 9.49
N GLU BA 199 -31.41 -54.63 10.59
CA GLU BA 199 -31.77 -55.17 11.90
C GLU BA 199 -33.26 -55.48 11.95
N ASP BA 200 -33.63 -56.61 12.59
CA ASP BA 200 -35.02 -56.98 12.82
C ASP BA 200 -35.60 -56.13 13.96
N MET BA 201 -36.88 -55.75 13.83
CA MET BA 201 -37.57 -54.97 14.86
C MET BA 201 -38.53 -55.87 15.64
N MET BA 202 -38.33 -55.95 16.96
CA MET BA 202 -39.17 -56.75 17.83
C MET BA 202 -40.21 -55.88 18.54
N HIS BA 203 -41.50 -56.26 18.42
CA HIS BA 203 -42.58 -55.54 19.08
C HIS BA 203 -43.44 -56.49 19.92
N PRO BA 204 -43.67 -56.21 21.22
CA PRO BA 204 -44.60 -57.01 22.02
C PRO BA 204 -46.04 -56.68 21.65
N LEU BA 205 -46.83 -57.73 21.34
CA LEU BA 205 -48.25 -57.61 21.11
C LEU BA 205 -49.02 -58.22 22.28
N LYS BA 206 -49.63 -57.37 23.10
CA LYS BA 206 -50.44 -57.81 24.23
C LYS BA 206 -51.81 -58.32 23.75
N VAL BA 207 -52.09 -59.60 24.05
CA VAL BA 207 -53.30 -60.31 23.65
C VAL BA 207 -54.00 -60.88 24.88
N SER BA 208 -55.34 -60.86 24.91
CA SER BA 208 -56.10 -61.47 26.00
C SER BA 208 -56.36 -62.95 25.73
N LEU BA 209 -56.82 -63.71 26.75
CA LEU BA 209 -57.21 -65.11 26.56
C LEU BA 209 -58.36 -65.26 25.57
N GLU BA 210 -59.31 -64.31 25.56
CA GLU BA 210 -60.43 -64.28 24.62
C GLU BA 210 -59.93 -64.08 23.19
N ASP BA 211 -58.92 -63.21 23.00
CA ASP BA 211 -58.28 -62.99 21.70
C ASP BA 211 -57.64 -64.29 21.19
N LEU BA 212 -56.97 -65.03 22.09
CA LEU BA 212 -56.29 -66.29 21.77
C LEU BA 212 -57.26 -67.45 21.57
N TYR BA 213 -58.43 -67.41 22.20
CA TYR BA 213 -59.45 -68.44 22.08
C TYR BA 213 -60.28 -68.27 20.81
N ASN BA 214 -60.74 -67.05 20.54
CA ASN BA 214 -61.63 -66.76 19.43
C ASN BA 214 -60.89 -66.45 18.14
N GLY BA 215 -59.60 -66.07 18.25
CA GLY BA 215 -58.87 -65.46 17.14
C GLY BA 215 -59.17 -63.97 17.03
N LYS BA 216 -58.18 -63.19 16.57
CA LYS BA 216 -58.33 -61.76 16.47
C LYS BA 216 -57.52 -61.20 15.30
N THR BA 217 -58.17 -60.31 14.55
CA THR BA 217 -57.49 -59.48 13.58
C THR BA 217 -57.36 -58.07 14.15
N THR BA 218 -56.12 -57.57 14.26
CA THR BA 218 -55.86 -56.22 14.77
C THR BA 218 -54.94 -55.46 13.83
N LYS BA 219 -55.12 -54.12 13.78
CA LYS BA 219 -54.26 -53.26 13.00
C LYS BA 219 -53.21 -52.61 13.90
N LEU BA 220 -51.94 -52.82 13.55
CA LEU BA 220 -50.82 -52.27 14.28
C LEU BA 220 -50.21 -51.14 13.45
N GLN BA 221 -50.20 -49.93 14.02
CA GLN BA 221 -49.54 -48.81 13.39
C GLN BA 221 -48.09 -48.73 13.86
N LEU BA 222 -47.13 -48.79 12.93
CA LEU BA 222 -45.71 -48.63 13.22
C LEU BA 222 -45.12 -47.50 12.39
N SER BA 223 -44.19 -46.75 12.99
CA SER BA 223 -43.39 -45.77 12.26
C SER BA 223 -42.04 -46.41 11.91
N LYS BA 224 -41.69 -46.39 10.62
CA LYS BA 224 -40.44 -46.95 10.14
C LYS BA 224 -39.77 -46.00 9.16
N ASN BA 225 -38.46 -46.16 9.01
CA ASN BA 225 -37.66 -45.47 8.01
C ASN BA 225 -37.84 -46.15 6.66
N VAL BA 226 -38.22 -45.36 5.65
CA VAL BA 226 -38.30 -45.81 4.27
C VAL BA 226 -37.33 -44.99 3.43
N LEU BA 227 -36.82 -45.57 2.34
CA LEU BA 227 -36.01 -44.83 1.40
C LEU BA 227 -36.79 -43.62 0.85
N CYS BA 228 -36.13 -42.46 0.85
CA CYS BA 228 -36.76 -41.22 0.41
C CYS BA 228 -37.20 -41.33 -1.05
N SER BA 229 -38.51 -41.36 -1.30
CA SER BA 229 -39.10 -41.51 -2.63
C SER BA 229 -38.59 -40.48 -3.65
N ALA BA 230 -38.14 -39.31 -3.19
CA ALA BA 230 -37.72 -38.20 -4.05
C ALA BA 230 -36.26 -38.29 -4.51
N CYS BA 231 -35.40 -39.06 -3.82
CA CYS BA 231 -34.00 -39.21 -4.18
C CYS BA 231 -33.54 -40.68 -4.17
N SER BA 232 -34.47 -41.62 -3.95
CA SER BA 232 -34.23 -43.06 -3.89
C SER BA 232 -33.01 -43.43 -3.03
N GLY BA 233 -32.87 -42.75 -1.87
CA GLY BA 233 -31.82 -43.02 -0.88
C GLY BA 233 -30.44 -42.47 -1.25
N GLN BA 234 -30.29 -42.08 -2.52
CA GLN BA 234 -29.00 -41.67 -3.03
C GLN BA 234 -28.61 -40.47 -2.19
N GLY BA 235 -29.61 -40.00 -1.44
CA GLY BA 235 -29.46 -38.84 -0.61
C GLY BA 235 -29.74 -37.72 -1.57
N GLY BA 236 -28.81 -37.50 -2.49
CA GLY BA 236 -29.05 -36.56 -3.56
C GLY BA 236 -28.51 -37.08 -4.89
N LYS BA 237 -28.51 -36.24 -5.92
CA LYS BA 237 -27.94 -36.56 -7.22
C LYS BA 237 -26.46 -36.90 -7.03
N SER BA 238 -25.85 -37.61 -7.99
CA SER BA 238 -24.41 -37.90 -7.97
C SER BA 238 -23.63 -36.59 -7.98
N GLY BA 239 -22.90 -36.32 -6.88
CA GLY BA 239 -22.15 -35.09 -6.68
C GLY BA 239 -22.95 -34.05 -5.88
N ALA BA 240 -24.12 -34.45 -5.37
CA ALA BA 240 -24.92 -33.65 -4.45
C ALA BA 240 -24.44 -33.89 -3.02
N VAL BA 241 -23.79 -35.03 -2.80
CA VAL BA 241 -23.33 -35.42 -1.47
C VAL BA 241 -21.98 -34.74 -1.20
N GLN BA 242 -21.97 -33.84 -0.20
CA GLN BA 242 -20.78 -33.09 0.18
C GLN BA 242 -20.39 -33.46 1.61
N LYS BA 243 -19.06 -33.46 1.88
CA LYS BA 243 -18.53 -33.57 3.23
C LYS BA 243 -19.09 -32.42 4.07
N CYS BA 244 -19.59 -32.75 5.27
CA CYS BA 244 -20.02 -31.71 6.19
C CYS BA 244 -18.82 -30.87 6.62
N SER BA 245 -18.83 -29.55 6.32
CA SER BA 245 -17.74 -28.62 6.62
C SER BA 245 -17.48 -28.47 8.11
N ALA BA 246 -18.59 -28.46 8.85
CA ALA BA 246 -18.77 -28.34 10.28
C ALA BA 246 -17.95 -29.34 11.11
N CYS BA 247 -18.11 -30.63 10.79
CA CYS BA 247 -17.45 -31.73 11.49
C CYS BA 247 -16.36 -32.38 10.62
N ARG BA 248 -16.13 -31.84 9.41
CA ARG BA 248 -15.18 -32.36 8.42
C ARG BA 248 -15.40 -33.86 8.16
N GLY BA 249 -16.66 -34.28 8.01
CA GLY BA 249 -17.02 -35.67 7.75
C GLY BA 249 -17.06 -36.59 8.98
N ARG BA 250 -16.82 -36.08 10.20
CA ARG BA 250 -16.75 -36.91 11.39
C ARG BA 250 -18.11 -37.21 12.01
N GLY BA 251 -19.18 -36.50 11.61
CA GLY BA 251 -20.50 -36.65 12.22
C GLY BA 251 -20.62 -35.97 13.58
N VAL BA 252 -19.48 -35.74 14.27
CA VAL BA 252 -19.46 -35.20 15.62
C VAL BA 252 -18.55 -33.97 15.72
N ARG BA 253 -18.92 -33.06 16.61
CA ARG BA 253 -18.13 -31.88 16.95
C ARG BA 253 -17.68 -31.98 18.40
N ILE BA 254 -16.45 -31.55 18.67
CA ILE BA 254 -15.95 -31.45 20.02
C ILE BA 254 -16.23 -30.04 20.53
N MET BA 255 -17.12 -29.93 21.51
CA MET BA 255 -17.44 -28.68 22.18
C MET BA 255 -16.70 -28.59 23.50
N ILE BA 256 -16.07 -27.43 23.73
CA ILE BA 256 -15.32 -27.20 24.96
C ILE BA 256 -16.20 -26.43 25.95
N ARG BA 257 -16.56 -27.05 27.07
CA ARG BA 257 -17.24 -26.37 28.17
C ARG BA 257 -16.26 -26.05 29.29
N GLN BA 258 -16.06 -24.78 29.65
CA GLN BA 258 -15.32 -24.49 30.89
C GLN BA 258 -16.14 -24.86 32.12
N LEU BA 259 -15.55 -25.65 33.04
CA LEU BA 259 -16.12 -25.91 34.37
C LEU BA 259 -15.61 -24.91 35.43
N ALA BA 260 -14.35 -24.50 35.28
CA ALA BA 260 -13.68 -23.51 36.10
C ALA BA 260 -12.49 -22.93 35.31
N PRO BA 261 -11.94 -21.72 35.57
CA PRO BA 261 -10.74 -21.31 34.82
C PRO BA 261 -9.59 -22.30 35.03
N GLY BA 262 -9.10 -22.85 33.93
CA GLY BA 262 -8.08 -23.91 33.96
C GLY BA 262 -8.65 -25.34 33.98
N MET BA 263 -9.98 -25.49 34.14
CA MET BA 263 -10.65 -26.76 33.90
C MET BA 263 -11.61 -26.67 32.71
N VAL BA 264 -11.24 -27.26 31.58
CA VAL BA 264 -12.11 -27.36 30.41
C VAL BA 264 -12.54 -28.82 30.19
N GLN BA 265 -13.83 -29.03 29.96
CA GLN BA 265 -14.41 -30.30 29.56
C GLN BA 265 -14.63 -30.33 28.07
N GLN BA 266 -14.04 -31.30 27.38
CA GLN BA 266 -14.31 -31.56 25.98
C GLN BA 266 -15.47 -32.55 25.98
N MET BA 267 -16.60 -32.10 25.42
CA MET BA 267 -17.75 -32.95 25.18
C MET BA 267 -17.88 -33.17 23.68
N GLN BA 268 -18.05 -34.43 23.26
CA GLN BA 268 -18.40 -34.79 21.89
C GLN BA 268 -19.91 -34.69 21.76
N SER BA 269 -20.36 -33.82 20.85
CA SER BA 269 -21.76 -33.64 20.52
C SER BA 269 -21.97 -34.07 19.07
N VAL BA 270 -23.15 -34.62 18.77
CA VAL BA 270 -23.53 -34.87 17.39
C VAL BA 270 -23.51 -33.52 16.66
N CYS BA 271 -22.98 -33.52 15.43
CA CYS BA 271 -22.82 -32.30 14.65
C CYS BA 271 -24.21 -31.81 14.23
N SER BA 272 -24.56 -30.57 14.65
CA SER BA 272 -25.81 -29.90 14.34
C SER BA 272 -26.07 -29.77 12.83
N ASP BA 273 -25.00 -29.68 12.03
CA ASP BA 273 -25.09 -29.29 10.63
C ASP BA 273 -25.37 -30.48 9.71
N CYS BA 274 -25.02 -31.70 10.14
CA CYS BA 274 -25.29 -32.93 9.40
C CYS BA 274 -26.02 -33.99 10.23
N ASN BA 275 -26.45 -33.64 11.46
CA ASN BA 275 -27.16 -34.52 12.37
C ASN BA 275 -26.47 -35.89 12.53
N GLY BA 276 -25.14 -35.92 12.47
CA GLY BA 276 -24.37 -37.12 12.70
C GLY BA 276 -23.94 -37.88 11.44
N GLU BA 277 -24.48 -37.51 10.27
CA GLU BA 277 -24.25 -38.28 9.05
C GLU BA 277 -22.83 -38.04 8.50
N GLY BA 278 -22.22 -36.89 8.82
CA GLY BA 278 -20.91 -36.54 8.25
C GLY BA 278 -20.99 -35.95 6.84
N GLU BA 279 -22.16 -36.09 6.21
CA GLU BA 279 -22.43 -35.51 4.91
C GLU BA 279 -23.58 -34.50 4.94
N VAL BA 280 -23.58 -33.59 3.97
CA VAL BA 280 -24.66 -32.65 3.76
C VAL BA 280 -25.10 -32.72 2.30
N ILE BA 281 -26.41 -32.78 2.10
CA ILE BA 281 -27.05 -32.74 0.79
C ILE BA 281 -27.98 -31.52 0.79
N ASN BA 282 -27.75 -30.60 -0.16
CA ASN BA 282 -28.63 -29.47 -0.40
C ASN BA 282 -30.06 -29.97 -0.61
N GLU BA 283 -31.04 -29.28 -0.02
CA GLU BA 283 -32.45 -29.66 -0.07
C GLU BA 283 -32.93 -29.95 -1.50
N LYS BA 284 -32.50 -29.12 -2.44
CA LYS BA 284 -32.85 -29.17 -3.87
C LYS BA 284 -32.35 -30.45 -4.55
N ASP BA 285 -31.37 -31.14 -3.96
CA ASP BA 285 -30.76 -32.34 -4.53
C ASP BA 285 -31.38 -33.63 -3.97
N ARG BA 286 -31.99 -33.57 -2.77
CA ARG BA 286 -32.67 -34.70 -2.16
C ARG BA 286 -34.16 -34.52 -2.30
N CYS BA 287 -34.67 -33.42 -1.73
CA CYS BA 287 -36.09 -33.08 -1.69
C CYS BA 287 -36.30 -32.19 -0.48
N LYS BA 288 -37.56 -31.75 -0.26
CA LYS BA 288 -37.92 -30.97 0.92
C LYS BA 288 -38.44 -31.93 1.99
N LYS BA 289 -38.05 -33.22 1.89
CA LYS BA 289 -38.56 -34.30 2.73
C LYS BA 289 -37.46 -34.79 3.70
N CYS BA 290 -36.62 -35.74 3.26
CA CYS BA 290 -35.57 -36.33 4.10
C CYS BA 290 -34.68 -35.23 4.68
N GLU BA 291 -33.93 -34.51 3.82
CA GLU BA 291 -33.06 -33.38 4.14
C GLU BA 291 -31.61 -33.86 4.10
N GLY BA 292 -31.25 -34.61 3.05
CA GLY BA 292 -29.93 -35.18 2.90
C GLY BA 292 -29.76 -36.41 3.78
N LYS BA 293 -30.89 -36.92 4.29
CA LYS BA 293 -30.88 -38.02 5.24
C LYS BA 293 -31.01 -39.39 4.55
N LYS BA 294 -31.52 -39.42 3.30
CA LYS BA 294 -31.63 -40.62 2.46
C LYS BA 294 -32.85 -41.46 2.87
N VAL BA 295 -33.42 -41.19 4.05
CA VAL BA 295 -34.63 -41.88 4.52
C VAL BA 295 -35.66 -40.87 5.04
N ILE BA 296 -36.93 -41.31 5.10
CA ILE BA 296 -38.02 -40.55 5.70
C ILE BA 296 -38.80 -41.48 6.62
N LYS BA 297 -39.32 -40.93 7.73
CA LYS BA 297 -40.21 -41.68 8.61
C LYS BA 297 -41.59 -41.75 8.01
N GLU BA 298 -42.06 -42.99 7.73
CA GLU BA 298 -43.38 -43.27 7.22
C GLU BA 298 -44.15 -44.10 8.25
N VAL BA 299 -45.46 -43.89 8.27
CA VAL BA 299 -46.36 -44.62 9.16
C VAL BA 299 -47.00 -45.74 8.35
N LYS BA 300 -46.71 -46.99 8.73
CA LYS BA 300 -47.30 -48.16 8.09
C LYS BA 300 -48.26 -48.88 9.04
N ILE BA 301 -49.41 -49.28 8.49
CA ILE BA 301 -50.37 -50.09 9.22
C ILE BA 301 -50.21 -51.54 8.77
N LEU BA 302 -49.86 -52.41 9.73
CA LEU BA 302 -49.79 -53.85 9.52
C LEU BA 302 -51.07 -54.50 10.05
N GLU BA 303 -51.68 -55.36 9.21
CA GLU BA 303 -52.78 -56.19 9.67
C GLU BA 303 -52.21 -57.47 10.28
N VAL BA 304 -52.51 -57.68 11.56
CA VAL BA 304 -51.99 -58.79 12.34
C VAL BA 304 -53.12 -59.77 12.63
N HIS BA 305 -52.92 -61.02 12.19
CA HIS BA 305 -53.82 -62.12 12.49
C HIS BA 305 -53.27 -62.94 13.64
N VAL BA 306 -54.04 -63.00 14.72
CA VAL BA 306 -53.80 -63.89 15.86
C VAL BA 306 -54.77 -65.07 15.71
N ASP BA 307 -54.21 -66.23 15.39
CA ASP BA 307 -54.97 -67.46 15.21
C ASP BA 307 -55.42 -68.05 16.55
N LYS BA 308 -56.50 -68.84 16.50
CA LYS BA 308 -56.97 -69.59 17.65
C LYS BA 308 -55.90 -70.56 18.16
N GLY BA 309 -55.71 -70.54 19.49
CA GLY BA 309 -54.82 -71.46 20.17
C GLY BA 309 -53.34 -71.04 20.17
N MET BA 310 -53.01 -69.90 19.56
CA MET BA 310 -51.66 -69.36 19.64
C MET BA 310 -51.18 -69.23 21.09
N LYS BA 311 -49.87 -69.38 21.30
CA LYS BA 311 -49.29 -69.48 22.63
C LYS BA 311 -48.55 -68.19 23.01
N HIS BA 312 -48.41 -67.97 24.32
CA HIS BA 312 -47.51 -66.95 24.82
C HIS BA 312 -46.09 -67.12 24.25
N GLY BA 313 -45.47 -66.00 23.86
CA GLY BA 313 -44.13 -66.00 23.27
C GLY BA 313 -44.07 -66.41 21.79
N GLN BA 314 -45.20 -66.74 21.17
CA GLN BA 314 -45.23 -67.07 19.74
C GLN BA 314 -44.92 -65.82 18.90
N ARG BA 315 -44.18 -66.03 17.80
CA ARG BA 315 -43.71 -64.95 16.94
C ARG BA 315 -44.56 -64.86 15.66
N ILE BA 316 -44.97 -63.64 15.29
CA ILE BA 316 -45.58 -63.33 14.00
C ILE BA 316 -44.62 -62.44 13.23
N THR BA 317 -44.10 -62.93 12.09
CA THR BA 317 -43.06 -62.24 11.34
C THR BA 317 -43.62 -61.60 10.06
N PHE BA 318 -43.29 -60.33 9.88
CA PHE BA 318 -43.54 -59.56 8.66
C PHE BA 318 -42.20 -59.33 7.95
N THR BA 319 -41.96 -60.10 6.89
CA THR BA 319 -40.67 -60.13 6.20
C THR BA 319 -40.38 -58.83 5.45
N GLY BA 320 -39.17 -58.28 5.63
CA GLY BA 320 -38.71 -57.09 4.93
C GLY BA 320 -39.44 -55.80 5.34
N GLU BA 321 -40.18 -55.85 6.47
CA GLU BA 321 -41.00 -54.74 6.90
C GLU BA 321 -40.29 -53.77 7.86
N ALA BA 322 -39.07 -54.11 8.30
CA ALA BA 322 -38.29 -53.24 9.18
C ALA BA 322 -37.80 -51.96 8.46
N ASP BA 323 -36.94 -51.21 9.16
CA ASP BA 323 -36.31 -50.00 8.65
C ASP BA 323 -35.50 -50.27 7.38
N GLN BA 324 -35.67 -49.38 6.40
CA GLN BA 324 -34.87 -49.37 5.19
C GLN BA 324 -33.68 -48.42 5.35
N ALA BA 325 -32.52 -48.83 4.82
CA ALA BA 325 -31.34 -47.98 4.71
C ALA BA 325 -30.70 -48.12 3.34
N PRO BA 326 -30.05 -47.07 2.79
CA PRO BA 326 -29.40 -47.15 1.48
C PRO BA 326 -28.34 -48.26 1.41
N GLY BA 327 -28.50 -49.17 0.45
CA GLY BA 327 -27.59 -50.28 0.22
C GLY BA 327 -27.74 -51.44 1.21
N VAL BA 328 -28.83 -51.44 2.00
CA VAL BA 328 -29.13 -52.45 3.01
C VAL BA 328 -30.49 -53.05 2.68
N GLU BA 329 -30.58 -54.39 2.69
CA GLU BA 329 -31.84 -55.10 2.55
C GLU BA 329 -32.60 -55.03 3.88
N PRO BA 330 -33.87 -54.58 3.94
CA PRO BA 330 -34.58 -54.44 5.22
C PRO BA 330 -34.68 -55.73 6.02
N GLY BA 331 -34.59 -55.60 7.36
CA GLY BA 331 -34.91 -56.67 8.28
C GLY BA 331 -36.41 -56.95 8.37
N ASP BA 332 -36.80 -57.81 9.31
CA ASP BA 332 -38.19 -58.19 9.53
C ASP BA 332 -38.78 -57.46 10.74
N ILE BA 333 -40.11 -57.28 10.73
CA ILE BA 333 -40.83 -56.94 11.95
C ILE BA 333 -41.35 -58.22 12.59
N VAL BA 334 -40.90 -58.50 13.83
CA VAL BA 334 -41.29 -59.68 14.57
C VAL BA 334 -42.16 -59.27 15.76
N LEU BA 335 -43.44 -59.64 15.70
CA LEU BA 335 -44.33 -59.41 16.82
C LEU BA 335 -44.27 -60.60 17.78
N LEU BA 336 -44.00 -60.32 19.05
CA LEU BA 336 -43.97 -61.32 20.09
C LEU BA 336 -45.28 -61.28 20.88
N LEU BA 337 -46.05 -62.38 20.85
CA LEU BA 337 -47.31 -62.45 21.57
C LEU BA 337 -47.06 -62.46 23.09
N GLN BA 338 -47.66 -61.50 23.78
CA GLN BA 338 -47.65 -61.42 25.23
C GLN BA 338 -49.08 -61.64 25.74
N GLU BA 339 -49.29 -62.78 26.41
CA GLU BA 339 -50.57 -63.11 26.98
C GLU BA 339 -50.79 -62.22 28.21
N LYS BA 340 -51.96 -61.59 28.26
CA LYS BA 340 -52.37 -60.82 29.43
C LYS BA 340 -52.97 -61.77 30.46
N GLU BA 341 -52.68 -61.47 31.73
CA GLU BA 341 -53.37 -62.07 32.86
C GLU BA 341 -54.89 -61.91 32.70
N HIS BA 342 -55.62 -62.96 33.05
CA HIS BA 342 -57.07 -63.00 32.99
C HIS BA 342 -57.62 -63.19 34.40
N GLU BA 343 -58.74 -62.52 34.71
CA GLU BA 343 -59.24 -62.44 36.09
C GLU BA 343 -59.77 -63.77 36.62
N VAL BA 344 -60.42 -64.57 35.75
CA VAL BA 344 -61.07 -65.83 36.13
C VAL BA 344 -60.21 -67.06 35.78
N PHE BA 345 -59.66 -67.09 34.56
CA PHE BA 345 -58.95 -68.25 34.02
C PHE BA 345 -57.45 -68.05 34.02
N GLN BA 346 -56.73 -69.12 34.37
CA GLN BA 346 -55.30 -69.24 34.18
C GLN BA 346 -55.05 -70.32 33.13
N ARG BA 347 -54.17 -70.03 32.17
CA ARG BA 347 -53.92 -70.97 31.08
C ARG BA 347 -52.67 -71.80 31.40
N ASP BA 348 -52.81 -73.13 31.23
CA ASP BA 348 -51.68 -74.05 31.22
C ASP BA 348 -51.68 -74.84 29.90
N GLY BA 349 -50.81 -74.46 28.97
CA GLY BA 349 -50.78 -75.07 27.65
C GLY BA 349 -52.10 -74.91 26.88
N ASN BA 350 -52.85 -76.02 26.74
CA ASN BA 350 -54.17 -76.03 26.14
C ASN BA 350 -55.29 -76.09 27.17
N ASP BA 351 -54.94 -76.28 28.45
CA ASP BA 351 -55.91 -76.40 29.53
C ASP BA 351 -56.14 -75.04 30.19
N LEU BA 352 -57.30 -74.91 30.84
CA LEU BA 352 -57.65 -73.75 31.61
C LEU BA 352 -57.88 -74.15 33.06
N HIS BA 353 -57.48 -73.27 33.98
CA HIS BA 353 -57.68 -73.44 35.41
C HIS BA 353 -58.50 -72.27 35.94
N MET BA 354 -59.44 -72.56 36.85
CA MET BA 354 -60.16 -71.51 37.56
C MET BA 354 -60.41 -71.95 39.01
N THR BA 355 -60.55 -70.96 39.90
CA THR BA 355 -61.00 -71.21 41.26
C THR BA 355 -62.46 -70.78 41.39
N TYR BA 356 -63.29 -71.69 41.93
CA TYR BA 356 -64.71 -71.42 42.15
C TYR BA 356 -65.04 -71.58 43.63
N LYS BA 357 -65.69 -70.55 44.21
CA LYS BA 357 -66.08 -70.56 45.61
C LYS BA 357 -67.48 -71.14 45.74
N ILE BA 358 -67.65 -72.09 46.67
CA ILE BA 358 -68.94 -72.72 46.97
C ILE BA 358 -69.15 -72.74 48.48
N GLY BA 359 -70.42 -72.71 48.92
CA GLY BA 359 -70.75 -72.85 50.33
C GLY BA 359 -70.65 -74.30 50.82
N LEU BA 360 -70.59 -74.49 52.14
CA LEU BA 360 -70.56 -75.83 52.74
C LEU BA 360 -71.76 -76.68 52.32
N VAL BA 361 -72.96 -76.08 52.26
CA VAL BA 361 -74.18 -76.75 51.84
C VAL BA 361 -74.05 -77.25 50.39
N GLU BA 362 -73.52 -76.43 49.49
CA GLU BA 362 -73.28 -76.80 48.10
C GLU BA 362 -72.27 -77.95 47.99
N ALA BA 363 -71.21 -77.89 48.80
CA ALA BA 363 -70.16 -78.90 48.85
C ALA BA 363 -70.66 -80.26 49.30
N LEU BA 364 -71.67 -80.31 50.21
CA LEU BA 364 -72.20 -81.54 50.79
C LEU BA 364 -73.44 -82.06 50.05
N CYS BA 365 -74.31 -81.17 49.57
CA CYS BA 365 -75.64 -81.50 49.08
C CYS BA 365 -75.77 -81.43 47.55
N GLY BA 366 -74.69 -81.05 46.86
CA GLY BA 366 -74.72 -80.82 45.41
C GLY BA 366 -75.14 -79.39 45.04
N PHE BA 367 -74.82 -78.99 43.81
CA PHE BA 367 -74.98 -77.60 43.39
C PHE BA 367 -75.04 -77.47 41.86
N GLN BA 368 -75.50 -76.30 41.43
CA GLN BA 368 -75.47 -75.88 40.04
C GLN BA 368 -74.96 -74.44 40.00
N PHE BA 369 -73.96 -74.19 39.13
CA PHE BA 369 -73.51 -72.83 38.91
C PHE BA 369 -73.31 -72.55 37.42
N THR BA 370 -73.19 -71.25 37.11
CA THR BA 370 -72.98 -70.80 35.74
C THR BA 370 -71.80 -69.83 35.69
N PHE BA 371 -71.01 -69.92 34.61
CA PHE BA 371 -69.95 -68.95 34.35
C PHE BA 371 -69.89 -68.62 32.85
N LYS BA 372 -69.28 -67.47 32.54
CA LYS BA 372 -69.04 -67.04 31.18
C LYS BA 372 -67.69 -67.56 30.70
N HIS BA 373 -67.70 -68.28 29.56
CA HIS BA 373 -66.47 -68.78 28.94
C HIS BA 373 -65.83 -67.71 28.05
N LEU BA 374 -64.65 -68.03 27.48
CA LEU BA 374 -63.84 -67.14 26.65
C LEU BA 374 -64.51 -66.80 25.31
N ASP BA 375 -65.44 -67.66 24.83
CA ASP BA 375 -66.26 -67.38 23.65
C ASP BA 375 -67.56 -66.60 23.98
N GLY BA 376 -67.79 -66.33 25.27
CA GLY BA 376 -68.98 -65.62 25.71
C GLY BA 376 -70.20 -66.52 25.93
N ARG BA 377 -70.08 -67.84 25.69
CA ARG BA 377 -71.15 -68.79 26.05
C ARG BA 377 -71.27 -68.87 27.58
N GLN BA 378 -72.51 -69.05 28.06
CA GLN BA 378 -72.79 -69.39 29.45
C GLN BA 378 -72.73 -70.91 29.61
N ILE BA 379 -71.82 -71.39 30.46
CA ILE BA 379 -71.71 -72.81 30.77
C ILE BA 379 -72.39 -73.08 32.10
N VAL BA 380 -73.31 -74.06 32.12
CA VAL BA 380 -73.97 -74.52 33.32
C VAL BA 380 -73.26 -75.80 33.79
N VAL BA 381 -72.62 -75.73 34.97
CA VAL BA 381 -71.98 -76.88 35.59
C VAL BA 381 -72.92 -77.41 36.68
N LYS BA 382 -73.20 -78.72 36.63
CA LYS BA 382 -74.05 -79.39 37.60
C LYS BA 382 -73.24 -80.46 38.33
N TYR BA 383 -73.35 -80.47 39.66
CA TYR BA 383 -72.76 -81.49 40.50
C TYR BA 383 -73.88 -82.22 41.24
N PRO BA 384 -73.98 -83.57 41.13
CA PRO BA 384 -75.15 -84.29 41.64
C PRO BA 384 -75.19 -84.30 43.17
N PRO BA 385 -76.41 -84.32 43.78
CA PRO BA 385 -76.55 -84.49 45.22
C PRO BA 385 -76.01 -85.83 45.70
N GLY BA 386 -75.46 -85.85 46.92
CA GLY BA 386 -74.92 -87.06 47.51
C GLY BA 386 -73.45 -87.33 47.17
N LYS BA 387 -72.82 -86.44 46.38
CA LYS BA 387 -71.37 -86.46 46.19
C LYS BA 387 -70.77 -85.22 46.88
N VAL BA 388 -69.65 -85.43 47.58
CA VAL BA 388 -69.00 -84.38 48.35
C VAL BA 388 -67.84 -83.76 47.54
N ILE BA 389 -67.75 -82.43 47.63
CA ILE BA 389 -66.61 -81.65 47.18
C ILE BA 389 -65.76 -81.32 48.41
N GLU BA 390 -64.54 -81.87 48.46
CA GLU BA 390 -63.58 -81.55 49.50
C GLU BA 390 -62.97 -80.17 49.26
N PRO BA 391 -62.61 -79.41 50.34
CA PRO BA 391 -61.88 -78.15 50.19
C PRO BA 391 -60.58 -78.32 49.40
N GLY BA 392 -60.42 -77.48 48.37
CA GLY BA 392 -59.26 -77.48 47.49
C GLY BA 392 -59.28 -78.57 46.42
N CYS BA 393 -60.31 -79.43 46.37
CA CYS BA 393 -60.36 -80.48 45.36
C CYS BA 393 -60.56 -79.91 43.95
N VAL BA 394 -60.05 -80.65 42.95
CA VAL BA 394 -60.14 -80.25 41.55
C VAL BA 394 -61.11 -81.17 40.81
N ARG BA 395 -61.98 -80.58 39.97
CA ARG BA 395 -62.82 -81.30 39.02
C ARG BA 395 -62.57 -80.78 37.61
N VAL BA 396 -62.97 -81.58 36.61
CA VAL BA 396 -62.69 -81.28 35.22
C VAL BA 396 -64.00 -81.15 34.44
N VAL BA 397 -64.06 -80.10 33.59
CA VAL BA 397 -65.06 -79.97 32.54
C VAL BA 397 -64.33 -80.20 31.21
N ARG BA 398 -64.58 -81.37 30.62
CA ARG BA 398 -63.85 -81.84 29.44
C ARG BA 398 -64.19 -81.02 28.20
N GLY BA 399 -63.16 -80.66 27.40
CA GLY BA 399 -63.31 -79.96 26.13
C GLY BA 399 -63.62 -78.46 26.25
N GLU BA 400 -63.53 -77.91 27.48
CA GLU BA 400 -63.77 -76.49 27.74
C GLU BA 400 -62.46 -75.74 28.07
N GLY BA 401 -61.31 -76.27 27.63
CA GLY BA 401 -60.03 -75.55 27.65
C GLY BA 401 -59.79 -74.71 26.39
N MET BA 402 -58.52 -74.32 26.17
CA MET BA 402 -58.09 -73.57 25.00
C MET BA 402 -58.08 -74.45 23.74
N PRO BA 403 -58.38 -73.88 22.55
CA PRO BA 403 -58.21 -74.60 21.28
C PRO BA 403 -56.73 -74.85 20.99
N GLN BA 404 -56.43 -75.97 20.33
CA GLN BA 404 -55.08 -76.25 19.87
C GLN BA 404 -54.74 -75.37 18.66
N TYR BA 405 -53.51 -74.82 18.65
CA TYR BA 405 -53.02 -74.07 17.50
C TYR BA 405 -52.98 -74.97 16.25
N ARG BA 406 -53.55 -74.47 15.13
CA ARG BA 406 -53.65 -75.16 13.85
C ARG BA 406 -54.71 -76.28 13.82
N ASN BA 407 -55.21 -76.69 14.99
CA ASN BA 407 -56.28 -77.68 15.09
C ASN BA 407 -57.36 -77.19 16.06
N PRO BA 408 -58.09 -76.09 15.74
CA PRO BA 408 -59.01 -75.46 16.70
C PRO BA 408 -60.27 -76.24 17.05
N PHE BA 409 -60.48 -77.40 16.39
CA PHE BA 409 -61.55 -78.34 16.71
C PHE BA 409 -61.23 -79.17 17.96
N GLU BA 410 -59.92 -79.36 18.23
CA GLU BA 410 -59.47 -79.98 19.48
C GLU BA 410 -59.21 -78.90 20.52
N LYS BA 411 -59.69 -79.15 21.74
CA LYS BA 411 -59.51 -78.26 22.87
C LYS BA 411 -58.94 -79.05 24.04
N GLY BA 412 -58.24 -78.33 24.93
CA GLY BA 412 -57.92 -78.87 26.24
C GLY BA 412 -59.15 -78.90 27.15
N ASP BA 413 -58.89 -79.08 28.45
CA ASP BA 413 -59.91 -79.22 29.48
C ASP BA 413 -59.92 -77.99 30.41
N LEU BA 414 -61.05 -77.79 31.11
CA LEU BA 414 -61.14 -76.80 32.18
C LEU BA 414 -61.11 -77.49 33.54
N TYR BA 415 -60.07 -77.17 34.32
CA TYR BA 415 -59.91 -77.61 35.70
C TYR BA 415 -60.45 -76.56 36.66
N ILE BA 416 -61.37 -76.98 37.53
CA ILE BA 416 -62.00 -76.11 38.50
C ILE BA 416 -61.56 -76.55 39.90
N LYS BA 417 -60.78 -75.68 40.58
CA LYS BA 417 -60.45 -75.84 41.98
C LYS BA 417 -61.58 -75.26 42.83
N PHE BA 418 -62.12 -76.08 43.74
CA PHE BA 418 -63.20 -75.63 44.61
C PHE BA 418 -62.66 -75.10 45.94
N ASP BA 419 -63.07 -73.87 46.26
CA ASP BA 419 -62.79 -73.21 47.52
C ASP BA 419 -64.05 -73.24 48.37
N VAL BA 420 -64.09 -74.13 49.38
CA VAL BA 420 -65.28 -74.36 50.20
C VAL BA 420 -65.33 -73.36 51.35
N GLN BA 421 -66.33 -72.48 51.32
CA GLN BA 421 -66.58 -71.47 52.32
C GLN BA 421 -67.44 -72.03 53.45
N PHE BA 422 -66.81 -72.12 54.62
CA PHE BA 422 -67.51 -72.42 55.88
C PHE BA 422 -68.38 -71.24 56.31
N PRO BA 423 -69.51 -71.50 57.00
CA PRO BA 423 -70.34 -70.45 57.58
C PRO BA 423 -69.57 -69.72 58.68
N GLU BA 424 -69.97 -68.47 58.94
CA GLU BA 424 -69.32 -67.66 59.97
C GLU BA 424 -69.60 -68.18 61.39
N ASN BA 425 -68.85 -67.59 62.32
CA ASN BA 425 -68.97 -67.68 63.77
C ASN BA 425 -70.43 -67.48 64.21
N ASN BA 426 -70.95 -68.36 65.08
CA ASN BA 426 -72.29 -68.29 65.64
C ASN BA 426 -73.43 -68.50 64.63
N TRP BA 427 -73.21 -69.14 63.46
CA TRP BA 427 -74.24 -69.19 62.41
C TRP BA 427 -75.48 -70.02 62.82
N ILE BA 428 -75.30 -70.93 63.78
CA ILE BA 428 -76.36 -71.80 64.26
C ILE BA 428 -76.47 -71.75 65.79
N ASN BA 429 -77.70 -71.80 66.32
CA ASN BA 429 -77.97 -71.89 67.74
C ASN BA 429 -77.39 -73.21 68.28
N PRO BA 430 -76.59 -73.21 69.39
CA PRO BA 430 -76.11 -74.44 70.04
C PRO BA 430 -77.13 -75.57 70.21
N ASP BA 431 -78.41 -75.25 70.46
CA ASP BA 431 -79.47 -76.24 70.63
C ASP BA 431 -79.67 -77.15 69.40
N LYS BA 432 -79.28 -76.66 68.20
CA LYS BA 432 -79.43 -77.36 66.93
C LYS BA 432 -78.19 -78.15 66.53
N LEU BA 433 -77.10 -78.05 67.31
CA LEU BA 433 -75.85 -78.75 67.02
C LEU BA 433 -76.02 -80.27 67.11
N SER BA 434 -76.90 -80.71 68.05
CA SER BA 434 -77.27 -82.12 68.24
C SER BA 434 -77.93 -82.69 66.98
N GLU BA 435 -78.93 -81.98 66.43
CA GLU BA 435 -79.62 -82.36 65.20
C GLU BA 435 -78.63 -82.49 64.02
N LEU BA 436 -77.62 -81.61 63.95
CA LEU BA 436 -76.61 -81.64 62.91
C LEU BA 436 -75.68 -82.84 63.06
N GLU BA 437 -75.30 -83.16 64.32
CA GLU BA 437 -74.44 -84.29 64.64
C GLU BA 437 -75.09 -85.62 64.24
N ASP BA 438 -76.40 -85.75 64.51
CA ASP BA 438 -77.19 -86.94 64.17
C ASP BA 438 -77.28 -87.21 62.66
N LEU BA 439 -77.11 -86.15 61.84
CA LEU BA 439 -77.24 -86.26 60.38
C LEU BA 439 -75.89 -86.67 59.77
N GLY CA 198 -55.13 79.00 -73.23
CA GLY CA 198 -53.77 78.63 -73.67
C GLY CA 198 -53.40 79.35 -74.95
N GLU CA 199 -52.11 79.27 -75.29
CA GLU CA 199 -51.54 79.90 -76.46
C GLU CA 199 -51.94 79.12 -77.72
N ASP CA 200 -52.23 79.85 -78.82
CA ASP CA 200 -52.51 79.25 -80.11
C ASP CA 200 -51.20 78.78 -80.77
N MET CA 201 -51.25 77.64 -81.46
CA MET CA 201 -50.10 77.09 -82.17
C MET CA 201 -50.23 77.34 -83.68
N MET CA 202 -49.25 78.05 -84.25
CA MET CA 202 -49.24 78.33 -85.68
C MET CA 202 -48.32 77.37 -86.43
N HIS CA 203 -48.85 76.71 -87.47
CA HIS CA 203 -48.06 75.81 -88.30
C HIS CA 203 -48.18 76.16 -89.78
N PRO CA 204 -47.04 76.36 -90.51
CA PRO CA 204 -47.10 76.55 -91.95
C PRO CA 204 -47.41 75.25 -92.67
N LEU CA 205 -48.43 75.27 -93.53
CA LEU CA 205 -48.75 74.15 -94.41
C LEU CA 205 -48.38 74.50 -95.85
N LYS CA 206 -47.31 73.87 -96.35
CA LYS CA 206 -46.87 74.08 -97.73
C LYS CA 206 -47.77 73.31 -98.70
N VAL CA 207 -48.41 74.05 -99.62
CA VAL CA 207 -49.35 73.54 -100.61
C VAL CA 207 -48.90 73.93 -102.02
N SER CA 208 -49.07 73.04 -103.00
CA SER CA 208 -48.75 73.35 -104.40
C SER CA 208 -49.95 74.03 -105.09
N LEU CA 209 -49.73 74.59 -106.30
CA LEU CA 209 -50.82 75.16 -107.10
C LEU CA 209 -51.85 74.10 -107.48
N GLU CA 210 -51.40 72.86 -107.77
CA GLU CA 210 -52.27 71.73 -108.08
C GLU CA 210 -53.16 71.37 -106.88
N ASP CA 211 -52.59 71.41 -105.66
CA ASP CA 211 -53.32 71.18 -104.41
C ASP CA 211 -54.43 72.24 -104.25
N LEU CA 212 -54.12 73.51 -104.55
CA LEU CA 212 -55.04 74.63 -104.43
C LEU CA 212 -56.10 74.65 -105.55
N TYR CA 213 -55.77 74.09 -106.72
CA TYR CA 213 -56.67 74.03 -107.86
C TYR CA 213 -57.67 72.87 -107.73
N ASN CA 214 -57.17 71.68 -107.39
CA ASN CA 214 -57.96 70.46 -107.33
C ASN CA 214 -58.62 70.25 -105.97
N GLY CA 215 -58.10 70.90 -104.92
CA GLY CA 215 -58.43 70.56 -103.56
C GLY CA 215 -57.62 69.37 -103.07
N LYS CA 216 -57.32 69.35 -101.76
CA LYS CA 216 -56.49 68.30 -101.19
C LYS CA 216 -56.90 68.01 -99.74
N THR CA 217 -57.02 66.71 -99.43
CA THR CA 217 -57.11 66.27 -98.06
C THR CA 217 -55.75 65.68 -97.65
N THR CA 218 -55.15 66.23 -96.59
CA THR CA 218 -53.88 65.75 -96.07
C THR CA 218 -53.95 65.50 -94.57
N LYS CA 219 -53.16 64.52 -94.10
CA LYS CA 219 -53.06 64.23 -92.67
C LYS CA 219 -51.81 64.88 -92.10
N LEU CA 220 -52.02 65.70 -91.08
CA LEU CA 220 -50.93 66.38 -90.39
C LEU CA 220 -50.74 65.75 -89.01
N GLN CA 221 -49.54 65.21 -88.79
CA GLN CA 221 -49.20 64.66 -87.48
C GLN CA 221 -48.55 65.75 -86.62
N LEU CA 222 -49.15 66.07 -85.46
CA LEU CA 222 -48.61 67.02 -84.51
C LEU CA 222 -48.42 66.36 -83.14
N SER CA 223 -47.34 66.75 -82.45
CA SER CA 223 -47.14 66.36 -81.06
C SER CA 223 -47.59 67.52 -80.17
N LYS CA 224 -48.50 67.23 -79.24
CA LYS CA 224 -49.02 68.22 -78.30
C LYS CA 224 -49.05 67.68 -76.88
N ASN CA 225 -49.05 68.59 -75.91
CA ASN CA 225 -49.24 68.27 -74.52
C ASN CA 225 -50.72 68.05 -74.24
N VAL CA 226 -51.05 66.90 -73.65
CA VAL CA 226 -52.39 66.59 -73.18
C VAL CA 226 -52.35 66.36 -71.67
N LEU CA 227 -53.46 66.64 -70.98
CA LEU CA 227 -53.56 66.32 -69.57
C LEU CA 227 -53.33 64.83 -69.33
N CYS CA 228 -52.49 64.52 -68.35
CA CYS CA 228 -52.13 63.14 -68.04
C CYS CA 228 -53.37 62.34 -67.64
N SER CA 229 -53.78 61.39 -68.48
CA SER CA 229 -54.97 60.57 -68.28
C SER CA 229 -55.02 59.84 -66.94
N ALA CA 230 -53.84 59.57 -66.33
CA ALA CA 230 -53.72 58.81 -65.09
C ALA CA 230 -53.89 59.65 -63.82
N CYS CA 231 -53.72 60.98 -63.89
CA CYS CA 231 -53.87 61.86 -62.73
C CYS CA 231 -54.73 63.11 -63.04
N SER CA 232 -55.31 63.18 -64.25
CA SER CA 232 -56.14 64.28 -64.73
C SER CA 232 -55.54 65.65 -64.45
N GLY CA 233 -54.21 65.79 -64.66
CA GLY CA 233 -53.46 67.04 -64.52
C GLY CA 233 -53.17 67.46 -63.08
N GLN CA 234 -53.85 66.80 -62.13
CA GLN CA 234 -53.77 67.19 -60.73
C GLN CA 234 -52.30 67.01 -60.38
N GLY CA 235 -51.61 66.36 -61.30
CA GLY CA 235 -50.22 66.05 -61.11
C GLY CA 235 -50.27 64.77 -60.33
N GLY CA 236 -50.68 64.88 -59.06
CA GLY CA 236 -50.93 63.70 -58.27
C GLY CA 236 -52.17 63.86 -57.40
N LYS CA 237 -52.41 62.90 -56.51
CA LYS CA 237 -53.51 62.99 -55.55
C LYS CA 237 -53.34 64.26 -54.71
N SER CA 238 -54.42 64.72 -54.06
CA SER CA 238 -54.35 65.86 -53.16
C SER CA 238 -53.41 65.54 -52.00
N GLY CA 239 -52.29 66.28 -51.92
CA GLY CA 239 -51.23 66.06 -50.93
C GLY CA 239 -50.10 65.20 -51.50
N ALA CA 240 -50.15 64.89 -52.80
CA ALA CA 240 -49.08 64.21 -53.52
C ALA CA 240 -48.06 65.24 -54.00
N VAL CA 241 -48.52 66.49 -54.14
CA VAL CA 241 -47.70 67.56 -54.67
C VAL CA 241 -46.85 68.14 -53.54
N GLN CA 242 -45.53 67.97 -53.66
CA GLN CA 242 -44.57 68.42 -52.66
C GLN CA 242 -43.66 69.49 -53.28
N LYS CA 243 -43.27 70.50 -52.46
CA LYS CA 243 -42.24 71.46 -52.83
C LYS CA 243 -40.95 70.71 -53.17
N CYS CA 244 -40.33 71.05 -54.30
CA CYS CA 244 -39.06 70.48 -54.64
C CYS CA 244 -37.99 70.91 -53.63
N SER CA 245 -37.37 69.96 -52.90
CA SER CA 245 -36.40 70.21 -51.85
C SER CA 245 -35.13 70.88 -52.39
N ALA CA 246 -34.74 70.42 -53.57
CA ALA CA 246 -33.61 70.80 -54.40
C ALA CA 246 -33.49 72.30 -54.67
N CYS CA 247 -34.58 72.89 -55.20
CA CYS CA 247 -34.65 74.29 -55.56
C CYS CA 247 -35.55 75.08 -54.60
N ARG CA 248 -36.09 74.43 -53.56
CA ARG CA 248 -37.01 74.99 -52.58
C ARG CA 248 -38.20 75.70 -53.25
N GLY CA 249 -38.78 75.06 -54.28
CA GLY CA 249 -39.91 75.60 -55.02
C GLY CA 249 -39.58 76.64 -56.10
N ARG CA 250 -38.29 76.96 -56.33
CA ARG CA 250 -37.91 78.01 -57.27
C ARG CA 250 -37.85 77.52 -58.73
N GLY CA 251 -37.88 76.21 -58.98
CA GLY CA 251 -37.72 75.66 -60.33
C GLY CA 251 -36.28 75.69 -60.83
N VAL CA 252 -35.44 76.58 -60.27
CA VAL CA 252 -34.06 76.79 -60.72
C VAL CA 252 -33.06 76.66 -59.57
N ARG CA 253 -31.86 76.19 -59.91
CA ARG CA 253 -30.73 76.10 -58.99
C ARG CA 253 -29.64 77.04 -59.46
N ILE CA 254 -28.99 77.72 -58.51
CA ILE CA 254 -27.83 78.55 -58.83
C ILE CA 254 -26.59 77.69 -58.65
N MET CA 255 -25.90 77.41 -59.76
CA MET CA 255 -24.65 76.67 -59.77
C MET CA 255 -23.48 77.66 -59.90
N ILE CA 256 -22.48 77.48 -59.03
CA ILE CA 256 -21.31 78.33 -59.02
C ILE CA 256 -20.18 77.66 -59.82
N ARG CA 257 -19.78 78.25 -60.94
CA ARG CA 257 -18.61 77.80 -61.68
C ARG CA 257 -17.42 78.72 -61.42
N GLN CA 258 -16.30 78.24 -60.88
CA GLN CA 258 -15.09 79.06 -60.85
C GLN CA 258 -14.50 79.22 -62.25
N LEU CA 259 -14.26 80.47 -62.69
CA LEU CA 259 -13.52 80.76 -63.92
C LEU CA 259 -12.02 80.95 -63.70
N ALA CA 260 -11.68 81.53 -62.54
CA ALA CA 260 -10.33 81.73 -62.05
C ALA CA 260 -10.35 81.85 -60.52
N PRO CA 261 -9.29 81.58 -59.73
CA PRO CA 261 -9.41 81.77 -58.27
C PRO CA 261 -9.76 83.23 -57.93
N GLY CA 262 -10.89 83.42 -57.24
CA GLY CA 262 -11.42 84.75 -56.96
C GLY CA 262 -12.41 85.28 -58.01
N MET CA 263 -12.56 84.57 -59.14
CA MET CA 263 -13.65 84.84 -60.09
C MET CA 263 -14.62 83.65 -60.17
N VAL CA 264 -15.81 83.81 -59.59
CA VAL CA 264 -16.87 82.82 -59.67
C VAL CA 264 -18.02 83.34 -60.55
N GLN CA 265 -18.50 82.47 -61.46
CA GLN CA 265 -19.70 82.70 -62.25
C GLN CA 265 -20.87 81.97 -61.60
N GLN CA 266 -21.94 82.70 -61.26
CA GLN CA 266 -23.19 82.11 -60.83
C GLN CA 266 -23.98 81.92 -62.12
N MET CA 267 -24.27 80.64 -62.43
CA MET CA 267 -25.16 80.30 -63.51
C MET CA 267 -26.46 79.75 -62.93
N GLN CA 268 -27.61 80.26 -63.39
CA GLN CA 268 -28.92 79.70 -63.07
C GLN CA 268 -29.18 78.57 -64.06
N SER CA 269 -29.38 77.36 -63.50
CA SER CA 269 -29.73 76.19 -64.28
C SER CA 269 -31.14 75.75 -63.86
N VAL CA 270 -31.90 75.19 -64.81
CA VAL CA 270 -33.16 74.55 -64.45
C VAL CA 270 -32.85 73.42 -63.47
N CYS CA 271 -33.71 73.30 -62.44
CA CYS CA 271 -33.48 72.32 -61.38
C CYS CA 271 -33.71 70.93 -61.97
N SER CA 272 -32.67 70.08 -61.89
CA SER CA 272 -32.66 68.69 -62.35
C SER CA 272 -33.76 67.85 -61.69
N ASP CA 273 -34.14 68.19 -60.45
CA ASP CA 273 -34.95 67.31 -59.62
C ASP CA 273 -36.45 67.52 -59.86
N CYS CA 274 -36.85 68.70 -60.35
CA CYS CA 274 -38.23 68.99 -60.72
C CYS CA 274 -38.40 69.52 -62.15
N ASN CA 275 -37.32 69.49 -62.95
CA ASN CA 275 -37.31 69.95 -64.33
C ASN CA 275 -37.94 71.33 -64.52
N GLY CA 276 -37.80 72.22 -63.53
CA GLY CA 276 -38.27 73.58 -63.61
C GLY CA 276 -39.63 73.85 -62.97
N GLU CA 277 -40.37 72.80 -62.59
CA GLU CA 277 -41.75 72.96 -62.12
C GLU CA 277 -41.78 73.53 -60.69
N GLY CA 278 -40.72 73.33 -59.90
CA GLY CA 278 -40.70 73.75 -58.50
C GLY CA 278 -41.41 72.77 -57.55
N GLU CA 279 -42.15 71.83 -58.13
CA GLU CA 279 -42.81 70.76 -57.41
C GLU CA 279 -42.32 69.37 -57.82
N VAL CA 280 -42.48 68.41 -56.91
CA VAL CA 280 -42.21 67.01 -57.19
C VAL CA 280 -43.43 66.19 -56.77
N ILE CA 281 -43.83 65.28 -57.67
CA ILE CA 281 -44.89 64.31 -57.42
C ILE CA 281 -44.28 62.92 -57.57
N ASN CA 282 -44.37 62.11 -56.51
CA ASN CA 282 -43.97 60.71 -56.53
C ASN CA 282 -44.67 60.01 -57.68
N GLU CA 283 -43.94 59.15 -58.41
CA GLU CA 283 -44.45 58.45 -59.59
C GLU CA 283 -45.79 57.74 -59.33
N LYS CA 284 -45.89 57.11 -58.15
CA LYS CA 284 -47.07 56.36 -57.68
C LYS CA 284 -48.32 57.22 -57.52
N ASP CA 285 -48.15 58.55 -57.41
CA ASP CA 285 -49.25 59.49 -57.19
C ASP CA 285 -49.75 60.13 -58.50
N ARG CA 286 -48.90 60.15 -59.55
CA ARG CA 286 -49.26 60.68 -60.85
C ARG CA 286 -49.49 59.51 -61.80
N CYS CA 287 -48.45 58.70 -61.99
CA CYS CA 287 -48.42 57.57 -62.92
C CYS CA 287 -46.97 57.33 -63.31
N LYS CA 288 -46.72 56.32 -64.15
CA LYS CA 288 -45.41 56.05 -64.69
C LYS CA 288 -45.29 56.75 -66.05
N LYS CA 289 -46.12 57.78 -66.26
CA LYS CA 289 -46.25 58.47 -67.55
C LYS CA 289 -45.67 59.89 -67.47
N CYS CA 290 -46.46 60.88 -67.03
CA CYS CA 290 -46.03 62.28 -66.96
C CYS CA 290 -44.75 62.40 -66.14
N GLU CA 291 -44.84 62.09 -64.82
CA GLU CA 291 -43.74 62.08 -63.86
C GLU CA 291 -43.83 63.32 -62.98
N GLY CA 292 -45.05 63.61 -62.49
CA GLY CA 292 -45.32 64.79 -61.70
C GLY CA 292 -45.41 66.04 -62.57
N LYS CA 293 -45.53 65.82 -63.89
CA LYS CA 293 -45.52 66.91 -64.85
C LYS CA 293 -46.92 67.42 -65.18
N LYS CA 294 -47.98 66.61 -64.92
CA LYS CA 294 -49.39 66.96 -65.08
C LYS CA 294 -49.81 66.86 -66.55
N VAL CA 295 -48.84 66.77 -67.47
CA VAL CA 295 -49.12 66.60 -68.90
C VAL CA 295 -48.24 65.48 -69.49
N ILE CA 296 -48.68 64.96 -70.64
CA ILE CA 296 -47.92 63.98 -71.43
C ILE CA 296 -47.93 64.42 -72.88
N LYS CA 297 -46.82 64.18 -73.60
CA LYS CA 297 -46.78 64.43 -75.04
C LYS CA 297 -47.50 63.30 -75.77
N GLU CA 298 -48.56 63.69 -76.51
CA GLU CA 298 -49.34 62.78 -77.33
C GLU CA 298 -49.22 63.21 -78.80
N VAL CA 299 -49.27 62.21 -79.68
CA VAL CA 299 -49.21 62.42 -81.11
C VAL CA 299 -50.64 62.40 -81.65
N LYS CA 300 -51.10 63.53 -82.19
CA LYS CA 300 -52.43 63.63 -82.77
C LYS CA 300 -52.33 63.83 -84.29
N ILE CA 301 -53.18 63.11 -85.03
CA ILE CA 301 -53.30 63.28 -86.48
C ILE CA 301 -54.53 64.13 -86.76
N LEU CA 302 -54.31 65.31 -87.37
CA LEU CA 302 -55.37 66.18 -87.84
C LEU CA 302 -55.58 65.95 -89.34
N GLU CA 303 -56.85 65.76 -89.72
CA GLU CA 303 -57.22 65.74 -91.13
C GLU CA 303 -57.49 67.17 -91.60
N VAL CA 304 -56.69 67.62 -92.59
CA VAL CA 304 -56.73 68.98 -93.09
C VAL CA 304 -57.31 68.97 -94.49
N HIS CA 305 -58.41 69.73 -94.66
CA HIS CA 305 -59.02 69.93 -95.96
C HIS CA 305 -58.59 71.30 -96.52
N VAL CA 306 -57.93 71.24 -97.68
CA VAL CA 306 -57.59 72.41 -98.47
C VAL CA 306 -58.59 72.47 -99.62
N ASP CA 307 -59.50 73.45 -99.56
CA ASP CA 307 -60.53 73.66 -100.56
C ASP CA 307 -59.97 74.26 -101.84
N LYS CA 308 -60.67 74.03 -102.95
CA LYS CA 308 -60.37 74.66 -104.23
C LYS CA 308 -60.41 76.19 -104.14
N GLY CA 309 -59.38 76.82 -104.69
CA GLY CA 309 -59.31 78.27 -104.79
C GLY CA 309 -58.80 78.97 -103.53
N MET CA 310 -58.47 78.22 -102.47
CA MET CA 310 -57.86 78.81 -101.28
C MET CA 310 -56.61 79.62 -101.63
N LYS CA 311 -56.33 80.66 -100.85
CA LYS CA 311 -55.29 81.64 -101.16
C LYS CA 311 -54.07 81.45 -100.25
N HIS CA 312 -52.92 81.93 -100.73
CA HIS CA 312 -51.75 82.09 -99.88
C HIS CA 312 -52.08 82.88 -98.62
N GLY CA 313 -51.57 82.44 -97.47
CA GLY CA 313 -51.80 83.09 -96.18
C GLY CA 313 -53.16 82.81 -95.54
N GLN CA 314 -54.02 82.01 -96.20
CA GLN CA 314 -55.30 81.64 -95.62
C GLN CA 314 -55.11 80.73 -94.41
N ARG CA 315 -55.95 80.91 -93.38
CA ARG CA 315 -55.85 80.18 -92.11
C ARG CA 315 -56.89 79.06 -92.04
N ILE CA 316 -56.46 77.87 -91.61
CA ILE CA 316 -57.34 76.76 -91.24
C ILE CA 316 -57.19 76.53 -89.74
N THR CA 317 -58.28 76.74 -88.99
CA THR CA 317 -58.26 76.69 -87.52
C THR CA 317 -58.90 75.41 -87.00
N PHE CA 318 -58.17 74.74 -86.09
CA PHE CA 318 -58.65 73.61 -85.31
C PHE CA 318 -58.82 74.05 -83.86
N THR CA 319 -60.08 74.29 -83.46
CA THR CA 319 -60.41 74.89 -82.17
C THR CA 319 -60.11 73.96 -81.01
N GLY CA 320 -59.43 74.48 -79.97
CA GLY CA 320 -59.11 73.75 -78.75
C GLY CA 320 -58.11 72.61 -78.94
N GLU CA 321 -57.41 72.60 -80.08
CA GLU CA 321 -56.51 71.51 -80.43
C GLU CA 321 -55.06 71.75 -79.99
N ALA CA 322 -54.74 72.95 -79.47
CA ALA CA 322 -53.40 73.26 -78.97
C ALA CA 322 -53.05 72.49 -77.68
N ASP CA 323 -51.91 72.86 -77.10
CA ASP CA 323 -51.43 72.30 -75.84
C ASP CA 323 -52.42 72.52 -74.69
N GLN CA 324 -52.64 71.43 -73.92
CA GLN CA 324 -53.40 71.47 -72.69
C GLN CA 324 -52.48 71.72 -71.50
N ALA CA 325 -52.97 72.54 -70.54
CA ALA CA 325 -52.32 72.74 -69.26
C ALA CA 325 -53.35 72.70 -68.13
N PRO CA 326 -53.00 72.24 -66.90
CA PRO CA 326 -53.94 72.20 -65.79
C PRO CA 326 -54.53 73.58 -65.46
N GLY CA 327 -55.87 73.66 -65.48
CA GLY CA 327 -56.60 74.88 -65.17
C GLY CA 327 -56.62 75.91 -66.30
N VAL CA 328 -56.18 75.51 -67.50
CA VAL CA 328 -56.10 76.35 -68.70
C VAL CA 328 -56.95 75.72 -69.80
N GLU CA 329 -57.81 76.52 -70.44
CA GLU CA 329 -58.57 76.08 -71.61
C GLU CA 329 -57.64 76.07 -72.82
N PRO CA 330 -57.52 74.97 -73.60
CA PRO CA 330 -56.56 74.91 -74.72
C PRO CA 330 -56.79 75.98 -75.77
N GLY CA 331 -55.69 76.49 -76.34
CA GLY CA 331 -55.72 77.33 -77.53
C GLY CA 331 -56.07 76.55 -78.80
N ASP CA 332 -55.97 77.22 -79.95
CA ASP CA 332 -56.27 76.61 -81.25
C ASP CA 332 -54.98 76.24 -82.00
N ILE CA 333 -55.09 75.25 -82.88
CA ILE CA 333 -54.06 75.03 -83.89
C ILE CA 333 -54.47 75.76 -85.18
N VAL CA 334 -53.65 76.71 -85.61
CA VAL CA 334 -53.90 77.51 -86.81
C VAL CA 334 -52.88 77.14 -87.88
N LEU CA 335 -53.36 76.52 -88.95
CA LEU CA 335 -52.51 76.21 -90.09
C LEU CA 335 -52.54 77.39 -91.05
N LEU CA 336 -51.34 77.89 -91.40
CA LEU CA 336 -51.19 78.95 -92.38
C LEU CA 336 -50.79 78.37 -93.72
N LEU CA 337 -51.63 78.56 -94.74
CA LEU CA 337 -51.33 78.05 -96.08
C LEU CA 337 -50.16 78.82 -96.70
N GLN CA 338 -49.11 78.08 -97.07
CA GLN CA 338 -47.97 78.62 -97.79
C GLN CA 338 -47.95 78.02 -99.20
N GLU CA 339 -48.20 78.87 -100.19
CA GLU CA 339 -48.18 78.45 -101.58
C GLU CA 339 -46.72 78.23 -101.99
N LYS CA 340 -46.47 77.07 -102.61
CA LYS CA 340 -45.15 76.78 -103.17
C LYS CA 340 -45.05 77.43 -104.55
N GLY DA 198 -29.70 66.04 -75.41
CA GLY DA 198 -31.14 66.30 -75.19
C GLY DA 198 -31.91 64.98 -75.12
N GLU DA 199 -33.17 65.10 -74.69
CA GLU DA 199 -34.07 63.96 -74.54
C GLU DA 199 -34.56 63.47 -75.90
N ASP DA 200 -34.66 62.14 -76.05
CA ASP DA 200 -35.22 61.52 -77.25
C ASP DA 200 -36.75 61.66 -77.24
N MET DA 201 -37.34 61.89 -78.42
CA MET DA 201 -38.79 62.01 -78.59
C MET DA 201 -39.35 60.73 -79.20
N MET DA 202 -40.28 60.08 -78.48
CA MET DA 202 -40.92 58.86 -78.96
C MET DA 202 -42.30 59.16 -79.55
N HIS DA 203 -42.53 58.71 -80.79
CA HIS DA 203 -43.82 58.88 -81.46
C HIS DA 203 -44.36 57.56 -81.98
N PRO DA 204 -45.61 57.17 -81.62
CA PRO DA 204 -46.23 55.99 -82.20
C PRO DA 204 -46.66 56.25 -83.65
N LEU DA 205 -46.23 55.37 -84.57
CA LEU DA 205 -46.67 55.39 -85.95
C LEU DA 205 -47.60 54.21 -86.21
N LYS DA 206 -48.90 54.50 -86.37
CA LYS DA 206 -49.89 53.48 -86.67
C LYS DA 206 -49.81 53.06 -88.14
N VAL DA 207 -49.55 51.76 -88.38
CA VAL DA 207 -49.38 51.17 -89.70
C VAL DA 207 -50.35 49.99 -89.86
N SER DA 208 -50.92 49.83 -91.07
CA SER DA 208 -51.78 48.68 -91.36
C SER DA 208 -50.96 47.47 -91.82
N LEU DA 209 -51.59 46.28 -91.88
CA LEU DA 209 -50.94 45.08 -92.41
C LEU DA 209 -50.53 45.26 -93.88
N GLU DA 210 -51.36 45.95 -94.67
CA GLU DA 210 -51.07 46.27 -96.07
C GLU DA 210 -49.84 47.16 -96.19
N ASP DA 211 -49.70 48.15 -95.29
CA ASP DA 211 -48.53 49.03 -95.21
C ASP DA 211 -47.26 48.21 -94.94
N LEU DA 212 -47.35 47.24 -94.02
CA LEU DA 212 -46.25 46.38 -93.62
C LEU DA 212 -45.91 45.31 -94.67
N TYR DA 213 -46.89 44.91 -95.48
CA TYR DA 213 -46.71 43.91 -96.52
C TYR DA 213 -46.11 44.53 -97.80
N ASN DA 214 -46.67 45.67 -98.23
CA ASN DA 214 -46.28 46.31 -99.48
C ASN DA 214 -45.11 47.29 -99.31
N GLY DA 215 -44.87 47.74 -98.07
CA GLY DA 215 -44.00 48.87 -97.81
C GLY DA 215 -44.74 50.20 -98.01
N LYS DA 216 -44.36 51.22 -97.25
CA LYS DA 216 -45.02 52.51 -97.31
C LYS DA 216 -44.05 53.65 -97.02
N THR DA 217 -44.11 54.69 -97.84
CA THR DA 217 -43.48 55.96 -97.55
C THR DA 217 -44.56 56.94 -97.10
N THR DA 218 -44.38 57.49 -95.89
CA THR DA 218 -45.32 58.47 -95.34
C THR DA 218 -44.58 59.71 -94.83
N LYS DA 219 -45.25 60.88 -94.90
CA LYS DA 219 -44.71 62.11 -94.38
C LYS DA 219 -45.31 62.39 -93.00
N LEU DA 220 -44.43 62.54 -92.01
CA LEU DA 220 -44.82 62.85 -90.65
C LEU DA 220 -44.46 64.29 -90.34
N GLN DA 221 -45.48 65.10 -90.02
CA GLN DA 221 -45.24 66.48 -89.60
C GLN DA 221 -45.10 66.54 -88.09
N LEU DA 222 -43.95 67.03 -87.59
CA LEU DA 222 -43.69 67.22 -86.18
C LEU DA 222 -43.34 68.69 -85.89
N SER DA 223 -43.80 69.18 -84.74
CA SER DA 223 -43.38 70.48 -84.24
C SER DA 223 -42.28 70.27 -83.21
N LYS DA 224 -41.13 70.93 -83.41
CA LYS DA 224 -39.99 70.83 -82.51
C LYS DA 224 -39.40 72.20 -82.23
N ASN DA 225 -38.69 72.30 -81.11
CA ASN DA 225 -37.93 73.48 -80.75
C ASN DA 225 -36.60 73.48 -81.51
N VAL DA 226 -36.34 74.58 -82.22
CA VAL DA 226 -35.06 74.81 -82.88
C VAL DA 226 -34.41 76.06 -82.29
N LEU DA 227 -33.07 76.12 -82.32
CA LEU DA 227 -32.37 77.32 -81.91
C LEU DA 227 -32.82 78.52 -82.75
N CYS DA 228 -33.12 79.63 -82.07
CA CYS DA 228 -33.61 80.83 -82.72
C CYS DA 228 -32.57 81.36 -83.72
N SER DA 229 -32.89 81.27 -85.02
CA SER DA 229 -31.99 81.67 -86.11
C SER DA 229 -31.48 83.12 -85.99
N ALA DA 230 -32.22 84.00 -85.29
CA ALA DA 230 -31.90 85.42 -85.17
C ALA DA 230 -30.92 85.74 -84.04
N CYS DA 231 -30.77 84.86 -83.05
CA CYS DA 231 -29.85 85.09 -81.93
C CYS DA 231 -28.98 83.85 -81.62
N SER DA 232 -29.08 82.81 -82.44
CA SER DA 232 -28.35 81.55 -82.32
C SER DA 232 -28.36 80.98 -80.89
N GLY DA 233 -29.54 81.06 -80.23
CA GLY DA 233 -29.78 80.51 -78.89
C GLY DA 233 -29.21 81.34 -77.74
N GLN DA 234 -28.34 82.30 -78.09
CA GLN DA 234 -27.62 83.06 -77.09
C GLN DA 234 -28.70 83.78 -76.31
N GLY DA 235 -29.91 83.71 -76.87
CA GLY DA 235 -31.05 84.37 -76.31
C GLY DA 235 -30.94 85.75 -76.87
N GLY DA 236 -29.96 86.50 -76.38
CA GLY DA 236 -29.64 87.79 -76.96
C GLY DA 236 -28.14 88.01 -77.04
N LYS DA 237 -27.74 89.23 -77.42
CA LYS DA 237 -26.33 89.62 -77.43
C LYS DA 237 -25.74 89.43 -76.04
N SER DA 238 -24.40 89.34 -75.93
CA SER DA 238 -23.73 89.25 -74.64
C SER DA 238 -24.03 90.52 -73.84
N GLY DA 239 -24.74 90.35 -72.70
CA GLY DA 239 -25.19 91.42 -71.84
C GLY DA 239 -26.62 91.86 -72.16
N ALA DA 240 -27.30 91.11 -73.05
CA ALA DA 240 -28.71 91.30 -73.35
C ALA DA 240 -29.54 90.49 -72.35
N VAL DA 241 -28.92 89.47 -71.75
CA VAL DA 241 -29.60 88.58 -70.82
C VAL DA 241 -29.61 89.21 -69.44
N GLN DA 242 -30.81 89.56 -68.95
CA GLN DA 242 -31.00 90.19 -67.65
C GLN DA 242 -31.80 89.27 -66.74
N LYS DA 243 -31.48 89.31 -65.42
CA LYS DA 243 -32.28 88.64 -64.40
C LYS DA 243 -33.70 89.19 -64.46
N CYS DA 244 -34.69 88.29 -64.46
CA CYS DA 244 -36.07 88.71 -64.39
C CYS DA 244 -36.34 89.40 -63.04
N SER DA 245 -36.74 90.70 -63.07
CA SER DA 245 -36.96 91.52 -61.88
C SER DA 245 -38.12 90.99 -61.04
N ALA DA 246 -39.14 90.52 -61.74
CA ALA DA 246 -40.40 89.94 -61.31
C ALA DA 246 -40.26 88.79 -60.30
N CYS DA 247 -39.45 87.78 -60.68
CA CYS DA 247 -39.22 86.58 -59.89
C CYS DA 247 -37.80 86.54 -59.31
N ARG DA 248 -37.01 87.60 -59.55
CA ARG DA 248 -35.61 87.72 -59.13
C ARG DA 248 -34.78 86.51 -59.55
N GLY DA 249 -34.98 86.04 -60.81
CA GLY DA 249 -34.25 84.91 -61.35
C GLY DA 249 -34.80 83.53 -60.96
N ARG DA 250 -35.90 83.45 -60.21
CA ARG DA 250 -36.43 82.17 -59.71
C ARG DA 250 -37.31 81.45 -60.74
N GLY DA 251 -37.75 82.12 -61.80
CA GLY DA 251 -38.69 81.54 -62.77
C GLY DA 251 -40.14 81.49 -62.27
N VAL DA 252 -40.32 81.51 -60.94
CA VAL DA 252 -41.64 81.36 -60.31
C VAL DA 252 -41.93 82.51 -59.35
N ARG DA 253 -43.21 82.86 -59.24
CA ARG DA 253 -43.71 83.84 -58.29
C ARG DA 253 -44.62 83.14 -57.29
N ILE DA 254 -44.51 83.52 -56.02
CA ILE DA 254 -45.42 83.02 -55.00
C ILE DA 254 -46.58 84.02 -54.89
N MET DA 255 -47.77 83.56 -55.28
CA MET DA 255 -49.00 84.34 -55.17
C MET DA 255 -49.78 83.89 -53.95
N ILE DA 256 -50.23 84.86 -53.15
CA ILE DA 256 -51.01 84.58 -51.96
C ILE DA 256 -52.50 84.73 -52.29
N ARG DA 257 -53.25 83.63 -52.24
CA ARG DA 257 -54.70 83.67 -52.39
C ARG DA 257 -55.37 83.53 -51.01
N GLN DA 258 -56.17 84.50 -50.56
CA GLN DA 258 -56.99 84.28 -49.38
C GLN DA 258 -58.13 83.31 -49.69
N LEU DA 259 -58.26 82.23 -48.88
CA LEU DA 259 -59.43 81.34 -48.92
C LEU DA 259 -60.53 81.75 -47.95
N ALA DA 260 -60.13 82.31 -46.81
CA ALA DA 260 -60.98 82.86 -45.78
C ALA DA 260 -60.16 83.86 -44.94
N PRO DA 261 -60.72 84.86 -44.22
CA PRO DA 261 -59.87 85.67 -43.35
C PRO DA 261 -59.13 84.81 -42.31
N GLY DA 262 -57.80 84.89 -42.34
CA GLY DA 262 -56.95 84.06 -41.50
C GLY DA 262 -56.51 82.74 -42.16
N MET DA 263 -57.08 82.40 -43.34
CA MET DA 263 -56.56 81.32 -44.18
C MET DA 263 -56.01 81.86 -45.50
N VAL DA 264 -54.68 81.89 -45.66
CA VAL DA 264 -54.04 82.24 -46.92
C VAL DA 264 -53.38 81.00 -47.54
N GLN DA 265 -53.61 80.81 -48.84
CA GLN DA 265 -52.93 79.81 -49.64
C GLN DA 265 -51.80 80.46 -50.43
N GLN DA 266 -50.56 79.99 -50.24
CA GLN DA 266 -49.44 80.37 -51.07
C GLN DA 266 -49.44 79.39 -52.24
N MET DA 267 -49.67 79.92 -53.44
CA MET DA 267 -49.55 79.15 -54.66
C MET DA 267 -48.31 79.63 -55.43
N GLN DA 268 -47.47 78.69 -55.87
CA GLN DA 268 -46.36 78.97 -56.76
C GLN DA 268 -46.90 78.93 -58.19
N SER DA 269 -46.77 80.07 -58.89
CA SER DA 269 -47.15 80.20 -60.28
C SER DA 269 -45.88 80.46 -61.10
N VAL DA 270 -45.87 79.96 -62.34
CA VAL DA 270 -44.80 80.34 -63.26
C VAL DA 270 -44.86 81.86 -63.44
N CYS DA 271 -43.66 82.49 -63.46
CA CYS DA 271 -43.58 83.94 -63.54
C CYS DA 271 -44.03 84.38 -64.93
N SER DA 272 -45.07 85.22 -64.97
CA SER DA 272 -45.65 85.80 -66.19
C SER DA 272 -44.62 86.58 -67.02
N ASP DA 273 -43.61 87.17 -66.37
CA ASP DA 273 -42.73 88.15 -66.99
C ASP DA 273 -41.55 87.49 -67.73
N CYS DA 274 -41.18 86.26 -67.32
CA CYS DA 274 -40.13 85.49 -67.98
C CYS DA 274 -40.56 84.09 -68.38
N ASN DA 275 -41.87 83.77 -68.25
CA ASN DA 275 -42.45 82.48 -68.59
C ASN DA 275 -41.66 81.29 -68.02
N GLY DA 276 -41.07 81.47 -66.82
CA GLY DA 276 -40.37 80.40 -66.13
C GLY DA 276 -38.86 80.37 -66.32
N GLU DA 277 -38.32 81.17 -67.25
CA GLU DA 277 -36.90 81.08 -67.60
C GLU DA 277 -36.02 81.73 -66.52
N GLY DA 278 -36.57 82.67 -65.74
CA GLY DA 278 -35.78 83.42 -64.76
C GLY DA 278 -34.97 84.58 -65.35
N GLU DA 279 -34.88 84.59 -66.68
CA GLU DA 279 -34.24 85.67 -67.42
C GLU DA 279 -35.19 86.39 -68.37
N VAL DA 280 -34.85 87.64 -68.68
CA VAL DA 280 -35.57 88.42 -69.69
C VAL DA 280 -34.55 88.97 -70.68
N ILE DA 281 -34.88 88.83 -71.97
CA ILE DA 281 -34.11 89.40 -73.08
C ILE DA 281 -35.05 90.33 -73.84
N ASN DA 282 -34.64 91.60 -73.94
CA ASN DA 282 -35.34 92.60 -74.75
C ASN DA 282 -35.49 92.07 -76.18
N GLU DA 283 -36.68 92.26 -76.77
CA GLU DA 283 -37.01 91.77 -78.10
C GLU DA 283 -35.93 92.10 -79.15
N LYS DA 284 -35.42 93.34 -79.09
CA LYS DA 284 -34.41 93.89 -79.98
C LYS DA 284 -33.07 93.16 -79.92
N ASP DA 285 -32.81 92.41 -78.82
CA ASP DA 285 -31.57 91.70 -78.60
C ASP DA 285 -31.64 90.23 -79.03
N ARG DA 286 -32.85 89.65 -79.10
CA ARG DA 286 -33.06 88.28 -79.55
C ARG DA 286 -33.63 88.31 -80.95
N CYS DA 287 -34.79 88.95 -81.10
CA CYS DA 287 -35.55 89.02 -82.34
C CYS DA 287 -37.01 89.23 -81.98
N LYS DA 288 -37.89 89.35 -82.99
CA LYS DA 288 -39.32 89.43 -82.77
C LYS DA 288 -39.91 88.03 -82.90
N LYS DA 289 -39.08 87.00 -82.67
CA LYS DA 289 -39.43 85.60 -82.87
C LYS DA 289 -39.53 84.86 -81.52
N CYS DA 290 -38.39 84.34 -81.00
CA CYS DA 290 -38.36 83.58 -79.76
C CYS DA 290 -39.00 84.39 -78.63
N GLU DA 291 -38.36 85.52 -78.24
CA GLU DA 291 -38.81 86.48 -77.23
C GLU DA 291 -37.98 86.28 -75.96
N GLY DA 292 -36.65 86.16 -76.13
CA GLY DA 292 -35.74 85.89 -75.03
C GLY DA 292 -35.79 84.42 -74.62
N LYS DA 293 -36.39 83.60 -75.47
CA LYS DA 293 -36.60 82.19 -75.16
C LYS DA 293 -35.46 81.30 -75.66
N LYS DA 294 -34.67 81.78 -76.63
CA LYS DA 294 -33.48 81.11 -77.18
C LYS DA 294 -33.88 80.01 -78.17
N VAL DA 295 -35.16 79.63 -78.20
CA VAL DA 295 -35.68 78.65 -79.16
C VAL DA 295 -36.97 79.16 -79.80
N ILE DA 296 -37.32 78.57 -80.96
CA ILE DA 296 -38.57 78.81 -81.66
C ILE DA 296 -39.17 77.47 -82.06
N LYS DA 297 -40.50 77.37 -82.03
CA LYS DA 297 -41.19 76.18 -82.52
C LYS DA 297 -41.23 76.21 -84.05
N GLU DA 298 -40.62 75.19 -84.66
CA GLU DA 298 -40.61 75.00 -86.10
C GLU DA 298 -41.31 73.69 -86.45
N VAL DA 299 -41.96 73.69 -87.61
CA VAL DA 299 -42.67 72.53 -88.12
C VAL DA 299 -41.74 71.83 -89.12
N LYS DA 300 -41.33 70.59 -88.80
CA LYS DA 300 -40.50 69.79 -89.69
C LYS DA 300 -41.29 68.60 -90.23
N ILE DA 301 -41.12 68.32 -91.53
CA ILE DA 301 -41.69 67.15 -92.17
C ILE DA 301 -40.59 66.11 -92.31
N LEU DA 302 -40.79 64.95 -91.65
CA LEU DA 302 -39.92 63.80 -91.79
C LEU DA 302 -40.52 62.81 -92.79
N GLU DA 303 -39.71 62.36 -93.74
CA GLU DA 303 -40.10 61.27 -94.63
C GLU DA 303 -39.75 59.95 -93.96
N VAL DA 304 -40.80 59.13 -93.72
CA VAL DA 304 -40.67 57.87 -93.00
C VAL DA 304 -40.88 56.72 -93.99
N HIS DA 305 -39.85 55.86 -94.08
CA HIS DA 305 -39.93 54.64 -94.87
C HIS DA 305 -40.23 53.46 -93.95
N VAL DA 306 -41.36 52.79 -94.23
CA VAL DA 306 -41.74 51.53 -93.61
C VAL DA 306 -41.45 50.44 -94.63
N ASP DA 307 -40.42 49.63 -94.34
CA ASP DA 307 -40.00 48.54 -95.19
C ASP DA 307 -40.96 47.34 -95.10
N LYS DA 308 -40.96 46.53 -96.16
CA LYS DA 308 -41.69 45.27 -96.18
C LYS DA 308 -41.22 44.34 -95.07
N GLY DA 309 -42.20 43.76 -94.35
CA GLY DA 309 -41.95 42.77 -93.33
C GLY DA 309 -41.57 43.34 -91.96
N MET DA 310 -41.51 44.66 -91.82
CA MET DA 310 -41.29 45.29 -90.52
C MET DA 310 -42.31 44.79 -89.49
N LYS DA 311 -41.88 44.74 -88.21
CA LYS DA 311 -42.66 44.13 -87.14
C LYS DA 311 -43.28 45.19 -86.23
N HIS DA 312 -44.35 44.79 -85.54
CA HIS DA 312 -44.88 45.57 -84.43
C HIS DA 312 -43.79 45.88 -83.41
N GLY DA 313 -43.76 47.13 -82.91
CA GLY DA 313 -42.78 47.57 -81.94
C GLY DA 313 -41.38 47.91 -82.51
N GLN DA 314 -41.19 47.75 -83.82
CA GLN DA 314 -39.93 48.12 -84.45
C GLN DA 314 -39.73 49.63 -84.42
N ARG DA 315 -38.47 50.07 -84.22
CA ARG DA 315 -38.11 51.47 -84.07
C ARG DA 315 -37.48 52.02 -85.36
N ILE DA 316 -37.94 53.21 -85.78
CA ILE DA 316 -37.31 53.99 -86.84
C ILE DA 316 -36.74 55.26 -86.21
N THR DA 317 -35.41 55.41 -86.24
CA THR DA 317 -34.72 56.51 -85.55
C THR DA 317 -34.25 57.57 -86.54
N PHE DA 318 -34.57 58.83 -86.22
CA PHE DA 318 -34.08 60.02 -86.89
C PHE DA 318 -33.10 60.73 -85.95
N THR DA 319 -31.80 60.57 -86.22
CA THR DA 319 -30.73 61.04 -85.33
C THR DA 319 -30.65 62.57 -85.28
N GLY DA 320 -30.58 63.13 -84.06
CA GLY DA 320 -30.42 64.57 -83.83
C GLY DA 320 -31.63 65.40 -84.25
N GLU DA 321 -32.78 64.74 -84.45
CA GLU DA 321 -33.98 65.40 -84.95
C GLU DA 321 -34.91 65.91 -83.83
N ALA DA 322 -34.63 65.58 -82.56
CA ALA DA 322 -35.41 66.04 -81.43
C ALA DA 322 -35.26 67.55 -81.18
N ASP DA 323 -35.82 68.01 -80.06
CA ASP DA 323 -35.75 69.39 -79.59
C ASP DA 323 -34.30 69.85 -79.39
N GLN DA 324 -34.01 71.06 -79.90
CA GLN DA 324 -32.75 71.74 -79.66
C GLN DA 324 -32.86 72.65 -78.44
N ALA DA 325 -31.79 72.69 -77.65
CA ALA DA 325 -31.65 73.64 -76.55
C ALA DA 325 -30.23 74.25 -76.55
N PRO DA 326 -30.04 75.51 -76.10
CA PRO DA 326 -28.71 76.12 -76.06
C PRO DA 326 -27.71 75.32 -75.21
N GLY DA 327 -26.59 74.95 -75.83
CA GLY DA 327 -25.51 74.21 -75.18
C GLY DA 327 -25.81 72.71 -75.00
N VAL DA 328 -26.87 72.21 -75.66
CA VAL DA 328 -27.31 70.81 -75.59
C VAL DA 328 -27.30 70.24 -77.01
N GLU DA 329 -26.70 69.05 -77.18
CA GLU DA 329 -26.76 68.33 -78.44
C GLU DA 329 -28.14 67.67 -78.56
N PRO DA 330 -28.91 67.86 -79.67
CA PRO DA 330 -30.26 67.31 -79.77
C PRO DA 330 -30.32 65.79 -79.63
N GLY DA 331 -31.40 65.31 -78.99
CA GLY DA 331 -31.74 63.89 -78.98
C GLY DA 331 -32.28 63.40 -80.33
N ASP DA 332 -32.76 62.16 -80.35
CA ASP DA 332 -33.30 61.55 -81.56
C ASP DA 332 -34.83 61.55 -81.56
N ILE DA 333 -35.44 61.52 -82.75
CA ILE DA 333 -36.84 61.18 -82.88
C ILE DA 333 -36.95 59.69 -83.19
N VAL DA 334 -37.62 58.94 -82.29
CA VAL DA 334 -37.80 57.50 -82.43
C VAL DA 334 -39.26 57.20 -82.70
N LEU DA 335 -39.54 56.72 -83.92
CA LEU DA 335 -40.90 56.30 -84.26
C LEU DA 335 -41.05 54.83 -83.91
N LEU DA 336 -42.10 54.53 -83.12
CA LEU DA 336 -42.42 53.16 -82.74
C LEU DA 336 -43.58 52.67 -83.61
N LEU DA 337 -43.34 51.61 -84.40
CA LEU DA 337 -44.37 51.04 -85.25
C LEU DA 337 -45.46 50.37 -84.42
N GLN DA 338 -46.70 50.82 -84.60
CA GLN DA 338 -47.87 50.22 -83.99
C GLN DA 338 -48.73 49.60 -85.10
N GLU DA 339 -48.79 48.27 -85.10
CA GLU DA 339 -49.61 47.53 -86.06
C GLU DA 339 -51.07 47.72 -85.69
N LYS DA 340 -51.89 48.10 -86.69
CA LYS DA 340 -53.32 48.17 -86.51
C LYS DA 340 -53.91 46.79 -86.70
N GLU DA 341 -54.94 46.51 -85.91
CA GLU DA 341 -55.82 45.37 -86.12
C GLU DA 341 -56.37 45.37 -87.54
N HIS DA 342 -56.44 44.18 -88.14
CA HIS DA 342 -56.93 43.99 -89.50
C HIS DA 342 -58.18 43.10 -89.44
N GLU DA 343 -59.18 43.39 -90.27
CA GLU DA 343 -60.50 42.77 -90.16
C GLU DA 343 -60.50 41.28 -90.53
N VAL DA 344 -59.69 40.90 -91.52
CA VAL DA 344 -59.64 39.52 -92.06
C VAL DA 344 -58.45 38.72 -91.51
N PHE DA 345 -57.26 39.34 -91.51
CA PHE DA 345 -56.01 38.66 -91.19
C PHE DA 345 -55.51 39.03 -89.79
N GLN DA 346 -55.01 38.03 -89.07
CA GLN DA 346 -54.24 38.20 -87.86
C GLN DA 346 -52.79 37.77 -88.15
N ARG DA 347 -51.83 38.59 -87.72
CA ARG DA 347 -50.44 38.30 -88.00
C ARG DA 347 -49.80 37.59 -86.81
N ASP DA 348 -49.09 36.49 -87.10
CA ASP DA 348 -48.20 35.84 -86.15
C ASP DA 348 -46.79 35.75 -86.75
N GLY DA 349 -45.89 36.63 -86.30
CA GLY DA 349 -44.54 36.71 -86.86
C GLY DA 349 -44.54 37.02 -88.36
N ASN DA 350 -44.20 36.00 -89.18
CA ASN DA 350 -44.23 36.10 -90.64
C ASN DA 350 -45.46 35.42 -91.23
N ASP DA 351 -46.24 34.71 -90.41
CA ASP DA 351 -47.42 33.98 -90.85
C ASP DA 351 -48.67 34.83 -90.70
N LEU DA 352 -49.69 34.49 -91.49
CA LEU DA 352 -51.01 35.11 -91.40
C LEU DA 352 -52.05 34.06 -91.03
N HIS DA 353 -53.03 34.47 -90.23
CA HIS DA 353 -54.16 33.64 -89.84
C HIS DA 353 -55.45 34.31 -90.29
N MET DA 354 -56.39 33.51 -90.79
CA MET DA 354 -57.74 34.00 -91.08
C MET DA 354 -58.76 32.92 -90.74
N THR DA 355 -60.00 33.36 -90.44
CA THR DA 355 -61.13 32.45 -90.30
C THR DA 355 -62.01 32.57 -91.54
N TYR DA 356 -62.33 31.41 -92.15
CA TYR DA 356 -63.18 31.36 -93.32
C TYR DA 356 -64.41 30.49 -93.04
N LYS DA 357 -65.60 31.04 -93.31
CA LYS DA 357 -66.86 30.35 -93.09
C LYS DA 357 -67.24 29.59 -94.36
N ILE DA 358 -67.60 28.30 -94.20
CA ILE DA 358 -68.03 27.43 -95.29
C ILE DA 358 -69.30 26.68 -94.87
N GLY DA 359 -70.16 26.35 -95.84
CA GLY DA 359 -71.34 25.53 -95.58
C GLY DA 359 -71.00 24.05 -95.40
N LEU DA 360 -71.92 23.27 -94.81
CA LEU DA 360 -71.76 21.84 -94.65
C LEU DA 360 -71.49 21.12 -95.97
N VAL DA 361 -72.20 21.52 -97.04
CA VAL DA 361 -72.03 20.96 -98.38
C VAL DA 361 -70.60 21.19 -98.89
N GLU DA 362 -70.07 22.40 -98.71
CA GLU DA 362 -68.70 22.75 -99.09
C GLU DA 362 -67.68 21.93 -98.30
N ALA DA 363 -67.92 21.74 -97.00
CA ALA DA 363 -67.08 20.98 -96.10
C ALA DA 363 -66.98 19.50 -96.47
N LEU DA 364 -68.07 18.91 -97.02
CA LEU DA 364 -68.16 17.50 -97.36
C LEU DA 364 -67.81 17.21 -98.84
N CYS DA 365 -68.21 18.11 -99.75
CA CYS DA 365 -68.19 17.86 -101.18
C CYS DA 365 -67.07 18.60 -101.92
N GLY DA 366 -66.26 19.41 -101.20
CA GLY DA 366 -65.25 20.26 -101.80
C GLY DA 366 -65.80 21.62 -102.22
N PHE DA 367 -64.90 22.60 -102.41
CA PHE DA 367 -65.28 23.99 -102.63
C PHE DA 367 -64.16 24.79 -103.28
N GLN DA 368 -64.56 25.96 -103.80
CA GLN DA 368 -63.64 26.96 -104.30
C GLN DA 368 -64.09 28.32 -103.76
N PHE DA 369 -63.14 29.06 -103.19
CA PHE DA 369 -63.42 30.43 -102.76
C PHE DA 369 -62.30 31.39 -103.16
N THR DA 370 -62.62 32.69 -103.09
CA THR DA 370 -61.68 33.75 -103.43
C THR DA 370 -61.64 34.77 -102.30
N PHE DA 371 -60.44 35.30 -102.02
CA PHE DA 371 -60.27 36.41 -101.10
C PHE DA 371 -59.23 37.39 -101.64
N LYS DA 372 -59.28 38.63 -101.11
CA LYS DA 372 -58.32 39.67 -101.43
C LYS DA 372 -57.16 39.61 -100.43
N HIS DA 373 -55.93 39.50 -100.95
CA HIS DA 373 -54.72 39.51 -100.14
C HIS DA 373 -54.27 40.95 -99.83
N LEU DA 374 -53.20 41.08 -99.01
CA LEU DA 374 -52.66 42.36 -98.55
C LEU DA 374 -52.03 43.18 -99.69
N ASP DA 375 -51.60 42.53 -100.78
CA ASP DA 375 -51.13 43.20 -102.01
C ASP DA 375 -52.26 43.56 -102.98
N GLY DA 376 -53.50 43.18 -102.65
CA GLY DA 376 -54.66 43.43 -103.50
C GLY DA 376 -54.88 42.38 -104.59
N ARG DA 377 -54.02 41.34 -104.68
CA ARG DA 377 -54.29 40.21 -105.57
C ARG DA 377 -55.49 39.41 -105.07
N GLN DA 378 -56.27 38.86 -106.01
CA GLN DA 378 -57.32 37.90 -105.72
C GLN DA 378 -56.70 36.50 -105.72
N ILE DA 379 -56.79 35.80 -104.57
CA ILE DA 379 -56.31 34.43 -104.45
C ILE DA 379 -57.51 33.49 -104.54
N VAL DA 380 -57.40 32.50 -105.45
CA VAL DA 380 -58.40 31.44 -105.58
C VAL DA 380 -57.89 30.20 -104.84
N VAL DA 381 -58.59 29.81 -103.78
CA VAL DA 381 -58.29 28.60 -103.03
C VAL DA 381 -59.27 27.51 -103.47
N LYS DA 382 -58.72 26.35 -103.85
CA LYS DA 382 -59.50 25.19 -104.28
C LYS DA 382 -59.24 24.03 -103.33
N TYR DA 383 -60.34 23.41 -102.88
CA TYR DA 383 -60.28 22.20 -102.08
C TYR DA 383 -60.97 21.06 -102.85
N PRO DA 384 -60.29 19.91 -103.08
CA PRO DA 384 -60.80 18.90 -104.00
C PRO DA 384 -62.01 18.18 -103.42
N PRO DA 385 -62.96 17.72 -104.27
CA PRO DA 385 -64.09 16.89 -103.82
C PRO DA 385 -63.62 15.57 -103.22
N GLY DA 386 -64.36 15.06 -102.24
CA GLY DA 386 -64.03 13.79 -101.59
C GLY DA 386 -63.07 13.92 -100.40
N LYS DA 387 -62.62 15.14 -100.09
CA LYS DA 387 -61.89 15.40 -98.85
C LYS DA 387 -62.76 16.26 -97.94
N VAL DA 388 -62.79 15.91 -96.64
CA VAL DA 388 -63.63 16.56 -95.65
C VAL DA 388 -62.84 17.63 -94.90
N ILE DA 389 -63.50 18.78 -94.68
CA ILE DA 389 -63.06 19.82 -93.76
C ILE DA 389 -63.85 19.66 -92.46
N GLU DA 390 -63.15 19.31 -91.38
CA GLU DA 390 -63.74 19.24 -90.05
C GLU DA 390 -63.97 20.65 -89.49
N PRO DA 391 -65.03 20.87 -88.66
CA PRO DA 391 -65.22 22.14 -87.96
C PRO DA 391 -64.00 22.53 -87.11
N GLY DA 392 -63.53 23.76 -87.34
CA GLY DA 392 -62.39 24.32 -86.64
C GLY DA 392 -61.03 23.85 -87.17
N CYS DA 393 -61.00 22.98 -88.20
CA CYS DA 393 -59.72 22.51 -88.73
C CYS DA 393 -58.96 23.64 -89.45
N VAL DA 394 -57.62 23.53 -89.45
CA VAL DA 394 -56.75 24.51 -90.08
C VAL DA 394 -56.10 23.90 -91.33
N ARG DA 395 -56.06 24.70 -92.42
CA ARG DA 395 -55.30 24.38 -93.62
C ARG DA 395 -54.34 25.52 -93.94
N VAL DA 396 -53.33 25.22 -94.77
CA VAL DA 396 -52.26 26.16 -95.06
C VAL DA 396 -52.22 26.47 -96.57
N VAL DA 397 -52.06 27.76 -96.88
CA VAL DA 397 -51.70 28.22 -98.22
C VAL DA 397 -50.26 28.73 -98.12
N ARG DA 398 -49.33 27.94 -98.68
CA ARG DA 398 -47.90 28.18 -98.52
C ARG DA 398 -47.44 29.43 -99.28
N GLY DA 399 -46.58 30.24 -98.63
CA GLY DA 399 -45.97 31.42 -99.24
C GLY DA 399 -46.89 32.64 -99.37
N GLU DA 400 -48.08 32.57 -98.74
CA GLU DA 400 -49.06 33.67 -98.74
C GLU DA 400 -49.16 34.35 -97.36
N GLY DA 401 -48.10 34.24 -96.53
CA GLY DA 401 -47.95 35.02 -95.31
C GLY DA 401 -47.28 36.38 -95.55
N MET DA 402 -46.79 37.00 -94.45
CA MET DA 402 -46.05 38.25 -94.49
C MET DA 402 -44.64 38.06 -95.06
N PRO DA 403 -44.08 39.07 -95.78
CA PRO DA 403 -42.68 39.05 -96.19
C PRO DA 403 -41.75 39.16 -94.98
N GLN DA 404 -40.58 38.52 -95.06
CA GLN DA 404 -39.55 38.67 -94.05
C GLN DA 404 -38.88 40.04 -94.16
N TYR DA 405 -38.65 40.70 -93.02
CA TYR DA 405 -37.91 41.95 -92.98
C TYR DA 405 -36.48 41.75 -93.53
N ARG DA 406 -36.06 42.63 -94.46
CA ARG DA 406 -34.76 42.59 -95.14
C ARG DA 406 -34.62 41.48 -96.19
N ASN DA 407 -35.55 40.50 -96.19
CA ASN DA 407 -35.58 39.45 -97.20
C ASN DA 407 -37.00 39.28 -97.74
N PRO DA 408 -37.56 40.29 -98.46
CA PRO DA 408 -38.98 40.29 -98.86
C PRO DA 408 -39.37 39.26 -99.92
N PHE DA 409 -38.38 38.52 -100.45
CA PHE DA 409 -38.61 37.40 -101.37
C PHE DA 409 -39.07 36.15 -100.63
N GLU DA 410 -38.69 36.03 -99.35
CA GLU DA 410 -39.20 34.98 -98.47
C GLU DA 410 -40.43 35.49 -97.72
N LYS DA 411 -41.46 34.63 -97.69
CA LYS DA 411 -42.71 34.92 -97.00
C LYS DA 411 -43.04 33.77 -96.06
N GLY DA 412 -43.79 34.09 -95.00
CA GLY DA 412 -44.45 33.05 -94.22
C GLY DA 412 -45.63 32.44 -94.96
N ASP DA 413 -46.46 31.71 -94.21
CA ASP DA 413 -47.61 30.99 -94.72
C ASP DA 413 -48.93 31.63 -94.27
N LEU DA 414 -50.03 31.34 -94.98
CA LEU DA 414 -51.37 31.71 -94.56
C LEU DA 414 -52.11 30.48 -94.02
N TYR DA 415 -52.47 30.53 -92.73
CA TYR DA 415 -53.28 29.54 -92.06
C TYR DA 415 -54.75 29.95 -92.08
N ILE DA 416 -55.60 29.05 -92.59
CA ILE DA 416 -57.03 29.29 -92.70
C ILE DA 416 -57.75 28.31 -91.77
N LYS DA 417 -58.39 28.87 -90.73
CA LYS DA 417 -59.28 28.13 -89.85
C LYS DA 417 -60.67 28.10 -90.49
N PHE DA 418 -61.22 26.89 -90.67
CA PHE DA 418 -62.54 26.74 -91.26
C PHE DA 418 -63.63 26.66 -90.19
N ASP DA 419 -64.62 27.55 -90.33
CA ASP DA 419 -65.82 27.59 -89.51
C ASP DA 419 -66.98 27.00 -90.32
N VAL DA 420 -67.35 25.74 -90.01
CA VAL DA 420 -68.36 25.02 -90.78
C VAL DA 420 -69.77 25.34 -90.27
N GLN DA 421 -70.55 25.99 -91.13
CA GLN DA 421 -71.92 26.39 -90.86
C GLN DA 421 -72.88 25.26 -91.22
N PHE DA 422 -73.52 24.72 -90.18
CA PHE DA 422 -74.63 23.79 -90.33
C PHE DA 422 -75.88 24.50 -90.84
N PRO DA 423 -76.74 23.81 -91.61
CA PRO DA 423 -78.03 24.36 -92.04
C PRO DA 423 -78.93 24.58 -90.82
N GLU DA 424 -79.89 25.49 -90.97
CA GLU DA 424 -80.82 25.80 -89.89
C GLU DA 424 -81.80 24.66 -89.60
N ASN DA 425 -82.50 24.82 -88.48
CA ASN DA 425 -83.63 24.03 -88.01
C ASN DA 425 -84.67 23.81 -89.13
N ASN DA 426 -85.12 22.56 -89.32
CA ASN DA 426 -86.13 22.20 -90.31
C ASN DA 426 -85.71 22.35 -91.78
N TRP DA 427 -84.40 22.37 -92.11
CA TRP DA 427 -83.97 22.67 -93.49
C TRP DA 427 -84.38 21.61 -94.51
N ILE DA 428 -84.63 20.38 -94.03
CA ILE DA 428 -85.01 19.24 -94.86
C ILE DA 428 -86.28 18.57 -94.32
N ASN DA 429 -87.15 18.12 -95.23
CA ASN DA 429 -88.34 17.34 -94.88
C ASN DA 429 -87.92 16.01 -94.24
N PRO DA 430 -88.46 15.62 -93.06
CA PRO DA 430 -88.21 14.30 -92.46
C PRO DA 430 -88.22 13.09 -93.39
N ASP DA 431 -89.07 13.09 -94.43
CA ASP DA 431 -89.15 12.00 -95.40
C ASP DA 431 -87.82 11.74 -96.15
N LYS DA 432 -86.96 12.78 -96.26
CA LYS DA 432 -85.69 12.73 -96.97
C LYS DA 432 -84.50 12.40 -96.06
N LEU DA 433 -84.75 12.26 -94.75
CA LEU DA 433 -83.68 11.96 -93.80
C LEU DA 433 -83.09 10.55 -94.02
N SER DA 434 -83.96 9.62 -94.46
CA SER DA 434 -83.60 8.25 -94.83
C SER DA 434 -82.60 8.23 -95.98
N GLU DA 435 -82.89 8.97 -97.08
CA GLU DA 435 -82.01 9.12 -98.23
C GLU DA 435 -80.64 9.68 -97.83
N LEU DA 436 -80.61 10.63 -96.88
CA LEU DA 436 -79.38 11.22 -96.38
C LEU DA 436 -78.56 10.21 -95.55
N GLU DA 437 -79.25 9.41 -94.73
CA GLU DA 437 -78.62 8.40 -93.89
C GLU DA 437 -77.93 7.33 -94.76
N ASP DA 438 -78.59 6.90 -95.85
CA ASP DA 438 -78.07 5.91 -96.80
C ASP DA 438 -76.80 6.37 -97.51
N LEU DA 439 -76.57 7.69 -97.61
CA LEU DA 439 -75.43 8.26 -98.32
C LEU DA 439 -74.22 8.37 -97.39
N GLY EA 198 -3.33 -79.92 67.36
CA GLY EA 198 -3.96 -81.04 66.64
C GLY EA 198 -5.30 -80.62 66.04
N GLU EA 199 -5.82 -81.48 65.17
CA GLU EA 199 -7.08 -81.27 64.48
C GLU EA 199 -8.26 -81.47 65.44
N ASP EA 200 -9.29 -80.62 65.31
CA ASP EA 200 -10.53 -80.76 66.07
C ASP EA 200 -11.38 -81.90 65.48
N MET EA 201 -12.05 -82.66 66.36
CA MET EA 201 -12.92 -83.75 65.95
C MET EA 201 -14.39 -83.33 66.06
N MET EA 202 -15.12 -83.38 64.93
CA MET EA 202 -16.53 -83.02 64.91
C MET EA 202 -17.41 -84.27 64.94
N HIS EA 203 -18.36 -84.32 65.90
CA HIS EA 203 -19.29 -85.43 66.02
C HIS EA 203 -20.74 -84.94 66.04
N PRO EA 204 -21.64 -85.45 65.15
CA PRO EA 204 -23.05 -85.13 65.24
C PRO EA 204 -23.71 -85.85 66.42
N LEU EA 205 -24.40 -85.08 67.28
CA LEU EA 205 -25.21 -85.63 68.35
C LEU EA 205 -26.70 -85.46 68.02
N LYS EA 206 -27.35 -86.57 67.70
CA LYS EA 206 -28.79 -86.58 67.40
C LYS EA 206 -29.61 -86.47 68.69
N VAL EA 207 -30.42 -85.42 68.79
CA VAL EA 207 -31.24 -85.08 69.96
C VAL EA 207 -32.70 -84.94 69.52
N SER EA 208 -33.65 -85.41 70.36
CA SER EA 208 -35.07 -85.23 70.08
C SER EA 208 -35.58 -83.88 70.63
N LEU EA 209 -36.80 -83.46 70.23
CA LEU EA 209 -37.42 -82.26 70.77
C LEU EA 209 -37.63 -82.35 72.29
N GLU EA 210 -37.99 -83.55 72.79
CA GLU EA 210 -38.15 -83.81 74.22
C GLU EA 210 -36.82 -83.63 74.97
N ASP EA 211 -35.71 -84.09 74.37
CA ASP EA 211 -34.37 -83.91 74.92
C ASP EA 211 -34.03 -82.42 75.03
N LEU EA 212 -34.39 -81.63 74.00
CA LEU EA 212 -34.13 -80.19 73.94
C LEU EA 212 -35.06 -79.38 74.85
N TYR EA 213 -36.27 -79.89 75.12
CA TYR EA 213 -37.25 -79.24 75.97
C TYR EA 213 -36.96 -79.50 77.45
N ASN EA 214 -36.70 -80.75 77.82
CA ASN EA 214 -36.51 -81.15 79.21
C ASN EA 214 -35.07 -81.03 79.67
N GLY EA 215 -34.12 -80.98 78.73
CA GLY EA 215 -32.71 -81.15 79.03
C GLY EA 215 -32.35 -82.63 79.15
N LYS EA 216 -31.10 -82.97 78.77
CA LYS EA 216 -30.67 -84.36 78.78
C LYS EA 216 -29.17 -84.46 79.09
N THR EA 217 -28.84 -85.38 79.99
CA THR EA 217 -27.47 -85.81 80.19
C THR EA 217 -27.28 -87.17 79.51
N THR EA 218 -26.32 -87.25 78.57
CA THR EA 218 -26.01 -88.49 77.87
C THR EA 218 -24.51 -88.79 77.91
N LYS EA 219 -24.16 -90.09 77.91
CA LYS EA 219 -22.77 -90.50 77.85
C LYS EA 219 -22.41 -90.88 76.43
N LEU EA 220 -21.37 -90.23 75.91
CA LEU EA 220 -20.86 -90.49 74.57
C LEU EA 220 -19.53 -91.23 74.68
N GLN EA 221 -19.49 -92.44 74.11
CA GLN EA 221 -18.25 -93.19 74.06
C GLN EA 221 -17.51 -92.88 72.75
N LEU EA 222 -16.27 -92.38 72.86
CA LEU EA 222 -15.42 -92.09 71.71
C LEU EA 222 -14.10 -92.85 71.83
N SER EA 223 -13.59 -93.32 70.70
CA SER EA 223 -12.24 -93.88 70.62
C SER EA 223 -11.30 -92.81 70.10
N LYS EA 224 -10.23 -92.52 70.85
CA LYS EA 224 -9.24 -91.53 70.48
C LYS EA 224 -7.82 -92.06 70.68
N ASN EA 225 -6.87 -91.46 69.97
CA ASN EA 225 -5.46 -91.73 70.14
C ASN EA 225 -4.95 -90.95 71.36
N VAL EA 226 -4.31 -91.68 72.28
CA VAL EA 226 -3.63 -91.09 73.43
C VAL EA 226 -2.15 -91.44 73.36
N LEU EA 227 -1.30 -90.57 73.94
CA LEU EA 227 0.11 -90.88 74.04
C LEU EA 227 0.32 -92.18 74.82
N CYS EA 228 1.17 -93.07 74.27
CA CYS EA 228 1.42 -94.37 74.87
C CYS EA 228 2.02 -94.21 76.26
N SER EA 229 1.25 -94.58 77.30
CA SER EA 229 1.65 -94.45 78.70
C SER EA 229 2.99 -95.11 79.04
N ALA EA 230 3.41 -96.12 78.27
CA ALA EA 230 4.62 -96.90 78.53
C ALA EA 230 5.90 -96.28 77.94
N CYS EA 231 5.79 -95.37 76.95
CA CYS EA 231 6.95 -94.72 76.35
C CYS EA 231 6.76 -93.20 76.21
N SER EA 232 5.66 -92.65 76.74
CA SER EA 232 5.31 -91.23 76.71
C SER EA 232 5.48 -90.61 75.32
N GLY EA 233 5.08 -91.35 74.27
CA GLY EA 233 5.09 -90.91 72.88
C GLY EA 233 6.46 -90.92 72.21
N GLN EA 234 7.51 -91.05 73.03
CA GLN EA 234 8.87 -90.94 72.54
C GLN EA 234 8.99 -92.06 71.52
N GLY EA 235 7.98 -92.92 71.54
CA GLY EA 235 7.95 -94.08 70.69
C GLY EA 235 8.74 -95.08 71.47
N GLY EA 236 10.05 -94.86 71.54
CA GLY EA 236 10.88 -95.67 72.40
C GLY EA 236 11.93 -94.82 73.11
N LYS EA 237 12.86 -95.48 73.81
CA LYS EA 237 13.98 -94.80 74.46
C LYS EA 237 14.77 -94.03 73.41
N SER EA 238 15.58 -93.05 73.83
CA SER EA 238 16.45 -92.31 72.91
C SER EA 238 17.44 -93.28 72.27
N GLY EA 239 17.34 -93.45 70.94
CA GLY EA 239 18.14 -94.39 70.17
C GLY EA 239 17.43 -95.72 69.96
N ALA EA 240 16.14 -95.79 70.36
CA ALA EA 240 15.28 -96.94 70.09
C ALA EA 240 14.62 -96.76 68.73
N VAL EA 241 14.55 -95.50 68.27
CA VAL EA 241 13.88 -95.18 67.01
C VAL EA 241 14.87 -95.41 65.87
N GLN EA 242 14.55 -96.38 65.00
CA GLN EA 242 15.38 -96.74 63.87
C GLN EA 242 14.62 -96.47 62.58
N LYS EA 243 15.38 -96.07 61.52
CA LYS EA 243 14.83 -95.97 60.17
C LYS EA 243 14.31 -97.34 59.75
N CYS EA 244 13.09 -97.37 59.21
CA CYS EA 244 12.55 -98.60 58.67
C CYS EA 244 13.38 -99.06 57.47
N SER EA 245 14.02 -100.25 57.55
CA SER EA 245 14.91 -100.79 56.52
C SER EA 245 14.17 -101.05 55.21
N ALA EA 246 12.93 -101.54 55.36
CA ALA EA 246 11.94 -101.90 54.37
C ALA EA 246 11.64 -100.82 53.33
N CYS EA 247 11.31 -99.62 53.82
CA CYS EA 247 10.95 -98.47 53.00
C CYS EA 247 12.03 -97.39 53.04
N ARG EA 248 13.15 -97.64 53.74
CA ARG EA 248 14.25 -96.71 53.94
C ARG EA 248 13.77 -95.34 54.45
N GLY EA 249 12.84 -95.35 55.42
CA GLY EA 249 12.30 -94.13 56.00
C GLY EA 249 11.18 -93.46 55.21
N ARG EA 250 10.74 -94.03 54.07
CA ARG EA 250 9.75 -93.40 53.20
C ARG EA 250 8.30 -93.64 53.65
N GLY EA 251 8.06 -94.60 54.56
CA GLY EA 251 6.70 -94.98 54.95
C GLY EA 251 5.98 -95.84 53.92
N VAL EA 252 6.41 -95.77 52.65
CA VAL EA 252 5.75 -96.46 51.54
C VAL EA 252 6.74 -97.32 50.75
N ARG EA 253 6.22 -98.43 50.20
CA ARG EA 253 6.95 -99.30 49.30
C ARG EA 253 6.32 -99.26 47.93
N ILE EA 254 7.16 -99.26 46.89
CA ILE EA 254 6.67 -99.36 45.52
C ILE EA 254 6.67 -100.84 45.14
N MET EA 255 5.47 -101.38 44.94
CA MET EA 255 5.28 -102.76 44.50
C MET EA 255 4.99 -102.76 43.00
N ILE EA 256 5.68 -103.63 42.27
CA ILE EA 256 5.49 -103.78 40.84
C ILE EA 256 4.52 -104.95 40.57
N ARG EA 257 3.34 -104.67 40.04
CA ARG EA 257 2.41 -105.69 39.60
C ARG EA 257 2.44 -105.82 38.08
N GLN EA 258 2.78 -106.99 37.53
CA GLN EA 258 2.58 -107.20 36.09
C GLN EA 258 1.09 -107.32 35.76
N LEU EA 259 0.62 -106.52 34.79
CA LEU EA 259 -0.71 -106.67 34.21
C LEU EA 259 -0.73 -107.56 32.97
N ALA EA 260 0.36 -107.51 32.20
CA ALA EA 260 0.61 -108.32 31.02
C ALA EA 260 2.13 -108.33 30.75
N PRO EA 261 2.75 -109.29 30.03
CA PRO EA 261 4.16 -109.16 29.70
C PRO EA 261 4.43 -107.86 28.92
N GLY EA 262 5.30 -107.02 29.48
CA GLY EA 262 5.58 -105.70 28.93
C GLY EA 262 4.71 -104.57 29.48
N MET EA 263 3.66 -104.91 30.28
CA MET EA 263 2.93 -103.94 31.07
C MET EA 263 3.11 -104.17 32.57
N VAL EA 264 3.89 -103.32 33.24
CA VAL EA 264 4.03 -103.34 34.69
C VAL EA 264 3.36 -102.11 35.29
N GLN EA 265 2.56 -102.33 36.35
CA GLN EA 265 1.99 -101.28 37.19
C GLN EA 265 2.83 -101.11 38.44
N GLN EA 266 3.34 -99.90 38.68
CA GLN EA 266 3.97 -99.55 39.94
C GLN EA 266 2.85 -99.03 40.82
N MET EA 267 2.58 -99.76 41.91
CA MET EA 267 1.64 -99.33 42.92
C MET EA 267 2.42 -98.95 44.19
N GLN EA 268 2.13 -97.78 44.76
CA GLN EA 268 2.64 -97.37 46.05
C GLN EA 268 1.71 -97.94 47.12
N SER EA 269 2.28 -98.79 47.99
CA SER EA 269 1.58 -99.36 49.12
C SER EA 269 2.21 -98.83 50.41
N VAL EA 270 1.39 -98.67 51.45
CA VAL EA 270 1.92 -98.37 52.77
C VAL EA 270 2.86 -99.52 53.17
N CYS EA 271 4.01 -99.17 53.76
CA CYS EA 271 5.02 -100.15 54.11
C CYS EA 271 4.49 -101.00 55.26
N SER EA 272 4.40 -102.32 55.03
CA SER EA 272 3.96 -103.32 55.99
C SER EA 272 4.79 -103.32 57.28
N ASP EA 273 6.07 -102.95 57.20
CA ASP EA 273 7.02 -103.16 58.28
C ASP EA 273 7.01 -102.00 59.30
N CYS EA 274 6.58 -100.81 58.87
CA CYS EA 274 6.43 -99.66 59.75
C CYS EA 274 5.04 -99.01 59.71
N ASN EA 275 4.08 -99.65 59.01
CA ASN EA 275 2.71 -99.18 58.87
C ASN EA 275 2.62 -97.71 58.47
N GLY EA 276 3.57 -97.23 57.65
CA GLY EA 276 3.55 -95.88 57.12
C GLY EA 276 4.39 -94.86 57.89
N GLU EA 277 4.89 -95.22 59.08
CA GLU EA 277 5.57 -94.25 59.95
C GLU EA 277 6.99 -93.93 59.44
N GLY EA 278 7.59 -94.85 58.67
CA GLY EA 278 8.98 -94.68 58.22
C GLY EA 278 10.03 -95.06 59.27
N GLU EA 279 9.57 -95.23 60.52
CA GLU EA 279 10.41 -95.68 61.62
C GLU EA 279 9.93 -97.00 62.22
N VAL EA 280 10.87 -97.72 62.84
CA VAL EA 280 10.56 -98.93 63.59
C VAL EA 280 11.16 -98.80 64.99
N ILE EA 281 10.35 -99.14 66.00
CA ILE EA 281 10.77 -99.20 67.39
C ILE EA 281 10.53 -100.63 67.86
N ASN EA 282 11.60 -101.29 68.33
CA ASN EA 282 11.52 -102.60 68.95
C ASN EA 282 10.50 -102.57 70.08
N GLU EA 283 9.67 -103.62 70.18
CA GLU EA 283 8.60 -103.71 71.16
C GLU EA 283 9.07 -103.40 72.60
N LYS EA 284 10.25 -103.92 72.95
CA LYS EA 284 10.90 -103.78 74.25
C LYS EA 284 11.26 -102.33 74.61
N ASP EA 285 11.34 -101.45 73.59
CA ASP EA 285 11.71 -100.04 73.77
C ASP EA 285 10.49 -99.12 73.89
N ARG EA 286 9.33 -99.55 73.37
CA ARG EA 286 8.09 -98.78 73.46
C ARG EA 286 7.19 -99.42 74.50
N CYS EA 287 6.85 -100.70 74.28
CA CYS EA 287 5.95 -101.47 75.11
C CYS EA 287 5.33 -102.56 74.23
N LYS EA 288 4.47 -103.40 74.82
CA LYS EA 288 3.73 -104.40 74.08
C LYS EA 288 2.37 -103.82 73.70
N LYS EA 289 2.26 -102.48 73.67
CA LYS EA 289 1.02 -101.75 73.48
C LYS EA 289 0.99 -101.06 72.10
N CYS EA 290 1.54 -99.84 71.99
CA CYS EA 290 1.54 -99.06 70.75
C CYS EA 290 2.15 -99.88 69.62
N GLU EA 291 3.46 -100.20 69.72
CA GLU EA 291 4.24 -101.00 68.79
C GLU EA 291 5.12 -100.09 67.93
N GLY EA 292 5.78 -99.13 68.59
CA GLY EA 292 6.60 -98.14 67.92
C GLY EA 292 5.75 -97.05 67.29
N LYS EA 293 4.48 -97.01 67.68
CA LYS EA 293 3.51 -96.10 67.08
C LYS EA 293 3.40 -94.77 67.83
N LYS EA 294 3.83 -94.74 69.11
CA LYS EA 294 3.89 -93.54 69.96
C LYS EA 294 2.51 -93.20 70.52
N VAL EA 295 1.44 -93.80 69.97
CA VAL EA 295 0.08 -93.62 70.46
C VAL EA 295 -0.64 -94.96 70.61
N ILE EA 296 -1.70 -94.97 71.41
CA ILE EA 296 -2.59 -96.13 71.58
C ILE EA 296 -4.03 -95.63 71.48
N LYS EA 297 -4.91 -96.47 70.91
CA LYS EA 297 -6.34 -96.17 70.90
C LYS EA 297 -6.94 -96.48 72.26
N GLU EA 298 -7.51 -95.44 72.89
CA GLU EA 298 -8.20 -95.54 74.16
C GLU EA 298 -9.66 -95.14 73.98
N VAL EA 299 -10.52 -95.78 74.76
CA VAL EA 299 -11.95 -95.51 74.76
C VAL EA 299 -12.26 -94.55 75.90
N LYS EA 300 -12.71 -93.34 75.57
CA LYS EA 300 -13.10 -92.35 76.57
C LYS EA 300 -14.62 -92.11 76.55
N ILE EA 301 -15.21 -92.03 77.74
CA ILE EA 301 -16.62 -91.68 77.90
C ILE EA 301 -16.70 -90.22 78.29
N LEU EA 302 -17.35 -89.42 77.44
CA LEU EA 302 -17.66 -88.02 77.71
C LEU EA 302 -19.10 -87.90 78.19
N GLU EA 303 -19.28 -87.18 79.31
CA GLU EA 303 -20.61 -86.82 79.78
C GLU EA 303 -21.03 -85.52 79.09
N VAL EA 304 -22.14 -85.60 78.33
CA VAL EA 304 -22.62 -84.51 77.52
C VAL EA 304 -23.92 -83.99 78.13
N HIS EA 305 -23.92 -82.70 78.47
CA HIS EA 305 -25.11 -82.01 78.95
C HIS EA 305 -25.74 -81.21 77.82
N VAL EA 306 -26.99 -81.55 77.50
CA VAL EA 306 -27.84 -80.81 76.58
C VAL EA 306 -28.81 -80.00 77.44
N ASP EA 307 -28.61 -78.69 77.45
CA ASP EA 307 -29.43 -77.76 78.21
C ASP EA 307 -30.80 -77.54 77.55
N LYS EA 308 -31.77 -77.14 78.35
CA LYS EA 308 -33.10 -76.74 77.88
C LYS EA 308 -33.00 -75.57 76.90
N GLY EA 309 -33.71 -75.70 75.78
CA GLY EA 309 -33.82 -74.65 74.79
C GLY EA 309 -32.66 -74.57 73.80
N MET EA 310 -31.66 -75.45 73.92
CA MET EA 310 -30.58 -75.53 72.93
C MET EA 310 -31.13 -75.69 71.51
N LYS EA 311 -30.41 -75.16 70.53
CA LYS EA 311 -30.88 -75.07 69.14
C LYS EA 311 -30.18 -76.08 68.26
N HIS EA 312 -30.83 -76.42 67.14
CA HIS EA 312 -30.18 -77.15 66.06
C HIS EA 312 -28.90 -76.46 65.63
N GLY EA 313 -27.84 -77.24 65.39
CA GLY EA 313 -26.54 -76.72 64.98
C GLY EA 313 -25.68 -76.12 66.11
N GLN EA 314 -26.19 -76.09 67.34
CA GLN EA 314 -25.41 -75.59 68.47
C GLN EA 314 -24.25 -76.54 68.78
N ARG EA 315 -23.10 -75.96 69.17
CA ARG EA 315 -21.86 -76.70 69.41
C ARG EA 315 -21.61 -76.87 70.91
N ILE EA 316 -21.25 -78.11 71.32
CA ILE EA 316 -20.75 -78.41 72.65
C ILE EA 316 -19.29 -78.83 72.52
N THR EA 317 -18.37 -78.04 73.10
CA THR EA 317 -16.94 -78.24 72.93
C THR EA 317 -16.31 -78.84 74.18
N PHE EA 318 -15.52 -79.91 73.97
CA PHE EA 318 -14.67 -80.52 74.98
C PHE EA 318 -13.22 -80.22 74.64
N THR EA 319 -12.63 -79.27 75.37
CA THR EA 319 -11.30 -78.72 75.07
C THR EA 319 -10.20 -79.75 75.31
N GLY EA 320 -9.28 -79.89 74.33
CA GLY EA 320 -8.12 -80.77 74.43
C GLY EA 320 -8.46 -82.26 74.46
N GLU EA 321 -9.70 -82.61 74.08
CA GLU EA 321 -10.18 -83.99 74.15
C GLU EA 321 -9.97 -84.78 72.86
N ALA EA 322 -9.52 -84.14 71.78
CA ALA EA 322 -9.24 -84.82 70.52
C ALA EA 322 -8.02 -85.75 70.61
N ASP EA 323 -7.60 -86.28 69.44
CA ASP EA 323 -6.44 -87.13 69.29
C ASP EA 323 -5.15 -86.44 69.76
N GLN EA 324 -4.36 -87.19 70.53
CA GLN EA 324 -3.02 -86.78 70.94
C GLN EA 324 -1.98 -87.30 69.94
N ALA EA 325 -0.98 -86.47 69.66
CA ALA EA 325 0.19 -86.86 68.88
C ALA EA 325 1.46 -86.33 69.53
N PRO EA 326 2.63 -87.03 69.41
CA PRO EA 326 3.88 -86.55 70.01
C PRO EA 326 4.30 -85.17 69.52
N GLY EA 327 4.48 -84.25 70.47
CA GLY EA 327 4.89 -82.87 70.17
C GLY EA 327 3.77 -81.97 69.66
N VAL EA 328 2.52 -82.45 69.74
CA VAL EA 328 1.32 -81.73 69.27
C VAL EA 328 0.37 -81.56 70.45
N GLU EA 329 -0.14 -80.34 70.65
CA GLU EA 329 -1.17 -80.06 71.64
C GLU EA 329 -2.51 -80.55 71.10
N PRO EA 330 -3.30 -81.40 71.82
CA PRO EA 330 -4.55 -81.94 71.28
C PRO EA 330 -5.56 -80.88 70.89
N GLY EA 331 -6.29 -81.16 69.79
CA GLY EA 331 -7.47 -80.39 69.41
C GLY EA 331 -8.66 -80.63 70.34
N ASP EA 332 -9.81 -80.07 69.96
CA ASP EA 332 -11.04 -80.20 70.73
C ASP EA 332 -11.99 -81.24 70.12
N ILE EA 333 -12.84 -81.84 70.95
CA ILE EA 333 -14.00 -82.57 70.45
C ILE EA 333 -15.20 -81.63 70.44
N VAL EA 334 -15.76 -81.40 69.25
CA VAL EA 334 -16.91 -80.51 69.06
C VAL EA 334 -18.13 -81.35 68.67
N LEU EA 335 -19.11 -81.39 69.58
CA LEU EA 335 -20.37 -82.07 69.27
C LEU EA 335 -21.33 -81.06 68.64
N LEU EA 336 -21.86 -81.43 67.47
CA LEU EA 336 -22.85 -80.62 66.77
C LEU EA 336 -24.23 -81.19 67.02
N LEU EA 337 -25.12 -80.40 67.65
CA LEU EA 337 -26.48 -80.85 67.91
C LEU EA 337 -27.28 -80.97 66.61
N GLN EA 338 -27.80 -82.16 66.37
CA GLN EA 338 -28.70 -82.43 65.25
C GLN EA 338 -30.08 -82.75 65.80
N GLU EA 339 -31.04 -81.85 65.55
CA GLU EA 339 -32.41 -82.04 65.97
C GLU EA 339 -33.04 -83.11 65.09
N LYS EA 340 -33.68 -84.09 65.73
CA LYS EA 340 -34.44 -85.09 65.02
C LYS EA 340 -35.83 -84.54 64.73
N GLU EA 341 -36.34 -84.91 63.55
CA GLU EA 341 -37.75 -84.72 63.20
C GLU EA 341 -38.63 -85.34 64.26
N HIS EA 342 -39.73 -84.64 64.59
CA HIS EA 342 -40.70 -85.07 65.58
C HIS EA 342 -42.05 -85.26 64.88
N GLU EA 343 -42.80 -86.30 65.28
CA GLU EA 343 -43.99 -86.73 64.55
C GLU EA 343 -45.15 -85.73 64.64
N VAL EA 344 -45.31 -85.07 65.80
CA VAL EA 344 -46.42 -84.15 66.06
C VAL EA 344 -46.02 -82.68 65.91
N PHE EA 345 -44.87 -82.30 66.49
CA PHE EA 345 -44.43 -80.92 66.57
C PHE EA 345 -43.31 -80.61 65.57
N GLN EA 346 -43.39 -79.42 64.97
CA GLN EA 346 -42.32 -78.83 64.21
C GLN EA 346 -41.84 -77.59 64.96
N ARG EA 347 -40.52 -77.44 65.10
CA ARG EA 347 -39.97 -76.33 65.86
C ARG EA 347 -39.59 -75.20 64.92
N ASP EA 348 -40.01 -73.97 65.28
CA ASP EA 348 -39.53 -72.75 64.67
C ASP EA 348 -38.97 -71.82 65.75
N GLY EA 349 -37.63 -71.76 65.86
CA GLY EA 349 -36.98 -71.00 66.91
C GLY EA 349 -37.35 -71.47 68.32
N ASN EA 350 -38.16 -70.66 69.02
CA ASN EA 350 -38.69 -70.99 70.34
C ASN EA 350 -40.15 -71.44 70.28
N ASP EA 351 -40.78 -71.33 69.11
CA ASP EA 351 -42.19 -71.68 68.92
C ASP EA 351 -42.31 -73.12 68.42
N LEU EA 352 -43.48 -73.70 68.67
CA LEU EA 352 -43.83 -75.02 68.17
C LEU EA 352 -45.05 -74.91 67.25
N HIS EA 353 -45.05 -75.74 66.20
CA HIS EA 353 -46.16 -75.84 65.26
C HIS EA 353 -46.68 -77.28 65.26
N MET EA 354 -48.01 -77.43 65.21
CA MET EA 354 -48.61 -78.74 65.01
C MET EA 354 -49.85 -78.61 64.12
N THR EA 355 -50.19 -79.72 63.43
CA THR EA 355 -51.45 -79.82 62.70
C THR EA 355 -52.40 -80.70 63.50
N TYR EA 356 -53.62 -80.20 63.72
CA TYR EA 356 -54.65 -80.94 64.43
C TYR EA 356 -55.88 -81.11 63.55
N LYS EA 357 -56.35 -82.36 63.40
CA LYS EA 357 -57.51 -82.68 62.59
C LYS EA 357 -58.76 -82.61 63.46
N ILE EA 358 -59.79 -81.91 62.95
CA ILE EA 358 -61.09 -81.77 63.62
C ILE EA 358 -62.21 -82.03 62.61
N GLY EA 359 -63.36 -82.53 63.08
CA GLY EA 359 -64.54 -82.70 62.25
C GLY EA 359 -65.27 -81.38 61.97
N LEU EA 360 -66.13 -81.37 60.95
CA LEU EA 360 -66.93 -80.19 60.62
C LEU EA 360 -67.78 -79.72 61.80
N VAL EA 361 -68.38 -80.67 62.54
CA VAL EA 361 -69.19 -80.38 63.73
C VAL EA 361 -68.34 -79.66 64.79
N GLU EA 362 -67.12 -80.14 65.05
CA GLU EA 362 -66.20 -79.52 66.00
C GLU EA 362 -65.82 -78.11 65.56
N ALA EA 363 -65.57 -77.92 64.25
CA ALA EA 363 -65.21 -76.64 63.66
C ALA EA 363 -66.31 -75.59 63.78
N LEU EA 364 -67.60 -76.00 63.74
CA LEU EA 364 -68.75 -75.11 63.78
C LEU EA 364 -69.32 -74.92 65.20
N CYS EA 365 -69.33 -75.98 66.02
CA CYS EA 365 -70.05 -76.03 67.27
C CYS EA 365 -69.15 -75.92 68.51
N GLY EA 366 -67.81 -75.83 68.32
CA GLY EA 366 -66.84 -75.86 69.40
C GLY EA 366 -66.43 -77.28 69.79
N PHE EA 367 -65.28 -77.39 70.48
CA PHE EA 367 -64.66 -78.67 70.76
C PHE EA 367 -63.69 -78.59 71.93
N GLN EA 368 -63.34 -79.79 72.43
CA GLN EA 368 -62.30 -79.97 73.41
C GLN EA 368 -61.43 -81.14 72.98
N PHE EA 369 -60.10 -80.93 72.97
CA PHE EA 369 -59.19 -82.02 72.70
C PHE EA 369 -58.00 -82.02 73.67
N THR EA 370 -57.29 -83.15 73.69
CA THR EA 370 -56.13 -83.32 74.54
C THR EA 370 -54.95 -83.84 73.72
N PHE EA 371 -53.74 -83.35 74.03
CA PHE EA 371 -52.51 -83.87 73.45
C PHE EA 371 -51.42 -83.95 74.51
N LYS EA 372 -50.40 -84.79 74.22
CA LYS EA 372 -49.22 -84.92 75.07
C LYS EA 372 -48.16 -83.93 74.62
N HIS EA 373 -47.69 -83.10 75.56
CA HIS EA 373 -46.61 -82.15 75.31
C HIS EA 373 -45.23 -82.81 75.45
N LEU EA 374 -44.16 -82.05 75.16
CA LEU EA 374 -42.77 -82.51 75.17
C LEU EA 374 -42.27 -82.86 76.58
N ASP EA 375 -42.89 -82.29 77.64
CA ASP EA 375 -42.63 -82.66 79.04
C ASP EA 375 -43.47 -83.84 79.53
N GLY EA 376 -44.36 -84.36 78.68
CA GLY EA 376 -45.24 -85.47 79.02
C GLY EA 376 -46.53 -85.04 79.74
N ARG EA 377 -46.74 -83.74 79.98
CA ARG EA 377 -48.03 -83.26 80.50
C ARG EA 377 -49.11 -83.43 79.43
N GLN EA 378 -50.34 -83.73 79.89
CA GLN EA 378 -51.52 -83.70 79.04
C GLN EA 378 -52.10 -82.28 79.05
N ILE EA 379 -52.16 -81.65 77.87
CA ILE EA 379 -52.76 -80.33 77.72
C ILE EA 379 -54.17 -80.49 77.17
N VAL EA 380 -55.14 -79.86 77.86
CA VAL EA 380 -56.53 -79.80 77.41
C VAL EA 380 -56.77 -78.45 76.74
N VAL EA 381 -57.03 -78.47 75.43
CA VAL EA 381 -57.39 -77.28 74.67
C VAL EA 381 -58.90 -77.24 74.51
N LYS EA 382 -59.50 -76.10 74.87
CA LYS EA 382 -60.94 -75.88 74.75
C LYS EA 382 -61.19 -74.72 73.80
N TYR EA 383 -62.12 -74.94 72.86
CA TYR EA 383 -62.59 -73.91 71.95
C TYR EA 383 -64.08 -73.69 72.19
N PRO EA 384 -64.54 -72.45 72.48
CA PRO EA 384 -65.91 -72.23 72.92
C PRO EA 384 -66.92 -72.44 71.80
N PRO EA 385 -68.15 -72.90 72.12
CA PRO EA 385 -69.22 -72.99 71.12
C PRO EA 385 -69.61 -71.63 70.56
N GLY EA 386 -70.01 -71.61 69.28
CA GLY EA 386 -70.42 -70.39 68.62
C GLY EA 386 -69.27 -69.61 67.96
N LYS EA 387 -68.03 -70.12 68.05
CA LYS EA 387 -66.91 -69.61 67.28
C LYS EA 387 -66.51 -70.66 66.25
N VAL EA 388 -66.24 -70.21 65.02
CA VAL EA 388 -65.92 -71.08 63.89
C VAL EA 388 -64.40 -71.17 63.71
N ILE EA 389 -63.94 -72.40 63.44
CA ILE EA 389 -62.61 -72.69 62.95
C ILE EA 389 -62.69 -72.90 61.43
N GLU EA 390 -62.05 -71.99 60.68
CA GLU EA 390 -61.94 -72.11 59.24
C GLU EA 390 -60.90 -73.18 58.87
N PRO EA 391 -61.07 -73.92 57.75
CA PRO EA 391 -60.05 -74.84 57.24
C PRO EA 391 -58.70 -74.14 57.03
N GLY EA 392 -57.66 -74.74 57.63
CA GLY EA 392 -56.30 -74.25 57.54
C GLY EA 392 -55.99 -73.08 58.50
N CYS EA 393 -56.96 -72.61 59.29
CA CYS EA 393 -56.71 -71.50 60.20
C CYS EA 393 -55.76 -71.91 61.34
N VAL EA 394 -55.02 -70.91 61.85
CA VAL EA 394 -54.06 -71.12 62.93
C VAL EA 394 -54.57 -70.46 64.22
N ARG EA 395 -54.44 -71.19 65.34
CA ARG EA 395 -54.66 -70.64 66.68
C ARG EA 395 -53.43 -70.86 67.54
N VAL EA 396 -53.34 -70.10 68.64
CA VAL EA 396 -52.16 -70.09 69.49
C VAL EA 396 -52.52 -70.54 70.90
N VAL EA 397 -51.67 -71.41 71.48
CA VAL EA 397 -51.66 -71.72 72.90
C VAL EA 397 -50.39 -71.08 73.47
N ARG EA 398 -50.58 -69.98 74.21
CA ARG EA 398 -49.47 -69.15 74.68
C ARG EA 398 -48.64 -69.86 75.74
N GLY EA 399 -47.30 -69.75 75.65
CA GLY EA 399 -46.37 -70.27 76.63
C GLY EA 399 -46.16 -71.79 76.59
N GLU EA 400 -46.69 -72.45 75.54
CA GLU EA 400 -46.54 -73.89 75.33
C GLU EA 400 -45.59 -74.22 74.16
N GLY EA 401 -44.69 -73.28 73.82
CA GLY EA 401 -43.58 -73.54 72.90
C GLY EA 401 -42.32 -74.09 73.61
N MET EA 402 -41.18 -74.01 72.92
CA MET EA 402 -39.88 -74.41 73.45
C MET EA 402 -39.36 -73.41 74.50
N PRO EA 403 -38.62 -73.86 75.54
CA PRO EA 403 -37.94 -72.96 76.46
C PRO EA 403 -36.80 -72.21 75.75
N GLN EA 404 -36.56 -70.97 76.19
CA GLN EA 404 -35.41 -70.21 75.70
C GLN EA 404 -34.11 -70.75 76.30
N TYR EA 405 -33.08 -70.88 75.47
CA TYR EA 405 -31.75 -71.26 75.95
C TYR EA 405 -31.22 -70.24 76.97
N ARG EA 406 -30.74 -70.73 78.13
CA ARG EA 406 -30.23 -69.94 79.25
C ARG EA 406 -31.31 -69.23 80.07
N ASN EA 407 -32.55 -69.16 79.55
CA ASN EA 407 -33.69 -68.59 80.26
C ASN EA 407 -34.89 -69.54 80.16
N PRO EA 408 -34.84 -70.76 80.75
CA PRO EA 408 -35.87 -71.78 80.54
C PRO EA 408 -37.23 -71.50 81.18
N PHE EA 409 -37.35 -70.39 81.93
CA PHE EA 409 -38.60 -69.90 82.48
C PHE EA 409 -39.44 -69.19 81.42
N GLU EA 410 -38.78 -68.64 80.39
CA GLU EA 410 -39.46 -68.09 79.23
C GLU EA 410 -39.59 -69.16 78.15
N LYS EA 411 -40.78 -69.24 77.56
CA LYS EA 411 -41.08 -70.18 76.50
C LYS EA 411 -41.69 -69.42 75.32
N GLY EA 412 -41.53 -69.99 74.12
CA GLY EA 412 -42.32 -69.56 72.98
C GLY EA 412 -43.77 -70.05 73.08
N ASP EA 413 -44.46 -69.97 71.95
CA ASP EA 413 -45.88 -70.32 71.82
C ASP EA 413 -46.07 -71.61 71.00
N LEU EA 414 -47.23 -72.26 71.16
CA LEU EA 414 -47.64 -73.37 70.32
C LEU EA 414 -48.71 -72.90 69.32
N TYR EA 415 -48.38 -72.97 68.03
CA TYR EA 415 -49.30 -72.70 66.93
C TYR EA 415 -49.93 -73.99 66.43
N ILE EA 416 -51.26 -74.01 66.41
CA ILE EA 416 -52.03 -75.17 65.97
C ILE EA 416 -52.76 -74.81 64.69
N LYS EA 417 -52.36 -75.46 63.59
CA LYS EA 417 -53.07 -75.39 62.32
C LYS EA 417 -54.20 -76.42 62.33
N PHE EA 418 -55.43 -75.97 62.08
CA PHE EA 418 -56.58 -76.86 62.05
C PHE EA 418 -56.88 -77.37 60.65
N ASP EA 419 -56.94 -78.69 60.52
CA ASP EA 419 -57.33 -79.39 59.32
C ASP EA 419 -58.76 -79.90 59.48
N VAL EA 420 -59.72 -79.21 58.85
CA VAL EA 420 -61.15 -79.50 59.02
C VAL EA 420 -61.58 -80.61 58.05
N GLN EA 421 -61.97 -81.74 58.63
CA GLN EA 421 -62.43 -82.92 57.90
C GLN EA 421 -63.93 -82.82 57.65
N PHE EA 422 -64.28 -82.70 56.38
CA PHE EA 422 -65.65 -82.80 55.90
C PHE EA 422 -66.15 -84.25 55.98
N PRO EA 423 -67.46 -84.47 56.21
CA PRO EA 423 -68.05 -85.80 56.17
C PRO EA 423 -67.97 -86.37 54.75
N GLU EA 424 -68.01 -87.69 54.63
CA GLU EA 424 -67.93 -88.36 53.35
C GLU EA 424 -69.20 -88.16 52.51
N ASN EA 425 -69.08 -88.55 51.24
CA ASN EA 425 -70.13 -88.66 50.24
C ASN EA 425 -71.36 -89.39 50.79
N ASN EA 426 -72.56 -88.85 50.58
CA ASN EA 426 -73.83 -89.45 51.01
C ASN EA 426 -74.04 -89.53 52.52
N TRP EA 427 -73.35 -88.72 53.36
CA TRP EA 427 -73.43 -88.87 54.82
C TRP EA 427 -74.81 -88.56 55.40
N ILE EA 428 -75.61 -87.77 54.67
CA ILE EA 428 -76.95 -87.37 55.08
C ILE EA 428 -77.98 -87.67 53.98
N ASN EA 429 -79.18 -88.09 54.38
CA ASN EA 429 -80.31 -88.28 53.48
C ASN EA 429 -80.69 -86.93 52.85
N PRO EA 430 -80.85 -86.82 51.50
CA PRO EA 430 -81.34 -85.61 50.85
C PRO EA 430 -82.54 -84.90 51.50
N ASP EA 431 -83.47 -85.65 52.08
CA ASP EA 431 -84.65 -85.10 52.76
C ASP EA 431 -84.30 -84.14 53.91
N LYS EA 432 -83.11 -84.32 54.52
CA LYS EA 432 -82.63 -83.53 55.67
C LYS EA 432 -81.77 -82.33 55.25
N LEU EA 433 -81.50 -82.18 53.95
CA LEU EA 433 -80.67 -81.08 53.47
C LEU EA 433 -81.36 -79.72 53.67
N SER EA 434 -82.69 -79.71 53.58
CA SER EA 434 -83.55 -78.55 53.84
C SER EA 434 -83.39 -78.06 55.27
N GLU EA 435 -83.50 -78.97 56.25
CA GLU EA 435 -83.31 -78.67 57.67
C GLU EA 435 -81.92 -78.08 57.94
N LEU EA 436 -80.88 -78.57 57.24
CA LEU EA 436 -79.52 -78.08 57.38
C LEU EA 436 -79.38 -76.66 56.80
N GLU EA 437 -80.03 -76.41 55.64
CA GLU EA 437 -80.00 -75.12 54.98
C GLU EA 437 -80.64 -74.03 55.86
N ASP EA 438 -81.76 -74.36 56.51
CA ASP EA 438 -82.48 -73.47 57.42
C ASP EA 438 -81.66 -73.05 58.64
N LEU EA 439 -80.67 -73.86 59.03
CA LEU EA 439 -79.86 -73.61 60.22
C LEU EA 439 -78.67 -72.71 59.87
N GLY FA 198 -9.36 -105.98 57.12
CA GLY FA 198 -8.92 -104.88 58.01
C GLY FA 198 -8.72 -105.38 59.42
N GLU FA 199 -8.10 -104.53 60.24
CA GLU FA 199 -7.79 -104.80 61.63
C GLU FA 199 -9.07 -104.73 62.48
N ASP FA 200 -9.19 -105.65 63.46
CA ASP FA 200 -10.29 -105.63 64.42
C ASP FA 200 -10.05 -104.54 65.47
N MET FA 201 -11.12 -103.87 65.89
CA MET FA 201 -11.06 -102.83 66.92
C MET FA 201 -11.56 -103.36 68.26
N MET FA 202 -10.70 -103.33 69.28
CA MET FA 202 -11.07 -103.79 70.62
C MET FA 202 -11.44 -102.61 71.52
N HIS FA 203 -12.63 -102.68 72.15
CA HIS FA 203 -13.08 -101.64 73.07
C HIS FA 203 -13.50 -102.24 74.41
N PRO FA 204 -12.95 -101.75 75.55
CA PRO FA 204 -13.43 -102.19 76.86
C PRO FA 204 -14.78 -101.57 77.19
N LEU FA 205 -15.75 -102.43 77.55
CA LEU FA 205 -17.06 -101.98 78.03
C LEU FA 205 -17.16 -102.25 79.53
N LYS FA 206 -17.12 -101.18 80.32
CA LYS FA 206 -17.26 -101.27 81.77
C LYS FA 206 -18.72 -101.49 82.16
N VAL FA 207 -18.99 -102.61 82.86
CA VAL FA 207 -20.32 -103.06 83.27
C VAL FA 207 -20.32 -103.29 84.79
N SER FA 208 -21.43 -102.93 85.47
CA SER FA 208 -21.57 -103.19 86.89
C SER FA 208 -22.14 -104.60 87.13
N LEU FA 209 -22.11 -105.09 88.39
CA LEU FA 209 -22.73 -106.35 88.76
C LEU FA 209 -24.24 -106.34 88.52
N GLU FA 210 -24.90 -105.20 88.77
CA GLU FA 210 -26.33 -105.01 88.52
C GLU FA 210 -26.64 -105.13 87.02
N ASP FA 211 -25.77 -104.56 86.16
CA ASP FA 211 -25.89 -104.66 84.71
C ASP FA 211 -25.81 -106.13 84.27
N LEU FA 212 -24.88 -106.90 84.86
CA LEU FA 212 -24.66 -108.31 84.55
C LEU FA 212 -25.75 -109.22 85.13
N TYR FA 213 -26.39 -108.81 86.23
CA TYR FA 213 -27.45 -109.58 86.88
C TYR FA 213 -28.80 -109.37 86.17
N ASN FA 214 -29.15 -108.11 85.90
CA ASN FA 214 -30.45 -107.74 85.33
C ASN FA 214 -30.46 -107.78 83.80
N GLY FA 215 -29.27 -107.72 83.18
CA GLY FA 215 -29.16 -107.46 81.75
C GLY FA 215 -29.26 -105.95 81.46
N LYS FA 216 -28.56 -105.51 80.41
CA LYS FA 216 -28.53 -104.10 80.07
C LYS FA 216 -28.39 -103.90 78.56
N THR FA 217 -29.21 -102.98 78.04
CA THR FA 217 -29.02 -102.47 76.70
C THR FA 217 -28.41 -101.08 76.80
N THR FA 218 -27.25 -100.89 76.15
CA THR FA 218 -26.55 -99.60 76.15
C THR FA 218 -26.17 -99.19 74.72
N LYS FA 219 -26.14 -97.88 74.47
CA LYS FA 219 -25.72 -97.34 73.19
C LYS FA 219 -24.27 -96.88 73.28
N LEU FA 220 -23.43 -97.44 72.41
CA LEU FA 220 -22.02 -97.08 72.34
C LEU FA 220 -21.78 -96.25 71.08
N GLN FA 221 -21.31 -95.02 71.28
CA GLN FA 221 -20.94 -94.17 70.15
C GLN FA 221 -19.46 -94.38 69.82
N LEU FA 222 -19.17 -94.79 68.58
CA LEU FA 222 -17.81 -94.95 68.09
C LEU FA 222 -17.59 -94.10 66.84
N SER FA 223 -16.38 -93.55 66.71
CA SER FA 223 -15.95 -92.89 65.49
C SER FA 223 -15.10 -93.86 64.67
N LYS FA 224 -15.49 -94.10 63.42
CA LYS FA 224 -14.78 -94.99 62.52
C LYS FA 224 -14.60 -94.36 61.15
N ASN FA 225 -13.61 -94.86 60.42
CA ASN FA 225 -13.38 -94.50 59.04
C ASN FA 225 -14.34 -95.28 58.14
N VAL FA 226 -15.08 -94.55 57.30
CA VAL FA 226 -15.94 -95.13 56.29
C VAL FA 226 -15.46 -94.67 54.91
N LEU FA 227 -15.71 -95.49 53.87
CA LEU FA 227 -15.42 -95.08 52.51
C LEU FA 227 -16.19 -93.80 52.17
N CYS FA 228 -15.47 -92.83 51.58
CA CYS FA 228 -16.05 -91.54 51.24
C CYS FA 228 -17.20 -91.71 50.24
N SER FA 229 -18.43 -91.45 50.70
CA SER FA 229 -19.65 -91.61 49.90
C SER FA 229 -19.63 -90.87 48.56
N ALA FA 230 -18.83 -89.79 48.46
CA ALA FA 230 -18.77 -88.94 47.27
C ALA FA 230 -17.82 -89.44 46.18
N CYS FA 231 -16.84 -90.31 46.52
CA CYS FA 231 -15.89 -90.85 45.56
C CYS FA 231 -15.71 -92.36 45.68
N SER FA 232 -16.51 -93.01 46.53
CA SER FA 232 -16.49 -94.45 46.79
C SER FA 232 -15.07 -95.00 47.01
N GLY FA 233 -14.23 -94.24 47.76
CA GLY FA 233 -12.87 -94.63 48.13
C GLY FA 233 -11.83 -94.49 47.01
N GLN FA 234 -12.32 -94.30 45.78
CA GLN FA 234 -11.44 -94.29 44.62
C GLN FA 234 -10.51 -93.12 44.86
N GLY FA 235 -10.88 -92.34 45.88
CA GLY FA 235 -10.15 -91.16 46.23
C GLY FA 235 -10.73 -90.13 45.30
N GLY FA 236 -10.41 -90.25 44.02
CA GLY FA 236 -11.03 -89.43 43.01
C GLY FA 236 -11.36 -90.22 41.76
N LYS FA 237 -11.80 -89.52 40.70
CA LYS FA 237 -12.04 -90.14 39.41
C LYS FA 237 -10.76 -90.80 38.92
N SER FA 238 -10.86 -91.75 37.97
CA SER FA 238 -9.69 -92.37 37.36
C SER FA 238 -8.85 -91.31 36.66
N GLY FA 239 -7.62 -91.09 37.15
CA GLY FA 239 -6.71 -90.07 36.68
C GLY FA 239 -6.79 -88.78 37.50
N ALA FA 240 -7.57 -88.82 38.60
CA ALA FA 240 -7.64 -87.74 39.58
C ALA FA 240 -6.51 -87.90 40.59
N VAL FA 241 -6.01 -89.14 40.73
CA VAL FA 241 -4.99 -89.46 41.71
C VAL FA 241 -3.62 -89.11 41.12
N GLN FA 242 -2.95 -88.13 41.73
CA GLN FA 242 -1.65 -87.65 41.30
C GLN FA 242 -0.61 -87.92 42.39
N LYS FA 243 0.63 -88.24 41.97
CA LYS FA 243 1.78 -88.33 42.87
C LYS FA 243 1.94 -86.98 43.58
N CYS FA 244 2.10 -87.01 44.90
CA CYS FA 244 2.37 -85.80 45.64
C CYS FA 244 3.74 -85.23 45.23
N SER FA 245 3.78 -84.00 44.68
CA SER FA 245 4.97 -83.33 44.17
C SER FA 245 6.00 -83.07 45.27
N ALA FA 246 5.46 -82.69 46.43
CA ALA FA 246 6.09 -82.36 47.70
C ALA FA 246 7.06 -83.41 48.22
N CYS FA 247 6.57 -84.65 48.33
CA CYS FA 247 7.33 -85.79 48.85
C CYS FA 247 7.68 -86.79 47.74
N ARG FA 248 7.32 -86.48 46.48
CA ARG FA 248 7.52 -87.34 45.32
C ARG FA 248 6.99 -88.76 45.55
N GLY FA 249 5.78 -88.87 46.15
CA GLY FA 249 5.15 -90.14 46.42
C GLY FA 249 5.62 -90.86 47.69
N ARG FA 250 6.54 -90.28 48.47
CA ARG FA 250 7.12 -90.95 49.64
C ARG FA 250 6.25 -90.82 50.89
N GLY FA 251 5.24 -89.93 50.91
CA GLY FA 251 4.44 -89.67 52.11
C GLY FA 251 5.16 -88.82 53.15
N VAL FA 252 6.51 -88.80 53.12
CA VAL FA 252 7.32 -88.11 54.12
C VAL FA 252 8.32 -87.15 53.47
N ARG FA 253 8.61 -86.06 54.19
CA ARG FA 253 9.62 -85.09 53.81
C ARG FA 253 10.75 -85.12 54.83
N ILE FA 254 11.98 -84.99 54.34
CA ILE FA 254 13.14 -84.87 55.21
C ILE FA 254 13.39 -83.38 55.44
N MET FA 255 13.19 -82.93 56.68
CA MET FA 255 13.47 -81.56 57.09
C MET FA 255 14.81 -81.51 57.82
N ILE FA 256 15.64 -80.54 57.43
CA ILE FA 256 16.96 -80.38 58.03
C ILE FA 256 16.87 -79.28 59.11
N ARG FA 257 17.07 -79.65 60.38
CA ARG FA 257 17.18 -78.69 61.47
C ARG FA 257 18.64 -78.51 61.87
N GLN FA 258 19.21 -77.30 61.78
CA GLN FA 258 20.53 -77.07 62.39
C GLN FA 258 20.43 -77.04 63.91
N LEU FA 259 21.26 -77.87 64.59
CA LEU FA 259 21.44 -77.81 66.05
C LEU FA 259 22.56 -76.88 66.49
N ALA FA 260 23.63 -76.85 65.67
CA ALA FA 260 24.78 -75.97 65.81
C ALA FA 260 25.44 -75.78 64.44
N PRO FA 261 26.21 -74.72 64.12
CA PRO FA 261 26.84 -74.67 62.78
C PRO FA 261 27.76 -75.87 62.56
N GLY FA 262 27.49 -76.63 61.52
CA GLY FA 262 28.19 -77.88 61.24
C GLY FA 262 27.54 -79.14 61.87
N MET FA 263 26.52 -78.96 62.71
CA MET FA 263 25.66 -80.06 63.16
C MET FA 263 24.22 -79.89 62.64
N VAL FA 264 23.83 -80.70 61.65
CA VAL FA 264 22.47 -80.71 61.13
C VAL FA 264 21.78 -82.02 61.52
N GLN FA 265 20.53 -81.91 62.00
CA GLN FA 265 19.63 -83.02 62.23
C GLN FA 265 18.66 -83.17 61.07
N GLN FA 266 18.66 -84.34 60.44
CA GLN FA 266 17.65 -84.69 59.45
C GLN FA 266 16.52 -85.33 60.25
N MET FA 267 15.35 -84.67 60.22
CA MET FA 267 14.14 -85.22 60.79
C MET FA 267 13.19 -85.57 59.64
N GLN FA 268 12.63 -86.79 59.66
CA GLN FA 268 11.56 -87.21 58.78
C GLN FA 268 10.24 -86.75 59.38
N SER FA 269 9.52 -85.91 58.62
CA SER FA 269 8.21 -85.43 59.00
C SER FA 269 7.20 -85.97 57.98
N VAL FA 270 5.97 -86.24 58.44
CA VAL FA 270 4.89 -86.56 57.51
C VAL FA 270 4.72 -85.36 56.58
N CYS FA 271 4.51 -85.66 55.28
CA CYS FA 271 4.42 -84.60 54.27
C CYS FA 271 3.11 -83.86 54.48
N SER FA 272 3.22 -82.53 54.71
CA SER FA 272 2.10 -81.61 54.90
C SER FA 272 1.11 -81.61 53.73
N ASP FA 273 1.60 -81.89 52.51
CA ASP FA 273 0.83 -81.65 51.30
C ASP FA 273 -0.06 -82.85 50.94
N CYS FA 274 0.29 -84.06 51.41
CA CYS FA 274 -0.52 -85.26 51.22
C CYS FA 274 -0.84 -86.00 52.51
N ASN FA 275 -0.50 -85.40 53.67
CA ASN FA 275 -0.74 -85.97 54.99
C ASN FA 275 -0.29 -87.42 55.11
N GLY FA 276 0.80 -87.79 54.42
CA GLY FA 276 1.39 -89.11 54.52
C GLY FA 276 0.97 -90.10 53.43
N GLU FA 277 -0.04 -89.76 52.61
CA GLU FA 277 -0.60 -90.71 51.66
C GLU FA 277 0.33 -90.90 50.45
N GLY FA 278 1.17 -89.90 50.14
CA GLY FA 278 2.02 -89.95 48.94
C GLY FA 278 1.29 -89.54 47.65
N GLU FA 279 -0.03 -89.47 47.74
CA GLU FA 279 -0.87 -88.99 46.65
C GLU FA 279 -1.66 -87.74 47.00
N VAL FA 280 -2.04 -86.99 45.97
CA VAL FA 280 -2.92 -85.84 46.11
C VAL FA 280 -4.08 -85.98 45.12
N ILE FA 281 -5.29 -85.74 45.61
CA ILE FA 281 -6.50 -85.71 44.81
C ILE FA 281 -7.11 -84.32 44.99
N ASN FA 282 -7.29 -83.60 43.87
CA ASN FA 282 -7.98 -82.32 43.83
C ASN FA 282 -9.36 -82.49 44.47
N GLU FA 283 -9.77 -81.51 45.30
CA GLU FA 283 -11.02 -81.54 46.04
C GLU FA 283 -12.23 -81.87 45.15
N LYS FA 284 -12.25 -81.28 43.94
CA LYS FA 284 -13.30 -81.43 42.94
C LYS FA 284 -13.44 -82.86 42.41
N ASP FA 285 -12.41 -83.69 42.58
CA ASP FA 285 -12.38 -85.07 42.09
C ASP FA 285 -12.78 -86.09 43.16
N ARG FA 286 -12.65 -85.72 44.45
CA ARG FA 286 -13.05 -86.59 45.56
C ARG FA 286 -14.34 -86.05 46.14
N CYS FA 287 -14.32 -84.80 46.61
CA CYS FA 287 -15.42 -84.14 47.28
C CYS FA 287 -14.83 -83.06 48.18
N LYS FA 288 -15.69 -82.31 48.88
CA LYS FA 288 -15.26 -81.34 49.87
C LYS FA 288 -15.27 -82.00 51.24
N LYS FA 289 -15.18 -83.35 51.27
CA LYS FA 289 -15.31 -84.16 52.47
C LYS FA 289 -13.97 -84.79 52.86
N CYS FA 290 -13.62 -85.96 52.30
CA CYS FA 290 -12.39 -86.68 52.61
C CYS FA 290 -11.18 -85.77 52.42
N GLU FA 291 -10.91 -85.37 51.15
CA GLU FA 291 -9.84 -84.45 50.73
C GLU FA 291 -8.72 -85.27 50.09
N GLY FA 292 -9.09 -86.20 49.21
CA GLY FA 292 -8.15 -87.10 48.56
C GLY FA 292 -7.72 -88.21 49.50
N LYS FA 293 -8.47 -88.38 50.60
CA LYS FA 293 -8.12 -89.33 51.65
C LYS FA 293 -8.79 -90.68 51.45
N LYS FA 294 -9.88 -90.75 50.65
CA LYS FA 294 -10.60 -91.97 50.27
C LYS FA 294 -11.51 -92.44 51.41
N VAL FA 295 -11.33 -91.90 52.63
CA VAL FA 295 -12.19 -92.21 53.77
C VAL FA 295 -12.63 -90.92 54.48
N ILE FA 296 -13.71 -91.03 55.27
CA ILE FA 296 -14.20 -89.95 56.13
C ILE FA 296 -14.50 -90.55 57.51
N LYS FA 297 -14.26 -89.77 58.57
CA LYS FA 297 -14.64 -90.16 59.91
C LYS FA 297 -16.13 -89.97 60.11
N GLU FA 298 -16.82 -91.08 60.40
CA GLU FA 298 -18.25 -91.09 60.69
C GLU FA 298 -18.47 -91.58 62.12
N VAL FA 299 -19.52 -91.04 62.73
CA VAL FA 299 -19.92 -91.42 64.08
C VAL FA 299 -21.04 -92.44 63.97
N LYS FA 300 -20.78 -93.67 64.44
CA LYS FA 300 -21.78 -94.73 64.46
C LYS FA 300 -22.18 -95.08 65.89
N ILE FA 301 -23.50 -95.25 66.09
CA ILE FA 301 -24.03 -95.71 67.38
C ILE FA 301 -24.34 -97.20 67.25
N LEU FA 302 -23.66 -98.00 68.08
CA LEU FA 302 -23.93 -99.43 68.20
C LEU FA 302 -24.81 -99.68 69.42
N GLU FA 303 -25.88 -100.45 69.22
CA GLU FA 303 -26.69 -100.93 70.33
C GLU FA 303 -26.08 -102.23 70.86
N VAL FA 304 -25.67 -102.19 72.15
CA VAL FA 304 -24.98 -103.30 72.79
C VAL FA 304 -25.91 -103.94 73.82
N HIS FA 305 -26.16 -105.24 73.64
CA HIS FA 305 -26.92 -106.03 74.58
C HIS FA 305 -25.97 -106.83 75.47
N VAL FA 306 -26.06 -106.57 76.78
CA VAL FA 306 -25.38 -107.33 77.81
C VAL FA 306 -26.42 -108.25 78.44
N ASP FA 307 -26.29 -109.54 78.16
CA ASP FA 307 -27.20 -110.56 78.68
C ASP FA 307 -26.96 -110.85 80.16
N LYS FA 308 -28.00 -111.36 80.82
CA LYS FA 308 -27.90 -111.84 82.20
C LYS FA 308 -26.85 -112.95 82.32
N GLY FA 309 -26.00 -112.82 83.35
CA GLY FA 309 -25.02 -113.85 83.69
C GLY FA 309 -23.74 -113.79 82.87
N MET FA 310 -23.61 -112.84 81.93
CA MET FA 310 -22.36 -112.65 81.20
C MET FA 310 -21.18 -112.47 82.17
N LYS FA 311 -19.99 -112.90 81.73
CA LYS FA 311 -18.81 -112.97 82.57
C LYS FA 311 -17.81 -111.87 82.23
N HIS FA 312 -16.96 -111.53 83.20
CA HIS FA 312 -15.79 -110.71 82.95
C HIS FA 312 -14.95 -111.29 81.81
N GLY FA 313 -14.47 -110.42 80.91
CA GLY FA 313 -13.67 -110.80 79.76
C GLY FA 313 -14.46 -111.40 78.58
N GLN FA 314 -15.79 -111.51 78.69
CA GLN FA 314 -16.60 -112.00 77.59
C GLN FA 314 -16.62 -110.99 76.44
N ARG FA 315 -16.61 -111.49 75.20
CA ARG FA 315 -16.53 -110.67 73.99
C ARG FA 315 -17.90 -110.55 73.33
N ILE FA 316 -18.25 -109.31 72.93
CA ILE FA 316 -19.41 -109.02 72.08
C ILE FA 316 -18.87 -108.49 70.75
N THR FA 317 -19.12 -109.23 69.66
CA THR FA 317 -18.55 -108.92 68.35
C THR FA 317 -19.60 -108.32 67.41
N PHE FA 318 -19.23 -107.20 66.79
CA PHE FA 318 -19.98 -106.55 65.72
C PHE FA 318 -19.21 -106.73 64.41
N THR FA 319 -19.68 -107.67 63.58
CA THR FA 319 -18.97 -108.10 62.37
C THR FA 319 -18.94 -107.00 61.30
N GLY FA 320 -17.75 -106.75 60.73
CA GLY FA 320 -17.56 -105.79 59.65
C GLY FA 320 -17.78 -104.33 60.06
N GLU FA 321 -17.80 -104.06 61.37
CA GLU FA 321 -18.10 -102.73 61.88
C GLU FA 321 -16.86 -101.87 62.11
N ALA FA 322 -15.65 -102.42 61.96
CA ALA FA 322 -14.41 -101.67 62.11
C ALA FA 322 -14.19 -100.66 60.97
N ASP FA 323 -13.00 -100.06 60.96
CA ASP FA 323 -12.56 -99.12 59.95
C ASP FA 323 -12.59 -99.72 58.54
N GLN FA 324 -13.14 -98.94 57.59
CA GLN FA 324 -13.11 -99.27 56.19
C GLN FA 324 -11.89 -98.63 55.52
N ALA FA 325 -11.27 -99.37 54.59
CA ALA FA 325 -10.22 -98.85 53.73
C ALA FA 325 -10.44 -99.32 52.29
N PRO FA 326 -10.03 -98.53 51.25
CA PRO FA 326 -10.20 -98.93 49.86
C PRO FA 326 -9.52 -100.26 49.54
N GLY FA 327 -10.31 -101.21 49.02
CA GLY FA 327 -9.82 -102.53 48.63
C GLY FA 327 -9.60 -103.49 49.80
N VAL FA 328 -10.07 -103.12 51.00
CA VAL FA 328 -9.92 -103.89 52.24
C VAL FA 328 -11.32 -104.19 52.78
N GLU FA 329 -11.58 -105.46 53.14
CA GLU FA 329 -12.81 -105.85 53.81
C GLU FA 329 -12.72 -105.44 55.27
N PRO FA 330 -13.70 -104.70 55.86
CA PRO FA 330 -13.58 -104.22 57.24
C PRO FA 330 -13.43 -105.34 58.26
N GLY FA 331 -12.62 -105.07 59.30
CA GLY FA 331 -12.56 -105.92 60.48
C GLY FA 331 -13.80 -105.81 61.36
N ASP FA 332 -13.75 -106.43 62.54
CA ASP FA 332 -14.86 -106.43 63.50
C ASP FA 332 -14.61 -105.44 64.64
N ILE FA 333 -15.69 -104.95 65.25
CA ILE FA 333 -15.60 -104.28 66.54
C ILE FA 333 -15.88 -105.31 67.63
N VAL FA 334 -14.89 -105.53 68.51
CA VAL FA 334 -14.99 -106.49 69.60
C VAL FA 334 -15.03 -105.73 70.93
N LEU FA 335 -16.18 -105.80 71.60
CA LEU FA 335 -16.30 -105.21 72.93
C LEU FA 335 -15.91 -106.26 73.97
N LEU FA 336 -14.97 -105.89 74.84
CA LEU FA 336 -14.55 -106.74 75.94
C LEU FA 336 -15.22 -106.28 77.23
N LEU FA 337 -16.04 -107.15 77.84
CA LEU FA 337 -16.71 -106.82 79.08
C LEU FA 337 -15.71 -106.72 80.23
N GLN FA 338 -15.70 -105.54 80.88
CA GLN FA 338 -14.92 -105.30 82.08
C GLN FA 338 -15.86 -105.11 83.25
N GLU FA 339 -15.85 -106.07 84.19
CA GLU FA 339 -16.67 -106.00 85.38
C GLU FA 339 -16.07 -104.94 86.30
N LYS FA 340 -16.94 -104.04 86.79
CA LYS FA 340 -16.54 -103.06 87.79
C LYS FA 340 -16.62 -103.71 89.16
N GLU FA 341 -15.67 -103.33 90.02
CA GLU FA 341 -15.73 -103.59 91.45
C GLU FA 341 -17.06 -103.11 92.03
N GLY GA 198 2.18 -7.42 53.04
CA GLY GA 198 1.08 -8.41 53.03
C GLY GA 198 -0.27 -7.70 53.13
N GLU GA 199 -1.32 -8.49 52.89
CA GLU GA 199 -2.70 -8.03 52.92
C GLU GA 199 -3.16 -7.82 54.38
N ASP GA 200 -3.94 -6.74 54.60
CA ASP GA 200 -4.55 -6.47 55.89
C ASP GA 200 -5.75 -7.41 56.11
N MET GA 201 -5.94 -7.87 57.35
CA MET GA 201 -7.05 -8.73 57.73
C MET GA 201 -8.11 -7.93 58.48
N MET GA 202 -9.34 -7.90 57.93
CA MET GA 202 -10.45 -7.18 58.56
C MET GA 202 -11.35 -8.15 59.32
N HIS GA 203 -11.60 -7.85 60.61
CA HIS GA 203 -12.48 -8.66 61.45
C HIS GA 203 -13.56 -7.80 62.11
N PRO GA 204 -14.86 -8.16 61.96
CA PRO GA 204 -15.92 -7.46 62.68
C PRO GA 204 -15.93 -7.85 64.16
N LEU GA 205 -15.89 -6.84 65.05
CA LEU GA 205 -16.04 -7.03 66.48
C LEU GA 205 -17.41 -6.53 66.93
N LYS GA 206 -18.31 -7.45 67.27
CA LYS GA 206 -19.64 -7.12 67.76
C LYS GA 206 -19.57 -6.66 69.23
N VAL GA 207 -20.01 -5.42 69.48
CA VAL GA 207 -19.98 -4.77 70.79
C VAL GA 207 -21.38 -4.29 71.16
N SER GA 208 -21.76 -4.39 72.44
CA SER GA 208 -23.05 -3.89 72.91
C SER GA 208 -22.95 -2.41 73.30
N LEU GA 209 -24.10 -1.73 73.51
CA LEU GA 209 -24.11 -0.35 73.99
C LEU GA 209 -23.45 -0.22 75.38
N GLU GA 210 -23.65 -1.22 76.25
CA GLU GA 210 -23.03 -1.29 77.57
C GLU GA 210 -21.51 -1.38 77.46
N ASP GA 211 -21.01 -2.17 76.50
CA ASP GA 211 -19.57 -2.30 76.22
C ASP GA 211 -19.00 -0.95 75.80
N LEU GA 212 -19.72 -0.21 74.95
CA LEU GA 212 -19.32 1.09 74.43
C LEU GA 212 -19.44 2.21 75.47
N TYR GA 213 -20.36 2.07 76.44
CA TYR GA 213 -20.58 3.05 77.50
C TYR GA 213 -19.55 2.89 78.63
N ASN GA 214 -19.35 1.64 79.09
CA ASN GA 214 -18.49 1.35 80.23
C ASN GA 214 -17.03 1.14 79.83
N GLY GA 215 -16.77 0.84 78.55
CA GLY GA 215 -15.48 0.34 78.11
C GLY GA 215 -15.37 -1.16 78.36
N LYS GA 216 -14.63 -1.87 77.49
CA LYS GA 216 -14.48 -3.30 77.59
C LYS GA 216 -13.10 -3.76 77.10
N THR GA 217 -12.49 -4.63 77.89
CA THR GA 217 -11.32 -5.38 77.44
C THR GA 217 -11.76 -6.81 77.11
N THR GA 218 -11.51 -7.23 75.87
CA THR GA 218 -11.86 -8.57 75.41
C THR GA 218 -10.66 -9.25 74.74
N LYS GA 219 -10.59 -10.58 74.85
CA LYS GA 219 -9.55 -11.37 74.19
C LYS GA 219 -10.12 -11.97 72.92
N LEU GA 220 -9.45 -11.67 71.79
CA LEU GA 220 -9.82 -12.20 70.49
C LEU GA 220 -8.79 -13.24 70.07
N GLN GA 221 -9.26 -14.48 69.87
CA GLN GA 221 -8.41 -15.53 69.35
C GLN GA 221 -8.49 -15.55 67.82
N LEU GA 222 -7.33 -15.38 67.15
CA LEU GA 222 -7.23 -15.46 65.70
C LEU GA 222 -6.20 -16.52 65.30
N SER GA 223 -6.49 -17.23 64.20
CA SER GA 223 -5.53 -18.13 63.59
C SER GA 223 -4.87 -17.40 62.42
N LYS GA 224 -3.53 -17.33 62.43
CA LYS GA 224 -2.77 -16.68 61.36
C LYS GA 224 -1.59 -17.54 60.93
N ASN GA 225 -1.12 -17.29 59.71
CA ASN GA 225 0.09 -17.90 59.19
C ASN GA 225 1.31 -17.16 59.74
N VAL GA 226 2.22 -17.92 60.36
CA VAL GA 226 3.51 -17.42 60.81
C VAL GA 226 4.62 -18.15 60.06
N LEU GA 227 5.78 -17.47 59.89
CA LEU GA 227 6.93 -18.14 59.32
C LEU GA 227 7.33 -19.35 60.16
N CYS GA 228 7.57 -20.48 59.48
CA CYS GA 228 7.90 -21.73 60.14
C CYS GA 228 9.20 -21.58 60.95
N SER GA 229 9.09 -21.62 62.28
CA SER GA 229 10.21 -21.44 63.20
C SER GA 229 11.38 -22.40 62.94
N ALA GA 230 11.13 -23.56 62.32
CA ALA GA 230 12.13 -24.60 62.10
C ALA GA 230 12.95 -24.40 60.81
N CYS GA 231 12.47 -23.61 59.84
CA CYS GA 231 13.19 -23.35 58.60
C CYS GA 231 13.19 -21.87 58.21
N SER GA 232 12.69 -20.99 59.09
CA SER GA 232 12.61 -19.55 58.92
C SER GA 232 12.07 -19.14 57.53
N GLY GA 233 11.02 -19.86 57.05
CA GLY GA 233 10.33 -19.59 55.80
C GLY GA 233 11.08 -20.03 54.54
N GLN GA 234 12.37 -20.36 54.71
CA GLN GA 234 13.23 -20.67 53.57
C GLN GA 234 12.58 -21.87 52.93
N GLY GA 235 11.63 -22.44 53.68
CA GLY GA 235 10.94 -23.62 53.26
C GLY GA 235 11.87 -24.71 53.74
N GLY GA 236 13.00 -24.84 53.07
CA GLY GA 236 14.03 -25.73 53.54
C GLY GA 236 15.42 -25.12 53.39
N LYS GA 237 16.46 -25.92 53.64
CA LYS GA 237 17.84 -25.50 53.43
C LYS GA 237 18.03 -25.08 51.98
N SER GA 238 19.07 -24.29 51.67
CA SER GA 238 19.40 -23.93 50.30
C SER GA 238 19.70 -25.19 49.49
N GLY GA 239 18.85 -25.47 48.48
CA GLY GA 239 18.93 -26.67 47.66
C GLY GA 239 18.01 -27.78 48.17
N ALA GA 240 17.19 -27.47 49.18
CA ALA GA 240 16.14 -28.36 49.68
C ALA GA 240 14.87 -28.17 48.84
N VAL GA 241 14.76 -27.00 48.21
CA VAL GA 241 13.59 -26.65 47.42
C VAL GA 241 13.72 -27.26 46.03
N GLN GA 242 12.82 -28.20 45.72
CA GLN GA 242 12.80 -28.90 44.44
C GLN GA 242 11.50 -28.57 43.69
N LYS GA 243 11.60 -28.51 42.34
CA LYS GA 243 10.43 -28.41 41.49
C LYS GA 243 9.54 -29.63 41.75
N CYS GA 244 8.23 -29.38 41.92
CA CYS GA 244 7.29 -30.48 42.04
C CYS GA 244 7.23 -31.27 40.74
N SER GA 245 7.59 -32.58 40.77
CA SER GA 245 7.66 -33.45 39.59
C SER GA 245 6.29 -33.65 38.95
N ALA GA 246 5.29 -33.76 39.83
CA ALA GA 246 3.87 -33.95 39.60
C ALA GA 246 3.23 -32.95 38.64
N CYS GA 247 3.42 -31.65 38.94
CA CYS GA 247 2.86 -30.55 38.17
C CYS GA 247 3.94 -29.80 37.39
N ARG GA 248 5.20 -30.26 37.45
CA ARG GA 248 6.37 -29.65 36.82
C ARG GA 248 6.48 -28.16 37.16
N GLY GA 249 6.26 -27.81 38.45
CA GLY GA 249 6.34 -26.43 38.92
C GLY GA 249 5.10 -25.57 38.69
N ARG GA 250 4.02 -26.12 38.10
CA ARG GA 250 2.84 -25.34 37.74
C ARG GA 250 1.86 -25.15 38.93
N GLY GA 251 2.02 -25.90 40.02
CA GLY GA 251 1.07 -25.85 41.14
C GLY GA 251 -0.24 -26.60 40.85
N VAL GA 252 -0.59 -26.79 39.58
CA VAL GA 252 -1.85 -27.38 39.16
C VAL GA 252 -1.63 -28.56 38.20
N ARG GA 253 -2.54 -29.53 38.28
CA ARG GA 253 -2.59 -30.67 37.38
C ARG GA 253 -3.87 -30.62 36.57
N ILE GA 254 -3.78 -30.96 35.28
CA ILE GA 254 -4.96 -31.10 34.44
C ILE GA 254 -5.43 -32.54 34.51
N MET GA 255 -6.60 -32.76 35.10
CA MET GA 255 -7.25 -34.06 35.17
C MET GA 255 -8.33 -34.15 34.10
N ILE GA 256 -8.32 -35.27 33.37
CA ILE GA 256 -9.31 -35.52 32.33
C ILE GA 256 -10.44 -36.38 32.88
N ARG GA 257 -11.65 -35.83 32.96
CA ARG GA 257 -12.83 -36.60 33.30
C ARG GA 257 -13.66 -36.91 32.06
N GLN GA 258 -13.89 -38.17 31.71
CA GLN GA 258 -14.87 -38.49 30.66
C GLN GA 258 -16.29 -38.21 31.15
N LEU GA 259 -17.06 -37.43 30.37
CA LEU GA 259 -18.50 -37.26 30.58
C LEU GA 259 -19.35 -38.27 29.77
N ALA GA 260 -18.86 -38.61 28.58
CA ALA GA 260 -19.44 -39.56 27.67
C ALA GA 260 -18.36 -40.03 26.68
N PRO GA 261 -18.41 -41.20 26.00
CA PRO GA 261 -17.38 -41.51 25.01
C PRO GA 261 -17.35 -40.44 23.90
N GLY GA 262 -16.18 -39.82 23.74
CA GLY GA 262 -16.00 -38.70 22.81
C GLY GA 262 -16.24 -37.32 23.44
N MET GA 263 -16.72 -37.27 24.70
CA MET GA 263 -16.72 -36.04 25.49
C MET GA 263 -15.79 -36.15 26.71
N VAL GA 264 -14.64 -35.50 26.67
CA VAL GA 264 -13.74 -35.41 27.82
C VAL GA 264 -13.73 -33.97 28.35
N GLN GA 265 -13.85 -33.83 29.68
CA GLN GA 265 -13.68 -32.58 30.38
C GLN GA 265 -12.30 -32.49 31.00
N GLN GA 266 -11.54 -31.46 30.64
CA GLN GA 266 -10.28 -31.15 31.29
C GLN GA 266 -10.64 -30.25 32.46
N MET GA 267 -10.37 -30.74 33.68
CA MET GA 267 -10.49 -29.95 34.88
C MET GA 267 -9.08 -29.67 35.43
N GLN GA 268 -8.80 -28.41 35.76
CA GLN GA 268 -7.59 -28.02 36.47
C GLN GA 268 -7.86 -28.20 37.96
N SER GA 269 -7.04 -29.06 38.58
CA SER GA 269 -7.08 -29.30 40.01
C SER GA 269 -5.77 -28.81 40.62
N VAL GA 270 -5.82 -28.32 41.86
CA VAL GA 270 -4.60 -28.04 42.60
C VAL GA 270 -3.81 -29.35 42.72
N CYS GA 271 -2.48 -29.27 42.53
CA CYS GA 271 -1.63 -30.44 42.54
C CYS GA 271 -1.57 -30.99 43.96
N SER GA 272 -1.98 -32.26 44.13
CA SER GA 272 -1.96 -32.99 45.40
C SER GA 272 -0.58 -33.07 46.03
N ASP GA 273 0.48 -33.06 45.20
CA ASP GA 273 1.82 -33.40 45.66
C ASP GA 273 2.58 -32.19 46.21
N CYS GA 274 2.18 -30.97 45.82
CA CYS GA 274 2.74 -29.73 46.33
C CYS GA 274 1.70 -28.75 46.87
N ASN GA 275 0.42 -29.17 46.93
CA ASN GA 275 -0.70 -28.38 47.42
C ASN GA 275 -0.75 -26.98 46.78
N GLY GA 276 -0.35 -26.87 45.50
CA GLY GA 276 -0.43 -25.64 44.75
C GLY GA 276 0.84 -24.80 44.71
N GLU GA 277 1.86 -25.14 45.52
CA GLU GA 277 3.05 -24.31 45.66
C GLU GA 277 3.96 -24.43 44.43
N GLY GA 278 3.89 -25.55 43.71
CA GLY GA 278 4.79 -25.81 42.58
C GLY GA 278 6.17 -26.35 43.00
N GLU GA 279 6.45 -26.25 44.29
CA GLU GA 279 7.67 -26.79 44.88
C GLU GA 279 7.40 -27.86 45.93
N VAL GA 280 8.39 -28.73 46.14
CA VAL GA 280 8.36 -29.72 47.20
C VAL GA 280 9.65 -29.61 48.02
N ILE GA 281 9.49 -29.62 49.34
CA ILE GA 281 10.59 -29.63 50.30
C ILE GA 281 10.42 -30.90 51.14
N ASN GA 282 11.46 -31.76 51.13
CA ASN GA 282 11.51 -32.93 51.98
C ASN GA 282 11.32 -32.50 53.44
N GLU GA 283 10.53 -33.28 54.20
CA GLU GA 283 10.19 -32.97 55.59
C GLU GA 283 11.42 -32.64 56.44
N LYS GA 284 12.49 -33.42 56.25
CA LYS GA 284 13.77 -33.32 56.95
C LYS GA 284 14.49 -31.98 56.72
N ASP GA 285 14.13 -31.26 55.64
CA ASP GA 285 14.77 -30.01 55.26
C ASP GA 285 13.99 -28.78 55.77
N ARG GA 286 12.68 -28.94 56.04
CA ARG GA 286 11.84 -27.87 56.57
C ARG GA 286 11.59 -28.13 58.05
N CYS GA 287 10.99 -29.29 58.34
CA CYS GA 287 10.58 -29.70 59.68
C CYS GA 287 9.42 -30.68 59.53
N LYS GA 288 8.91 -31.19 60.65
CA LYS GA 288 7.72 -32.04 60.66
C LYS GA 288 6.51 -31.16 60.92
N LYS GA 289 6.63 -29.85 60.63
CA LYS GA 289 5.61 -28.85 60.94
C LYS GA 289 4.93 -28.33 59.66
N CYS GA 290 5.52 -27.31 58.99
CA CYS GA 290 4.96 -26.70 57.79
C CYS GA 290 4.69 -27.77 56.74
N GLU GA 291 5.76 -28.41 56.21
CA GLU GA 291 5.75 -29.49 55.23
C GLU GA 291 6.14 -28.93 53.86
N GLY GA 292 7.20 -28.12 53.84
CA GLY GA 292 7.66 -27.46 52.63
C GLY GA 292 6.78 -26.27 52.29
N LYS GA 293 5.96 -25.84 53.26
CA LYS GA 293 4.98 -24.79 53.05
C LYS GA 293 5.53 -23.40 53.41
N LYS GA 294 6.61 -23.34 54.24
CA LYS GA 294 7.32 -22.12 54.63
C LYS GA 294 6.55 -21.36 55.72
N VAL GA 295 5.28 -21.72 55.96
CA VAL GA 295 4.47 -21.13 57.03
C VAL GA 295 3.75 -22.22 57.84
N ILE GA 296 3.34 -21.87 59.06
CA ILE GA 296 2.52 -22.71 59.92
C ILE GA 296 1.37 -21.88 60.48
N LYS GA 297 0.20 -22.51 60.66
CA LYS GA 297 -0.92 -21.85 61.31
C LYS GA 297 -0.71 -21.83 62.81
N GLU GA 298 -0.64 -20.61 63.38
CA GLU GA 298 -0.52 -20.39 64.80
C GLU GA 298 -1.76 -19.65 65.31
N VAL GA 299 -2.11 -19.95 66.56
CA VAL GA 299 -3.25 -19.33 67.23
C VAL GA 299 -2.70 -18.20 68.11
N LYS GA 300 -3.07 -16.96 67.78
CA LYS GA 300 -2.68 -15.80 68.57
C LYS GA 300 -3.88 -15.18 69.28
N ILE GA 301 -3.69 -14.81 70.55
CA ILE GA 301 -4.69 -14.10 71.32
C ILE GA 301 -4.30 -12.63 71.35
N LEU GA 302 -5.19 -11.78 70.79
CA LEU GA 302 -5.06 -10.33 70.85
C LEU GA 302 -5.94 -9.79 71.98
N GLU GA 303 -5.35 -8.93 72.82
CA GLU GA 303 -6.12 -8.19 73.80
C GLU GA 303 -6.64 -6.91 73.15
N VAL GA 304 -7.97 -6.78 73.11
CA VAL GA 304 -8.65 -5.68 72.44
C VAL GA 304 -9.29 -4.78 73.50
N HIS GA 305 -8.88 -3.51 73.48
CA HIS GA 305 -9.47 -2.48 74.33
C HIS GA 305 -10.48 -1.68 73.53
N VAL GA 306 -11.74 -1.71 74.00
CA VAL GA 306 -12.82 -0.86 73.49
C VAL GA 306 -13.01 0.25 74.52
N ASP GA 307 -12.62 1.46 74.12
CA ASP GA 307 -12.72 2.65 74.96
C ASP GA 307 -14.17 3.15 75.07
N LYS GA 308 -14.44 3.87 76.15
CA LYS GA 308 -15.73 4.55 76.34
C LYS GA 308 -16.00 5.55 75.22
N GLY GA 309 -17.22 5.48 74.69
CA GLY GA 309 -17.70 6.42 73.69
C GLY GA 309 -17.29 6.09 72.24
N MET GA 310 -16.55 4.99 72.04
CA MET GA 310 -16.24 4.54 70.69
C MET GA 310 -17.50 4.38 69.84
N LYS GA 311 -17.36 4.59 68.52
CA LYS GA 311 -18.50 4.66 67.61
C LYS GA 311 -18.59 3.40 66.76
N HIS GA 312 -19.80 3.14 66.25
CA HIS GA 312 -19.99 2.15 65.20
C HIS GA 312 -19.07 2.44 64.01
N GLY GA 313 -18.47 1.38 63.45
CA GLY GA 313 -17.55 1.48 62.32
C GLY GA 313 -16.14 1.97 62.67
N GLN GA 314 -15.85 2.25 63.94
CA GLN GA 314 -14.51 2.64 64.36
C GLN GA 314 -13.53 1.46 64.23
N ARG GA 315 -12.30 1.75 63.82
CA ARG GA 315 -11.27 0.75 63.54
C ARG GA 315 -10.26 0.68 64.70
N ILE GA 316 -9.94 -0.55 65.12
CA ILE GA 316 -8.84 -0.84 66.04
C ILE GA 316 -7.79 -1.64 65.28
N THR GA 317 -6.59 -1.06 65.11
CA THR GA 317 -5.55 -1.64 64.28
C THR GA 317 -4.44 -2.26 65.12
N PHE GA 318 -4.08 -3.51 64.79
CA PHE GA 318 -2.93 -4.21 65.32
C PHE GA 318 -1.88 -4.35 64.22
N THR GA 319 -0.84 -3.51 64.30
CA THR GA 319 0.15 -3.36 63.24
C THR GA 319 1.03 -4.61 63.11
N GLY GA 320 1.21 -5.10 61.86
CA GLY GA 320 2.07 -6.23 61.55
C GLY GA 320 1.56 -7.57 62.09
N GLU GA 321 0.28 -7.62 62.50
CA GLU GA 321 -0.28 -8.80 63.13
C GLU GA 321 -0.95 -9.76 62.14
N ALA GA 322 -1.09 -9.38 60.86
CA ALA GA 322 -1.67 -10.25 59.84
C ALA GA 322 -0.77 -11.45 59.50
N ASP GA 323 -1.17 -12.18 58.46
CA ASP GA 323 -0.44 -13.32 57.92
C ASP GA 323 0.97 -12.95 57.48
N GLN GA 324 1.93 -13.80 57.89
CA GLN GA 324 3.31 -13.71 57.44
C GLN GA 324 3.52 -14.59 56.20
N ALA GA 325 4.32 -14.09 55.25
CA ALA GA 325 4.77 -14.86 54.10
C ALA GA 325 6.26 -14.61 53.85
N PRO GA 326 7.02 -15.60 53.31
CA PRO GA 326 8.45 -15.41 53.05
C PRO GA 326 8.73 -14.24 52.09
N GLY GA 327 9.57 -13.30 52.56
CA GLY GA 327 9.96 -12.12 51.79
C GLY GA 327 8.90 -11.02 51.74
N VAL GA 328 7.85 -11.14 52.56
CA VAL GA 328 6.72 -10.20 52.62
C VAL GA 328 6.64 -9.66 54.06
N GLU GA 329 6.53 -8.32 54.19
CA GLU GA 329 6.30 -7.69 55.48
C GLU GA 329 4.82 -7.86 55.84
N PRO GA 330 4.45 -8.38 57.05
CA PRO GA 330 3.04 -8.63 57.37
C PRO GA 330 2.16 -7.39 57.32
N GLY GA 331 0.92 -7.57 56.87
CA GLY GA 331 -0.13 -6.56 56.98
C GLY GA 331 -0.62 -6.39 58.41
N ASP GA 332 -1.69 -5.59 58.57
CA ASP GA 332 -2.28 -5.31 59.88
C ASP GA 332 -3.57 -6.13 60.10
N ILE GA 333 -3.89 -6.39 61.37
CA ILE GA 333 -5.23 -6.84 61.72
C ILE GA 333 -6.07 -5.61 62.12
N VAL GA 334 -7.15 -5.37 61.37
CA VAL GA 334 -8.05 -4.25 61.59
C VAL GA 334 -9.38 -4.76 62.10
N LEU GA 335 -9.69 -4.46 63.36
CA LEU GA 335 -10.99 -4.79 63.92
C LEU GA 335 -11.96 -3.66 63.65
N LEU GA 336 -13.11 -3.98 63.05
CA LEU GA 336 -14.17 -3.03 62.79
C LEU GA 336 -15.26 -3.18 63.85
N LEU GA 337 -15.50 -2.13 64.64
CA LEU GA 337 -16.54 -2.17 65.66
C LEU GA 337 -17.93 -2.21 65.03
N GLN GA 338 -18.70 -3.25 65.37
CA GLN GA 338 -20.09 -3.39 64.98
C GLN GA 338 -20.96 -3.27 66.22
N GLU GA 339 -21.73 -2.18 66.30
CA GLU GA 339 -22.64 -1.96 67.40
C GLU GA 339 -23.83 -2.92 67.25
N LYS GA 340 -24.16 -3.62 68.33
CA LYS GA 340 -25.34 -4.46 68.37
C LYS GA 340 -26.54 -3.60 68.71
N GLU GA 341 -27.66 -3.95 68.10
CA GLU GA 341 -28.98 -3.44 68.47
C GLU GA 341 -29.21 -3.68 69.97
N HIS GA 342 -29.81 -2.67 70.62
CA HIS GA 342 -30.13 -2.73 72.05
C HIS GA 342 -31.65 -2.63 72.20
N GLU GA 343 -32.22 -3.38 73.16
CA GLU GA 343 -33.67 -3.54 73.24
C GLU GA 343 -34.40 -2.27 73.69
N VAL GA 344 -33.77 -1.49 74.59
CA VAL GA 344 -34.39 -0.29 75.18
C VAL GA 344 -33.90 1.00 74.52
N PHE GA 345 -32.57 1.12 74.31
CA PHE GA 345 -31.94 2.35 73.84
C PHE GA 345 -31.53 2.25 72.37
N GLN GA 346 -31.75 3.34 71.65
CA GLN GA 346 -31.19 3.55 70.32
C GLN GA 346 -30.18 4.69 70.42
N ARG GA 347 -29.00 4.50 69.81
CA ARG GA 347 -27.95 5.50 69.90
C ARG GA 347 -27.97 6.39 68.66
N ASP GA 348 -27.92 7.71 68.90
CA ASP GA 348 -27.66 8.69 67.86
C ASP GA 348 -26.45 9.54 68.25
N GLY GA 349 -25.30 9.27 67.62
CA GLY GA 349 -24.05 9.92 67.99
C GLY GA 349 -23.65 9.72 69.46
N ASN GA 350 -23.79 10.79 70.26
CA ASN GA 350 -23.54 10.74 71.70
C ASN GA 350 -24.84 10.69 72.51
N ASP GA 351 -25.99 10.85 71.84
CA ASP GA 351 -27.29 10.86 72.48
C ASP GA 351 -27.91 9.45 72.47
N LEU GA 352 -28.83 9.24 73.42
CA LEU GA 352 -29.60 8.00 73.49
C LEU GA 352 -31.08 8.34 73.34
N HIS GA 353 -31.80 7.44 72.67
CA HIS GA 353 -33.24 7.54 72.49
C HIS GA 353 -33.91 6.30 73.09
N MET GA 354 -35.03 6.49 73.77
CA MET GA 354 -35.86 5.38 74.22
C MET GA 354 -37.33 5.73 74.09
N THR GA 355 -38.18 4.70 73.95
CA THR GA 355 -39.62 4.85 74.04
C THR GA 355 -40.10 4.34 75.38
N TYR GA 356 -40.89 5.17 76.09
CA TYR GA 356 -41.45 4.80 77.38
C TYR GA 356 -42.98 4.88 77.33
N LYS GA 357 -43.65 3.78 77.73
CA LYS GA 357 -45.10 3.70 77.74
C LYS GA 357 -45.63 4.18 79.09
N ILE GA 358 -46.63 5.08 79.04
CA ILE GA 358 -47.29 5.61 80.23
C ILE GA 358 -48.80 5.56 80.04
N GLY GA 359 -49.55 5.43 81.14
CA GLY GA 359 -51.02 5.49 81.10
C GLY GA 359 -51.54 6.91 80.94
N LEU GA 360 -52.81 7.06 80.54
CA LEU GA 360 -53.46 8.37 80.42
C LEU GA 360 -53.42 9.16 81.73
N VAL GA 361 -53.64 8.48 82.87
CA VAL GA 361 -53.59 9.09 84.19
C VAL GA 361 -52.20 9.67 84.47
N GLU GA 362 -51.14 8.92 84.16
CA GLU GA 362 -49.75 9.37 84.32
C GLU GA 362 -49.46 10.58 83.43
N ALA GA 363 -49.95 10.55 82.19
CA ALA GA 363 -49.78 11.62 81.21
C ALA GA 363 -50.43 12.94 81.65
N LEU GA 364 -51.58 12.87 82.37
CA LEU GA 364 -52.34 14.04 82.80
C LEU GA 364 -51.99 14.52 84.21
N CYS GA 365 -51.71 13.58 85.13
CA CYS GA 365 -51.60 13.86 86.56
C CYS GA 365 -50.16 13.85 87.08
N GLY GA 366 -49.18 13.57 86.21
CA GLY GA 366 -47.77 13.40 86.61
C GLY GA 366 -47.46 11.97 87.04
N PHE GA 367 -46.16 11.63 87.03
CA PHE GA 367 -45.71 10.27 87.24
C PHE GA 367 -44.24 10.21 87.69
N GLN GA 368 -43.88 9.03 88.19
CA GLN GA 368 -42.52 8.68 88.51
C GLN GA 368 -42.25 7.27 87.98
N PHE GA 369 -41.14 7.12 87.23
CA PHE GA 369 -40.73 5.81 86.78
C PHE GA 369 -39.22 5.61 86.97
N THR GA 370 -38.81 4.33 86.88
CA THR GA 370 -37.42 3.95 87.02
C THR GA 370 -37.00 3.06 85.85
N PHE GA 371 -35.76 3.24 85.37
CA PHE GA 371 -35.17 2.36 84.39
C PHE GA 371 -33.70 2.10 84.71
N LYS GA 372 -33.16 1.00 84.14
CA LYS GA 372 -31.77 0.65 84.26
C LYS GA 372 -30.98 1.27 83.11
N HIS GA 373 -29.93 2.04 83.45
CA HIS GA 373 -29.04 2.64 82.46
C HIS GA 373 -27.95 1.65 82.02
N LEU GA 374 -27.12 2.07 81.04
CA LEU GA 374 -26.05 1.27 80.44
C LEU GA 374 -24.91 0.95 81.44
N ASP GA 375 -24.75 1.77 82.49
CA ASP GA 375 -23.81 1.50 83.59
C ASP GA 375 -24.42 0.63 84.71
N GLY GA 376 -25.70 0.28 84.59
CA GLY GA 376 -26.41 -0.51 85.58
C GLY GA 376 -26.99 0.30 86.73
N ARG GA 377 -26.81 1.63 86.76
CA ARG GA 377 -27.49 2.49 87.72
C ARG GA 377 -28.99 2.50 87.45
N GLN GA 378 -29.79 2.58 88.53
CA GLN GA 378 -31.22 2.84 88.44
C GLN GA 378 -31.45 4.35 88.41
N ILE GA 379 -32.07 4.85 87.33
CA ILE GA 379 -32.41 6.26 87.20
C ILE GA 379 -33.90 6.42 87.52
N VAL GA 380 -34.20 7.34 88.45
CA VAL GA 380 -35.57 7.72 88.79
C VAL GA 380 -35.92 9.01 88.04
N VAL GA 381 -36.87 8.93 87.10
CA VAL GA 381 -37.38 10.09 86.39
C VAL GA 381 -38.70 10.50 87.02
N LYS GA 382 -38.80 11.80 87.37
CA LYS GA 382 -40.00 12.38 87.95
C LYS GA 382 -40.54 13.46 87.03
N TYR GA 383 -41.86 13.39 86.79
CA TYR GA 383 -42.58 14.41 86.05
C TYR GA 383 -43.63 15.05 86.97
N PRO GA 384 -43.63 16.38 87.16
CA PRO GA 384 -44.47 17.00 88.18
C PRO GA 384 -45.95 16.95 87.82
N PRO GA 385 -46.86 16.87 88.83
CA PRO GA 385 -48.30 16.96 88.59
C PRO GA 385 -48.70 18.30 88.01
N GLY GA 386 -49.73 18.31 87.17
CA GLY GA 386 -50.23 19.53 86.54
C GLY GA 386 -49.54 19.89 85.22
N LYS GA 387 -48.56 19.08 84.78
CA LYS GA 387 -48.00 19.20 83.44
C LYS GA 387 -48.41 17.98 82.62
N VAL GA 388 -48.82 18.22 81.37
CA VAL GA 388 -49.33 17.17 80.48
C VAL GA 388 -48.20 16.67 79.56
N ILE GA 389 -48.18 15.34 79.39
CA ILE GA 389 -47.41 14.66 78.36
C ILE GA 389 -48.35 14.32 77.21
N GLU GA 390 -48.11 14.94 76.05
CA GLU GA 390 -48.84 14.64 74.83
C GLU GA 390 -48.38 13.31 74.23
N PRO GA 391 -49.27 12.53 73.57
CA PRO GA 391 -48.86 11.32 72.84
C PRO GA 391 -47.77 11.61 71.81
N GLY GA 392 -46.69 10.84 71.89
CA GLY GA 392 -45.54 10.94 71.01
C GLY GA 392 -44.57 12.07 71.36
N CYS GA 393 -44.84 12.86 72.40
CA CYS GA 393 -43.95 13.96 72.77
C CYS GA 393 -42.61 13.44 73.31
N VAL GA 394 -41.56 14.25 73.12
CA VAL GA 394 -40.21 13.90 73.56
C VAL GA 394 -39.80 14.80 74.73
N ARG GA 395 -39.18 14.18 75.76
CA ARG GA 395 -38.53 14.91 76.85
C ARG GA 395 -37.08 14.46 76.97
N VAL GA 396 -36.27 15.28 77.66
CA VAL GA 396 -34.84 15.06 77.74
C VAL GA 396 -34.42 14.88 79.21
N VAL GA 397 -33.55 13.88 79.44
CA VAL GA 397 -32.80 13.73 80.68
C VAL GA 397 -31.34 14.06 80.34
N ARG GA 398 -30.90 15.25 80.79
CA ARG GA 398 -29.61 15.80 80.41
C ARG GA 398 -28.45 15.02 81.03
N GLY GA 399 -27.40 14.76 80.24
CA GLY GA 399 -26.17 14.11 80.68
C GLY GA 399 -26.28 12.59 80.88
N GLU GA 400 -27.40 11.99 80.44
CA GLU GA 400 -27.63 10.55 80.53
C GLU GA 400 -27.57 9.87 79.16
N GLY GA 401 -26.87 10.48 78.19
CA GLY GA 401 -26.50 9.85 76.92
C GLY GA 401 -25.19 9.08 76.98
N MET GA 402 -24.63 8.78 75.80
CA MET GA 402 -23.33 8.11 75.66
C MET GA 402 -22.17 9.04 76.02
N PRO GA 403 -21.07 8.51 76.61
CA PRO GA 403 -19.84 9.29 76.80
C PRO GA 403 -19.19 9.64 75.47
N GLN GA 404 -18.55 10.81 75.41
CA GLN GA 404 -17.75 11.19 74.25
C GLN GA 404 -16.46 10.39 74.19
N TYR GA 405 -16.09 9.91 72.99
CA TYR GA 405 -14.81 9.25 72.79
C TYR GA 405 -13.65 10.20 73.13
N ARG GA 406 -12.69 9.71 73.95
CA ARG GA 406 -11.51 10.46 74.42
C ARG GA 406 -11.84 11.51 75.49
N ASN GA 407 -13.13 11.85 75.69
CA ASN GA 407 -13.56 12.77 76.74
C ASN GA 407 -14.75 12.16 77.49
N PRO GA 408 -14.57 11.05 78.23
CA PRO GA 408 -15.69 10.30 78.84
C PRO GA 408 -16.41 11.00 80.00
N PHE GA 409 -15.90 12.17 80.42
CA PHE GA 409 -16.54 13.03 81.40
C PHE GA 409 -17.70 13.82 80.80
N GLU GA 410 -17.64 14.08 79.49
CA GLU GA 410 -18.76 14.66 78.74
C GLU GA 410 -19.63 13.55 78.16
N LYS GA 411 -20.95 13.73 78.32
CA LYS GA 411 -21.93 12.79 77.82
C LYS GA 411 -22.96 13.56 76.99
N GLY GA 412 -23.58 12.85 76.05
CA GLY GA 412 -24.80 13.34 75.42
C GLY GA 412 -26.00 13.26 76.36
N ASP GA 413 -27.18 13.40 75.77
CA ASP GA 413 -28.45 13.42 76.48
C ASP GA 413 -29.29 12.17 76.19
N LEU GA 414 -30.25 11.86 77.08
CA LEU GA 414 -31.23 10.82 76.85
C LEU GA 414 -32.58 11.43 76.48
N TYR GA 415 -33.04 11.15 75.26
CA TYR GA 415 -34.35 11.55 74.77
C TYR GA 415 -35.36 10.42 74.97
N ILE GA 416 -36.46 10.76 75.65
CA ILE GA 416 -37.52 9.80 75.96
C ILE GA 416 -38.77 10.20 75.18
N LYS GA 417 -39.17 9.36 74.22
CA LYS GA 417 -40.44 9.48 73.53
C LYS GA 417 -41.52 8.79 74.36
N PHE GA 418 -42.59 9.53 74.69
CA PHE GA 418 -43.68 8.98 75.47
C PHE GA 418 -44.79 8.42 74.58
N ASP GA 419 -45.13 7.16 74.82
CA ASP GA 419 -46.23 6.46 74.18
C ASP GA 419 -47.39 6.38 75.19
N VAL GA 420 -48.42 7.22 74.99
CA VAL GA 420 -49.52 7.33 75.94
C VAL GA 420 -50.59 6.28 75.63
N GLN GA 421 -50.77 5.35 76.56
CA GLN GA 421 -51.75 4.28 76.48
C GLN GA 421 -53.09 4.74 77.03
N PHE GA 422 -54.07 4.83 76.13
CA PHE GA 422 -55.47 5.04 76.47
C PHE GA 422 -56.06 3.79 77.12
N PRO GA 423 -57.04 3.93 78.04
CA PRO GA 423 -57.76 2.80 78.60
C PRO GA 423 -58.57 2.10 77.51
N GLU GA 424 -58.87 0.82 77.72
CA GLU GA 424 -59.66 0.05 76.76
C GLU GA 424 -61.12 0.50 76.69
N ASN GA 425 -61.79 -0.02 75.66
CA ASN GA 425 -63.23 0.08 75.39
C ASN GA 425 -64.04 -0.28 76.64
N ASN GA 426 -65.04 0.56 77.00
CA ASN GA 426 -65.94 0.33 78.13
C ASN GA 426 -65.26 0.40 79.53
N TRP GA 427 -64.11 1.08 79.68
CA TRP GA 427 -63.39 1.09 80.96
C TRP GA 427 -64.15 1.79 82.09
N ILE GA 428 -65.07 2.68 81.72
CA ILE GA 428 -65.88 3.46 82.67
C ILE GA 428 -67.37 3.34 82.35
N ASN GA 429 -68.21 3.29 83.40
CA ASN GA 429 -69.66 3.31 83.26
C ASN GA 429 -70.10 4.64 82.63
N PRO GA 430 -70.94 4.64 81.56
CA PRO GA 430 -71.52 5.87 81.00
C PRO GA 430 -72.03 6.93 81.98
N ASP GA 431 -72.58 6.51 83.13
CA ASP GA 431 -73.09 7.43 84.16
C ASP GA 431 -72.01 8.37 84.72
N LYS GA 432 -70.73 7.96 84.65
CA LYS GA 432 -69.59 8.70 85.17
C LYS GA 432 -68.90 9.58 84.13
N LEU GA 433 -69.37 9.52 82.87
CA LEU GA 433 -68.77 10.31 81.79
C LEU GA 433 -69.01 11.81 82.00
N SER GA 434 -70.16 12.15 82.60
CA SER GA 434 -70.53 13.52 82.98
C SER GA 434 -69.53 14.11 83.98
N GLU GA 435 -69.22 13.36 85.06
CA GLU GA 435 -68.23 13.76 86.07
C GLU GA 435 -66.86 13.99 85.44
N LEU GA 436 -66.47 13.17 84.46
CA LEU GA 436 -65.19 13.31 83.76
C LEU GA 436 -65.17 14.56 82.88
N GLU GA 437 -66.29 14.85 82.20
CA GLU GA 437 -66.43 16.01 81.33
C GLU GA 437 -66.30 17.31 82.13
N ASP GA 438 -66.91 17.36 83.33
CA ASP GA 438 -66.87 18.50 84.24
C ASP GA 438 -65.44 18.82 84.74
N LEU GA 439 -64.54 17.82 84.75
CA LEU GA 439 -63.19 17.97 85.25
C LEU GA 439 -62.26 18.49 84.16
N GLY HA 198 -42.66 42.76 21.19
CA GLY HA 198 -43.36 41.64 20.50
C GLY HA 198 -44.69 42.10 19.94
N GLU HA 199 -45.27 41.24 19.12
CA GLU HA 199 -46.55 41.47 18.44
C GLU HA 199 -47.70 41.33 19.44
N ASP HA 200 -48.70 42.20 19.32
CA ASP HA 200 -49.93 42.11 20.11
C ASP HA 200 -50.83 40.99 19.56
N MET HA 201 -51.50 40.26 20.48
CA MET HA 201 -52.41 39.19 20.10
C MET HA 201 -53.86 39.66 20.25
N MET HA 202 -54.62 39.62 19.14
CA MET HA 202 -56.02 40.02 19.15
C MET HA 202 -56.93 38.81 19.22
N HIS HA 203 -57.86 38.80 20.19
CA HIS HA 203 -58.82 37.71 20.35
C HIS HA 203 -60.25 38.24 20.42
N PRO HA 204 -61.18 37.75 19.56
CA PRO HA 204 -62.59 38.13 19.68
C PRO HA 204 -63.24 37.44 20.89
N LEU HA 205 -63.89 38.24 21.75
CA LEU HA 205 -64.68 37.74 22.85
C LEU HA 205 -66.16 37.93 22.56
N LYS HA 206 -66.87 36.84 22.27
CA LYS HA 206 -68.31 36.88 22.01
C LYS HA 206 -69.08 37.01 23.32
N VAL HA 207 -69.87 38.10 23.43
CA VAL HA 207 -70.64 38.47 24.62
C VAL HA 207 -72.11 38.65 24.22
N SER HA 208 -73.05 38.22 25.09
CA SER HA 208 -74.47 38.44 24.86
C SER HA 208 -74.92 39.80 25.38
N LEU HA 209 -76.14 40.25 25.02
CA LEU HA 209 -76.71 41.48 25.57
C LEU HA 209 -76.88 41.41 27.09
N GLU HA 210 -77.25 40.24 27.61
CA GLU HA 210 -77.38 40.00 29.06
C GLU HA 210 -76.04 40.15 29.76
N ASP HA 211 -74.96 39.65 29.14
CA ASP HA 211 -73.59 39.79 29.65
C ASP HA 211 -73.21 41.27 29.74
N LEU HA 212 -73.57 42.06 28.71
CA LEU HA 212 -73.27 43.49 28.62
C LEU HA 212 -74.15 44.34 29.54
N TYR HA 213 -75.37 43.86 29.85
CA TYR HA 213 -76.30 44.56 30.72
C TYR HA 213 -75.98 44.32 32.20
N ASN HA 214 -75.75 43.05 32.58
CA ASN HA 214 -75.54 42.65 33.96
C ASN HA 214 -74.07 42.74 34.39
N GLY HA 215 -73.15 42.76 33.41
CA GLY HA 215 -71.74 42.54 33.67
C GLY HA 215 -71.41 41.05 33.80
N LYS HA 216 -70.19 40.67 33.40
CA LYS HA 216 -69.80 39.27 33.41
C LYS HA 216 -68.30 39.13 33.68
N THR HA 217 -67.97 38.21 34.58
CA THR HA 217 -66.61 37.75 34.75
C THR HA 217 -66.48 36.37 34.09
N THR HA 218 -65.55 36.26 33.14
CA THR HA 218 -65.30 34.99 32.44
C THR HA 218 -63.80 34.65 32.45
N LYS HA 219 -63.49 33.35 32.46
CA LYS HA 219 -62.12 32.88 32.37
C LYS HA 219 -61.80 32.46 30.94
N LEU HA 220 -60.76 33.09 30.38
CA LEU HA 220 -60.31 32.79 29.03
C LEU HA 220 -59.00 32.02 29.12
N GLN HA 221 -59.00 30.79 28.56
CA GLN HA 221 -57.78 30.01 28.47
C GLN HA 221 -57.08 30.30 27.14
N LEU HA 222 -55.83 30.77 27.21
CA LEU HA 222 -55.00 31.00 26.03
C LEU HA 222 -53.69 30.20 26.13
N SER HA 223 -53.22 29.71 24.99
CA SER HA 223 -51.90 29.11 24.89
C SER HA 223 -50.94 30.14 24.32
N LYS HA 224 -49.84 30.40 25.05
CA LYS HA 224 -48.83 31.36 24.62
C LYS HA 224 -47.42 30.79 24.80
N ASN HA 225 -46.48 31.34 24.05
CA ASN HA 225 -45.07 31.05 24.20
C ASN HA 225 -44.50 31.83 25.38
N VAL HA 226 -43.87 31.09 26.30
CA VAL HA 226 -43.13 31.68 27.42
C VAL HA 226 -41.67 31.28 27.31
N LEU HA 227 -40.77 32.13 27.85
CA LEU HA 227 -39.37 31.78 27.91
C LEU HA 227 -39.17 30.48 28.71
N CYS HA 228 -38.37 29.57 28.15
CA CYS HA 228 -38.14 28.27 28.76
C CYS HA 228 -37.50 28.43 30.14
N SER HA 229 -38.24 28.10 31.20
CA SER HA 229 -37.81 28.25 32.59
C SER HA 229 -36.49 27.55 32.90
N ALA HA 230 -36.13 26.51 32.13
CA ALA HA 230 -34.93 25.70 32.37
C ALA HA 230 -33.65 26.28 31.75
N CYS HA 231 -33.76 27.17 30.75
CA CYS HA 231 -32.59 27.78 30.11
C CYS HA 231 -32.73 29.30 29.95
N SER HA 232 -33.81 29.88 30.50
CA SER HA 232 -34.11 31.31 30.46
C SER HA 232 -33.96 31.92 29.05
N GLY HA 233 -34.42 31.16 28.03
CA GLY HA 233 -34.44 31.59 26.63
C GLY HA 233 -33.08 31.54 25.92
N GLN HA 234 -32.01 31.37 26.72
CA GLN HA 234 -30.66 31.43 26.19
C GLN HA 234 -30.59 30.30 25.18
N GLY HA 235 -31.64 29.47 25.24
CA GLY HA 235 -31.73 28.31 24.41
C GLY HA 235 -30.95 27.29 25.19
N GLY HA 236 -29.63 27.47 25.22
CA GLY HA 236 -28.80 26.65 26.08
C GLY HA 236 -27.70 27.47 26.75
N LYS HA 237 -26.78 26.79 27.43
CA LYS HA 237 -25.63 27.44 28.04
C LYS HA 237 -24.83 28.17 26.95
N SER HA 238 -23.99 29.16 27.34
CA SER HA 238 -23.12 29.84 26.40
C SER HA 238 -22.16 28.83 25.75
N GLY HA 239 -22.31 28.65 24.43
CA GLY HA 239 -21.55 27.67 23.65
C GLY HA 239 -22.32 26.36 23.48
N ALA HA 240 -23.59 26.33 23.92
CA ALA HA 240 -24.49 25.21 23.68
C ALA HA 240 -25.17 25.39 22.33
N VAL HA 241 -25.22 26.64 21.85
CA VAL HA 241 -25.90 26.97 20.62
C VAL HA 241 -24.96 26.70 19.44
N GLN HA 242 -25.33 25.72 18.61
CA GLN HA 242 -24.54 25.31 17.45
C GLN HA 242 -25.32 25.59 16.17
N LYS HA 243 -24.59 25.96 15.09
CA LYS HA 243 -25.16 26.05 13.75
C LYS HA 243 -25.74 24.69 13.37
N CYS HA 244 -26.98 24.70 12.86
CA CYS HA 244 -27.56 23.48 12.36
C CYS HA 244 -26.77 22.97 11.14
N SER HA 245 -26.19 21.76 11.22
CA SER HA 245 -25.34 21.16 10.18
C SER HA 245 -26.12 20.91 8.89
N ALA HA 246 -27.36 20.47 9.08
CA ALA HA 246 -28.39 20.13 8.12
C ALA HA 246 -28.68 21.20 7.07
N CYS HA 247 -28.97 22.42 7.55
CA CYS HA 247 -29.31 23.57 6.71
C CYS HA 247 -28.18 24.61 6.72
N ARG HA 248 -27.05 24.33 7.40
CA ARG HA 248 -25.91 25.23 7.55
C ARG HA 248 -26.34 26.61 8.05
N GLY HA 249 -27.25 26.65 9.04
CA GLY HA 249 -27.73 27.90 9.62
C GLY HA 249 -28.86 28.60 8.84
N ARG HA 250 -29.33 28.03 7.73
CA ARG HA 250 -30.33 28.69 6.87
C ARG HA 250 -31.77 28.49 7.36
N GLY HA 251 -32.02 27.56 8.29
CA GLY HA 251 -33.38 27.23 8.73
C GLY HA 251 -34.15 26.37 7.73
N VAL HA 252 -33.75 26.42 6.44
CA VAL HA 252 -34.47 25.74 5.37
C VAL HA 252 -33.54 24.83 4.55
N ARG HA 253 -34.11 23.74 4.04
CA ARG HA 253 -33.44 22.81 3.14
C ARG HA 253 -34.10 22.85 1.79
N ILE HA 254 -33.31 22.78 0.72
CA ILE HA 254 -33.84 22.66 -0.62
C ILE HA 254 -33.93 21.17 -0.97
N MET HA 255 -35.17 20.69 -1.12
CA MET HA 255 -35.45 19.32 -1.53
C MET HA 255 -35.78 19.29 -3.02
N ILE HA 256 -35.15 18.35 -3.73
CA ILE HA 256 -35.38 18.20 -5.16
C ILE HA 256 -36.41 17.09 -5.40
N ARG HA 257 -37.58 17.44 -5.93
CA ARG HA 257 -38.56 16.44 -6.37
C ARG HA 257 -38.53 16.30 -7.89
N GLN HA 258 -38.24 15.12 -8.44
CA GLN HA 258 -38.44 14.91 -9.88
C GLN HA 258 -39.93 14.85 -10.22
N LEU HA 259 -40.36 15.67 -11.20
CA LEU HA 259 -41.71 15.58 -11.78
C LEU HA 259 -41.76 14.67 -13.01
N ALA HA 260 -40.67 14.67 -13.79
CA ALA HA 260 -40.47 13.87 -14.97
C ALA HA 260 -38.97 13.78 -15.27
N PRO HA 261 -38.40 12.78 -16.00
CA PRO HA 261 -36.97 12.83 -16.30
C PRO HA 261 -36.61 14.11 -17.08
N GLY HA 262 -35.70 14.90 -16.51
CA GLY HA 262 -35.34 16.21 -17.06
C GLY HA 262 -36.16 17.38 -16.51
N MET HA 263 -37.22 17.10 -15.73
CA MET HA 263 -37.92 18.11 -14.93
C MET HA 263 -37.76 17.85 -13.43
N VAL HA 264 -36.93 18.66 -12.76
CA VAL HA 264 -36.79 18.64 -11.31
C VAL HA 264 -37.40 19.91 -10.71
N GLN HA 265 -38.20 19.75 -9.65
CA GLN HA 265 -38.71 20.83 -8.84
C GLN HA 265 -37.90 20.99 -7.58
N GLN HA 266 -37.33 22.17 -7.35
CA GLN HA 266 -36.67 22.50 -6.11
C GLN HA 266 -37.77 23.09 -5.23
N MET HA 267 -38.05 22.39 -4.12
CA MET HA 267 -38.93 22.89 -3.08
C MET HA 267 -38.09 23.26 -1.85
N GLN HA 268 -38.32 24.45 -1.30
CA GLN HA 268 -37.76 24.86 -0.02
C GLN HA 268 -38.68 24.34 1.08
N SER HA 269 -38.13 23.49 1.95
CA SER HA 269 -38.81 22.95 3.10
C SER HA 269 -38.13 23.49 4.36
N VAL HA 270 -38.91 23.70 5.44
CA VAL HA 270 -38.33 23.99 6.73
C VAL HA 270 -37.43 22.81 7.11
N CYS HA 271 -36.25 23.13 7.68
CA CYS HA 271 -35.26 22.12 8.02
C CYS HA 271 -35.79 21.30 9.19
N SER HA 272 -35.92 19.98 8.98
CA SER HA 272 -36.38 19.00 9.97
C SER HA 272 -35.52 19.00 11.24
N ASP HA 273 -34.23 19.34 11.11
CA ASP HA 273 -33.25 19.11 12.18
C ASP HA 273 -33.19 20.28 13.17
N CYS HA 274 -33.60 21.48 12.74
CA CYS HA 274 -33.68 22.65 13.60
C CYS HA 274 -35.05 23.34 13.59
N ASN HA 275 -36.04 22.72 12.92
CA ASN HA 275 -37.41 23.24 12.81
C ASN HA 275 -37.46 24.71 12.39
N GLY HA 276 -36.50 25.14 11.55
CA GLY HA 276 -36.49 26.49 11.00
C GLY HA 276 -35.60 27.48 11.73
N GLU HA 277 -35.08 27.13 12.91
CA GLU HA 277 -34.35 28.08 13.74
C GLU HA 277 -32.94 28.35 13.18
N GLY HA 278 -32.38 27.40 12.42
CA GLY HA 278 -31.00 27.51 11.94
C GLY HA 278 -29.94 27.11 12.97
N GLU HA 279 -30.38 26.97 14.22
CA GLU HA 279 -29.53 26.51 15.31
C GLU HA 279 -30.04 25.22 15.93
N VAL HA 280 -29.11 24.47 16.55
CA VAL HA 280 -29.43 23.29 17.33
C VAL HA 280 -28.79 23.42 18.71
N ILE HA 281 -29.59 23.11 19.73
CA ILE HA 281 -29.14 23.05 21.12
C ILE HA 281 -29.42 21.64 21.62
N ASN HA 282 -28.35 20.95 22.07
CA ASN HA 282 -28.46 19.65 22.70
C ASN HA 282 -29.44 19.73 23.86
N GLU HA 283 -30.30 18.72 24.00
CA GLU HA 283 -31.35 18.66 25.01
C GLU HA 283 -30.83 18.98 26.42
N LYS HA 284 -29.66 18.43 26.75
CA LYS HA 284 -28.97 18.57 28.03
C LYS HA 284 -28.56 20.01 28.36
N ASP HA 285 -28.49 20.88 27.33
CA ASP HA 285 -28.07 22.27 27.48
C ASP HA 285 -29.24 23.23 27.61
N ARG HA 286 -30.44 22.84 27.13
CA ARG HA 286 -31.65 23.65 27.24
C ARG HA 286 -32.54 23.04 28.32
N CYS HA 287 -32.92 21.78 28.12
CA CYS HA 287 -33.83 21.04 28.99
C CYS HA 287 -34.49 19.96 28.14
N LYS HA 288 -35.37 19.15 28.77
CA LYS HA 288 -36.17 18.16 28.06
C LYS HA 288 -37.52 18.79 27.72
N LYS HA 289 -37.57 20.13 27.67
CA LYS HA 289 -38.80 20.89 27.49
C LYS HA 289 -38.85 21.56 26.11
N CYS HA 290 -38.26 22.76 25.96
CA CYS HA 290 -38.27 23.53 24.71
C CYS HA 290 -37.72 22.67 23.58
N GLU HA 291 -36.41 22.32 23.65
CA GLU HA 291 -35.68 21.47 22.70
C GLU HA 291 -34.80 22.35 21.82
N GLY HA 292 -34.09 23.30 22.44
CA GLY HA 292 -33.25 24.25 21.74
C GLY HA 292 -34.10 25.36 21.11
N LYS HA 293 -35.36 25.45 21.53
CA LYS HA 293 -36.31 26.37 20.94
C LYS HA 293 -36.37 27.72 21.68
N LYS HA 294 -35.90 27.75 22.95
CA LYS HA 294 -35.78 28.96 23.78
C LYS HA 294 -37.14 29.35 24.36
N VAL HA 295 -38.24 28.77 23.85
CA VAL HA 295 -39.59 29.00 24.38
C VAL HA 295 -40.33 27.67 24.57
N ILE HA 296 -41.38 27.71 25.40
CA ILE HA 296 -42.29 26.59 25.61
C ILE HA 296 -43.73 27.12 25.55
N LYS HA 297 -44.64 26.31 25.02
CA LYS HA 297 -46.06 26.64 25.04
C LYS HA 297 -46.64 26.37 26.41
N GLU HA 298 -47.15 27.45 27.05
CA GLU HA 298 -47.81 27.39 28.34
C GLU HA 298 -49.26 27.82 28.18
N VAL HA 299 -50.12 27.22 29.01
CA VAL HA 299 -51.54 27.53 29.03
C VAL HA 299 -51.79 28.51 30.18
N LYS HA 300 -52.22 29.73 29.84
CA LYS HA 300 -52.55 30.75 30.83
C LYS HA 300 -54.05 31.01 30.85
N ILE HA 301 -54.61 31.13 32.05
CA ILE HA 301 -56.00 31.51 32.25
C ILE HA 301 -56.04 33.00 32.63
N LEU HA 302 -56.69 33.80 31.77
CA LEU HA 302 -56.93 35.21 32.04
C LEU HA 302 -58.37 35.38 32.57
N GLU HA 303 -58.49 36.11 33.68
CA GLU HA 303 -59.79 36.52 34.17
C GLU HA 303 -60.20 37.82 33.47
N VAL HA 304 -61.32 37.76 32.75
CA VAL HA 304 -61.80 38.87 31.94
C VAL HA 304 -63.07 39.43 32.57
N HIS HA 305 -63.02 40.73 32.91
CA HIS HA 305 -64.17 41.46 33.41
C HIS HA 305 -64.80 42.26 32.27
N VAL HA 306 -66.07 41.95 32.00
CA VAL HA 306 -66.92 42.72 31.09
C VAL HA 306 -67.85 43.56 31.96
N ASP HA 307 -67.61 44.87 31.95
CA ASP HA 307 -68.38 45.83 32.73
C ASP HA 307 -69.76 46.08 32.09
N LYS HA 308 -70.70 46.52 32.93
CA LYS HA 308 -72.02 46.95 32.49
C LYS HA 308 -71.92 48.11 31.49
N GLY HA 309 -72.66 47.98 30.38
CA GLY HA 309 -72.77 49.03 29.38
C GLY HA 309 -71.63 49.07 28.36
N MET HA 310 -70.66 48.15 28.47
CA MET HA 310 -69.62 48.04 27.46
C MET HA 310 -70.21 47.88 26.05
N LYS HA 311 -69.49 48.38 25.04
CA LYS HA 311 -70.00 48.46 23.68
C LYS HA 311 -69.36 47.41 22.77
N HIS HA 312 -70.06 47.08 21.69
CA HIS HA 312 -69.46 46.31 20.60
C HIS HA 312 -68.16 46.98 20.11
N GLY HA 313 -67.13 46.16 19.86
CA GLY HA 313 -65.83 46.62 19.41
C GLY HA 313 -64.93 47.22 20.50
N GLN HA 314 -65.39 47.27 21.75
CA GLN HA 314 -64.57 47.75 22.86
C GLN HA 314 -63.43 46.78 23.14
N ARG HA 315 -62.25 47.32 23.50
CA ARG HA 315 -61.03 46.55 23.70
C ARG HA 315 -60.75 46.40 25.20
N ILE HA 316 -60.41 45.15 25.61
CA ILE HA 316 -59.89 44.84 26.94
C ILE HA 316 -58.44 44.38 26.77
N THR HA 317 -57.49 45.15 27.32
CA THR HA 317 -56.07 44.91 27.12
C THR HA 317 -55.42 44.31 28.36
N PHE HA 318 -54.67 43.21 28.15
CA PHE HA 318 -53.81 42.58 29.13
C PHE HA 318 -52.36 42.84 28.75
N THR HA 319 -51.72 43.78 29.45
CA THR HA 319 -50.39 44.28 29.10
C THR HA 319 -49.30 43.23 29.33
N GLY HA 320 -48.43 43.04 28.33
CA GLY HA 320 -47.28 42.13 28.42
C GLY HA 320 -47.67 40.65 28.46
N GLU HA 321 -48.93 40.33 28.13
CA GLU HA 321 -49.45 38.98 28.24
C GLU HA 321 -49.30 38.15 26.95
N ALA HA 322 -48.85 38.77 25.84
CA ALA HA 322 -48.63 38.06 24.58
C ALA HA 322 -47.43 37.10 24.66
N ASP HA 323 -47.07 36.55 23.49
CA ASP HA 323 -45.94 35.67 23.30
C ASP HA 323 -44.63 36.32 23.73
N GLN HA 324 -43.83 35.56 24.49
CA GLN HA 324 -42.47 35.93 24.85
C GLN HA 324 -41.47 35.36 23.84
N ALA HA 325 -40.45 36.16 23.51
CA ALA HA 325 -39.32 35.72 22.70
C ALA HA 325 -38.00 36.22 23.31
N PRO HA 326 -36.88 35.49 23.17
CA PRO HA 326 -35.60 35.93 23.72
C PRO HA 326 -35.16 37.30 23.18
N GLY HA 327 -34.91 38.23 24.11
CA GLY HA 327 -34.46 39.59 23.79
C GLY HA 327 -35.58 40.52 23.29
N VAL HA 328 -36.84 40.08 23.43
CA VAL HA 328 -38.02 40.82 22.98
C VAL HA 328 -38.93 41.04 24.19
N GLU HA 329 -39.40 42.27 24.39
CA GLU HA 329 -40.40 42.59 25.42
C GLU HA 329 -41.76 42.12 24.91
N PRO HA 330 -42.55 41.33 25.67
CA PRO HA 330 -43.83 40.81 25.18
C PRO HA 330 -44.83 41.90 24.79
N GLY HA 331 -45.60 41.63 23.73
CA GLY HA 331 -46.76 42.44 23.37
C GLY HA 331 -47.93 42.24 24.33
N ASP HA 332 -49.09 42.83 23.97
CA ASP HA 332 -50.29 42.74 24.78
C ASP HA 332 -51.28 41.73 24.20
N ILE HA 333 -52.14 41.17 25.08
CA ILE HA 333 -53.33 40.46 24.62
C ILE HA 333 -54.50 41.44 24.63
N VAL HA 334 -55.09 41.68 23.44
CA VAL HA 334 -56.21 42.59 23.27
C VAL HA 334 -57.46 41.78 22.93
N LEU HA 335 -58.42 41.78 23.87
CA LEU HA 335 -59.71 41.15 23.60
C LEU HA 335 -60.65 42.17 22.99
N LEU HA 336 -61.22 41.81 21.83
CA LEU HA 336 -62.20 42.64 21.15
C LEU HA 336 -63.61 42.11 21.44
N LEU HA 337 -64.44 42.94 22.08
CA LEU HA 337 -65.82 42.54 22.39
C LEU HA 337 -66.64 42.43 21.11
N GLN HA 338 -67.21 41.24 20.89
CA GLN HA 338 -68.15 40.99 19.80
C GLN HA 338 -69.53 40.72 20.40
N GLU HA 339 -70.46 41.65 20.17
CA GLU HA 339 -71.82 41.50 20.63
C GLU HA 339 -72.51 40.43 19.78
N LYS HA 340 -73.17 39.48 20.45
CA LYS HA 340 -73.98 38.48 19.77
C LYS HA 340 -75.36 39.08 19.50
N GLU HA 341 -75.91 38.71 18.35
CA GLU HA 341 -77.31 38.93 18.03
C GLU HA 341 -78.19 38.35 19.14
N HIS HA 342 -79.26 39.10 19.48
CA HIS HA 342 -80.22 38.70 20.50
C HIS HA 342 -81.59 38.55 19.84
N GLU HA 343 -82.36 37.54 20.27
CA GLU HA 343 -83.58 37.14 19.58
C GLU HA 343 -84.70 38.17 19.69
N VAL HA 344 -84.81 38.86 20.84
CA VAL HA 344 -85.89 39.81 21.13
C VAL HA 344 -85.45 41.26 20.95
N PHE HA 345 -84.27 41.62 21.49
CA PHE HA 345 -83.79 42.98 21.55
C PHE HA 345 -82.69 43.25 20.52
N GLN HA 346 -82.75 44.43 19.90
CA GLN HA 346 -81.68 44.99 19.10
C GLN HA 346 -81.15 46.21 19.83
N ARG HA 347 -79.82 46.33 19.93
CA ARG HA 347 -79.22 47.43 20.65
C ARG HA 347 -78.82 48.54 19.69
N ASP HA 348 -79.21 49.78 20.05
CA ASP HA 348 -78.71 50.99 19.41
C ASP HA 348 -78.07 51.90 20.47
N GLY HA 349 -76.74 51.92 20.54
CA GLY HA 349 -76.03 52.68 21.56
C GLY HA 349 -76.38 52.23 22.99
N ASN HA 350 -77.15 53.08 23.70
CA ASN HA 350 -77.65 52.78 25.04
C ASN HA 350 -79.13 52.37 25.02
N ASP HA 351 -79.79 52.49 23.86
CA ASP HA 351 -81.21 52.18 23.72
C ASP HA 351 -81.39 50.74 23.24
N LEU HA 352 -82.57 50.19 23.52
CA LEU HA 352 -82.98 48.88 23.05
C LEU HA 352 -84.21 49.01 22.16
N HIS HA 353 -84.27 48.18 21.13
CA HIS HA 353 -85.40 48.10 20.23
C HIS HA 353 -85.97 46.68 20.25
N MET HA 354 -87.30 46.56 20.24
CA MET HA 354 -87.95 45.27 20.07
C MET HA 354 -89.19 45.43 19.22
N THR HA 355 -89.60 44.32 18.55
CA THR HA 355 -90.87 44.25 17.86
C THR HA 355 -91.83 43.40 18.69
N TYR HA 356 -93.03 43.95 18.95
CA TYR HA 356 -94.06 43.24 19.69
C TYR HA 356 -95.33 43.11 18.84
N LYS HA 357 -95.83 41.87 18.72
CA LYS HA 357 -97.03 41.57 17.94
C LYS HA 357 -98.25 41.70 18.85
N ILE HA 358 -99.27 42.42 18.37
CA ILE HA 358 -100.55 42.61 19.07
C ILE HA 358 -101.70 42.37 18.09
N GLY HA 359 -102.85 41.90 18.61
CA GLY HA 359 -104.06 41.76 17.80
C GLY HA 359 -104.75 43.10 17.54
N LEU HA 360 -105.65 43.13 16.53
CA LEU HA 360 -106.42 44.33 16.20
C LEU HA 360 -107.23 44.84 17.41
N VAL HA 361 -107.82 43.92 18.18
CA VAL HA 361 -108.59 44.24 19.38
C VAL HA 361 -107.71 44.94 20.42
N GLU HA 362 -106.49 44.43 20.65
CA GLU HA 362 -105.51 45.03 21.56
C GLU HA 362 -105.11 46.43 21.10
N ALA HA 363 -104.89 46.60 19.78
CA ALA HA 363 -104.51 47.85 19.15
C ALA HA 363 -105.57 48.94 19.29
N LEU HA 364 -106.87 48.57 19.31
CA LEU HA 364 -108.00 49.50 19.36
C LEU HA 364 -108.52 49.72 20.79
N CYS HA 365 -108.53 48.67 21.62
CA CYS HA 365 -109.22 48.65 22.91
C CYS HA 365 -108.27 48.75 24.11
N GLY HA 366 -106.95 48.80 23.87
CA GLY HA 366 -105.96 48.75 24.94
C GLY HA 366 -105.56 47.33 25.33
N PHE HA 367 -104.41 47.19 25.98
CA PHE HA 367 -103.82 45.90 26.27
C PHE HA 367 -102.80 45.95 27.41
N GLN HA 368 -102.48 44.75 27.91
CA GLN HA 368 -101.42 44.55 28.87
C GLN HA 368 -100.60 43.35 28.42
N PHE HA 369 -99.27 43.52 28.37
CA PHE HA 369 -98.39 42.39 28.08
C PHE HA 369 -97.18 42.38 29.02
N THR HA 370 -96.50 41.22 29.05
CA THR HA 370 -95.32 41.03 29.86
C THR HA 370 -94.18 40.46 29.02
N PHE HA 371 -92.95 40.92 29.30
CA PHE HA 371 -91.77 40.35 28.68
C PHE HA 371 -90.64 40.25 29.72
N LYS HA 372 -89.65 39.38 29.41
CA LYS HA 372 -88.47 39.22 30.22
C LYS HA 372 -87.38 40.18 29.74
N HIS HA 373 -86.86 41.01 30.65
CA HIS HA 373 -85.75 41.92 30.36
C HIS HA 373 -84.40 41.22 30.47
N LEU HA 374 -83.31 41.94 30.14
CA LEU HA 374 -81.94 41.44 30.12
C LEU HA 374 -81.41 41.09 31.52
N ASP HA 375 -81.98 41.70 32.59
CA ASP HA 375 -81.70 41.33 33.98
C ASP HA 375 -82.56 40.18 34.51
N GLY HA 376 -83.49 39.69 33.69
CA GLY HA 376 -84.39 38.61 34.07
C GLY HA 376 -85.64 39.07 34.82
N ARG HA 377 -85.81 40.38 35.06
CA ARG HA 377 -87.06 40.91 35.60
C ARG HA 377 -88.18 40.77 34.56
N GLN HA 378 -89.40 40.50 35.05
CA GLN HA 378 -90.61 40.57 34.24
C GLN HA 378 -91.14 42.00 34.24
N ILE HA 379 -91.22 42.62 33.06
CA ILE HA 379 -91.78 43.95 32.91
C ILE HA 379 -93.21 43.83 32.41
N VAL HA 380 -94.14 44.49 33.11
CA VAL HA 380 -95.54 44.59 32.70
C VAL HA 380 -95.76 45.94 32.02
N VAL HA 381 -96.06 45.91 30.72
CA VAL HA 381 -96.40 47.10 29.96
C VAL HA 381 -97.92 47.18 29.83
N LYS HA 382 -98.47 48.35 30.20
CA LYS HA 382 -99.90 48.61 30.12
C LYS HA 382 -100.15 49.77 29.15
N TYR HA 383 -101.11 49.56 28.25
CA TYR HA 383 -101.57 50.61 27.34
C TYR HA 383 -103.05 50.87 27.61
N PRO HA 384 -103.46 52.13 27.90
CA PRO HA 384 -104.81 52.40 28.38
C PRO HA 384 -105.86 52.21 27.28
N PRO HA 385 -107.09 51.78 27.64
CA PRO HA 385 -108.20 51.72 26.68
C PRO HA 385 -108.55 53.09 26.12
N GLY HA 386 -109.00 53.11 24.85
CA GLY HA 386 -109.38 54.34 24.18
C GLY HA 386 -108.23 55.06 23.48
N LYS HA 387 -107.00 54.52 23.55
CA LYS HA 387 -105.89 54.98 22.73
C LYS HA 387 -105.55 53.91 21.71
N VAL HA 388 -105.30 54.34 20.46
CA VAL HA 388 -105.04 53.45 19.33
C VAL HA 388 -103.53 53.31 19.11
N ILE HA 389 -103.12 52.06 18.85
CA ILE HA 389 -101.81 51.72 18.33
C ILE HA 389 -101.93 51.49 16.82
N GLU HA 390 -101.30 52.37 16.03
CA GLU HA 390 -101.23 52.23 14.58
C GLU HA 390 -100.23 51.13 14.21
N PRO HA 391 -100.45 50.38 13.10
CA PRO HA 391 -99.48 49.43 12.58
C PRO HA 391 -98.12 50.07 12.31
N GLY HA 392 -97.07 49.46 12.89
CA GLY HA 392 -95.70 49.91 12.77
C GLY HA 392 -95.33 51.07 13.69
N CYS HA 393 -96.27 51.58 14.51
CA CYS HA 393 -95.95 52.69 15.40
C CYS HA 393 -94.99 52.27 16.51
N VAL HA 394 -94.20 53.25 16.99
CA VAL HA 394 -93.22 53.02 18.05
C VAL HA 394 -93.68 53.71 19.34
N ARG HA 395 -93.54 53.00 20.47
CA ARG HA 395 -93.70 53.57 21.81
C ARG HA 395 -92.45 53.32 22.64
N VAL HA 396 -92.31 54.08 23.72
CA VAL HA 396 -91.10 54.06 24.54
C VAL HA 396 -91.45 53.65 25.97
N VAL HA 397 -90.60 52.76 26.53
CA VAL HA 397 -90.56 52.46 27.95
C VAL HA 397 -89.26 53.07 28.48
N ARG HA 398 -89.39 54.19 29.21
CA ARG HA 398 -88.25 54.99 29.63
C ARG HA 398 -87.41 54.27 30.69
N GLY HA 399 -86.08 54.34 30.56
CA GLY HA 399 -85.13 53.80 31.52
C GLY HA 399 -84.97 52.28 31.49
N GLU HA 400 -85.54 51.62 30.46
CA GLU HA 400 -85.45 50.17 30.27
C GLU HA 400 -84.54 49.80 29.08
N GLY HA 401 -83.61 50.70 28.69
CA GLY HA 401 -82.53 50.41 27.76
C GLY HA 401 -81.28 49.83 28.44
N MET HA 402 -80.16 49.87 27.71
CA MET HA 402 -78.85 49.44 28.22
C MET HA 402 -78.28 50.44 29.23
N PRO HA 403 -77.53 49.96 30.26
CA PRO HA 403 -76.78 50.86 31.15
C PRO HA 403 -75.65 51.56 30.41
N GLN HA 404 -75.37 52.80 30.82
CA GLN HA 404 -74.21 53.53 30.29
C GLN HA 404 -72.91 52.95 30.86
N TYR HA 405 -71.90 52.78 30.00
CA TYR HA 405 -70.57 52.37 30.45
C TYR HA 405 -69.99 53.39 31.44
N ARG HA 406 -69.49 52.89 32.60
CA ARG HA 406 -68.92 53.69 33.69
C ARG HA 406 -69.97 54.43 34.52
N ASN HA 407 -71.21 54.53 34.04
CA ASN HA 407 -72.32 55.14 34.78
C ASN HA 407 -73.55 54.22 34.73
N PRO HA 408 -73.51 53.01 35.33
CA PRO HA 408 -74.58 52.02 35.16
C PRO HA 408 -75.90 52.34 35.83
N PHE HA 409 -75.97 53.47 36.58
CA PHE HA 409 -77.20 54.00 37.14
C PHE HA 409 -78.05 54.72 36.10
N GLU HA 410 -77.40 55.25 35.05
CA GLU HA 410 -78.09 55.80 33.90
C GLU HA 410 -78.27 54.72 32.84
N LYS HA 411 -79.49 54.67 32.28
CA LYS HA 411 -79.85 53.73 31.24
C LYS HA 411 -80.46 54.50 30.07
N GLY HA 412 -80.36 53.91 28.88
CA GLY HA 412 -81.17 54.34 27.75
C GLY HA 412 -82.62 53.90 27.90
N ASP HA 413 -83.35 53.99 26.78
CA ASP HA 413 -84.77 53.67 26.71
C ASP HA 413 -85.03 52.39 25.90
N LEU HA 414 -86.20 51.78 26.11
CA LEU HA 414 -86.66 50.67 25.28
C LEU HA 414 -87.75 51.16 24.32
N TYR HA 415 -87.45 51.07 23.01
CA TYR HA 415 -88.39 51.35 21.94
C TYR HA 415 -89.08 50.07 21.47
N ILE HA 416 -90.41 50.09 21.49
CA ILE HA 416 -91.22 48.95 21.09
C ILE HA 416 -91.98 49.32 19.81
N LYS HA 417 -91.63 48.65 18.71
CA LYS HA 417 -92.37 48.72 17.46
C LYS HA 417 -93.53 47.73 17.52
N PHE HA 418 -94.76 48.21 17.29
CA PHE HA 418 -95.94 47.35 17.32
C PHE HA 418 -96.28 46.84 15.92
N ASP HA 419 -96.39 45.52 15.82
CA ASP HA 419 -96.83 44.81 14.62
C ASP HA 419 -98.28 44.36 14.84
N VAL HA 420 -99.24 45.07 14.22
CA VAL HA 420 -100.66 44.82 14.43
C VAL HA 420 -101.15 43.71 13.50
N GLN HA 421 -101.56 42.60 14.10
CA GLN HA 421 -102.08 41.43 13.41
C GLN HA 421 -103.59 41.57 13.20
N PHE HA 422 -103.97 41.69 11.93
CA PHE HA 422 -105.35 41.60 11.49
C PHE HA 422 -105.89 40.18 11.62
N PRO HA 423 -107.20 40.00 11.88
CA PRO HA 423 -107.82 38.68 11.89
C PRO HA 423 -107.81 38.09 10.48
N GLU HA 424 -107.87 36.76 10.41
CA GLU HA 424 -107.85 36.06 9.13
C GLU HA 424 -109.14 36.28 8.33
N ASN HA 425 -109.06 35.84 7.08
CA ASN HA 425 -110.13 35.72 6.09
C ASN HA 425 -111.37 35.04 6.70
N ASN HA 426 -112.56 35.62 6.51
CA ASN HA 426 -113.84 35.07 6.98
C ASN HA 426 -114.02 35.05 8.51
N TRP HA 427 -113.28 35.87 9.29
CA TRP HA 427 -113.32 35.74 10.76
C TRP HA 427 -114.68 36.09 11.37
N ILE HA 428 -115.48 36.89 10.64
CA ILE HA 428 -116.78 37.34 11.09
C ILE HA 428 -117.86 37.06 10.02
N ASN HA 429 -119.06 36.67 10.47
CA ASN HA 429 -120.22 36.51 9.60
C ASN HA 429 -120.58 37.86 8.96
N PRO HA 430 -120.76 37.96 7.62
CA PRO HA 430 -121.25 39.17 6.96
C PRO HA 430 -122.40 39.92 7.62
N ASP HA 431 -123.34 39.22 8.26
CA ASP HA 431 -124.48 39.81 8.96
C ASP HA 431 -124.07 40.77 10.08
N LYS HA 432 -122.87 40.57 10.67
CA LYS HA 432 -122.34 41.35 11.77
C LYS HA 432 -121.45 42.52 11.33
N LEU HA 433 -121.21 42.65 10.01
CA LEU HA 433 -120.36 43.72 9.49
C LEU HA 433 -121.01 45.10 9.70
N SER HA 434 -122.35 45.14 9.64
CA SER HA 434 -123.16 46.33 9.90
C SER HA 434 -122.94 46.84 11.33
N GLU HA 435 -123.04 45.94 12.33
CA GLU HA 435 -122.81 46.26 13.75
C GLU HA 435 -121.39 46.81 13.96
N LEU HA 436 -120.39 46.28 13.24
CA LEU HA 436 -119.01 46.74 13.33
C LEU HA 436 -118.84 48.14 12.73
N GLU HA 437 -119.52 48.40 11.59
CA GLU HA 437 -119.48 49.68 10.90
C GLU HA 437 -120.06 50.79 11.79
N ASP HA 438 -121.18 50.50 12.48
CA ASP HA 438 -121.84 51.43 13.39
C ASP HA 438 -120.97 51.84 14.58
N LEU HA 439 -119.98 51.00 14.95
CA LEU HA 439 -119.13 51.24 16.12
C LEU HA 439 -117.92 52.11 15.71
N GLY IA 198 -49.76 16.78 11.50
CA GLY IA 198 -49.26 17.87 12.35
C GLY IA 198 -49.04 17.38 13.77
N GLU IA 199 -48.37 18.23 14.55
CA GLU IA 199 -48.03 17.96 15.95
C GLU IA 199 -49.28 18.08 16.83
N ASP IA 200 -49.40 17.19 17.82
CA ASP IA 200 -50.46 17.24 18.82
C ASP IA 200 -50.17 18.35 19.84
N MET IA 201 -51.21 19.06 20.29
CA MET IA 201 -51.08 20.11 21.29
C MET IA 201 -51.57 19.61 22.65
N MET IA 202 -50.69 19.63 23.65
CA MET IA 202 -51.03 19.19 25.00
C MET IA 202 -51.33 20.39 25.90
N HIS IA 203 -52.50 20.37 26.55
CA HIS IA 203 -52.90 21.42 27.48
C HIS IA 203 -53.30 20.86 28.84
N PRO IA 204 -52.70 21.33 29.96
CA PRO IA 204 -53.16 20.93 31.29
C PRO IA 204 -54.49 21.59 31.65
N LEU IA 205 -55.47 20.76 32.04
CA LEU IA 205 -56.73 21.25 32.56
C LEU IA 205 -56.81 21.02 34.07
N LYS IA 206 -56.71 22.10 34.84
CA LYS IA 206 -56.81 22.03 36.30
C LYS IA 206 -58.27 21.86 36.73
N VAL IA 207 -58.55 20.75 37.44
CA VAL IA 207 -59.88 20.36 37.90
C VAL IA 207 -59.85 20.14 39.42
N SER IA 208 -60.92 20.54 40.13
CA SER IA 208 -61.04 20.29 41.57
C SER IA 208 -61.65 18.91 41.84
N LEU IA 209 -61.58 18.43 43.10
CA LEU IA 209 -62.23 17.19 43.50
C LEU IA 209 -63.75 17.24 43.30
N GLU IA 210 -64.37 18.40 43.56
CA GLU IA 210 -65.79 18.64 43.34
C GLU IA 210 -66.15 18.53 41.86
N ASP IA 211 -65.30 19.05 40.98
CA ASP IA 211 -65.45 18.94 39.52
C ASP IA 211 -65.43 17.46 39.10
N LEU IA 212 -64.51 16.67 39.67
CA LEU IA 212 -64.34 15.25 39.37
C LEU IA 212 -65.44 14.39 39.98
N TYR IA 213 -66.04 14.83 41.10
CA TYR IA 213 -67.10 14.10 41.78
C TYR IA 213 -68.46 14.34 41.12
N ASN IA 214 -68.79 15.61 40.84
CA ASN IA 214 -70.08 16.01 40.30
C ASN IA 214 -70.13 15.95 38.78
N GLY IA 215 -68.97 15.96 38.11
CA GLY IA 215 -68.88 16.21 36.68
C GLY IA 215 -68.94 17.71 36.38
N LYS IA 216 -68.26 18.12 35.31
CA LYS IA 216 -68.20 19.52 34.93
C LYS IA 216 -68.10 19.70 33.43
N THR IA 217 -68.90 20.62 32.91
CA THR IA 217 -68.75 21.12 31.56
C THR IA 217 -68.09 22.50 31.61
N THR IA 218 -66.94 22.64 30.94
CA THR IA 218 -66.21 23.92 30.90
C THR IA 218 -65.86 24.29 29.47
N LYS IA 219 -65.81 25.61 29.20
CA LYS IA 219 -65.39 26.11 27.90
C LYS IA 219 -63.94 26.53 27.94
N LEU IA 220 -63.14 25.93 27.05
CA LEU IA 220 -61.72 26.25 26.93
C LEU IA 220 -61.50 27.06 25.66
N GLN IA 221 -60.98 28.28 25.82
CA GLN IA 221 -60.61 29.10 24.68
C GLN IA 221 -59.15 28.84 24.31
N LEU IA 222 -58.91 28.40 23.07
CA LEU IA 222 -57.56 28.19 22.54
C LEU IA 222 -57.36 29.02 21.27
N SER IA 223 -56.14 29.54 21.10
CA SER IA 223 -55.73 30.17 19.85
C SER IA 223 -54.94 29.16 19.04
N LYS IA 224 -55.38 28.92 17.79
CA LYS IA 224 -54.72 27.99 16.89
C LYS IA 224 -54.55 28.60 15.50
N ASN IA 225 -53.59 28.07 14.75
CA ASN IA 225 -53.40 28.40 13.35
C ASN IA 225 -54.40 27.63 12.50
N VAL IA 226 -55.15 28.38 11.68
CA VAL IA 226 -56.04 27.80 10.68
C VAL IA 226 -55.60 28.24 9.29
N LEU IA 227 -55.89 27.41 8.28
CA LEU IA 227 -55.62 27.80 6.90
C LEU IA 227 -56.36 29.09 6.56
N CYS IA 228 -55.63 30.02 5.93
CA CYS IA 228 -56.18 31.33 5.59
C CYS IA 228 -57.37 31.17 4.62
N SER IA 229 -58.57 31.49 5.10
CA SER IA 229 -59.81 31.34 4.34
C SER IA 229 -59.81 32.07 2.99
N ALA IA 230 -58.99 33.12 2.84
CA ALA IA 230 -58.94 33.96 1.65
C ALA IA 230 -58.01 33.41 0.55
N CYS IA 231 -57.06 32.53 0.87
CA CYS IA 231 -56.15 31.95 -0.12
C CYS IA 231 -56.01 30.42 0.03
N SER IA 232 -56.80 29.81 0.92
CA SER IA 232 -56.81 28.38 1.19
C SER IA 232 -55.41 27.78 1.37
N GLY IA 233 -54.53 28.53 2.10
CA GLY IA 233 -53.17 28.12 2.44
C GLY IA 233 -52.15 28.20 1.29
N GLN IA 234 -52.67 28.40 0.07
CA GLN IA 234 -51.83 28.37 -1.11
C GLN IA 234 -50.85 29.51 -0.91
N GLY IA 235 -51.18 30.32 0.11
CA GLY IA 235 -50.41 31.47 0.42
C GLY IA 235 -50.98 32.51 -0.50
N GLY IA 236 -50.69 32.36 -1.79
CA GLY IA 236 -51.33 33.20 -2.79
C GLY IA 236 -51.71 32.40 -4.02
N LYS IA 237 -52.15 33.10 -5.08
CA LYS IA 237 -52.45 32.47 -6.36
C LYS IA 237 -51.20 31.76 -6.87
N SER IA 238 -51.35 30.80 -7.82
CA SER IA 238 -50.23 30.14 -8.44
C SER IA 238 -49.37 31.18 -9.18
N GLY IA 239 -48.13 31.37 -8.72
CA GLY IA 239 -47.20 32.36 -9.23
C GLY IA 239 -47.24 33.66 -8.43
N ALA IA 240 -47.97 33.65 -7.31
CA ALA IA 240 -47.98 34.75 -6.35
C ALA IA 240 -46.84 34.56 -5.35
N VAL IA 241 -46.37 33.32 -5.22
CA VAL IA 241 -45.32 32.97 -4.27
C VAL IA 241 -43.96 33.29 -4.90
N GLN IA 242 -43.26 34.26 -4.32
CA GLN IA 242 -41.94 34.70 -4.79
C GLN IA 242 -40.89 34.41 -3.73
N LYS IA 243 -39.66 34.07 -4.19
CA LYS IA 243 -38.50 33.96 -3.31
C LYS IA 243 -38.29 35.31 -2.62
N CYS IA 244 -38.09 35.27 -1.29
CA CYS IA 244 -37.75 36.48 -0.58
C CYS IA 244 -36.39 37.01 -1.04
N SER IA 245 -36.34 38.24 -1.60
CA SER IA 245 -35.14 38.86 -2.16
C SER IA 245 -34.07 39.10 -1.08
N ALA IA 246 -34.57 39.51 0.08
CA ALA IA 246 -33.89 39.83 1.33
C ALA IA 246 -32.93 38.75 1.83
N CYS IA 247 -33.45 37.53 1.97
CA CYS IA 247 -32.71 36.38 2.48
C CYS IA 247 -32.43 35.36 1.37
N ARG IA 248 -32.82 35.66 0.12
CA ARG IA 248 -32.67 34.79 -1.05
C ARG IA 248 -33.25 33.40 -0.79
N GLY IA 249 -34.43 33.33 -0.15
CA GLY IA 249 -35.09 32.06 0.15
C GLY IA 249 -34.61 31.35 1.41
N ARG IA 250 -33.65 31.90 2.16
CA ARG IA 250 -33.05 31.23 3.32
C ARG IA 250 -33.89 31.39 4.60
N GLY IA 251 -34.86 32.32 4.63
CA GLY IA 251 -35.61 32.60 5.85
C GLY IA 251 -34.84 33.44 6.87
N VAL IA 252 -33.50 33.42 6.79
CA VAL IA 252 -32.63 34.09 7.76
C VAL IA 252 -31.63 35.02 7.08
N ARG IA 253 -31.28 36.10 7.77
CA ARG IA 253 -30.26 37.05 7.36
C ARG IA 253 -29.10 36.99 8.35
N ILE IA 254 -27.87 37.08 7.83
CA ILE IA 254 -26.69 37.20 8.67
C ILE IA 254 -26.40 38.69 8.86
N MET IA 255 -26.57 39.15 10.10
CA MET IA 255 -26.25 40.51 10.49
C MET IA 255 -24.89 40.55 11.19
N ILE IA 256 -24.05 41.51 10.77
CA ILE IA 256 -22.73 41.67 11.35
C ILE IA 256 -22.78 42.77 12.41
N ARG IA 257 -22.56 42.41 13.68
CA ARG IA 257 -22.40 43.38 14.76
C ARG IA 257 -20.93 43.55 15.12
N GLN IA 258 -20.36 44.76 15.01
CA GLN IA 258 -19.04 44.99 15.59
C GLN IA 258 -19.09 45.00 17.11
N LEU IA 259 -18.23 44.20 17.76
CA LEU IA 259 -18.00 44.27 19.21
C LEU IA 259 -16.84 45.20 19.58
N ALA IA 260 -15.83 45.26 18.72
CA ALA IA 260 -14.67 46.11 18.81
C ALA IA 260 -14.02 46.22 17.41
N PRO IA 261 -13.22 47.26 17.05
CA PRO IA 261 -12.56 47.21 15.74
C PRO IA 261 -11.67 45.96 15.61
N GLY IA 262 -11.94 45.16 14.59
CA GLY IA 262 -11.27 43.88 14.39
C GLY IA 262 -11.98 42.69 15.05
N MET IA 263 -13.03 42.94 15.87
CA MET IA 263 -13.94 41.88 16.31
C MET IA 263 -15.36 42.10 15.76
N VAL IA 264 -15.76 41.30 14.77
CA VAL IA 264 -17.13 41.30 14.26
C VAL IA 264 -17.84 40.00 14.67
N GLN IA 265 -19.07 40.13 15.18
CA GLN IA 265 -19.96 39.02 15.45
C GLN IA 265 -20.98 38.87 14.35
N GLN IA 266 -21.02 37.70 13.72
CA GLN IA 266 -22.06 37.36 12.77
C GLN IA 266 -23.18 36.74 13.61
N MET IA 267 -24.34 37.41 13.60
CA MET IA 267 -25.54 36.90 14.20
C MET IA 267 -26.53 36.53 13.09
N GLN IA 268 -27.12 35.33 13.15
CA GLN IA 268 -28.20 34.93 12.29
C GLN IA 268 -29.51 35.43 12.92
N SER IA 269 -30.23 36.27 12.18
CA SER IA 269 -31.52 36.79 12.59
C SER IA 269 -32.57 36.26 11.61
N VAL IA 270 -33.79 36.03 12.11
CA VAL IA 270 -34.91 35.74 11.22
C VAL IA 270 -35.08 36.93 10.27
N CYS IA 271 -35.33 36.64 8.98
CA CYS IA 271 -35.43 37.68 7.97
C CYS IA 271 -36.71 38.47 8.22
N SER IA 272 -36.55 39.79 8.42
CA SER IA 272 -37.64 40.75 8.65
C SER IA 272 -38.67 40.77 7.50
N ASP IA 273 -38.22 40.47 6.28
CA ASP IA 273 -39.02 40.72 5.08
C ASP IA 273 -39.95 39.54 4.76
N CYS IA 274 -39.62 38.33 5.23
CA CYS IA 274 -40.46 37.15 5.07
C CYS IA 274 -40.77 36.43 6.38
N ASN IA 275 -40.38 37.02 7.53
CA ASN IA 275 -40.61 36.48 8.86
C ASN IA 275 -40.18 35.01 8.98
N GLY IA 276 -39.13 34.60 8.25
CA GLY IA 276 -38.57 33.27 8.34
C GLY IA 276 -39.05 32.29 7.28
N GLU IA 277 -40.08 32.64 6.50
CA GLU IA 277 -40.70 31.71 5.57
C GLU IA 277 -39.81 31.48 4.32
N GLY IA 278 -38.95 32.44 3.99
CA GLY IA 278 -38.14 32.37 2.77
C GLY IA 278 -38.88 32.79 1.50
N GLU IA 279 -40.21 32.90 1.62
CA GLU IA 279 -41.06 33.38 0.54
C GLU IA 279 -41.81 34.65 0.91
N VAL IA 280 -42.20 35.42 -0.13
CA VAL IA 280 -43.04 36.59 0.03
C VAL IA 280 -44.22 36.48 -0.93
N ILE IA 281 -45.41 36.75 -0.40
CA ILE IA 281 -46.65 36.81 -1.17
C ILE IA 281 -47.21 38.23 -0.99
N ASN IA 282 -47.40 38.93 -2.13
CA ASN IA 282 -48.05 40.22 -2.15
C ASN IA 282 -49.42 40.11 -1.47
N GLU IA 283 -49.78 41.10 -0.64
CA GLU IA 283 -51.01 41.13 0.13
C GLU IA 283 -52.25 40.81 -0.72
N LYS IA 284 -52.29 41.38 -1.93
CA LYS IA 284 -53.37 41.26 -2.91
C LYS IA 284 -53.56 39.82 -3.42
N ASP IA 285 -52.54 38.97 -3.26
CA ASP IA 285 -52.57 37.59 -3.74
C ASP IA 285 -52.97 36.59 -2.65
N ARG IA 286 -52.79 36.96 -1.37
CA ARG IA 286 -53.19 36.12 -0.23
C ARG IA 286 -54.46 36.70 0.37
N CYS IA 287 -54.38 37.95 0.83
CA CYS IA 287 -55.45 38.67 1.51
C CYS IA 287 -54.80 39.73 2.39
N LYS IA 288 -55.63 40.51 3.10
CA LYS IA 288 -55.15 41.49 4.06
C LYS IA 288 -55.13 40.83 5.45
N LYS IA 289 -55.07 39.49 5.48
CA LYS IA 289 -55.20 38.70 6.70
C LYS IA 289 -53.86 38.04 7.06
N CYS IA 290 -53.56 36.85 6.51
CA CYS IA 290 -52.34 36.09 6.80
C CYS IA 290 -51.13 36.97 6.56
N GLU IA 291 -50.87 37.35 5.28
CA GLU IA 291 -49.79 38.22 4.82
C GLU IA 291 -48.71 37.38 4.17
N GLY IA 292 -49.13 36.44 3.31
CA GLY IA 292 -48.24 35.52 2.65
C GLY IA 292 -47.82 34.39 3.59
N LYS IA 293 -48.54 34.27 4.71
CA LYS IA 293 -48.18 33.32 5.76
C LYS IA 293 -48.89 31.98 5.60
N LYS IA 294 -50.01 31.94 4.84
CA LYS IA 294 -50.77 30.74 4.49
C LYS IA 294 -51.66 30.30 5.66
N VAL IA 295 -51.44 30.86 6.87
CA VAL IA 295 -52.27 30.59 8.03
C VAL IA 295 -52.66 31.90 8.74
N ILE IA 296 -53.72 31.83 9.56
CA ILE IA 296 -54.16 32.93 10.41
C ILE IA 296 -54.44 32.36 11.80
N LYS IA 297 -54.15 33.15 12.84
CA LYS IA 297 -54.50 32.78 14.21
C LYS IA 297 -55.98 33.02 14.44
N GLU IA 298 -56.71 31.94 14.76
CA GLU IA 298 -58.12 31.97 15.09
C GLU IA 298 -58.31 31.50 16.54
N VAL IA 299 -59.33 32.08 17.17
CA VAL IA 299 -59.69 31.73 18.54
C VAL IA 299 -60.84 30.74 18.48
N LYS IA 300 -60.61 29.51 18.96
CA LYS IA 300 -61.64 28.48 19.01
C LYS IA 300 -62.01 28.17 20.46
N ILE IA 301 -63.32 28.03 20.71
CA ILE IA 301 -63.83 27.61 22.00
C ILE IA 301 -64.18 26.13 21.91
N LEU IA 302 -63.51 25.31 22.73
CA LEU IA 302 -63.81 23.90 22.89
C LEU IA 302 -64.66 23.69 24.14
N GLU IA 303 -65.76 22.95 23.98
CA GLU IA 303 -66.56 22.51 25.12
C GLU IA 303 -65.96 21.20 25.64
N VAL IA 304 -65.52 21.24 26.92
CA VAL IA 304 -64.84 20.13 27.56
C VAL IA 304 -65.76 19.54 28.62
N HIS IA 305 -66.05 18.24 28.45
CA HIS IA 305 -66.82 17.48 29.43
C HIS IA 305 -65.85 16.66 30.30
N VAL IA 306 -65.90 16.94 31.61
CA VAL IA 306 -65.22 16.17 32.64
C VAL IA 306 -66.27 15.29 33.31
N ASP IA 307 -66.20 13.98 33.04
CA ASP IA 307 -67.12 13.01 33.60
C ASP IA 307 -66.84 12.74 35.07
N LYS IA 308 -67.87 12.26 35.77
CA LYS IA 308 -67.75 11.80 37.15
C LYS IA 308 -66.75 10.66 37.26
N GLY IA 309 -65.86 10.77 38.25
CA GLY IA 309 -64.91 9.72 38.58
C GLY IA 309 -63.64 9.72 37.73
N MET IA 310 -63.52 10.66 36.77
CA MET IA 310 -62.28 10.80 36.02
C MET IA 310 -61.06 10.96 36.94
N LYS IA 311 -59.90 10.48 36.47
CA LYS IA 311 -58.70 10.39 37.28
C LYS IA 311 -57.68 11.46 36.91
N HIS IA 312 -56.80 11.78 37.86
CA HIS IA 312 -55.61 12.57 37.55
C HIS IA 312 -54.82 11.95 36.40
N GLY IA 313 -54.34 12.80 35.48
CA GLY IA 313 -53.57 12.35 34.31
C GLY IA 313 -54.41 11.78 33.16
N GLN IA 314 -55.74 11.71 33.31
CA GLN IA 314 -56.60 11.23 32.23
C GLN IA 314 -56.61 12.24 31.07
N ARG IA 315 -56.66 11.71 29.84
CA ARG IA 315 -56.58 12.51 28.62
C ARG IA 315 -57.97 12.67 27.99
N ILE IA 316 -58.30 13.92 27.58
CA ILE IA 316 -59.47 14.23 26.76
C ILE IA 316 -58.95 14.73 25.41
N THR IA 317 -59.25 13.98 24.33
CA THR IA 317 -58.71 14.25 23.01
C THR IA 317 -59.77 14.87 22.10
N PHE IA 318 -59.39 15.99 21.45
CA PHE IA 318 -60.15 16.63 20.40
C PHE IA 318 -59.42 16.41 19.07
N THR IA 319 -59.94 15.49 18.26
CA THR IA 319 -59.28 15.01 17.04
C THR IA 319 -59.24 16.09 15.95
N GLY IA 320 -58.07 16.30 15.35
CA GLY IA 320 -57.87 17.24 14.24
C GLY IA 320 -58.05 18.71 14.64
N GLU IA 321 -58.02 18.99 15.95
CA GLU IA 321 -58.27 20.33 16.45
C GLU IA 321 -57.00 21.17 16.64
N ALA IA 322 -55.81 20.57 16.46
CA ALA IA 322 -54.53 21.30 16.57
C ALA IA 322 -54.33 22.29 15.40
N ASP IA 323 -53.12 22.85 15.35
CA ASP IA 323 -52.69 23.77 14.31
C ASP IA 323 -52.78 23.16 12.91
N GLN IA 324 -53.32 23.93 11.97
CA GLN IA 324 -53.34 23.60 10.56
C GLN IA 324 -52.12 24.18 9.85
N ALA IA 325 -51.55 23.41 8.92
CA ALA IA 325 -50.50 23.89 8.03
C ALA IA 325 -50.77 23.42 6.60
N PRO IA 326 -50.37 24.18 5.55
CA PRO IA 326 -50.59 23.77 4.16
C PRO IA 326 -49.95 22.41 3.84
N GLY IA 327 -50.77 21.47 3.35
CA GLY IA 327 -50.34 20.13 2.97
C GLY IA 327 -50.11 19.18 4.15
N VAL IA 328 -50.55 19.58 5.37
CA VAL IA 328 -50.39 18.83 6.59
C VAL IA 328 -51.79 18.57 7.19
N GLU IA 329 -52.07 17.31 7.56
CA GLU IA 329 -53.30 16.97 8.27
C GLU IA 329 -53.15 17.40 9.74
N PRO IA 330 -54.09 18.18 10.34
CA PRO IA 330 -53.92 18.66 11.71
C PRO IA 330 -53.78 17.55 12.74
N GLY IA 331 -52.93 17.81 13.75
CA GLY IA 331 -52.85 16.98 14.94
C GLY IA 331 -54.08 17.13 15.85
N ASP IA 332 -54.01 16.53 17.04
CA ASP IA 332 -55.08 16.58 18.02
C ASP IA 332 -54.77 17.57 19.16
N ILE IA 333 -55.82 18.11 19.78
CA ILE IA 333 -55.67 18.78 21.06
C ILE IA 333 -55.96 17.78 22.18
N VAL IA 334 -54.95 17.54 23.03
CA VAL IA 334 -55.05 16.59 24.13
C VAL IA 334 -55.02 17.36 25.44
N LEU IA 335 -56.16 17.35 26.15
CA LEU IA 335 -56.23 17.95 27.47
C LEU IA 335 -55.84 16.91 28.52
N LEU IA 336 -54.87 17.26 29.37
CA LEU IA 336 -54.44 16.41 30.46
C LEU IA 336 -55.06 16.91 31.76
N LEU IA 337 -55.88 16.06 32.40
CA LEU IA 337 -56.51 16.43 33.67
C LEU IA 337 -55.47 16.52 34.79
N GLN IA 338 -55.42 17.69 35.42
CA GLN IA 338 -54.59 17.93 36.59
C GLN IA 338 -55.50 18.16 37.80
N GLU IA 339 -55.49 17.22 38.73
CA GLU IA 339 -56.27 17.32 39.95
C GLU IA 339 -55.62 18.38 40.85
N LYS IA 340 -56.43 19.30 41.34
CA LYS IA 340 -55.98 20.28 42.32
C LYS IA 340 -56.05 19.66 43.70
N GLU IA 341 -55.06 20.03 44.52
CA GLU IA 341 -55.09 19.77 45.95
C GLU IA 341 -56.39 20.31 46.56
N HIS IA 342 -56.95 19.53 47.49
CA HIS IA 342 -58.18 19.89 48.18
C HIS IA 342 -57.86 20.02 49.68
N GLU IA 343 -58.47 21.00 50.36
CA GLU IA 343 -58.08 21.36 51.72
C GLU IA 343 -58.46 20.31 52.75
N VAL IA 344 -59.60 19.64 52.56
CA VAL IA 344 -60.14 18.65 53.52
C VAL IA 344 -59.85 17.21 53.10
N PHE IA 345 -60.09 16.89 51.82
CA PHE IA 345 -60.03 15.53 51.31
C PHE IA 345 -58.76 15.29 50.48
N GLN IA 346 -58.16 14.12 50.67
CA GLN IA 346 -57.12 13.59 49.81
C GLN IA 346 -57.69 12.37 49.09
N ARG IA 347 -57.46 12.29 47.78
CA ARG IA 347 -58.01 11.20 46.99
C ARG IA 347 -56.97 10.10 46.82
N ASP IA 348 -57.39 8.86 47.06
CA ASP IA 348 -56.63 7.66 46.70
C ASP IA 348 -57.50 6.76 45.82
N GLY IA 349 -57.25 6.77 44.51
CA GLY IA 349 -58.07 6.04 43.55
C GLY IA 349 -59.54 6.47 43.56
N ASN IA 350 -60.41 5.59 44.11
CA ASN IA 350 -61.83 5.88 44.29
C ASN IA 350 -62.17 6.25 45.73
N ASP IA 351 -61.21 6.11 46.65
CA ASP IA 351 -61.42 6.39 48.06
C ASP IA 351 -61.00 7.83 48.39
N LEU IA 352 -61.58 8.35 49.48
CA LEU IA 352 -61.23 9.65 50.02
C LEU IA 352 -60.67 9.49 51.43
N HIS IA 353 -59.69 10.32 51.75
CA HIS IA 353 -59.09 10.39 53.08
C HIS IA 353 -59.26 11.79 53.64
N MET IA 354 -59.57 11.87 54.94
CA MET IA 354 -59.58 13.14 55.64
C MET IA 354 -59.05 12.96 57.06
N THR IA 355 -58.51 14.05 57.63
CA THR IA 355 -58.16 14.09 59.05
C THR IA 355 -59.20 14.92 59.80
N TYR IA 356 -59.74 14.34 60.88
CA TYR IA 356 -60.72 15.01 61.72
C TYR IA 356 -60.20 15.12 63.16
N LYS IA 357 -60.22 16.34 63.70
CA LYS IA 357 -59.77 16.62 65.06
C LYS IA 357 -60.94 16.47 66.03
N ILE IA 358 -60.72 15.71 67.11
CA ILE IA 358 -61.70 15.49 68.18
C ILE IA 358 -61.04 15.70 69.53
N GLY IA 359 -61.82 16.13 70.54
CA GLY IA 359 -61.34 16.25 71.90
C GLY IA 359 -61.23 14.90 72.61
N LEU IA 360 -60.48 14.85 73.72
CA LEU IA 360 -60.34 13.64 74.53
C LEU IA 360 -61.70 13.10 75.00
N VAL IA 361 -62.60 14.01 75.41
CA VAL IA 361 -63.95 13.66 75.85
C VAL IA 361 -64.73 12.97 74.73
N GLU IA 362 -64.66 13.51 73.51
CA GLU IA 362 -65.30 12.94 72.33
C GLU IA 362 -64.73 11.55 72.01
N ALA IA 363 -63.40 11.39 72.12
CA ALA IA 363 -62.69 10.15 71.86
C ALA IA 363 -63.09 9.03 72.85
N LEU IA 364 -63.41 9.38 74.11
CA LEU IA 364 -63.73 8.42 75.17
C LEU IA 364 -65.24 8.18 75.32
N CYS IA 365 -66.05 9.22 75.15
CA CYS IA 365 -67.47 9.21 75.51
C CYS IA 365 -68.41 9.13 74.29
N GLY IA 366 -67.86 9.12 73.07
CA GLY IA 366 -68.64 9.18 71.84
C GLY IA 366 -68.94 10.62 71.40
N PHE IA 367 -69.30 10.78 70.13
CA PHE IA 367 -69.44 12.09 69.52
C PHE IA 367 -70.31 12.05 68.26
N GLN IA 368 -70.72 13.26 67.85
CA GLN IA 368 -71.40 13.48 66.59
C GLN IA 368 -70.78 14.70 65.94
N PHE IA 369 -70.41 14.57 64.66
CA PHE IA 369 -69.93 15.73 63.90
C PHE IA 369 -70.54 15.77 62.50
N THR IA 370 -70.41 16.93 61.86
CA THR IA 370 -70.92 17.16 60.52
C THR IA 370 -69.82 17.75 59.64
N PHE IA 371 -69.79 17.32 58.37
CA PHE IA 371 -68.91 17.93 57.37
C PHE IA 371 -69.64 18.05 56.03
N LYS IA 372 -69.12 18.94 55.18
CA LYS IA 372 -69.62 19.13 53.82
C LYS IA 372 -68.88 18.21 52.87
N HIS IA 373 -69.63 17.40 52.12
CA HIS IA 373 -69.06 16.51 51.10
C HIS IA 373 -68.86 17.24 49.77
N LEU IA 374 -68.26 16.55 48.78
CA LEU IA 374 -67.92 17.08 47.47
C LEU IA 374 -69.15 17.44 46.62
N ASP IA 375 -70.31 16.82 46.90
CA ASP IA 375 -71.60 17.17 46.30
C ASP IA 375 -72.34 18.31 47.04
N GLY IA 376 -71.77 18.79 48.15
CA GLY IA 376 -72.37 19.84 48.95
C GLY IA 376 -73.39 19.34 49.98
N ARG IA 377 -73.65 18.02 50.05
CA ARG IA 377 -74.47 17.46 51.12
C ARG IA 377 -73.74 17.58 52.46
N GLN IA 378 -74.52 17.81 53.53
CA GLN IA 378 -74.02 17.72 54.90
C GLN IA 378 -74.14 16.28 55.38
N ILE IA 379 -73.01 15.66 55.73
CA ILE IA 379 -72.98 14.32 56.28
C ILE IA 379 -72.84 14.40 57.79
N VAL IA 380 -73.74 13.71 58.51
CA VAL IA 380 -73.69 13.59 59.96
C VAL IA 380 -73.07 12.23 60.30
N VAL IA 381 -71.88 12.25 60.92
CA VAL IA 381 -71.21 11.05 61.39
C VAL IA 381 -71.45 10.93 62.90
N LYS IA 382 -71.93 9.76 63.32
CA LYS IA 382 -72.19 9.46 64.72
C LYS IA 382 -71.31 8.29 65.17
N TYR IA 383 -70.66 8.48 66.32
CA TYR IA 383 -69.89 7.43 66.97
C TYR IA 383 -70.51 7.13 68.33
N PRO IA 384 -70.88 5.86 68.62
CA PRO IA 384 -71.67 5.55 69.82
C PRO IA 384 -70.86 5.72 71.10
N PRO IA 385 -71.51 6.11 72.23
CA PRO IA 385 -70.85 6.16 73.53
C PRO IA 385 -70.37 4.78 73.98
N GLY IA 386 -69.26 4.76 74.71
CA GLY IA 386 -68.69 3.52 75.22
C GLY IA 386 -67.71 2.82 74.26
N LYS IA 387 -67.49 3.40 73.07
CA LYS IA 387 -66.42 2.96 72.18
C LYS IA 387 -65.36 4.05 72.12
N VAL IA 388 -64.08 3.63 72.18
CA VAL IA 388 -62.94 4.55 72.22
C VAL IA 388 -62.36 4.72 70.81
N ILE IA 389 -62.01 5.99 70.51
CA ILE IA 389 -61.19 6.36 69.37
C ILE IA 389 -59.76 6.59 69.86
N GLU IA 390 -58.84 5.72 69.42
CA GLU IA 390 -57.42 5.88 69.70
C GLU IA 390 -56.82 7.01 68.85
N PRO IA 391 -55.81 7.75 69.36
CA PRO IA 391 -55.07 8.73 68.56
C PRO IA 391 -54.49 8.11 67.28
N GLY IA 392 -54.79 8.77 66.15
CA GLY IA 392 -54.34 8.34 64.84
C GLY IA 392 -55.12 7.19 64.23
N CYS IA 393 -56.15 6.65 64.93
CA CYS IA 393 -56.92 5.54 64.37
C CYS IA 393 -57.78 5.98 63.18
N VAL IA 394 -58.03 5.02 62.28
CA VAL IA 394 -58.82 5.27 61.08
C VAL IA 394 -60.18 4.56 61.19
N ARG IA 395 -61.25 5.28 60.79
CA ARG IA 395 -62.57 4.69 60.62
C ARG IA 395 -63.08 4.97 59.20
N VAL IA 396 -64.09 4.20 58.79
CA VAL IA 396 -64.60 4.26 57.42
C VAL IA 396 -66.07 4.65 57.42
N VAL IA 397 -66.41 5.56 56.48
CA VAL IA 397 -67.79 5.85 56.10
C VAL IA 397 -67.99 5.28 54.70
N ARG IA 398 -68.71 4.16 54.62
CA ARG IA 398 -68.83 3.38 53.39
C ARG IA 398 -69.67 4.12 52.34
N GLY IA 399 -69.21 4.08 51.08
CA GLY IA 399 -69.93 4.64 49.93
C GLY IA 399 -69.86 6.17 49.82
N GLU IA 400 -69.02 6.82 50.64
CA GLU IA 400 -68.82 8.27 50.63
C GLU IA 400 -67.45 8.66 50.05
N GLY IA 401 -66.85 7.78 49.23
CA GLY IA 401 -65.68 8.11 48.42
C GLY IA 401 -66.04 8.71 47.05
N MET IA 402 -65.07 8.72 46.13
CA MET IA 402 -65.24 9.17 44.75
C MET IA 402 -66.07 8.19 43.93
N PRO IA 403 -66.89 8.67 42.96
CA PRO IA 403 -67.57 7.79 42.00
C PRO IA 403 -66.57 7.11 41.07
N GLN IA 404 -66.88 5.89 40.66
CA GLN IA 404 -66.09 5.19 39.65
C GLN IA 404 -66.33 5.79 38.27
N TYR IA 405 -65.25 5.99 37.50
CA TYR IA 405 -65.36 6.43 36.11
C TYR IA 405 -66.18 5.43 35.28
N ARG IA 406 -67.19 5.92 34.53
CA ARG IA 406 -68.10 5.15 33.70
C ARG IA 406 -69.16 4.37 34.49
N ASN IA 407 -68.99 4.25 35.82
CA ASN IA 407 -69.96 3.60 36.69
C ASN IA 407 -70.22 4.48 37.92
N PRO IA 408 -70.81 5.70 37.77
CA PRO IA 408 -70.91 6.66 38.86
C PRO IA 408 -71.88 6.30 39.99
N PHE IA 409 -72.61 5.18 39.83
CA PHE IA 409 -73.46 4.61 40.88
C PHE IA 409 -72.64 3.87 41.95
N GLU IA 410 -71.46 3.37 41.55
CA GLU IA 410 -70.50 2.79 42.49
C GLU IA 410 -69.53 3.87 42.95
N LYS IA 411 -69.29 3.90 44.27
CA LYS IA 411 -68.37 4.84 44.88
C LYS IA 411 -67.38 4.06 45.75
N GLY IA 412 -66.20 4.66 45.94
CA GLY IA 412 -65.30 4.21 47.00
C GLY IA 412 -65.80 4.62 48.38
N ASP IA 413 -64.89 4.52 49.36
CA ASP IA 413 -65.16 4.80 50.76
C ASP IA 413 -64.45 6.07 51.23
N LEU IA 414 -64.95 6.65 52.34
CA LEU IA 414 -64.28 7.76 53.01
C LEU IA 414 -63.60 7.25 54.29
N TYR IA 415 -62.26 7.35 54.32
CA TYR IA 415 -61.44 7.05 55.49
C TYR IA 415 -61.17 8.31 56.29
N ILE IA 416 -61.50 8.26 57.59
CA ILE IA 416 -61.33 9.38 58.49
C ILE IA 416 -60.27 8.99 59.53
N LYS IA 417 -59.12 9.68 59.47
CA LYS IA 417 -58.10 9.59 60.50
C LYS IA 417 -58.44 10.56 61.63
N PHE IA 418 -58.52 10.04 62.86
CA PHE IA 418 -58.83 10.86 64.02
C PHE IA 418 -57.57 11.38 64.70
N ASP IA 419 -57.51 12.71 64.87
CA ASP IA 419 -56.47 13.39 65.60
C ASP IA 419 -57.03 13.82 66.96
N VAL IA 420 -56.65 13.09 68.02
CA VAL IA 420 -57.21 13.30 69.36
C VAL IA 420 -56.44 14.40 70.09
N GLN IA 421 -57.14 15.49 70.36
CA GLN IA 421 -56.60 16.65 71.06
C GLN IA 421 -56.76 16.48 72.57
N PHE IA 422 -55.62 16.34 73.24
CA PHE IA 422 -55.55 16.38 74.70
C PHE IA 422 -55.79 17.80 75.22
N PRO IA 423 -56.37 17.96 76.43
CA PRO IA 423 -56.51 19.26 77.06
C PRO IA 423 -55.13 19.84 77.40
N GLU IA 424 -55.06 21.17 77.52
CA GLU IA 424 -53.80 21.82 77.83
C GLU IA 424 -53.34 21.57 79.28
N ASN IA 425 -52.09 21.97 79.51
CA ASN IA 425 -51.41 22.01 80.81
C ASN IA 425 -52.28 22.70 81.86
N ASN IA 426 -52.43 22.09 83.06
CA ASN IA 426 -53.19 22.65 84.18
C ASN IA 426 -54.70 22.73 83.96
N TRP IA 427 -55.30 21.95 83.04
CA TRP IA 427 -56.73 22.09 82.73
C TRP IA 427 -57.66 21.72 83.89
N ILE IA 428 -57.15 20.89 84.82
CA ILE IA 428 -57.90 20.42 85.98
C ILE IA 428 -57.11 20.67 87.28
N ASN IA 429 -57.83 21.02 88.35
CA ASN IA 429 -57.25 21.16 89.69
C ASN IA 429 -56.71 19.81 90.16
N PRO IA 430 -55.44 19.71 90.65
CA PRO IA 430 -54.90 18.49 91.25
C PRO IA 430 -55.82 17.71 92.19
N ASP IA 431 -56.65 18.39 92.98
CA ASP IA 431 -57.59 17.77 93.91
C ASP IA 431 -58.59 16.81 93.23
N LYS IA 432 -58.87 17.03 91.93
CA LYS IA 432 -59.83 16.27 91.13
C LYS IA 432 -59.18 15.13 90.35
N LEU IA 433 -57.84 15.01 90.41
CA LEU IA 433 -57.12 13.96 89.68
C LEU IA 433 -57.46 12.56 90.24
N SER IA 434 -57.71 12.49 91.56
CA SER IA 434 -58.15 11.28 92.26
C SER IA 434 -59.48 10.77 91.71
N GLU IA 435 -60.48 11.66 91.61
CA GLU IA 435 -61.80 11.34 91.03
C GLU IA 435 -61.67 10.82 89.60
N LEU IA 436 -60.75 11.37 88.80
CA LEU IA 436 -60.52 10.95 87.43
C LEU IA 436 -59.88 9.55 87.38
N GLU IA 437 -58.92 9.29 88.29
CA GLU IA 437 -58.23 8.01 88.38
C GLU IA 437 -59.21 6.88 88.72
N ASP IA 438 -60.15 7.15 89.65
CA ASP IA 438 -61.19 6.20 90.08
C ASP IA 438 -62.15 5.80 88.94
N LEU IA 439 -62.28 6.66 87.92
CA LEU IA 439 -63.21 6.43 86.82
C LEU IA 439 -62.54 5.59 85.72
N GLY JA 198 -12.63 -31.91 53.82
CA GLY JA 198 -11.61 -30.87 54.06
C GLY JA 198 -10.74 -31.24 55.24
N GLU JA 199 -9.65 -30.49 55.39
CA GLU JA 199 -8.66 -30.68 56.44
C GLU JA 199 -9.21 -30.20 57.78
N ASP JA 200 -8.92 -30.94 58.87
CA ASP JA 200 -9.28 -30.54 60.22
C ASP JA 200 -8.31 -29.44 60.71
N MET JA 201 -8.84 -28.47 61.47
CA MET JA 201 -8.06 -27.38 62.03
C MET JA 201 -7.82 -27.62 63.52
N MET JA 202 -6.53 -27.70 63.91
CA MET JA 202 -6.17 -27.91 65.31
C MET JA 202 -5.77 -26.59 65.96
N HIS JA 203 -6.41 -26.27 67.11
CA HIS JA 203 -6.09 -25.06 67.87
C HIS JA 203 -5.79 -25.39 69.33
N PRO JA 204 -4.62 -24.94 69.88
CA PRO JA 204 -4.35 -25.11 71.30
C PRO JA 204 -5.18 -24.12 72.13
N LEU JA 205 -5.91 -24.65 73.12
CA LEU JA 205 -6.62 -23.83 74.09
C LEU JA 205 -5.92 -23.91 75.44
N LYS JA 206 -5.27 -22.80 75.83
CA LYS JA 206 -4.59 -22.70 77.12
C LYS JA 206 -5.60 -22.48 78.24
N VAL JA 207 -5.61 -23.41 79.21
CA VAL JA 207 -6.53 -23.44 80.34
C VAL JA 207 -5.74 -23.50 81.65
N SER JA 208 -6.20 -22.80 82.70
CA SER JA 208 -5.57 -22.86 84.01
C SER JA 208 -6.13 -24.03 84.84
N LEU JA 209 -5.48 -24.38 85.97
CA LEU JA 209 -5.98 -25.40 86.87
C LEU JA 209 -7.35 -25.02 87.45
N GLU JA 210 -7.56 -23.71 87.74
CA GLU JA 210 -8.83 -23.19 88.22
C GLU JA 210 -9.94 -23.37 87.18
N ASP JA 211 -9.62 -23.14 85.90
CA ASP JA 211 -10.54 -23.36 84.79
C ASP JA 211 -10.96 -24.84 84.72
N LEU JA 212 -10.00 -25.76 84.91
CA LEU JA 212 -10.21 -27.20 84.87
C LEU JA 212 -10.93 -27.73 86.11
N TYR JA 213 -10.77 -27.06 87.26
CA TYR JA 213 -11.41 -27.43 88.51
C TYR JA 213 -12.85 -26.96 88.58
N ASN JA 214 -13.10 -25.68 88.24
CA ASN JA 214 -14.40 -25.06 88.36
C ASN JA 214 -15.27 -25.26 87.12
N GLY JA 215 -14.64 -25.57 85.97
CA GLY JA 215 -15.30 -25.50 84.68
C GLY JA 215 -15.30 -24.07 84.14
N LYS JA 216 -15.24 -23.93 82.81
CA LYS JA 216 -15.18 -22.62 82.18
C LYS JA 216 -15.87 -22.63 80.82
N THR JA 217 -16.69 -21.59 80.60
CA THR JA 217 -17.20 -21.29 79.28
C THR JA 217 -16.42 -20.11 78.72
N THR JA 218 -15.79 -20.29 77.55
CA THR JA 218 -15.03 -19.23 76.88
C THR JA 218 -15.45 -19.10 75.43
N LYS JA 219 -15.37 -17.86 74.89
CA LYS JA 219 -15.65 -17.60 73.49
C LYS JA 219 -14.34 -17.52 72.72
N LEU JA 220 -14.22 -18.37 71.69
CA LEU JA 220 -13.07 -18.40 70.82
C LEU JA 220 -13.44 -17.81 69.48
N GLN JA 221 -12.73 -16.73 69.10
CA GLN JA 221 -12.92 -16.13 67.79
C GLN JA 221 -11.93 -16.76 66.80
N LEU JA 222 -12.45 -17.37 65.72
CA LEU JA 222 -11.64 -17.93 64.65
C LEU JA 222 -12.02 -17.31 63.30
N SER JA 223 -11.02 -17.10 62.45
CA SER JA 223 -11.25 -16.71 61.06
C SER JA 223 -11.16 -17.96 60.19
N LYS JA 224 -12.23 -18.21 59.40
CA LYS JA 224 -12.29 -19.35 58.51
C LYS JA 224 -12.80 -18.94 57.13
N ASN JA 225 -12.48 -19.75 56.14
CA ASN JA 225 -13.00 -19.62 54.79
C ASN JA 225 -14.40 -20.22 54.73
N VAL JA 226 -15.36 -19.41 54.26
CA VAL JA 226 -16.73 -19.86 53.99
C VAL JA 226 -17.02 -19.69 52.51
N LEU JA 227 -17.93 -20.52 51.98
CA LEU JA 227 -18.37 -20.36 50.60
C LEU JA 227 -18.99 -18.96 50.41
N CYS JA 228 -18.58 -18.29 49.34
CA CYS JA 228 -19.03 -16.93 49.05
C CYS JA 228 -20.56 -16.91 48.86
N SER JA 229 -21.27 -16.29 49.82
CA SER JA 229 -22.73 -16.21 49.83
C SER JA 229 -23.34 -15.64 48.54
N ALA JA 230 -22.57 -14.83 47.79
CA ALA JA 230 -23.05 -14.15 46.58
C ALA JA 230 -22.94 -15.00 45.30
N CYS JA 231 -22.11 -16.05 45.29
CA CYS JA 231 -21.96 -16.92 44.11
C CYS JA 231 -21.98 -18.41 44.48
N SER JA 232 -22.25 -18.73 45.76
CA SER JA 232 -22.32 -20.09 46.29
C SER JA 232 -21.15 -20.97 45.86
N GLY JA 233 -19.92 -20.38 45.88
CA GLY JA 233 -18.67 -21.06 45.57
C GLY JA 233 -18.42 -21.32 44.09
N GLN JA 234 -19.48 -21.14 43.27
CA GLN JA 234 -19.40 -21.48 41.86
C GLN JA 234 -18.32 -20.58 41.31
N GLY JA 235 -17.93 -19.63 42.15
CA GLY JA 235 -16.95 -18.65 41.79
C GLY JA 235 -17.77 -17.61 41.08
N GLY JA 236 -18.24 -17.95 39.89
CA GLY JA 236 -19.19 -17.09 39.20
C GLY JA 236 -20.28 -17.91 38.51
N LYS JA 237 -21.11 -17.24 37.70
CA LYS JA 237 -22.13 -17.91 36.91
C LYS JA 237 -21.46 -18.94 35.99
N SER JA 238 -22.22 -19.92 35.49
CA SER JA 238 -21.72 -20.88 34.52
C SER JA 238 -21.25 -20.15 33.27
N GLY JA 239 -19.94 -20.21 32.99
CA GLY JA 239 -19.30 -19.52 31.88
C GLY JA 239 -18.70 -18.17 32.31
N ALA JA 240 -18.72 -17.89 33.63
CA ALA JA 240 -18.06 -16.74 34.21
C ALA JA 240 -16.61 -17.08 34.50
N VAL JA 241 -16.32 -18.38 34.64
CA VAL JA 241 -14.99 -18.86 34.98
C VAL JA 241 -14.15 -18.94 33.72
N GLN JA 242 -13.11 -18.10 33.66
CA GLN JA 242 -12.21 -18.03 32.51
C GLN JA 242 -10.79 -18.45 32.93
N LYS JA 243 -10.07 -19.10 32.00
CA LYS JA 243 -8.65 -19.38 32.17
C LYS JA 243 -7.92 -18.05 32.37
N CYS JA 244 -7.05 -18.00 33.39
CA CYS JA 244 -6.22 -16.83 33.58
C CYS JA 244 -5.25 -16.67 32.40
N SER JA 245 -5.34 -15.55 31.65
CA SER JA 245 -4.53 -15.29 30.45
C SER JA 245 -3.05 -15.18 30.77
N ALA JA 246 -2.77 -14.57 31.91
CA ALA JA 246 -1.50 -14.28 32.56
C ALA JA 246 -0.58 -15.49 32.72
N CYS JA 247 -1.12 -16.55 33.35
CA CYS JA 247 -0.40 -17.78 33.64
C CYS JA 247 -0.90 -18.94 32.78
N ARG JA 248 -1.84 -18.68 31.86
CA ARG JA 248 -2.46 -19.67 30.98
C ARG JA 248 -3.00 -20.87 31.78
N GLY JA 249 -3.66 -20.61 32.93
CA GLY JA 249 -4.23 -21.64 33.77
C GLY JA 249 -3.25 -22.32 34.73
N ARG JA 250 -1.98 -21.93 34.76
CA ARG JA 250 -0.97 -22.60 35.57
C ARG JA 250 -0.95 -22.12 37.04
N GLY JA 251 -1.61 -21.01 37.36
CA GLY JA 251 -1.56 -20.43 38.71
C GLY JA 251 -0.25 -19.69 39.00
N VAL JA 252 0.83 -20.03 38.27
CA VAL JA 252 2.17 -19.48 38.51
C VAL JA 252 2.77 -18.88 37.25
N ARG JA 253 3.59 -17.84 37.43
CA ARG JA 253 4.34 -17.20 36.37
C ARG JA 253 5.83 -17.41 36.63
N ILE JA 254 6.59 -17.64 35.57
CA ILE JA 254 8.04 -17.72 35.65
C ILE JA 254 8.59 -16.32 35.38
N MET JA 255 9.19 -15.71 36.41
CA MET JA 255 9.87 -14.43 36.31
C MET JA 255 11.37 -14.64 36.20
N ILE JA 256 11.97 -13.95 35.24
CA ILE JA 256 13.41 -14.04 35.02
C ILE JA 256 14.10 -12.87 35.72
N ARG JA 257 14.92 -13.15 36.73
CA ARG JA 257 15.76 -12.15 37.37
C ARG JA 257 17.21 -12.29 36.89
N GLN JA 258 17.81 -11.27 36.26
CA GLN JA 258 19.25 -11.30 36.02
C GLN JA 258 20.03 -11.13 37.33
N LEU JA 259 20.97 -12.05 37.60
CA LEU JA 259 21.95 -11.91 38.68
C LEU JA 259 23.25 -11.24 38.22
N ALA JA 260 23.64 -11.52 36.97
CA ALA JA 260 24.77 -10.94 36.28
C ALA JA 260 24.57 -11.08 34.77
N PRO JA 261 25.18 -10.29 33.84
CA PRO JA 261 24.98 -10.58 32.42
C PRO JA 261 25.46 -12.00 32.07
N GLY JA 262 24.54 -12.80 31.52
CA GLY JA 262 24.80 -14.20 31.25
C GLY JA 262 24.42 -15.16 32.39
N MET JA 263 24.05 -14.62 33.56
CA MET JA 263 23.41 -15.40 34.62
C MET JA 263 21.97 -14.92 34.87
N VAL JA 264 20.98 -15.69 34.42
CA VAL JA 264 19.57 -15.42 34.70
C VAL JA 264 19.01 -16.48 35.65
N GLN JA 265 18.29 -16.03 36.68
CA GLN JA 265 17.53 -16.88 37.58
C GLN JA 265 16.07 -16.88 37.20
N GLN JA 266 15.52 -18.06 36.92
CA GLN JA 266 14.10 -18.24 36.72
C GLN JA 266 13.53 -18.51 38.11
N MET JA 267 12.66 -17.59 38.57
CA MET JA 267 11.90 -17.77 39.78
C MET JA 267 10.43 -17.99 39.42
N GLN JA 268 9.81 -19.02 40.00
CA GLN JA 268 8.38 -19.24 39.92
C GLN JA 268 7.71 -18.39 41.01
N SER JA 269 6.84 -17.48 40.57
CA SER JA 269 6.05 -16.65 41.46
C SER JA 269 4.57 -17.02 41.27
N VAL JA 270 3.78 -16.91 42.34
CA VAL JA 270 2.34 -17.02 42.21
C VAL JA 270 1.87 -15.91 41.26
N CYS JA 271 0.93 -16.27 40.36
CA CYS JA 271 0.45 -15.34 39.35
C CYS JA 271 -0.37 -14.26 40.03
N SER JA 272 0.06 -12.99 39.86
CA SER JA 272 -0.59 -11.79 40.39
C SER JA 272 -2.05 -11.66 39.95
N ASP JA 273 -2.38 -12.17 38.75
CA ASP JA 273 -3.65 -11.87 38.09
C ASP JA 273 -4.77 -12.83 38.53
N CYS JA 274 -4.42 -14.03 39.01
CA CYS JA 274 -5.37 -14.99 39.55
C CYS JA 274 -5.03 -15.49 40.95
N ASN JA 275 -4.01 -14.89 41.59
CA ASN JA 275 -3.56 -15.23 42.94
C ASN JA 275 -3.35 -16.73 43.13
N GLY JA 276 -2.92 -17.44 42.07
CA GLY JA 276 -2.60 -18.86 42.15
C GLY JA 276 -3.71 -19.80 41.70
N GLU JA 277 -4.93 -19.30 41.48
CA GLU JA 277 -6.08 -20.16 41.20
C GLU JA 277 -6.03 -20.71 39.76
N GLY JA 278 -5.35 -20.01 38.85
CA GLY JA 278 -5.34 -20.38 37.44
C GLY JA 278 -6.57 -19.94 36.65
N GLU JA 279 -7.60 -19.51 37.39
CA GLU JA 279 -8.81 -18.96 36.82
C GLU JA 279 -9.06 -17.51 37.23
N VAL JA 280 -9.82 -16.79 36.41
CA VAL JA 280 -10.27 -15.45 36.72
C VAL JA 280 -11.79 -15.39 36.52
N ILE JA 281 -12.47 -14.79 37.51
CA ILE JA 281 -13.90 -14.53 37.46
C ILE JA 281 -14.07 -13.00 37.61
N ASN JA 282 -14.73 -12.40 36.59
CA ASN JA 282 -15.10 -10.99 36.64
C ASN JA 282 -15.89 -10.72 37.91
N GLU JA 283 -15.61 -9.59 38.58
CA GLU JA 283 -16.23 -9.21 39.84
C GLU JA 283 -17.75 -9.30 39.82
N LYS JA 284 -18.35 -8.87 38.71
CA LYS JA 284 -19.79 -8.84 38.44
C LYS JA 284 -20.42 -10.23 38.42
N ASP JA 285 -19.62 -11.28 38.22
CA ASP JA 285 -20.09 -12.66 38.10
C ASP JA 285 -19.99 -13.42 39.43
N ARG JA 286 -19.10 -12.97 40.34
CA ARG JA 286 -18.95 -13.58 41.67
C ARG JA 286 -19.61 -12.67 42.69
N CYS JA 287 -19.12 -11.42 42.77
CA CYS JA 287 -19.54 -10.42 43.74
C CYS JA 287 -18.38 -9.45 43.93
N LYS JA 288 -18.57 -8.43 44.78
CA LYS JA 288 -17.52 -7.51 45.14
C LYS JA 288 -16.87 -7.99 46.44
N LYS JA 289 -16.99 -9.31 46.72
CA LYS JA 289 -16.56 -9.92 47.97
C LYS JA 289 -15.35 -10.83 47.73
N CYS JA 290 -15.57 -12.11 47.37
CA CYS JA 290 -14.50 -13.09 47.16
C CYS JA 290 -13.48 -12.55 46.16
N GLU JA 291 -13.90 -12.36 44.89
CA GLU JA 291 -13.13 -11.82 43.78
C GLU JA 291 -12.69 -12.96 42.86
N GLY JA 292 -13.64 -13.85 42.54
CA GLY JA 292 -13.37 -15.03 41.73
C GLY JA 292 -12.68 -16.11 42.55
N LYS JA 293 -12.70 -15.95 43.88
CA LYS JA 293 -11.98 -16.84 44.78
C LYS JA 293 -12.85 -18.00 45.28
N LYS JA 294 -14.19 -17.85 45.20
CA LYS JA 294 -15.19 -18.87 45.55
C LYS JA 294 -15.38 -18.97 47.07
N VAL JA 295 -14.46 -18.36 47.84
CA VAL JA 295 -14.58 -18.30 49.30
C VAL JA 295 -14.33 -16.88 49.82
N ILE JA 296 -14.79 -16.62 51.05
CA ILE JA 296 -14.55 -15.37 51.76
C ILE JA 296 -14.12 -15.72 53.19
N LYS JA 297 -13.22 -14.91 53.76
CA LYS JA 297 -12.84 -15.04 55.15
C LYS JA 297 -13.92 -14.44 56.03
N GLU JA 298 -14.52 -15.30 56.89
CA GLU JA 298 -15.51 -14.90 57.88
C GLU JA 298 -14.97 -15.16 59.28
N VAL JA 299 -15.41 -14.31 60.21
CA VAL JA 299 -15.03 -14.41 61.61
C VAL JA 299 -16.17 -15.12 62.35
N LYS JA 300 -15.89 -16.32 62.88
CA LYS JA 300 -16.87 -17.07 63.65
C LYS JA 300 -16.45 -17.13 65.12
N ILE JA 301 -17.43 -16.94 66.02
CA ILE JA 301 -17.24 -17.10 67.45
C ILE JA 301 -17.80 -18.46 67.85
N LEU JA 302 -16.92 -19.32 68.38
CA LEU JA 302 -17.29 -20.60 68.95
C LEU JA 302 -17.37 -20.49 70.47
N GLU JA 303 -18.48 -20.97 71.04
CA GLU JA 303 -18.60 -21.10 72.48
C GLU JA 303 -18.01 -22.45 72.89
N VAL JA 304 -16.96 -22.38 73.74
CA VAL JA 304 -16.22 -23.55 74.17
C VAL JA 304 -16.50 -23.81 75.64
N HIS JA 305 -17.02 -25.02 75.92
CA HIS JA 305 -17.24 -25.48 77.28
C HIS JA 305 -16.09 -26.40 77.70
N VAL JA 306 -15.39 -25.99 78.76
CA VAL JA 306 -14.39 -26.79 79.45
C VAL JA 306 -15.04 -27.33 80.72
N ASP JA 307 -15.31 -28.63 80.73
CA ASP JA 307 -15.93 -29.32 81.85
C ASP JA 307 -14.95 -29.50 83.01
N LYS JA 308 -15.50 -29.65 84.22
CA LYS JA 308 -14.74 -29.99 85.41
C LYS JA 308 -14.00 -31.31 85.25
N GLY JA 309 -12.72 -31.31 85.61
CA GLY JA 309 -11.90 -32.51 85.62
C GLY JA 309 -11.29 -32.89 84.27
N MET JA 310 -11.56 -32.10 83.22
CA MET JA 310 -10.92 -32.33 81.92
C MET JA 310 -9.39 -32.36 82.06
N LYS JA 311 -8.73 -33.14 81.18
CA LYS JA 311 -7.31 -33.42 81.29
C LYS JA 311 -6.51 -32.66 80.24
N HIS JA 312 -5.22 -32.46 80.53
CA HIS JA 312 -4.28 -32.00 79.52
C HIS JA 312 -4.32 -32.90 78.28
N GLY JA 313 -4.28 -32.29 77.09
CA GLY JA 313 -4.33 -33.00 75.82
C GLY JA 313 -5.72 -33.49 75.39
N GLN JA 314 -6.76 -33.23 76.19
CA GLN JA 314 -8.12 -33.59 75.82
C GLN JA 314 -8.60 -32.74 74.65
N ARG JA 315 -9.38 -33.36 73.74
CA ARG JA 315 -9.85 -32.72 72.51
C ARG JA 315 -11.32 -32.32 72.63
N ILE JA 316 -11.63 -31.07 72.21
CA ILE JA 316 -12.99 -30.59 72.03
C ILE JA 316 -13.21 -30.36 70.54
N THR JA 317 -14.14 -31.12 69.94
CA THR JA 317 -14.35 -31.11 68.50
C THR JA 317 -15.63 -30.36 68.13
N PHE JA 318 -15.50 -29.44 67.17
CA PHE JA 318 -16.60 -28.75 66.52
C PHE JA 318 -16.73 -29.26 65.09
N THR JA 319 -17.73 -30.12 64.86
CA THR JA 319 -17.89 -30.84 63.60
C THR JA 319 -18.29 -29.92 62.45
N GLY JA 320 -17.59 -30.05 61.30
CA GLY JA 320 -17.89 -29.29 60.08
C GLY JA 320 -17.60 -27.79 60.20
N GLU JA 321 -16.85 -27.39 61.22
CA GLU JA 321 -16.59 -25.98 61.50
C GLU JA 321 -15.31 -25.45 60.85
N ALA JA 322 -14.50 -26.33 60.23
CA ALA JA 322 -13.28 -25.90 59.53
C ALA JA 322 -13.58 -25.12 58.25
N ASP JA 323 -12.51 -24.86 57.48
CA ASP JA 323 -12.57 -24.17 56.19
C ASP JA 323 -13.47 -24.90 55.20
N GLN JA 324 -14.32 -24.11 54.52
CA GLN JA 324 -15.14 -24.58 53.41
C GLN JA 324 -14.40 -24.35 52.09
N ALA JA 325 -14.54 -25.33 51.18
CA ALA JA 325 -14.07 -25.20 49.81
C ALA JA 325 -15.11 -25.74 48.83
N PRO JA 326 -15.23 -25.20 47.59
CA PRO JA 326 -16.20 -25.70 46.62
C PRO JA 326 -16.04 -27.18 46.31
N GLY JA 327 -17.12 -27.95 46.50
CA GLY JA 327 -17.15 -29.39 46.24
C GLY JA 327 -16.47 -30.23 47.32
N VAL JA 328 -16.14 -29.63 48.47
CA VAL JA 328 -15.47 -30.28 49.59
C VAL JA 328 -16.36 -30.14 50.83
N GLU JA 329 -16.58 -31.24 51.55
CA GLU JA 329 -17.27 -31.22 52.84
C GLU JA 329 -16.31 -30.69 53.90
N PRO JA 330 -16.66 -29.66 54.71
CA PRO JA 330 -15.73 -29.09 55.68
C PRO JA 330 -15.21 -30.09 56.71
N GLY JA 331 -13.93 -29.94 57.08
CA GLY JA 331 -13.36 -30.64 58.22
C GLY JA 331 -13.86 -30.11 59.56
N ASP JA 332 -13.26 -30.59 60.66
CA ASP JA 332 -13.63 -30.20 62.01
C ASP JA 332 -12.64 -29.19 62.59
N ILE JA 333 -13.10 -28.37 63.53
CA ILE JA 333 -12.20 -27.62 64.40
C ILE JA 333 -11.99 -28.42 65.69
N VAL JA 334 -10.73 -28.80 65.95
CA VAL JA 334 -10.36 -29.57 67.12
C VAL JA 334 -9.53 -28.70 68.06
N LEU JA 335 -10.11 -28.39 69.22
CA LEU JA 335 -9.37 -27.66 70.25
C LEU JA 335 -8.64 -28.66 71.14
N LEU JA 336 -7.34 -28.45 71.30
CA LEU JA 336 -6.51 -29.26 72.17
C LEU JA 336 -6.27 -28.52 73.48
N LEU JA 337 -6.74 -29.07 74.60
CA LEU JA 337 -6.54 -28.45 75.90
C LEU JA 337 -5.07 -28.49 76.31
N GLN JA 338 -4.51 -27.30 76.57
CA GLN JA 338 -3.16 -27.14 77.09
C GLN JA 338 -3.25 -26.59 78.51
N GLU JA 339 -2.87 -27.41 79.48
CA GLU JA 339 -2.87 -27.01 80.89
C GLU JA 339 -1.70 -26.04 81.09
N LYS JA 340 -1.98 -24.91 81.72
CA LYS JA 340 -0.95 -23.96 82.12
C LYS JA 340 -0.36 -24.42 83.45
N GLU JA 341 0.95 -24.21 83.58
CA GLU JA 341 1.64 -24.29 84.85
C GLU JA 341 0.97 -23.41 85.89
N HIS JA 342 0.87 -23.93 87.12
CA HIS JA 342 0.27 -23.22 88.24
C HIS JA 342 1.34 -23.02 89.31
N GLU JA 343 1.31 -21.86 89.98
CA GLU JA 343 2.41 -21.44 90.86
C GLU JA 343 2.50 -22.28 92.14
N VAL JA 344 1.35 -22.71 92.69
CA VAL JA 344 1.27 -23.43 93.96
C VAL JA 344 1.10 -24.94 93.76
N PHE JA 345 0.17 -25.33 92.87
CA PHE JA 345 -0.23 -26.72 92.67
C PHE JA 345 0.36 -27.32 91.40
N GLN JA 346 0.79 -28.57 91.50
CA GLN JA 346 1.12 -29.41 90.37
C GLN JA 346 0.09 -30.54 90.29
N ARG JA 347 -0.43 -30.79 89.10
CA ARG JA 347 -1.46 -31.81 88.93
C ARG JA 347 -0.84 -33.13 88.50
N ASP JA 348 -1.24 -34.22 89.18
CA ASP JA 348 -0.97 -35.58 88.75
C ASP JA 348 -2.29 -36.34 88.62
N GLY JA 349 -2.77 -36.52 87.38
CA GLY JA 349 -4.07 -37.15 87.15
C GLY JA 349 -5.23 -36.40 87.79
N ASN JA 350 -5.80 -36.97 88.88
CA ASN JA 350 -6.84 -36.36 89.67
C ASN JA 350 -6.31 -35.77 90.98
N ASP JA 351 -5.04 -36.04 91.30
CA ASP JA 351 -4.41 -35.57 92.53
C ASP JA 351 -3.69 -34.24 92.31
N LEU JA 352 -3.51 -33.50 93.40
CA LEU JA 352 -2.75 -32.26 93.41
C LEU JA 352 -1.56 -32.40 94.35
N HIS JA 353 -0.45 -31.79 93.96
CA HIS JA 353 0.77 -31.73 94.76
C HIS JA 353 1.12 -30.28 95.03
N MET JA 354 1.56 -29.99 96.27
CA MET JA 354 2.11 -28.69 96.60
C MET JA 354 3.29 -28.84 97.56
N THR JA 355 4.19 -27.85 97.54
CA THR JA 355 5.25 -27.75 98.54
C THR JA 355 4.89 -26.64 99.52
N TYR JA 356 4.94 -26.95 100.83
CA TYR JA 356 4.66 -25.99 101.88
C TYR JA 356 5.87 -25.87 102.81
N LYS JA 357 6.32 -24.62 103.03
CA LYS JA 357 7.46 -24.33 103.87
C LYS JA 357 6.98 -24.11 105.31
N ILE JA 358 7.64 -24.78 106.27
CA ILE JA 358 7.35 -24.66 107.69
C ILE JA 358 8.66 -24.47 108.47
N GLY JA 359 8.60 -23.76 109.61
CA GLY JA 359 9.75 -23.62 110.49
C GLY JA 359 10.02 -24.89 111.31
N LEU JA 360 11.23 -25.00 111.88
CA LEU JA 360 11.60 -26.12 112.74
C LEU JA 360 10.65 -26.28 113.92
N VAL JA 361 10.24 -25.15 114.54
CA VAL JA 361 9.31 -25.14 115.66
C VAL JA 361 7.95 -25.74 115.24
N GLU JA 362 7.44 -25.36 114.07
CA GLU JA 362 6.19 -25.89 113.53
C GLU JA 362 6.30 -27.40 113.26
N ALA JA 363 7.45 -27.84 112.71
CA ALA JA 363 7.73 -29.23 112.40
C ALA JA 363 7.76 -30.12 113.65
N LEU JA 364 8.22 -29.58 114.80
CA LEU JA 364 8.38 -30.34 116.05
C LEU JA 364 7.17 -30.22 116.98
N CYS JA 365 6.54 -29.02 117.04
CA CYS JA 365 5.55 -28.67 118.05
C CYS JA 365 4.12 -28.66 117.52
N GLY JA 366 3.91 -28.92 116.21
CA GLY JA 366 2.62 -28.80 115.56
C GLY JA 366 2.34 -27.40 115.05
N PHE JA 367 1.38 -27.28 114.12
CA PHE JA 367 1.12 -26.04 113.41
C PHE JA 367 -0.28 -26.00 112.79
N GLN JA 368 -0.67 -24.79 112.41
CA GLN JA 368 -1.87 -24.53 111.64
C GLN JA 368 -1.53 -23.56 110.52
N PHE JA 369 -1.91 -23.90 109.29
CA PHE JA 369 -1.76 -22.98 108.18
C PHE JA 369 -3.00 -22.94 107.31
N THR JA 370 -3.07 -21.90 106.46
CA THR JA 370 -4.18 -21.71 105.54
C THR JA 370 -3.66 -21.47 104.13
N PHE JA 371 -4.36 -22.03 103.13
CA PHE JA 371 -4.08 -21.74 101.73
C PHE JA 371 -5.38 -21.59 100.95
N LYS JA 372 -5.28 -20.93 99.77
CA LYS JA 372 -6.38 -20.77 98.86
C LYS JA 372 -6.40 -21.93 97.87
N HIS JA 373 -7.55 -22.63 97.78
CA HIS JA 373 -7.74 -23.72 96.83
C HIS JA 373 -8.16 -23.19 95.45
N LEU JA 374 -8.30 -24.10 94.47
CA LEU JA 374 -8.63 -23.80 93.08
C LEU JA 374 -10.06 -23.25 92.92
N ASP JA 375 -10.97 -23.55 93.86
CA ASP JA 375 -12.32 -22.97 93.92
C ASP JA 375 -12.38 -21.63 94.68
N GLY JA 376 -11.24 -21.19 95.22
CA GLY JA 376 -11.17 -19.95 95.98
C GLY JA 376 -11.56 -20.09 97.46
N ARG JA 377 -11.92 -21.31 97.93
CA ARG JA 377 -12.11 -21.56 99.36
C ARG JA 377 -10.76 -21.46 100.09
N GLN JA 378 -10.81 -20.96 101.33
CA GLN JA 378 -9.68 -21.01 102.25
C GLN JA 378 -9.74 -22.34 103.02
N ILE JA 379 -8.69 -23.16 102.87
CA ILE JA 379 -8.57 -24.42 103.60
C ILE JA 379 -7.63 -24.21 104.78
N VAL JA 380 -8.10 -24.59 105.98
CA VAL JA 380 -7.30 -24.59 107.20
C VAL JA 380 -6.80 -26.01 107.45
N VAL JA 381 -5.47 -26.19 107.36
CA VAL JA 381 -4.82 -27.46 107.69
C VAL JA 381 -4.25 -27.37 109.09
N LYS JA 382 -4.59 -28.36 109.94
CA LYS JA 382 -4.10 -28.45 111.30
C LYS JA 382 -3.29 -29.72 111.46
N TYR JA 383 -2.11 -29.58 112.08
CA TYR JA 383 -1.28 -30.70 112.45
C TYR JA 383 -1.10 -30.71 113.97
N PRO JA 384 -1.44 -31.83 114.66
CA PRO JA 384 -1.51 -31.82 116.13
C PRO JA 384 -0.13 -31.71 116.76
N PRO JA 385 -0.02 -31.08 117.95
CA PRO JA 385 1.24 -31.05 118.71
C PRO JA 385 1.68 -32.45 119.13
N GLY JA 386 3.00 -32.66 119.20
CA GLY JA 386 3.57 -33.93 119.59
C GLY JA 386 3.77 -34.92 118.44
N LYS JA 387 3.40 -34.54 117.21
CA LYS JA 387 3.75 -35.29 116.01
C LYS JA 387 4.78 -34.48 115.21
N VAL JA 388 5.82 -35.18 114.71
CA VAL JA 388 6.91 -34.57 113.98
C VAL JA 388 6.68 -34.66 112.47
N ILE JA 389 6.98 -33.56 111.78
CA ILE JA 389 7.11 -33.50 110.33
C ILE JA 389 8.60 -33.56 109.98
N GLU JA 390 9.00 -34.65 109.33
CA GLU JA 390 10.37 -34.79 108.82
C GLU JA 390 10.58 -33.93 107.58
N PRO JA 391 11.80 -33.38 107.34
CA PRO JA 391 12.12 -32.68 106.09
C PRO JA 391 11.85 -33.54 104.85
N GLY JA 392 11.08 -32.97 103.92
CA GLY JA 392 10.70 -33.61 102.68
C GLY JA 392 9.55 -34.61 102.81
N CYS JA 393 8.99 -34.82 104.01
CA CYS JA 393 7.90 -35.78 104.17
C CYS JA 393 6.61 -35.27 103.50
N VAL JA 394 5.78 -36.23 103.07
CA VAL JA 394 4.52 -35.94 102.41
C VAL JA 394 3.34 -36.30 103.33
N ARG JA 395 2.34 -35.40 103.37
CA ARG JA 395 1.06 -35.67 104.02
C ARG JA 395 -0.08 -35.44 103.02
N VAL JA 396 -1.26 -35.99 103.34
CA VAL JA 396 -2.39 -35.96 102.44
C VAL JA 396 -3.57 -35.24 103.08
N VAL JA 397 -4.22 -34.37 102.29
CA VAL JA 397 -5.54 -33.82 102.60
C VAL JA 397 -6.52 -34.47 101.62
N ARG JA 398 -7.33 -35.39 102.16
CA ARG JA 398 -8.20 -36.25 101.36
C ARG JA 398 -9.35 -35.45 100.73
N GLY JA 399 -9.65 -35.71 99.45
CA GLY JA 399 -10.77 -35.12 98.73
C GLY JA 399 -10.56 -33.67 98.29
N GLU JA 400 -9.32 -33.15 98.42
CA GLU JA 400 -8.96 -31.79 98.02
C GLU JA 400 -8.07 -31.79 96.76
N GLY JA 401 -8.13 -32.86 95.95
CA GLY JA 401 -7.54 -32.89 94.61
C GLY JA 401 -8.48 -32.37 93.52
N MET JA 402 -8.16 -32.69 92.25
CA MET JA 402 -8.97 -32.33 91.09
C MET JA 402 -10.25 -33.18 91.02
N PRO JA 403 -11.38 -32.63 90.51
CA PRO JA 403 -12.58 -33.42 90.23
C PRO JA 403 -12.33 -34.40 89.09
N GLN JA 404 -12.99 -35.55 89.15
CA GLN JA 404 -12.96 -36.51 88.05
C GLN JA 404 -13.82 -36.02 86.88
N TYR JA 405 -13.30 -36.15 85.66
CA TYR JA 405 -14.07 -35.83 84.46
C TYR JA 405 -15.33 -36.70 84.38
N ARG JA 406 -16.49 -36.07 84.13
CA ARG JA 406 -17.82 -36.70 84.06
C ARG JA 406 -18.38 -37.13 85.41
N ASN JA 407 -17.55 -37.15 86.47
CA ASN JA 407 -17.99 -37.46 87.82
C ASN JA 407 -17.42 -36.43 88.81
N PRO JA 408 -17.84 -35.13 88.73
CA PRO JA 408 -17.20 -34.06 89.49
C PRO JA 408 -17.45 -34.07 91.00
N PHE JA 409 -18.31 -35.01 91.47
CA PHE JA 409 -18.54 -35.26 92.89
C PHE JA 409 -17.40 -36.05 93.53
N GLU JA 410 -16.69 -36.85 92.71
CA GLU JA 410 -15.48 -37.52 93.15
C GLU JA 410 -14.26 -36.66 92.82
N LYS JA 411 -13.36 -36.55 93.80
CA LYS JA 411 -12.13 -35.80 93.67
C LYS JA 411 -10.95 -36.68 94.06
N GLY JA 412 -9.77 -36.36 93.51
CA GLY JA 412 -8.54 -36.90 94.04
C GLY JA 412 -8.16 -36.25 95.36
N ASP JA 413 -6.89 -36.46 95.75
CA ASP JA 413 -6.33 -35.98 97.01
C ASP JA 413 -5.31 -34.86 96.79
N LEU JA 414 -5.05 -34.07 97.84
CA LEU JA 414 -3.96 -33.09 97.84
C LEU JA 414 -2.79 -33.61 98.68
N TYR JA 415 -1.64 -33.82 98.02
CA TYR JA 415 -0.40 -34.19 98.65
C TYR JA 415 0.45 -32.94 98.93
N ILE JA 416 0.85 -32.78 100.20
CA ILE JA 416 1.64 -31.64 100.64
C ILE JA 416 3.01 -32.15 101.06
N LYS JA 417 4.05 -31.76 100.30
CA LYS JA 417 5.43 -31.97 100.66
C LYS JA 417 5.88 -30.85 101.59
N PHE JA 418 6.40 -31.20 102.76
CA PHE JA 418 6.87 -30.21 103.72
C PHE JA 418 8.36 -29.94 103.56
N ASP JA 419 8.69 -28.66 103.40
CA ASP JA 419 10.05 -28.15 103.35
C ASP JA 419 10.36 -27.47 104.69
N VAL JA 420 11.14 -28.16 105.54
CA VAL JA 420 11.42 -27.69 106.90
C VAL JA 420 12.61 -26.73 106.90
N GLN JA 421 12.33 -25.48 107.25
CA GLN JA 421 13.31 -24.41 107.33
C GLN JA 421 13.96 -24.39 108.71
N PHE JA 422 15.25 -24.70 108.73
CA PHE JA 422 16.10 -24.52 109.91
C PHE JA 422 16.34 -23.04 110.18
N PRO JA 423 16.52 -22.64 111.46
CA PRO JA 423 16.90 -21.27 111.80
C PRO JA 423 18.31 -20.96 111.28
N GLU JA 424 18.58 -19.67 111.09
CA GLU JA 424 19.87 -19.24 110.58
C GLU JA 424 21.01 -19.44 111.61
N ASN JA 425 22.22 -19.26 111.09
CA ASN JA 425 23.50 -19.18 111.80
C ASN JA 425 23.40 -18.24 113.01
N ASN JA 426 23.87 -18.69 114.19
CA ASN JA 426 23.91 -17.89 115.42
C ASN JA 426 22.53 -17.57 116.03
N TRP JA 427 21.45 -18.31 115.70
CA TRP JA 427 20.09 -17.91 116.13
C TRP JA 427 19.89 -17.96 117.65
N ILE JA 428 20.71 -18.78 118.34
CA ILE JA 428 20.64 -18.95 119.78
C ILE JA 428 22.01 -18.75 120.44
N ASN JA 429 22.03 -18.13 121.62
CA ASN JA 429 23.24 -17.99 122.44
C ASN JA 429 23.75 -19.38 122.84
N PRO JA 430 25.05 -19.71 122.64
CA PRO JA 430 25.66 -20.96 123.13
C PRO JA 430 25.28 -21.41 124.54
N ASP JA 431 25.08 -20.48 125.48
CA ASP JA 431 24.70 -20.78 126.86
C ASP JA 431 23.37 -21.54 126.97
N LYS JA 432 22.48 -21.40 125.97
CA LYS JA 432 21.16 -22.00 125.92
C LYS JA 432 21.13 -23.34 125.18
N LEU JA 433 22.27 -23.75 124.60
CA LEU JA 433 22.34 -25.01 123.84
C LEU JA 433 22.15 -26.22 124.76
N SER JA 434 22.62 -26.10 126.02
CA SER JA 434 22.47 -27.10 127.07
C SER JA 434 20.98 -27.35 127.38
N GLU JA 435 20.21 -26.27 127.60
CA GLU JA 435 18.77 -26.34 127.85
C GLU JA 435 18.04 -27.02 126.68
N LEU JA 436 18.46 -26.76 125.44
CA LEU JA 436 17.87 -27.38 124.25
C LEU JA 436 18.19 -28.88 124.17
N GLU JA 437 19.43 -29.26 124.52
CA GLU JA 437 19.88 -30.65 124.51
C GLU JA 437 19.08 -31.49 125.53
N ASP JA 438 18.82 -30.93 126.72
CA ASP JA 438 18.06 -31.57 127.78
C ASP JA 438 16.59 -31.85 127.39
N LEU JA 439 16.05 -31.09 126.42
CA LEU JA 439 14.66 -31.21 126.01
C LEU JA 439 14.52 -32.28 124.92
N GLY KA 198 -76.07 90.84 -24.07
CA GLY KA 198 -76.01 89.80 -25.12
C GLY KA 198 -76.96 90.15 -26.26
N GLU KA 199 -76.80 89.40 -27.36
CA GLU KA 199 -77.58 89.57 -28.57
C GLU KA 199 -79.00 89.01 -28.36
N ASP KA 200 -80.00 89.72 -28.92
CA ASP KA 200 -81.39 89.26 -28.92
C ASP KA 200 -81.58 88.15 -29.97
N MET KA 201 -82.40 87.14 -29.64
CA MET KA 201 -82.70 86.04 -30.54
C MET KA 201 -84.10 86.23 -31.15
N MET KA 202 -84.16 86.30 -32.49
CA MET KA 202 -85.43 86.45 -33.19
C MET KA 202 -85.91 85.11 -33.74
N HIS KA 203 -87.16 84.74 -33.41
CA HIS KA 203 -87.76 83.50 -33.89
C HIS KA 203 -89.11 83.77 -34.55
N PRO KA 204 -89.33 83.31 -35.82
CA PRO KA 204 -90.66 83.42 -36.44
C PRO KA 204 -91.62 82.39 -35.83
N LEU KA 205 -92.78 82.88 -35.38
CA LEU KA 205 -93.87 82.01 -34.93
C LEU KA 205 -95.01 82.02 -35.95
N LYS KA 206 -95.17 80.92 -36.67
CA LYS KA 206 -96.23 80.77 -37.65
C LYS KA 206 -97.58 80.51 -36.95
N VAL KA 207 -98.56 81.40 -37.18
CA VAL KA 207 -99.88 81.38 -36.57
C VAL KA 207 -100.95 81.39 -37.68
N SER KA 208 -102.05 80.64 -37.49
CA SER KA 208 -103.16 80.66 -38.42
C SER KA 208 -104.14 81.80 -38.09
N LEU KA 209 -105.09 82.10 -39.01
CA LEU KA 209 -106.14 83.07 -38.76
C LEU KA 209 -107.03 82.66 -37.57
N GLU KA 210 -107.30 81.35 -37.44
CA GLU KA 210 -108.07 80.80 -36.32
C GLU KA 210 -107.35 81.01 -34.99
N ASP KA 211 -106.02 80.84 -34.98
CA ASP KA 211 -105.17 81.10 -33.81
C ASP KA 211 -105.27 82.57 -33.39
N LEU KA 212 -105.26 83.49 -34.38
CA LEU KA 212 -105.32 84.94 -34.17
C LEU KA 212 -106.73 85.40 -33.78
N TYR KA 213 -107.77 84.68 -34.22
CA TYR KA 213 -109.16 85.02 -33.92
C TYR KA 213 -109.57 84.52 -32.54
N ASN KA 214 -109.26 83.26 -32.21
CA ASN KA 214 -109.67 82.63 -30.96
C ASN KA 214 -108.70 82.87 -29.82
N GLY KA 215 -107.44 83.24 -30.14
CA GLY KA 215 -106.35 83.21 -29.18
C GLY KA 215 -105.78 81.79 -29.04
N LYS KA 216 -104.46 81.72 -28.76
CA LYS KA 216 -103.79 80.43 -28.66
C LYS KA 216 -102.65 80.49 -27.66
N THR KA 217 -102.60 79.46 -26.80
CA THR KA 217 -101.44 79.20 -25.98
C THR KA 217 -100.66 78.05 -26.59
N THR KA 218 -99.37 78.29 -26.90
CA THR KA 218 -98.50 77.27 -27.47
C THR KA 218 -97.18 77.18 -26.70
N LYS KA 219 -96.59 75.97 -26.66
CA LYS KA 219 -95.30 75.77 -26.04
C LYS KA 219 -94.21 75.74 -27.11
N LEU KA 220 -93.23 76.62 -26.96
CA LEU KA 220 -92.10 76.70 -27.87
C LEU KA 220 -90.86 76.15 -27.17
N GLN KA 221 -90.28 75.10 -27.76
CA GLN KA 221 -89.04 74.55 -27.24
C GLN KA 221 -87.86 75.21 -27.95
N LEU KA 222 -86.97 75.86 -27.18
CA LEU KA 222 -85.76 76.47 -27.69
C LEU KA 222 -84.52 75.90 -26.99
N SER KA 223 -83.44 75.74 -27.76
CA SER KA 223 -82.14 75.40 -27.18
C SER KA 223 -81.32 76.68 -27.05
N LYS KA 224 -80.84 76.95 -25.83
CA LYS KA 224 -80.03 78.13 -25.55
C LYS KA 224 -78.81 77.77 -24.70
N ASN KA 225 -77.79 78.62 -24.77
CA ASN KA 225 -76.63 78.53 -23.92
C ASN KA 225 -76.94 79.12 -22.55
N VAL KA 226 -76.69 78.33 -21.51
CA VAL KA 226 -76.80 78.77 -20.13
C VAL KA 226 -75.43 78.66 -19.46
N LEU KA 227 -75.18 79.51 -18.45
CA LEU KA 227 -73.95 79.38 -17.67
C LEU KA 227 -73.87 77.99 -17.03
N CYS KA 228 -72.70 77.36 -17.15
CA CYS KA 228 -72.49 76.01 -16.64
C CYS KA 228 -72.68 75.97 -15.12
N SER KA 229 -73.76 75.31 -14.67
CA SER KA 229 -74.13 75.23 -13.26
C SER KA 229 -73.00 74.70 -12.34
N ALA KA 230 -72.06 73.93 -12.89
CA ALA KA 230 -70.98 73.30 -12.13
C ALA KA 230 -69.75 74.20 -11.91
N CYS KA 231 -69.57 75.24 -12.73
CA CYS KA 231 -68.44 76.16 -12.58
C CYS KA 231 -68.86 77.63 -12.65
N SER KA 232 -70.17 77.91 -12.70
CA SER KA 232 -70.76 79.25 -12.77
C SER KA 232 -70.07 80.15 -13.82
N GLY KA 233 -69.76 79.57 -14.99
CA GLY KA 233 -69.17 80.27 -16.13
C GLY KA 233 -67.68 80.59 -16.00
N GLN KA 234 -67.15 80.43 -14.78
CA GLN KA 234 -65.79 80.83 -14.49
C GLN KA 234 -64.94 79.96 -15.42
N GLY KA 235 -65.63 78.98 -15.99
CA GLY KA 235 -65.00 78.02 -16.85
C GLY KA 235 -64.48 77.00 -15.87
N GLY KA 236 -63.45 77.38 -15.12
CA GLY KA 236 -62.99 76.55 -14.04
C GLY KA 236 -62.63 77.37 -12.82
N LYS KA 237 -62.02 76.73 -11.81
CA LYS KA 237 -61.54 77.42 -10.62
C LYS KA 237 -60.52 78.49 -11.04
N SER KA 238 -60.26 79.47 -10.18
CA SER KA 238 -59.24 80.48 -10.43
C SER KA 238 -57.87 79.80 -10.57
N GLY KA 239 -57.28 79.88 -11.76
CA GLY KA 239 -56.02 79.23 -12.11
C GLY KA 239 -56.24 77.87 -12.78
N ALA KA 240 -57.50 77.55 -13.10
CA ALA KA 240 -57.86 76.37 -13.88
C ALA KA 240 -57.79 76.71 -15.37
N VAL KA 241 -57.90 78.01 -15.67
CA VAL KA 241 -57.93 78.49 -17.05
C VAL KA 241 -56.49 78.62 -17.55
N GLN KA 242 -56.15 77.81 -18.55
CA GLN KA 242 -54.81 77.78 -19.14
C GLN KA 242 -54.89 78.20 -20.60
N LYS KA 243 -53.84 78.91 -21.08
CA LYS KA 243 -53.68 79.20 -22.50
C LYS KA 243 -53.61 77.89 -23.27
N CYS KA 244 -54.38 77.80 -24.36
CA CYS KA 244 -54.31 76.63 -25.20
C CYS KA 244 -52.92 76.53 -25.86
N SER KA 245 -52.16 75.45 -25.59
CA SER KA 245 -50.80 75.24 -26.07
C SER KA 245 -50.73 75.14 -27.59
N ALA KA 246 -51.75 74.47 -28.13
CA ALA KA 246 -52.04 74.17 -29.52
C ALA KA 246 -52.03 75.38 -30.47
N CYS KA 247 -52.82 76.40 -30.10
CA CYS KA 247 -52.98 77.62 -30.88
C CYS KA 247 -52.32 78.82 -30.18
N ARG KA 248 -51.65 78.60 -29.04
CA ARG KA 248 -51.01 79.62 -28.21
C ARG KA 248 -51.96 80.77 -27.89
N GLY KA 249 -53.22 80.45 -27.54
CA GLY KA 249 -54.22 81.44 -27.19
C GLY KA 249 -54.94 82.09 -28.38
N ARG KA 250 -54.64 81.70 -29.63
CA ARG KA 250 -55.21 82.36 -30.81
C ARG KA 250 -56.60 81.82 -31.18
N GLY KA 251 -57.02 80.67 -30.62
CA GLY KA 251 -58.29 80.04 -31.01
C GLY KA 251 -58.21 79.29 -32.34
N VAL KA 252 -57.26 79.67 -33.21
CA VAL KA 252 -57.14 79.13 -34.55
C VAL KA 252 -55.74 78.59 -34.83
N ARG KA 253 -55.67 77.56 -35.66
CA ARG KA 253 -54.43 76.97 -36.14
C ARG KA 253 -54.33 77.19 -37.65
N ILE KA 254 -53.12 77.51 -38.11
CA ILE KA 254 -52.86 77.63 -39.55
C ILE KA 254 -52.36 76.27 -40.03
N MET KA 255 -53.17 75.62 -40.87
CA MET KA 255 -52.82 74.35 -41.49
C MET KA 255 -52.37 74.59 -42.93
N ILE KA 256 -51.23 73.99 -43.28
CA ILE KA 256 -50.67 74.14 -44.62
C ILE KA 256 -51.09 72.94 -45.47
N ARG KA 257 -51.89 73.17 -46.51
CA ARG KA 257 -52.21 72.15 -47.50
C ARG KA 257 -51.40 72.36 -48.78
N GLN KA 258 -50.56 71.41 -49.20
CA GLN KA 258 -49.98 71.50 -50.55
C GLN KA 258 -51.02 71.24 -51.63
N LEU KA 259 -51.17 72.18 -52.60
CA LEU KA 259 -51.98 71.97 -53.79
C LEU KA 259 -51.19 71.39 -54.97
N ALA KA 260 -49.92 71.80 -55.07
CA ALA KA 260 -48.95 71.31 -56.03
C ALA KA 260 -47.53 71.53 -55.48
N PRO KA 261 -46.46 70.82 -55.88
CA PRO KA 261 -45.13 71.14 -55.32
C PRO KA 261 -44.75 72.60 -55.63
N GLY KA 262 -44.49 73.37 -54.57
CA GLY KA 262 -44.24 74.81 -54.70
C GLY KA 262 -45.49 75.69 -54.59
N MET KA 263 -46.68 75.09 -54.56
CA MET KA 263 -47.92 75.80 -54.20
C MET KA 263 -48.51 75.25 -52.89
N VAL KA 264 -48.39 76.04 -51.80
CA VAL KA 264 -48.99 75.72 -50.52
C VAL KA 264 -50.14 76.68 -50.22
N GLN KA 265 -51.27 76.12 -49.77
CA GLN KA 265 -52.40 76.87 -49.25
C GLN KA 265 -52.35 76.88 -47.73
N GLN KA 266 -52.32 78.06 -47.12
CA GLN KA 266 -52.47 78.22 -45.69
C GLN KA 266 -53.98 78.37 -45.48
N MET KA 267 -54.56 77.40 -44.75
CA MET KA 267 -55.93 77.49 -44.31
C MET KA 267 -55.95 77.70 -42.80
N GLN KA 268 -56.72 78.68 -42.32
CA GLN KA 268 -56.99 78.89 -40.92
C GLN KA 268 -58.16 77.98 -40.54
N SER KA 269 -57.90 77.08 -39.58
CA SER KA 269 -58.90 76.19 -39.04
C SER KA 269 -59.11 76.55 -37.56
N VAL KA 270 -60.33 76.39 -37.06
CA VAL KA 270 -60.57 76.50 -35.63
C VAL KA 270 -59.71 75.44 -34.93
N CYS KA 271 -59.09 75.82 -33.81
CA CYS KA 271 -58.19 74.95 -33.10
C CYS KA 271 -59.00 73.82 -32.46
N SER KA 272 -58.67 72.57 -32.83
CA SER KA 272 -59.30 71.35 -32.33
C SER KA 272 -59.22 71.21 -30.80
N ASP KA 273 -58.16 71.78 -30.19
CA ASP KA 273 -57.82 71.50 -28.80
C ASP KA 273 -58.56 72.43 -27.82
N CYS KA 274 -59.00 73.60 -28.29
CA CYS KA 274 -59.79 74.53 -27.50
C CYS KA 274 -61.09 74.98 -28.18
N ASN KA 275 -61.44 74.35 -29.32
CA ASN KA 275 -62.65 74.65 -30.08
C ASN KA 275 -62.84 76.14 -30.34
N GLY KA 276 -61.74 76.89 -30.50
CA GLY KA 276 -61.81 78.31 -30.84
C GLY KA 276 -61.68 79.26 -29.65
N GLU KA 277 -61.75 78.76 -28.41
CA GLU KA 277 -61.81 79.62 -27.24
C GLU KA 277 -60.42 80.23 -26.93
N GLY KA 278 -59.33 79.57 -27.36
CA GLY KA 278 -57.98 80.02 -27.03
C GLY KA 278 -57.51 79.60 -25.62
N GLU KA 279 -58.46 79.12 -24.82
CA GLU KA 279 -58.18 78.59 -23.49
C GLU KA 279 -58.58 77.12 -23.36
N VAL KA 280 -57.95 76.43 -22.41
CA VAL KA 280 -58.30 75.06 -22.05
C VAL KA 280 -58.49 75.00 -20.53
N ILE KA 281 -59.59 74.36 -20.12
CA ILE KA 281 -59.88 74.08 -18.72
C ILE KA 281 -60.01 72.57 -18.59
N ASN KA 282 -59.18 71.99 -17.70
CA ASN KA 282 -59.26 70.58 -17.34
C ASN KA 282 -60.68 70.25 -16.89
N GLU KA 283 -61.21 69.09 -17.33
CA GLU KA 283 -62.57 68.67 -17.05
C GLU KA 283 -62.92 68.75 -15.55
N LYS KA 284 -61.98 68.34 -14.70
CA LYS KA 284 -62.10 68.31 -13.25
C LYS KA 284 -62.27 69.70 -12.62
N ASP KA 285 -61.92 70.77 -13.35
CA ASP KA 285 -61.99 72.15 -12.88
C ASP KA 285 -63.28 72.86 -13.31
N ARG KA 286 -63.92 72.38 -14.39
CA ARG KA 286 -65.19 72.94 -14.87
C ARG KA 286 -66.30 71.98 -14.49
N CYS KA 287 -66.21 70.74 -14.99
CA CYS KA 287 -67.21 69.70 -14.82
C CYS KA 287 -67.07 68.73 -15.98
N LYS KA 288 -67.90 67.68 -16.00
CA LYS KA 288 -67.95 66.74 -17.12
C LYS KA 288 -69.06 67.19 -18.08
N LYS KA 289 -69.42 68.49 -18.02
CA LYS KA 289 -70.54 69.06 -18.75
C LYS KA 289 -70.05 69.98 -19.88
N CYS KA 290 -69.80 71.28 -19.57
CA CYS KA 290 -69.38 72.28 -20.55
C CYS KA 290 -68.13 71.78 -21.29
N GLU KA 291 -66.99 71.64 -20.56
CA GLU KA 291 -65.71 71.14 -21.04
C GLU KA 291 -64.75 72.32 -21.24
N GLY KA 292 -64.72 73.21 -20.24
CA GLY KA 292 -63.91 74.42 -20.29
C GLY KA 292 -64.57 75.48 -21.17
N LYS KA 293 -65.85 75.27 -21.48
CA LYS KA 293 -66.58 76.13 -22.40
C LYS KA 293 -67.32 77.26 -21.68
N LYS KA 294 -67.59 77.11 -20.36
CA LYS KA 294 -68.20 78.11 -19.48
C LYS KA 294 -69.72 78.15 -19.68
N VAL KA 295 -70.23 77.53 -20.76
CA VAL KA 295 -71.67 77.41 -21.01
C VAL KA 295 -72.05 75.98 -21.38
N ILE KA 296 -73.35 75.65 -21.23
CA ILE KA 296 -73.92 74.39 -21.66
C ILE KA 296 -75.21 74.68 -22.43
N LYS KA 297 -75.49 73.86 -23.45
CA LYS KA 297 -76.75 73.95 -24.16
C LYS KA 297 -77.86 73.30 -23.34
N GLU KA 298 -78.87 74.11 -22.98
CA GLU KA 298 -80.05 73.67 -22.27
C GLU KA 298 -81.28 73.89 -23.13
N VAL KA 299 -82.25 72.99 -22.96
CA VAL KA 299 -83.52 73.06 -23.66
C VAL KA 299 -84.54 73.72 -22.75
N LYS KA 300 -85.05 74.89 -23.14
CA LYS KA 300 -86.07 75.60 -22.39
C LYS KA 300 -87.39 75.62 -23.15
N ILE KA 301 -88.49 75.38 -22.42
CA ILE KA 301 -89.83 75.48 -22.97
C ILE KA 301 -90.41 76.83 -22.55
N LEU KA 302 -90.73 77.69 -23.53
CA LEU KA 302 -91.43 78.94 -23.31
C LEU KA 302 -92.92 78.75 -23.62
N GLU KA 303 -93.76 79.21 -22.68
CA GLU KA 303 -95.20 79.28 -22.93
C GLU KA 303 -95.51 80.61 -23.61
N VAL KA 304 -96.06 80.52 -24.84
CA VAL KA 304 -96.33 81.69 -25.67
C VAL KA 304 -97.84 81.88 -25.75
N HIS KA 305 -98.29 83.06 -25.33
CA HIS KA 305 -99.68 83.48 -25.46
C HIS KA 305 -99.84 84.38 -26.68
N VAL KA 306 -100.68 83.93 -27.62
CA VAL KA 306 -101.11 84.71 -28.76
C VAL KA 306 -102.53 85.19 -28.46
N ASP KA 307 -102.65 86.49 -28.21
CA ASP KA 307 -103.92 87.13 -27.89
C ASP KA 307 -104.81 87.28 -29.14
N LYS KA 308 -106.12 87.37 -28.89
CA LYS KA 308 -107.09 87.66 -29.93
C LYS KA 308 -106.80 89.00 -30.61
N GLY KA 309 -106.83 88.99 -31.94
CA GLY KA 309 -106.70 90.20 -32.75
C GLY KA 309 -105.25 90.63 -33.00
N MET KA 310 -104.26 89.88 -32.47
CA MET KA 310 -102.86 90.17 -32.78
C MET KA 310 -102.61 90.20 -34.28
N LYS KA 311 -101.63 91.02 -34.70
CA LYS KA 311 -101.38 91.30 -36.11
C LYS KA 311 -100.14 90.59 -36.62
N HIS KA 312 -100.08 90.40 -37.93
CA HIS KA 312 -98.85 89.99 -38.59
C HIS KA 312 -97.71 90.93 -38.25
N GLY KA 313 -96.52 90.36 -37.98
CA GLY KA 313 -95.33 91.12 -37.61
C GLY KA 313 -95.29 91.61 -36.16
N GLN KA 314 -96.32 91.32 -35.36
CA GLN KA 314 -96.31 91.70 -33.94
C GLN KA 314 -95.25 90.88 -33.18
N ARG KA 315 -94.60 91.53 -32.21
CA ARG KA 315 -93.51 90.94 -31.44
C ARG KA 315 -93.98 90.52 -30.05
N ILE KA 316 -93.59 89.30 -29.64
CA ILE KA 316 -93.74 88.81 -28.27
C ILE KA 316 -92.34 88.63 -27.69
N THR KA 317 -92.02 89.42 -26.64
CA THR KA 317 -90.68 89.47 -26.07
C THR KA 317 -90.62 88.72 -24.74
N PHE KA 318 -89.62 87.84 -24.62
CA PHE KA 318 -89.24 87.17 -23.39
C PHE KA 318 -87.90 87.73 -22.92
N THR KA 319 -87.97 88.59 -21.89
CA THR KA 319 -86.81 89.37 -21.43
C THR KA 319 -85.76 88.49 -20.75
N GLY KA 320 -84.49 88.66 -21.14
CA GLY KA 320 -83.35 87.95 -20.54
C GLY KA 320 -83.34 86.46 -20.84
N GLU KA 321 -84.12 86.01 -21.83
CA GLU KA 321 -84.26 84.61 -22.14
C GLU KA 321 -83.29 84.11 -23.22
N ALA KA 322 -82.52 85.00 -23.85
CA ALA KA 322 -81.53 84.63 -24.85
C ALA KA 322 -80.33 83.88 -24.25
N ASP KA 323 -79.31 83.66 -25.08
CA ASP KA 323 -78.06 83.03 -24.70
C ASP KA 323 -77.34 83.78 -23.58
N GLN KA 324 -76.88 83.01 -22.59
CA GLN KA 324 -76.02 83.52 -21.53
C GLN KA 324 -74.54 83.35 -21.90
N ALA KA 325 -73.74 84.36 -21.55
CA ALA KA 325 -72.29 84.29 -21.66
C ALA KA 325 -71.63 84.85 -20.39
N PRO KA 326 -70.44 84.36 -19.97
CA PRO KA 326 -69.78 84.89 -18.78
C PRO KA 326 -69.49 86.38 -18.86
N GLY KA 327 -69.98 87.13 -17.86
CA GLY KA 327 -69.80 88.58 -17.76
C GLY KA 327 -70.69 89.40 -18.70
N VAL KA 328 -71.70 88.74 -19.32
CA VAL KA 328 -72.64 89.35 -20.25
C VAL KA 328 -74.06 89.15 -19.71
N GLU KA 329 -74.85 90.24 -19.68
CA GLU KA 329 -76.26 90.17 -19.33
C GLU KA 329 -77.03 89.60 -20.52
N PRO KA 330 -77.87 88.53 -20.38
CA PRO KA 330 -78.55 87.94 -21.53
C PRO KA 330 -79.45 88.90 -22.29
N GLY KA 331 -79.49 88.75 -23.62
CA GLY KA 331 -80.48 89.40 -24.47
C GLY KA 331 -81.88 88.83 -24.30
N ASP KA 332 -82.80 89.27 -25.17
CA ASP KA 332 -84.18 88.81 -25.15
C ASP KA 332 -84.46 87.80 -26.25
N ILE KA 333 -85.46 86.94 -26.03
CA ILE KA 333 -86.04 86.15 -27.12
C ILE KA 333 -87.27 86.90 -27.65
N VAL KA 334 -87.22 87.28 -28.93
CA VAL KA 334 -88.29 88.02 -29.59
C VAL KA 334 -88.96 87.11 -30.62
N LEU KA 335 -90.21 86.74 -30.36
CA LEU KA 335 -90.99 85.98 -31.32
C LEU KA 335 -91.72 86.94 -32.25
N LEU KA 336 -91.53 86.74 -33.56
CA LEU KA 336 -92.21 87.52 -34.58
C LEU KA 336 -93.38 86.73 -35.14
N LEU KA 337 -94.60 87.23 -34.96
CA LEU KA 337 -95.78 86.56 -35.48
C LEU KA 337 -95.82 86.59 -37.01
N GLN KA 338 -95.87 85.40 -37.60
CA GLN KA 338 -96.05 85.23 -39.04
C GLN KA 338 -97.41 84.61 -39.30
N GLU KA 339 -98.30 85.41 -39.92
CA GLU KA 339 -99.62 84.95 -40.28
C GLU KA 339 -99.50 83.98 -41.46
N LYS KA 340 -100.14 82.82 -41.34
CA LYS KA 340 -100.21 81.87 -42.44
C LYS KA 340 -101.35 82.28 -43.38
N GLY LA 198 -70.59 66.67 -38.43
CA GLY LA 198 -70.88 67.64 -37.36
C GLY LA 198 -71.28 66.91 -36.08
N GLU LA 199 -71.34 67.67 -34.99
CA GLU LA 199 -71.68 67.17 -33.67
C GLU LA 199 -73.19 66.90 -33.58
N ASP LA 200 -73.56 65.79 -32.90
CA ASP LA 200 -74.95 65.46 -32.63
C ASP LA 200 -75.49 66.36 -31.50
N MET LA 201 -76.77 66.77 -31.62
CA MET LA 201 -77.43 67.59 -30.61
C MET LA 201 -78.38 66.74 -29.78
N MET LA 202 -78.16 66.70 -28.46
CA MET LA 202 -79.01 65.94 -27.55
C MET LA 202 -80.01 66.85 -26.85
N HIS LA 203 -81.31 66.50 -26.93
CA HIS LA 203 -82.37 67.25 -26.27
C HIS LA 203 -83.24 66.36 -25.40
N PRO LA 204 -83.42 66.68 -24.10
CA PRO LA 204 -84.37 65.93 -23.27
C PRO LA 204 -85.81 66.28 -23.62
N LEU LA 205 -86.62 65.24 -23.89
CA LEU LA 205 -88.04 65.39 -24.09
C LEU LA 205 -88.80 64.83 -22.89
N LYS LA 206 -89.38 65.72 -22.08
CA LYS LA 206 -90.17 65.32 -20.91
C LYS LA 206 -91.55 64.83 -21.35
N VAL LA 207 -91.87 63.57 -21.01
CA VAL LA 207 -93.10 62.87 -21.37
C VAL LA 207 -93.78 62.35 -20.10
N SER LA 208 -95.13 62.40 -20.05
CA SER LA 208 -95.87 61.84 -18.93
C SER LA 208 -96.16 60.35 -19.15
N LEU LA 209 -96.63 59.64 -18.10
CA LEU LA 209 -97.05 58.24 -18.23
C LEU LA 209 -98.22 58.09 -19.21
N GLU LA 210 -99.15 59.05 -19.21
CA GLU LA 210 -100.29 59.09 -20.14
C GLU LA 210 -99.81 59.23 -21.59
N ASP LA 211 -98.79 60.06 -21.82
CA ASP LA 211 -98.17 60.24 -23.13
C ASP LA 211 -97.56 58.91 -23.62
N LEU LA 212 -96.89 58.17 -22.71
CA LEU LA 212 -96.24 56.90 -23.00
C LEU LA 212 -97.23 55.75 -23.15
N TYR LA 213 -98.40 55.84 -22.50
CA TYR LA 213 -99.44 54.82 -22.57
C TYR LA 213 -100.30 54.97 -23.83
N ASN LA 214 -100.74 56.20 -24.12
CA ASN LA 214 -101.64 56.48 -25.22
C ASN LA 214 -100.91 56.74 -26.55
N GLY LA 215 -99.62 57.08 -26.46
CA GLY LA 215 -98.90 57.64 -27.61
C GLY LA 215 -99.18 59.14 -27.75
N LYS LA 216 -98.18 59.88 -28.26
CA LYS LA 216 -98.30 61.32 -28.40
C LYS LA 216 -97.50 61.82 -29.60
N THR LA 217 -98.15 62.70 -30.37
CA THR LA 217 -97.45 63.48 -31.38
C THR LA 217 -97.29 64.91 -30.84
N THR LA 218 -96.04 65.38 -30.78
CA THR LA 218 -95.73 66.73 -30.30
C THR LA 218 -94.81 67.46 -31.29
N LYS LA 219 -94.96 68.79 -31.37
CA LYS LA 219 -94.09 69.61 -32.19
C LYS LA 219 -93.02 70.25 -31.32
N LEU LA 220 -91.76 70.00 -31.70
CA LEU LA 220 -90.60 70.56 -31.02
C LEU LA 220 -89.99 71.64 -31.88
N GLN LA 221 -89.95 72.87 -31.36
CA GLN LA 221 -89.28 73.96 -32.04
C GLN LA 221 -87.83 74.04 -31.60
N LEU LA 222 -86.88 73.92 -32.54
CA LEU LA 222 -85.46 74.05 -32.30
C LEU LA 222 -84.85 75.15 -33.17
N SER LA 223 -83.89 75.89 -32.61
CA SER LA 223 -83.09 76.82 -33.37
C SER LA 223 -81.76 76.16 -33.72
N LYS LA 224 -81.44 76.12 -35.02
CA LYS LA 224 -80.21 75.53 -35.51
C LYS LA 224 -79.53 76.43 -36.54
N ASN LA 225 -78.23 76.23 -36.70
CA ASN LA 225 -77.44 76.88 -37.73
C ASN LA 225 -77.66 76.16 -39.06
N VAL LA 226 -78.05 76.93 -40.08
CA VAL LA 226 -78.16 76.44 -41.45
C VAL LA 226 -77.19 77.22 -42.34
N LEU LA 227 -76.73 76.59 -43.42
CA LEU LA 227 -75.91 77.29 -44.40
C LEU LA 227 -76.67 78.50 -44.96
N CYS LA 228 -75.99 79.65 -45.01
CA CYS LA 228 -76.61 80.89 -45.47
C CYS LA 228 -77.06 80.76 -46.92
N SER LA 229 -78.38 80.76 -47.14
CA SER LA 229 -78.99 80.58 -48.46
C SER LA 229 -78.49 81.57 -49.52
N ALA LA 230 -78.00 82.74 -49.10
CA ALA LA 230 -77.57 83.81 -50.00
C ALA LA 230 -76.11 83.67 -50.48
N CYS LA 231 -75.26 82.91 -49.78
CA CYS LA 231 -73.87 82.71 -50.18
C CYS LA 231 -73.45 81.23 -50.13
N SER LA 232 -74.40 80.32 -49.86
CA SER LA 232 -74.18 78.88 -49.77
C SER LA 232 -72.97 78.49 -48.92
N GLY LA 233 -72.78 79.20 -47.78
CA GLY LA 233 -71.72 78.95 -46.80
C GLY LA 233 -70.33 79.45 -47.20
N GLN LA 234 -70.20 79.80 -48.50
CA GLN LA 234 -68.90 80.17 -49.03
C GLN LA 234 -68.48 81.39 -48.23
N GLY LA 235 -69.45 81.89 -47.48
CA GLY LA 235 -69.26 83.07 -46.69
C GLY LA 235 -69.53 84.17 -47.68
N GLY LA 236 -68.62 84.35 -48.62
CA GLY LA 236 -68.85 85.26 -49.71
C GLY LA 236 -68.33 84.68 -51.03
N LYS LA 237 -68.35 85.51 -52.09
CA LYS LA 237 -67.80 85.13 -53.38
C LYS LA 237 -66.32 84.76 -53.21
N SER LA 238 -65.75 84.01 -54.17
CA SER LA 238 -64.32 83.69 -54.15
C SER LA 238 -63.51 84.97 -54.21
N GLY LA 239 -62.76 85.26 -53.13
CA GLY LA 239 -61.98 86.48 -52.97
C GLY LA 239 -62.73 87.55 -52.19
N ALA LA 240 -63.91 87.20 -51.65
CA ALA LA 240 -64.67 88.05 -50.74
C ALA LA 240 -64.18 87.84 -49.32
N VAL LA 241 -63.55 86.69 -49.07
CA VAL LA 241 -63.08 86.33 -47.74
C VAL LA 241 -61.72 86.97 -47.51
N GLN LA 242 -61.66 87.90 -46.55
CA GLN LA 242 -60.45 88.64 -46.20
C GLN LA 242 -60.04 88.30 -44.77
N LYS LA 243 -58.71 88.27 -44.53
CA LYS LA 243 -58.16 88.17 -43.17
C LYS LA 243 -58.66 89.35 -42.36
N CYS LA 244 -59.15 89.08 -41.15
CA CYS LA 244 -59.53 90.14 -40.25
C CYS LA 244 -58.31 90.98 -39.85
N SER LA 245 -58.28 92.28 -40.19
CA SER LA 245 -57.15 93.18 -39.96
C SER LA 245 -56.87 93.36 -38.46
N ALA LA 246 -57.97 93.44 -37.71
CA ALA LA 246 -58.12 93.60 -36.27
C ALA LA 246 -57.31 92.61 -35.43
N CYS LA 247 -57.51 91.31 -35.71
CA CYS LA 247 -56.87 90.21 -35.00
C CYS LA 247 -55.82 89.50 -35.86
N ARG LA 248 -55.59 90.00 -37.09
CA ARG LA 248 -54.68 89.42 -38.09
C ARG LA 248 -54.94 87.93 -38.30
N GLY LA 249 -56.23 87.54 -38.41
CA GLY LA 249 -56.62 86.15 -38.62
C GLY LA 249 -56.67 85.27 -37.37
N ARG LA 250 -56.39 85.81 -36.17
CA ARG LA 250 -56.31 85.02 -34.95
C ARG LA 250 -57.69 84.77 -34.30
N GLY LA 251 -58.73 85.50 -34.71
CA GLY LA 251 -60.05 85.41 -34.06
C GLY LA 251 -60.12 86.13 -32.72
N VAL LA 252 -58.97 86.33 -32.07
CA VAL LA 252 -58.89 86.91 -30.72
C VAL LA 252 -57.95 88.12 -30.68
N ARG LA 253 -58.28 89.07 -29.81
CA ARG LA 253 -57.44 90.23 -29.53
C ARG LA 253 -56.96 90.15 -28.08
N ILE LA 254 -55.70 90.51 -27.87
CA ILE LA 254 -55.16 90.61 -26.52
C ILE LA 254 -55.35 92.06 -26.06
N MET LA 255 -56.21 92.25 -25.07
CA MET LA 255 -56.45 93.54 -24.45
C MET LA 255 -55.67 93.63 -23.14
N ILE LA 256 -54.96 94.76 -22.96
CA ILE LA 256 -54.20 94.99 -21.75
C ILE LA 256 -55.03 95.86 -20.79
N ARG LA 257 -55.42 95.31 -19.64
CA ARG LA 257 -56.09 96.06 -18.59
C ARG LA 257 -55.10 96.37 -17.46
N GLN LA 258 -54.83 97.65 -17.15
CA GLN LA 258 -54.09 97.95 -15.93
C GLN LA 258 -54.93 97.68 -14.69
N LEU LA 259 -54.41 96.87 -13.74
CA LEU LA 259 -54.99 96.70 -12.42
C LEU LA 259 -54.45 97.67 -11.37
N ALA LA 260 -53.17 98.03 -11.52
CA ALA LA 260 -52.45 99.01 -10.72
C ALA LA 260 -51.24 99.50 -11.53
N PRO LA 261 -50.63 100.69 -11.30
CA PRO LA 261 -49.39 101.01 -12.01
C PRO LA 261 -48.30 99.96 -11.75
N GLY LA 262 -47.82 99.34 -12.83
CA GLY LA 262 -46.86 98.24 -12.75
C GLY LA 262 -47.50 96.85 -12.71
N MET LA 263 -48.85 96.78 -12.57
CA MET LA 263 -49.59 95.53 -12.78
C MET LA 263 -50.52 95.63 -13.99
N VAL LA 264 -50.16 94.97 -15.10
CA VAL LA 264 -51.03 94.87 -16.27
C VAL LA 264 -51.54 93.43 -16.41
N GLN LA 265 -52.85 93.28 -16.65
CA GLN LA 265 -53.48 92.03 -17.01
C GLN LA 265 -53.68 91.97 -18.52
N GLN LA 266 -53.13 90.94 -19.17
CA GLN LA 266 -53.42 90.65 -20.55
C GLN LA 266 -54.63 89.72 -20.53
N MET LA 267 -55.75 90.21 -21.08
CA MET LA 267 -56.93 89.40 -21.27
C MET LA 267 -57.11 89.13 -22.76
N GLN LA 268 -57.34 87.86 -23.14
CA GLN LA 268 -57.72 87.48 -24.48
C GLN LA 268 -59.23 87.63 -24.59
N SER LA 269 -59.66 88.50 -25.53
CA SER LA 269 -61.06 88.71 -25.84
C SER LA 269 -61.32 88.23 -27.27
N VAL LA 270 -62.52 87.71 -27.53
CA VAL LA 270 -62.92 87.43 -28.89
C VAL LA 270 -62.88 88.76 -29.67
N CYS LA 271 -62.37 88.70 -30.92
CA CYS LA 271 -62.20 89.89 -31.72
C CYS LA 271 -63.57 90.41 -32.13
N SER LA 272 -63.88 91.66 -31.75
CA SER LA 272 -65.12 92.37 -32.06
C SER LA 272 -65.41 92.46 -33.56
N ASP LA 273 -64.34 92.50 -34.38
CA ASP LA 273 -64.47 92.86 -35.80
C ASP LA 273 -64.79 91.64 -36.68
N CYS LA 274 -64.46 90.43 -36.22
CA CYS LA 274 -64.79 89.19 -36.90
C CYS LA 274 -65.52 88.17 -36.04
N ASN LA 275 -65.92 88.57 -34.81
CA ASN LA 275 -66.64 87.72 -33.86
C ASN LA 275 -65.99 86.36 -33.66
N GLY LA 276 -64.65 86.28 -33.75
CA GLY LA 276 -63.91 85.05 -33.50
C GLY LA 276 -63.54 84.25 -34.74
N GLU LA 277 -64.08 84.60 -35.91
CA GLU LA 277 -63.89 83.79 -37.12
C GLU LA 277 -62.48 83.97 -37.70
N GLY LA 278 -61.84 85.12 -37.43
CA GLY LA 278 -60.53 85.41 -38.03
C GLY LA 278 -60.61 85.97 -39.46
N GLU LA 279 -61.79 85.85 -40.05
CA GLU LA 279 -62.08 86.40 -41.37
C GLU LA 279 -63.20 87.44 -41.35
N VAL LA 280 -63.19 88.33 -42.35
CA VAL LA 280 -64.26 89.28 -42.56
C VAL LA 280 -64.72 89.17 -44.02
N ILE LA 281 -66.04 89.14 -44.20
CA ILE LA 281 -66.69 89.16 -45.50
C ILE LA 281 -67.60 90.38 -45.53
N ASN LA 282 -67.36 91.27 -46.50
CA ASN LA 282 -68.22 92.42 -46.76
C ASN LA 282 -69.66 91.94 -46.94
N GLU LA 283 -70.62 92.68 -46.35
CA GLU LA 283 -72.03 92.33 -46.36
C GLU LA 283 -72.55 92.00 -47.77
N LYS LA 284 -72.12 92.81 -48.75
CA LYS LA 284 -72.49 92.72 -50.16
C LYS LA 284 -72.04 91.41 -50.82
N ASP LA 285 -71.06 90.71 -50.22
CA ASP LA 285 -70.50 89.49 -50.76
C ASP LA 285 -71.13 88.23 -50.16
N ARG LA 286 -71.72 88.34 -48.95
CA ARG LA 286 -72.41 87.24 -48.29
C ARG LA 286 -73.90 87.45 -48.41
N CYS LA 287 -74.38 88.58 -47.88
CA CYS LA 287 -75.79 88.95 -47.81
C CYS LA 287 -75.95 89.89 -46.62
N LYS LA 288 -77.19 90.36 -46.39
CA LYS LA 288 -77.51 91.18 -45.24
C LYS LA 288 -78.03 90.26 -44.13
N LYS LA 289 -77.68 88.96 -44.19
CA LYS LA 289 -78.19 87.92 -43.31
C LYS LA 289 -77.10 87.42 -42.35
N CYS LA 290 -76.27 86.45 -42.77
CA CYS LA 290 -75.23 85.85 -41.93
C CYS LA 290 -74.30 86.95 -41.41
N GLU LA 291 -73.56 87.63 -42.31
CA GLU LA 291 -72.65 88.74 -42.04
C GLU LA 291 -71.22 88.24 -42.08
N GLY LA 292 -70.89 87.46 -43.12
CA GLY LA 292 -69.58 86.84 -43.28
C GLY LA 292 -69.44 85.62 -42.37
N LYS LA 293 -70.57 85.16 -41.82
CA LYS LA 293 -70.56 84.08 -40.85
C LYS LA 293 -70.73 82.71 -41.49
N LYS LA 294 -71.26 82.65 -42.74
CA LYS LA 294 -71.43 81.44 -43.54
C LYS LA 294 -72.63 80.62 -43.08
N VAL LA 295 -73.20 80.94 -41.90
CA VAL LA 295 -74.41 80.30 -41.39
C VAL LA 295 -75.41 81.34 -40.88
N ILE LA 296 -76.68 80.94 -40.78
CA ILE LA 296 -77.74 81.74 -40.19
C ILE LA 296 -78.52 80.85 -39.22
N LYS LA 297 -79.00 81.44 -38.12
CA LYS LA 297 -79.89 80.74 -37.20
C LYS LA 297 -81.30 80.68 -37.77
N GLU LA 298 -81.78 79.45 -37.99
CA GLU LA 298 -83.12 79.19 -38.47
C GLU LA 298 -83.90 78.39 -37.41
N VAL LA 299 -85.19 78.64 -37.36
CA VAL LA 299 -86.10 77.97 -36.45
C VAL LA 299 -86.77 76.83 -37.21
N LYS LA 300 -86.51 75.58 -36.80
CA LYS LA 300 -87.13 74.41 -37.40
C LYS LA 300 -88.09 73.74 -36.42
N ILE LA 301 -89.27 73.34 -36.91
CA ILE LA 301 -90.23 72.58 -36.15
C ILE LA 301 -90.10 71.11 -36.55
N LEU LA 302 -89.74 70.25 -35.58
CA LEU LA 302 -89.72 68.81 -35.75
C LEU LA 302 -91.00 68.21 -35.17
N GLU LA 303 -91.65 67.35 -35.96
CA GLU LA 303 -92.76 66.54 -35.48
C GLU LA 303 -92.21 65.27 -34.83
N VAL LA 304 -92.49 65.12 -33.53
CA VAL LA 304 -91.97 64.01 -32.73
C VAL LA 304 -93.10 63.07 -32.39
N HIS LA 305 -92.94 61.81 -32.80
CA HIS LA 305 -93.87 60.74 -32.46
C HIS LA 305 -93.31 59.93 -31.29
N VAL LA 306 -94.07 59.92 -30.19
CA VAL LA 306 -93.82 59.06 -29.03
C VAL LA 306 -94.81 57.91 -29.12
N ASP LA 307 -94.29 56.71 -29.42
CA ASP LA 307 -95.08 55.50 -29.54
C ASP LA 307 -95.52 54.97 -28.18
N LYS LA 308 -96.60 54.20 -28.18
CA LYS LA 308 -97.09 53.48 -27.01
C LYS LA 308 -96.02 52.51 -26.48
N GLY LA 309 -95.81 52.56 -25.16
CA GLY LA 309 -94.92 51.65 -24.47
C GLY LA 309 -93.43 52.04 -24.51
N MET LA 310 -93.10 53.17 -25.16
CA MET LA 310 -91.72 53.67 -25.12
C MET LA 310 -91.22 53.83 -23.68
N LYS LA 311 -89.90 53.66 -23.50
CA LYS LA 311 -89.30 53.60 -22.17
C LYS LA 311 -88.54 54.88 -21.85
N HIS LA 312 -88.35 55.14 -20.55
CA HIS LA 312 -87.42 56.15 -20.09
C HIS LA 312 -86.03 55.93 -20.69
N GLY LA 313 -85.38 57.02 -21.13
CA GLY LA 313 -84.06 56.97 -21.75
C GLY LA 313 -84.03 56.51 -23.21
N GLN LA 314 -85.18 56.20 -23.80
CA GLN LA 314 -85.24 55.82 -25.21
C GLN LA 314 -84.92 57.04 -26.10
N ARG LA 315 -84.21 56.78 -27.21
CA ARG LA 315 -83.75 57.83 -28.12
C ARG LA 315 -84.61 57.88 -29.38
N ILE LA 316 -85.00 59.10 -29.78
CA ILE LA 316 -85.63 59.39 -31.06
C ILE LA 316 -84.66 60.24 -31.88
N THR LA 317 -84.18 59.70 -33.00
CA THR LA 317 -83.13 60.34 -33.80
C THR LA 317 -83.71 60.95 -35.08
N PHE LA 318 -83.35 62.22 -35.31
CA PHE LA 318 -83.61 62.94 -36.54
C PHE LA 318 -82.29 63.13 -37.29
N THR LA 319 -82.08 62.32 -38.34
CA THR LA 319 -80.81 62.23 -39.04
C THR LA 319 -80.51 63.51 -39.84
N GLY LA 320 -79.27 64.04 -39.70
CA GLY LA 320 -78.80 65.21 -40.44
C GLY LA 320 -79.51 66.51 -40.06
N GLU LA 321 -80.22 66.51 -38.92
CA GLU LA 321 -81.02 67.66 -38.50
C GLU LA 321 -80.26 68.63 -37.59
N ALA LA 322 -79.04 68.29 -37.15
CA ALA LA 322 -78.22 69.18 -36.32
C ALA LA 322 -77.72 70.40 -37.09
N ASP LA 323 -76.83 71.16 -36.42
CA ASP LA 323 -76.17 72.34 -36.98
C ASP LA 323 -75.39 72.01 -38.26
N GLN LA 324 -75.58 72.88 -39.28
CA GLN LA 324 -74.80 72.84 -40.50
C GLN LA 324 -73.58 73.77 -40.38
N ALA LA 325 -72.45 73.30 -40.93
CA ALA LA 325 -71.25 74.13 -41.08
C ALA LA 325 -70.65 73.93 -42.47
N PRO LA 326 -69.97 74.95 -43.07
CA PRO LA 326 -69.36 74.81 -44.38
C PRO LA 326 -68.33 73.68 -44.45
N GLY LA 327 -68.54 72.75 -45.39
CA GLY LA 327 -67.66 71.61 -45.60
C GLY LA 327 -67.82 70.48 -44.58
N VAL LA 328 -68.88 70.54 -43.76
CA VAL LA 328 -69.18 69.57 -42.71
C VAL LA 328 -70.56 68.98 -42.98
N GLU LA 329 -70.67 67.64 -42.93
CA GLU LA 329 -71.96 66.95 -43.03
C GLU LA 329 -72.68 67.08 -41.68
N PRO LA 330 -73.95 67.55 -41.61
CA PRO LA 330 -74.62 67.76 -40.32
C PRO LA 330 -74.73 66.50 -39.47
N GLY LA 331 -74.61 66.68 -38.14
CA GLY LA 331 -74.92 65.63 -37.17
C GLY LA 331 -76.44 65.39 -37.06
N ASP LA 332 -76.82 64.56 -36.07
CA ASP LA 332 -78.22 64.23 -35.82
C ASP LA 332 -78.77 65.00 -34.63
N ILE LA 333 -80.10 65.21 -34.61
CA ILE LA 333 -80.78 65.62 -33.39
C ILE LA 333 -81.32 64.36 -32.70
N VAL LA 334 -80.85 64.11 -31.47
CA VAL LA 334 -81.25 62.96 -30.68
C VAL LA 334 -82.09 63.43 -29.50
N LEU LA 335 -83.37 63.07 -29.51
CA LEU LA 335 -84.24 63.36 -28.38
C LEU LA 335 -84.18 62.20 -27.40
N LEU LA 336 -83.89 62.52 -26.13
CA LEU LA 336 -83.86 61.54 -25.06
C LEU LA 336 -85.16 61.64 -24.26
N LEU LA 337 -85.95 60.55 -24.25
CA LEU LA 337 -87.19 60.54 -23.49
C LEU LA 337 -86.93 60.56 -21.98
N GLN LA 338 -87.48 61.57 -21.31
CA GLN LA 338 -87.45 61.68 -19.86
C GLN LA 338 -88.86 61.50 -19.32
N GLU LA 339 -89.08 60.39 -18.61
CA GLU LA 339 -90.36 60.11 -18.00
C GLU LA 339 -90.54 61.04 -16.81
N LYS LA 340 -91.70 61.69 -16.73
CA LYS LA 340 -92.07 62.51 -15.59
C LYS LA 340 -92.65 61.60 -14.52
N GLU LA 341 -92.34 61.93 -13.27
CA GLU LA 341 -93.03 61.38 -12.10
C GLU LA 341 -94.53 61.58 -12.24
N HIS LA 342 -95.28 60.54 -11.84
CA HIS LA 342 -96.73 60.54 -11.88
C HIS LA 342 -97.27 60.40 -10.45
N GLU LA 343 -98.36 61.10 -10.14
CA GLU LA 343 -98.83 61.25 -8.77
C GLU LA 343 -99.39 59.93 -8.18
N VAL LA 344 -100.06 59.13 -9.01
CA VAL LA 344 -100.73 57.89 -8.58
C VAL LA 344 -99.90 56.63 -8.91
N PHE LA 345 -99.38 56.55 -10.14
CA PHE LA 345 -98.71 55.36 -10.65
C PHE LA 345 -97.20 55.54 -10.68
N GLN LA 346 -96.49 54.46 -10.31
CA GLN LA 346 -95.07 54.31 -10.53
C GLN LA 346 -94.88 53.19 -11.55
N ARG LA 347 -94.01 53.43 -12.54
CA ARG LA 347 -93.79 52.45 -13.59
C ARG LA 347 -92.56 51.61 -13.28
N ASP LA 348 -92.72 50.28 -13.40
CA ASP LA 348 -91.62 49.33 -13.41
C ASP LA 348 -91.67 48.51 -14.69
N GLY LA 349 -90.79 48.84 -15.66
CA GLY LA 349 -90.80 48.19 -16.97
C GLY LA 349 -92.14 48.35 -17.72
N ASN LA 350 -92.91 47.25 -17.80
CA ASN LA 350 -94.25 47.25 -18.38
C ASN LA 350 -95.34 47.25 -17.32
N ASP LA 351 -94.98 47.08 -16.05
CA ASP LA 351 -95.92 47.03 -14.95
C ASP LA 351 -96.11 48.41 -14.33
N LEU LA 352 -97.27 48.58 -13.66
CA LEU LA 352 -97.58 49.78 -12.91
C LEU LA 352 -97.78 49.42 -11.44
N HIS LA 353 -97.34 50.32 -10.56
CA HIS LA 353 -97.53 50.20 -9.13
C HIS LA 353 -98.31 51.40 -8.62
N MET LA 354 -99.23 51.15 -7.69
CA MET LA 354 -99.92 52.24 -6.98
C MET LA 354 -100.14 51.85 -5.52
N THR LA 355 -100.26 52.87 -4.65
CA THR LA 355 -100.68 52.67 -3.28
C THR LA 355 -102.13 53.14 -3.14
N TYR LA 356 -102.97 52.27 -2.56
CA TYR LA 356 -104.38 52.57 -2.32
C TYR LA 356 -104.69 52.47 -0.83
N LYS LA 357 -105.29 53.52 -0.27
CA LYS LA 357 -105.65 53.57 1.13
C LYS LA 357 -107.07 53.03 1.30
N ILE LA 358 -107.24 52.11 2.28
CA ILE LA 358 -108.53 51.52 2.61
C ILE LA 358 -108.72 51.54 4.14
N GLY LA 359 -109.97 51.62 4.59
CA GLY LA 359 -110.29 51.52 6.02
C GLY LA 359 -110.21 50.09 6.54
N LEU LA 360 -110.13 49.93 7.88
CA LEU LA 360 -110.11 48.62 8.52
C LEU LA 360 -111.34 47.78 8.14
N VAL LA 361 -112.52 48.41 8.08
CA VAL LA 361 -113.77 47.75 7.71
C VAL LA 361 -113.68 47.20 6.27
N GLU LA 362 -113.15 47.99 5.33
CA GLU LA 362 -112.94 47.57 3.95
C GLU LA 362 -111.96 46.39 3.86
N ALA LA 363 -110.88 46.45 4.65
CA ALA LA 363 -109.85 45.42 4.71
C ALA LA 363 -110.38 44.08 5.21
N LEU LA 364 -111.37 44.08 6.14
CA LEU LA 364 -111.92 42.88 6.77
C LEU LA 364 -113.18 42.37 6.06
N CYS LA 365 -114.04 43.28 5.58
CA CYS LA 365 -115.39 42.96 5.13
C CYS LA 365 -115.54 42.98 3.60
N GLY LA 366 -114.47 43.31 2.86
CA GLY LA 366 -114.52 43.50 1.42
C GLY LA 366 -114.91 44.93 1.02
N PHE LA 367 -114.60 45.29 -0.23
CA PHE LA 367 -114.75 46.66 -0.70
C PHE LA 367 -114.83 46.75 -2.23
N GLN LA 368 -115.28 47.92 -2.68
CA GLN LA 368 -115.26 48.29 -4.09
C GLN LA 368 -114.73 49.71 -4.19
N PHE LA 369 -113.74 49.91 -5.08
CA PHE LA 369 -113.26 51.26 -5.36
C PHE LA 369 -113.08 51.49 -6.85
N THR LA 370 -112.95 52.77 -7.21
CA THR LA 370 -112.75 53.18 -8.59
C THR LA 370 -111.55 54.12 -8.70
N PHE LA 371 -110.79 53.98 -9.78
CA PHE LA 371 -109.71 54.92 -10.09
C PHE LA 371 -109.68 55.20 -11.60
N LYS LA 372 -109.04 56.32 -11.96
CA LYS LA 372 -108.83 56.71 -13.34
C LYS LA 372 -107.49 56.14 -13.83
N HIS LA 373 -107.54 55.39 -14.93
CA HIS LA 373 -106.34 54.84 -15.57
C HIS LA 373 -105.68 55.87 -16.50
N LEU LA 374 -104.52 55.51 -17.08
CA LEU LA 374 -103.71 56.36 -17.95
C LEU LA 374 -104.40 56.68 -19.29
N ASP LA 375 -105.36 55.83 -19.73
CA ASP LA 375 -106.20 56.08 -20.89
C ASP LA 375 -107.47 56.90 -20.58
N GLY LA 376 -107.67 57.21 -19.29
CA GLY LA 376 -108.84 57.96 -18.84
C GLY LA 376 -110.07 57.09 -18.57
N ARG LA 377 -109.99 55.76 -18.78
CA ARG LA 377 -111.07 54.86 -18.36
C ARG LA 377 -111.16 54.82 -16.83
N GLN LA 378 -112.40 54.69 -16.33
CA GLN LA 378 -112.65 54.39 -14.92
C GLN LA 378 -112.62 52.87 -14.72
N ILE LA 379 -111.71 52.40 -13.86
CA ILE LA 379 -111.62 50.99 -13.52
C ILE LA 379 -112.29 50.78 -12.16
N VAL LA 380 -113.21 49.82 -12.10
CA VAL LA 380 -113.86 49.39 -10.87
C VAL LA 380 -113.17 48.12 -10.38
N VAL LA 381 -112.51 48.22 -9.21
CA VAL LA 381 -111.88 47.07 -8.56
C VAL LA 381 -112.81 46.60 -7.44
N LYS LA 382 -113.12 45.29 -7.45
CA LYS LA 382 -113.96 44.67 -6.44
C LYS LA 382 -113.16 43.61 -5.70
N TYR LA 383 -113.25 43.65 -4.37
CA TYR LA 383 -112.67 42.63 -3.52
C TYR LA 383 -113.78 41.95 -2.72
N PRO LA 384 -113.92 40.61 -2.78
CA PRO LA 384 -115.09 39.93 -2.24
C PRO LA 384 -115.12 39.96 -0.72
N PRO LA 385 -116.31 39.99 -0.08
CA PRO LA 385 -116.43 39.87 1.37
C PRO LA 385 -115.91 38.54 1.88
N GLY LA 386 -115.34 38.55 3.10
CA GLY LA 386 -114.81 37.33 3.71
C GLY LA 386 -113.35 37.03 3.37
N LYS LA 387 -112.72 37.88 2.54
CA LYS LA 387 -111.28 37.82 2.32
C LYS LA 387 -110.64 39.06 2.94
N VAL LA 388 -109.51 38.85 3.63
CA VAL LA 388 -108.81 39.91 4.36
C VAL LA 388 -107.67 40.47 3.50
N ILE LA 389 -107.54 41.81 3.55
CA ILE LA 389 -106.40 42.55 3.06
C ILE LA 389 -105.51 42.90 4.26
N GLU LA 390 -104.31 42.32 4.31
CA GLU LA 390 -103.31 42.65 5.32
C GLU LA 390 -102.68 44.01 5.03
N PRO LA 391 -102.28 44.79 6.06
CA PRO LA 391 -101.52 46.03 5.87
C PRO LA 391 -100.24 45.81 5.07
N GLY LA 392 -100.10 46.61 4.01
CA GLY LA 392 -98.95 46.56 3.11
C GLY LA 392 -99.01 45.43 2.06
N CYS LA 393 -100.07 44.60 2.06
CA CYS LA 393 -100.15 43.52 1.09
C CYS LA 393 -100.37 44.06 -0.33
N VAL LA 394 -99.89 43.28 -1.33
CA VAL LA 394 -100.01 43.64 -2.73
C VAL LA 394 -101.01 42.71 -3.42
N ARG LA 395 -101.88 43.30 -4.27
CA ARG LA 395 -102.75 42.55 -5.18
C ARG LA 395 -102.52 43.03 -6.61
N VAL LA 396 -102.96 42.21 -7.57
CA VAL LA 396 -102.71 42.46 -8.98
C VAL LA 396 -104.02 42.60 -9.74
N VAL LA 397 -104.08 43.61 -10.63
CA VAL LA 397 -105.09 43.74 -11.66
C VAL LA 397 -104.40 43.44 -12.99
N ARG LA 398 -104.68 42.27 -13.55
CA ARG LA 398 -103.97 41.75 -14.71
C ARG LA 398 -104.32 42.55 -15.98
N GLY LA 399 -103.30 42.85 -16.80
CA GLY LA 399 -103.46 43.52 -18.09
C GLY LA 399 -103.74 45.02 -18.01
N GLU LA 400 -103.61 45.62 -16.81
CA GLU LA 400 -103.81 47.05 -16.58
C GLU LA 400 -102.49 47.78 -16.30
N GLY LA 401 -101.36 47.22 -16.74
CA GLY LA 401 -100.07 47.90 -16.77
C GLY LA 401 -99.83 48.70 -18.06
N MET LA 402 -98.57 49.06 -18.31
CA MET LA 402 -98.14 49.76 -19.51
C MET LA 402 -98.17 48.85 -20.75
N PRO LA 403 -98.48 49.38 -21.95
CA PRO LA 403 -98.34 48.61 -23.20
C PRO LA 403 -96.88 48.33 -23.51
N GLN LA 404 -96.62 47.19 -24.14
CA GLN LA 404 -95.28 46.86 -24.62
C GLN LA 404 -94.94 47.70 -25.86
N TYR LA 405 -93.72 48.22 -25.91
CA TYR LA 405 -93.23 48.93 -27.09
C TYR LA 405 -93.24 48.00 -28.32
N ARG LA 406 -93.81 48.47 -29.44
CA ARG LA 406 -93.96 47.74 -30.70
C ARG LA 406 -95.04 46.65 -30.68
N ASN LA 407 -95.52 46.27 -29.48
CA ASN LA 407 -96.61 45.31 -29.33
C ASN LA 407 -97.65 45.86 -28.35
N PRO LA 408 -98.38 46.96 -28.69
CA PRO LA 408 -99.26 47.64 -27.74
C PRO LA 408 -100.53 46.89 -27.34
N PHE LA 409 -100.76 45.72 -27.96
CA PHE LA 409 -101.85 44.81 -27.59
C PHE LA 409 -101.52 44.01 -26.33
N GLU LA 410 -100.22 43.81 -26.06
CA GLU LA 410 -99.75 43.22 -24.82
C GLU LA 410 -99.45 44.33 -23.81
N LYS LA 411 -99.92 44.11 -22.57
CA LYS LA 411 -99.70 45.04 -21.47
C LYS LA 411 -99.12 44.28 -20.29
N GLY LA 412 -98.38 45.00 -19.44
CA GLY LA 412 -98.06 44.50 -18.12
C GLY LA 412 -99.27 44.52 -17.19
N ASP LA 413 -98.98 44.37 -15.89
CA ASP LA 413 -99.97 44.29 -14.84
C ASP LA 413 -99.94 45.54 -13.94
N LEU LA 414 -101.06 45.79 -13.23
CA LEU LA 414 -101.11 46.82 -12.20
C LEU LA 414 -101.07 46.17 -10.81
N TYR LA 415 -100.00 46.49 -10.05
CA TYR LA 415 -99.83 46.08 -8.67
C TYR LA 415 -100.32 47.18 -7.72
N ILE LA 416 -101.24 46.80 -6.82
CA ILE LA 416 -101.84 47.72 -5.86
C ILE LA 416 -101.38 47.31 -4.47
N LYS LA 417 -100.57 48.18 -3.84
CA LYS LA 417 -100.22 48.05 -2.43
C LYS LA 417 -101.32 48.68 -1.58
N PHE LA 418 -101.86 47.92 -0.63
CA PHE LA 418 -102.90 48.41 0.24
C PHE LA 418 -102.33 48.97 1.55
N ASP LA 419 -102.70 50.21 1.83
CA ASP LA 419 -102.39 50.91 3.07
C ASP LA 419 -103.64 50.94 3.95
N VAL LA 420 -103.67 50.07 4.97
CA VAL LA 420 -104.86 49.90 5.82
C VAL LA 420 -104.86 50.93 6.95
N GLN LA 421 -105.84 51.83 6.91
CA GLN LA 421 -106.05 52.88 7.88
C GLN LA 421 -106.90 52.37 9.05
N PHE LA 422 -106.25 52.29 10.21
CA PHE LA 422 -106.92 52.04 11.48
C PHE LA 422 -107.75 53.26 11.91
N PRO LA 423 -108.87 53.05 12.63
CA PRO LA 423 -109.66 54.14 13.20
C PRO LA 423 -108.84 54.86 14.27
N GLU LA 424 -109.20 56.13 14.51
CA GLU LA 424 -108.49 56.92 15.50
C GLU LA 424 -108.76 56.46 16.94
N ASN LA 425 -107.97 57.03 17.85
CA ASN LA 425 -108.06 56.96 19.29
C ASN LA 425 -109.50 57.22 19.78
N ASN LA 426 -110.03 56.35 20.67
CA ASN LA 426 -111.36 56.49 21.26
C ASN LA 426 -112.53 56.32 20.27
N TRP LA 427 -112.36 55.65 19.10
CA TRP LA 427 -113.41 55.59 18.10
C TRP LA 427 -114.66 54.81 18.54
N ILE LA 428 -114.48 53.91 19.53
CA ILE LA 428 -115.56 53.08 20.05
C ILE LA 428 -115.62 53.19 21.58
N ASN LA 429 -116.85 53.17 22.13
CA ASN LA 429 -117.08 53.12 23.58
C ASN LA 429 -116.52 51.80 24.13
N PRO LA 430 -115.70 51.82 25.21
CA PRO LA 430 -115.25 50.60 25.90
C PRO LA 430 -116.28 49.50 26.12
N ASP LA 431 -117.54 49.86 26.39
CA ASP LA 431 -118.63 48.90 26.60
C ASP LA 431 -118.86 47.96 25.41
N LYS LA 432 -118.49 48.41 24.19
CA LYS LA 432 -118.69 47.67 22.94
C LYS LA 432 -117.46 46.85 22.53
N LEU LA 433 -116.36 46.95 23.29
CA LEU LA 433 -115.14 46.21 22.99
C LEU LA 433 -115.34 44.69 23.12
N SER LA 434 -116.20 44.29 24.09
CA SER LA 434 -116.60 42.91 24.34
C SER LA 434 -117.30 42.32 23.11
N GLU LA 435 -118.30 43.03 22.56
CA GLU LA 435 -119.02 42.63 21.35
C GLU LA 435 -118.06 42.44 20.15
N LEU LA 436 -117.04 43.31 20.05
CA LEU LA 436 -116.05 43.22 18.98
C LEU LA 436 -115.13 42.00 19.15
N GLU LA 437 -114.74 41.71 20.41
CA GLU LA 437 -113.89 40.58 20.73
C GLU LA 437 -114.58 39.25 20.39
N ASP LA 438 -115.88 39.15 20.68
CA ASP LA 438 -116.71 37.97 20.40
C ASP LA 438 -116.83 37.67 18.90
N LEU LA 439 -116.66 38.69 18.04
CA LEU LA 439 -116.81 38.55 16.60
C LEU LA 439 -115.50 38.10 15.96
N GLY MA 198 49.17 -62.64 67.94
CA GLY MA 198 48.11 -63.34 68.70
C GLY MA 198 47.14 -62.34 69.31
N GLU MA 199 46.02 -62.87 69.81
CA GLU MA 199 44.95 -62.09 70.42
C GLU MA 199 45.37 -61.62 71.81
N ASP MA 200 44.99 -60.37 72.15
CA ASP MA 200 45.21 -59.81 73.47
C ASP MA 200 44.20 -60.40 74.47
N MET MA 201 44.64 -60.66 75.71
CA MET MA 201 43.78 -61.19 76.76
C MET MA 201 43.41 -60.06 77.74
N MET MA 202 42.10 -59.82 77.89
CA MET MA 202 41.61 -58.80 78.81
C MET MA 202 41.14 -59.43 80.13
N HIS MA 203 41.65 -58.93 81.26
CA HIS MA 203 41.26 -59.40 82.57
C HIS MA 203 40.82 -58.25 83.48
N PRO MA 204 39.61 -58.30 84.08
CA PRO MA 204 39.21 -57.29 85.07
C PRO MA 204 39.95 -57.50 86.39
N LEU MA 205 40.59 -56.43 86.89
CA LEU MA 205 41.20 -56.43 88.20
C LEU MA 205 40.38 -55.56 89.15
N LYS MA 206 39.68 -56.20 90.09
CA LYS MA 206 38.88 -55.50 91.09
C LYS MA 206 39.77 -54.92 92.18
N VAL MA 207 39.73 -53.58 92.33
CA VAL MA 207 40.54 -52.81 93.27
C VAL MA 207 39.62 -51.97 94.17
N SER MA 208 39.97 -51.83 95.46
CA SER MA 208 39.23 -50.98 96.38
C SER MA 208 39.73 -49.53 96.33
N LEU MA 209 38.98 -48.59 96.93
CA LEU MA 209 39.42 -47.19 97.03
C LEU MA 209 40.72 -47.07 97.83
N GLU MA 210 40.88 -47.88 98.88
CA GLU MA 210 42.10 -47.93 99.70
C GLU MA 210 43.30 -48.39 98.86
N ASP MA 211 43.10 -49.40 97.99
CA ASP MA 211 44.12 -49.89 97.07
C ASP MA 211 44.56 -48.76 96.12
N LEU MA 212 43.60 -47.97 95.61
CA LEU MA 212 43.85 -46.87 94.68
C LEU MA 212 44.45 -45.64 95.37
N TYR MA 213 44.18 -45.45 96.66
CA TYR MA 213 44.70 -44.34 97.44
C TYR MA 213 46.13 -44.60 97.93
N ASN MA 214 46.38 -45.79 98.48
CA ASN MA 214 47.66 -46.14 99.08
C ASN MA 214 48.65 -46.74 98.06
N GLY MA 215 48.13 -47.23 96.93
CA GLY MA 215 48.91 -48.08 96.03
C GLY MA 215 48.92 -49.52 96.51
N LYS MA 216 48.99 -50.47 95.58
CA LYS MA 216 48.96 -51.89 95.91
C LYS MA 216 49.78 -52.69 94.91
N THR MA 217 50.59 -53.61 95.45
CA THR MA 217 51.22 -54.65 94.66
C THR MA 217 50.47 -55.97 94.92
N THR MA 218 49.96 -56.58 93.85
CA THR MA 218 49.24 -57.84 93.94
C THR MA 218 49.79 -58.86 92.92
N LYS MA 219 49.72 -60.15 93.29
CA LYS MA 219 50.12 -61.22 92.39
C LYS MA 219 48.88 -61.82 91.74
N LEU MA 220 48.88 -61.81 90.40
CA LEU MA 220 47.81 -62.39 89.61
C LEU MA 220 48.29 -63.69 88.97
N GLN MA 221 47.62 -64.79 89.31
CA GLN MA 221 47.92 -66.06 88.69
C GLN MA 221 47.03 -66.25 87.45
N LEU MA 222 47.65 -66.44 86.28
CA LEU MA 222 46.95 -66.71 85.03
C LEU MA 222 47.44 -68.01 84.42
N SER MA 223 46.52 -68.77 83.80
CA SER MA 223 46.87 -69.93 82.99
C SER MA 223 46.88 -69.52 81.54
N LYS MA 224 48.02 -69.77 80.85
CA LYS MA 224 48.17 -69.44 79.45
C LYS MA 224 48.81 -70.59 78.68
N ASN MA 225 48.59 -70.60 77.37
CA ASN MA 225 49.23 -71.54 76.46
C ASN MA 225 50.65 -71.06 76.16
N VAL MA 226 51.63 -71.94 76.38
CA VAL MA 226 53.01 -71.69 76.02
C VAL MA 226 53.45 -72.74 75.00
N LEU MA 227 54.41 -72.39 74.13
CA LEU MA 227 54.98 -73.37 73.22
C LEU MA 227 55.58 -74.54 73.99
N CYS MA 228 55.27 -75.76 73.56
CA CYS MA 228 55.71 -76.97 74.23
C CYS MA 228 57.25 -77.04 74.23
N SER MA 229 57.86 -76.90 75.41
CA SER MA 229 59.31 -76.89 75.59
C SER MA 229 60.03 -78.11 74.99
N ALA MA 230 59.32 -79.25 74.86
CA ALA MA 230 59.89 -80.51 74.39
C ALA MA 230 59.92 -80.66 72.87
N CYS MA 231 59.11 -79.90 72.13
CA CYS MA 231 59.08 -79.96 70.67
C CYS MA 231 59.09 -78.58 70.01
N SER MA 232 59.26 -77.51 70.82
CA SER MA 232 59.30 -76.12 70.37
C SER MA 232 58.18 -75.75 69.40
N GLY MA 233 56.95 -76.26 69.67
CA GLY MA 233 55.74 -75.97 68.90
C GLY MA 233 55.63 -76.72 67.57
N GLN MA 234 56.76 -77.32 67.15
CA GLN MA 234 56.81 -77.95 65.83
C GLN MA 234 55.76 -79.04 65.89
N GLY MA 235 55.29 -79.27 67.11
CA GLY MA 235 54.33 -80.29 67.36
C GLY MA 235 55.20 -81.51 67.55
N GLY MA 236 55.78 -81.98 66.44
CA GLY MA 236 56.76 -83.04 66.53
C GLY MA 236 57.92 -82.79 65.57
N LYS MA 237 58.80 -83.78 65.43
CA LYS MA 237 59.90 -83.73 64.48
C LYS MA 237 59.34 -83.53 63.08
N SER MA 238 60.17 -83.05 62.12
CA SER MA 238 59.76 -82.92 60.73
C SER MA 238 59.39 -84.29 60.18
N GLY MA 239 58.11 -84.48 59.82
CA GLY MA 239 57.55 -85.75 59.36
C GLY MA 239 56.91 -86.55 60.48
N ALA MA 240 56.80 -85.94 61.68
CA ALA MA 240 56.07 -86.50 62.81
C ALA MA 240 54.60 -86.10 62.70
N VAL MA 241 54.33 -85.02 61.97
CA VAL MA 241 52.98 -84.49 61.83
C VAL MA 241 52.26 -85.26 60.73
N GLN MA 242 51.21 -85.99 61.12
CA GLN MA 242 50.41 -86.81 60.21
C GLN MA 242 48.98 -86.28 60.16
N LYS MA 243 48.35 -86.38 58.97
CA LYS MA 243 46.93 -86.11 58.81
C LYS MA 243 46.15 -87.04 59.73
N CYS MA 244 45.20 -86.49 60.48
CA CYS MA 244 44.33 -87.31 61.29
C CYS MA 244 43.47 -88.21 60.40
N SER MA 245 43.60 -89.55 60.52
CA SER MA 245 42.91 -90.55 59.69
C SER MA 245 41.38 -90.48 59.88
N ALA MA 246 41.01 -90.26 61.14
CA ALA MA 246 39.68 -90.14 61.71
C ALA MA 246 38.77 -89.13 61.00
N CYS MA 247 39.27 -87.88 60.88
CA CYS MA 247 38.55 -86.78 60.28
C CYS MA 247 39.14 -86.39 58.92
N ARG MA 248 40.16 -87.12 58.44
CA ARG MA 248 40.89 -86.86 57.20
C ARG MA 248 41.37 -85.41 57.10
N GLY MA 249 41.93 -84.88 58.22
CA GLY MA 249 42.43 -83.52 58.27
C GLY MA 249 41.39 -82.43 58.51
N ARG MA 250 40.10 -82.77 58.68
CA ARG MA 250 39.03 -81.78 58.80
C ARG MA 250 38.88 -81.24 60.24
N GLY MA 251 39.48 -81.88 61.25
CA GLY MA 251 39.30 -81.49 62.65
C GLY MA 251 37.95 -81.94 63.23
N VAL MA 252 36.96 -82.19 62.36
CA VAL MA 252 35.59 -82.51 62.78
C VAL MA 252 35.10 -83.81 62.12
N ARG MA 253 34.25 -84.53 62.85
CA ARG MA 253 33.57 -85.72 62.36
C ARG MA 253 32.07 -85.44 62.30
N ILE MA 254 31.43 -85.94 61.24
CA ILE MA 254 29.98 -85.86 61.13
C ILE MA 254 29.42 -87.17 61.72
N MET MA 255 28.71 -87.04 62.85
CA MET MA 255 28.04 -88.16 63.49
C MET MA 255 26.54 -88.10 63.15
N ILE MA 256 26.00 -89.26 62.74
CA ILE MA 256 24.60 -89.38 62.41
C ILE MA 256 23.83 -89.92 63.62
N ARG MA 257 22.95 -89.11 64.21
CA ARG MA 257 22.06 -89.55 65.26
C ARG MA 257 20.65 -89.78 64.70
N GLN MA 258 20.10 -90.99 64.80
CA GLN MA 258 18.67 -91.17 64.49
C GLN MA 258 17.81 -90.54 65.58
N LEU MA 259 16.85 -89.67 65.17
CA LEU MA 259 15.81 -89.17 66.07
C LEU MA 259 14.52 -90.01 66.02
N ALA MA 260 14.23 -90.56 64.85
CA ALA MA 260 13.12 -91.46 64.58
C ALA MA 260 13.43 -92.26 63.31
N PRO MA 261 12.86 -93.46 63.02
CA PRO MA 261 13.11 -94.08 61.71
C PRO MA 261 12.68 -93.16 60.56
N GLY MA 262 13.63 -92.84 59.69
CA GLY MA 262 13.42 -91.89 58.61
C GLY MA 262 13.77 -90.43 58.96
N MET MA 263 14.07 -90.15 60.25
CA MET MA 263 14.66 -88.87 60.66
C MET MA 263 16.08 -89.08 61.21
N VAL MA 264 17.10 -88.69 60.45
CA VAL MA 264 18.49 -88.68 60.92
C VAL MA 264 18.98 -87.24 61.08
N GLN MA 265 19.62 -86.95 62.22
CA GLN MA 265 20.32 -85.71 62.48
C GLN MA 265 21.81 -85.90 62.23
N GLN MA 266 22.40 -85.10 61.33
CA GLN MA 266 23.83 -85.04 61.16
C GLN MA 266 24.30 -83.96 62.14
N MET MA 267 25.10 -84.38 63.13
CA MET MA 267 25.75 -83.47 64.03
C MET MA 267 27.25 -83.46 63.75
N GLN MA 268 27.84 -82.26 63.61
CA GLN MA 268 29.28 -82.08 63.52
C GLN MA 268 29.83 -82.04 64.95
N SER MA 269 30.72 -82.99 65.25
CA SER MA 269 31.41 -83.06 66.52
C SER MA 269 32.90 -82.84 66.27
N VAL MA 270 33.59 -82.21 67.23
CA VAL MA 270 35.04 -82.14 67.18
C VAL MA 270 35.58 -83.58 67.17
N CYS MA 271 36.60 -83.81 66.32
CA CYS MA 271 37.15 -85.15 66.16
C CYS MA 271 37.88 -85.54 67.43
N SER MA 272 37.45 -86.65 68.05
CA SER MA 272 38.03 -87.23 69.27
C SER MA 272 39.52 -87.55 69.13
N ASP MA 273 39.97 -87.88 67.91
CA ASP MA 273 41.28 -88.47 67.69
C ASP MA 273 42.38 -87.41 67.52
N CYS MA 274 42.00 -86.19 67.12
CA CYS MA 274 42.92 -85.05 67.01
C CYS MA 274 42.47 -83.81 67.76
N ASN MA 275 41.38 -83.92 68.55
CA ASN MA 275 40.81 -82.83 69.34
C ASN MA 275 40.61 -81.55 68.53
N GLY MA 276 40.30 -81.67 67.24
CA GLY MA 276 40.00 -80.53 66.38
C GLY MA 276 41.15 -80.03 65.53
N GLU MA 277 42.39 -80.51 65.78
CA GLU MA 277 43.57 -79.97 65.12
C GLU MA 277 43.66 -80.44 63.65
N GLY MA 278 43.05 -81.58 63.33
CA GLY MA 278 43.18 -82.17 61.99
C GLY MA 278 44.47 -82.96 61.76
N GLU MA 279 45.41 -82.79 62.69
CA GLU MA 279 46.67 -83.53 62.69
C GLU MA 279 46.86 -84.38 63.94
N VAL MA 280 47.67 -85.43 63.81
CA VAL MA 280 48.08 -86.26 64.93
C VAL MA 280 49.60 -86.36 64.93
N ILE MA 281 50.18 -86.17 66.13
CA ILE MA 281 51.60 -86.35 66.38
C ILE MA 281 51.73 -87.43 67.46
N ASN MA 282 52.47 -88.50 67.12
CA ASN MA 282 52.81 -89.56 68.06
C ASN MA 282 53.49 -88.93 69.28
N GLU MA 283 53.12 -89.40 70.48
CA GLU MA 283 53.61 -88.88 71.75
C GLU MA 283 55.14 -88.76 71.79
N LYS MA 284 55.82 -89.78 71.25
CA LYS MA 284 57.29 -89.89 71.19
C LYS MA 284 57.95 -88.80 70.34
N ASP MA 285 57.17 -88.15 69.46
CA ASP MA 285 57.68 -87.13 68.55
C ASP MA 285 57.47 -85.71 69.09
N ARG MA 286 56.50 -85.52 70.01
CA ARG MA 286 56.24 -84.23 70.63
C ARG MA 286 56.78 -84.26 72.05
N CYS MA 287 56.26 -85.20 72.85
CA CYS MA 287 56.58 -85.36 74.27
C CYS MA 287 55.39 -86.03 74.93
N LYS MA 288 55.49 -86.28 76.24
CA LYS MA 288 54.39 -86.83 77.02
C LYS MA 288 53.63 -85.66 77.66
N LYS MA 289 53.76 -84.45 77.06
CA LYS MA 289 53.23 -83.21 77.61
C LYS MA 289 52.06 -82.70 76.76
N CYS MA 290 52.34 -81.93 75.69
CA CYS MA 290 51.31 -81.34 74.83
C CYS MA 290 50.38 -82.44 74.31
N GLU MA 291 50.90 -83.36 73.47
CA GLU MA 291 50.22 -84.52 72.89
C GLU MA 291 49.89 -84.23 71.44
N GLY MA 292 50.88 -83.69 70.71
CA GLY MA 292 50.70 -83.31 69.32
C GLY MA 292 49.97 -81.98 69.20
N LYS MA 293 49.86 -81.27 70.34
CA LYS MA 293 49.08 -80.04 70.42
C LYS MA 293 49.93 -78.79 70.14
N LYS MA 294 51.27 -78.89 70.28
CA LYS MA 294 52.24 -77.84 69.98
C LYS MA 294 52.29 -76.81 71.12
N VAL MA 295 51.31 -76.83 72.02
CA VAL MA 295 51.29 -75.94 73.19
C VAL MA 295 50.97 -76.73 74.47
N ILE MA 296 51.32 -76.14 75.63
CA ILE MA 296 50.98 -76.67 76.94
C ILE MA 296 50.43 -75.53 77.79
N LYS MA 297 49.46 -75.84 78.65
CA LYS MA 297 48.96 -74.87 79.61
C LYS MA 297 49.95 -74.73 80.77
N GLU MA 298 50.46 -73.51 80.95
CA GLU MA 298 51.36 -73.16 82.03
C GLU MA 298 50.71 -72.09 82.91
N VAL MA 299 51.02 -72.15 84.20
CA VAL MA 299 50.54 -71.20 85.18
C VAL MA 299 51.61 -70.15 85.39
N LYS MA 300 51.32 -68.89 85.04
CA LYS MA 300 52.23 -67.78 85.24
C LYS MA 300 51.69 -66.82 86.30
N ILE MA 301 52.59 -66.36 87.19
CA ILE MA 301 52.25 -65.35 88.17
C ILE MA 301 52.80 -64.01 87.67
N LEU MA 302 51.88 -63.05 87.46
CA LEU MA 302 52.23 -61.68 87.11
C LEU MA 302 52.17 -60.81 88.37
N GLU MA 303 53.23 -60.03 88.60
CA GLU MA 303 53.22 -59.02 89.64
C GLU MA 303 52.61 -57.73 89.07
N VAL MA 304 51.49 -57.30 89.67
CA VAL MA 304 50.73 -56.16 89.21
C VAL MA 304 50.90 -55.02 90.21
N HIS MA 305 51.40 -53.88 89.71
CA HIS MA 305 51.51 -52.65 90.48
C HIS MA 305 50.34 -51.72 90.14
N VAL MA 306 49.55 -51.41 91.16
CA VAL MA 306 48.50 -50.40 91.10
C VAL MA 306 49.04 -49.16 91.80
N ASP MA 307 49.31 -48.13 91.00
CA ASP MA 307 49.85 -46.86 91.49
C ASP MA 307 48.76 -46.03 92.19
N LYS MA 308 49.21 -45.14 93.08
CA LYS MA 308 48.34 -44.16 93.73
C LYS MA 308 47.65 -43.27 92.69
N GLY MA 309 46.33 -43.10 92.88
CA GLY MA 309 45.54 -42.20 92.06
C GLY MA 309 45.06 -42.78 90.73
N MET MA 310 45.41 -44.05 90.43
CA MET MA 310 44.89 -44.71 89.24
C MET MA 310 43.36 -44.67 89.21
N LYS MA 311 42.80 -44.65 87.98
CA LYS MA 311 41.37 -44.42 87.77
C LYS MA 311 40.67 -45.71 87.38
N HIS MA 312 39.35 -45.75 87.62
CA HIS MA 312 38.50 -46.77 87.05
C HIS MA 312 38.67 -46.86 85.53
N GLY MA 313 38.73 -48.08 85.00
CA GLY MA 313 38.91 -48.33 83.57
C GLY MA 313 40.34 -48.15 83.04
N GLN MA 314 41.30 -47.80 83.92
CA GLN MA 314 42.69 -47.68 83.50
C GLN MA 314 43.27 -49.07 83.17
N ARG MA 315 44.13 -49.13 82.14
CA ARG MA 315 44.70 -50.36 81.64
C ARG MA 315 46.14 -50.54 82.11
N ILE MA 316 46.47 -51.75 82.59
CA ILE MA 316 47.84 -52.18 82.87
C ILE MA 316 48.19 -53.29 81.88
N THR MA 317 49.18 -53.03 81.01
CA THR MA 317 49.52 -53.94 79.91
C THR MA 317 50.82 -54.69 80.21
N PHE MA 318 50.76 -56.02 80.04
CA PHE MA 318 51.90 -56.92 80.07
C PHE MA 318 52.17 -57.42 78.65
N THR MA 319 53.20 -56.84 78.01
CA THR MA 319 53.49 -57.07 76.60
C THR MA 319 53.97 -58.49 76.32
N GLY MA 320 53.39 -59.14 75.30
CA GLY MA 320 53.78 -60.48 74.85
C GLY MA 320 53.46 -61.59 75.87
N GLU MA 321 52.61 -61.29 76.86
CA GLU MA 321 52.30 -62.22 77.93
C GLU MA 321 51.08 -63.10 77.66
N ALA MA 322 50.34 -62.86 76.57
CA ALA MA 322 49.19 -63.67 76.19
C ALA MA 322 49.59 -65.08 75.72
N ASP MA 323 48.59 -65.80 75.20
CA ASP MA 323 48.75 -67.14 74.65
C ASP MA 323 49.76 -67.17 73.50
N GLN MA 324 50.65 -68.17 73.55
CA GLN MA 324 51.57 -68.46 72.45
C GLN MA 324 50.96 -69.50 71.52
N ALA MA 325 51.19 -69.31 70.20
CA ALA MA 325 50.86 -70.29 69.19
C ALA MA 325 52.01 -70.44 68.19
N PRO MA 326 52.22 -71.63 67.58
CA PRO MA 326 53.30 -71.82 66.60
C PRO MA 326 53.19 -70.87 65.40
N GLY MA 327 54.27 -70.10 65.18
CA GLY MA 327 54.36 -69.15 64.07
C GLY MA 327 53.60 -67.84 64.31
N VAL MA 328 53.14 -67.61 65.55
CA VAL MA 328 52.38 -66.43 65.95
C VAL MA 328 53.13 -65.72 67.07
N GLU MA 329 53.30 -64.39 66.94
CA GLU MA 329 53.88 -63.57 68.01
C GLU MA 329 52.81 -63.36 69.08
N PRO MA 330 53.07 -63.63 70.38
CA PRO MA 330 52.03 -63.51 71.41
C PRO MA 330 51.45 -62.10 71.54
N GLY MA 331 50.13 -62.05 71.82
CA GLY MA 331 49.46 -60.81 72.20
C GLY MA 331 49.84 -60.35 73.61
N ASP MA 332 49.15 -59.32 74.10
CA ASP MA 332 49.39 -58.76 75.42
C ASP MA 332 48.32 -59.21 76.43
N ILE MA 333 48.68 -59.24 77.71
CA ILE MA 333 47.70 -59.32 78.78
C ILE MA 333 47.38 -57.89 79.26
N VAL MA 334 46.11 -57.49 79.11
CA VAL MA 334 45.65 -56.18 79.50
C VAL MA 334 44.72 -56.30 80.70
N LEU MA 335 45.19 -55.79 81.85
CA LEU MA 335 44.35 -55.74 83.04
C LEU MA 335 43.56 -54.44 83.05
N LEU MA 336 42.24 -54.56 83.19
CA LEU MA 336 41.36 -53.41 83.29
C LEU MA 336 40.98 -53.19 84.75
N LEU MA 337 41.35 -52.02 85.30
CA LEU MA 337 41.03 -51.71 86.69
C LEU MA 337 39.52 -51.49 86.86
N GLN MA 338 38.93 -52.27 87.76
CA GLN MA 338 37.54 -52.12 88.16
C GLN MA 338 37.48 -51.66 89.61
N GLU MA 339 37.04 -50.42 89.82
CA GLU MA 339 36.90 -49.85 91.14
C GLU MA 339 35.69 -50.52 91.81
N LYS MA 340 35.90 -51.00 93.04
CA LYS MA 340 34.82 -51.52 93.85
C LYS MA 340 34.12 -50.37 94.55
N GLU MA 341 32.80 -50.51 94.67
CA GLU MA 341 31.99 -49.66 95.54
C GLU MA 341 32.55 -49.67 96.96
N HIS MA 342 32.56 -48.49 97.58
CA HIS MA 342 33.03 -48.30 98.94
C HIS MA 342 31.87 -47.83 99.81
N GLU MA 343 31.82 -48.31 101.06
CA GLU MA 343 30.64 -48.14 101.93
C GLU MA 343 30.45 -46.69 102.37
N VAL MA 344 31.55 -45.96 102.62
CA VAL MA 344 31.51 -44.59 103.15
C VAL MA 344 31.73 -43.54 102.06
N PHE MA 345 32.74 -43.75 101.20
CA PHE MA 345 33.18 -42.78 100.20
C PHE MA 345 32.72 -43.15 98.80
N GLN MA 346 32.31 -42.13 98.05
CA GLN MA 346 32.09 -42.21 96.61
C GLN MA 346 33.14 -41.33 95.94
N ARG MA 347 33.77 -41.87 94.89
CA ARG MA 347 34.84 -41.14 94.21
C ARG MA 347 34.27 -40.41 92.99
N ASP MA 348 34.63 -39.13 92.86
CA ASP MA 348 34.42 -38.35 91.64
C ASP MA 348 35.75 -37.78 91.18
N GLY MA 349 36.35 -38.39 90.15
CA GLY MA 349 37.67 -37.99 89.67
C GLY MA 349 38.77 -38.11 90.74
N ASN MA 350 39.23 -36.96 91.26
CA ASN MA 350 40.19 -36.89 92.34
C ASN MA 350 39.53 -36.55 93.68
N ASP MA 351 38.24 -36.20 93.67
CA ASP MA 351 37.50 -35.81 94.85
C ASP MA 351 36.79 -37.02 95.46
N LEU MA 352 36.49 -36.91 96.76
CA LEU MA 352 35.71 -37.90 97.49
C LEU MA 352 34.45 -37.25 98.02
N HIS MA 353 33.37 -38.03 98.02
CA HIS MA 353 32.08 -37.62 98.58
C HIS MA 353 31.68 -38.60 99.68
N MET MA 354 31.13 -38.06 100.77
CA MET MA 354 30.52 -38.89 101.80
C MET MA 354 29.27 -38.22 102.36
N THR MA 355 28.35 -39.04 102.89
CA THR MA 355 27.21 -38.55 103.65
C THR MA 355 27.46 -38.77 105.13
N TYR MA 356 27.29 -37.71 105.93
CA TYR MA 356 27.45 -37.78 107.37
C TYR MA 356 26.17 -37.35 108.06
N LYS MA 357 25.67 -38.20 108.98
CA LYS MA 357 24.45 -37.95 109.73
C LYS MA 357 24.80 -37.20 111.02
N ILE MA 358 24.07 -36.11 111.28
CA ILE MA 358 24.21 -35.29 112.48
C ILE MA 358 22.84 -35.01 113.09
N GLY MA 359 22.78 -34.84 114.42
CA GLY MA 359 21.55 -34.45 115.09
C GLY MA 359 21.22 -32.95 114.91
N LEU MA 360 19.96 -32.57 115.17
CA LEU MA 360 19.53 -31.18 115.10
C LEU MA 360 20.38 -30.26 115.99
N VAL MA 361 20.71 -30.73 117.21
CA VAL MA 361 21.54 -30.00 118.17
C VAL MA 361 22.93 -29.73 117.57
N GLU MA 362 23.55 -30.74 116.95
CA GLU MA 362 24.85 -30.61 116.29
C GLU MA 362 24.79 -29.62 115.13
N ALA MA 363 23.71 -29.67 114.34
CA ALA MA 363 23.47 -28.80 113.21
C ALA MA 363 23.34 -27.33 113.60
N LEU MA 364 22.77 -27.03 114.79
CA LEU MA 364 22.51 -25.68 115.27
C LEU MA 364 23.63 -25.14 116.17
N CYS MA 365 24.23 -25.99 117.01
CA CYS MA 365 25.12 -25.59 118.10
C CYS MA 365 26.60 -25.87 117.82
N GLY MA 366 26.92 -26.48 116.65
CA GLY MA 366 28.28 -26.91 116.33
C GLY MA 366 28.58 -28.32 116.85
N PHE MA 367 29.62 -28.94 116.28
CA PHE MA 367 29.91 -30.34 116.53
C PHE MA 367 31.36 -30.69 116.19
N GLN MA 368 31.77 -31.87 116.70
CA GLN MA 368 33.04 -32.47 116.36
C GLN MA 368 32.78 -33.95 116.08
N PHE MA 369 33.29 -34.44 114.94
CA PHE MA 369 33.22 -35.87 114.66
C PHE MA 369 34.55 -36.39 114.10
N THR MA 370 34.67 -37.72 114.11
CA THR MA 370 35.86 -38.41 113.62
C THR MA 370 35.46 -39.50 112.63
N PHE MA 371 36.26 -39.66 111.57
CA PHE MA 371 36.10 -40.78 110.64
C PHE MA 371 37.46 -41.33 110.24
N LYS MA 372 37.46 -42.57 109.74
CA LYS MA 372 38.65 -43.23 109.22
C LYS MA 372 38.77 -42.94 107.73
N HIS MA 373 39.93 -42.41 107.31
CA HIS MA 373 40.23 -42.15 105.91
C HIS MA 373 40.77 -43.42 105.22
N LEU MA 374 41.01 -43.32 103.89
CA LEU MA 374 41.47 -44.41 103.04
C LEU MA 374 42.89 -44.88 103.38
N ASP MA 375 43.72 -44.01 103.99
CA ASP MA 375 45.04 -44.36 104.51
C ASP MA 375 45.01 -44.92 105.95
N GLY MA 376 43.82 -44.97 106.55
CA GLY MA 376 43.66 -45.45 107.92
C GLY MA 376 43.90 -44.40 108.99
N ARG MA 377 44.25 -43.15 108.62
CA ARG MA 377 44.31 -42.05 109.59
C ARG MA 377 42.91 -41.72 110.10
N GLN MA 378 42.83 -41.33 111.39
CA GLN MA 378 41.63 -40.75 111.96
C GLN MA 378 41.63 -39.25 111.72
N ILE MA 379 40.60 -38.75 111.01
CA ILE MA 379 40.45 -37.32 110.76
C ILE MA 379 39.39 -36.78 111.73
N VAL MA 380 39.77 -35.70 112.46
CA VAL MA 380 38.85 -34.98 113.34
C VAL MA 380 38.34 -33.74 112.59
N VAL MA 381 37.03 -33.71 112.30
CA VAL MA 381 36.39 -32.56 111.70
C VAL MA 381 35.67 -31.78 112.79
N LYS MA 382 35.96 -30.46 112.85
CA LYS MA 382 35.35 -29.56 113.82
C LYS MA 382 34.55 -28.50 113.08
N TYR MA 383 33.32 -28.28 113.54
CA TYR MA 383 32.47 -27.21 113.05
C TYR MA 383 32.16 -26.26 114.20
N PRO MA 384 32.44 -24.94 114.07
CA PRO MA 384 32.37 -24.02 115.21
C PRO MA 384 30.93 -23.77 115.66
N PRO MA 385 30.71 -23.53 116.97
CA PRO MA 385 29.38 -23.13 117.47
C PRO MA 385 28.93 -21.80 116.88
N GLY MA 386 27.61 -21.66 116.69
CA GLY MA 386 27.03 -20.44 116.15
C GLY MA 386 26.95 -20.41 114.61
N LYS MA 387 27.43 -21.47 113.94
CA LYS MA 387 27.20 -21.64 112.50
C LYS MA 387 26.25 -22.82 112.30
N VAL MA 388 25.27 -22.64 111.40
CA VAL MA 388 24.23 -23.63 111.13
C VAL MA 388 24.62 -24.48 109.92
N ILE MA 389 24.35 -25.79 110.05
CA ILE MA 389 24.36 -26.76 108.96
C ILE MA 389 22.91 -27.00 108.54
N GLU MA 390 22.58 -26.59 107.31
CA GLU MA 390 21.27 -26.84 106.72
C GLU MA 390 21.17 -28.31 106.28
N PRO MA 391 19.96 -28.94 106.34
CA PRO MA 391 19.74 -30.28 105.80
C PRO MA 391 20.14 -30.38 104.33
N GLY MA 392 20.99 -31.38 104.04
CA GLY MA 392 21.50 -31.65 102.69
C GLY MA 392 22.64 -30.74 102.25
N CYS MA 393 23.08 -29.79 103.10
CA CYS MA 393 24.18 -28.90 102.70
C CYS MA 393 25.51 -29.65 102.61
N VAL MA 394 26.40 -29.14 101.75
CA VAL MA 394 27.71 -29.73 101.52
C VAL MA 394 28.80 -28.83 102.10
N ARG MA 395 29.78 -29.43 102.79
CA ARG MA 395 31.00 -28.76 103.23
C ARG MA 395 32.22 -29.52 102.69
N VAL MA 396 33.37 -28.83 102.68
CA VAL MA 396 34.59 -29.38 102.09
C VAL MA 396 35.69 -29.47 103.14
N VAL MA 397 36.40 -30.61 103.13
CA VAL MA 397 37.67 -30.79 103.81
C VAL MA 397 38.75 -30.84 102.74
N ARG MA 398 39.52 -29.76 102.64
CA ARG MA 398 40.47 -29.56 101.54
C ARG MA 398 41.67 -30.52 101.66
N GLY MA 399 42.08 -31.11 100.53
CA GLY MA 399 43.25 -31.97 100.44
C GLY MA 399 43.06 -33.39 101.00
N GLU MA 400 41.81 -33.76 101.33
CA GLU MA 400 41.46 -35.09 101.84
C GLU MA 400 40.69 -35.92 100.79
N GLY MA 401 40.85 -35.60 99.50
CA GLY MA 401 40.38 -36.44 98.40
C GLY MA 401 41.41 -37.49 97.97
N MET MA 402 41.21 -38.06 96.76
CA MET MA 402 42.12 -39.02 96.16
C MET MA 402 43.41 -38.35 95.67
N PRO MA 403 44.58 -39.06 95.72
CA PRO MA 403 45.80 -38.55 95.11
C PRO MA 403 45.68 -38.54 93.58
N GLN MA 404 46.35 -37.56 92.95
CA GLN MA 404 46.44 -37.52 91.50
C GLN MA 404 47.39 -38.60 90.98
N TYR MA 405 46.98 -39.29 89.91
CA TYR MA 405 47.85 -40.26 89.24
C TYR MA 405 49.14 -39.57 88.73
N ARG MA 406 50.31 -40.17 89.04
CA ARG MA 406 51.64 -39.66 88.69
C ARG MA 406 52.09 -38.45 89.51
N ASN MA 407 51.17 -37.80 90.24
CA ASN MA 407 51.49 -36.69 91.14
C ASN MA 407 50.81 -36.90 92.50
N PRO MA 408 51.21 -37.94 93.28
CA PRO MA 408 50.49 -38.31 94.51
C PRO MA 408 50.61 -37.34 95.68
N PHE MA 409 51.41 -36.28 95.51
CA PHE MA 409 51.54 -35.19 96.47
C PHE MA 409 50.35 -34.21 96.37
N GLU MA 410 49.73 -34.14 95.18
CA GLU MA 410 48.49 -33.41 94.99
C GLU MA 410 47.30 -34.34 95.19
N LYS MA 411 46.31 -33.84 95.93
CA LYS MA 411 45.08 -34.58 96.21
C LYS MA 411 43.89 -33.69 95.86
N GLY MA 412 42.76 -34.33 95.54
CA GLY MA 412 41.49 -33.65 95.51
C GLY MA 412 40.98 -33.33 96.92
N ASP MA 413 39.69 -32.99 96.98
CA ASP MA 413 39.01 -32.59 98.21
C ASP MA 413 37.99 -33.64 98.66
N LEU MA 414 37.63 -33.61 99.95
CA LEU MA 414 36.53 -34.41 100.48
C LEU MA 414 35.29 -33.53 100.71
N TYR MA 415 34.22 -33.85 99.97
CA TYR MA 415 32.91 -33.22 100.13
C TYR MA 415 32.03 -34.05 101.06
N ILE MA 416 31.52 -33.39 102.11
CA ILE MA 416 30.67 -34.04 103.11
C ILE MA 416 29.27 -33.45 102.99
N LYS MA 417 28.31 -34.28 102.57
CA LYS MA 417 26.90 -33.95 102.60
C LYS MA 417 26.34 -34.26 103.99
N PHE MA 418 25.73 -33.26 104.63
CA PHE MA 418 25.15 -33.45 105.96
C PHE MA 418 23.67 -33.83 105.88
N ASP MA 419 23.35 -34.95 106.54
CA ASP MA 419 21.99 -35.43 106.70
C ASP MA 419 21.54 -35.13 108.14
N VAL MA 420 20.71 -34.10 108.30
CA VAL MA 420 20.30 -33.62 109.62
C VAL MA 420 19.09 -34.41 110.13
N GLN MA 421 19.31 -35.16 111.21
CA GLN MA 421 18.31 -35.99 111.86
C GLN MA 421 17.54 -35.15 112.89
N PHE MA 422 16.26 -34.96 112.59
CA PHE MA 422 15.30 -34.40 113.55
C PHE MA 422 14.98 -35.38 114.66
N PRO MA 423 14.68 -34.89 115.88
CA PRO MA 423 14.23 -35.75 116.99
C PRO MA 423 12.87 -36.37 116.64
N GLU MA 424 12.57 -37.50 117.27
CA GLU MA 424 11.31 -38.19 117.05
C GLU MA 424 10.10 -37.43 117.61
N ASN MA 425 8.94 -37.92 117.21
CA ASN MA 425 7.60 -37.56 117.69
C ASN MA 425 7.55 -37.52 119.23
N ASN MA 426 7.01 -36.46 119.83
CA ASN MA 426 6.85 -36.31 121.27
C ASN MA 426 8.14 -36.16 122.06
N TRP MA 427 9.28 -35.75 121.45
CA TRP MA 427 10.58 -35.76 122.15
C TRP MA 427 10.65 -34.75 123.32
N ILE MA 428 9.79 -33.72 123.27
CA ILE MA 428 9.73 -32.66 124.27
C ILE MA 428 8.30 -32.47 124.79
N ASN MA 429 8.17 -32.20 126.09
CA ASN MA 429 6.90 -31.85 126.71
C ASN MA 429 6.37 -30.54 126.11
N PRO MA 430 5.10 -30.46 125.65
CA PRO MA 430 4.48 -29.21 125.20
C PRO MA 430 4.74 -27.96 126.04
N ASP MA 431 4.83 -28.08 127.36
CA ASP MA 431 5.10 -26.98 128.27
C ASP MA 431 6.43 -26.25 127.98
N LYS MA 432 7.40 -26.96 127.37
CA LYS MA 432 8.74 -26.45 127.06
C LYS MA 432 8.86 -25.89 125.65
N LEU MA 433 7.78 -25.97 124.85
CA LEU MA 433 7.79 -25.48 123.47
C LEU MA 433 7.93 -23.95 123.43
N SER MA 434 7.35 -23.27 124.44
CA SER MA 434 7.44 -21.82 124.63
C SER MA 434 8.89 -21.39 124.82
N GLU MA 435 9.62 -22.05 125.74
CA GLU MA 435 11.04 -21.79 126.00
C GLU MA 435 11.89 -21.97 124.72
N LEU MA 436 11.55 -22.96 123.88
CA LEU MA 436 12.25 -23.21 122.63
C LEU MA 436 11.97 -22.10 121.60
N GLU MA 437 10.71 -21.65 121.54
CA GLU MA 437 10.29 -20.58 120.63
C GLU MA 437 11.02 -19.28 120.94
N ASP MA 438 11.16 -18.95 122.23
CA ASP MA 438 11.86 -17.75 122.71
C ASP MA 438 13.34 -17.73 122.33
N LEU MA 439 13.96 -18.90 122.11
CA LEU MA 439 15.37 -19.01 121.82
C LEU MA 439 15.63 -18.87 120.31
N GLY NA 198 33.78 -82.70 81.40
CA GLY NA 198 34.91 -81.92 80.87
C GLY NA 198 36.22 -82.35 81.51
N GLU NA 199 37.32 -81.88 80.93
CA GLU NA 199 38.67 -82.17 81.37
C GLU NA 199 38.99 -81.41 82.67
N ASP NA 200 39.71 -82.08 83.59
CA ASP NA 200 40.19 -81.44 84.80
C ASP NA 200 41.41 -80.55 84.50
N MET NA 201 41.50 -79.41 85.17
CA MET NA 201 42.61 -78.48 85.01
C MET NA 201 43.57 -78.59 86.20
N MET NA 202 44.84 -78.92 85.90
CA MET NA 202 45.87 -79.04 86.94
C MET NA 202 46.73 -77.79 86.99
N HIS NA 203 46.86 -77.20 88.20
CA HIS NA 203 47.69 -76.02 88.40
C HIS NA 203 48.68 -76.23 89.55
N PRO NA 204 50.00 -76.01 89.33
CA PRO NA 204 50.97 -76.06 90.43
C PRO NA 204 50.85 -74.83 91.31
N LEU NA 205 50.70 -75.04 92.63
CA LEU NA 205 50.73 -73.97 93.62
C LEU NA 205 52.03 -74.04 94.41
N LYS NA 206 52.94 -73.09 94.16
CA LYS NA 206 54.20 -73.01 94.87
C LYS NA 206 53.99 -72.43 96.28
N VAL NA 207 54.36 -73.21 97.31
CA VAL NA 207 54.19 -72.88 98.72
C VAL NA 207 55.54 -72.99 99.43
N SER NA 208 55.82 -72.08 100.38
CA SER NA 208 57.04 -72.13 101.19
C SER NA 208 56.85 -73.04 102.41
N LEU NA 209 57.94 -73.39 103.10
CA LEU NA 209 57.87 -74.15 104.35
C LEU NA 209 57.09 -73.39 105.44
N GLU NA 210 57.25 -72.06 105.49
CA GLU NA 210 56.52 -71.19 106.42
C GLU NA 210 55.01 -71.22 106.13
N ASP NA 211 54.63 -71.23 104.85
CA ASP NA 211 53.23 -71.36 104.42
C ASP NA 211 52.64 -72.69 104.90
N LEU NA 212 53.42 -73.78 104.78
CA LEU NA 212 53.02 -75.13 105.17
C LEU NA 212 53.01 -75.32 106.70
N TYR NA 213 53.85 -74.58 107.42
CA TYR NA 213 53.94 -74.66 108.88
C TYR NA 213 52.83 -73.84 109.55
N ASN NA 214 52.63 -72.59 109.11
CA ASN NA 214 51.68 -71.67 109.72
C ASN NA 214 50.26 -71.80 109.16
N GLY NA 215 50.14 -72.39 107.96
CA GLY NA 215 48.91 -72.32 107.18
C GLY NA 215 48.82 -70.99 106.41
N LYS NA 216 48.17 -71.03 105.25
CA LYS NA 216 48.08 -69.86 104.39
C LYS NA 216 46.78 -69.86 103.60
N THR NA 217 46.12 -68.69 103.58
CA THR NA 217 45.03 -68.44 102.67
C THR NA 217 45.55 -67.54 101.55
N THR NA 218 45.42 -68.01 100.29
CA THR NA 218 45.86 -67.24 99.12
C THR NA 218 44.74 -67.18 98.08
N LYS NA 219 44.72 -66.08 97.31
CA LYS NA 219 43.77 -65.93 96.21
C LYS NA 219 44.45 -66.25 94.90
N LEU NA 220 43.88 -67.22 94.18
CA LEU NA 220 44.38 -67.63 92.88
C LEU NA 220 43.44 -67.11 91.80
N GLN NA 221 43.97 -66.28 90.89
CA GLN NA 221 43.19 -65.81 89.75
C GLN NA 221 43.40 -66.75 88.58
N LEU NA 222 42.32 -67.35 88.06
CA LEU NA 222 42.34 -68.21 86.88
C LEU NA 222 41.39 -67.67 85.81
N SER NA 223 41.80 -67.81 84.54
CA SER NA 223 40.93 -67.54 83.41
C SER NA 223 40.36 -68.86 82.91
N LYS NA 224 39.02 -68.95 82.85
CA LYS NA 224 38.33 -70.14 82.38
C LYS NA 224 37.23 -69.78 81.39
N ASN NA 225 36.85 -70.76 80.57
CA ASN NA 225 35.72 -70.66 79.68
C ASN NA 225 34.42 -70.90 80.47
N VAL NA 226 33.50 -69.96 80.36
CA VAL NA 226 32.15 -70.10 80.92
C VAL NA 226 31.13 -70.04 79.79
N LEU NA 227 29.98 -70.69 79.98
CA LEU NA 227 28.89 -70.57 79.02
C LEU NA 227 28.48 -69.10 78.86
N CYS NA 228 28.34 -68.67 77.60
CA CYS NA 228 28.00 -67.29 77.29
C CYS NA 228 26.65 -66.92 77.89
N SER NA 229 26.64 -66.04 78.89
CA SER NA 229 25.43 -65.62 79.62
C SER NA 229 24.32 -65.08 78.71
N ALA NA 230 24.67 -64.57 77.52
CA ALA NA 230 23.73 -63.94 76.59
C ALA NA 230 23.02 -64.93 75.66
N CYS NA 231 23.56 -66.14 75.46
CA CYS NA 231 22.93 -67.15 74.60
C CYS NA 231 22.90 -68.54 75.25
N SER NA 232 23.30 -68.65 76.53
CA SER NA 232 23.34 -69.87 77.32
C SER NA 232 23.98 -71.05 76.56
N GLY NA 233 25.08 -70.77 75.83
CA GLY NA 233 25.87 -71.77 75.10
C GLY NA 233 25.24 -72.25 73.79
N GLN NA 234 23.95 -71.92 73.59
CA GLN NA 234 23.22 -72.42 72.45
C GLN NA 234 23.96 -71.88 71.25
N GLY NA 235 24.87 -70.95 71.55
CA GLY NA 235 25.62 -70.29 70.54
C GLY NA 235 24.71 -69.16 70.13
N GLY NA 236 23.63 -69.52 69.43
CA GLY NA 236 22.60 -68.55 69.13
C GLY NA 236 21.21 -69.16 69.28
N LYS NA 237 20.19 -68.41 68.87
CA LYS NA 237 18.81 -68.90 68.86
C LYS NA 237 18.74 -70.16 67.99
N SER NA 238 17.69 -70.98 68.16
CA SER NA 238 17.47 -72.16 67.32
C SER NA 238 17.29 -71.70 65.87
N GLY NA 239 18.24 -72.11 65.00
CA GLY NA 239 18.27 -71.71 63.59
C GLY NA 239 19.18 -70.51 63.36
N ALA NA 240 19.91 -70.09 64.40
CA ALA NA 240 20.94 -69.05 64.31
C ALA NA 240 22.26 -69.69 63.91
N VAL NA 241 22.39 -70.99 64.18
CA VAL NA 241 23.61 -71.73 63.92
C VAL NA 241 23.63 -72.16 62.45
N GLN NA 242 24.58 -71.62 61.69
CA GLN NA 242 24.74 -71.89 60.27
C GLN NA 242 26.08 -72.58 60.02
N LYS NA 243 26.10 -73.51 59.04
CA LYS NA 243 27.34 -74.09 58.54
C LYS NA 243 28.25 -72.97 58.03
N CYS NA 244 29.52 -72.99 58.43
CA CYS NA 244 30.48 -72.03 57.92
C CYS NA 244 30.68 -72.25 56.41
N SER NA 245 30.36 -71.25 55.58
CA SER NA 245 30.42 -71.32 54.11
C SER NA 245 31.85 -71.54 53.61
N ALA NA 246 32.77 -70.86 54.30
CA ALA NA 246 34.21 -70.81 54.14
C ALA NA 246 34.90 -72.17 54.09
N CYS NA 247 34.65 -72.99 55.13
CA CYS NA 247 35.24 -74.31 55.29
C CYS NA 247 34.21 -75.42 55.07
N ARG NA 248 32.96 -75.06 54.72
CA ARG NA 248 31.85 -75.98 54.53
C ARG NA 248 31.65 -76.91 55.73
N GLY NA 249 31.75 -76.35 56.95
CA GLY NA 249 31.58 -77.12 58.18
C GLY NA 249 32.82 -77.89 58.65
N ARG NA 250 33.95 -77.80 57.95
CA ARG NA 250 35.14 -78.59 58.29
C ARG NA 250 35.99 -77.96 59.40
N GLY NA 251 35.77 -76.68 59.75
CA GLY NA 251 36.61 -75.98 60.72
C GLY NA 251 37.96 -75.53 60.14
N VAL NA 252 38.43 -76.20 59.07
CA VAL NA 252 39.74 -75.96 58.49
C VAL NA 252 39.65 -75.67 56.99
N ARG NA 253 40.58 -74.84 56.50
CA ARG NA 253 40.74 -74.53 55.09
C ARG NA 253 42.09 -75.06 54.62
N ILE NA 254 42.11 -75.59 53.39
CA ILE NA 254 43.36 -76.01 52.78
C ILE NA 254 43.87 -74.84 51.94
N MET NA 255 44.99 -74.27 52.36
CA MET NA 255 45.67 -73.21 51.63
C MET NA 255 46.84 -73.80 50.84
N ILE NA 256 46.94 -73.40 49.58
CA ILE NA 256 48.00 -73.87 48.70
C ILE NA 256 49.11 -72.83 48.66
N ARG NA 257 50.30 -73.16 49.17
CA ARG NA 257 51.48 -72.32 49.04
C ARG NA 257 52.41 -72.86 47.96
N GLN NA 258 52.72 -72.12 46.90
CA GLN NA 258 53.79 -72.54 45.99
C GLN NA 258 55.15 -72.39 46.65
N LEU NA 259 55.97 -73.46 46.66
CA LEU NA 259 57.38 -73.42 47.06
C LEU NA 259 58.32 -73.16 45.90
N ALA NA 260 57.96 -73.70 44.73
CA ALA NA 260 58.64 -73.51 43.45
C ALA NA 260 57.64 -73.78 42.32
N PRO NA 261 57.79 -73.28 41.07
CA PRO NA 261 56.80 -73.62 40.04
C PRO NA 261 56.76 -75.14 39.80
N GLY NA 262 55.58 -75.73 39.99
CA GLY NA 262 55.41 -77.18 39.94
C GLY NA 262 55.56 -77.89 41.29
N MET NA 263 55.99 -77.16 42.34
CA MET NA 263 55.93 -77.65 43.72
C MET NA 263 54.96 -76.82 44.56
N VAL NA 264 53.79 -77.37 44.88
CA VAL NA 264 52.81 -76.74 45.75
C VAL NA 264 52.72 -77.50 47.08
N GLN NA 265 52.72 -76.74 48.18
CA GLN NA 265 52.45 -77.25 49.52
C GLN NA 265 51.01 -76.96 49.90
N GLN NA 266 50.25 -78.00 50.23
CA GLN NA 266 48.92 -77.85 50.79
C GLN NA 266 49.14 -77.78 52.31
N MET NA 267 48.79 -76.62 52.89
CA MET NA 267 48.78 -76.46 54.32
C MET NA 267 47.34 -76.36 54.80
N GLN NA 268 46.98 -77.12 55.84
CA GLN NA 268 45.71 -77.00 56.53
C GLN NA 268 45.85 -75.90 57.58
N SER NA 269 45.01 -74.86 57.43
CA SER NA 269 44.94 -73.77 58.37
C SER NA 269 43.55 -73.79 59.03
N VAL NA 270 43.49 -73.37 60.30
CA VAL NA 270 42.20 -73.17 60.94
C VAL NA 270 41.44 -72.11 60.12
N CYS NA 271 40.13 -72.34 59.92
CA CYS NA 271 39.32 -71.47 59.09
C CYS NA 271 39.14 -70.14 59.83
N SER NA 272 39.58 -69.04 59.19
CA SER NA 272 39.49 -67.66 59.69
C SER NA 272 38.04 -67.24 60.00
N ASP NA 273 37.06 -67.81 59.29
CA ASP NA 273 35.70 -67.30 59.30
C ASP NA 273 34.86 -67.92 60.44
N CYS NA 274 35.26 -69.09 60.94
CA CYS NA 274 34.61 -69.73 62.08
C CYS NA 274 35.57 -70.12 63.20
N ASN NA 275 36.85 -69.70 63.09
CA ASN NA 275 37.90 -69.97 64.08
C ASN NA 275 37.97 -71.45 64.47
N GLY NA 276 37.67 -72.37 63.53
CA GLY NA 276 37.79 -73.79 63.75
C GLY NA 276 36.49 -74.50 64.14
N GLU NA 277 35.42 -73.75 64.45
CA GLU NA 277 34.20 -74.35 64.99
C GLU NA 277 33.40 -75.06 63.88
N GLY NA 278 33.57 -74.66 62.61
CA GLY NA 278 32.78 -75.20 61.51
C GLY NA 278 31.38 -74.57 61.37
N GLU NA 279 30.99 -73.83 62.40
CA GLU NA 279 29.74 -73.08 62.40
C GLU NA 279 29.96 -71.58 62.54
N VAL NA 280 28.97 -70.81 62.07
CA VAL NA 280 28.95 -69.36 62.25
C VAL NA 280 27.58 -68.97 62.84
N ILE NA 281 27.64 -68.12 63.86
CA ILE NA 281 26.45 -67.53 64.47
C ILE NA 281 26.59 -66.01 64.34
N ASN NA 282 25.60 -65.39 63.69
CA ASN NA 282 25.50 -63.93 63.59
C ASN NA 282 25.55 -63.33 65.00
N GLU NA 283 26.31 -62.23 65.15
CA GLU NA 283 26.52 -61.57 66.44
C GLU NA 283 25.22 -61.30 67.20
N LYS NA 284 24.19 -60.87 66.47
CA LYS NA 284 22.85 -60.53 66.97
C LYS NA 284 22.10 -61.73 67.56
N ASP NA 285 22.53 -62.96 67.23
CA ASP NA 285 21.88 -64.19 67.69
C ASP NA 285 22.56 -64.79 68.92
N ARG NA 286 23.86 -64.46 69.14
CA ARG NA 286 24.60 -64.92 70.31
C ARG NA 286 24.73 -63.77 71.29
N CYS NA 287 25.36 -62.68 70.83
CA CYS NA 287 25.66 -61.50 71.63
C CYS NA 287 26.87 -60.82 70.99
N LYS NA 288 27.30 -59.70 71.57
CA LYS NA 288 28.51 -59.00 71.15
C LYS NA 288 29.67 -59.48 72.01
N LYS NA 289 29.53 -60.68 72.61
CA LYS NA 289 30.48 -61.23 73.57
C LYS NA 289 31.24 -62.42 72.98
N CYS NA 290 30.68 -63.65 73.07
CA CYS NA 290 31.31 -64.87 72.58
C CYS NA 290 31.71 -64.70 71.12
N GLU NA 291 30.71 -64.58 70.22
CA GLU NA 291 30.84 -64.37 68.78
C GLU NA 291 30.56 -65.67 68.05
N GLY NA 292 29.46 -66.35 68.45
CA GLY NA 292 29.10 -67.64 67.90
C GLY NA 292 29.95 -68.76 68.48
N LYS NA 293 30.66 -68.43 69.57
CA LYS NA 293 31.62 -69.36 70.17
C LYS NA 293 30.99 -70.20 71.28
N LYS NA 294 29.85 -69.77 71.85
CA LYS NA 294 29.06 -70.48 72.86
C LYS NA 294 29.70 -70.35 74.25
N VAL NA 295 30.96 -69.88 74.32
CA VAL NA 295 31.66 -69.64 75.58
C VAL NA 295 32.34 -68.26 75.57
N ILE NA 296 32.64 -67.76 76.78
CA ILE NA 296 33.40 -66.54 76.97
C ILE NA 296 34.47 -66.80 78.03
N LYS NA 297 35.65 -66.18 77.87
CA LYS NA 297 36.69 -66.24 78.89
C LYS NA 297 36.35 -65.30 80.04
N GLU NA 298 36.19 -65.88 81.23
CA GLU NA 298 35.93 -65.15 82.46
C GLU NA 298 37.09 -65.37 83.44
N VAL NA 299 37.36 -64.34 84.23
CA VAL NA 299 38.39 -64.37 85.24
C VAL NA 299 37.73 -64.69 86.59
N LYS NA 300 38.08 -65.85 87.16
CA LYS NA 300 37.57 -66.25 88.47
C LYS NA 300 38.69 -66.24 89.50
N ILE NA 301 38.38 -65.72 90.69
CA ILE NA 301 39.28 -65.76 91.84
C ILE NA 301 38.84 -66.90 92.76
N LEU NA 302 39.74 -67.88 92.94
CA LEU NA 302 39.54 -68.96 93.90
C LEU NA 302 40.30 -68.65 95.19
N GLU NA 303 39.62 -68.79 96.32
CA GLU NA 303 40.27 -68.72 97.62
C GLU NA 303 40.80 -70.11 97.98
N VAL NA 304 42.13 -70.19 98.15
CA VAL NA 304 42.82 -71.45 98.39
C VAL NA 304 43.32 -71.46 99.83
N HIS NA 305 42.87 -72.46 100.59
CA HIS NA 305 43.35 -72.70 101.95
C HIS NA 305 44.40 -73.81 101.93
N VAL NA 306 45.62 -73.46 102.38
CA VAL NA 306 46.70 -74.38 102.62
C VAL NA 306 46.76 -74.59 104.13
N ASP NA 307 46.37 -75.80 104.57
CA ASP NA 307 46.36 -76.17 105.97
C ASP NA 307 47.77 -76.45 106.49
N LYS NA 308 47.92 -76.32 107.82
CA LYS NA 308 49.15 -76.69 108.51
C LYS NA 308 49.49 -78.16 108.30
N GLY NA 309 50.76 -78.42 107.97
CA GLY NA 309 51.28 -79.76 107.83
C GLY NA 309 51.02 -80.43 106.48
N MET NA 310 50.33 -79.73 105.55
CA MET NA 310 50.16 -80.25 104.20
C MET NA 310 51.50 -80.63 103.56
N LYS NA 311 51.47 -81.63 102.68
CA LYS NA 311 52.68 -82.23 102.11
C LYS NA 311 52.88 -81.81 100.66
N HIS NA 312 54.14 -81.89 100.22
CA HIS NA 312 54.45 -81.79 98.81
C HIS NA 312 53.62 -82.79 97.99
N GLY NA 313 53.11 -82.33 96.83
CA GLY NA 313 52.29 -83.16 95.95
C GLY NA 313 50.84 -83.34 96.40
N GLN NA 314 50.44 -82.76 97.53
CA GLN NA 314 49.05 -82.84 97.98
C GLN NA 314 48.13 -82.04 97.05
N ARG NA 315 46.92 -82.57 96.80
CA ARG NA 315 45.96 -81.98 95.87
C ARG NA 315 44.86 -81.23 96.63
N ILE NA 316 44.55 -80.00 96.14
CA ILE NA 316 43.38 -79.24 96.57
C ILE NA 316 42.43 -79.14 95.37
N THR NA 317 41.24 -79.73 95.50
CA THR NA 317 40.29 -79.83 94.39
C THR NA 317 39.13 -78.85 94.56
N PHE NA 318 38.85 -78.10 93.48
CA PHE NA 318 37.69 -77.25 93.33
C PHE NA 318 36.75 -77.88 92.31
N THR NA 319 35.67 -78.50 92.81
CA THR NA 319 34.76 -79.31 92.00
C THR NA 319 33.94 -78.46 91.03
N GLY NA 320 33.90 -78.88 89.75
CA GLY NA 320 33.10 -78.22 88.71
C GLY NA 320 33.61 -76.83 88.32
N GLU NA 321 34.85 -76.51 88.72
CA GLU NA 321 35.41 -75.17 88.50
C GLU NA 321 36.20 -75.04 87.21
N ALA NA 322 36.43 -76.14 86.47
CA ALA NA 322 37.13 -76.11 85.19
C ALA NA 322 36.31 -75.42 84.09
N ASP NA 323 36.82 -75.51 82.85
CA ASP NA 323 36.19 -74.99 81.65
C ASP NA 323 34.80 -75.59 81.43
N GLN NA 324 33.84 -74.70 81.11
CA GLN NA 324 32.50 -75.10 80.69
C GLN NA 324 32.44 -75.20 79.17
N ALA NA 325 31.71 -76.22 78.68
CA ALA NA 325 31.39 -76.36 77.28
C ALA NA 325 29.91 -76.74 77.11
N PRO NA 326 29.22 -76.34 76.01
CA PRO NA 326 27.82 -76.69 75.80
C PRO NA 326 27.58 -78.21 75.78
N GLY NA 327 26.68 -78.66 76.66
CA GLY NA 327 26.31 -80.07 76.77
C GLY NA 327 27.33 -80.93 77.52
N VAL NA 328 28.31 -80.29 78.18
CA VAL NA 328 29.39 -80.94 78.93
C VAL NA 328 29.33 -80.46 80.38
N GLU NA 329 29.38 -81.40 81.34
CA GLU NA 329 29.48 -81.06 82.75
C GLU NA 329 30.92 -80.66 83.05
N PRO NA 330 31.21 -79.48 83.68
CA PRO NA 330 32.59 -79.05 83.90
C PRO NA 330 33.42 -80.01 84.73
N GLY NA 331 34.72 -80.12 84.36
CA GLY NA 331 35.70 -80.81 85.19
C GLY NA 331 36.07 -80.02 86.45
N ASP NA 332 37.09 -80.50 87.17
CA ASP NA 332 37.56 -79.88 88.40
C ASP NA 332 38.83 -79.08 88.17
N ILE NA 333 39.07 -78.06 89.01
CA ILE NA 333 40.38 -77.45 89.12
C ILE NA 333 41.14 -78.12 90.27
N VAL NA 334 42.27 -78.76 89.95
CA VAL NA 334 43.10 -79.46 90.92
C VAL NA 334 44.42 -78.70 91.09
N LEU NA 335 44.59 -78.12 92.29
CA LEU NA 335 45.85 -77.47 92.61
C LEU NA 335 46.80 -78.50 93.23
N LEU NA 336 48.01 -78.59 92.65
CA LEU NA 336 49.05 -79.47 93.16
C LEU NA 336 50.05 -78.65 93.96
N LEU NA 337 50.18 -78.95 95.27
CA LEU NA 337 51.13 -78.24 96.12
C LEU NA 337 52.57 -78.57 95.74
N GLN NA 338 53.33 -77.53 95.41
CA GLN NA 338 54.76 -77.64 95.14
C GLN NA 338 55.52 -76.91 96.25
N GLU NA 339 56.24 -77.68 97.06
CA GLU NA 339 57.05 -77.13 98.13
C GLU NA 339 58.27 -76.45 97.52
N LYS NA 340 58.52 -75.21 97.94
CA LYS NA 340 59.73 -74.50 97.53
C LYS NA 340 60.87 -74.93 98.45
N GLU NA 341 62.06 -75.02 97.85
CA GLU NA 341 63.31 -75.12 98.58
C GLU NA 341 63.43 -74.00 99.62
#